data_8Z82
#
_entry.id   8Z82
#
_cell.length_a   1.00
_cell.length_b   1.00
_cell.length_c   1.00
_cell.angle_alpha   90.00
_cell.angle_beta   90.00
_cell.angle_gamma   90.00
#
_symmetry.space_group_name_H-M   'P 1'
#
loop_
_entity.id
_entity.type
_entity.pdbx_description
1 polymer 'Photosynthetic reaction center cytochrome c subunit'
2 polymer 'Reaction center protein L chain'
3 polymer 'Reaction center protein M chain'
4 polymer 'Photosynthetic reaction centre, H-chain'
5 polymer 'Antenna complex, alpha/beta subunit'
6 polymer 'Antenna complex, alpha/beta subunit'
7 polymer 'Antenna complex, alpha/beta subunit'
8 polymer 'Antenna complex, alpha/beta subunit'
9 polymer 'High-potential iron-sulfur protein'
10 non-polymer 'HEME C'
11 non-polymer 'MAGNESIUM ION'
12 non-polymer '[(2~{S})-1-dodecanoyloxy-3-oxidanyl-propan-2-yl] pentadecanoate'
13 non-polymer 'PALMITIC ACID'
14 non-polymer '(1R)-2-{[{[(2S)-2,3-DIHYDROXYPROPYL]OXY}(HYDROXY)PHOSPHORYL]OXY}-1-[(PALMITOYLOXY)METHYL]ETHYL (11E)-OCTADEC-11-ENOATE'
15 non-polymer DODECYL-BETA-D-MALTOSIDE
16 non-polymer 'BACTERIOCHLOROPHYLL A'
17 non-polymer 'BACTERIOPHEOPHYTIN A'
18 non-polymer Ubiquinone-8
19 non-polymer 'FE (III) ION'
20 non-polymer CARDIOLIPIN
21 non-polymer 'MENAQUINONE 8'
22 non-polymer SPIRILLOXANTHIN
23 non-polymer 'IRON/SULFUR CLUSTER'
24 water water
#
loop_
_entity_poly.entity_id
_entity_poly.type
_entity_poly.pdbx_seq_one_letter_code
_entity_poly.pdbx_strand_id
1 'polypeptide(L)'
;MSSKMYLNRSLAVGALSAGLAVVVGCERPPVDTEQKGYRGTGMEEVNNPRLRDDDLHLAPEAADPVSAEGPRAGEIYQNV
EVLDDLSVAEFTRLMQSMTDWVSPDEGCTYCHDGNDFASEELYTYQVSRQMIEMNRYVNANWDSHMDDTGVTCYTCHRGE
NLPEESWFAEPTPDVNMAGLGNTMMQNLASEKTEYTSLPRNAFERYLLGHDDLRVEGDTILPHLDEWDVSLQDTEASYSL
MMHMSAATGSNCTTCHNTGRLGQWDESPEEREISWHGIRMTRDINANWIEPLEAGQPEVRLGPTGDIAKVQCATCHYGEQ
LPLDGAKMVDDYPGLMGEEDADFDFLQFGDLGTDGLRDRNAE
;
C
2 'polypeptide(L)'
;MAMLDFEKKYRVRGGTLLGGDLFDFWIGPFYVGIFGVLTAIFAVLGTVLIIYGASQDTFNLWQISIAPPDLSYGLALAPM
MEGGLWQIITVCALGAFITWALRQAEISKKLGMGYHVPVAFAVAILAYATLVVFRPLLMGAWGHGFPYGILSHLDWVSNV
GYQYLHFHYNPAHMLAVTFFFTTTLALALHGGLILSVTNPKKGEPVKTAEHENTFFRDVIGYSIGSLGIHRLGLFLALNA
GFWSAVCIIISGPFWTRGWPEWWNWWLNVPIWSWGG
;
L
3 'polypeptide(L)'
;MAEYQNIFTRVQVRGPTDPGVELPAADWPRTKGATHSWLLGKIGDAQVGPIYLGTTGVMSILFGIVSIVIIGMNMLASVD
WSPLEFIRQFFWVALEPPPPEYGLSLPPLNDGGWWLIAGFTLTLSVLLWFARTYNRARALGLGTHVAWAFAAAIFLFLAI
GFIWPVLMGSWAKSVPFGIFPHLDWTTAFSLRYGNLYYNPFHMLSIVFLFGSALLFAMHGATILAAGRYNAEREIEQITD
RGTAAERSALFWRWTMGFNATMESIHRWGYWFAILCVITGGIGILLTGTVVENWYLWGVHHGIAPEYPEFFTPAVDPAAG
GTE
;
M
4 'polypeptide(L)'
;MEGTGALTDYMNVAQMTLYAFWLFLAGLIVYLRMEDKREGYPLQAEANENCNRTPEKKLGFPAPPSPKVFKLADGRSIQV
PRAEKTDYELNTQLRAEPTAPWDGAPLEPTGNPMVDGLGPAAWAKREDEPEVTHGGKQKICPLRVATEFEVGMSRDVARF
WPEIDPDPRGYQVLGCDGKVAGKIVDIWVDRGELRPMYLEMDLSGVGSSGDRVLLPINFARVGYDSKVRVNAITGQQFTD
VPRLREADRISPQEEDFITGYFGGGVLYAVPGRTEPFL
;
H
5 'polypeptide(L)' MWRLWKLYDPRRVLIGIFSWLAVLALVIHFILLSTDRFNWVGGAAVSSVSESAEEVSALPPRQV A,F,K,Q,U,Y,3,7
6 'polypeptide(L)' MADNMSLTGLSDEEAKEFHSIFMQSFLIFTAVAVVAHFLAWAWRPWIPGAEGYGSVIEGVHNVTAAVSQIAPLAG B,G,N,R,V,Z,4,8
7 'polypeptide(L)' MWRMWKILDYRRTVVLAHVGMAVLALLIHFILLSTENFNWLQGNPYGDAESAAEVADAAVMPQQREV D,I,O,S,W,1,5,9
8 'polypeptide(L)' MADEMRNVSDEEAKEFHAMFSQAFTVYIGVAVVAHILAWAWRPWIPGDEGFGAALIEGANAVTAAVQSIAPIAA E,J,P,T,X,2,6,0
9 'polypeptide(L)'
;MSKKPCDRSRRKFLRLGLMSTAAIPAASLFGSKAMADDNNNGNDRTWEIISEDAPEAKGIGYVHNQADADMDHPRFESHQ
FCANCLLYVPHEEDGDHGYCAAFGMDEKRLVNANGWCWAWEDAGDAAEVGPRDVPADQLRRG
;
a
#
loop_
_chem_comp.id
_chem_comp.type
_chem_comp.name
_chem_comp.formula
BCL non-polymer 'BACTERIOCHLOROPHYLL A' 'C55 H74 Mg N4 O6'
BPH non-polymer 'BACTERIOPHEOPHYTIN A' 'C55 H76 N4 O6'
CDL non-polymer CARDIOLIPIN 'C81 H156 O17 P2 -2'
CRT non-polymer SPIRILLOXANTHIN 'C42 H60 O2'
FE non-polymer 'FE (III) ION' 'Fe 3'
HEC non-polymer 'HEME C' 'C34 H34 Fe N4 O4'
LJQ non-polymer '[(2~{S})-1-dodecanoyloxy-3-oxidanyl-propan-2-yl] pentadecanoate' 'C30 H58 O5'
LMT D-saccharide DODECYL-BETA-D-MALTOSIDE 'C24 H46 O11'
MG non-polymer 'MAGNESIUM ION' 'Mg 2'
MQ8 non-polymer 'MENAQUINONE 8' 'C51 H72 O2'
PGV non-polymer '(1R)-2-{[{[(2S)-2,3-DIHYDROXYPROPYL]OXY}(HYDROXY)PHOSPHORYL]OXY}-1-[(PALMITOYLOXY)METHYL]ETHYL (11E)-OCTADEC-11-ENOATE' 'C40 H77 O10 P'
PLM non-polymer 'PALMITIC ACID' 'C16 H32 O2'
SF4 non-polymer 'IRON/SULFUR CLUSTER' 'Fe4 S4'
UQ8 non-polymer Ubiquinone-8 'C49 H74 O4'
#
# COMPACT_ATOMS: atom_id res chain seq x y z
N CYS A 26 -18.56 7.06 9.31
CA CYS A 26 -18.73 5.92 8.43
C CYS A 26 -20.09 5.99 7.75
N GLU A 27 -20.16 5.48 6.54
CA GLU A 27 -21.39 5.36 5.79
C GLU A 27 -21.72 3.88 5.60
N ARG A 28 -22.77 3.60 4.85
CA ARG A 28 -23.22 2.23 4.61
C ARG A 28 -23.95 2.20 3.30
N PRO A 29 -24.15 1.01 2.71
CA PRO A 29 -25.03 0.89 1.56
C PRO A 29 -26.47 1.01 1.99
N PRO A 30 -27.39 1.35 1.06
CA PRO A 30 -27.21 1.53 -0.39
C PRO A 30 -26.60 2.86 -0.81
N VAL A 31 -25.88 2.88 -1.92
CA VAL A 31 -25.34 4.11 -2.49
C VAL A 31 -25.80 4.23 -3.93
N ASP A 32 -26.20 5.44 -4.32
CA ASP A 32 -26.57 5.70 -5.71
C ASP A 32 -25.31 5.78 -6.55
N THR A 33 -25.30 5.06 -7.67
CA THR A 33 -24.15 5.04 -8.55
C THR A 33 -24.56 5.47 -9.95
N GLU A 34 -23.70 6.23 -10.61
CA GLU A 34 -23.92 6.63 -11.99
C GLU A 34 -22.62 6.46 -12.75
N GLN A 35 -22.73 6.12 -14.03
CA GLN A 35 -21.55 5.94 -14.87
C GLN A 35 -21.26 7.23 -15.62
N LYS A 36 -20.04 7.72 -15.49
CA LYS A 36 -19.62 8.95 -16.17
C LYS A 36 -18.78 8.70 -17.40
N GLY A 37 -18.04 7.61 -17.44
CA GLY A 37 -17.23 7.28 -18.60
C GLY A 37 -17.45 5.86 -19.10
N TYR A 38 -16.59 5.42 -20.01
CA TYR A 38 -16.73 4.11 -20.62
C TYR A 38 -16.56 3.00 -19.58
N ARG A 39 -17.22 1.87 -19.82
CA ARG A 39 -17.18 0.77 -18.86
C ARG A 39 -15.74 0.33 -18.61
N GLY A 40 -15.39 0.20 -17.34
CA GLY A 40 -14.06 -0.22 -16.96
C GLY A 40 -13.07 0.90 -16.77
N THR A 41 -13.41 2.14 -17.11
CA THR A 41 -12.49 3.24 -16.86
C THR A 41 -12.52 3.70 -15.42
N GLY A 42 -13.44 3.20 -14.59
CA GLY A 42 -13.55 3.66 -13.24
C GLY A 42 -14.10 5.06 -13.10
N MET A 43 -14.70 5.60 -14.16
CA MET A 43 -15.30 6.93 -14.13
C MET A 43 -16.74 6.78 -13.70
N GLU A 44 -16.98 6.85 -12.40
CA GLU A 44 -18.29 6.66 -11.82
C GLU A 44 -18.50 7.68 -10.70
N GLU A 45 -19.75 8.05 -10.47
CA GLU A 45 -20.15 8.85 -9.33
C GLU A 45 -20.88 7.96 -8.33
N VAL A 46 -20.44 7.99 -7.09
CA VAL A 46 -21.09 7.27 -6.01
C VAL A 46 -21.60 8.30 -5.01
N ASN A 47 -22.89 8.23 -4.70
CA ASN A 47 -23.54 9.20 -3.85
C ASN A 47 -24.29 8.48 -2.75
N ASN A 48 -24.40 9.14 -1.60
CA ASN A 48 -25.17 8.59 -0.51
C ASN A 48 -26.52 9.29 -0.50
N PRO A 49 -27.61 8.61 -0.85
CA PRO A 49 -28.92 9.27 -0.84
C PRO A 49 -29.32 9.76 0.54
N ARG A 50 -28.79 9.16 1.60
CA ARG A 50 -29.14 9.54 2.95
C ARG A 50 -28.40 10.78 3.43
N LEU A 51 -27.49 11.31 2.63
CA LEU A 51 -26.74 12.51 2.96
C LEU A 51 -27.32 13.77 2.34
N ARG A 52 -28.34 13.67 1.48
CA ARG A 52 -28.93 14.84 0.86
C ARG A 52 -29.91 15.52 1.80
N ASP A 53 -29.92 16.85 1.77
CA ASP A 53 -30.78 17.63 2.67
C ASP A 53 -32.24 17.58 2.25
N ASP A 54 -32.52 17.71 0.94
CA ASP A 54 -33.85 17.59 0.37
C ASP A 54 -34.75 18.77 0.69
N ASP A 55 -34.30 19.65 1.59
CA ASP A 55 -34.99 20.90 1.87
C ASP A 55 -34.22 22.11 1.35
N LEU A 56 -32.89 22.07 1.41
CA LEU A 56 -32.10 23.15 0.87
C LEU A 56 -32.29 23.29 -0.64
N HIS A 57 -32.54 22.19 -1.33
CA HIS A 57 -32.59 22.17 -2.78
C HIS A 57 -34.01 22.25 -3.33
N LEU A 58 -35.01 22.38 -2.47
CA LEU A 58 -36.38 22.50 -2.92
C LEU A 58 -36.64 23.91 -3.41
N ALA A 59 -37.00 24.05 -4.68
CA ALA A 59 -37.28 25.35 -5.25
C ALA A 59 -38.60 25.90 -4.69
N PRO A 60 -38.63 27.18 -4.31
CA PRO A 60 -39.89 27.76 -3.85
C PRO A 60 -40.93 27.76 -4.94
N GLU A 61 -42.18 27.61 -4.54
CA GLU A 61 -43.26 27.64 -5.52
C GLU A 61 -43.42 29.05 -6.07
N ALA A 62 -43.34 29.18 -7.38
CA ALA A 62 -43.40 30.48 -8.03
C ALA A 62 -44.78 31.09 -7.88
N ALA A 63 -44.83 32.41 -7.73
CA ALA A 63 -46.09 33.11 -7.63
C ALA A 63 -46.83 33.10 -8.96
N ASP A 64 -48.11 33.43 -8.92
CA ASP A 64 -48.92 33.46 -10.13
C ASP A 64 -48.49 34.63 -11.02
N PRO A 65 -48.60 34.48 -12.34
CA PRO A 65 -48.19 35.58 -13.22
C PRO A 65 -49.16 36.75 -13.18
N VAL A 66 -48.73 37.83 -12.54
CA VAL A 66 -49.52 39.04 -12.48
C VAL A 66 -49.43 39.74 -13.83
N SER A 67 -50.27 40.75 -14.05
CA SER A 67 -50.35 41.39 -15.35
C SER A 67 -49.11 42.24 -15.63
N ALA A 68 -48.81 42.40 -16.92
CA ALA A 68 -47.70 43.22 -17.39
C ALA A 68 -48.22 44.42 -18.19
N GLU A 69 -49.38 44.94 -17.80
CA GLU A 69 -50.03 46.02 -18.52
C GLU A 69 -49.65 47.37 -17.91
N GLY A 70 -50.16 48.43 -18.53
CA GLY A 70 -50.05 49.76 -17.97
C GLY A 70 -48.66 50.31 -17.97
N PRO A 71 -48.48 51.41 -17.24
CA PRO A 71 -47.19 52.11 -17.25
C PRO A 71 -46.09 51.31 -16.58
N ARG A 72 -44.86 51.58 -17.01
CA ARG A 72 -43.71 50.89 -16.47
C ARG A 72 -43.36 51.43 -15.08
N ALA A 73 -42.47 50.70 -14.40
CA ALA A 73 -42.05 51.08 -13.06
C ALA A 73 -41.21 52.34 -13.07
N GLY A 74 -40.42 52.57 -14.12
CA GLY A 74 -39.64 53.78 -14.22
C GLY A 74 -40.48 55.04 -14.32
N GLU A 75 -41.74 54.91 -14.69
CA GLU A 75 -42.66 56.04 -14.73
C GLU A 75 -43.45 56.19 -13.44
N ILE A 76 -43.55 55.13 -12.64
CA ILE A 76 -44.33 55.20 -11.41
C ILE A 76 -43.45 55.64 -10.24
N TYR A 77 -42.27 55.05 -10.14
CA TYR A 77 -41.49 55.11 -8.91
C TYR A 77 -40.46 56.23 -8.95
N GLN A 78 -40.22 56.82 -7.78
CA GLN A 78 -39.29 57.93 -7.67
C GLN A 78 -37.86 57.48 -7.94
N ASN A 79 -37.45 56.35 -7.35
CA ASN A 79 -36.05 55.95 -7.35
C ASN A 79 -35.96 54.50 -7.80
N VAL A 80 -35.99 54.29 -9.12
CA VAL A 80 -35.84 52.98 -9.71
C VAL A 80 -34.88 53.11 -10.88
N GLU A 81 -33.80 52.34 -10.86
CA GLU A 81 -32.81 52.39 -11.91
C GLU A 81 -32.62 51.06 -12.64
N VAL A 82 -33.05 49.94 -12.06
CA VAL A 82 -32.77 48.61 -12.59
C VAL A 82 -34.01 47.97 -13.18
N LEU A 83 -35.15 48.08 -12.51
CA LEU A 83 -36.39 47.42 -12.91
C LEU A 83 -37.32 48.37 -13.64
N ASP A 84 -36.75 49.22 -14.52
CA ASP A 84 -37.52 50.28 -15.15
C ASP A 84 -38.63 49.73 -16.04
N ASP A 85 -38.35 48.64 -16.76
CA ASP A 85 -39.25 48.14 -17.80
C ASP A 85 -40.19 47.05 -17.31
N LEU A 86 -40.56 47.07 -16.03
CA LEU A 86 -41.53 46.15 -15.47
C LEU A 86 -42.84 46.88 -15.16
N SER A 87 -43.95 46.15 -15.24
CA SER A 87 -45.22 46.72 -14.83
C SER A 87 -45.25 46.94 -13.33
N VAL A 88 -46.22 47.73 -12.89
CA VAL A 88 -46.38 47.96 -11.45
C VAL A 88 -46.66 46.66 -10.73
N ALA A 89 -47.52 45.81 -11.31
CA ALA A 89 -47.84 44.54 -10.67
C ALA A 89 -46.63 43.63 -10.57
N GLU A 90 -45.87 43.50 -11.67
CA GLU A 90 -44.71 42.62 -11.67
C GLU A 90 -43.59 43.19 -10.81
N PHE A 91 -43.52 44.51 -10.69
CA PHE A 91 -42.55 45.13 -9.80
C PHE A 91 -42.81 44.73 -8.36
N THR A 92 -44.07 44.76 -7.94
CA THR A 92 -44.38 44.42 -6.56
C THR A 92 -44.30 42.92 -6.33
N ARG A 93 -44.62 42.12 -7.35
CA ARG A 93 -44.42 40.69 -7.26
C ARG A 93 -42.94 40.37 -7.11
N LEU A 94 -42.08 41.07 -7.86
CA LEU A 94 -40.65 40.86 -7.72
C LEU A 94 -40.18 41.28 -6.34
N MET A 95 -40.68 42.41 -5.82
CA MET A 95 -40.25 42.89 -4.52
C MET A 95 -40.65 41.92 -3.41
N GLN A 96 -41.84 41.35 -3.49
CA GLN A 96 -42.25 40.37 -2.50
C GLN A 96 -41.46 39.07 -2.63
N SER A 97 -41.16 38.67 -3.87
CA SER A 97 -40.38 37.45 -4.06
C SER A 97 -38.98 37.61 -3.49
N MET A 98 -38.35 38.77 -3.72
CA MET A 98 -37.02 39.00 -3.16
C MET A 98 -37.04 39.01 -1.64
N THR A 99 -38.12 39.51 -1.04
CA THR A 99 -38.23 39.48 0.42
C THR A 99 -38.25 38.06 0.95
N ASP A 100 -39.01 37.17 0.31
CA ASP A 100 -39.00 35.77 0.74
C ASP A 100 -37.65 35.12 0.52
N TRP A 101 -36.93 35.54 -0.53
CA TRP A 101 -35.69 34.89 -0.92
C TRP A 101 -34.52 35.26 -0.02
N VAL A 102 -34.43 36.52 0.39
CA VAL A 102 -33.25 36.98 1.12
C VAL A 102 -33.56 37.42 2.54
N SER A 103 -34.80 37.75 2.86
CA SER A 103 -35.09 38.16 4.23
C SER A 103 -36.55 37.95 4.59
N PRO A 104 -37.05 36.71 4.58
CA PRO A 104 -38.46 36.50 4.92
C PRO A 104 -38.81 36.88 6.34
N ASP A 105 -37.88 36.69 7.28
CA ASP A 105 -38.10 36.98 8.68
C ASP A 105 -37.86 38.44 9.00
N GLU A 106 -37.49 39.25 8.01
CA GLU A 106 -37.27 40.68 8.19
C GLU A 106 -38.34 41.54 7.56
N GLY A 107 -38.85 41.14 6.39
CA GLY A 107 -39.83 41.93 5.69
C GLY A 107 -39.19 42.93 4.75
N CYS A 108 -40.04 43.82 4.24
CA CYS A 108 -39.59 44.80 3.26
C CYS A 108 -38.62 45.80 3.85
N THR A 109 -38.60 45.93 5.17
CA THR A 109 -37.76 46.91 5.83
C THR A 109 -36.34 46.39 6.03
N TYR A 110 -36.04 45.19 5.55
CA TYR A 110 -34.67 44.72 5.50
C TYR A 110 -33.81 45.61 4.62
N CYS A 111 -34.33 46.00 3.45
CA CYS A 111 -33.62 46.89 2.55
C CYS A 111 -34.15 48.32 2.55
N HIS A 112 -35.43 48.52 2.85
CA HIS A 112 -36.06 49.83 2.76
C HIS A 112 -36.08 50.49 4.13
N ASP A 113 -35.82 51.79 4.14
CA ASP A 113 -35.76 52.57 5.37
C ASP A 113 -37.18 52.86 5.84
N GLY A 114 -37.76 51.90 6.54
CA GLY A 114 -39.10 52.05 7.05
C GLY A 114 -40.14 52.24 5.96
N ASN A 115 -40.88 53.34 6.04
CA ASN A 115 -41.94 53.62 5.09
C ASN A 115 -41.49 54.43 3.89
N ASP A 116 -40.24 54.91 3.87
CA ASP A 116 -39.71 55.69 2.76
C ASP A 116 -39.03 54.74 1.79
N PHE A 117 -39.82 54.17 0.88
CA PHE A 117 -39.30 53.21 -0.08
C PHE A 117 -38.48 53.86 -1.20
N ALA A 118 -38.49 55.17 -1.31
CA ALA A 118 -37.65 55.86 -2.29
C ALA A 118 -36.27 56.18 -1.74
N SER A 119 -35.98 55.76 -0.51
CA SER A 119 -34.72 56.05 0.16
C SER A 119 -33.71 54.94 -0.08
N GLU A 120 -32.46 55.33 -0.33
CA GLU A 120 -31.37 54.38 -0.51
C GLU A 120 -30.41 54.37 0.67
N GLU A 121 -30.88 54.72 1.87
CA GLU A 121 -29.96 54.92 2.99
C GLU A 121 -29.29 53.61 3.41
N LEU A 122 -30.05 52.52 3.51
CA LEU A 122 -29.50 51.28 4.04
C LEU A 122 -28.51 50.68 3.05
N TYR A 123 -27.42 50.12 3.58
CA TYR A 123 -26.43 49.48 2.73
C TYR A 123 -27.04 48.27 2.01
N THR A 124 -27.94 47.56 2.68
CA THR A 124 -28.62 46.44 2.04
C THR A 124 -29.38 46.87 0.80
N TYR A 125 -29.83 48.13 0.76
CA TYR A 125 -30.52 48.63 -0.41
C TYR A 125 -29.57 48.79 -1.59
N GLN A 126 -28.40 49.40 -1.36
CA GLN A 126 -27.41 49.52 -2.42
C GLN A 126 -26.89 48.16 -2.83
N VAL A 127 -26.64 47.28 -1.87
CA VAL A 127 -26.16 45.94 -2.19
C VAL A 127 -27.20 45.19 -3.01
N SER A 128 -28.46 45.26 -2.59
CA SER A 128 -29.51 44.55 -3.33
C SER A 128 -29.70 45.13 -4.72
N ARG A 129 -29.48 46.44 -4.87
CA ARG A 129 -29.55 47.01 -6.21
C ARG A 129 -28.44 46.46 -7.09
N GLN A 130 -27.25 46.27 -6.53
CA GLN A 130 -26.18 45.60 -7.26
C GLN A 130 -26.52 44.14 -7.50
N MET A 131 -27.20 43.51 -6.53
CA MET A 131 -27.53 42.10 -6.67
C MET A 131 -28.56 41.86 -7.75
N ILE A 132 -29.47 42.82 -7.97
CA ILE A 132 -30.40 42.67 -9.08
C ILE A 132 -29.69 42.86 -10.41
N GLU A 133 -28.79 43.85 -10.49
CA GLU A 133 -28.05 44.05 -11.74
C GLU A 133 -27.19 42.84 -12.05
N MET A 134 -26.61 42.21 -11.04
CA MET A 134 -25.80 41.01 -11.24
C MET A 134 -26.67 39.82 -11.62
N ASN A 135 -27.81 39.66 -10.94
CA ASN A 135 -28.71 38.56 -11.26
C ASN A 135 -29.22 38.67 -12.69
N ARG A 136 -29.50 39.89 -13.14
CA ARG A 136 -29.90 40.09 -14.53
C ARG A 136 -28.74 39.81 -15.48
N TYR A 137 -27.52 40.17 -15.07
CA TYR A 137 -26.39 40.02 -15.96
C TYR A 137 -26.06 38.56 -16.21
N VAL A 138 -25.96 37.76 -15.16
CA VAL A 138 -25.60 36.36 -15.34
C VAL A 138 -26.69 35.61 -16.07
N ASN A 139 -27.96 35.96 -15.84
CA ASN A 139 -29.06 35.27 -16.51
C ASN A 139 -29.11 35.57 -17.99
N ALA A 140 -28.49 36.66 -18.44
CA ALA A 140 -28.54 37.04 -19.84
C ALA A 140 -27.28 36.68 -20.62
N ASN A 141 -26.17 36.45 -19.93
CA ASN A 141 -24.89 36.27 -20.61
C ASN A 141 -24.20 34.96 -20.33
N TRP A 142 -24.61 34.20 -19.33
CA TRP A 142 -23.86 33.02 -18.93
C TRP A 142 -24.66 31.73 -19.15
N ASP A 143 -25.34 31.63 -20.29
CA ASP A 143 -25.92 30.34 -20.66
C ASP A 143 -24.86 29.32 -21.03
N SER A 144 -23.62 29.77 -21.28
CA SER A 144 -22.53 28.83 -21.51
C SER A 144 -22.28 27.96 -20.29
N HIS A 145 -22.77 28.38 -19.13
CA HIS A 145 -22.70 27.57 -17.92
C HIS A 145 -24.07 27.16 -17.40
N MET A 146 -24.98 28.12 -17.24
CA MET A 146 -26.27 27.88 -16.62
C MET A 146 -27.35 27.43 -17.61
N ASP A 147 -27.04 27.37 -18.90
CA ASP A 147 -27.97 26.91 -19.93
C ASP A 147 -29.24 27.75 -19.93
N ASP A 148 -30.36 27.15 -19.49
CA ASP A 148 -31.63 27.87 -19.39
C ASP A 148 -32.13 27.99 -17.97
N THR A 149 -31.52 27.30 -17.00
CA THR A 149 -32.01 27.34 -15.64
C THR A 149 -31.95 28.74 -15.06
N GLY A 150 -30.84 29.43 -15.27
CA GLY A 150 -30.67 30.74 -14.68
C GLY A 150 -30.54 30.63 -13.18
N VAL A 151 -30.43 31.80 -12.54
CA VAL A 151 -30.36 31.87 -11.10
C VAL A 151 -31.36 32.90 -10.61
N THR A 152 -31.64 32.81 -9.32
CA THR A 152 -32.52 33.72 -8.64
C THR A 152 -31.81 34.10 -7.34
N CYS A 153 -32.24 35.19 -6.71
CA CYS A 153 -31.73 35.54 -5.39
C CYS A 153 -31.73 34.31 -4.47
N TYR A 154 -32.72 33.44 -4.64
CA TYR A 154 -32.86 32.26 -3.81
C TYR A 154 -31.83 31.17 -4.13
N THR A 155 -31.30 31.14 -5.35
CA THR A 155 -30.29 30.13 -5.67
C THR A 155 -29.07 30.27 -4.77
N CYS A 156 -28.72 31.50 -4.42
CA CYS A 156 -27.60 31.78 -3.55
C CYS A 156 -28.02 31.95 -2.09
N HIS A 157 -29.17 32.57 -1.82
CA HIS A 157 -29.54 32.90 -0.45
C HIS A 157 -30.30 31.78 0.25
N ARG A 158 -31.18 31.09 -0.48
CA ARG A 158 -31.94 29.96 0.07
C ARG A 158 -32.77 30.35 1.29
N GLY A 159 -33.29 31.58 1.28
CA GLY A 159 -34.09 32.08 2.38
C GLY A 159 -33.32 32.77 3.48
N GLU A 160 -32.05 33.07 3.26
CA GLU A 160 -31.19 33.64 4.29
C GLU A 160 -30.72 35.03 3.89
N ASN A 161 -30.42 35.85 4.90
CA ASN A 161 -29.83 37.16 4.65
C ASN A 161 -28.48 37.03 3.96
N LEU A 162 -27.73 35.97 4.28
CA LEU A 162 -26.44 35.73 3.71
C LEU A 162 -26.40 34.34 3.07
N PRO A 163 -25.75 34.21 1.92
CA PRO A 163 -25.49 32.87 1.39
C PRO A 163 -24.63 32.08 2.36
N GLU A 164 -25.09 30.87 2.68
CA GLU A 164 -24.37 30.03 3.63
C GLU A 164 -22.98 29.64 3.15
N GLU A 165 -22.69 29.78 1.85
CA GLU A 165 -21.54 29.18 1.21
C GLU A 165 -20.68 30.22 0.51
N SER A 166 -20.33 31.29 1.21
CA SER A 166 -19.41 32.28 0.69
C SER A 166 -18.01 32.04 1.22
N TRP A 167 -17.03 32.76 0.66
CA TRP A 167 -15.65 32.66 1.10
C TRP A 167 -15.03 34.04 1.30
N PHE A 168 -14.07 34.10 2.20
CA PHE A 168 -13.23 35.28 2.41
C PHE A 168 -11.81 34.97 1.96
N ALA A 169 -11.04 36.03 1.74
CA ALA A 169 -9.64 35.85 1.38
C ALA A 169 -8.85 35.32 2.57
N GLU A 170 -7.93 34.40 2.29
CA GLU A 170 -7.04 33.93 3.33
C GLU A 170 -6.12 35.05 3.79
N PRO A 171 -5.95 35.22 5.11
CA PRO A 171 -5.09 36.30 5.61
C PRO A 171 -3.64 36.11 5.18
N THR A 172 -2.99 37.22 4.87
CA THR A 172 -1.57 37.26 4.53
C THR A 172 -0.82 37.99 5.63
N PRO A 173 -0.02 37.28 6.45
CA PRO A 173 0.49 37.89 7.69
C PRO A 173 1.85 38.57 7.60
N ASP A 174 2.46 38.69 6.41
CA ASP A 174 3.77 39.35 6.26
C ASP A 174 4.82 38.66 7.13
N VAL A 175 5.15 37.43 6.72
CA VAL A 175 5.97 36.51 7.51
C VAL A 175 7.32 37.12 7.90
N ASN A 176 7.90 36.55 8.97
CA ASN A 176 9.11 37.09 9.58
C ASN A 176 10.30 37.10 8.61
N MET A 177 10.41 36.09 7.76
CA MET A 177 11.49 35.80 6.83
C MET A 177 12.72 35.27 7.55
N ALA A 178 12.76 35.30 8.87
CA ALA A 178 13.77 34.60 9.65
C ALA A 178 13.17 33.80 10.78
N GLY A 179 11.84 33.76 10.90
CA GLY A 179 11.17 33.00 11.94
C GLY A 179 10.92 31.56 11.54
N LEU A 180 9.88 30.99 12.13
CA LEU A 180 9.55 29.59 11.94
C LEU A 180 8.07 29.44 11.65
N GLY A 181 7.71 28.28 11.10
CA GLY A 181 6.32 27.95 10.85
C GLY A 181 5.62 28.75 9.78
N ASN A 182 6.30 29.03 8.67
CA ASN A 182 5.67 29.75 7.56
C ASN A 182 4.94 28.73 6.70
N THR A 183 3.65 28.57 6.96
CA THR A 183 2.78 27.88 6.02
C THR A 183 2.62 28.80 4.82
N MET A 184 2.92 28.29 3.64
CA MET A 184 2.74 29.10 2.44
C MET A 184 1.33 28.88 1.93
N MET A 185 0.34 29.29 2.72
CA MET A 185 -1.07 29.02 2.50
C MET A 185 -1.39 27.53 2.58
N GLN A 186 -0.48 26.72 3.12
CA GLN A 186 -0.68 25.27 3.11
C GLN A 186 -0.57 24.69 4.51
N ASN A 187 -0.56 23.37 4.59
CA ASN A 187 -0.15 22.65 5.79
C ASN A 187 -1.06 22.90 6.98
N LEU A 188 -2.32 23.23 6.72
CA LEU A 188 -3.33 23.31 7.75
C LEU A 188 -4.62 22.77 7.19
N ALA A 189 -5.34 21.99 7.99
CA ALA A 189 -6.64 21.51 7.57
C ALA A 189 -7.60 22.67 7.46
N SER A 190 -8.24 22.83 6.30
CA SER A 190 -9.14 23.94 6.06
C SER A 190 -10.38 23.42 5.36
N GLU A 191 -11.55 23.96 5.75
CA GLU A 191 -12.75 23.63 5.02
C GLU A 191 -12.74 24.17 3.60
N LYS A 192 -11.91 25.19 3.33
CA LYS A 192 -11.76 25.68 1.96
C LYS A 192 -11.17 24.59 1.06
N THR A 193 -10.17 23.87 1.56
CA THR A 193 -9.47 22.85 0.78
C THR A 193 -10.04 21.46 1.00
N GLU A 194 -11.25 21.36 1.54
CA GLU A 194 -11.90 20.07 1.82
C GLU A 194 -11.03 19.20 2.73
N TYR A 195 -10.49 19.82 3.77
CA TYR A 195 -9.77 19.15 4.85
C TYR A 195 -8.46 18.51 4.38
N THR A 196 -7.91 19.03 3.29
CA THR A 196 -6.57 18.69 2.87
C THR A 196 -5.59 19.73 3.43
N SER A 197 -4.30 19.43 3.30
CA SER A 197 -3.26 20.40 3.56
C SER A 197 -2.88 21.22 2.32
N LEU A 198 -3.76 21.25 1.33
CA LEU A 198 -3.51 21.94 0.08
C LEU A 198 -3.59 23.45 0.26
N PRO A 199 -3.08 24.22 -0.71
CA PRO A 199 -3.14 25.68 -0.60
C PRO A 199 -4.54 26.21 -0.37
N ARG A 200 -4.67 27.11 0.60
CA ARG A 200 -5.95 27.66 1.01
C ARG A 200 -6.36 28.89 0.22
N ASN A 201 -5.46 29.45 -0.59
CA ASN A 201 -5.74 30.65 -1.38
C ASN A 201 -6.13 30.31 -2.82
N ALA A 202 -6.69 29.12 -3.04
CA ALA A 202 -7.10 28.75 -4.39
C ALA A 202 -8.23 29.64 -4.90
N PHE A 203 -9.17 30.02 -4.03
CA PHE A 203 -10.26 30.88 -4.44
C PHE A 203 -9.74 32.24 -4.92
N GLU A 204 -8.78 32.81 -4.19
CA GLU A 204 -8.24 34.11 -4.58
C GLU A 204 -7.56 34.04 -5.93
N ARG A 205 -6.86 32.94 -6.20
CA ARG A 205 -6.08 32.85 -7.43
C ARG A 205 -6.94 32.60 -8.65
N TYR A 206 -8.05 31.88 -8.50
CA TYR A 206 -8.81 31.44 -9.65
C TYR A 206 -10.25 31.91 -9.68
N LEU A 207 -10.90 32.01 -8.52
CA LEU A 207 -12.28 32.48 -8.48
C LEU A 207 -12.39 33.99 -8.35
N LEU A 208 -11.32 34.69 -8.01
CA LEU A 208 -11.28 36.14 -8.07
C LEU A 208 -10.19 36.64 -9.00
N GLY A 209 -8.97 36.13 -8.83
CA GLY A 209 -7.94 36.31 -9.82
C GLY A 209 -8.14 35.36 -10.98
N HIS A 210 -7.27 35.49 -11.97
CA HIS A 210 -7.40 34.71 -13.20
C HIS A 210 -6.12 33.93 -13.48
N ASP A 211 -5.49 33.42 -12.43
CA ASP A 211 -4.27 32.65 -12.59
C ASP A 211 -4.53 31.37 -13.38
N ASP A 212 -3.48 30.90 -14.06
CA ASP A 212 -3.59 29.73 -14.92
C ASP A 212 -3.86 28.48 -14.09
N LEU A 213 -4.81 27.66 -14.56
CA LEU A 213 -5.16 26.41 -13.90
C LEU A 213 -4.47 25.19 -14.50
N ARG A 214 -3.95 25.29 -15.72
CA ARG A 214 -3.30 24.16 -16.36
C ARG A 214 -2.01 23.80 -15.63
N VAL A 215 -1.84 22.51 -15.35
CA VAL A 215 -0.61 22.01 -14.75
C VAL A 215 0.15 21.05 -15.64
N GLU A 216 -0.48 20.47 -16.66
CA GLU A 216 0.14 19.42 -17.45
C GLU A 216 0.80 19.99 -18.70
N GLY A 217 2.04 19.61 -18.92
CA GLY A 217 2.68 19.93 -20.19
C GLY A 217 1.98 19.26 -21.36
N ASP A 218 1.90 19.97 -22.46
CA ASP A 218 1.20 19.50 -23.65
C ASP A 218 2.14 18.84 -24.65
N THR A 219 3.25 18.30 -24.18
CA THR A 219 4.24 17.66 -25.03
C THR A 219 4.75 16.39 -24.35
N ILE A 220 5.27 15.48 -25.16
CA ILE A 220 5.87 14.26 -24.63
C ILE A 220 7.18 14.57 -23.90
N LEU A 221 8.00 15.38 -24.50
CA LEU A 221 9.29 15.68 -23.91
C LEU A 221 9.28 17.07 -23.30
N PRO A 222 10.07 17.30 -22.26
CA PRO A 222 10.03 18.61 -21.58
C PRO A 222 10.55 19.73 -22.46
N HIS A 223 9.98 20.91 -22.25
CA HIS A 223 10.54 22.18 -22.69
C HIS A 223 10.48 23.06 -21.45
N LEU A 224 11.49 22.96 -20.59
CA LEU A 224 11.39 23.55 -19.26
C LEU A 224 11.31 25.06 -19.29
N ASP A 225 11.79 25.70 -20.34
CA ASP A 225 11.74 27.15 -20.41
C ASP A 225 10.45 27.66 -21.01
N GLU A 226 9.60 26.77 -21.53
CA GLU A 226 8.28 27.13 -22.02
C GLU A 226 7.16 26.66 -21.10
N TRP A 227 7.36 25.57 -20.37
CA TRP A 227 6.34 25.01 -19.47
C TRP A 227 7.03 24.43 -18.25
N ASP A 228 6.93 25.11 -17.11
CA ASP A 228 7.64 24.73 -15.90
C ASP A 228 6.75 24.96 -14.66
N VAL A 229 5.49 24.52 -14.72
CA VAL A 229 4.58 24.74 -13.61
C VAL A 229 5.09 24.04 -12.36
N SER A 230 5.15 24.77 -11.27
CA SER A 230 5.66 24.19 -10.02
C SER A 230 4.60 23.29 -9.38
N LEU A 231 5.08 22.42 -8.50
CA LEU A 231 4.17 21.56 -7.75
C LEU A 231 3.31 22.35 -6.78
N GLN A 232 3.79 23.51 -6.32
CA GLN A 232 2.95 24.36 -5.50
C GLN A 232 1.77 24.92 -6.30
N ASP A 233 2.02 25.34 -7.54
CA ASP A 233 0.93 25.76 -8.41
C ASP A 233 0.02 24.59 -8.74
N THR A 234 0.60 23.39 -8.88
CA THR A 234 -0.21 22.20 -9.13
C THR A 234 -1.13 21.90 -7.95
N GLU A 235 -0.63 22.05 -6.73
CA GLU A 235 -1.46 21.81 -5.56
C GLU A 235 -2.51 22.89 -5.37
N ALA A 236 -2.24 24.11 -5.84
CA ALA A 236 -3.26 25.14 -5.81
C ALA A 236 -4.40 24.82 -6.78
N SER A 237 -4.06 24.39 -8.00
CA SER A 237 -5.11 23.93 -8.91
C SER A 237 -5.80 22.69 -8.38
N TYR A 238 -5.06 21.83 -7.68
CA TYR A 238 -5.65 20.69 -7.02
C TYR A 238 -6.67 21.13 -5.96
N SER A 239 -6.33 22.15 -5.18
CA SER A 239 -7.21 22.60 -4.12
C SER A 239 -8.49 23.23 -4.66
N LEU A 240 -8.41 23.91 -5.80
CA LEU A 240 -9.63 24.39 -6.43
C LEU A 240 -10.49 23.23 -6.91
N MET A 241 -9.86 22.17 -7.40
CA MET A 241 -10.58 20.98 -7.83
C MET A 241 -11.18 20.23 -6.65
N MET A 242 -10.52 20.24 -5.49
CA MET A 242 -11.12 19.69 -4.30
C MET A 242 -12.45 20.38 -4.01
N HIS A 243 -12.45 21.71 -4.09
CA HIS A 243 -13.66 22.48 -3.85
C HIS A 243 -14.71 22.22 -4.91
N MET A 244 -14.32 22.29 -6.19
CA MET A 244 -15.29 22.14 -7.26
C MET A 244 -15.94 20.76 -7.26
N SER A 245 -15.29 19.78 -6.65
CA SER A 245 -15.91 18.47 -6.51
C SER A 245 -16.94 18.47 -5.41
N ALA A 246 -16.55 18.85 -4.19
CA ALA A 246 -17.48 18.83 -3.07
C ALA A 246 -18.56 19.89 -3.20
N ALA A 247 -18.30 20.97 -3.94
CA ALA A 247 -19.25 22.05 -4.05
C ALA A 247 -20.43 21.70 -4.95
N THR A 248 -20.23 20.76 -5.88
CA THR A 248 -21.31 20.33 -6.76
C THR A 248 -21.69 18.89 -6.54
N GLY A 249 -21.23 18.26 -5.46
CA GLY A 249 -21.49 16.84 -5.26
C GLY A 249 -20.91 15.99 -6.36
N SER A 250 -19.75 16.36 -6.86
CA SER A 250 -19.05 15.66 -7.92
C SER A 250 -17.77 15.06 -7.36
N ASN A 251 -16.97 14.50 -8.26
CA ASN A 251 -15.62 14.04 -7.95
C ASN A 251 -14.77 14.24 -9.20
N CYS A 252 -13.48 13.95 -9.09
CA CYS A 252 -12.58 14.21 -10.22
C CYS A 252 -13.01 13.44 -11.46
N THR A 253 -13.71 12.34 -11.28
CA THR A 253 -14.04 11.47 -12.40
C THR A 253 -15.17 12.04 -13.25
N THR A 254 -16.05 12.85 -12.66
CA THR A 254 -17.20 13.36 -13.40
C THR A 254 -16.81 14.40 -14.44
N CYS A 255 -15.66 15.04 -14.29
CA CYS A 255 -15.16 15.99 -15.26
C CYS A 255 -13.89 15.51 -15.96
N HIS A 256 -13.33 14.38 -15.54
CA HIS A 256 -12.04 13.95 -16.05
C HIS A 256 -12.00 12.45 -16.21
N ASN A 257 -11.13 12.02 -17.10
CA ASN A 257 -10.52 10.69 -17.04
C ASN A 257 -9.15 10.94 -16.45
N THR A 258 -8.99 10.60 -15.16
CA THR A 258 -7.79 11.01 -14.44
C THR A 258 -6.52 10.33 -14.95
N GLY A 259 -6.66 9.22 -15.69
CA GLY A 259 -5.50 8.66 -16.37
C GLY A 259 -4.92 9.62 -17.37
N ARG A 260 -5.77 10.43 -18.00
CA ARG A 260 -5.37 11.43 -19.00
C ARG A 260 -6.06 12.73 -18.63
N LEU A 261 -5.46 13.46 -17.68
CA LEU A 261 -6.18 14.52 -17.00
C LEU A 261 -6.36 15.74 -17.89
N GLY A 262 -5.34 16.09 -18.66
CA GLY A 262 -5.37 17.26 -19.51
C GLY A 262 -5.88 17.02 -20.92
N GLN A 263 -6.60 15.93 -21.15
CA GLN A 263 -7.18 15.64 -22.46
C GLN A 263 -8.65 16.00 -22.43
N TRP A 264 -9.03 17.04 -23.18
CA TRP A 264 -10.41 17.50 -23.16
C TRP A 264 -11.34 16.51 -23.84
N ASP A 265 -10.87 15.85 -24.90
CA ASP A 265 -11.71 14.90 -25.60
C ASP A 265 -11.94 13.62 -24.82
N GLU A 266 -11.19 13.40 -23.76
CA GLU A 266 -11.41 12.28 -22.85
C GLU A 266 -12.24 12.69 -21.64
N SER A 267 -12.73 13.91 -21.61
CA SER A 267 -13.49 14.40 -20.47
C SER A 267 -14.97 14.53 -20.84
N PRO A 268 -15.87 14.30 -19.88
CA PRO A 268 -17.28 14.55 -20.12
C PRO A 268 -17.57 16.01 -20.33
N GLU A 269 -18.75 16.28 -20.90
CA GLU A 269 -19.16 17.65 -21.19
C GLU A 269 -19.30 18.50 -19.94
N GLU A 270 -19.36 17.86 -18.76
CA GLU A 270 -19.35 18.62 -17.51
C GLU A 270 -18.11 19.48 -17.39
N ARG A 271 -16.97 19.01 -17.89
CA ARG A 271 -15.75 19.81 -17.78
C ARG A 271 -15.87 21.11 -18.55
N GLU A 272 -16.45 21.05 -19.76
CA GLU A 272 -16.63 22.25 -20.56
C GLU A 272 -17.62 23.21 -19.90
N ILE A 273 -18.67 22.67 -19.30
CA ILE A 273 -19.63 23.52 -18.59
C ILE A 273 -18.96 24.18 -17.40
N SER A 274 -18.28 23.40 -16.57
CA SER A 274 -17.64 23.95 -15.38
C SER A 274 -16.49 24.88 -15.72
N TRP A 275 -15.94 24.80 -16.94
CA TRP A 275 -14.98 25.80 -17.38
C TRP A 275 -15.60 27.19 -17.35
N HIS A 276 -16.83 27.33 -17.85
CA HIS A 276 -17.52 28.60 -17.80
C HIS A 276 -17.99 28.93 -16.38
N GLY A 277 -18.23 27.91 -15.56
CA GLY A 277 -18.55 28.16 -14.16
C GLY A 277 -17.43 28.86 -13.43
N ILE A 278 -16.19 28.53 -13.78
CA ILE A 278 -15.03 29.21 -13.22
C ILE A 278 -15.00 30.66 -13.65
N ARG A 279 -15.19 30.91 -14.96
CA ARG A 279 -15.11 32.27 -15.46
C ARG A 279 -16.32 33.09 -15.07
N MET A 280 -17.47 32.45 -14.84
CA MET A 280 -18.64 33.16 -14.35
C MET A 280 -18.48 33.52 -12.89
N THR A 281 -17.97 32.59 -12.07
CA THR A 281 -17.71 32.89 -10.68
C THR A 281 -16.66 33.99 -10.55
N ARG A 282 -15.63 33.93 -11.39
CA ARG A 282 -14.64 35.01 -11.44
C ARG A 282 -15.27 36.32 -11.89
N ASP A 283 -16.23 36.26 -12.81
CA ASP A 283 -16.95 37.45 -13.22
C ASP A 283 -17.81 38.00 -12.10
N ILE A 284 -18.52 37.13 -11.38
CA ILE A 284 -19.36 37.56 -10.27
C ILE A 284 -18.52 38.22 -9.19
N ASN A 285 -17.39 37.61 -8.84
CA ASN A 285 -16.57 38.13 -7.76
C ASN A 285 -15.85 39.41 -8.17
N ALA A 286 -15.24 39.42 -9.35
CA ALA A 286 -14.40 40.54 -9.72
C ALA A 286 -15.20 41.78 -10.10
N ASN A 287 -16.33 41.61 -10.77
CA ASN A 287 -17.05 42.75 -11.32
C ASN A 287 -18.29 43.14 -10.55
N TRP A 288 -18.84 42.26 -9.73
CA TRP A 288 -20.12 42.54 -9.08
C TRP A 288 -20.06 42.47 -7.55
N ILE A 289 -19.26 41.57 -6.99
CA ILE A 289 -19.20 41.42 -5.55
C ILE A 289 -18.14 42.33 -4.93
N GLU A 290 -16.92 42.29 -5.46
CA GLU A 290 -15.85 43.11 -4.90
C GLU A 290 -16.14 44.60 -4.94
N PRO A 291 -16.74 45.18 -5.99
CA PRO A 291 -17.12 46.60 -5.92
C PRO A 291 -17.98 46.95 -4.71
N LEU A 292 -18.69 45.99 -4.15
CA LEU A 292 -19.50 46.20 -2.96
C LEU A 292 -18.69 46.22 -1.67
N GLU A 293 -17.40 45.91 -1.72
CA GLU A 293 -16.62 45.79 -0.48
C GLU A 293 -16.51 47.12 0.25
N ALA A 294 -16.48 48.23 -0.49
CA ALA A 294 -16.22 49.53 0.13
C ALA A 294 -17.30 49.88 1.15
N GLY A 295 -18.57 49.72 0.80
CA GLY A 295 -19.68 50.13 1.63
C GLY A 295 -20.29 49.06 2.51
N GLN A 296 -19.61 47.96 2.75
CA GLN A 296 -20.15 46.94 3.65
C GLN A 296 -19.92 47.36 5.10
N PRO A 297 -20.76 46.89 6.02
CA PRO A 297 -20.48 47.08 7.45
C PRO A 297 -19.27 46.26 7.89
N GLU A 298 -18.66 46.71 8.97
CA GLU A 298 -17.47 46.05 9.49
C GLU A 298 -17.78 44.63 9.98
N VAL A 299 -18.98 44.41 10.51
CA VAL A 299 -19.32 43.10 11.04
C VAL A 299 -19.37 42.06 9.92
N ARG A 300 -19.75 42.49 8.72
CA ARG A 300 -19.92 41.56 7.60
C ARG A 300 -18.60 41.12 6.99
N LEU A 301 -17.55 41.94 7.08
CA LEU A 301 -16.31 41.68 6.37
C LEU A 301 -15.55 40.53 7.01
N GLY A 302 -14.71 39.88 6.20
CA GLY A 302 -13.87 38.81 6.69
C GLY A 302 -12.67 39.34 7.43
N PRO A 303 -11.78 38.42 7.80
CA PRO A 303 -10.59 38.83 8.58
C PRO A 303 -9.72 39.84 7.85
N THR A 304 -9.59 39.72 6.53
CA THR A 304 -8.75 40.65 5.78
C THR A 304 -9.44 41.99 5.59
N GLY A 305 -10.72 42.08 5.91
CA GLY A 305 -11.51 43.24 5.61
C GLY A 305 -12.23 43.17 4.27
N ASP A 306 -12.40 41.98 3.71
CA ASP A 306 -12.98 41.81 2.39
C ASP A 306 -14.44 41.35 2.49
N ILE A 307 -15.14 41.51 1.39
CA ILE A 307 -16.54 41.10 1.32
C ILE A 307 -16.60 39.59 1.07
N ALA A 308 -17.64 38.95 1.59
CA ALA A 308 -17.89 37.55 1.29
C ALA A 308 -18.11 37.39 -0.20
N LYS A 309 -17.46 36.38 -0.79
CA LYS A 309 -17.45 36.19 -2.22
C LYS A 309 -18.06 34.83 -2.58
N VAL A 310 -18.42 34.70 -3.82
CA VAL A 310 -19.10 33.53 -4.34
C VAL A 310 -18.07 32.46 -4.70
N GLN A 311 -18.33 31.23 -4.27
CA GLN A 311 -17.62 30.05 -4.74
C GLN A 311 -18.63 29.17 -5.49
N CYS A 312 -18.17 27.98 -5.90
CA CYS A 312 -19.05 27.08 -6.64
C CYS A 312 -20.23 26.63 -5.80
N ALA A 313 -20.05 26.48 -4.50
CA ALA A 313 -21.14 26.02 -3.66
C ALA A 313 -22.13 27.12 -3.29
N THR A 314 -21.82 28.38 -3.55
CA THR A 314 -22.80 29.44 -3.28
C THR A 314 -24.07 29.25 -4.10
N CYS A 315 -23.96 28.63 -5.27
CA CYS A 315 -25.12 28.29 -6.06
C CYS A 315 -25.49 26.81 -5.97
N HIS A 316 -24.50 25.92 -5.90
CA HIS A 316 -24.77 24.50 -6.02
C HIS A 316 -25.08 23.83 -4.69
N TYR A 317 -24.41 24.24 -3.62
CA TYR A 317 -24.65 23.69 -2.28
C TYR A 317 -24.49 22.17 -2.25
N GLY A 318 -23.59 21.66 -3.08
CA GLY A 318 -23.30 20.24 -3.11
C GLY A 318 -24.15 19.43 -4.05
N GLU A 319 -24.79 20.04 -5.03
CA GLU A 319 -25.58 19.31 -6.03
C GLU A 319 -25.22 19.82 -7.42
N GLN A 320 -25.22 18.92 -8.39
CA GLN A 320 -24.85 19.29 -9.76
C GLN A 320 -25.79 20.33 -10.32
N LEU A 321 -27.08 20.17 -10.07
CA LEU A 321 -28.06 21.13 -10.55
C LEU A 321 -28.56 21.93 -9.36
N PRO A 322 -28.24 23.22 -9.27
CA PRO A 322 -28.73 24.01 -8.15
C PRO A 322 -30.25 23.99 -8.07
N LEU A 323 -30.75 23.81 -6.85
CA LEU A 323 -32.19 23.73 -6.60
C LEU A 323 -32.84 22.66 -7.47
N ASP A 324 -32.13 21.53 -7.64
CA ASP A 324 -32.57 20.42 -8.47
C ASP A 324 -32.81 20.82 -9.91
N GLY A 325 -32.05 21.80 -10.39
CA GLY A 325 -32.19 22.23 -11.77
C GLY A 325 -33.49 22.92 -12.08
N ALA A 326 -34.19 23.40 -11.05
CA ALA A 326 -35.47 24.05 -11.26
C ALA A 326 -35.28 25.37 -11.99
N LYS A 327 -36.06 25.57 -13.05
CA LYS A 327 -35.98 26.78 -13.84
C LYS A 327 -36.93 27.81 -13.24
N MET A 328 -36.40 28.68 -12.38
CA MET A 328 -37.18 29.68 -11.68
C MET A 328 -37.22 31.03 -12.39
N VAL A 329 -36.26 31.31 -13.28
CA VAL A 329 -36.12 32.64 -13.84
C VAL A 329 -37.34 33.03 -14.66
N ASP A 330 -37.86 32.11 -15.47
CA ASP A 330 -38.95 32.43 -16.38
C ASP A 330 -40.21 32.86 -15.61
N ASP A 331 -40.34 32.46 -14.35
CA ASP A 331 -41.52 32.81 -13.57
C ASP A 331 -41.48 34.25 -13.08
N TYR A 332 -40.31 34.88 -13.04
CA TYR A 332 -40.18 36.24 -12.50
C TYR A 332 -39.55 37.15 -13.54
N PRO A 333 -40.33 37.94 -14.27
CA PRO A 333 -39.74 39.03 -15.06
C PRO A 333 -39.08 40.04 -14.14
N GLY A 334 -37.91 40.51 -14.56
CA GLY A 334 -37.11 41.44 -13.79
C GLY A 334 -35.76 40.91 -13.38
N LEU A 335 -35.57 39.60 -13.34
CA LEU A 335 -34.26 39.02 -13.04
C LEU A 335 -33.49 38.65 -14.30
N MET A 336 -34.03 38.92 -15.48
CA MET A 336 -33.37 38.67 -16.74
C MET A 336 -33.00 39.99 -17.39
N GLY A 337 -31.73 40.14 -17.75
CA GLY A 337 -31.23 41.32 -18.39
C GLY A 337 -31.18 41.18 -19.90
N GLU A 338 -30.33 41.98 -20.52
CA GLU A 338 -30.16 41.98 -21.96
C GLU A 338 -28.79 41.47 -22.32
N GLU A 339 -28.74 40.60 -23.34
CA GLU A 339 -27.50 39.94 -23.72
C GLU A 339 -26.47 40.97 -24.18
N ASP A 340 -25.46 41.21 -23.36
CA ASP A 340 -24.47 42.24 -23.62
C ASP A 340 -23.74 41.98 -24.93
N ALA A 341 -23.48 43.06 -25.67
CA ALA A 341 -22.70 42.95 -26.90
C ALA A 341 -21.22 42.78 -26.61
N ASP A 342 -20.77 43.15 -25.42
CA ASP A 342 -19.36 43.06 -25.03
C ASP A 342 -18.98 41.72 -24.43
N PHE A 343 -19.96 40.85 -24.15
CA PHE A 343 -19.65 39.60 -23.47
C PHE A 343 -18.84 38.67 -24.37
N ASP A 344 -17.85 38.00 -23.78
CA ASP A 344 -16.96 37.15 -24.55
C ASP A 344 -16.83 35.75 -23.93
N PHE A 345 -16.80 35.69 -22.61
CA PHE A 345 -16.45 34.54 -21.77
C PHE A 345 -15.00 34.11 -21.98
N LEU A 346 -14.30 34.77 -22.90
CA LEU A 346 -12.87 34.57 -23.09
C LEU A 346 -12.09 35.81 -22.69
N GLN A 347 -12.76 36.81 -22.14
CA GLN A 347 -12.10 38.02 -21.70
C GLN A 347 -11.99 38.06 -20.19
N PHE A 348 -11.90 36.91 -19.55
CA PHE A 348 -11.60 36.81 -18.13
C PHE A 348 -10.32 35.99 -17.97
N GLY A 349 -9.17 36.65 -18.16
CA GLY A 349 -7.89 36.02 -17.97
C GLY A 349 -7.50 34.96 -18.97
N ASP A 350 -8.26 34.77 -20.05
CA ASP A 350 -7.98 33.75 -21.05
C ASP A 350 -7.86 34.39 -22.42
N LEU A 351 -6.66 34.87 -22.74
CA LEU A 351 -6.30 35.63 -23.95
C LEU A 351 -6.71 37.10 -23.84
N GLY A 352 -7.34 37.51 -22.76
CA GLY A 352 -7.64 38.91 -22.56
C GLY A 352 -8.37 39.13 -21.26
N THR A 353 -8.28 40.35 -20.75
CA THR A 353 -8.85 40.73 -19.47
C THR A 353 -9.78 41.92 -19.64
N ASP A 354 -10.65 41.85 -20.66
CA ASP A 354 -11.56 42.96 -20.94
C ASP A 354 -12.83 42.86 -20.10
N GLY A 355 -13.21 41.67 -19.66
CA GLY A 355 -14.36 41.49 -18.80
C GLY A 355 -14.09 41.65 -17.33
N LEU A 356 -12.83 41.90 -16.95
CA LEU A 356 -12.46 42.10 -15.57
C LEU A 356 -12.07 43.55 -15.33
N ARG A 357 -12.37 44.04 -14.13
CA ARG A 357 -12.00 45.39 -13.75
C ARG A 357 -10.51 45.45 -13.42
N ASP A 358 -10.08 46.60 -12.88
CA ASP A 358 -8.66 46.79 -12.60
C ASP A 358 -8.20 46.04 -11.37
N ARG A 359 -9.05 45.92 -10.34
CA ARG A 359 -8.58 45.44 -9.05
C ARG A 359 -8.36 43.93 -9.04
N ASN A 360 -9.45 43.16 -9.21
CA ASN A 360 -9.43 41.72 -9.00
C ASN A 360 -8.77 41.41 -7.67
N ALA A 361 -7.89 40.41 -7.64
CA ALA A 361 -7.05 40.16 -6.47
C ALA A 361 -6.01 39.07 -6.76
N ALA B 2 11.99 -35.29 -14.79
CA ALA B 2 13.22 -35.19 -14.03
C ALA B 2 12.93 -34.67 -12.62
N MET B 3 13.78 -35.02 -11.67
CA MET B 3 13.57 -34.66 -10.29
C MET B 3 14.86 -34.17 -9.67
N LEU B 4 14.74 -33.34 -8.64
CA LEU B 4 15.89 -33.00 -7.83
C LEU B 4 16.49 -34.27 -7.25
N ASP B 5 17.81 -34.24 -7.02
CA ASP B 5 18.47 -35.46 -6.61
C ASP B 5 18.02 -35.97 -5.25
N PHE B 6 17.28 -35.16 -4.48
CA PHE B 6 16.65 -35.62 -3.25
C PHE B 6 15.13 -35.78 -3.38
N GLU B 7 14.55 -35.47 -4.54
CA GLU B 7 13.10 -35.33 -4.66
C GLU B 7 12.36 -36.66 -4.63
N LYS B 8 13.01 -37.75 -5.05
CA LYS B 8 12.28 -38.98 -5.31
C LYS B 8 11.55 -39.48 -4.07
N LYS B 9 12.22 -39.48 -2.91
CA LYS B 9 11.62 -40.11 -1.75
C LYS B 9 10.39 -39.37 -1.25
N TYR B 10 10.23 -38.10 -1.60
CA TYR B 10 9.09 -37.32 -1.15
C TYR B 10 7.84 -37.53 -2.00
N ARG B 11 7.99 -37.99 -3.25
CA ARG B 11 6.87 -38.16 -4.17
C ARG B 11 6.08 -39.41 -3.78
N VAL B 12 5.19 -39.25 -2.80
CA VAL B 12 4.39 -40.38 -2.36
C VAL B 12 2.92 -40.13 -2.70
N ARG B 13 2.07 -41.08 -2.36
CA ARG B 13 0.65 -41.00 -2.59
C ARG B 13 -0.05 -40.42 -1.37
N GLY B 14 -1.05 -39.59 -1.61
CA GLY B 14 -1.89 -39.06 -0.55
C GLY B 14 -1.71 -37.55 -0.36
N GLY B 15 -2.63 -37.00 0.42
CA GLY B 15 -2.69 -35.58 0.69
C GLY B 15 -3.75 -34.84 -0.11
N THR B 16 -4.42 -35.51 -1.03
CA THR B 16 -5.44 -34.86 -1.84
C THR B 16 -6.68 -34.57 -1.00
N LEU B 17 -7.47 -33.59 -1.46
CA LEU B 17 -8.79 -33.32 -0.93
C LEU B 17 -9.88 -33.91 -1.83
N LEU B 18 -9.60 -34.00 -3.13
CA LEU B 18 -10.49 -34.63 -4.10
C LEU B 18 -9.64 -35.36 -5.12
N GLY B 19 -10.27 -36.22 -5.90
CA GLY B 19 -9.58 -36.88 -6.99
C GLY B 19 -8.85 -38.14 -6.60
N GLY B 20 -8.43 -38.24 -5.34
CA GLY B 20 -7.77 -39.45 -4.88
C GLY B 20 -6.56 -39.78 -5.72
N ASP B 21 -6.48 -41.04 -6.16
CA ASP B 21 -5.39 -41.50 -7.00
C ASP B 21 -5.53 -41.06 -8.45
N LEU B 22 -6.72 -40.63 -8.87
CA LEU B 22 -6.97 -40.41 -10.29
C LEU B 22 -6.08 -39.30 -10.86
N PHE B 23 -5.89 -38.22 -10.12
CA PHE B 23 -5.05 -37.12 -10.59
C PHE B 23 -3.77 -36.97 -9.78
N ASP B 24 -3.49 -37.90 -8.87
CA ASP B 24 -2.37 -37.79 -7.93
C ASP B 24 -1.10 -38.21 -8.64
N PHE B 25 -0.54 -37.31 -9.43
CA PHE B 25 0.69 -37.60 -10.16
C PHE B 25 1.35 -36.29 -10.53
N TRP B 26 2.57 -36.39 -11.04
CA TRP B 26 3.36 -35.25 -11.44
C TRP B 26 3.54 -35.27 -12.96
N ILE B 27 3.43 -34.11 -13.58
CA ILE B 27 3.83 -33.91 -14.97
C ILE B 27 5.06 -33.02 -14.94
N GLY B 28 6.22 -33.61 -15.22
CA GLY B 28 7.46 -32.91 -15.07
C GLY B 28 7.70 -32.55 -13.63
N PRO B 29 7.91 -31.25 -13.35
CA PRO B 29 8.05 -30.81 -11.96
C PRO B 29 6.73 -30.56 -11.26
N PHE B 30 5.66 -30.24 -12.00
CA PHE B 30 4.40 -29.87 -11.39
C PHE B 30 3.68 -31.08 -10.83
N TYR B 31 3.28 -31.00 -9.56
CA TYR B 31 2.23 -31.89 -9.10
C TYR B 31 0.92 -31.49 -9.74
N VAL B 32 0.13 -32.48 -10.14
CA VAL B 32 -1.10 -32.16 -10.87
C VAL B 32 -2.27 -32.08 -9.91
N GLY B 33 -2.66 -33.20 -9.33
CA GLY B 33 -3.87 -33.23 -8.52
C GLY B 33 -5.12 -32.86 -9.28
N ILE B 34 -6.28 -32.97 -8.63
CA ILE B 34 -7.52 -32.59 -9.30
C ILE B 34 -7.62 -31.09 -9.44
N PHE B 35 -7.11 -30.36 -8.46
CA PHE B 35 -7.18 -28.90 -8.52
C PHE B 35 -6.15 -28.32 -9.47
N GLY B 36 -5.15 -29.11 -9.87
CA GLY B 36 -4.26 -28.69 -10.93
C GLY B 36 -4.90 -28.84 -12.30
N VAL B 37 -5.65 -29.92 -12.50
CA VAL B 37 -6.42 -30.06 -13.73
C VAL B 37 -7.46 -28.95 -13.83
N LEU B 38 -8.16 -28.67 -12.73
CA LEU B 38 -9.15 -27.60 -12.73
C LEU B 38 -8.49 -26.25 -12.95
N THR B 39 -7.40 -25.98 -12.22
CA THR B 39 -6.73 -24.70 -12.39
C THR B 39 -6.16 -24.57 -13.80
N ALA B 40 -5.87 -25.70 -14.45
CA ALA B 40 -5.44 -25.66 -15.84
C ALA B 40 -6.60 -25.31 -16.77
N ILE B 41 -7.75 -25.96 -16.58
CA ILE B 41 -8.92 -25.68 -17.41
C ILE B 41 -9.38 -24.25 -17.22
N PHE B 42 -9.45 -23.81 -15.96
CA PHE B 42 -9.87 -22.43 -15.67
C PHE B 42 -8.89 -21.43 -16.25
N ALA B 43 -7.59 -21.67 -16.09
CA ALA B 43 -6.59 -20.72 -16.56
C ALA B 43 -6.56 -20.65 -18.08
N VAL B 44 -6.58 -21.80 -18.75
CA VAL B 44 -6.56 -21.79 -20.21
C VAL B 44 -7.85 -21.17 -20.74
N LEU B 45 -8.99 -21.51 -20.14
CA LEU B 45 -10.26 -20.93 -20.58
C LEU B 45 -10.23 -19.41 -20.46
N GLY B 46 -9.80 -18.90 -19.30
CA GLY B 46 -9.75 -17.46 -19.10
C GLY B 46 -8.76 -16.78 -20.00
N THR B 47 -7.57 -17.37 -20.19
CA THR B 47 -6.57 -16.75 -21.04
C THR B 47 -7.00 -16.73 -22.50
N VAL B 48 -7.57 -17.84 -23.00
CA VAL B 48 -8.02 -17.89 -24.38
C VAL B 48 -9.22 -16.95 -24.59
N LEU B 49 -10.09 -16.85 -23.59
CA LEU B 49 -11.19 -15.87 -23.68
C LEU B 49 -10.66 -14.45 -23.70
N ILE B 50 -9.57 -14.19 -22.96
CA ILE B 50 -8.96 -12.87 -22.98
C ILE B 50 -8.42 -12.55 -24.36
N ILE B 51 -7.75 -13.51 -24.98
CA ILE B 51 -7.19 -13.30 -26.31
C ILE B 51 -8.29 -13.12 -27.34
N TYR B 52 -9.41 -13.82 -27.17
CA TYR B 52 -10.53 -13.55 -28.06
C TYR B 52 -11.04 -12.12 -27.90
N GLY B 53 -11.18 -11.66 -26.66
CA GLY B 53 -11.57 -10.27 -26.45
C GLY B 53 -10.56 -9.31 -27.03
N ALA B 54 -9.28 -9.66 -26.95
CA ALA B 54 -8.23 -8.85 -27.53
C ALA B 54 -8.34 -8.80 -29.04
N SER B 55 -8.70 -9.92 -29.67
CA SER B 55 -8.79 -9.95 -31.13
C SER B 55 -9.91 -9.05 -31.63
N GLN B 56 -10.85 -8.67 -30.78
CA GLN B 56 -11.94 -7.84 -31.24
C GLN B 56 -11.68 -6.35 -31.11
N ASP B 57 -10.68 -5.93 -30.34
CA ASP B 57 -10.30 -4.52 -30.29
C ASP B 57 -8.88 -4.28 -30.79
N THR B 58 -7.87 -4.90 -30.17
CA THR B 58 -6.49 -4.69 -30.56
C THR B 58 -5.63 -5.76 -29.89
N PHE B 59 -4.58 -6.16 -30.60
CA PHE B 59 -3.64 -7.15 -30.09
C PHE B 59 -2.44 -6.53 -29.37
N ASN B 60 -2.32 -5.21 -29.37
CA ASN B 60 -1.26 -4.55 -28.61
C ASN B 60 -1.36 -4.99 -27.15
N LEU B 61 -0.27 -5.52 -26.62
CA LEU B 61 -0.31 -6.19 -25.32
C LEU B 61 -0.80 -5.26 -24.23
N TRP B 62 -0.32 -4.01 -24.22
CA TRP B 62 -0.71 -3.09 -23.16
C TRP B 62 -2.14 -2.61 -23.33
N GLN B 63 -2.62 -2.50 -24.57
CA GLN B 63 -3.94 -1.96 -24.84
C GLN B 63 -5.05 -2.99 -24.82
N ILE B 64 -4.73 -4.28 -24.67
CA ILE B 64 -5.75 -5.29 -24.49
C ILE B 64 -6.57 -4.94 -23.25
N SER B 65 -7.88 -5.06 -23.36
CA SER B 65 -8.76 -4.72 -22.24
C SER B 65 -10.06 -5.48 -22.36
N ILE B 66 -10.37 -6.28 -21.37
CA ILE B 66 -11.69 -6.90 -21.22
C ILE B 66 -12.41 -6.12 -20.14
N ALA B 67 -13.36 -5.32 -20.52
CA ALA B 67 -13.91 -4.43 -19.52
C ALA B 67 -15.16 -5.02 -18.90
N PRO B 68 -15.46 -4.68 -17.64
CA PRO B 68 -16.72 -5.09 -17.03
C PRO B 68 -17.89 -4.42 -17.70
N PRO B 69 -19.11 -4.92 -17.50
CA PRO B 69 -20.28 -4.34 -18.17
C PRO B 69 -20.59 -2.95 -17.63
N ASP B 70 -21.55 -2.31 -18.29
CA ASP B 70 -22.06 -1.02 -17.83
C ASP B 70 -22.74 -1.17 -16.47
N LEU B 71 -22.65 -0.11 -15.66
CA LEU B 71 -23.35 -0.10 -14.38
C LEU B 71 -24.85 -0.29 -14.55
N SER B 72 -25.40 0.15 -15.68
CA SER B 72 -26.82 0.00 -15.93
C SER B 72 -27.24 -1.47 -15.94
N TYR B 73 -26.31 -2.39 -16.17
CA TYR B 73 -26.62 -3.81 -16.13
C TYR B 73 -26.85 -4.34 -14.73
N GLY B 74 -26.47 -3.59 -13.70
CA GLY B 74 -26.64 -4.07 -12.34
C GLY B 74 -25.86 -5.36 -12.13
N LEU B 75 -26.50 -6.32 -11.50
CA LEU B 75 -25.90 -7.63 -11.27
C LEU B 75 -26.24 -8.65 -12.34
N ALA B 76 -26.98 -8.26 -13.37
CA ALA B 76 -27.31 -9.18 -14.45
C ALA B 76 -26.07 -9.55 -15.24
N LEU B 77 -26.07 -10.77 -15.77
CA LEU B 77 -25.04 -11.19 -16.71
C LEU B 77 -25.28 -10.47 -18.05
N ALA B 78 -24.21 -9.96 -18.63
CA ALA B 78 -24.25 -9.07 -19.78
C ALA B 78 -24.02 -9.84 -21.09
N PRO B 79 -24.35 -9.23 -22.22
CA PRO B 79 -23.91 -9.79 -23.51
C PRO B 79 -22.40 -9.94 -23.53
N MET B 80 -21.93 -10.91 -24.32
CA MET B 80 -20.51 -11.27 -24.28
C MET B 80 -19.62 -10.09 -24.61
N MET B 81 -19.97 -9.32 -25.63
CA MET B 81 -19.14 -8.20 -26.05
C MET B 81 -19.48 -6.90 -25.34
N GLU B 82 -20.25 -6.96 -24.25
CA GLU B 82 -20.58 -5.81 -23.43
C GLU B 82 -20.31 -6.10 -21.96
N GLY B 83 -19.28 -6.89 -21.69
CA GLY B 83 -18.89 -7.20 -20.34
C GLY B 83 -19.23 -8.60 -19.88
N GLY B 84 -20.01 -9.35 -20.64
CA GLY B 84 -20.21 -10.75 -20.34
C GLY B 84 -18.93 -11.55 -20.46
N LEU B 85 -18.07 -11.16 -21.39
CA LEU B 85 -16.76 -11.78 -21.50
C LEU B 85 -15.93 -11.53 -20.25
N TRP B 86 -16.01 -10.32 -19.70
CA TRP B 86 -15.33 -10.03 -18.44
C TRP B 86 -15.86 -10.92 -17.32
N GLN B 87 -17.19 -11.08 -17.24
CA GLN B 87 -17.78 -11.83 -16.14
C GLN B 87 -17.37 -13.30 -16.18
N ILE B 88 -17.33 -13.91 -17.37
CA ILE B 88 -16.86 -15.28 -17.47
C ILE B 88 -15.40 -15.38 -17.08
N ILE B 89 -14.58 -14.42 -17.50
CA ILE B 89 -13.17 -14.42 -17.11
C ILE B 89 -13.04 -14.28 -15.60
N THR B 90 -13.94 -13.52 -14.97
CA THR B 90 -13.88 -13.37 -13.52
C THR B 90 -14.18 -14.69 -12.81
N VAL B 91 -15.18 -15.43 -13.28
CA VAL B 91 -15.48 -16.70 -12.62
C VAL B 91 -14.43 -17.74 -12.96
N CYS B 92 -13.78 -17.60 -14.12
CA CYS B 92 -12.67 -18.48 -14.46
C CYS B 92 -11.45 -18.15 -13.62
N ALA B 93 -11.14 -16.87 -13.44
CA ALA B 93 -9.98 -16.48 -12.65
C ALA B 93 -10.19 -16.81 -11.18
N LEU B 94 -11.40 -16.57 -10.66
CA LEU B 94 -11.70 -16.94 -9.28
C LEU B 94 -11.52 -18.44 -9.08
N GLY B 95 -12.09 -19.24 -9.98
CA GLY B 95 -11.88 -20.69 -9.90
C GLY B 95 -10.42 -21.07 -10.05
N ALA B 96 -9.70 -20.38 -10.95
CA ALA B 96 -8.28 -20.64 -11.11
C ALA B 96 -7.51 -20.33 -9.83
N PHE B 97 -7.88 -19.23 -9.16
CA PHE B 97 -7.18 -18.88 -7.93
C PHE B 97 -7.53 -19.85 -6.80
N ILE B 98 -8.80 -20.21 -6.68
CA ILE B 98 -9.26 -21.05 -5.58
C ILE B 98 -8.73 -22.47 -5.73
N THR B 99 -8.74 -23.00 -6.95
CA THR B 99 -8.17 -24.33 -7.16
C THR B 99 -6.65 -24.32 -7.05
N TRP B 100 -6.01 -23.18 -7.33
CA TRP B 100 -4.59 -23.06 -7.10
C TRP B 100 -4.26 -23.18 -5.62
N ALA B 101 -5.08 -22.56 -4.77
CA ALA B 101 -4.84 -22.62 -3.33
C ALA B 101 -5.19 -23.99 -2.76
N LEU B 102 -6.26 -24.61 -3.24
CA LEU B 102 -6.59 -25.97 -2.85
C LEU B 102 -5.52 -26.96 -3.30
N ARG B 103 -4.94 -26.72 -4.48
CA ARG B 103 -3.85 -27.55 -4.96
C ARG B 103 -2.60 -27.37 -4.10
N GLN B 104 -2.29 -26.13 -3.72
CA GLN B 104 -1.19 -25.90 -2.79
C GLN B 104 -1.48 -26.55 -1.45
N ALA B 105 -2.75 -26.73 -1.10
CA ALA B 105 -3.10 -27.45 0.12
C ALA B 105 -2.83 -28.94 -0.03
N GLU B 106 -3.07 -29.50 -1.21
CA GLU B 106 -2.70 -30.89 -1.46
C GLU B 106 -1.19 -31.08 -1.38
N ILE B 107 -0.44 -30.13 -1.94
CA ILE B 107 1.02 -30.19 -1.88
C ILE B 107 1.50 -30.01 -0.45
N SER B 108 0.82 -29.17 0.33
CA SER B 108 1.21 -28.96 1.73
C SER B 108 1.12 -30.25 2.52
N LYS B 109 -0.01 -30.95 2.41
CA LYS B 109 -0.22 -32.16 3.19
C LYS B 109 0.75 -33.26 2.79
N LYS B 110 1.07 -33.35 1.50
CA LYS B 110 1.94 -34.41 1.01
C LYS B 110 3.35 -34.26 1.57
N LEU B 111 3.83 -33.04 1.69
CA LEU B 111 5.14 -32.76 2.26
C LEU B 111 5.10 -32.51 3.75
N GLY B 112 3.97 -32.78 4.40
CA GLY B 112 3.87 -32.62 5.83
C GLY B 112 3.99 -31.20 6.33
N MET B 113 3.82 -30.23 5.45
CA MET B 113 3.88 -28.82 5.82
C MET B 113 2.53 -28.33 6.34
N GLY B 114 2.57 -27.26 7.10
CA GLY B 114 1.36 -26.58 7.48
C GLY B 114 0.73 -25.87 6.29
N TYR B 115 -0.49 -25.39 6.49
CA TYR B 115 -1.25 -24.76 5.44
C TYR B 115 -1.03 -23.26 5.38
N HIS B 116 0.15 -22.79 5.78
CA HIS B 116 0.41 -21.36 5.78
C HIS B 116 0.37 -20.78 4.37
N VAL B 117 0.94 -21.48 3.38
CA VAL B 117 0.95 -20.96 2.02
C VAL B 117 -0.44 -20.84 1.42
N PRO B 118 -1.31 -21.87 1.43
CA PRO B 118 -2.66 -21.67 0.87
C PRO B 118 -3.44 -20.59 1.58
N VAL B 119 -3.29 -20.47 2.90
CA VAL B 119 -4.02 -19.45 3.65
C VAL B 119 -3.50 -18.06 3.33
N ALA B 120 -2.17 -17.91 3.26
CA ALA B 120 -1.59 -16.64 2.89
C ALA B 120 -1.99 -16.25 1.47
N PHE B 121 -2.18 -17.24 0.60
CA PHE B 121 -2.69 -16.95 -0.74
C PHE B 121 -4.17 -16.63 -0.70
N ALA B 122 -4.90 -17.19 0.27
CA ALA B 122 -6.32 -16.87 0.40
C ALA B 122 -6.54 -15.40 0.72
N VAL B 123 -5.55 -14.74 1.34
CA VAL B 123 -5.66 -13.31 1.57
C VAL B 123 -5.56 -12.55 0.25
N ALA B 124 -4.63 -12.96 -0.62
CA ALA B 124 -4.54 -12.35 -1.94
C ALA B 124 -5.82 -12.59 -2.74
N ILE B 125 -6.39 -13.80 -2.63
CA ILE B 125 -7.66 -14.08 -3.29
C ILE B 125 -8.77 -13.24 -2.68
N LEU B 126 -8.70 -13.00 -1.37
CA LEU B 126 -9.68 -12.14 -0.73
C LEU B 126 -9.65 -10.73 -1.32
N ALA B 127 -8.45 -10.21 -1.59
CA ALA B 127 -8.35 -8.86 -2.13
C ALA B 127 -8.90 -8.78 -3.55
N TYR B 128 -8.60 -9.78 -4.38
CA TYR B 128 -9.19 -9.81 -5.72
C TYR B 128 -10.70 -9.99 -5.64
N ALA B 129 -11.17 -10.86 -4.74
CA ALA B 129 -12.61 -11.04 -4.56
C ALA B 129 -13.26 -9.76 -4.07
N THR B 130 -12.56 -8.99 -3.24
CA THR B 130 -13.07 -7.68 -2.85
C THR B 130 -13.19 -6.76 -4.05
N LEU B 131 -12.24 -6.85 -4.98
CA LEU B 131 -12.18 -5.94 -6.11
C LEU B 131 -13.26 -6.25 -7.15
N VAL B 132 -13.56 -7.53 -7.36
CA VAL B 132 -14.43 -7.94 -8.46
C VAL B 132 -15.75 -8.54 -8.01
N VAL B 133 -15.90 -8.91 -6.73
CA VAL B 133 -17.14 -9.53 -6.27
C VAL B 133 -17.75 -8.73 -5.13
N PHE B 134 -17.03 -8.63 -4.02
CA PHE B 134 -17.61 -8.08 -2.80
C PHE B 134 -17.97 -6.60 -2.96
N ARG B 135 -17.01 -5.78 -3.41
CA ARG B 135 -17.32 -4.36 -3.60
C ARG B 135 -18.34 -4.14 -4.71
N PRO B 136 -18.22 -4.77 -5.90
CA PRO B 136 -19.31 -4.63 -6.87
C PRO B 136 -20.66 -5.08 -6.36
N LEU B 137 -20.69 -6.09 -5.48
CA LEU B 137 -21.96 -6.50 -4.88
C LEU B 137 -22.54 -5.40 -4.02
N LEU B 138 -21.74 -4.87 -3.09
CA LEU B 138 -22.25 -3.85 -2.18
C LEU B 138 -22.70 -2.61 -2.95
N MET B 139 -21.96 -2.22 -3.98
CA MET B 139 -22.35 -1.06 -4.76
C MET B 139 -23.49 -1.36 -5.73
N GLY B 140 -23.71 -2.63 -6.07
CA GLY B 140 -24.87 -3.03 -6.82
C GLY B 140 -24.70 -3.23 -8.31
N ALA B 141 -23.49 -3.53 -8.79
CA ALA B 141 -23.28 -3.77 -10.22
C ALA B 141 -21.92 -4.42 -10.41
N TRP B 142 -21.86 -5.45 -11.26
CA TRP B 142 -20.57 -6.05 -11.59
C TRP B 142 -19.66 -5.10 -12.33
N GLY B 143 -20.20 -4.02 -12.89
CA GLY B 143 -19.40 -3.06 -13.63
C GLY B 143 -18.45 -2.26 -12.76
N HIS B 144 -18.54 -2.38 -11.44
CA HIS B 144 -17.60 -1.69 -10.56
C HIS B 144 -16.25 -2.39 -10.47
N GLY B 145 -16.15 -3.64 -10.91
CA GLY B 145 -14.88 -4.34 -10.93
C GLY B 145 -13.90 -3.74 -11.91
N PHE B 146 -12.68 -4.20 -11.84
CA PHE B 146 -11.71 -3.53 -12.68
C PHE B 146 -11.53 -4.27 -14.00
N PRO B 147 -11.22 -3.55 -15.08
CA PRO B 147 -11.04 -4.22 -16.38
C PRO B 147 -9.80 -5.09 -16.39
N TYR B 148 -9.82 -6.09 -17.26
CA TYR B 148 -8.69 -7.01 -17.41
C TYR B 148 -7.83 -6.52 -18.57
N GLY B 149 -6.94 -5.61 -18.24
CA GLY B 149 -6.00 -5.10 -19.22
C GLY B 149 -4.81 -4.48 -18.51
N ILE B 150 -3.64 -4.64 -19.11
CA ILE B 150 -2.40 -4.25 -18.44
C ILE B 150 -2.40 -2.76 -18.15
N LEU B 151 -2.84 -1.94 -19.10
CA LEU B 151 -2.88 -0.51 -18.89
C LEU B 151 -4.28 0.02 -18.64
N SER B 152 -5.32 -0.74 -18.99
CA SER B 152 -6.69 -0.28 -18.74
C SER B 152 -7.07 -0.43 -17.28
N HIS B 153 -6.44 -1.33 -16.54
CA HIS B 153 -6.74 -1.43 -15.12
C HIS B 153 -5.97 -0.39 -14.31
N LEU B 154 -4.98 0.26 -14.91
CA LEU B 154 -4.32 1.38 -14.24
C LEU B 154 -5.18 2.64 -14.29
N ASP B 155 -5.93 2.83 -15.37
CA ASP B 155 -6.87 3.94 -15.42
C ASP B 155 -8.03 3.72 -14.46
N TRP B 156 -8.43 2.47 -14.27
CA TRP B 156 -9.45 2.16 -13.27
C TRP B 156 -8.98 2.52 -11.87
N VAL B 157 -7.72 2.17 -11.54
CA VAL B 157 -7.20 2.50 -10.22
C VAL B 157 -7.11 4.02 -10.06
N SER B 158 -6.68 4.71 -11.12
CA SER B 158 -6.59 6.16 -11.08
C SER B 158 -7.96 6.80 -10.84
N ASN B 159 -8.96 6.39 -11.62
CA ASN B 159 -10.26 7.04 -11.54
C ASN B 159 -11.00 6.66 -10.27
N VAL B 160 -10.90 5.40 -9.85
CA VAL B 160 -11.54 5.00 -8.60
C VAL B 160 -10.88 5.70 -7.43
N GLY B 161 -9.57 5.90 -7.48
CA GLY B 161 -8.90 6.66 -6.44
C GLY B 161 -9.36 8.10 -6.38
N TYR B 162 -9.49 8.73 -7.55
CA TYR B 162 -9.96 10.11 -7.62
C TYR B 162 -11.48 10.23 -7.52
N GLN B 163 -12.20 9.11 -7.44
CA GLN B 163 -13.60 9.20 -7.06
C GLN B 163 -13.75 9.74 -5.65
N TYR B 164 -12.69 9.68 -4.85
CA TYR B 164 -12.68 10.17 -3.49
C TYR B 164 -11.70 11.32 -3.32
N LEU B 165 -11.23 11.88 -4.43
CA LEU B 165 -10.62 13.20 -4.60
C LEU B 165 -9.22 13.32 -4.03
N HIS B 166 -8.89 12.46 -3.10
CA HIS B 166 -7.54 12.34 -2.59
C HIS B 166 -7.51 11.00 -1.86
N PHE B 167 -7.09 9.95 -2.57
CA PHE B 167 -7.16 8.62 -1.99
C PHE B 167 -6.07 8.38 -0.98
N HIS B 168 -5.10 9.28 -0.87
CA HIS B 168 -4.06 9.16 0.13
C HIS B 168 -4.59 9.34 1.54
N TYR B 169 -5.72 10.00 1.72
CA TYR B 169 -6.28 10.25 3.03
C TYR B 169 -7.20 9.14 3.50
N ASN B 170 -7.37 8.09 2.71
CA ASN B 170 -8.11 6.93 3.12
C ASN B 170 -7.39 6.28 4.31
N PRO B 171 -8.00 6.23 5.49
CA PRO B 171 -7.29 5.70 6.67
C PRO B 171 -6.84 4.26 6.52
N ALA B 172 -7.64 3.43 5.87
CA ALA B 172 -7.24 2.04 5.69
C ALA B 172 -6.20 1.91 4.59
N HIS B 173 -6.18 2.84 3.64
CA HIS B 173 -5.18 2.82 2.58
C HIS B 173 -3.82 3.26 3.11
N MET B 174 -3.81 4.24 4.02
CA MET B 174 -2.55 4.63 4.63
C MET B 174 -1.98 3.51 5.48
N LEU B 175 -2.86 2.71 6.08
CA LEU B 175 -2.40 1.55 6.83
C LEU B 175 -1.85 0.48 5.89
N ALA B 176 -2.54 0.20 4.79
CA ALA B 176 -2.09 -0.81 3.85
C ALA B 176 -0.78 -0.40 3.18
N VAL B 177 -0.64 0.88 2.84
CA VAL B 177 0.61 1.37 2.28
C VAL B 177 1.74 1.27 3.30
N THR B 178 1.43 1.56 4.56
CA THR B 178 2.43 1.38 5.61
C THR B 178 2.85 -0.08 5.70
N PHE B 179 1.91 -1.01 5.57
CA PHE B 179 2.27 -2.42 5.63
C PHE B 179 3.06 -2.85 4.39
N PHE B 180 2.77 -2.26 3.22
CA PHE B 180 3.53 -2.61 2.03
C PHE B 180 4.95 -2.07 2.08
N PHE B 181 5.11 -0.82 2.49
CA PHE B 181 6.45 -0.25 2.62
C PHE B 181 7.25 -0.97 3.70
N THR B 182 6.60 -1.31 4.81
CA THR B 182 7.32 -1.93 5.91
C THR B 182 7.73 -3.36 5.57
N THR B 183 6.92 -4.07 4.78
CA THR B 183 7.25 -5.45 4.46
C THR B 183 8.38 -5.56 3.46
N THR B 184 8.51 -4.61 2.54
CA THR B 184 9.67 -4.62 1.65
C THR B 184 10.91 -4.12 2.36
N LEU B 185 10.75 -3.22 3.34
CA LEU B 185 11.85 -2.89 4.23
C LEU B 185 12.30 -4.13 5.01
N ALA B 186 11.34 -4.86 5.56
CA ALA B 186 11.68 -6.09 6.29
C ALA B 186 12.27 -7.14 5.36
N LEU B 187 11.79 -7.20 4.12
CA LEU B 187 12.35 -8.15 3.16
C LEU B 187 13.78 -7.78 2.79
N ALA B 188 14.06 -6.48 2.65
CA ALA B 188 15.43 -6.06 2.37
C ALA B 188 16.36 -6.43 3.51
N LEU B 189 15.92 -6.20 4.75
CA LEU B 189 16.72 -6.55 5.91
C LEU B 189 16.87 -8.06 6.06
N HIS B 190 15.77 -8.80 5.87
CA HIS B 190 15.84 -10.25 6.04
C HIS B 190 16.71 -10.89 4.97
N GLY B 191 16.45 -10.57 3.70
CA GLY B 191 17.28 -11.12 2.63
C GLY B 191 18.73 -10.71 2.78
N GLY B 192 18.96 -9.45 3.13
CA GLY B 192 20.32 -8.96 3.26
C GLY B 192 21.07 -9.60 4.41
N LEU B 193 20.41 -9.77 5.54
CA LEU B 193 21.09 -10.33 6.71
C LEU B 193 21.45 -11.80 6.50
N ILE B 194 20.58 -12.55 5.82
CA ILE B 194 20.88 -13.95 5.55
C ILE B 194 22.04 -14.07 4.57
N LEU B 195 22.05 -13.22 3.55
CA LEU B 195 23.18 -13.20 2.62
C LEU B 195 24.45 -12.73 3.30
N SER B 196 24.33 -11.81 4.26
CA SER B 196 25.51 -11.26 4.91
C SER B 196 26.18 -12.29 5.80
N VAL B 197 25.40 -13.20 6.37
CA VAL B 197 25.96 -14.24 7.22
C VAL B 197 26.52 -15.37 6.37
N THR B 198 25.72 -15.91 5.45
CA THR B 198 26.18 -17.03 4.64
C THR B 198 27.21 -16.60 3.61
N ASN B 199 27.28 -15.32 3.28
CA ASN B 199 28.28 -14.78 2.35
C ASN B 199 29.00 -13.63 3.01
N PRO B 200 29.85 -13.92 3.99
CA PRO B 200 30.60 -12.83 4.65
C PRO B 200 31.68 -12.29 3.75
N LYS B 201 32.54 -11.42 4.26
CA LYS B 201 33.68 -11.00 3.47
C LYS B 201 34.53 -12.22 3.13
N LYS B 202 35.07 -12.24 1.91
CA LYS B 202 35.88 -13.37 1.48
C LYS B 202 37.03 -13.59 2.45
N GLY B 203 37.28 -14.86 2.79
CA GLY B 203 38.23 -15.20 3.80
C GLY B 203 37.67 -15.29 5.21
N GLU B 204 36.35 -15.21 5.35
CA GLU B 204 35.72 -15.31 6.66
C GLU B 204 34.81 -16.53 6.73
N PRO B 205 34.70 -17.16 7.90
CA PRO B 205 33.79 -18.29 8.03
C PRO B 205 32.33 -17.85 7.94
N VAL B 206 31.48 -18.80 7.54
CA VAL B 206 30.05 -18.58 7.63
C VAL B 206 29.68 -18.35 9.08
N LYS B 207 28.94 -17.29 9.34
CA LYS B 207 28.65 -16.90 10.71
C LYS B 207 27.44 -17.65 11.23
N THR B 208 26.91 -17.20 12.36
CA THR B 208 25.90 -17.93 13.12
C THR B 208 24.67 -17.07 13.31
N ALA B 209 23.68 -17.64 13.97
CA ALA B 209 22.53 -16.85 14.40
C ALA B 209 22.89 -15.91 15.55
N GLU B 210 24.04 -16.12 16.20
CA GLU B 210 24.52 -15.13 17.15
C GLU B 210 24.84 -13.81 16.46
N HIS B 211 25.49 -13.88 15.31
CA HIS B 211 25.83 -12.67 14.58
C HIS B 211 24.60 -11.97 14.02
N GLU B 212 23.57 -12.74 13.65
CA GLU B 212 22.34 -12.13 13.15
C GLU B 212 21.65 -11.34 14.24
N ASN B 213 21.51 -11.92 15.43
CA ASN B 213 20.92 -11.19 16.54
C ASN B 213 21.79 -10.01 16.95
N THR B 214 23.11 -10.22 16.97
CA THR B 214 24.02 -9.15 17.36
C THR B 214 23.98 -8.00 16.36
N PHE B 215 23.83 -8.30 15.07
CA PHE B 215 23.84 -7.24 14.08
C PHE B 215 22.70 -6.25 14.29
N PHE B 216 21.48 -6.75 14.44
CA PHE B 216 20.36 -5.83 14.59
C PHE B 216 20.27 -5.23 15.98
N ARG B 217 20.75 -5.95 17.00
CA ARG B 217 20.88 -5.31 18.30
C ARG B 217 21.96 -4.23 18.28
N ASP B 218 22.96 -4.38 17.40
CA ASP B 218 23.96 -3.32 17.26
C ASP B 218 23.40 -2.15 16.47
N VAL B 219 22.44 -2.39 15.58
CA VAL B 219 22.00 -1.33 14.68
C VAL B 219 20.81 -0.57 15.26
N ILE B 220 19.75 -1.30 15.62
CA ILE B 220 18.52 -0.67 16.08
C ILE B 220 18.21 -0.98 17.53
N GLY B 221 19.01 -1.81 18.19
CA GLY B 221 18.75 -2.15 19.57
C GLY B 221 17.72 -3.23 19.79
N TYR B 222 17.19 -3.83 18.73
CA TYR B 222 16.31 -4.98 18.89
C TYR B 222 16.53 -5.94 17.72
N SER B 223 16.37 -7.23 18.00
CA SER B 223 16.41 -8.26 16.97
C SER B 223 15.22 -9.18 17.18
N ILE B 224 14.47 -9.44 16.09
CA ILE B 224 13.27 -10.26 16.21
C ILE B 224 13.56 -11.75 16.10
N GLY B 225 14.75 -12.13 15.67
CA GLY B 225 15.14 -13.53 15.65
C GLY B 225 14.85 -14.21 14.32
N SER B 226 15.36 -15.44 14.24
CA SER B 226 15.17 -16.24 13.04
C SER B 226 13.71 -16.59 12.82
N LEU B 227 13.00 -16.97 13.88
CA LEU B 227 11.58 -17.30 13.75
C LEU B 227 10.72 -16.05 13.66
N GLY B 228 11.07 -15.00 14.39
CA GLY B 228 10.25 -13.80 14.40
C GLY B 228 10.20 -13.09 13.06
N ILE B 229 11.29 -13.15 12.29
CA ILE B 229 11.35 -12.43 11.03
C ILE B 229 10.37 -13.02 10.03
N HIS B 230 10.06 -14.31 10.15
CA HIS B 230 9.15 -14.92 9.19
C HIS B 230 7.69 -14.81 9.63
N ARG B 231 7.45 -14.74 10.93
CA ARG B 231 6.11 -14.41 11.40
C ARG B 231 5.77 -12.97 11.08
N LEU B 232 6.67 -12.05 11.40
CA LEU B 232 6.48 -10.65 11.09
C LEU B 232 6.42 -10.42 9.58
N GLY B 233 7.28 -11.11 8.83
CA GLY B 233 7.26 -10.97 7.39
C GLY B 233 5.94 -11.43 6.80
N LEU B 234 5.43 -12.57 7.25
CA LEU B 234 4.10 -13.00 6.83
C LEU B 234 3.03 -12.05 7.34
N PHE B 235 3.17 -11.58 8.58
CA PHE B 235 2.18 -10.68 9.17
C PHE B 235 2.09 -9.38 8.39
N LEU B 236 3.23 -8.79 8.06
CA LEU B 236 3.23 -7.50 7.36
C LEU B 236 2.64 -7.63 5.96
N ALA B 237 2.95 -8.72 5.27
CA ALA B 237 2.45 -8.88 3.91
C ALA B 237 0.97 -9.25 3.90
N LEU B 238 0.53 -10.05 4.88
CA LEU B 238 -0.89 -10.39 4.92
C LEU B 238 -1.74 -9.21 5.37
N ASN B 239 -1.23 -8.41 6.31
CA ASN B 239 -1.93 -7.18 6.65
C ASN B 239 -1.92 -6.21 5.48
N ALA B 240 -0.85 -6.24 4.68
CA ALA B 240 -0.83 -5.44 3.46
C ALA B 240 -1.96 -5.83 2.53
N GLY B 241 -2.17 -7.14 2.34
CA GLY B 241 -3.28 -7.60 1.53
C GLY B 241 -4.63 -7.32 2.15
N PHE B 242 -4.77 -7.60 3.45
CA PHE B 242 -6.06 -7.45 4.13
C PHE B 242 -6.49 -5.99 4.19
N TRP B 243 -5.59 -5.09 4.58
CA TRP B 243 -5.95 -3.69 4.64
C TRP B 243 -6.10 -3.07 3.26
N SER B 244 -5.48 -3.65 2.23
CA SER B 244 -5.86 -3.33 0.86
C SER B 244 -7.33 -3.65 0.63
N ALA B 245 -7.77 -4.83 1.05
CA ALA B 245 -9.18 -5.20 0.90
C ALA B 245 -10.08 -4.27 1.69
N VAL B 246 -9.67 -3.91 2.91
CA VAL B 246 -10.48 -3.02 3.73
C VAL B 246 -10.56 -1.63 3.10
N CYS B 247 -9.42 -1.11 2.61
CA CYS B 247 -9.40 0.24 2.09
C CYS B 247 -10.27 0.38 0.84
N ILE B 248 -10.35 -0.69 0.04
CA ILE B 248 -11.15 -0.59 -1.18
C ILE B 248 -12.61 -0.93 -0.90
N ILE B 249 -12.89 -1.83 0.05
CA ILE B 249 -14.28 -2.19 0.33
C ILE B 249 -15.01 -1.04 1.01
N ILE B 250 -14.30 -0.18 1.73
CA ILE B 250 -14.95 0.97 2.36
C ILE B 250 -15.00 2.18 1.45
N SER B 251 -14.32 2.15 0.30
CA SER B 251 -14.34 3.25 -0.65
C SER B 251 -15.54 3.06 -1.56
N GLY B 252 -16.66 3.67 -1.17
CA GLY B 252 -17.87 3.67 -1.95
C GLY B 252 -19.04 2.99 -1.27
N PRO B 253 -18.84 1.79 -0.72
CA PRO B 253 -19.92 1.19 0.08
C PRO B 253 -20.05 1.81 1.46
N PHE B 254 -18.96 2.30 2.03
CA PHE B 254 -19.01 2.87 3.37
C PHE B 254 -18.41 4.27 3.43
N TRP B 255 -18.10 4.87 2.29
CA TRP B 255 -17.67 6.27 2.25
C TRP B 255 -17.85 6.76 0.82
N THR B 256 -18.69 7.77 0.64
CA THR B 256 -18.95 8.33 -0.68
C THR B 256 -18.41 9.73 -0.85
N ARG B 257 -17.87 10.32 0.20
CA ARG B 257 -17.31 11.67 0.13
C ARG B 257 -15.81 11.57 -0.10
N GLY B 258 -15.14 12.72 -0.14
CA GLY B 258 -13.70 12.72 -0.23
C GLY B 258 -13.07 12.18 1.04
N TRP B 259 -12.02 11.38 0.86
CA TRP B 259 -11.32 10.83 2.01
C TRP B 259 -10.73 11.86 2.96
N PRO B 260 -10.19 12.99 2.49
CA PRO B 260 -9.77 14.03 3.44
C PRO B 260 -10.87 14.46 4.40
N GLU B 261 -12.11 14.54 3.94
CA GLU B 261 -13.22 14.89 4.82
C GLU B 261 -13.42 13.87 5.94
N TRP B 262 -13.02 12.62 5.72
CA TRP B 262 -13.17 11.61 6.76
C TRP B 262 -12.48 12.02 8.05
N TRP B 263 -11.35 12.72 7.95
CA TRP B 263 -10.59 13.17 9.09
C TRP B 263 -11.25 14.34 9.82
N ASN B 264 -12.49 14.67 9.46
CA ASN B 264 -13.19 15.73 10.18
C ASN B 264 -13.47 15.35 11.62
N TRP B 265 -13.61 14.04 11.90
CA TRP B 265 -13.80 13.62 13.28
C TRP B 265 -12.56 13.90 14.12
N TRP B 266 -11.37 13.72 13.53
CA TRP B 266 -10.14 14.02 14.26
C TRP B 266 -10.03 15.50 14.57
N LEU B 267 -10.33 16.34 13.58
CA LEU B 267 -10.30 17.79 13.78
C LEU B 267 -11.33 18.27 14.77
N ASN B 268 -12.34 17.46 15.09
CA ASN B 268 -13.41 17.86 15.99
C ASN B 268 -13.33 17.20 17.35
N VAL B 269 -12.25 16.48 17.66
CA VAL B 269 -12.15 15.85 18.97
C VAL B 269 -12.20 16.92 20.05
N PRO B 270 -13.05 16.76 21.07
CA PRO B 270 -13.19 17.82 22.09
C PRO B 270 -11.93 18.07 22.90
N ILE B 271 -10.97 17.15 22.88
CA ILE B 271 -9.76 17.32 23.66
C ILE B 271 -8.89 18.43 23.09
N TRP B 272 -8.78 18.51 21.78
CA TRP B 272 -7.83 19.41 21.13
C TRP B 272 -8.52 20.27 20.07
N SER B 273 -9.72 20.76 20.36
CA SER B 273 -10.37 21.65 19.41
C SER B 273 -9.76 23.05 19.46
N TRP B 274 -9.45 23.55 20.67
CA TRP B 274 -8.82 24.85 20.86
C TRP B 274 -9.65 25.95 20.20
N GLY B 275 -10.97 25.85 20.30
CA GLY B 275 -11.88 26.82 19.74
C GLY B 275 -13.33 26.41 19.84
N ALA C 2 -6.76 -29.62 14.03
CA ALA C 2 -6.25 -28.98 15.25
C ALA C 2 -4.75 -29.16 15.36
N GLU C 3 -4.01 -28.23 14.78
CA GLU C 3 -2.56 -28.31 14.75
C GLU C 3 -1.98 -26.97 15.17
N TYR C 4 -0.79 -27.00 15.76
CA TYR C 4 -0.10 -25.79 16.15
C TYR C 4 0.37 -25.03 14.91
N GLN C 5 0.08 -23.74 14.87
CA GLN C 5 0.22 -22.96 13.65
C GLN C 5 1.48 -22.11 13.60
N ASN C 6 2.38 -22.22 14.58
CA ASN C 6 3.66 -21.52 14.54
C ASN C 6 3.48 -20.01 14.42
N ILE C 7 2.45 -19.47 15.05
CA ILE C 7 2.14 -18.04 14.96
C ILE C 7 2.65 -17.29 16.17
N PHE C 8 2.50 -17.87 17.35
CA PHE C 8 3.04 -17.35 18.59
C PHE C 8 3.87 -18.44 19.25
N THR C 9 4.97 -18.05 19.86
CA THR C 9 5.78 -19.01 20.61
C THR C 9 5.05 -19.34 21.91
N ARG C 10 4.67 -20.62 22.05
CA ARG C 10 3.95 -21.03 23.24
C ARG C 10 4.86 -21.03 24.46
N VAL C 11 5.88 -21.87 24.46
CA VAL C 11 6.79 -22.00 25.58
C VAL C 11 8.03 -21.18 25.28
N GLN C 12 8.38 -20.30 26.22
CA GLN C 12 9.58 -19.50 26.11
C GLN C 12 10.55 -19.90 27.21
N VAL C 13 11.84 -19.74 26.94
CA VAL C 13 12.90 -19.97 27.92
C VAL C 13 13.78 -18.74 27.97
N ARG C 14 14.02 -18.23 29.17
CA ARG C 14 14.85 -17.05 29.35
C ARG C 14 16.15 -17.44 30.03
N GLY C 15 17.26 -16.96 29.48
CA GLY C 15 18.54 -17.11 30.13
C GLY C 15 19.16 -15.77 30.44
N PRO C 16 20.48 -15.73 30.51
CA PRO C 16 21.15 -14.44 30.68
C PRO C 16 21.07 -13.62 29.41
N THR C 17 21.14 -12.30 29.57
CA THR C 17 21.17 -11.42 28.42
C THR C 17 22.37 -11.73 27.54
N ASP C 18 22.14 -11.85 26.24
CA ASP C 18 23.23 -12.05 25.30
C ASP C 18 23.91 -10.70 25.11
N PRO C 19 25.18 -10.56 25.48
CA PRO C 19 25.85 -9.26 25.30
C PRO C 19 26.30 -9.00 23.88
N GLY C 20 26.09 -9.95 22.97
CA GLY C 20 26.53 -9.83 21.60
C GLY C 20 27.90 -10.45 21.37
N VAL C 21 28.18 -10.70 20.10
CA VAL C 21 29.49 -11.18 19.69
C VAL C 21 30.53 -10.10 19.96
N GLU C 22 31.71 -10.52 20.42
CA GLU C 22 32.77 -9.58 20.73
C GLU C 22 33.14 -8.76 19.49
N LEU C 23 33.35 -7.47 19.70
CA LEU C 23 33.75 -6.54 18.66
C LEU C 23 35.28 -6.40 18.65
N PRO C 24 35.85 -5.81 17.61
CA PRO C 24 37.29 -5.55 17.62
C PRO C 24 37.67 -4.58 18.73
N ALA C 25 38.95 -4.62 19.11
CA ALA C 25 39.39 -3.84 20.26
C ALA C 25 39.67 -2.38 19.89
N ALA C 26 38.77 -1.79 19.12
CA ALA C 26 38.72 -0.35 18.92
C ALA C 26 37.31 0.19 18.94
N ASP C 27 36.29 -0.66 18.86
CA ASP C 27 34.90 -0.22 18.87
C ASP C 27 34.51 0.30 20.24
N TRP C 28 33.53 1.18 20.25
CA TRP C 28 32.98 1.66 21.50
C TRP C 28 32.33 0.50 22.26
N PRO C 29 32.29 0.57 23.59
CA PRO C 29 31.50 -0.40 24.34
C PRO C 29 30.02 -0.28 23.98
N ARG C 30 29.34 -1.41 23.99
CA ARG C 30 27.90 -1.38 23.84
C ARG C 30 27.26 -0.77 25.09
N THR C 31 25.97 -0.46 24.97
CA THR C 31 25.23 -0.08 26.16
C THR C 31 25.10 -1.28 27.10
N LYS C 32 24.86 -0.99 28.37
CA LYS C 32 24.71 -2.03 29.38
C LYS C 32 23.25 -2.43 29.57
N GLY C 33 22.32 -1.73 28.93
CA GLY C 33 20.92 -1.94 29.16
C GLY C 33 20.29 -2.99 28.28
N ALA C 34 19.91 -4.12 28.86
CA ALA C 34 19.19 -5.16 28.13
C ALA C 34 18.22 -5.83 29.07
N THR C 35 16.96 -5.94 28.64
CA THR C 35 15.93 -6.62 29.39
C THR C 35 15.14 -7.51 28.43
N HIS C 36 14.44 -8.49 28.99
CA HIS C 36 13.65 -9.43 28.22
C HIS C 36 12.19 -9.03 28.26
N SER C 37 11.52 -9.19 27.13
CA SER C 37 10.11 -8.84 26.98
C SER C 37 9.30 -10.10 26.69
N TRP C 38 8.32 -10.39 27.54
CA TRP C 38 7.42 -11.51 27.28
C TRP C 38 6.62 -11.27 26.01
N LEU C 39 6.10 -10.07 25.82
CA LEU C 39 5.26 -9.79 24.66
C LEU C 39 6.04 -9.97 23.36
N LEU C 40 7.26 -9.44 23.31
CA LEU C 40 8.08 -9.61 22.11
C LEU C 40 8.58 -11.04 21.97
N GLY C 41 8.68 -11.77 23.08
CA GLY C 41 9.11 -13.15 23.01
C GLY C 41 8.10 -14.08 22.37
N LYS C 42 6.81 -13.69 22.36
CA LYS C 42 5.82 -14.48 21.65
C LYS C 42 6.10 -14.46 20.15
N ILE C 43 6.33 -13.28 19.58
CA ILE C 43 6.61 -13.19 18.16
C ILE C 43 7.99 -13.76 17.83
N GLY C 44 8.98 -13.50 18.67
CA GLY C 44 10.33 -13.94 18.37
C GLY C 44 11.30 -13.78 19.52
N ASP C 45 12.46 -13.23 19.23
CA ASP C 45 13.46 -13.01 20.27
C ASP C 45 12.93 -12.03 21.30
N ALA C 46 13.08 -12.38 22.57
CA ALA C 46 12.54 -11.56 23.64
C ALA C 46 13.47 -10.42 24.06
N GLN C 47 14.78 -10.56 23.83
CA GLN C 47 15.71 -9.59 24.37
C GLN C 47 15.59 -8.25 23.66
N VAL C 48 15.51 -7.18 24.45
CA VAL C 48 15.52 -5.81 23.94
C VAL C 48 16.83 -5.18 24.37
N GLY C 49 17.56 -4.64 23.42
CA GLY C 49 18.88 -4.12 23.69
C GLY C 49 19.87 -5.26 23.84
N PRO C 50 21.14 -4.93 24.08
CA PRO C 50 21.74 -3.59 24.14
C PRO C 50 21.88 -3.00 22.76
N ILE C 51 22.36 -1.77 22.63
CA ILE C 51 22.60 -1.17 21.33
C ILE C 51 24.01 -0.64 21.30
N TYR C 52 24.65 -0.77 20.14
CA TYR C 52 25.93 -0.13 19.91
C TYR C 52 25.70 1.31 19.48
N LEU C 53 26.62 2.18 19.85
CA LEU C 53 26.65 3.55 19.36
C LEU C 53 28.10 3.94 19.21
N GLY C 54 28.51 4.23 17.99
CA GLY C 54 29.89 4.64 17.75
C GLY C 54 29.95 6.04 17.21
N THR C 55 31.03 6.35 16.48
CA THR C 55 31.14 7.67 15.86
C THR C 55 30.00 7.92 14.87
N THR C 56 29.80 6.99 13.93
CA THR C 56 28.76 7.17 12.93
C THR C 56 27.38 7.16 13.56
N GLY C 57 27.16 6.29 14.55
CA GLY C 57 25.85 6.24 15.18
C GLY C 57 25.52 7.53 15.93
N VAL C 58 26.48 8.04 16.71
CA VAL C 58 26.23 9.27 17.47
C VAL C 58 26.00 10.44 16.53
N MET C 59 26.85 10.60 15.51
CA MET C 59 26.71 11.73 14.61
C MET C 59 25.44 11.63 13.77
N SER C 60 25.05 10.40 13.40
CA SER C 60 23.77 10.22 12.73
C SER C 60 22.60 10.62 13.62
N ILE C 61 22.66 10.27 14.91
CA ILE C 61 21.61 10.64 15.83
C ILE C 61 21.58 12.15 16.03
N LEU C 62 22.75 12.77 16.18
CA LEU C 62 22.81 14.21 16.37
C LEU C 62 22.27 14.96 15.15
N PHE C 63 22.68 14.55 13.95
CA PHE C 63 22.17 15.18 12.74
C PHE C 63 20.68 14.94 12.58
N GLY C 64 20.21 13.74 12.92
CA GLY C 64 18.78 13.44 12.83
C GLY C 64 17.95 14.19 13.85
N ILE C 65 18.45 14.30 15.08
CA ILE C 65 17.72 15.04 16.11
C ILE C 65 17.60 16.50 15.72
N VAL C 66 18.67 17.07 15.18
CA VAL C 66 18.63 18.45 14.70
C VAL C 66 17.56 18.60 13.62
N SER C 67 17.50 17.64 12.70
CA SER C 67 16.48 17.68 11.66
C SER C 67 15.08 17.59 12.24
N ILE C 68 14.88 16.68 13.20
CA ILE C 68 13.55 16.49 13.78
C ILE C 68 13.15 17.71 14.61
N VAL C 69 14.10 18.32 15.30
CA VAL C 69 13.81 19.53 16.08
C VAL C 69 13.41 20.67 15.14
N ILE C 70 14.13 20.84 14.03
CA ILE C 70 13.80 21.91 13.10
C ILE C 70 12.41 21.70 12.50
N ILE C 71 12.12 20.48 12.06
CA ILE C 71 10.81 20.18 11.51
C ILE C 71 9.73 20.35 12.58
N GLY C 72 9.99 19.82 13.77
CA GLY C 72 9.00 19.87 14.82
C GLY C 72 8.71 21.27 15.31
N MET C 73 9.76 22.09 15.47
CA MET C 73 9.58 23.45 15.95
C MET C 73 8.90 24.32 14.90
N ASN C 74 9.23 24.11 13.62
CA ASN C 74 8.53 24.81 12.56
C ASN C 74 7.09 24.36 12.45
N MET C 75 6.84 23.06 12.60
CA MET C 75 5.47 22.56 12.64
C MET C 75 4.70 23.20 13.78
N LEU C 76 5.30 23.23 14.97
CA LEU C 76 4.64 23.81 16.13
C LEU C 76 4.46 25.30 15.98
N ALA C 77 5.42 25.99 15.37
CA ALA C 77 5.29 27.43 15.16
C ALA C 77 4.17 27.77 14.20
N SER C 78 3.88 26.88 13.25
CA SER C 78 2.84 27.17 12.27
C SER C 78 1.45 27.17 12.88
N VAL C 79 1.27 26.50 14.02
CA VAL C 79 0.00 26.50 14.72
C VAL C 79 0.03 27.44 15.93
N ASP C 80 0.90 28.46 15.88
CA ASP C 80 1.03 29.45 16.95
C ASP C 80 1.43 28.81 18.27
N TRP C 81 2.23 27.76 18.21
CA TRP C 81 2.84 27.12 19.38
C TRP C 81 1.84 26.38 20.26
N SER C 82 0.64 26.10 19.75
CA SER C 82 -0.38 25.44 20.55
C SER C 82 -0.17 23.94 20.51
N PRO C 83 0.13 23.29 21.63
CA PRO C 83 0.20 21.82 21.60
C PRO C 83 -1.13 21.18 21.26
N LEU C 84 -2.24 21.77 21.70
CA LEU C 84 -3.55 21.24 21.35
C LEU C 84 -3.79 21.32 19.85
N GLU C 85 -3.56 22.51 19.28
CA GLU C 85 -3.71 22.69 17.85
C GLU C 85 -2.68 21.86 17.09
N PHE C 86 -1.55 21.54 17.72
CA PHE C 86 -0.57 20.66 17.11
C PHE C 86 -1.14 19.26 16.94
N ILE C 87 -1.80 18.72 17.97
CA ILE C 87 -2.43 17.41 17.86
C ILE C 87 -3.57 17.44 16.85
N ARG C 88 -4.37 18.50 16.87
CA ARG C 88 -5.48 18.61 15.93
C ARG C 88 -4.97 18.63 14.49
N GLN C 89 -3.84 19.30 14.25
CA GLN C 89 -3.31 19.47 12.91
C GLN C 89 -2.08 18.61 12.66
N PHE C 90 -1.91 17.52 13.41
CA PHE C 90 -0.63 16.82 13.38
C PHE C 90 -0.33 16.26 12.00
N PHE C 91 -1.34 15.69 11.34
CA PHE C 91 -1.12 15.16 10.00
C PHE C 91 -1.03 16.25 8.94
N TRP C 92 -1.54 17.45 9.22
CA TRP C 92 -1.58 18.49 8.22
C TRP C 92 -0.37 19.43 8.25
N VAL C 93 0.30 19.58 9.39
CA VAL C 93 1.39 20.54 9.46
C VAL C 93 2.62 20.01 8.73
N ALA C 94 3.48 20.92 8.32
CA ALA C 94 4.69 20.54 7.59
C ALA C 94 5.72 21.66 7.64
N LEU C 95 6.97 21.27 7.41
CA LEU C 95 8.04 22.20 7.11
C LEU C 95 8.09 22.35 5.58
N GLU C 96 7.71 23.49 5.09
CA GLU C 96 7.43 23.71 3.68
C GLU C 96 8.72 23.98 2.90
N PRO C 97 8.87 23.39 1.72
CA PRO C 97 10.07 23.62 0.91
C PRO C 97 10.09 25.03 0.37
N PRO C 98 11.22 25.48 -0.18
CA PRO C 98 11.30 26.85 -0.68
C PRO C 98 10.30 27.07 -1.81
N PRO C 99 9.79 28.28 -1.97
CA PRO C 99 8.95 28.60 -3.12
C PRO C 99 9.75 28.59 -4.40
N PRO C 100 9.08 28.48 -5.55
CA PRO C 100 9.81 28.29 -6.82
C PRO C 100 10.77 29.41 -7.17
N GLU C 101 10.53 30.62 -6.68
CA GLU C 101 11.29 31.77 -7.14
C GLU C 101 12.76 31.70 -6.72
N TYR C 102 13.10 30.88 -5.72
CA TYR C 102 14.47 30.82 -5.24
C TYR C 102 15.36 29.91 -6.08
N GLY C 103 14.79 29.08 -6.93
CA GLY C 103 15.62 28.15 -7.70
C GLY C 103 16.38 27.23 -6.77
N LEU C 104 17.67 27.07 -7.03
CA LEU C 104 18.52 26.24 -6.21
C LEU C 104 19.35 27.04 -5.21
N SER C 105 19.08 28.33 -5.08
CA SER C 105 19.82 29.14 -4.13
C SER C 105 19.38 28.85 -2.70
N LEU C 106 20.09 29.46 -1.76
CA LEU C 106 19.74 29.32 -0.36
C LEU C 106 18.67 30.32 0.02
N PRO C 107 17.46 29.88 0.34
CA PRO C 107 16.38 30.82 0.64
C PRO C 107 16.41 31.22 2.11
N PRO C 108 15.71 32.30 2.48
CA PRO C 108 15.65 32.68 3.89
C PRO C 108 15.02 31.59 4.75
N LEU C 109 15.36 31.60 6.04
CA LEU C 109 14.96 30.52 6.95
C LEU C 109 13.46 30.24 6.88
N ASN C 110 12.64 31.28 6.96
CA ASN C 110 11.21 31.09 6.98
C ASN C 110 10.61 30.93 5.59
N ASP C 111 11.41 30.97 4.54
CA ASP C 111 10.92 30.76 3.17
C ASP C 111 11.59 29.56 2.53
N GLY C 112 11.67 28.45 3.27
CA GLY C 112 12.32 27.25 2.80
C GLY C 112 13.73 27.06 3.31
N GLY C 113 14.30 28.05 4.00
CA GLY C 113 15.63 27.87 4.57
C GLY C 113 15.66 26.81 5.65
N TRP C 114 14.68 26.82 6.54
CA TRP C 114 14.60 25.76 7.55
C TRP C 114 14.40 24.40 6.91
N TRP C 115 13.61 24.36 5.82
CA TRP C 115 13.44 23.11 5.09
C TRP C 115 14.76 22.61 4.53
N LEU C 116 15.57 23.52 3.97
CA LEU C 116 16.84 23.11 3.38
C LEU C 116 17.81 22.62 4.44
N ILE C 117 17.80 23.25 5.62
CA ILE C 117 18.66 22.77 6.71
C ILE C 117 18.17 21.43 7.23
N ALA C 118 16.85 21.27 7.38
CA ALA C 118 16.30 20.00 7.82
C ALA C 118 16.60 18.90 6.80
N GLY C 119 16.51 19.22 5.51
CA GLY C 119 16.83 18.25 4.49
C GLY C 119 18.31 17.89 4.47
N PHE C 120 19.17 18.87 4.75
CA PHE C 120 20.61 18.62 4.76
C PHE C 120 21.00 17.73 5.94
N THR C 121 20.51 18.05 7.14
CA THR C 121 20.85 17.25 8.31
C THR C 121 20.19 15.87 8.24
N LEU C 122 18.97 15.79 7.70
CA LEU C 122 18.35 14.49 7.50
C LEU C 122 19.13 13.65 6.51
N THR C 123 19.62 14.26 5.44
CA THR C 123 20.47 13.54 4.50
C THR C 123 21.76 13.07 5.15
N LEU C 124 22.36 13.91 5.99
CA LEU C 124 23.59 13.52 6.67
C LEU C 124 23.35 12.38 7.65
N SER C 125 22.25 12.44 8.39
CA SER C 125 21.98 11.38 9.36
C SER C 125 21.75 10.04 8.67
N VAL C 126 21.02 10.03 7.55
CA VAL C 126 20.78 8.76 6.87
C VAL C 126 22.06 8.24 6.23
N LEU C 127 22.93 9.14 5.75
CA LEU C 127 24.20 8.70 5.19
C LEU C 127 25.12 8.16 6.26
N LEU C 128 25.19 8.82 7.42
CA LEU C 128 25.96 8.28 8.53
C LEU C 128 25.36 6.97 9.03
N TRP C 129 24.03 6.88 9.07
CA TRP C 129 23.41 5.62 9.43
C TRP C 129 23.77 4.53 8.45
N PHE C 130 23.96 4.88 7.17
CA PHE C 130 24.46 3.92 6.20
C PHE C 130 25.85 3.43 6.59
N ALA C 131 26.74 4.36 6.96
CA ALA C 131 28.07 3.96 7.39
C ALA C 131 28.00 3.12 8.65
N ARG C 132 27.03 3.40 9.51
CA ARG C 132 26.85 2.62 10.73
C ARG C 132 26.41 1.20 10.41
N THR C 133 25.45 1.04 9.50
CA THR C 133 25.02 -0.30 9.11
C THR C 133 26.15 -1.04 8.40
N TYR C 134 26.95 -0.32 7.62
CA TYR C 134 28.08 -0.93 6.95
C TYR C 134 29.11 -1.44 7.96
N ASN C 135 29.45 -0.60 8.94
CA ASN C 135 30.53 -0.94 9.87
C ASN C 135 30.11 -1.98 10.88
N ARG C 136 28.84 -1.98 11.29
CA ARG C 136 28.38 -3.01 12.22
C ARG C 136 28.44 -4.38 11.59
N ALA C 137 28.12 -4.47 10.29
CA ALA C 137 28.27 -5.72 9.57
C ALA C 137 29.74 -6.13 9.47
N ARG C 138 30.61 -5.18 9.12
CA ARG C 138 32.03 -5.50 8.99
C ARG C 138 32.66 -5.85 10.33
N ALA C 139 32.21 -5.19 11.40
CA ALA C 139 32.75 -5.48 12.73
C ALA C 139 32.44 -6.91 13.15
N LEU C 140 31.31 -7.45 12.71
CA LEU C 140 30.96 -8.83 12.99
C LEU C 140 31.50 -9.79 11.94
N GLY C 141 32.18 -9.30 10.92
CA GLY C 141 32.62 -10.15 9.84
C GLY C 141 31.51 -10.60 8.92
N LEU C 142 30.48 -9.79 8.77
CA LEU C 142 29.35 -10.09 7.89
C LEU C 142 29.51 -9.35 6.57
N GLY C 143 28.76 -9.80 5.58
CA GLY C 143 28.67 -9.06 4.34
C GLY C 143 27.90 -7.75 4.51
N THR C 144 28.14 -6.82 3.60
CA THR C 144 27.52 -5.51 3.68
C THR C 144 26.20 -5.44 2.92
N HIS C 145 25.47 -6.56 2.85
CA HIS C 145 24.24 -6.60 2.05
C HIS C 145 23.17 -5.66 2.61
N VAL C 146 23.01 -5.63 3.93
CA VAL C 146 22.00 -4.77 4.54
C VAL C 146 22.29 -3.31 4.23
N ALA C 147 23.56 -2.91 4.33
CA ALA C 147 23.90 -1.52 4.07
C ALA C 147 23.64 -1.13 2.62
N TRP C 148 23.98 -2.00 1.67
CA TRP C 148 23.75 -1.65 0.28
C TRP C 148 22.26 -1.66 -0.06
N ALA C 149 21.49 -2.55 0.56
CA ALA C 149 20.04 -2.47 0.42
C ALA C 149 19.50 -1.17 0.99
N PHE C 150 20.06 -0.73 2.13
CA PHE C 150 19.72 0.57 2.68
C PHE C 150 20.18 1.70 1.78
N ALA C 151 21.36 1.55 1.18
CA ALA C 151 21.85 2.54 0.23
C ALA C 151 20.90 2.68 -0.95
N ALA C 152 20.28 1.57 -1.36
CA ALA C 152 19.29 1.63 -2.42
C ALA C 152 18.09 2.45 -2.01
N ALA C 153 17.63 2.29 -0.76
CA ALA C 153 16.54 3.12 -0.26
C ALA C 153 16.97 4.57 -0.10
N ILE C 154 18.24 4.80 0.24
CA ILE C 154 18.77 6.16 0.32
C ILE C 154 18.70 6.84 -1.04
N PHE C 155 19.04 6.10 -2.09
CA PHE C 155 19.09 6.69 -3.42
C PHE C 155 17.73 7.18 -3.88
N LEU C 156 16.66 6.43 -3.61
CA LEU C 156 15.33 6.95 -3.91
C LEU C 156 15.03 8.17 -3.05
N PHE C 157 15.41 8.14 -1.78
CA PHE C 157 15.23 9.29 -0.91
C PHE C 157 15.99 10.51 -1.43
N LEU C 158 17.22 10.30 -1.91
CA LEU C 158 17.99 11.40 -2.48
C LEU C 158 17.48 11.80 -3.84
N ALA C 159 17.01 10.83 -4.64
CA ALA C 159 16.46 11.15 -5.94
C ALA C 159 15.21 12.00 -5.80
N ILE C 160 14.33 11.65 -4.88
CA ILE C 160 13.10 12.41 -4.68
C ILE C 160 13.41 13.81 -4.17
N GLY C 161 14.24 13.89 -3.13
CA GLY C 161 14.39 15.13 -2.40
C GLY C 161 15.52 16.03 -2.84
N PHE C 162 16.61 15.46 -3.35
CA PHE C 162 17.78 16.25 -3.71
C PHE C 162 18.07 16.22 -5.20
N ILE C 163 18.28 15.04 -5.78
CA ILE C 163 18.80 14.97 -7.15
C ILE C 163 17.76 15.48 -8.14
N TRP C 164 16.54 14.99 -8.07
CA TRP C 164 15.53 15.46 -9.01
C TRP C 164 15.21 16.95 -8.84
N PRO C 165 15.02 17.48 -7.63
CA PRO C 165 14.88 18.94 -7.52
C PRO C 165 16.09 19.71 -8.03
N VAL C 166 17.29 19.16 -7.87
CA VAL C 166 18.50 19.79 -8.40
C VAL C 166 18.51 19.72 -9.92
N LEU C 167 18.12 18.57 -10.48
CA LEU C 167 18.02 18.45 -11.93
C LEU C 167 16.96 19.37 -12.50
N MET C 168 15.96 19.72 -11.71
CA MET C 168 14.91 20.62 -12.15
C MET C 168 15.23 22.08 -11.92
N GLY C 169 16.23 22.38 -11.09
CA GLY C 169 16.63 23.75 -10.87
C GLY C 169 15.83 24.52 -9.86
N SER C 170 15.16 23.84 -8.93
CA SER C 170 14.41 24.54 -7.90
C SER C 170 14.15 23.60 -6.73
N TRP C 171 14.39 24.08 -5.51
CA TRP C 171 14.04 23.33 -4.32
C TRP C 171 12.54 23.22 -4.10
N ALA C 172 11.74 24.00 -4.84
CA ALA C 172 10.29 23.92 -4.73
C ALA C 172 9.77 22.56 -5.13
N LYS C 173 10.45 21.91 -6.07
CA LYS C 173 10.00 20.61 -6.57
C LYS C 173 10.10 19.51 -5.53
N SER C 174 10.77 19.76 -4.41
CA SER C 174 11.00 18.72 -3.43
C SER C 174 9.81 18.60 -2.48
N VAL C 175 9.90 17.68 -1.55
CA VAL C 175 8.76 17.21 -0.78
C VAL C 175 8.81 17.79 0.62
N PRO C 176 7.71 18.34 1.14
CA PRO C 176 7.72 18.93 2.48
C PRO C 176 7.69 17.86 3.57
N PHE C 177 8.18 18.27 4.74
CA PHE C 177 8.25 17.37 5.90
C PHE C 177 6.91 17.46 6.64
N GLY C 178 5.94 16.70 6.15
CA GLY C 178 4.65 16.60 6.79
C GLY C 178 3.99 15.32 6.34
N ILE C 179 2.99 14.89 7.10
CA ILE C 179 2.34 13.60 6.87
C ILE C 179 1.38 13.70 5.68
N PHE C 180 0.35 14.50 5.80
CA PHE C 180 -0.53 14.70 4.65
C PHE C 180 0.12 15.57 3.58
N PRO C 181 0.93 16.59 3.94
CA PRO C 181 1.59 17.36 2.88
C PRO C 181 2.47 16.54 1.95
N HIS C 182 3.23 15.57 2.45
CA HIS C 182 4.04 14.78 1.54
C HIS C 182 3.19 13.79 0.75
N LEU C 183 1.98 13.51 1.22
CA LEU C 183 0.99 12.84 0.38
C LEU C 183 0.44 13.79 -0.68
N ASP C 184 0.27 15.07 -0.33
CA ASP C 184 -0.11 16.06 -1.32
C ASP C 184 0.96 16.20 -2.39
N TRP C 185 2.23 16.15 -1.97
CA TRP C 185 3.31 16.18 -2.94
C TRP C 185 3.25 14.97 -3.87
N THR C 186 2.97 13.79 -3.31
CA THR C 186 2.92 12.57 -4.11
C THR C 186 1.84 12.65 -5.18
N THR C 187 0.65 13.13 -4.81
CA THR C 187 -0.44 13.24 -5.78
C THR C 187 -0.16 14.32 -6.81
N ALA C 188 0.29 15.50 -6.35
CA ALA C 188 0.54 16.60 -7.26
C ALA C 188 1.63 16.27 -8.25
N PHE C 189 2.66 15.54 -7.81
CA PHE C 189 3.69 15.07 -8.72
C PHE C 189 3.08 14.30 -9.88
N SER C 190 2.15 13.40 -9.58
CA SER C 190 1.51 12.62 -10.63
C SER C 190 0.62 13.49 -11.50
N LEU C 191 -0.10 14.43 -10.90
CA LEU C 191 -0.94 15.35 -11.69
C LEU C 191 -0.11 16.20 -12.62
N ARG C 192 1.02 16.72 -12.13
CA ARG C 192 1.83 17.66 -12.90
C ARG C 192 2.42 17.00 -14.14
N TYR C 193 3.03 15.83 -13.98
CA TYR C 193 3.70 15.16 -15.08
C TYR C 193 2.85 14.04 -15.68
N GLY C 194 1.53 14.19 -15.62
CA GLY C 194 0.62 13.39 -16.41
C GLY C 194 0.54 11.93 -16.04
N ASN C 195 0.03 11.62 -14.84
CA ASN C 195 -0.25 10.25 -14.46
C ASN C 195 0.98 9.35 -14.41
N LEU C 196 1.72 9.41 -13.30
CA LEU C 196 2.86 8.55 -13.06
C LEU C 196 2.59 7.06 -13.28
N TYR C 197 1.32 6.66 -13.37
CA TYR C 197 1.01 5.27 -13.72
C TYR C 197 1.63 4.87 -15.04
N TYR C 198 1.73 5.80 -15.99
CA TYR C 198 2.29 5.51 -17.31
C TYR C 198 3.80 5.60 -17.34
N ASN C 199 4.43 6.03 -16.27
CA ASN C 199 5.88 5.94 -16.13
C ASN C 199 6.25 4.46 -16.04
N PRO C 200 7.07 3.94 -16.97
CA PRO C 200 7.39 2.51 -16.92
C PRO C 200 8.20 2.12 -15.71
N PHE C 201 9.07 3.00 -15.22
CA PHE C 201 9.87 2.67 -14.05
C PHE C 201 9.06 2.78 -12.78
N HIS C 202 7.94 3.50 -12.82
CA HIS C 202 6.96 3.41 -11.75
C HIS C 202 6.21 2.10 -11.83
N MET C 203 5.93 1.62 -13.04
CA MET C 203 5.35 0.29 -13.22
C MET C 203 6.28 -0.79 -12.68
N LEU C 204 7.56 -0.73 -13.06
CA LEU C 204 8.53 -1.68 -12.55
C LEU C 204 8.70 -1.56 -11.04
N SER C 205 8.71 -0.33 -10.55
CA SER C 205 8.80 -0.11 -9.11
C SER C 205 7.68 -0.82 -8.38
N ILE C 206 6.46 -0.74 -8.92
CA ILE C 206 5.32 -1.41 -8.31
C ILE C 206 5.43 -2.92 -8.50
N VAL C 207 6.01 -3.37 -9.61
CA VAL C 207 6.22 -4.79 -9.83
C VAL C 207 7.08 -5.39 -8.73
N PHE C 208 8.18 -4.71 -8.41
CA PHE C 208 9.07 -5.22 -7.37
C PHE C 208 8.53 -4.96 -5.97
N LEU C 209 7.72 -3.91 -5.79
CA LEU C 209 7.08 -3.68 -4.51
C LEU C 209 6.02 -4.74 -4.22
N PHE C 210 5.14 -4.98 -5.20
CA PHE C 210 4.15 -6.03 -5.07
C PHE C 210 4.81 -7.39 -4.99
N GLY C 211 5.85 -7.60 -5.78
CA GLY C 211 6.59 -8.86 -5.73
C GLY C 211 7.35 -9.04 -4.44
N SER C 212 7.67 -7.95 -3.75
CA SER C 212 8.31 -8.05 -2.45
C SER C 212 7.32 -8.52 -1.39
N ALA C 213 6.11 -7.94 -1.40
CA ALA C 213 5.08 -8.42 -0.49
C ALA C 213 4.68 -9.85 -0.85
N LEU C 214 4.63 -10.15 -2.14
CA LEU C 214 4.36 -11.51 -2.59
C LEU C 214 5.44 -12.46 -2.11
N LEU C 215 6.71 -12.05 -2.22
CA LEU C 215 7.81 -12.92 -1.84
C LEU C 215 7.85 -13.12 -0.33
N PHE C 216 7.72 -12.05 0.45
CA PHE C 216 7.76 -12.22 1.90
C PHE C 216 6.58 -13.05 2.39
N ALA C 217 5.41 -12.87 1.78
CA ALA C 217 4.27 -13.71 2.11
C ALA C 217 4.53 -15.17 1.74
N MET C 218 5.09 -15.41 0.55
CA MET C 218 5.43 -16.76 0.16
C MET C 218 6.49 -17.36 1.07
N HIS C 219 7.58 -16.62 1.28
CA HIS C 219 8.71 -17.13 2.05
C HIS C 219 8.37 -17.26 3.53
N GLY C 220 7.74 -16.23 4.10
CA GLY C 220 7.37 -16.29 5.49
C GLY C 220 6.38 -17.40 5.79
N ALA C 221 5.40 -17.58 4.90
CA ALA C 221 4.45 -18.68 5.07
C ALA C 221 5.14 -20.03 4.93
N THR C 222 6.11 -20.13 4.01
CA THR C 222 6.79 -21.40 3.81
C THR C 222 7.68 -21.76 4.98
N ILE C 223 8.36 -20.77 5.57
CA ILE C 223 9.22 -21.05 6.71
C ILE C 223 8.39 -21.41 7.94
N LEU C 224 7.24 -20.76 8.12
CA LEU C 224 6.35 -21.16 9.20
C LEU C 224 5.75 -22.53 8.95
N ALA C 225 5.40 -22.85 7.70
CA ALA C 225 4.81 -24.14 7.38
C ALA C 225 5.80 -25.28 7.59
N ALA C 226 7.06 -25.05 7.25
CA ALA C 226 8.13 -26.02 7.49
C ALA C 226 8.81 -25.82 8.83
N GLY C 227 8.21 -25.02 9.71
CA GLY C 227 8.74 -24.86 11.06
C GLY C 227 8.79 -26.14 11.86
N ARG C 228 7.98 -27.13 11.47
CA ARG C 228 8.06 -28.44 12.11
C ARG C 228 9.39 -29.12 11.86
N TYR C 229 10.14 -28.70 10.85
CA TYR C 229 11.44 -29.27 10.52
C TYR C 229 12.57 -28.26 10.71
N ASN C 230 12.34 -27.25 11.55
CA ASN C 230 13.33 -26.22 11.87
C ASN C 230 13.77 -25.47 10.62
N ALA C 231 12.79 -25.04 9.81
CA ALA C 231 13.10 -24.24 8.65
C ALA C 231 13.65 -22.86 9.02
N GLU C 232 13.13 -22.26 10.09
CA GLU C 232 13.53 -20.91 10.46
C GLU C 232 15.00 -20.83 10.85
N ARG C 233 15.63 -21.96 11.19
CA ARG C 233 17.08 -21.99 11.32
C ARG C 233 17.69 -22.08 9.93
N GLU C 234 17.60 -20.97 9.20
CA GLU C 234 17.92 -20.96 7.78
C GLU C 234 19.41 -21.03 7.51
N ILE C 235 20.24 -20.56 8.43
CA ILE C 235 21.68 -20.63 8.22
C ILE C 235 22.16 -22.07 8.28
N GLU C 236 21.59 -22.88 9.18
CA GLU C 236 21.97 -24.28 9.22
C GLU C 236 21.56 -25.00 7.95
N GLN C 237 20.45 -24.58 7.32
CA GLN C 237 19.94 -25.29 6.16
C GLN C 237 20.73 -24.94 4.91
N ILE C 238 21.29 -23.73 4.88
CA ILE C 238 22.15 -23.35 3.76
C ILE C 238 23.46 -24.11 3.80
N THR C 239 24.04 -24.29 4.99
CA THR C 239 25.31 -24.99 5.09
C THR C 239 25.12 -26.50 5.24
N ASP C 240 23.92 -26.93 5.58
CA ASP C 240 23.62 -28.35 5.82
C ASP C 240 22.15 -28.55 5.48
N ARG C 241 21.87 -28.94 4.25
CA ARG C 241 20.50 -28.96 3.74
C ARG C 241 19.72 -30.02 4.50
N GLY C 242 18.85 -29.56 5.41
CA GLY C 242 17.96 -30.45 6.11
C GLY C 242 16.73 -30.77 5.28
N THR C 243 15.82 -31.53 5.89
CA THR C 243 14.60 -31.89 5.19
C THR C 243 13.67 -30.70 5.02
N ALA C 244 13.79 -29.70 5.90
CA ALA C 244 12.96 -28.50 5.76
C ALA C 244 13.31 -27.74 4.48
N ALA C 245 14.60 -27.64 4.17
CA ALA C 245 15.02 -26.97 2.95
C ALA C 245 14.54 -27.73 1.72
N GLU C 246 14.49 -29.06 1.81
CA GLU C 246 14.02 -29.86 0.68
C GLU C 246 12.51 -29.77 0.52
N ARG C 247 11.77 -29.77 1.63
CA ARG C 247 10.32 -29.66 1.54
C ARG C 247 9.89 -28.26 1.09
N SER C 248 10.63 -27.23 1.51
CA SER C 248 10.34 -25.89 1.03
C SER C 248 10.57 -25.79 -0.48
N ALA C 249 11.68 -26.34 -0.96
CA ALA C 249 11.97 -26.30 -2.38
C ALA C 249 11.02 -27.19 -3.17
N LEU C 250 10.73 -28.39 -2.66
CA LEU C 250 9.80 -29.27 -3.36
C LEU C 250 8.40 -28.69 -3.40
N PHE C 251 7.99 -27.99 -2.34
CA PHE C 251 6.65 -27.41 -2.32
C PHE C 251 6.45 -26.46 -3.49
N TRP C 252 7.42 -25.58 -3.73
CA TRP C 252 7.28 -24.61 -4.82
C TRP C 252 7.66 -25.22 -6.16
N ARG C 253 8.53 -26.22 -6.20
CA ARG C 253 8.78 -26.91 -7.46
C ARG C 253 7.52 -27.62 -7.94
N TRP C 254 6.77 -28.23 -7.04
CA TRP C 254 5.56 -28.93 -7.44
C TRP C 254 4.44 -27.94 -7.76
N THR C 255 4.48 -26.76 -7.15
CA THR C 255 3.42 -25.78 -7.34
C THR C 255 3.56 -25.05 -8.66
N MET C 256 4.66 -24.30 -8.83
CA MET C 256 4.85 -23.46 -10.00
C MET C 256 5.93 -23.99 -10.94
N GLY C 257 6.44 -25.20 -10.70
CA GLY C 257 7.36 -25.83 -11.61
C GLY C 257 8.82 -25.51 -11.38
N PHE C 258 9.13 -24.53 -10.55
CA PHE C 258 10.51 -24.19 -10.25
C PHE C 258 10.59 -23.75 -8.80
N ASN C 259 11.79 -23.86 -8.25
CA ASN C 259 12.01 -23.57 -6.84
C ASN C 259 13.23 -22.69 -6.69
N ALA C 260 13.57 -22.43 -5.45
CA ALA C 260 14.78 -21.75 -5.03
C ALA C 260 15.50 -22.65 -4.04
N THR C 261 16.56 -22.13 -3.45
CA THR C 261 17.21 -22.80 -2.34
C THR C 261 16.97 -21.99 -1.08
N MET C 262 17.43 -22.53 0.05
CA MET C 262 17.36 -21.77 1.29
C MET C 262 18.10 -20.45 1.18
N GLU C 263 19.16 -20.43 0.37
CA GLU C 263 19.95 -19.23 0.21
C GLU C 263 19.45 -18.36 -0.93
N SER C 264 19.01 -18.99 -2.03
CA SER C 264 18.63 -18.22 -3.21
C SER C 264 17.31 -17.49 -3.01
N ILE C 265 16.43 -17.99 -2.13
CA ILE C 265 15.20 -17.26 -1.84
C ILE C 265 15.52 -15.89 -1.25
N HIS C 266 16.56 -15.81 -0.43
CA HIS C 266 16.93 -14.54 0.18
C HIS C 266 17.64 -13.64 -0.82
N ARG C 267 18.16 -14.21 -1.92
CA ARG C 267 18.65 -13.37 -3.00
C ARG C 267 17.50 -12.81 -3.83
N TRP C 268 16.47 -13.62 -4.05
CA TRP C 268 15.28 -13.14 -4.75
C TRP C 268 14.61 -12.00 -3.99
N GLY C 269 14.41 -12.20 -2.68
CA GLY C 269 13.75 -11.18 -1.88
C GLY C 269 14.59 -9.92 -1.73
N TYR C 270 15.90 -10.09 -1.59
CA TYR C 270 16.81 -8.94 -1.47
C TYR C 270 16.78 -8.10 -2.74
N TRP C 271 16.83 -8.75 -3.91
CA TRP C 271 16.85 -8.00 -5.15
C TRP C 271 15.49 -7.38 -5.46
N PHE C 272 14.41 -8.06 -5.10
CA PHE C 272 13.08 -7.48 -5.28
C PHE C 272 12.89 -6.26 -4.40
N ALA C 273 13.39 -6.29 -3.17
CA ALA C 273 13.26 -5.14 -2.30
C ALA C 273 14.03 -3.94 -2.84
N ILE C 274 15.26 -4.16 -3.31
CA ILE C 274 16.09 -3.03 -3.68
C ILE C 274 15.82 -2.59 -5.12
N LEU C 275 15.34 -3.48 -5.98
CA LEU C 275 14.96 -3.04 -7.32
C LEU C 275 13.71 -2.18 -7.28
N CYS C 276 12.81 -2.46 -6.33
CA CYS C 276 11.64 -1.60 -6.17
C CYS C 276 12.05 -0.16 -5.93
N VAL C 277 13.06 0.04 -5.08
CA VAL C 277 13.46 1.38 -4.71
C VAL C 277 14.42 1.98 -5.75
N ILE C 278 15.03 1.14 -6.59
CA ILE C 278 15.97 1.65 -7.60
C ILE C 278 15.23 2.07 -8.86
N THR C 279 14.32 1.23 -9.36
CA THR C 279 13.47 1.67 -10.46
C THR C 279 12.61 2.86 -10.05
N GLY C 280 12.28 2.94 -8.75
CA GLY C 280 11.59 4.12 -8.27
C GLY C 280 12.42 5.38 -8.45
N GLY C 281 13.70 5.33 -8.08
CA GLY C 281 14.55 6.49 -8.23
C GLY C 281 14.76 6.88 -9.68
N ILE C 282 14.97 5.88 -10.55
CA ILE C 282 15.18 6.17 -11.96
C ILE C 282 13.93 6.77 -12.58
N GLY C 283 12.75 6.22 -12.24
CA GLY C 283 11.50 6.78 -12.74
C GLY C 283 11.29 8.22 -12.32
N ILE C 284 11.66 8.56 -11.09
CA ILE C 284 11.53 9.94 -10.64
C ILE C 284 12.51 10.84 -11.39
N LEU C 285 13.72 10.35 -11.64
CA LEU C 285 14.71 11.16 -12.34
C LEU C 285 14.35 11.37 -13.80
N LEU C 286 13.57 10.47 -14.39
CA LEU C 286 13.21 10.61 -15.80
C LEU C 286 12.12 11.67 -16.00
N THR C 287 11.16 11.74 -15.08
CA THR C 287 10.05 12.66 -15.26
C THR C 287 10.49 14.10 -14.98
N GLY C 288 9.98 15.02 -15.79
CA GLY C 288 10.36 16.41 -15.68
C GLY C 288 11.63 16.71 -16.45
N THR C 289 12.55 15.75 -16.49
CA THR C 289 13.84 15.97 -17.12
C THR C 289 13.81 15.56 -18.59
N VAL C 290 13.38 14.35 -18.89
CA VAL C 290 13.32 13.84 -20.24
C VAL C 290 11.94 13.35 -20.64
N VAL C 291 10.97 13.38 -19.73
CA VAL C 291 9.58 13.13 -20.05
C VAL C 291 8.73 14.20 -19.40
N GLU C 292 7.99 14.96 -20.20
CA GLU C 292 7.14 16.03 -19.71
C GLU C 292 5.82 15.47 -19.20
N ASN C 293 5.12 14.72 -20.05
CA ASN C 293 3.81 14.16 -19.76
C ASN C 293 3.90 12.66 -19.96
N TRP C 294 3.59 11.89 -18.92
CA TRP C 294 3.72 10.44 -19.02
C TRP C 294 2.58 9.80 -19.79
N TYR C 295 1.37 10.37 -19.77
CA TYR C 295 0.32 9.84 -20.62
C TYR C 295 0.63 10.09 -22.09
N LEU C 296 1.13 11.28 -22.42
CA LEU C 296 1.51 11.56 -23.79
C LEU C 296 2.69 10.68 -24.21
N TRP C 297 3.59 10.39 -23.28
CA TRP C 297 4.65 9.43 -23.55
C TRP C 297 4.07 8.05 -23.85
N GLY C 298 3.07 7.64 -23.07
CA GLY C 298 2.44 6.35 -23.30
C GLY C 298 1.68 6.29 -24.61
N VAL C 299 1.02 7.38 -24.98
CA VAL C 299 0.36 7.44 -26.28
C VAL C 299 1.38 7.29 -27.39
N HIS C 300 2.53 7.96 -27.26
CA HIS C 300 3.56 7.91 -28.29
C HIS C 300 4.06 6.49 -28.49
N HIS C 301 4.24 5.75 -27.39
CA HIS C 301 4.75 4.39 -27.45
C HIS C 301 3.62 3.36 -27.50
N GLY C 302 2.39 3.79 -27.79
CA GLY C 302 1.30 2.87 -28.01
C GLY C 302 0.92 2.01 -26.82
N ILE C 303 0.92 2.57 -25.63
CA ILE C 303 0.51 1.84 -24.45
C ILE C 303 -0.79 2.35 -23.85
N ALA C 304 -1.26 3.52 -24.28
CA ALA C 304 -2.50 4.06 -23.76
C ALA C 304 -3.70 3.31 -24.35
N PRO C 305 -4.56 2.71 -23.53
CA PRO C 305 -5.80 2.15 -24.07
C PRO C 305 -6.66 3.25 -24.68
N GLU C 306 -7.41 2.88 -25.71
CA GLU C 306 -8.38 3.76 -26.32
C GLU C 306 -9.78 3.36 -25.87
N TYR C 307 -10.63 4.34 -25.64
CA TYR C 307 -11.94 4.09 -25.08
C TYR C 307 -13.03 4.50 -26.07
N PRO C 308 -13.98 3.63 -26.37
CA PRO C 308 -15.10 4.02 -27.23
C PRO C 308 -15.93 5.14 -26.63
N GLU C 309 -16.84 5.65 -27.43
CA GLU C 309 -17.68 6.78 -27.03
C GLU C 309 -18.69 6.35 -25.96
N PHE C 310 -18.75 7.10 -24.87
CA PHE C 310 -19.77 6.90 -23.84
C PHE C 310 -20.44 8.23 -23.52
N PHE C 311 -19.68 9.32 -23.63
CA PHE C 311 -20.17 10.66 -23.34
C PHE C 311 -19.86 11.57 -24.51
N THR C 312 -20.44 12.76 -24.47
CA THR C 312 -20.08 13.81 -25.41
C THR C 312 -18.76 14.44 -24.96
N PRO C 313 -17.70 14.36 -25.76
CA PRO C 313 -16.41 14.88 -25.32
C PRO C 313 -16.47 16.38 -25.05
N ALA C 314 -15.83 16.79 -23.97
CA ALA C 314 -15.68 18.21 -23.68
C ALA C 314 -14.71 18.84 -24.67
N VAL C 315 -14.92 20.12 -24.93
CA VAL C 315 -14.06 20.91 -25.80
C VAL C 315 -13.51 22.06 -24.98
N ASP C 316 -12.23 22.29 -25.07
CA ASP C 316 -11.63 23.40 -24.36
C ASP C 316 -12.18 24.70 -24.94
N PRO C 317 -12.89 25.52 -24.17
CA PRO C 317 -13.35 26.81 -24.71
C PRO C 317 -12.20 27.73 -25.08
N ALA C 318 -11.07 27.59 -24.41
CA ALA C 318 -9.89 28.40 -24.66
C ALA C 318 -8.96 27.80 -25.70
N ALA C 319 -9.47 26.93 -26.56
CA ALA C 319 -8.65 26.34 -27.61
C ALA C 319 -8.32 27.36 -28.69
N MET D 1 8.78 13.18 -32.06
CA MET D 1 8.57 14.27 -31.11
C MET D 1 9.86 15.04 -30.88
N GLU D 2 9.78 16.11 -30.10
CA GLU D 2 10.90 17.01 -29.87
C GLU D 2 10.97 17.34 -28.38
N GLY D 3 12.09 17.92 -27.98
CA GLY D 3 12.34 18.27 -26.60
C GLY D 3 13.53 17.52 -26.05
N THR D 4 13.84 17.80 -24.79
CA THR D 4 14.97 17.15 -24.14
C THR D 4 14.65 15.69 -23.89
N GLY D 5 15.56 14.82 -24.31
CA GLY D 5 15.36 13.39 -24.25
C GLY D 5 15.19 12.72 -25.59
N ALA D 6 14.90 13.46 -26.65
CA ALA D 6 14.75 12.85 -27.96
C ALA D 6 16.06 12.27 -28.45
N LEU D 7 16.03 11.01 -28.88
CA LEU D 7 17.17 10.35 -29.48
C LEU D 7 17.02 10.15 -30.98
N THR D 8 15.80 9.95 -31.45
CA THR D 8 15.47 9.91 -32.85
C THR D 8 14.08 10.50 -33.00
N ASP D 9 13.46 10.27 -34.16
CA ASP D 9 12.09 10.73 -34.35
C ASP D 9 11.11 9.99 -33.46
N TYR D 10 11.49 8.83 -32.95
CA TYR D 10 10.65 8.02 -32.08
C TYR D 10 11.30 7.70 -30.75
N MET D 11 12.58 7.35 -30.74
CA MET D 11 13.24 6.95 -29.51
C MET D 11 13.52 8.16 -28.64
N ASN D 12 13.36 7.97 -27.34
CA ASN D 12 13.67 8.98 -26.34
C ASN D 12 14.44 8.33 -25.19
N VAL D 13 14.94 9.17 -24.30
CA VAL D 13 15.89 8.71 -23.30
C VAL D 13 15.22 7.79 -22.28
N ALA D 14 13.98 8.11 -21.88
CA ALA D 14 13.31 7.26 -20.90
C ALA D 14 13.04 5.87 -21.46
N GLN D 15 12.68 5.79 -22.74
CA GLN D 15 12.42 4.50 -23.35
C GLN D 15 13.68 3.65 -23.42
N MET D 16 14.81 4.24 -23.82
CA MET D 16 16.04 3.47 -23.90
C MET D 16 16.61 3.17 -22.53
N THR D 17 16.34 4.03 -21.54
CA THR D 17 16.65 3.68 -20.16
C THR D 17 15.86 2.45 -19.72
N LEU D 18 14.63 2.34 -20.21
CA LEU D 18 13.79 1.19 -19.87
C LEU D 18 14.34 -0.10 -20.45
N TYR D 19 14.71 -0.09 -21.73
CA TYR D 19 15.28 -1.28 -22.33
C TYR D 19 16.63 -1.63 -21.74
N ALA D 20 17.40 -0.62 -21.34
CA ALA D 20 18.63 -0.88 -20.59
C ALA D 20 18.33 -1.64 -19.31
N PHE D 21 17.25 -1.28 -18.62
CA PHE D 21 16.87 -2.02 -17.43
C PHE D 21 16.33 -3.40 -17.77
N TRP D 22 15.71 -3.57 -18.95
CA TRP D 22 15.27 -4.90 -19.35
C TRP D 22 16.44 -5.85 -19.46
N LEU D 23 17.54 -5.39 -20.06
CA LEU D 23 18.72 -6.24 -20.21
C LEU D 23 19.31 -6.60 -18.85
N PHE D 24 19.36 -5.63 -17.93
CA PHE D 24 19.82 -5.93 -16.58
C PHE D 24 18.88 -6.89 -15.87
N LEU D 25 17.58 -6.67 -15.99
CA LEU D 25 16.63 -7.51 -15.29
C LEU D 25 16.72 -8.96 -15.77
N ALA D 26 16.95 -9.15 -17.07
CA ALA D 26 17.18 -10.48 -17.59
C ALA D 26 18.44 -11.09 -17.00
N GLY D 27 19.54 -10.36 -17.02
CA GLY D 27 20.78 -10.87 -16.48
C GLY D 27 20.69 -11.16 -14.99
N LEU D 28 19.88 -10.39 -14.28
CA LEU D 28 19.62 -10.67 -12.88
C LEU D 28 18.71 -11.89 -12.72
N ILE D 29 17.68 -12.01 -13.57
CA ILE D 29 16.79 -13.16 -13.50
C ILE D 29 17.56 -14.44 -13.80
N VAL D 30 18.41 -14.42 -14.83
CA VAL D 30 19.23 -15.58 -15.14
C VAL D 30 20.18 -15.88 -13.98
N TYR D 31 20.78 -14.83 -13.41
CA TYR D 31 21.67 -15.04 -12.27
C TYR D 31 20.93 -15.63 -11.08
N LEU D 32 19.72 -15.14 -10.82
CA LEU D 32 18.94 -15.63 -9.68
C LEU D 32 18.55 -17.09 -9.87
N ARG D 33 18.20 -17.48 -11.09
CA ARG D 33 17.79 -18.86 -11.35
C ARG D 33 18.99 -19.80 -11.25
N MET D 34 20.19 -19.30 -11.51
CA MET D 34 21.38 -20.10 -11.29
C MET D 34 21.64 -20.33 -9.81
N GLU D 35 21.49 -19.27 -8.99
CA GLU D 35 21.58 -19.46 -7.55
C GLU D 35 20.52 -20.42 -7.04
N ASP D 36 19.43 -20.57 -7.81
CA ASP D 36 18.38 -21.52 -7.46
C ASP D 36 18.82 -22.96 -7.67
N LYS D 37 19.84 -23.19 -8.49
CA LYS D 37 20.23 -24.52 -8.91
C LYS D 37 21.47 -25.04 -8.20
N ARG D 38 21.66 -24.66 -6.94
CA ARG D 38 22.77 -25.17 -6.14
C ARG D 38 22.34 -26.22 -5.12
N GLU D 39 21.07 -26.62 -5.11
CA GLU D 39 20.59 -27.69 -4.25
C GLU D 39 19.67 -28.58 -5.07
N GLY D 40 20.00 -29.86 -5.15
CA GLY D 40 19.21 -30.79 -5.92
C GLY D 40 19.56 -30.89 -7.39
N TYR D 41 20.60 -30.22 -7.83
CA TYR D 41 20.98 -30.25 -9.23
C TYR D 41 22.32 -30.96 -9.41
N PRO D 42 22.58 -31.56 -10.57
CA PRO D 42 21.70 -31.64 -11.76
C PRO D 42 20.52 -32.58 -11.54
N LEU D 43 19.44 -32.36 -12.28
CA LEU D 43 18.25 -33.18 -12.15
C LEU D 43 18.54 -34.63 -12.52
N GLN D 44 17.96 -35.54 -11.77
CA GLN D 44 18.12 -36.96 -12.04
C GLN D 44 16.94 -37.42 -12.88
N ALA D 45 17.16 -37.53 -14.19
CA ALA D 45 16.17 -38.12 -15.07
C ALA D 45 16.24 -39.63 -14.91
N GLU D 46 15.18 -40.23 -14.41
CA GLU D 46 15.16 -41.68 -14.26
C GLU D 46 14.99 -42.33 -15.63
N ALA D 47 15.24 -43.64 -15.67
CA ALA D 47 15.12 -44.39 -16.92
C ALA D 47 13.70 -44.33 -17.46
N ASN D 48 12.71 -44.44 -16.58
CA ASN D 48 11.31 -44.51 -17.03
C ASN D 48 10.75 -43.17 -17.47
N GLU D 49 11.58 -42.13 -17.58
CA GLU D 49 11.15 -40.86 -18.14
C GLU D 49 11.61 -40.67 -19.58
N ASN D 50 12.64 -41.41 -19.99
CA ASN D 50 13.32 -41.20 -21.26
C ASN D 50 13.04 -42.36 -22.21
N CYS D 51 12.88 -42.02 -23.48
CA CYS D 51 12.56 -43.02 -24.50
C CYS D 51 13.67 -44.03 -24.69
N ASN D 52 14.90 -43.71 -24.31
CA ASN D 52 16.01 -44.65 -24.41
C ASN D 52 16.14 -45.54 -23.18
N ARG D 53 15.25 -45.37 -22.20
CA ARG D 53 15.23 -46.20 -21.00
C ARG D 53 16.59 -46.23 -20.31
N THR D 54 17.23 -45.06 -20.21
CA THR D 54 18.49 -44.92 -19.50
C THR D 54 18.40 -43.70 -18.59
N PRO D 55 18.92 -43.82 -17.37
CA PRO D 55 18.98 -42.64 -16.48
C PRO D 55 19.97 -41.62 -17.02
N GLU D 56 19.66 -40.35 -16.76
CA GLU D 56 20.42 -39.23 -17.32
C GLU D 56 20.45 -38.10 -16.31
N LYS D 57 21.09 -37.01 -16.70
CA LYS D 57 21.13 -35.78 -15.91
C LYS D 57 20.72 -34.60 -16.78
N LYS D 58 19.78 -33.81 -16.29
CA LYS D 58 19.33 -32.60 -16.95
C LYS D 58 19.88 -31.39 -16.21
N LEU D 59 20.52 -30.49 -16.93
CA LEU D 59 21.00 -29.26 -16.31
C LEU D 59 19.87 -28.27 -16.09
N GLY D 60 18.91 -28.24 -17.00
CA GLY D 60 17.89 -27.21 -16.97
C GLY D 60 18.44 -25.93 -17.57
N PHE D 61 17.60 -24.91 -17.56
CA PHE D 61 18.00 -23.60 -18.08
C PHE D 61 17.59 -22.52 -17.11
N PRO D 62 18.51 -21.67 -16.65
CA PRO D 62 19.96 -21.69 -16.92
C PRO D 62 20.64 -22.88 -16.25
N ALA D 63 21.78 -23.35 -16.76
CA ALA D 63 22.47 -24.47 -16.15
C ALA D 63 23.01 -24.08 -14.78
N PRO D 64 23.17 -25.05 -13.87
CA PRO D 64 23.61 -24.73 -12.52
C PRO D 64 24.99 -24.10 -12.53
N PRO D 65 25.27 -23.24 -11.56
CA PRO D 65 26.61 -22.65 -11.45
C PRO D 65 27.65 -23.68 -11.02
N SER D 66 28.90 -23.25 -10.95
CA SER D 66 29.95 -24.09 -10.44
C SER D 66 29.79 -24.27 -8.93
N PRO D 67 30.37 -25.32 -8.36
CA PRO D 67 30.19 -25.56 -6.92
C PRO D 67 30.69 -24.39 -6.09
N LYS D 68 30.03 -24.17 -4.95
CA LYS D 68 30.26 -23.01 -4.10
C LYS D 68 30.80 -23.46 -2.75
N VAL D 69 31.88 -22.83 -2.30
CA VAL D 69 32.59 -23.25 -1.10
C VAL D 69 32.21 -22.33 0.04
N PHE D 70 31.55 -22.90 1.05
CA PHE D 70 31.26 -22.23 2.31
C PHE D 70 32.33 -22.61 3.31
N LYS D 71 33.22 -21.67 3.64
CA LYS D 71 34.16 -21.88 4.72
C LYS D 71 33.41 -21.81 6.04
N LEU D 72 33.65 -22.79 6.91
CA LEU D 72 32.87 -22.91 8.13
C LEU D 72 33.67 -22.45 9.35
N ALA D 73 32.95 -22.16 10.43
CA ALA D 73 33.57 -21.57 11.61
C ALA D 73 34.61 -22.49 12.23
N ASP D 74 34.32 -23.79 12.29
CA ASP D 74 35.25 -24.76 12.85
C ASP D 74 36.43 -25.07 11.94
N GLY D 75 36.59 -24.35 10.82
CA GLY D 75 37.70 -24.59 9.92
C GLY D 75 37.48 -25.76 8.98
N ARG D 76 36.39 -25.73 8.24
CA ARG D 76 36.05 -26.81 7.31
C ARG D 76 35.39 -26.20 6.08
N SER D 77 36.07 -26.25 4.95
CA SER D 77 35.56 -25.66 3.71
C SER D 77 34.66 -26.68 3.04
N ILE D 78 33.36 -26.48 3.15
CA ILE D 78 32.35 -27.36 2.57
C ILE D 78 31.97 -26.83 1.20
N GLN D 79 31.66 -27.74 0.29
CA GLN D 79 31.26 -27.39 -1.08
C GLN D 79 29.79 -27.69 -1.26
N VAL D 80 29.10 -26.84 -2.02
CA VAL D 80 27.66 -26.93 -2.23
C VAL D 80 27.40 -27.01 -3.73
N PRO D 81 26.60 -27.99 -4.20
CA PRO D 81 25.87 -29.01 -3.44
C PRO D 81 26.80 -30.04 -2.84
N ARG D 82 26.51 -30.50 -1.63
CA ARG D 82 27.44 -31.38 -0.93
C ARG D 82 27.46 -32.78 -1.54
N ALA D 83 28.66 -33.34 -1.65
CA ALA D 83 28.83 -34.63 -2.32
C ALA D 83 28.20 -35.77 -1.51
N GLU D 84 28.31 -35.73 -0.18
CA GLU D 84 27.82 -36.84 0.62
C GLU D 84 26.29 -36.90 0.60
N LYS D 85 25.61 -35.75 0.53
CA LYS D 85 24.16 -35.76 0.47
C LYS D 85 23.68 -36.29 -0.87
N THR D 86 24.31 -35.86 -1.96
CA THR D 86 23.94 -36.36 -3.27
C THR D 86 24.18 -37.86 -3.37
N ASP D 87 25.29 -38.32 -2.82
CA ASP D 87 25.64 -39.74 -2.88
C ASP D 87 24.69 -40.59 -2.04
N TYR D 88 24.22 -40.05 -0.91
CA TYR D 88 23.26 -40.77 -0.10
C TYR D 88 21.93 -40.91 -0.82
N GLU D 89 21.45 -39.82 -1.43
CA GLU D 89 20.14 -39.82 -2.06
C GLU D 89 20.10 -40.75 -3.27
N LEU D 90 21.13 -40.72 -4.09
CA LEU D 90 21.13 -41.52 -5.31
C LEU D 90 21.30 -43.01 -5.04
N ASN D 91 21.90 -43.37 -3.90
CA ASN D 91 22.15 -44.77 -3.59
C ASN D 91 21.13 -45.38 -2.63
N THR D 92 20.41 -44.57 -1.87
CA THR D 92 19.45 -45.12 -0.93
C THR D 92 18.39 -45.91 -1.67
N GLN D 93 18.13 -47.13 -1.21
CA GLN D 93 17.09 -47.98 -1.76
C GLN D 93 15.80 -47.69 -1.02
N LEU D 94 14.90 -46.96 -1.67
CA LEU D 94 13.63 -46.62 -1.04
C LEU D 94 12.78 -47.85 -0.85
N ARG D 95 12.14 -47.94 0.32
CA ARG D 95 11.20 -49.01 0.62
C ARG D 95 9.80 -48.61 0.16
N ALA D 96 9.69 -48.34 -1.14
CA ALA D 96 8.43 -47.95 -1.75
C ALA D 96 8.41 -48.44 -3.19
N GLU D 97 7.21 -48.66 -3.70
CA GLU D 97 7.02 -49.07 -5.07
C GLU D 97 6.18 -48.05 -5.80
N PRO D 98 6.58 -47.61 -6.99
CA PRO D 98 5.72 -46.71 -7.75
C PRO D 98 4.36 -47.32 -8.03
N THR D 99 3.31 -46.52 -7.87
CA THR D 99 1.96 -46.98 -8.15
C THR D 99 1.74 -47.21 -9.64
N ALA D 100 2.68 -46.77 -10.47
CA ALA D 100 2.67 -46.98 -11.89
C ALA D 100 4.09 -46.84 -12.40
N PRO D 101 4.44 -47.51 -13.50
CA PRO D 101 5.82 -47.41 -14.01
C PRO D 101 6.15 -46.11 -14.73
N TRP D 102 5.15 -45.36 -15.19
CA TRP D 102 5.46 -44.16 -15.94
C TRP D 102 6.00 -43.05 -15.03
N ASP D 103 6.69 -42.09 -15.63
CA ASP D 103 7.25 -40.98 -14.88
C ASP D 103 6.14 -40.11 -14.30
N GLY D 104 6.35 -39.66 -13.08
CA GLY D 104 5.37 -38.88 -12.38
C GLY D 104 4.39 -39.67 -11.55
N ALA D 105 4.47 -41.00 -11.57
CA ALA D 105 3.62 -41.79 -10.72
C ALA D 105 4.10 -41.71 -9.27
N PRO D 106 3.20 -41.56 -8.32
CA PRO D 106 3.61 -41.50 -6.90
C PRO D 106 4.10 -42.84 -6.40
N LEU D 107 4.97 -42.78 -5.40
CA LEU D 107 5.46 -43.96 -4.71
C LEU D 107 4.44 -44.39 -3.67
N GLU D 108 4.21 -45.70 -3.57
CA GLU D 108 3.42 -46.25 -2.48
C GLU D 108 4.34 -47.06 -1.58
N PRO D 109 4.51 -46.66 -0.31
CA PRO D 109 5.47 -47.35 0.56
C PRO D 109 5.11 -48.82 0.75
N THR D 110 6.15 -49.65 0.83
CA THR D 110 6.00 -51.09 1.00
C THR D 110 5.87 -51.46 2.47
N GLY D 111 6.87 -51.12 3.27
CA GLY D 111 6.86 -51.40 4.69
C GLY D 111 6.15 -50.32 5.47
N ASN D 112 6.79 -49.80 6.52
CA ASN D 112 6.19 -48.72 7.29
C ASN D 112 6.81 -47.41 6.85
N PRO D 113 6.06 -46.53 6.19
CA PRO D 113 6.67 -45.30 5.66
C PRO D 113 7.22 -44.38 6.73
N MET D 114 6.72 -44.48 7.96
CA MET D 114 7.14 -43.55 9.00
C MET D 114 8.56 -43.83 9.46
N VAL D 115 8.90 -45.10 9.67
CA VAL D 115 10.26 -45.44 10.07
C VAL D 115 11.20 -45.59 8.88
N ASP D 116 10.66 -45.70 7.66
CA ASP D 116 11.50 -45.84 6.47
C ASP D 116 11.81 -44.53 5.78
N GLY D 117 11.33 -43.40 6.29
CA GLY D 117 11.63 -42.11 5.72
C GLY D 117 11.08 -41.89 4.33
N LEU D 118 9.80 -42.23 4.12
CA LEU D 118 9.12 -42.03 2.87
C LEU D 118 8.20 -40.82 2.98
N GLY D 119 8.24 -39.95 1.97
CA GLY D 119 7.34 -38.82 1.89
C GLY D 119 7.49 -37.83 3.02
N PRO D 120 6.38 -37.48 3.67
CA PRO D 120 6.47 -36.55 4.81
C PRO D 120 7.29 -37.08 5.96
N ALA D 121 7.63 -38.37 5.96
CA ALA D 121 8.48 -38.95 6.98
C ALA D 121 9.96 -38.90 6.62
N ALA D 122 10.29 -38.34 5.47
CA ALA D 122 11.63 -38.43 4.93
C ALA D 122 12.60 -37.54 5.70
N TRP D 123 13.88 -37.91 5.65
CA TRP D 123 14.94 -37.13 6.27
C TRP D 123 16.04 -36.91 5.26
N ALA D 124 16.76 -35.80 5.43
CA ALA D 124 17.94 -35.53 4.63
C ALA D 124 19.16 -36.14 5.30
N LYS D 125 20.21 -36.31 4.50
CA LYS D 125 21.49 -36.78 5.02
C LYS D 125 22.24 -35.59 5.60
N ARG D 126 22.36 -35.54 6.92
CA ARG D 126 22.98 -34.41 7.60
C ARG D 126 24.18 -34.88 8.41
N GLU D 127 24.86 -33.92 9.01
CA GLU D 127 26.02 -34.21 9.84
C GLU D 127 25.61 -34.90 11.13
N ASP D 128 26.49 -35.74 11.63
CA ASP D 128 26.29 -36.42 12.91
C ASP D 128 26.99 -35.74 14.07
N GLU D 129 27.73 -34.66 13.81
CA GLU D 129 28.40 -33.93 14.86
C GLU D 129 27.47 -32.86 15.42
N PRO D 130 27.14 -32.89 16.71
CA PRO D 130 26.19 -31.91 17.25
C PRO D 130 26.70 -30.48 17.10
N GLU D 131 25.77 -29.58 16.81
CA GLU D 131 26.12 -28.20 16.51
C GLU D 131 26.66 -27.50 17.75
N VAL D 132 27.47 -26.46 17.52
CA VAL D 132 28.04 -25.66 18.58
C VAL D 132 27.68 -24.20 18.35
N THR D 133 27.67 -23.43 19.42
CA THR D 133 27.52 -22.00 19.33
C THR D 133 28.81 -21.38 18.79
N HIS D 134 28.81 -20.06 18.64
CA HIS D 134 30.04 -19.41 18.22
C HIS D 134 31.11 -19.53 19.29
N GLY D 135 30.71 -19.51 20.56
CA GLY D 135 31.63 -19.65 21.67
C GLY D 135 32.03 -21.06 22.03
N GLY D 136 31.46 -22.08 21.38
CA GLY D 136 31.85 -23.45 21.58
C GLY D 136 30.94 -24.26 22.48
N LYS D 137 29.89 -23.66 23.01
CA LYS D 137 28.94 -24.41 23.82
C LYS D 137 28.11 -25.34 22.94
N GLN D 138 27.45 -26.30 23.58
CA GLN D 138 26.54 -27.19 22.87
C GLN D 138 25.30 -26.41 22.44
N LYS D 139 25.02 -26.39 21.13
CA LYS D 139 23.97 -25.52 20.62
C LYS D 139 22.60 -25.93 21.13
N ILE D 140 22.16 -27.14 20.80
CA ILE D 140 20.88 -27.65 21.28
C ILE D 140 21.17 -28.62 22.42
N CYS D 141 20.82 -28.22 23.62
CA CYS D 141 21.02 -29.02 24.82
C CYS D 141 19.80 -28.91 25.71
N PRO D 142 19.50 -29.94 26.49
CA PRO D 142 18.37 -29.86 27.42
C PRO D 142 18.67 -28.90 28.56
N LEU D 143 17.60 -28.53 29.28
CA LEU D 143 17.74 -27.56 30.35
C LEU D 143 18.51 -28.11 31.55
N ARG D 144 18.72 -29.42 31.62
CA ARG D 144 19.48 -29.97 32.73
C ARG D 144 20.97 -29.68 32.59
N VAL D 145 21.45 -29.45 31.36
CA VAL D 145 22.84 -29.09 31.16
C VAL D 145 22.93 -27.61 30.81
N ALA D 146 21.91 -27.09 30.14
CA ALA D 146 21.83 -25.67 29.82
C ALA D 146 21.16 -24.91 30.96
N THR D 147 21.78 -25.04 32.13
CA THR D 147 21.20 -24.61 33.40
C THR D 147 21.08 -23.10 33.53
N GLU D 148 21.66 -22.32 32.62
CA GLU D 148 21.50 -20.87 32.69
C GLU D 148 20.14 -20.41 32.19
N PHE D 149 19.37 -21.30 31.55
CA PHE D 149 18.03 -20.99 31.09
C PHE D 149 17.01 -21.49 32.09
N GLU D 150 16.03 -20.65 32.41
CA GLU D 150 14.88 -21.09 33.17
C GLU D 150 13.62 -20.91 32.33
N VAL D 151 12.69 -21.84 32.49
CA VAL D 151 11.46 -21.79 31.71
C VAL D 151 10.66 -20.56 32.09
N GLY D 152 10.12 -19.87 31.10
CA GLY D 152 9.29 -18.71 31.34
C GLY D 152 10.02 -17.41 31.11
N MET D 153 9.62 -16.66 30.08
CA MET D 153 10.29 -15.40 29.79
C MET D 153 10.05 -14.38 30.90
N SER D 154 8.84 -14.30 31.41
CA SER D 154 8.48 -13.34 32.44
C SER D 154 8.15 -14.10 33.73
N ARG D 155 8.85 -13.78 34.81
CA ARG D 155 8.58 -14.43 36.08
C ARG D 155 7.21 -14.08 36.62
N ASP D 156 6.82 -12.81 36.52
CA ASP D 156 5.51 -12.40 37.01
C ASP D 156 4.39 -13.00 36.18
N VAL D 157 4.57 -13.05 34.86
CA VAL D 157 3.56 -13.68 34.01
C VAL D 157 3.49 -15.18 34.29
N ALA D 158 4.64 -15.81 34.48
CA ALA D 158 4.65 -17.24 34.75
C ALA D 158 4.04 -17.56 36.12
N ARG D 159 4.11 -16.63 37.06
CA ARG D 159 3.62 -16.86 38.41
C ARG D 159 2.13 -16.55 38.55
N PHE D 160 1.66 -15.48 37.92
CA PHE D 160 0.27 -15.03 38.11
C PHE D 160 -0.62 -15.36 36.93
N TRP D 161 -0.08 -15.52 35.73
CA TRP D 161 -0.85 -15.94 34.56
C TRP D 161 -0.10 -17.06 33.85
N PRO D 162 0.07 -18.21 34.51
CA PRO D 162 0.88 -19.28 33.92
C PRO D 162 0.29 -19.85 32.64
N GLU D 163 -0.98 -19.56 32.34
CA GLU D 163 -1.58 -20.08 31.12
C GLU D 163 -0.88 -19.54 29.88
N ILE D 164 -0.46 -18.27 29.89
CA ILE D 164 0.18 -17.69 28.71
C ILE D 164 1.69 -17.73 28.77
N ASP D 165 2.27 -18.10 29.91
CA ASP D 165 3.71 -18.32 30.04
C ASP D 165 3.92 -19.67 30.71
N PRO D 166 3.59 -20.76 30.02
CA PRO D 166 3.53 -22.07 30.68
C PRO D 166 4.91 -22.68 30.89
N ASP D 167 4.94 -23.67 31.77
CA ASP D 167 6.10 -24.53 31.98
C ASP D 167 5.63 -25.95 31.75
N PRO D 168 5.93 -26.55 30.59
CA PRO D 168 5.36 -27.86 30.26
C PRO D 168 6.01 -29.04 30.96
N ARG D 169 6.99 -28.82 31.83
CA ARG D 169 7.58 -29.92 32.57
C ARG D 169 6.53 -30.62 33.41
N GLY D 170 6.53 -31.94 33.36
CA GLY D 170 5.53 -32.72 34.04
C GLY D 170 4.19 -32.82 33.34
N TYR D 171 4.07 -32.33 32.12
CA TYR D 171 2.81 -32.40 31.39
C TYR D 171 2.62 -33.79 30.78
N GLN D 172 1.36 -34.21 30.72
CA GLN D 172 1.04 -35.44 30.02
C GLN D 172 0.93 -35.18 28.51
N VAL D 173 1.41 -36.14 27.73
CA VAL D 173 1.40 -36.06 26.27
C VAL D 173 0.31 -36.99 25.75
N LEU D 174 -0.50 -36.48 24.84
CA LEU D 174 -1.52 -37.28 24.16
C LEU D 174 -1.25 -37.28 22.65
N GLY D 175 -1.50 -38.42 22.01
CA GLY D 175 -1.39 -38.52 20.58
C GLY D 175 -2.65 -38.03 19.88
N CYS D 176 -2.66 -38.20 18.56
CA CYS D 176 -3.81 -37.77 17.76
C CYS D 176 -5.07 -38.53 18.13
N ASP D 177 -4.95 -39.71 18.71
CA ASP D 177 -6.08 -40.53 19.11
C ASP D 177 -6.45 -40.33 20.57
N GLY D 178 -5.91 -39.31 21.22
CA GLY D 178 -6.25 -38.98 22.59
C GLY D 178 -5.60 -39.84 23.65
N LYS D 179 -4.86 -40.87 23.26
CA LYS D 179 -4.25 -41.77 24.23
C LYS D 179 -3.03 -41.11 24.86
N VAL D 180 -2.74 -41.49 26.10
CA VAL D 180 -1.62 -40.91 26.85
C VAL D 180 -0.34 -41.60 26.42
N ALA D 181 0.64 -40.81 25.99
CA ALA D 181 1.93 -41.35 25.59
C ALA D 181 2.95 -41.32 26.72
N GLY D 182 2.83 -40.39 27.65
CA GLY D 182 3.80 -40.30 28.72
C GLY D 182 3.80 -38.90 29.34
N LYS D 183 4.95 -38.56 29.93
CA LYS D 183 5.13 -37.31 30.66
C LYS D 183 6.36 -36.59 30.14
N ILE D 184 6.24 -35.26 30.01
CA ILE D 184 7.38 -34.44 29.65
C ILE D 184 8.31 -34.32 30.85
N VAL D 185 9.57 -34.70 30.66
CA VAL D 185 10.56 -34.62 31.72
C VAL D 185 11.52 -33.45 31.56
N ASP D 186 11.76 -32.99 30.34
CA ASP D 186 12.76 -31.96 30.13
C ASP D 186 12.41 -31.17 28.88
N ILE D 187 13.08 -30.03 28.73
CA ILE D 187 12.94 -29.16 27.58
C ILE D 187 14.32 -28.93 27.00
N TRP D 188 14.42 -29.03 25.68
CA TRP D 188 15.67 -28.78 24.97
C TRP D 188 15.64 -27.39 24.36
N VAL D 189 16.71 -26.65 24.54
CA VAL D 189 16.76 -25.27 24.07
C VAL D 189 17.97 -25.10 23.17
N ASP D 190 17.80 -24.24 22.18
CA ASP D 190 18.88 -23.83 21.30
C ASP D 190 19.56 -22.62 21.92
N ARG D 191 20.86 -22.75 22.23
CA ARG D 191 21.57 -21.65 22.87
C ARG D 191 21.71 -20.45 21.93
N GLY D 192 21.72 -20.67 20.62
CA GLY D 192 21.76 -19.57 19.67
C GLY D 192 20.39 -18.97 19.40
N GLU D 193 19.39 -19.81 19.20
CA GLU D 193 18.05 -19.35 18.87
C GLU D 193 17.25 -18.90 20.08
N LEU D 194 17.72 -19.21 21.29
CA LEU D 194 17.07 -18.79 22.54
C LEU D 194 15.62 -19.24 22.61
N ARG D 195 15.32 -20.38 22.01
CA ARG D 195 13.97 -20.92 21.97
C ARG D 195 13.98 -22.38 22.40
N PRO D 196 12.88 -22.85 22.97
CA PRO D 196 12.68 -24.30 23.08
C PRO D 196 12.59 -24.92 21.71
N MET D 197 13.15 -26.11 21.57
CA MET D 197 13.09 -26.86 20.33
C MET D 197 12.46 -28.23 20.49
N TYR D 198 12.74 -28.92 21.59
CA TYR D 198 12.23 -30.26 21.81
C TYR D 198 11.70 -30.37 23.23
N LEU D 199 10.70 -31.21 23.40
CA LEU D 199 10.15 -31.56 24.70
C LEU D 199 10.46 -33.03 24.93
N GLU D 200 11.49 -33.31 25.71
CA GLU D 200 11.83 -34.68 26.04
C GLU D 200 10.76 -35.25 26.95
N MET D 201 10.29 -36.45 26.62
CA MET D 201 9.27 -37.12 27.41
C MET D 201 9.73 -38.54 27.70
N ASP D 202 9.16 -39.11 28.74
CA ASP D 202 9.28 -40.53 29.00
C ASP D 202 8.08 -41.25 28.40
N LEU D 203 8.20 -42.57 28.29
CA LEU D 203 7.15 -43.40 27.71
C LEU D 203 6.34 -44.13 28.77
N SER D 204 6.06 -43.47 29.89
CA SER D 204 5.39 -44.13 31.01
C SER D 204 3.98 -44.60 30.65
N GLY D 205 3.41 -44.07 29.57
CA GLY D 205 2.05 -44.43 29.20
C GLY D 205 1.91 -45.58 28.23
N VAL D 206 2.89 -45.72 27.33
CA VAL D 206 2.84 -46.72 26.27
C VAL D 206 4.09 -47.57 26.18
N GLY D 207 5.03 -47.41 27.10
CA GLY D 207 6.24 -48.20 27.11
C GLY D 207 6.96 -48.10 28.44
N SER D 208 8.30 -48.14 28.41
CA SER D 208 9.08 -48.03 29.63
C SER D 208 9.12 -46.60 30.13
N SER D 209 8.88 -46.42 31.42
CA SER D 209 8.98 -45.10 32.04
C SER D 209 10.42 -44.56 32.01
N GLY D 210 11.41 -45.45 31.91
CA GLY D 210 12.78 -45.01 31.83
C GLY D 210 13.25 -44.61 30.45
N ASP D 211 12.44 -44.88 29.43
CA ASP D 211 12.79 -44.49 28.07
C ASP D 211 12.57 -43.00 27.85
N ARG D 212 13.41 -42.41 27.02
CA ARG D 212 13.35 -40.99 26.73
C ARG D 212 13.18 -40.78 25.23
N VAL D 213 12.32 -39.84 24.86
CA VAL D 213 12.01 -39.55 23.47
C VAL D 213 11.84 -38.04 23.32
N LEU D 214 12.27 -37.51 22.17
CA LEU D 214 12.18 -36.08 21.90
C LEU D 214 10.94 -35.80 21.07
N LEU D 215 10.15 -34.82 21.50
CA LEU D 215 8.98 -34.36 20.75
C LEU D 215 9.25 -32.96 20.24
N PRO D 216 9.32 -32.73 18.94
CA PRO D 216 9.55 -31.37 18.44
C PRO D 216 8.44 -30.43 18.87
N ILE D 217 8.83 -29.20 19.22
CA ILE D 217 7.88 -28.25 19.80
C ILE D 217 6.81 -27.86 18.79
N ASN D 218 7.17 -27.75 17.51
CA ASN D 218 6.19 -27.37 16.50
C ASN D 218 5.17 -28.47 16.23
N PHE D 219 5.40 -29.67 16.73
CA PHE D 219 4.40 -30.72 16.68
C PHE D 219 3.60 -30.83 17.97
N ALA D 220 3.98 -30.06 19.00
CA ALA D 220 3.35 -30.12 20.30
C ALA D 220 2.46 -28.92 20.48
N ARG D 221 1.23 -29.16 20.90
CA ARG D 221 0.25 -28.11 21.17
C ARG D 221 0.08 -28.05 22.69
N VAL D 222 0.95 -27.28 23.33
CA VAL D 222 0.97 -27.15 24.79
C VAL D 222 -0.32 -26.49 25.23
N GLY D 223 -1.20 -27.25 25.88
CA GLY D 223 -2.52 -26.76 26.22
C GLY D 223 -2.54 -25.91 27.47
N TYR D 224 -3.76 -25.59 27.91
CA TYR D 224 -3.98 -24.84 29.13
C TYR D 224 -4.40 -25.71 30.30
N ASP D 225 -4.45 -27.03 30.11
CA ASP D 225 -4.91 -27.96 31.14
C ASP D 225 -3.85 -28.99 31.47
N SER D 226 -2.58 -28.59 31.40
CA SER D 226 -1.43 -29.44 31.73
C SER D 226 -1.35 -30.67 30.85
N LYS D 227 -1.86 -30.57 29.62
CA LYS D 227 -1.77 -31.65 28.65
C LYS D 227 -1.21 -31.10 27.35
N VAL D 228 -0.31 -31.87 26.74
CA VAL D 228 0.29 -31.52 25.46
C VAL D 228 -0.27 -32.48 24.43
N ARG D 229 -0.91 -31.93 23.41
CA ARG D 229 -1.60 -32.71 22.41
C ARG D 229 -0.78 -32.71 21.13
N VAL D 230 -0.34 -33.88 20.71
CA VAL D 230 0.40 -34.06 19.47
C VAL D 230 -0.59 -34.62 18.46
N ASN D 231 -0.89 -33.84 17.43
CA ASN D 231 -1.77 -34.29 16.37
C ASN D 231 -1.03 -35.09 15.31
N ALA D 232 0.30 -35.13 15.36
CA ALA D 232 1.07 -35.75 14.30
C ALA D 232 0.91 -37.26 14.30
N ILE D 233 1.07 -37.89 15.47
CA ILE D 233 1.13 -39.34 15.55
C ILE D 233 0.23 -39.83 16.66
N THR D 234 -0.19 -41.09 16.53
CA THR D 234 -0.94 -41.78 17.56
C THR D 234 -0.08 -41.95 18.81
N GLY D 235 -0.73 -42.01 19.97
CA GLY D 235 -0.01 -42.18 21.22
C GLY D 235 0.84 -43.44 21.23
N GLN D 236 0.33 -44.53 20.65
CA GLN D 236 1.10 -45.76 20.57
C GLN D 236 2.33 -45.59 19.69
N GLN D 237 2.31 -44.63 18.78
CA GLN D 237 3.43 -44.43 17.86
C GLN D 237 4.59 -43.65 18.47
N PHE D 238 4.45 -43.14 19.70
CA PHE D 238 5.58 -42.48 20.34
C PHE D 238 6.72 -43.43 20.64
N THR D 239 6.46 -44.75 20.67
CA THR D 239 7.50 -45.71 21.01
C THR D 239 8.54 -45.85 19.89
N ASP D 240 8.16 -45.63 18.64
CA ASP D 240 9.07 -45.78 17.52
C ASP D 240 9.76 -44.48 17.14
N VAL D 241 9.57 -43.41 17.91
CA VAL D 241 10.30 -42.18 17.63
C VAL D 241 11.80 -42.47 17.77
N PRO D 242 12.63 -42.08 16.80
CA PRO D 242 14.05 -42.43 16.87
C PRO D 242 14.70 -41.90 18.14
N ARG D 243 15.58 -42.71 18.71
CA ARG D 243 16.25 -42.39 19.96
C ARG D 243 17.54 -41.63 19.68
N LEU D 244 17.98 -40.86 20.67
CA LEU D 244 19.24 -40.16 20.55
C LEU D 244 20.40 -41.13 20.72
N ARG D 245 21.48 -40.91 19.97
CA ARG D 245 22.70 -41.67 20.18
C ARG D 245 23.26 -41.42 21.57
N GLU D 246 23.25 -40.16 21.99
CA GLU D 246 23.68 -39.76 23.32
C GLU D 246 22.53 -39.03 24.00
N ALA D 247 22.31 -39.34 25.28
CA ALA D 247 21.10 -38.87 25.95
C ALA D 247 21.09 -37.36 26.14
N ASP D 248 22.25 -36.71 26.01
CA ASP D 248 22.39 -35.29 26.30
C ASP D 248 22.71 -34.44 25.07
N ARG D 249 22.78 -35.03 23.88
CA ARG D 249 23.09 -34.25 22.68
C ARG D 249 22.23 -34.75 21.53
N ILE D 250 22.06 -33.88 20.54
CA ILE D 250 21.39 -34.25 19.30
C ILE D 250 22.16 -33.67 18.13
N SER D 251 22.51 -34.52 17.18
CA SER D 251 23.13 -34.10 15.94
C SER D 251 22.08 -33.52 15.01
N PRO D 252 22.49 -32.73 14.01
CA PRO D 252 21.51 -32.27 13.02
C PRO D 252 20.83 -33.42 12.30
N GLN D 253 21.52 -34.55 12.18
CA GLN D 253 20.90 -35.73 11.58
C GLN D 253 19.74 -36.24 12.42
N GLU D 254 19.94 -36.35 13.73
CA GLU D 254 18.87 -36.85 14.58
C GLU D 254 17.71 -35.86 14.65
N GLU D 255 17.98 -34.56 14.47
CA GLU D 255 16.89 -33.61 14.32
C GLU D 255 16.05 -33.93 13.08
N ASP D 256 16.70 -34.34 11.99
CA ASP D 256 15.95 -34.72 10.80
C ASP D 256 15.28 -36.08 10.96
N PHE D 257 15.87 -36.98 11.74
CA PHE D 257 15.20 -38.24 12.06
C PHE D 257 13.94 -38.00 12.87
N ILE D 258 14.03 -37.15 13.89
CA ILE D 258 12.94 -37.00 14.86
C ILE D 258 11.82 -36.14 14.28
N THR D 259 12.15 -34.99 13.72
CA THR D 259 11.12 -34.18 13.09
C THR D 259 10.54 -34.89 11.87
N GLY D 260 11.36 -35.67 11.18
CA GLY D 260 10.88 -36.42 10.05
C GLY D 260 9.85 -37.46 10.43
N TYR D 261 10.09 -38.16 11.54
CA TYR D 261 9.15 -39.19 11.99
C TYR D 261 7.80 -38.59 12.33
N PHE D 262 7.79 -37.46 13.02
CA PHE D 262 6.51 -36.84 13.38
C PHE D 262 5.82 -36.27 12.15
N GLY D 263 6.59 -35.70 11.23
CA GLY D 263 6.00 -35.20 10.00
C GLY D 263 5.34 -36.30 9.18
N GLY D 264 5.90 -37.50 9.22
CA GLY D 264 5.30 -38.63 8.54
C GLY D 264 3.94 -39.02 9.09
N GLY D 265 3.68 -38.73 10.36
CA GLY D 265 2.37 -38.99 10.92
C GLY D 265 1.26 -38.23 10.24
N VAL D 266 1.57 -37.08 9.62
CA VAL D 266 0.55 -36.28 8.96
C VAL D 266 -0.17 -37.08 7.88
N LEU D 267 0.50 -38.06 7.28
CA LEU D 267 -0.13 -38.93 6.29
C LEU D 267 -0.36 -40.35 6.77
N TYR D 268 0.53 -40.89 7.60
CA TYR D 268 0.54 -42.32 7.88
C TYR D 268 0.18 -42.67 9.31
N ALA D 269 -0.07 -41.69 10.19
CA ALA D 269 -0.31 -42.01 11.60
C ALA D 269 -1.55 -42.87 11.76
N VAL D 270 -2.62 -42.53 11.06
CA VAL D 270 -3.86 -43.29 11.12
C VAL D 270 -4.35 -43.52 9.71
N PRO D 271 -5.10 -44.59 9.44
CA PRO D 271 -5.71 -44.76 8.12
C PRO D 271 -6.67 -43.63 7.80
N GLY D 272 -6.75 -43.28 6.52
CA GLY D 272 -7.67 -42.28 6.03
C GLY D 272 -7.06 -40.91 5.84
N ARG D 273 -5.94 -40.61 6.48
CA ARG D 273 -5.25 -39.34 6.24
C ARG D 273 -4.74 -39.27 4.80
N THR D 274 -4.19 -40.38 4.29
CA THR D 274 -3.81 -40.43 2.89
C THR D 274 -5.02 -40.25 1.97
N GLU D 275 -6.19 -40.72 2.40
CA GLU D 275 -7.37 -40.71 1.55
C GLU D 275 -7.97 -39.31 1.46
N PRO D 276 -8.51 -38.94 0.29
CA PRO D 276 -9.08 -37.60 0.13
C PRO D 276 -10.34 -37.41 0.96
N PHE D 277 -10.78 -36.15 1.01
CA PHE D 277 -12.06 -35.85 1.64
C PHE D 277 -13.20 -36.54 0.93
N LEU D 278 -13.08 -36.70 -0.39
CA LEU D 278 -14.13 -37.29 -1.18
C LEU D 278 -13.58 -37.74 -2.52
N MET E 1 0.92 -47.41 -34.78
CA MET E 1 0.47 -46.22 -34.07
C MET E 1 -0.09 -46.60 -32.71
N TRP E 2 -0.30 -47.90 -32.51
CA TRP E 2 -0.65 -48.42 -31.18
C TRP E 2 0.49 -48.21 -30.18
N ARG E 3 1.72 -48.07 -30.66
CA ARG E 3 2.88 -47.95 -29.78
C ARG E 3 2.93 -46.60 -29.06
N LEU E 4 2.07 -45.66 -29.45
CA LEU E 4 2.00 -44.40 -28.72
C LEU E 4 1.66 -44.62 -27.25
N TRP E 5 0.97 -45.72 -26.94
CA TRP E 5 0.60 -46.03 -25.57
C TRP E 5 1.67 -46.82 -24.84
N LYS E 6 2.73 -47.25 -25.52
CA LYS E 6 3.94 -47.68 -24.85
C LYS E 6 4.76 -46.50 -24.36
N LEU E 7 4.35 -45.28 -24.69
CA LEU E 7 5.02 -44.07 -24.28
C LEU E 7 4.22 -43.23 -23.30
N TYR E 8 2.93 -43.07 -23.53
CA TYR E 8 2.08 -42.24 -22.68
C TYR E 8 1.08 -43.11 -21.95
N ASP E 9 0.95 -42.86 -20.66
CA ASP E 9 0.00 -43.59 -19.85
C ASP E 9 -1.41 -43.22 -20.27
N PRO E 10 -2.28 -44.20 -20.48
CA PRO E 10 -3.66 -43.89 -20.91
C PRO E 10 -4.41 -42.96 -19.97
N ARG E 11 -4.12 -42.99 -18.66
CA ARG E 11 -4.82 -42.12 -17.74
C ARG E 11 -4.45 -40.66 -17.96
N ARG E 12 -3.18 -40.39 -18.24
CA ARG E 12 -2.74 -39.00 -18.36
C ARG E 12 -3.14 -38.39 -19.69
N VAL E 13 -3.03 -39.13 -20.79
CA VAL E 13 -3.41 -38.56 -22.07
C VAL E 13 -4.91 -38.31 -22.12
N LEU E 14 -5.69 -39.19 -21.49
CA LEU E 14 -7.14 -38.99 -21.48
C LEU E 14 -7.53 -37.81 -20.60
N ILE E 15 -6.82 -37.60 -19.51
CA ILE E 15 -7.08 -36.41 -18.69
C ILE E 15 -6.73 -35.15 -19.46
N GLY E 16 -5.61 -35.19 -20.20
CA GLY E 16 -5.21 -34.03 -20.98
C GLY E 16 -6.08 -33.79 -22.21
N ILE E 17 -6.47 -34.87 -22.88
CA ILE E 17 -7.37 -34.76 -24.02
C ILE E 17 -8.73 -34.25 -23.59
N PHE E 18 -9.27 -34.78 -22.48
CA PHE E 18 -10.59 -34.34 -22.05
C PHE E 18 -10.54 -32.91 -21.54
N SER E 19 -9.46 -32.52 -20.87
CA SER E 19 -9.30 -31.13 -20.47
C SER E 19 -9.20 -30.23 -21.69
N TRP E 20 -8.51 -30.69 -22.73
CA TRP E 20 -8.44 -29.91 -23.97
C TRP E 20 -9.82 -29.79 -24.62
N LEU E 21 -10.58 -30.87 -24.63
CA LEU E 21 -11.91 -30.82 -25.25
C LEU E 21 -12.84 -29.90 -24.48
N ALA E 22 -12.78 -29.94 -23.14
CA ALA E 22 -13.63 -29.08 -22.34
C ALA E 22 -13.30 -27.61 -22.58
N VAL E 23 -12.02 -27.26 -22.61
CA VAL E 23 -11.63 -25.89 -22.91
C VAL E 23 -12.10 -25.50 -24.30
N LEU E 24 -11.86 -26.38 -25.28
CA LEU E 24 -12.18 -26.07 -26.67
C LEU E 24 -13.68 -25.88 -26.86
N ALA E 25 -14.49 -26.76 -26.30
CA ALA E 25 -15.94 -26.66 -26.51
C ALA E 25 -16.47 -25.37 -25.91
N LEU E 26 -15.99 -24.99 -24.74
CA LEU E 26 -16.46 -23.77 -24.11
C LEU E 26 -16.00 -22.54 -24.86
N VAL E 27 -14.75 -22.54 -25.35
CA VAL E 27 -14.26 -21.38 -26.07
C VAL E 27 -15.03 -21.18 -27.37
N ILE E 28 -15.30 -22.28 -28.10
CA ILE E 28 -16.01 -22.14 -29.36
C ILE E 28 -17.47 -21.77 -29.11
N HIS E 29 -18.10 -22.40 -28.13
CA HIS E 29 -19.49 -22.05 -27.81
C HIS E 29 -19.59 -20.60 -27.36
N PHE E 30 -18.64 -20.13 -26.56
CA PHE E 30 -18.66 -18.76 -26.08
C PHE E 30 -18.35 -17.76 -27.17
N ILE E 31 -17.42 -18.10 -28.06
CA ILE E 31 -17.11 -17.23 -29.19
C ILE E 31 -18.34 -17.05 -30.07
N LEU E 32 -19.11 -18.12 -30.27
CA LEU E 32 -20.35 -18.02 -31.01
C LEU E 32 -21.36 -17.15 -30.28
N LEU E 33 -21.39 -17.22 -28.96
CA LEU E 33 -22.26 -16.33 -28.19
C LEU E 33 -21.81 -14.88 -28.30
N SER E 34 -20.53 -14.64 -28.59
CA SER E 34 -20.05 -13.28 -28.80
C SER E 34 -20.52 -12.73 -30.14
N THR E 35 -20.61 -13.57 -31.16
CA THR E 35 -20.99 -13.09 -32.48
C THR E 35 -22.49 -12.83 -32.55
N ASP E 36 -22.86 -11.87 -33.41
CA ASP E 36 -24.26 -11.53 -33.56
C ASP E 36 -25.02 -12.57 -34.38
N ARG E 37 -24.32 -13.25 -35.28
CA ARG E 37 -24.96 -14.18 -36.21
C ARG E 37 -25.17 -15.55 -35.60
N PHE E 38 -24.27 -15.98 -34.71
CA PHE E 38 -24.31 -17.32 -34.17
C PHE E 38 -24.73 -17.34 -32.70
N ASN E 39 -25.14 -16.21 -32.15
CA ASN E 39 -25.70 -16.16 -30.81
C ASN E 39 -27.12 -16.68 -30.93
N TRP E 40 -27.27 -18.00 -30.76
CA TRP E 40 -28.55 -18.64 -30.99
C TRP E 40 -29.58 -18.24 -29.93
N VAL E 41 -29.16 -18.15 -28.67
CA VAL E 41 -30.09 -17.71 -27.63
C VAL E 41 -30.38 -16.23 -27.78
N GLY E 42 -29.41 -15.44 -28.24
CA GLY E 42 -29.69 -14.06 -28.57
C GLY E 42 -30.66 -13.91 -29.73
N GLY E 43 -30.58 -14.81 -30.70
CA GLY E 43 -31.57 -14.90 -31.75
C GLY E 43 -31.65 -13.72 -32.70
N ALA E 44 -30.51 -13.23 -33.16
CA ALA E 44 -30.54 -12.20 -34.19
C ALA E 44 -31.00 -12.80 -35.52
N ALA E 45 -31.27 -11.92 -36.48
CA ALA E 45 -31.70 -12.32 -37.81
C ALA E 45 -30.52 -12.26 -38.77
N VAL E 46 -30.73 -12.80 -39.98
CA VAL E 46 -29.71 -12.77 -41.00
C VAL E 46 -30.10 -11.77 -42.08
N SER F 6 8.53 -51.55 -21.44
CA SER F 6 8.19 -50.23 -21.97
C SER F 6 7.90 -49.24 -20.86
N LEU F 7 7.91 -47.96 -21.20
CA LEU F 7 7.32 -46.95 -20.33
C LEU F 7 5.81 -47.16 -20.27
N THR F 8 5.20 -46.72 -19.18
CA THR F 8 3.80 -46.92 -18.82
C THR F 8 3.46 -48.36 -18.51
N GLY F 9 4.39 -49.30 -18.70
CA GLY F 9 4.20 -50.67 -18.30
C GLY F 9 3.06 -51.40 -18.97
N LEU F 10 2.66 -50.97 -20.17
CA LEU F 10 1.59 -51.63 -20.90
C LEU F 10 2.18 -52.66 -21.85
N SER F 11 1.65 -53.89 -21.79
CA SER F 11 2.04 -54.90 -22.74
C SER F 11 1.58 -54.50 -24.13
N ASP F 12 2.19 -55.10 -25.15
CA ASP F 12 1.85 -54.76 -26.53
C ASP F 12 0.38 -55.02 -26.80
N GLU F 13 -0.16 -56.10 -26.23
CA GLU F 13 -1.58 -56.39 -26.42
C GLU F 13 -2.46 -55.36 -25.73
N GLU F 14 -2.05 -54.91 -24.54
CA GLU F 14 -2.77 -53.83 -23.87
C GLU F 14 -2.70 -52.52 -24.66
N ALA F 15 -1.54 -52.23 -25.26
CA ALA F 15 -1.43 -51.05 -26.11
C ALA F 15 -2.33 -51.18 -27.33
N LYS F 16 -2.41 -52.37 -27.92
CA LYS F 16 -3.26 -52.55 -29.08
C LYS F 16 -4.73 -52.52 -28.70
N GLU F 17 -5.07 -53.06 -27.53
CA GLU F 17 -6.47 -53.05 -27.10
C GLU F 17 -6.92 -51.64 -26.73
N PHE F 18 -6.09 -50.90 -26.00
CA PHE F 18 -6.41 -49.51 -25.71
C PHE F 18 -6.50 -48.69 -26.99
N HIS F 19 -5.69 -49.03 -27.99
CA HIS F 19 -5.72 -48.29 -29.24
C HIS F 19 -7.07 -48.44 -29.95
N SER F 20 -7.60 -49.67 -29.99
CA SER F 20 -8.86 -49.88 -30.69
C SER F 20 -10.01 -49.17 -30.00
N ILE F 21 -10.07 -49.24 -28.67
CA ILE F 21 -11.12 -48.54 -27.95
C ILE F 21 -10.94 -47.04 -28.06
N PHE F 22 -9.70 -46.56 -28.03
CA PHE F 22 -9.44 -45.14 -28.21
C PHE F 22 -9.87 -44.67 -29.59
N MET F 23 -9.52 -45.43 -30.62
CA MET F 23 -9.89 -45.03 -31.97
C MET F 23 -11.40 -45.15 -32.19
N GLN F 24 -12.04 -46.11 -31.53
CA GLN F 24 -13.49 -46.20 -31.61
C GLN F 24 -14.14 -45.01 -30.92
N SER F 25 -13.72 -44.72 -29.69
CA SER F 25 -14.28 -43.58 -28.96
C SER F 25 -14.03 -42.28 -29.72
N PHE F 26 -12.90 -42.20 -30.44
CA PHE F 26 -12.59 -40.99 -31.19
C PHE F 26 -13.48 -40.86 -32.42
N LEU F 27 -13.76 -41.97 -33.11
CA LEU F 27 -14.60 -41.88 -34.30
C LEU F 27 -16.05 -41.59 -33.92
N ILE F 28 -16.53 -42.16 -32.81
CA ILE F 28 -17.89 -41.88 -32.36
C ILE F 28 -18.01 -40.42 -31.92
N PHE F 29 -17.02 -39.91 -31.19
CA PHE F 29 -17.05 -38.51 -30.80
C PHE F 29 -16.98 -37.61 -32.01
N THR F 30 -16.13 -37.94 -32.98
CA THR F 30 -16.00 -37.13 -34.19
C THR F 30 -17.24 -37.23 -35.07
N ALA F 31 -17.84 -38.42 -35.17
CA ALA F 31 -19.01 -38.58 -36.02
C ALA F 31 -20.17 -37.74 -35.52
N VAL F 32 -20.37 -37.70 -34.21
CA VAL F 32 -21.42 -36.86 -33.63
C VAL F 32 -21.13 -35.39 -33.94
N ALA F 33 -19.87 -34.99 -33.84
CA ALA F 33 -19.50 -33.62 -34.20
C ALA F 33 -19.77 -33.34 -35.67
N VAL F 34 -19.49 -34.31 -36.54
CA VAL F 34 -19.77 -34.12 -37.96
C VAL F 34 -21.25 -33.90 -38.17
N VAL F 35 -22.08 -34.71 -37.52
CA VAL F 35 -23.53 -34.54 -37.61
C VAL F 35 -23.95 -33.19 -37.06
N ALA F 36 -23.41 -32.81 -35.90
CA ALA F 36 -23.75 -31.53 -35.30
C ALA F 36 -23.36 -30.37 -36.20
N HIS F 37 -22.25 -30.50 -36.90
CA HIS F 37 -21.83 -29.47 -37.85
C HIS F 37 -22.72 -29.45 -39.07
N PHE F 38 -23.22 -30.60 -39.50
CA PHE F 38 -24.17 -30.62 -40.60
C PHE F 38 -25.46 -29.92 -40.22
N LEU F 39 -25.95 -30.15 -38.98
CA LEU F 39 -27.11 -29.42 -38.51
C LEU F 39 -26.80 -27.94 -38.35
N ALA F 40 -25.61 -27.61 -37.84
CA ALA F 40 -25.25 -26.22 -37.63
C ALA F 40 -25.14 -25.49 -38.96
N TRP F 41 -24.63 -26.16 -39.99
CA TRP F 41 -24.50 -25.53 -41.30
C TRP F 41 -25.85 -25.31 -41.94
N ALA F 42 -26.77 -26.27 -41.81
CA ALA F 42 -28.12 -26.06 -42.34
C ALA F 42 -28.81 -24.91 -41.65
N TRP F 43 -28.47 -24.66 -40.38
CA TRP F 43 -29.04 -23.52 -39.67
C TRP F 43 -28.50 -22.21 -40.20
N ARG F 44 -27.19 -21.99 -40.05
CA ARG F 44 -26.56 -20.80 -40.58
C ARG F 44 -25.14 -21.14 -41.06
N PRO F 45 -24.91 -21.10 -42.37
CA PRO F 45 -23.56 -21.34 -42.89
C PRO F 45 -22.57 -20.33 -42.35
N TRP F 46 -21.34 -20.78 -42.13
CA TRP F 46 -20.32 -19.95 -41.51
C TRP F 46 -19.17 -19.60 -42.45
N ILE F 47 -19.32 -19.83 -43.74
CA ILE F 47 -18.33 -19.39 -44.72
C ILE F 47 -18.96 -18.31 -45.57
N PRO F 48 -18.69 -17.03 -45.31
CA PRO F 48 -19.38 -15.97 -46.04
C PRO F 48 -19.00 -15.94 -47.51
N GLY F 49 -19.96 -15.54 -48.33
CA GLY F 49 -19.69 -15.32 -49.73
C GLY F 49 -18.86 -14.07 -49.92
N ALA F 50 -18.56 -13.78 -51.18
CA ALA F 50 -17.68 -12.66 -51.50
C ALA F 50 -18.30 -11.33 -51.06
N GLU F 51 -19.62 -11.27 -50.99
CA GLU F 51 -20.29 -10.05 -50.54
C GLU F 51 -20.66 -10.07 -49.08
N GLY F 52 -20.20 -11.06 -48.32
CA GLY F 52 -20.49 -11.12 -46.90
C GLY F 52 -21.62 -12.06 -46.55
N TYR F 53 -22.47 -11.65 -45.62
CA TYR F 53 -23.63 -12.46 -45.25
C TYR F 53 -24.92 -11.77 -45.69
N MET G 1 15.37 -39.21 -41.54
CA MET G 1 15.55 -38.30 -40.40
C MET G 1 15.12 -38.96 -39.10
N TRP G 2 15.18 -40.29 -39.07
CA TRP G 2 14.96 -41.02 -37.84
C TRP G 2 16.10 -40.84 -36.86
N ARG G 3 17.26 -40.40 -37.33
CA ARG G 3 18.38 -40.09 -36.47
C ARG G 3 18.11 -38.88 -35.59
N MET G 4 17.04 -38.14 -35.87
CA MET G 4 16.62 -37.05 -34.99
C MET G 4 16.26 -37.56 -33.61
N TRP G 5 15.73 -38.79 -33.53
CA TRP G 5 15.34 -39.35 -32.24
C TRP G 5 16.50 -39.97 -31.50
N LYS G 6 17.66 -40.08 -32.12
CA LYS G 6 18.89 -40.36 -31.40
C LYS G 6 19.39 -39.15 -30.63
N ILE G 7 18.87 -37.95 -30.93
CA ILE G 7 19.26 -36.72 -30.25
C ILE G 7 18.15 -36.25 -29.31
N LEU G 8 16.98 -35.95 -29.86
CA LEU G 8 15.87 -35.44 -29.07
C LEU G 8 15.00 -36.59 -28.59
N ASP G 9 14.60 -36.52 -27.32
CA ASP G 9 13.65 -37.49 -26.79
C ASP G 9 12.36 -37.40 -27.56
N TYR G 10 11.89 -38.54 -28.08
CA TYR G 10 10.73 -38.51 -28.94
C TYR G 10 9.46 -38.18 -28.17
N ARG G 11 9.34 -38.66 -26.93
CA ARG G 11 8.14 -38.36 -26.15
C ARG G 11 8.01 -36.87 -25.88
N ARG G 12 9.03 -36.28 -25.25
CA ARG G 12 8.95 -34.88 -24.87
C ARG G 12 8.82 -33.97 -26.08
N THR G 13 9.42 -34.35 -27.21
CA THR G 13 9.25 -33.59 -28.44
C THR G 13 7.80 -33.64 -28.92
N VAL G 14 7.17 -34.81 -28.87
CA VAL G 14 5.79 -34.94 -29.32
C VAL G 14 4.86 -34.13 -28.43
N VAL G 15 5.04 -34.20 -27.11
CA VAL G 15 4.22 -33.37 -26.23
C VAL G 15 4.45 -31.89 -26.53
N LEU G 16 5.72 -31.50 -26.70
CA LEU G 16 6.04 -30.11 -27.02
C LEU G 16 5.44 -29.71 -28.36
N ALA G 17 5.42 -30.63 -29.33
CA ALA G 17 4.83 -30.33 -30.63
C ALA G 17 3.33 -30.07 -30.53
N HIS G 18 2.64 -30.84 -29.69
CA HIS G 18 1.19 -30.66 -29.58
C HIS G 18 0.84 -29.39 -28.81
N VAL G 19 1.57 -29.10 -27.73
CA VAL G 19 1.28 -27.89 -26.98
C VAL G 19 1.65 -26.65 -27.80
N GLY G 20 2.80 -26.68 -28.48
CA GLY G 20 3.20 -25.54 -29.28
C GLY G 20 2.31 -25.30 -30.47
N MET G 21 1.93 -26.35 -31.19
CA MET G 21 1.05 -26.17 -32.33
C MET G 21 -0.37 -25.85 -31.88
N ALA G 22 -0.74 -26.24 -30.67
CA ALA G 22 -2.02 -25.81 -30.13
C ALA G 22 -2.06 -24.30 -29.97
N VAL G 23 -1.05 -23.74 -29.30
CA VAL G 23 -0.99 -22.31 -29.07
C VAL G 23 -0.80 -21.57 -30.38
N LEU G 24 0.00 -22.12 -31.30
CA LEU G 24 0.19 -21.48 -32.59
C LEU G 24 -1.11 -21.44 -33.38
N ALA G 25 -1.87 -22.54 -33.38
CA ALA G 25 -3.08 -22.61 -34.17
C ALA G 25 -4.19 -21.74 -33.58
N LEU G 26 -4.28 -21.68 -32.24
CA LEU G 26 -5.16 -20.71 -31.62
C LEU G 26 -4.75 -19.31 -31.97
N LEU G 27 -3.45 -19.04 -31.99
CA LEU G 27 -2.94 -17.72 -32.31
C LEU G 27 -3.34 -17.29 -33.71
N ILE G 28 -3.21 -18.18 -34.69
CA ILE G 28 -3.50 -17.81 -36.08
C ILE G 28 -5.00 -17.65 -36.29
N HIS G 29 -5.80 -18.57 -35.77
CA HIS G 29 -7.25 -18.44 -35.89
C HIS G 29 -7.72 -17.12 -35.26
N PHE G 30 -7.12 -16.73 -34.14
CA PHE G 30 -7.48 -15.47 -33.49
C PHE G 30 -7.04 -14.27 -34.33
N ILE G 31 -5.88 -14.37 -34.97
CA ILE G 31 -5.43 -13.30 -35.86
C ILE G 31 -6.42 -13.08 -36.99
N LEU G 32 -6.97 -14.17 -37.54
CA LEU G 32 -7.94 -14.03 -38.62
C LEU G 32 -9.25 -13.45 -38.11
N LEU G 33 -9.64 -13.79 -36.88
CA LEU G 33 -10.83 -13.20 -36.29
C LEU G 33 -10.62 -11.74 -35.93
N SER G 34 -9.38 -11.26 -35.86
CA SER G 34 -9.15 -9.85 -35.60
C SER G 34 -9.29 -9.02 -36.87
N THR G 35 -9.05 -9.64 -38.02
CA THR G 35 -9.12 -8.92 -39.28
C THR G 35 -10.56 -8.72 -39.71
N GLU G 36 -10.73 -7.99 -40.80
CA GLU G 36 -12.05 -7.72 -41.36
C GLU G 36 -12.36 -8.58 -42.58
N ASN G 37 -11.34 -9.05 -43.29
CA ASN G 37 -11.57 -9.86 -44.48
C ASN G 37 -11.54 -11.35 -44.21
N PHE G 38 -11.07 -11.78 -43.04
CA PHE G 38 -10.97 -13.21 -42.75
C PHE G 38 -11.70 -13.61 -41.48
N ASN G 39 -12.42 -12.69 -40.84
CA ASN G 39 -13.26 -13.08 -39.72
C ASN G 39 -14.50 -13.73 -40.31
N TRP G 40 -14.46 -15.06 -40.41
CA TRP G 40 -15.57 -15.78 -41.01
C TRP G 40 -16.85 -15.70 -40.20
N LEU G 41 -16.76 -15.39 -38.91
CA LEU G 41 -17.96 -15.25 -38.10
C LEU G 41 -18.68 -13.93 -38.40
N GLN G 42 -17.93 -12.85 -38.56
CA GLN G 42 -18.56 -11.57 -38.89
C GLN G 42 -19.06 -11.56 -40.32
N GLY G 43 -18.33 -12.19 -41.24
CA GLY G 43 -18.73 -12.25 -42.62
C GLY G 43 -18.79 -10.89 -43.30
N ASN G 44 -17.73 -10.10 -43.15
CA ASN G 44 -17.66 -8.83 -43.83
C ASN G 44 -17.38 -9.06 -45.32
N PRO G 45 -17.68 -8.08 -46.16
CA PRO G 45 -17.31 -8.20 -47.58
C PRO G 45 -15.81 -8.25 -47.76
N TYR G 46 -15.39 -8.83 -48.87
CA TYR G 46 -13.98 -9.05 -49.15
C TYR G 46 -13.49 -8.20 -50.32
N ASN H 7 21.78 -44.97 -25.66
CA ASN H 7 20.59 -44.30 -26.18
C ASN H 7 19.65 -45.29 -26.85
N VAL H 8 18.64 -44.77 -27.55
CA VAL H 8 17.74 -45.63 -28.31
C VAL H 8 18.53 -46.37 -29.38
N SER H 9 18.10 -47.57 -29.69
CA SER H 9 18.69 -48.31 -30.80
C SER H 9 18.18 -47.74 -32.11
N ASP H 10 18.67 -48.28 -33.22
CA ASP H 10 18.16 -47.86 -34.52
C ASP H 10 16.72 -48.31 -34.72
N GLU H 11 16.38 -49.52 -34.24
CA GLU H 11 15.04 -50.04 -34.42
C GLU H 11 14.01 -49.24 -33.64
N GLU H 12 14.32 -48.89 -32.39
CA GLU H 12 13.41 -48.04 -31.63
C GLU H 12 13.25 -46.67 -32.28
N ALA H 13 14.36 -46.08 -32.74
CA ALA H 13 14.31 -44.77 -33.36
C ALA H 13 13.57 -44.81 -34.69
N LYS H 14 13.65 -45.95 -35.39
CA LYS H 14 12.91 -46.08 -36.65
C LYS H 14 11.42 -46.29 -36.38
N GLU H 15 11.07 -46.95 -35.28
CA GLU H 15 9.66 -47.05 -34.91
C GLU H 15 9.11 -45.70 -34.46
N PHE H 16 9.95 -44.89 -33.80
CA PHE H 16 9.56 -43.52 -33.50
C PHE H 16 9.27 -42.74 -34.77
N HIS H 17 10.16 -42.84 -35.76
CA HIS H 17 10.01 -42.04 -36.96
C HIS H 17 8.90 -42.57 -37.86
N ALA H 18 8.59 -43.87 -37.79
CA ALA H 18 7.45 -44.37 -38.54
C ALA H 18 6.15 -43.77 -38.01
N MET H 19 6.00 -43.72 -36.69
CA MET H 19 4.83 -43.08 -36.09
C MET H 19 4.80 -41.60 -36.40
N PHE H 20 5.97 -40.95 -36.38
CA PHE H 20 6.05 -39.53 -36.69
C PHE H 20 5.68 -39.24 -38.14
N SER H 21 6.21 -40.04 -39.07
CA SER H 21 5.93 -39.81 -40.48
C SER H 21 4.45 -40.01 -40.79
N GLN H 22 3.82 -40.97 -40.14
CA GLN H 22 2.38 -41.18 -40.35
C GLN H 22 1.59 -39.96 -39.91
N ALA H 23 1.86 -39.47 -38.69
CA ALA H 23 1.14 -38.29 -38.20
C ALA H 23 1.52 -37.04 -38.99
N PHE H 24 2.79 -36.92 -39.35
CA PHE H 24 3.23 -35.76 -40.12
C PHE H 24 2.52 -35.68 -41.47
N THR H 25 2.39 -36.81 -42.15
CA THR H 25 1.77 -36.80 -43.47
C THR H 25 0.29 -36.46 -43.38
N VAL H 26 -0.42 -37.04 -42.41
CA VAL H 26 -1.83 -36.73 -42.22
C VAL H 26 -2.01 -35.26 -41.87
N TYR H 27 -1.19 -34.76 -40.94
CA TYR H 27 -1.33 -33.37 -40.50
C TYR H 27 -1.03 -32.40 -41.62
N ILE H 28 0.05 -32.64 -42.37
CA ILE H 28 0.42 -31.73 -43.44
C ILE H 28 -0.55 -31.85 -44.60
N GLY H 29 -1.03 -33.07 -44.87
CA GLY H 29 -2.01 -33.24 -45.93
C GLY H 29 -3.30 -32.48 -45.65
N VAL H 30 -3.80 -32.58 -44.42
CA VAL H 30 -4.99 -31.81 -44.05
C VAL H 30 -4.69 -30.31 -44.09
N ALA H 31 -3.48 -29.92 -43.66
CA ALA H 31 -3.11 -28.50 -43.69
C ALA H 31 -3.04 -27.98 -45.12
N VAL H 32 -2.48 -28.78 -46.04
CA VAL H 32 -2.41 -28.36 -47.44
C VAL H 32 -3.82 -28.22 -48.02
N VAL H 33 -4.69 -29.19 -47.75
CA VAL H 33 -6.07 -29.10 -48.22
C VAL H 33 -6.78 -27.90 -47.62
N ALA H 34 -6.58 -27.67 -46.33
CA ALA H 34 -7.24 -26.56 -45.65
C ALA H 34 -6.83 -25.21 -46.24
N HIS H 35 -5.54 -25.06 -46.54
CA HIS H 35 -5.06 -23.82 -47.12
C HIS H 35 -5.53 -23.65 -48.56
N ILE H 36 -5.64 -24.76 -49.29
CA ILE H 36 -6.17 -24.70 -50.66
C ILE H 36 -7.64 -24.30 -50.64
N LEU H 37 -8.38 -24.75 -49.62
CA LEU H 37 -9.76 -24.31 -49.48
C LEU H 37 -9.82 -22.85 -49.08
N ALA H 38 -8.98 -22.43 -48.13
CA ALA H 38 -9.00 -21.03 -47.71
C ALA H 38 -8.59 -20.11 -48.83
N TRP H 39 -7.71 -20.57 -49.73
CA TRP H 39 -7.30 -19.73 -50.84
C TRP H 39 -8.40 -19.60 -51.87
N ALA H 40 -9.09 -20.71 -52.17
CA ALA H 40 -10.24 -20.65 -53.05
C ALA H 40 -11.32 -19.75 -52.48
N TRP H 41 -11.39 -19.64 -51.15
CA TRP H 41 -12.41 -18.81 -50.53
C TRP H 41 -12.02 -17.33 -50.57
N ARG H 42 -10.92 -16.97 -49.90
CA ARG H 42 -10.48 -15.58 -49.83
C ARG H 42 -8.95 -15.55 -49.83
N PRO H 43 -8.33 -15.27 -50.97
CA PRO H 43 -6.86 -15.21 -51.01
C PRO H 43 -6.32 -14.15 -50.05
N TRP H 44 -5.24 -14.52 -49.36
CA TRP H 44 -4.74 -13.71 -48.26
C TRP H 44 -3.50 -12.90 -48.63
N ILE H 45 -3.13 -12.86 -49.90
CA ILE H 45 -2.03 -12.00 -50.35
C ILE H 45 -2.65 -10.84 -51.13
N PRO H 46 -2.61 -9.63 -50.61
CA PRO H 46 -3.22 -8.51 -51.32
C PRO H 46 -2.44 -8.14 -52.57
N GLY H 47 -3.16 -7.55 -53.53
CA GLY H 47 -2.55 -6.93 -54.68
C GLY H 47 -2.09 -5.52 -54.34
N ASP H 48 -1.66 -4.82 -55.38
CA ASP H 48 -1.21 -3.44 -55.16
C ASP H 48 -2.37 -2.53 -54.77
N GLU H 49 -3.61 -2.91 -55.07
CA GLU H 49 -4.79 -2.12 -54.73
C GLU H 49 -5.61 -2.74 -53.62
N GLY H 50 -5.07 -3.74 -52.92
CA GLY H 50 -5.78 -4.37 -51.84
C GLY H 50 -6.31 -5.73 -52.21
N PHE H 51 -7.45 -6.11 -51.66
CA PHE H 51 -8.03 -7.41 -51.97
C PHE H 51 -9.09 -7.30 -53.06
N MET I 1 35.09 -26.73 -37.07
CA MET I 1 33.89 -26.21 -36.44
C MET I 1 33.02 -27.36 -35.97
N TRP I 2 33.32 -28.56 -36.44
CA TRP I 2 32.60 -29.74 -35.98
C TRP I 2 32.83 -29.99 -34.49
N ARG I 3 33.87 -29.39 -33.91
CA ARG I 3 34.17 -29.57 -32.49
C ARG I 3 33.16 -28.86 -31.61
N LEU I 4 32.27 -28.04 -32.19
CA LEU I 4 31.20 -27.42 -31.42
C LEU I 4 30.40 -28.46 -30.66
N TRP I 5 30.22 -29.63 -31.25
CA TRP I 5 29.31 -30.64 -30.73
C TRP I 5 29.97 -31.57 -29.71
N LYS I 6 31.28 -31.45 -29.51
CA LYS I 6 31.91 -32.02 -28.33
C LYS I 6 31.90 -31.08 -27.16
N LEU I 7 31.89 -29.77 -27.43
CA LEU I 7 31.93 -28.76 -26.38
C LEU I 7 30.58 -28.58 -25.69
N TYR I 8 29.49 -28.64 -26.44
CA TYR I 8 28.16 -28.43 -25.91
C TYR I 8 27.32 -29.68 -26.10
N ASP I 9 26.29 -29.80 -25.27
CA ASP I 9 25.27 -30.81 -25.49
C ASP I 9 24.49 -30.43 -26.74
N PRO I 10 24.51 -31.24 -27.80
CA PRO I 10 23.80 -30.86 -29.03
C PRO I 10 22.32 -30.68 -28.85
N ARG I 11 21.70 -31.40 -27.92
CA ARG I 11 20.28 -31.18 -27.65
C ARG I 11 20.04 -29.76 -27.18
N ARG I 12 20.90 -29.27 -26.30
CA ARG I 12 20.70 -27.95 -25.71
C ARG I 12 21.02 -26.84 -26.71
N VAL I 13 21.91 -27.07 -27.66
CA VAL I 13 22.14 -26.10 -28.73
C VAL I 13 20.95 -26.07 -29.68
N LEU I 14 20.43 -27.24 -30.04
CA LEU I 14 19.29 -27.29 -30.95
C LEU I 14 18.06 -26.66 -30.31
N ILE I 15 17.84 -26.89 -29.02
CA ILE I 15 16.71 -26.28 -28.33
C ILE I 15 16.90 -24.77 -28.26
N GLY I 16 18.13 -24.32 -28.04
CA GLY I 16 18.39 -22.89 -28.02
C GLY I 16 18.19 -22.24 -29.36
N ILE I 17 18.67 -22.89 -30.43
CA ILE I 17 18.52 -22.35 -31.78
C ILE I 17 17.04 -22.32 -32.17
N PHE I 18 16.31 -23.38 -31.85
CA PHE I 18 14.89 -23.45 -32.23
C PHE I 18 14.06 -22.46 -31.43
N SER I 19 14.42 -22.25 -30.16
CA SER I 19 13.78 -21.18 -29.39
C SER I 19 14.05 -19.82 -30.01
N TRP I 20 15.29 -19.56 -30.41
CA TRP I 20 15.59 -18.30 -31.06
C TRP I 20 14.86 -18.18 -32.39
N LEU I 21 14.83 -19.25 -33.18
CA LEU I 21 14.14 -19.21 -34.46
C LEU I 21 12.66 -18.97 -34.30
N ALA I 22 12.04 -19.63 -33.32
CA ALA I 22 10.60 -19.44 -33.09
C ALA I 22 10.31 -18.02 -32.63
N VAL I 23 11.08 -17.53 -31.66
CA VAL I 23 10.88 -16.17 -31.17
C VAL I 23 11.17 -15.16 -32.27
N LEU I 24 12.24 -15.36 -33.04
CA LEU I 24 12.56 -14.41 -34.10
C LEU I 24 11.48 -14.36 -35.16
N ALA I 25 11.03 -15.54 -35.61
CA ALA I 25 9.98 -15.57 -36.62
C ALA I 25 8.69 -14.95 -36.11
N LEU I 26 8.36 -15.17 -34.84
CA LEU I 26 7.19 -14.52 -34.26
C LEU I 26 7.36 -13.00 -34.25
N VAL I 27 8.56 -12.52 -33.92
CA VAL I 27 8.79 -11.09 -33.85
C VAL I 27 8.65 -10.47 -35.23
N ILE I 28 9.25 -11.09 -36.24
CA ILE I 28 9.21 -10.54 -37.60
C ILE I 28 7.80 -10.61 -38.16
N HIS I 29 7.13 -11.75 -38.01
CA HIS I 29 5.77 -11.87 -38.52
C HIS I 29 4.84 -10.88 -37.82
N PHE I 30 4.98 -10.72 -36.50
CA PHE I 30 4.18 -9.71 -35.79
C PHE I 30 4.54 -8.30 -36.22
N ILE I 31 5.84 -8.01 -36.41
CA ILE I 31 6.25 -6.67 -36.79
C ILE I 31 5.64 -6.27 -38.12
N LEU I 32 5.66 -7.19 -39.09
CA LEU I 32 5.05 -6.91 -40.39
C LEU I 32 3.54 -6.70 -40.26
N LEU I 33 2.87 -7.53 -39.46
CA LEU I 33 1.44 -7.36 -39.23
C LEU I 33 1.14 -6.04 -38.53
N SER I 34 2.11 -5.47 -37.84
CA SER I 34 1.94 -4.17 -37.22
C SER I 34 2.02 -3.03 -38.24
N THR I 35 2.74 -3.23 -39.33
CA THR I 35 2.82 -2.21 -40.37
C THR I 35 1.60 -2.28 -41.27
N ASP I 36 1.52 -1.33 -42.20
CA ASP I 36 0.44 -1.31 -43.18
C ASP I 36 0.90 -1.84 -44.53
N ARG I 37 2.17 -1.66 -44.87
CA ARG I 37 2.64 -2.05 -46.18
C ARG I 37 2.84 -3.56 -46.28
N PHE I 38 3.16 -4.22 -45.17
CA PHE I 38 3.47 -5.64 -45.21
C PHE I 38 2.46 -6.49 -44.46
N ASN I 39 1.36 -5.89 -44.00
CA ASN I 39 0.30 -6.64 -43.33
C ASN I 39 -0.59 -7.24 -44.41
N TRP I 40 -0.38 -8.53 -44.68
CA TRP I 40 -1.06 -9.17 -45.79
C TRP I 40 -2.52 -9.47 -45.46
N VAL I 41 -2.82 -9.85 -44.22
CA VAL I 41 -4.21 -10.10 -43.86
C VAL I 41 -5.01 -8.81 -43.83
N GLY I 42 -4.40 -7.73 -43.35
CA GLY I 42 -5.09 -6.45 -43.34
C GLY I 42 -5.47 -5.99 -44.73
N GLY I 43 -4.73 -6.43 -45.74
CA GLY I 43 -5.06 -6.14 -47.13
C GLY I 43 -4.98 -4.67 -47.50
N ALA I 44 -3.94 -3.98 -47.05
CA ALA I 44 -3.80 -2.56 -47.29
C ALA I 44 -3.08 -2.33 -48.60
N ALA I 45 -3.71 -1.55 -49.49
CA ALA I 45 -3.10 -1.20 -50.76
C ALA I 45 -1.90 -0.30 -50.54
N VAL I 46 -0.95 -0.37 -51.47
CA VAL I 46 0.24 0.44 -51.41
C VAL I 46 -0.09 1.93 -51.41
N LEU J 7 25.18 -38.95 -25.12
CA LEU J 7 24.95 -37.89 -26.09
C LEU J 7 25.80 -36.66 -25.75
N THR J 8 25.98 -36.40 -24.46
CA THR J 8 26.80 -35.27 -24.04
C THR J 8 28.26 -35.46 -24.44
N GLY J 9 28.79 -36.67 -24.26
CA GLY J 9 30.16 -36.93 -24.63
C GLY J 9 30.35 -37.49 -26.02
N LEU J 10 29.90 -36.76 -27.04
CA LEU J 10 30.03 -37.24 -28.41
C LEU J 10 31.49 -37.39 -28.80
N SER J 11 31.77 -38.42 -29.60
CA SER J 11 33.11 -38.67 -30.09
C SER J 11 33.37 -37.84 -31.35
N ASP J 12 34.58 -37.98 -31.90
CA ASP J 12 34.94 -37.22 -33.10
C ASP J 12 34.09 -37.62 -34.30
N GLU J 13 33.89 -38.92 -34.50
CA GLU J 13 33.12 -39.38 -35.64
C GLU J 13 31.64 -39.04 -35.48
N GLU J 14 31.14 -39.01 -34.24
CA GLU J 14 29.77 -38.62 -34.01
C GLU J 14 29.61 -37.10 -34.09
N ALA J 15 30.64 -36.35 -33.72
CA ALA J 15 30.58 -34.89 -33.87
C ALA J 15 30.63 -34.49 -35.33
N LYS J 16 31.47 -35.17 -36.12
CA LYS J 16 31.50 -34.89 -37.55
C LYS J 16 30.18 -35.29 -38.19
N GLU J 17 29.59 -36.41 -37.77
CA GLU J 17 28.32 -36.82 -38.34
C GLU J 17 27.20 -35.85 -37.97
N PHE J 18 27.16 -35.41 -36.70
CA PHE J 18 26.16 -34.43 -36.32
C PHE J 18 26.37 -33.10 -37.05
N HIS J 19 27.63 -32.71 -37.25
CA HIS J 19 27.89 -31.43 -37.90
C HIS J 19 27.39 -31.42 -39.33
N SER J 20 27.61 -32.51 -40.08
CA SER J 20 27.16 -32.56 -41.45
C SER J 20 25.64 -32.49 -41.53
N ILE J 21 24.95 -33.19 -40.63
CA ILE J 21 23.50 -33.14 -40.62
C ILE J 21 23.01 -31.76 -40.17
N PHE J 22 23.73 -31.13 -39.26
CA PHE J 22 23.38 -29.77 -38.87
C PHE J 22 23.55 -28.80 -40.02
N MET J 23 24.64 -28.94 -40.78
CA MET J 23 24.87 -28.04 -41.90
C MET J 23 23.91 -28.33 -43.06
N GLN J 24 23.48 -29.58 -43.20
CA GLN J 24 22.47 -29.88 -44.22
C GLN J 24 21.10 -29.34 -43.80
N SER J 25 20.76 -29.47 -42.52
CA SER J 25 19.50 -28.92 -42.05
C SER J 25 19.49 -27.40 -42.15
N PHE J 26 20.60 -26.76 -41.82
CA PHE J 26 20.68 -25.30 -41.89
C PHE J 26 20.66 -24.83 -43.34
N LEU J 27 21.27 -25.60 -44.24
CA LEU J 27 21.21 -25.23 -45.66
C LEU J 27 19.79 -25.36 -46.21
N ILE J 28 19.08 -26.41 -45.83
CA ILE J 28 17.70 -26.55 -46.30
C ILE J 28 16.82 -25.46 -45.69
N PHE J 29 17.00 -25.19 -44.39
CA PHE J 29 16.24 -24.14 -43.74
C PHE J 29 16.52 -22.78 -44.39
N THR J 30 17.79 -22.48 -44.65
CA THR J 30 18.14 -21.23 -45.31
C THR J 30 17.63 -21.19 -46.74
N ALA J 31 17.74 -22.31 -47.46
CA ALA J 31 17.29 -22.36 -48.85
C ALA J 31 15.79 -22.08 -48.95
N VAL J 32 15.00 -22.72 -48.09
CA VAL J 32 13.55 -22.50 -48.13
C VAL J 32 13.23 -21.05 -47.75
N ALA J 33 13.95 -20.51 -46.78
CA ALA J 33 13.75 -19.10 -46.40
C ALA J 33 14.14 -18.16 -47.54
N VAL J 34 15.25 -18.45 -48.23
CA VAL J 34 15.67 -17.61 -49.34
C VAL J 34 14.59 -17.56 -50.41
N VAL J 35 13.99 -18.72 -50.72
CA VAL J 35 12.89 -18.75 -51.68
C VAL J 35 11.70 -17.96 -51.16
N ALA J 36 11.40 -18.09 -49.87
CA ALA J 36 10.32 -17.31 -49.27
C ALA J 36 10.56 -15.82 -49.43
N HIS J 37 11.81 -15.38 -49.30
CA HIS J 37 12.11 -13.96 -49.50
C HIS J 37 12.01 -13.56 -50.96
N PHE J 38 12.37 -14.46 -51.87
CA PHE J 38 12.23 -14.15 -53.28
C PHE J 38 10.76 -14.01 -53.66
N LEU J 39 9.89 -14.76 -52.99
CA LEU J 39 8.46 -14.61 -53.20
C LEU J 39 7.95 -13.34 -52.53
N ALA J 40 8.44 -13.04 -51.33
CA ALA J 40 8.02 -11.85 -50.63
C ALA J 40 8.43 -10.59 -51.37
N TRP J 41 9.61 -10.62 -52.01
CA TRP J 41 10.02 -9.50 -52.84
C TRP J 41 9.11 -9.34 -54.04
N ALA J 42 8.69 -10.46 -54.64
CA ALA J 42 7.75 -10.39 -55.76
C ALA J 42 6.42 -9.81 -55.34
N TRP J 43 6.00 -10.04 -54.10
CA TRP J 43 4.78 -9.43 -53.59
C TRP J 43 4.99 -7.95 -53.33
N ARG J 44 5.89 -7.62 -52.40
CA ARG J 44 6.15 -6.23 -52.05
C ARG J 44 7.60 -6.04 -51.63
N PRO J 45 8.40 -5.34 -52.45
CA PRO J 45 9.78 -5.08 -52.07
C PRO J 45 9.86 -4.20 -50.83
N TRP J 46 10.91 -4.41 -50.06
CA TRP J 46 11.08 -3.76 -48.76
C TRP J 46 12.30 -2.88 -48.67
N ILE J 47 12.97 -2.61 -49.78
CA ILE J 47 14.06 -1.62 -49.78
C ILE J 47 13.60 -0.43 -50.60
N PRO J 48 13.22 0.67 -49.98
CA PRO J 48 12.70 1.81 -50.73
C PRO J 48 13.81 2.54 -51.48
N GLY J 49 13.41 3.26 -52.53
CA GLY J 49 14.28 4.22 -53.16
C GLY J 49 14.27 5.53 -52.40
N ALA J 50 15.05 6.49 -52.91
CA ALA J 50 15.18 7.77 -52.23
C ALA J 50 13.85 8.49 -52.14
N GLU J 51 12.98 8.31 -53.13
CA GLU J 51 11.65 8.91 -53.09
C GLU J 51 10.74 8.22 -52.09
N GLY J 52 11.00 6.97 -51.76
CA GLY J 52 10.14 6.21 -50.88
C GLY J 52 9.52 5.03 -51.59
N TYR J 53 8.26 4.75 -51.31
CA TYR J 53 7.55 3.67 -51.98
C TYR J 53 6.52 4.21 -52.96
N MET K 1 47.04 -14.53 -29.81
CA MET K 1 45.93 -14.10 -28.97
C MET K 1 45.12 -15.30 -28.52
N TRP K 2 45.54 -16.49 -28.96
CA TRP K 2 44.83 -17.71 -28.59
C TRP K 2 44.83 -17.94 -27.10
N ARG K 3 45.78 -17.35 -26.37
CA ARG K 3 45.87 -17.50 -24.93
C ARG K 3 44.72 -16.81 -24.21
N MET K 4 43.91 -16.04 -24.93
CA MET K 4 42.72 -15.44 -24.35
C MET K 4 41.81 -16.50 -23.73
N TRP K 5 41.84 -17.73 -24.24
CA TRP K 5 40.95 -18.79 -23.78
C TRP K 5 41.52 -19.55 -22.59
N LYS K 6 42.68 -19.17 -22.11
CA LYS K 6 43.18 -19.67 -20.84
C LYS K 6 42.77 -18.78 -19.68
N ILE K 7 42.05 -17.70 -19.94
CA ILE K 7 41.56 -16.79 -18.92
C ILE K 7 40.04 -16.88 -18.78
N LEU K 8 39.32 -16.66 -19.87
CA LEU K 8 37.86 -16.79 -19.86
C LEU K 8 37.46 -18.09 -20.54
N ASP K 9 36.42 -18.72 -20.00
CA ASP K 9 35.90 -19.95 -20.57
C ASP K 9 35.46 -19.72 -22.00
N TYR K 10 35.88 -20.61 -22.91
CA TYR K 10 35.43 -20.50 -24.29
C TYR K 10 33.97 -20.89 -24.42
N ARG K 11 33.56 -21.92 -23.68
CA ARG K 11 32.15 -22.33 -23.70
C ARG K 11 31.25 -21.21 -23.20
N ARG K 12 31.67 -20.52 -22.15
CA ARG K 12 30.85 -19.45 -21.59
C ARG K 12 30.86 -18.22 -22.47
N THR K 13 32.02 -17.86 -23.02
CA THR K 13 32.12 -16.64 -23.82
C THR K 13 31.38 -16.78 -25.14
N VAL K 14 31.46 -17.95 -25.77
CA VAL K 14 30.75 -18.16 -27.04
C VAL K 14 29.26 -17.94 -26.85
N VAL K 15 28.71 -18.51 -25.78
CA VAL K 15 27.27 -18.43 -25.57
C VAL K 15 26.84 -17.02 -25.21
N LEU K 16 27.62 -16.35 -24.34
CA LEU K 16 27.30 -14.98 -23.98
C LEU K 16 27.56 -14.01 -25.13
N ALA K 17 28.40 -14.40 -26.08
CA ALA K 17 28.63 -13.57 -27.26
C ALA K 17 27.46 -13.65 -28.22
N HIS K 18 26.86 -14.84 -28.38
CA HIS K 18 25.66 -14.95 -29.20
C HIS K 18 24.50 -14.18 -28.58
N VAL K 19 24.34 -14.29 -27.26
CA VAL K 19 23.29 -13.53 -26.59
C VAL K 19 23.58 -12.04 -26.65
N GLY K 20 24.83 -11.65 -26.39
CA GLY K 20 25.17 -10.24 -26.45
C GLY K 20 25.01 -9.66 -27.84
N MET K 21 25.43 -10.40 -28.86
CA MET K 21 25.27 -9.91 -30.23
C MET K 21 23.82 -9.99 -30.67
N ALA K 22 23.02 -10.87 -30.07
CA ALA K 22 21.59 -10.87 -30.34
C ALA K 22 20.96 -9.56 -29.89
N VAL K 23 21.28 -9.11 -28.68
CA VAL K 23 20.75 -7.85 -28.19
C VAL K 23 21.25 -6.68 -29.03
N LEU K 24 22.54 -6.70 -29.37
CA LEU K 24 23.09 -5.58 -30.15
C LEU K 24 22.51 -5.53 -31.55
N ALA K 25 22.36 -6.68 -32.21
CA ALA K 25 21.75 -6.69 -33.53
C ALA K 25 20.29 -6.26 -33.48
N LEU K 26 19.55 -6.74 -32.47
CA LEU K 26 18.17 -6.30 -32.31
C LEU K 26 18.09 -4.81 -32.01
N LEU K 27 19.00 -4.30 -31.18
CA LEU K 27 18.96 -2.90 -30.79
C LEU K 27 19.20 -1.98 -31.97
N ILE K 28 20.19 -2.31 -32.81
CA ILE K 28 20.53 -1.42 -33.91
C ILE K 28 19.43 -1.43 -34.97
N HIS K 29 18.89 -2.60 -35.28
CA HIS K 29 17.77 -2.66 -36.21
C HIS K 29 16.59 -1.85 -35.67
N PHE K 30 16.31 -1.96 -34.37
CA PHE K 30 15.19 -1.24 -33.80
C PHE K 30 15.46 0.26 -33.71
N ILE K 31 16.73 0.66 -33.54
CA ILE K 31 17.06 2.08 -33.59
C ILE K 31 16.81 2.64 -34.97
N LEU K 32 17.20 1.91 -36.01
CA LEU K 32 16.94 2.35 -37.38
C LEU K 32 15.44 2.37 -37.68
N LEU K 33 14.70 1.38 -37.18
CA LEU K 33 13.25 1.39 -37.37
C LEU K 33 12.60 2.58 -36.68
N SER K 34 13.26 3.13 -35.65
CA SER K 34 12.73 4.30 -34.96
C SER K 34 13.11 5.61 -35.63
N THR K 35 13.92 5.58 -36.69
CA THR K 35 14.19 6.78 -37.47
C THR K 35 13.16 6.93 -38.57
N GLU K 36 13.33 7.98 -39.37
CA GLU K 36 12.56 8.15 -40.60
C GLU K 36 13.41 7.93 -41.85
N ASN K 37 14.70 8.25 -41.81
CA ASN K 37 15.59 8.10 -42.95
C ASN K 37 16.04 6.66 -43.18
N PHE K 38 15.82 5.76 -42.23
CA PHE K 38 16.36 4.42 -42.33
C PHE K 38 15.33 3.35 -41.98
N ASN K 39 14.09 3.73 -41.73
CA ASN K 39 13.02 2.75 -41.57
C ASN K 39 12.69 2.20 -42.95
N TRP K 40 13.15 0.98 -43.24
CA TRP K 40 12.85 0.36 -44.51
C TRP K 40 11.41 -0.14 -44.60
N LEU K 41 10.76 -0.39 -43.46
CA LEU K 41 9.37 -0.83 -43.51
C LEU K 41 8.45 0.33 -43.85
N GLN K 42 8.69 1.51 -43.27
CA GLN K 42 7.91 2.69 -43.64
C GLN K 42 8.27 3.18 -45.04
N GLY K 43 9.55 3.17 -45.38
CA GLY K 43 9.98 3.64 -46.68
C GLY K 43 9.72 5.12 -46.89
N ASN K 44 10.07 5.93 -45.90
CA ASN K 44 9.96 7.36 -46.03
C ASN K 44 10.97 7.88 -47.06
N PRO K 45 10.70 9.05 -47.65
CA PRO K 45 11.69 9.65 -48.53
C PRO K 45 12.98 9.96 -47.80
N TYR K 46 14.09 9.91 -48.53
CA TYR K 46 15.40 10.09 -47.94
C TYR K 46 16.05 11.39 -48.35
N ASN L 7 44.51 -25.22 -16.29
CA ASN L 7 43.23 -25.91 -16.22
C ASN L 7 42.77 -26.28 -17.62
N VAL L 8 43.11 -25.43 -18.59
CA VAL L 8 42.88 -25.68 -19.99
C VAL L 8 44.22 -25.71 -20.70
N SER L 9 44.43 -26.73 -21.53
CA SER L 9 45.75 -26.94 -22.11
C SER L 9 46.02 -25.92 -23.21
N ASP L 10 47.30 -25.83 -23.61
CA ASP L 10 47.67 -24.98 -24.72
C ASP L 10 47.01 -25.45 -26.01
N GLU L 11 46.95 -26.76 -26.23
CA GLU L 11 46.36 -27.28 -27.46
C GLU L 11 44.86 -27.06 -27.50
N GLU L 12 44.17 -27.20 -26.36
CA GLU L 12 42.74 -26.93 -26.32
C GLU L 12 42.45 -25.48 -26.66
N ALA L 13 43.25 -24.55 -26.11
CA ALA L 13 43.08 -23.14 -26.44
C ALA L 13 43.34 -22.89 -27.91
N LYS L 14 44.28 -23.63 -28.50
CA LYS L 14 44.55 -23.49 -29.93
C LYS L 14 43.33 -23.88 -30.75
N GLU L 15 42.64 -24.95 -30.35
CA GLU L 15 41.45 -25.38 -31.08
C GLU L 15 40.29 -24.41 -30.87
N PHE L 16 40.15 -23.90 -29.65
CA PHE L 16 39.10 -22.91 -29.38
C PHE L 16 39.31 -21.66 -30.20
N HIS L 17 40.58 -21.29 -30.41
CA HIS L 17 40.89 -20.12 -31.22
C HIS L 17 40.76 -20.42 -32.71
N ALA L 18 40.82 -21.70 -33.10
CA ALA L 18 40.58 -22.05 -34.49
C ALA L 18 39.09 -21.96 -34.83
N MET L 19 38.23 -22.44 -33.93
CA MET L 19 36.80 -22.24 -34.10
C MET L 19 36.46 -20.76 -34.02
N PHE L 20 37.12 -20.03 -33.12
CA PHE L 20 36.84 -18.61 -32.95
C PHE L 20 37.22 -17.81 -34.20
N SER L 21 38.42 -18.06 -34.74
CA SER L 21 38.87 -17.28 -35.89
C SER L 21 38.00 -17.54 -37.11
N GLN L 22 37.61 -18.79 -37.32
CA GLN L 22 36.75 -19.11 -38.45
C GLN L 22 35.38 -18.45 -38.31
N ALA L 23 34.82 -18.48 -37.11
CA ALA L 23 33.51 -17.87 -36.89
C ALA L 23 33.58 -16.36 -36.93
N PHE L 24 34.69 -15.78 -36.46
CA PHE L 24 34.86 -14.34 -36.49
C PHE L 24 35.03 -13.83 -37.91
N THR L 25 35.87 -14.49 -38.70
CA THR L 25 36.12 -14.03 -40.06
C THR L 25 34.87 -14.10 -40.92
N VAL L 26 34.06 -15.15 -40.73
CA VAL L 26 32.80 -15.24 -41.44
C VAL L 26 31.84 -14.14 -41.00
N TYR L 27 31.74 -13.92 -39.69
CA TYR L 27 30.82 -12.90 -39.19
C TYR L 27 31.22 -11.51 -39.62
N ILE L 28 32.51 -11.18 -39.51
CA ILE L 28 32.98 -9.84 -39.87
C ILE L 28 32.90 -9.63 -41.37
N GLY L 29 33.16 -10.68 -42.16
CA GLY L 29 33.05 -10.56 -43.60
C GLY L 29 31.63 -10.27 -44.04
N VAL L 30 30.65 -10.93 -43.43
CA VAL L 30 29.26 -10.69 -43.80
C VAL L 30 28.81 -9.31 -43.33
N ALA L 31 29.25 -8.88 -42.15
CA ALA L 31 28.87 -7.57 -41.65
C ALA L 31 29.40 -6.47 -42.56
N VAL L 32 30.64 -6.60 -43.02
CA VAL L 32 31.23 -5.57 -43.88
C VAL L 32 30.44 -5.44 -45.17
N VAL L 33 30.11 -6.57 -45.79
CA VAL L 33 29.33 -6.56 -47.01
C VAL L 33 27.96 -5.93 -46.76
N ALA L 34 27.34 -6.25 -45.63
CA ALA L 34 26.04 -5.69 -45.30
C ALA L 34 26.12 -4.18 -45.16
N HIS L 35 27.19 -3.68 -44.53
CA HIS L 35 27.37 -2.23 -44.41
C HIS L 35 27.69 -1.60 -45.75
N ILE L 36 28.38 -2.34 -46.63
CA ILE L 36 28.66 -1.85 -47.98
C ILE L 36 27.37 -1.69 -48.76
N LEU L 37 26.47 -2.66 -48.64
CA LEU L 37 25.17 -2.56 -49.31
C LEU L 37 24.28 -1.52 -48.67
N ALA L 38 24.29 -1.45 -47.34
CA ALA L 38 23.47 -0.45 -46.66
C ALA L 38 23.92 0.96 -47.00
N TRP L 39 25.22 1.20 -47.07
CA TRP L 39 25.71 2.50 -47.51
C TRP L 39 25.29 2.79 -48.94
N ALA L 40 25.38 1.77 -49.81
CA ALA L 40 24.92 1.94 -51.18
C ALA L 40 23.43 2.28 -51.23
N TRP L 41 22.69 1.91 -50.20
CA TRP L 41 21.27 2.22 -50.14
C TRP L 41 21.03 3.62 -49.60
N ARG L 42 21.38 3.86 -48.34
CA ARG L 42 21.14 5.15 -47.69
C ARG L 42 22.28 5.45 -46.72
N PRO L 43 23.25 6.26 -47.14
CA PRO L 43 24.36 6.61 -46.24
C PRO L 43 23.88 7.31 -44.98
N TRP L 44 24.58 7.04 -43.88
CA TRP L 44 24.14 7.49 -42.57
C TRP L 44 25.06 8.55 -41.96
N ILE L 45 26.02 9.07 -42.71
CA ILE L 45 26.86 10.17 -42.24
C ILE L 45 26.38 11.43 -42.95
N PRO L 46 25.70 12.34 -42.26
CA PRO L 46 25.14 13.51 -42.94
C PRO L 46 26.22 14.51 -43.35
N GLY L 47 25.96 15.20 -44.45
CA GLY L 47 26.78 16.33 -44.83
C GLY L 47 26.37 17.56 -44.05
N ASP L 48 27.00 18.69 -44.41
CA ASP L 48 26.69 19.93 -43.72
C ASP L 48 25.25 20.36 -43.93
N GLU L 49 24.65 20.03 -45.07
CA GLU L 49 23.25 20.32 -45.31
C GLU L 49 22.33 19.18 -44.95
N GLY L 50 22.87 18.03 -44.58
CA GLY L 50 22.10 16.86 -44.26
C GLY L 50 22.19 15.80 -45.34
N PHE L 51 21.25 14.86 -45.30
CA PHE L 51 21.21 13.79 -46.28
C PHE L 51 20.79 14.31 -47.64
N MET M 1 54.59 -2.30 -13.11
CA MET M 1 53.17 -2.21 -13.41
C MET M 1 52.57 -3.59 -13.65
N TRP M 2 53.44 -4.54 -14.02
CA TRP M 2 53.00 -5.91 -14.24
C TRP M 2 52.49 -6.56 -12.96
N ARG M 3 52.87 -6.04 -11.80
CA ARG M 3 52.42 -6.59 -10.53
C ARG M 3 50.96 -6.25 -10.23
N LEU M 4 50.33 -5.43 -11.07
CA LEU M 4 48.89 -5.22 -10.95
C LEU M 4 48.14 -6.54 -11.10
N TRP M 5 48.70 -7.48 -11.85
CA TRP M 5 48.04 -8.74 -12.15
C TRP M 5 48.35 -9.84 -11.14
N LYS M 6 49.20 -9.58 -10.16
CA LYS M 6 49.29 -10.42 -8.98
C LYS M 6 48.46 -9.90 -7.82
N LEU M 7 47.75 -8.80 -8.01
CA LEU M 7 46.85 -8.26 -7.01
C LEU M 7 45.39 -8.56 -7.32
N TYR M 8 45.01 -8.48 -8.59
CA TYR M 8 43.64 -8.69 -9.02
C TYR M 8 43.59 -9.81 -10.03
N ASP M 9 42.47 -10.52 -10.03
CA ASP M 9 42.31 -11.63 -10.95
C ASP M 9 42.24 -11.09 -12.38
N PRO M 10 43.11 -11.56 -13.28
CA PRO M 10 43.07 -11.02 -14.65
C PRO M 10 41.72 -11.14 -15.31
N ARG M 11 41.01 -12.26 -15.12
CA ARG M 11 39.69 -12.40 -15.71
C ARG M 11 38.71 -11.38 -15.14
N ARG M 12 38.75 -11.16 -13.83
CA ARG M 12 37.82 -10.22 -13.21
C ARG M 12 38.00 -8.81 -13.75
N VAL M 13 39.26 -8.37 -13.86
CA VAL M 13 39.55 -7.04 -14.38
C VAL M 13 39.18 -6.95 -15.86
N LEU M 14 39.38 -8.03 -16.61
CA LEU M 14 38.95 -8.06 -17.99
C LEU M 14 37.43 -7.93 -18.10
N ILE M 15 36.69 -8.63 -17.24
CA ILE M 15 35.24 -8.55 -17.28
C ILE M 15 34.76 -7.17 -16.86
N GLY M 16 35.36 -6.60 -15.83
CA GLY M 16 34.95 -5.29 -15.36
C GLY M 16 35.28 -4.17 -16.34
N ILE M 17 36.48 -4.23 -16.94
CA ILE M 17 36.86 -3.19 -17.87
C ILE M 17 36.01 -3.25 -19.13
N PHE M 18 35.74 -4.46 -19.63
CA PHE M 18 34.89 -4.59 -20.81
C PHE M 18 33.48 -4.12 -20.53
N SER M 19 32.94 -4.45 -19.36
CA SER M 19 31.61 -3.96 -19.00
C SER M 19 31.57 -2.45 -18.95
N TRP M 20 32.59 -1.83 -18.36
CA TRP M 20 32.67 -0.38 -18.33
C TRP M 20 32.80 0.19 -19.74
N LEU M 21 33.62 -0.45 -20.58
CA LEU M 21 33.76 0.02 -21.95
C LEU M 21 32.44 -0.10 -22.72
N ALA M 22 31.71 -1.20 -22.53
CA ALA M 22 30.44 -1.37 -23.22
C ALA M 22 29.42 -0.34 -22.76
N VAL M 23 29.32 -0.13 -21.45
CA VAL M 23 28.38 0.85 -20.93
C VAL M 23 28.75 2.26 -21.42
N LEU M 24 30.03 2.61 -21.33
CA LEU M 24 30.46 3.94 -21.73
C LEU M 24 30.19 4.20 -23.21
N ALA M 25 30.47 3.20 -24.06
CA ALA M 25 30.24 3.36 -25.49
C ALA M 25 28.76 3.57 -25.79
N LEU M 26 27.89 2.77 -25.14
CA LEU M 26 26.46 2.96 -25.29
C LEU M 26 26.03 4.34 -24.81
N VAL M 27 26.56 4.78 -23.67
CA VAL M 27 26.15 6.06 -23.11
C VAL M 27 26.59 7.21 -24.01
N ILE M 28 27.82 7.15 -24.53
CA ILE M 28 28.29 8.23 -25.40
C ILE M 28 27.52 8.25 -26.73
N HIS M 29 27.32 7.09 -27.35
CA HIS M 29 26.61 7.04 -28.62
C HIS M 29 25.22 7.65 -28.49
N PHE M 30 24.50 7.31 -27.40
CA PHE M 30 23.18 7.89 -27.19
C PHE M 30 23.24 9.33 -26.73
N ILE M 31 24.35 9.74 -26.12
CA ILE M 31 24.54 11.16 -25.83
C ILE M 31 24.60 11.96 -27.12
N LEU M 32 25.27 11.41 -28.13
CA LEU M 32 25.35 12.10 -29.42
C LEU M 32 24.01 12.08 -30.15
N LEU M 33 23.25 10.99 -29.99
CA LEU M 33 21.94 10.92 -30.62
C LEU M 33 20.99 11.95 -30.04
N SER M 34 21.14 12.30 -28.75
CA SER M 34 20.26 13.26 -28.12
C SER M 34 20.59 14.70 -28.48
N THR M 35 21.73 14.96 -29.10
CA THR M 35 22.08 16.31 -29.51
C THR M 35 21.75 16.51 -30.99
N ASP M 36 21.64 17.78 -31.39
CA ASP M 36 21.33 18.11 -32.78
C ASP M 36 22.52 17.95 -33.71
N ARG M 37 23.73 18.27 -33.23
CA ARG M 37 24.87 18.36 -34.12
C ARG M 37 25.45 16.98 -34.46
N PHE M 38 25.33 16.02 -33.55
CA PHE M 38 26.04 14.75 -33.69
C PHE M 38 25.09 13.57 -33.85
N ASN M 39 23.86 13.81 -34.29
CA ASN M 39 22.92 12.75 -34.57
C ASN M 39 23.11 12.32 -36.02
N TRP M 40 23.80 11.19 -36.22
CA TRP M 40 24.10 10.76 -37.58
C TRP M 40 22.88 10.14 -38.26
N VAL M 41 22.04 9.41 -37.52
CA VAL M 41 20.82 8.88 -38.13
C VAL M 41 19.83 10.00 -38.39
N GLY M 42 19.77 11.01 -37.53
CA GLY M 42 18.83 12.10 -37.72
C GLY M 42 19.11 12.96 -38.92
N GLY M 43 20.36 13.00 -39.37
CA GLY M 43 20.71 13.77 -40.55
C GLY M 43 20.47 15.25 -40.43
N ALA M 44 20.75 15.81 -39.26
CA ALA M 44 20.55 17.24 -39.04
C ALA M 44 21.67 18.05 -39.66
N ALA M 45 21.31 19.16 -40.27
CA ALA M 45 22.25 20.06 -40.91
C ALA M 45 22.87 20.98 -39.88
N VAL M 46 24.18 21.15 -39.94
CA VAL M 46 24.87 22.04 -39.01
C VAL M 46 24.89 23.46 -39.55
N LEU N 7 46.88 -13.26 -3.10
CA LEU N 7 47.31 -13.07 -4.48
C LEU N 7 46.44 -13.91 -5.41
N THR N 8 46.79 -13.93 -6.69
CA THR N 8 46.01 -14.64 -7.69
C THR N 8 46.62 -15.98 -8.09
N GLY N 9 47.69 -16.40 -7.44
CA GLY N 9 48.40 -17.58 -7.86
C GLY N 9 48.98 -17.44 -9.25
N LEU N 10 49.51 -16.26 -9.57
CA LEU N 10 50.13 -16.01 -10.86
C LEU N 10 51.62 -15.76 -10.63
N SER N 11 52.45 -16.50 -11.35
CA SER N 11 53.88 -16.29 -11.23
C SER N 11 54.25 -14.90 -11.75
N ASP N 12 55.51 -14.53 -11.54
CA ASP N 12 56.01 -13.28 -12.09
C ASP N 12 56.00 -13.30 -13.61
N GLU N 13 56.31 -14.46 -14.20
CA GLU N 13 56.38 -14.56 -15.65
C GLU N 13 55.01 -14.46 -16.29
N GLU N 14 54.04 -15.21 -15.76
CA GLU N 14 52.70 -15.18 -16.35
C GLU N 14 52.04 -13.82 -16.16
N ALA N 15 52.21 -13.22 -14.99
CA ALA N 15 51.68 -11.87 -14.76
C ALA N 15 52.42 -10.86 -15.62
N LYS N 16 53.62 -11.19 -16.08
CA LYS N 16 54.32 -10.30 -17.00
C LYS N 16 53.86 -10.55 -18.43
N GLU N 17 53.45 -11.78 -18.75
CA GLU N 17 52.94 -12.06 -20.08
C GLU N 17 51.52 -11.53 -20.25
N PHE N 18 50.71 -11.62 -19.19
CA PHE N 18 49.39 -10.99 -19.26
C PHE N 18 49.53 -9.49 -19.42
N HIS N 19 50.44 -8.87 -18.67
CA HIS N 19 50.60 -7.42 -18.76
C HIS N 19 51.10 -7.00 -20.13
N SER N 20 52.02 -7.76 -20.72
CA SER N 20 52.51 -7.44 -22.06
C SER N 20 51.40 -7.54 -23.09
N ILE N 21 50.58 -8.59 -23.01
CA ILE N 21 49.48 -8.74 -23.96
C ILE N 21 48.39 -7.70 -23.68
N PHE N 22 48.13 -7.43 -22.39
CA PHE N 22 47.16 -6.40 -22.03
C PHE N 22 47.56 -5.04 -22.57
N MET N 23 48.84 -4.70 -22.46
CA MET N 23 49.30 -3.40 -22.93
C MET N 23 49.19 -3.29 -24.45
N GLN N 24 49.54 -4.36 -25.18
CA GLN N 24 49.36 -4.34 -26.62
C GLN N 24 47.89 -4.21 -26.99
N SER N 25 47.02 -4.95 -26.31
CA SER N 25 45.60 -4.88 -26.61
C SER N 25 45.04 -3.49 -26.30
N PHE N 26 45.42 -2.93 -25.15
CA PHE N 26 44.96 -1.59 -24.82
C PHE N 26 45.42 -0.57 -25.85
N LEU N 27 46.68 -0.65 -26.27
CA LEU N 27 47.19 0.30 -27.25
C LEU N 27 46.45 0.16 -28.58
N ILE N 28 46.14 -1.06 -28.99
CA ILE N 28 45.41 -1.25 -30.25
C ILE N 28 43.98 -0.72 -30.14
N PHE N 29 43.32 -1.00 -29.01
CA PHE N 29 41.98 -0.45 -28.81
C PHE N 29 42.01 1.08 -28.85
N THR N 30 43.04 1.66 -28.25
CA THR N 30 43.20 3.11 -28.30
C THR N 30 43.56 3.59 -29.70
N ALA N 31 44.46 2.89 -30.38
CA ALA N 31 44.86 3.32 -31.73
C ALA N 31 43.68 3.31 -32.68
N VAL N 32 42.83 2.28 -32.59
CA VAL N 32 41.59 2.29 -33.36
C VAL N 32 40.71 3.45 -32.94
N ALA N 33 40.60 3.69 -31.64
CA ALA N 33 39.75 4.77 -31.15
C ALA N 33 40.24 6.13 -31.62
N VAL N 34 41.55 6.34 -31.68
CA VAL N 34 42.07 7.62 -32.17
C VAL N 34 41.70 7.80 -33.64
N VAL N 35 41.82 6.75 -34.44
CA VAL N 35 41.43 6.84 -35.84
C VAL N 35 39.95 7.17 -35.97
N ALA N 36 39.12 6.52 -35.15
CA ALA N 36 37.69 6.83 -35.16
C ALA N 36 37.44 8.27 -34.77
N HIS N 37 38.22 8.80 -33.82
CA HIS N 37 38.01 10.18 -33.39
C HIS N 37 38.48 11.17 -34.45
N PHE N 38 39.54 10.85 -35.18
CA PHE N 38 39.90 11.65 -36.34
C PHE N 38 38.80 11.61 -37.40
N LEU N 39 38.22 10.44 -37.63
CA LEU N 39 37.08 10.34 -38.53
C LEU N 39 35.94 11.23 -38.07
N ALA N 40 35.59 11.15 -36.77
CA ALA N 40 34.49 11.95 -36.24
C ALA N 40 34.80 13.44 -36.30
N TRP N 41 36.05 13.81 -36.01
CA TRP N 41 36.42 15.21 -36.07
C TRP N 41 36.34 15.74 -37.49
N ALA N 42 36.77 14.95 -38.47
CA ALA N 42 36.62 15.35 -39.87
C ALA N 42 35.16 15.45 -40.27
N TRP N 43 34.29 14.64 -39.65
CA TRP N 43 32.87 14.75 -39.92
C TRP N 43 32.31 16.04 -39.35
N ARG N 44 32.38 16.20 -38.04
CA ARG N 44 31.88 17.37 -37.33
C ARG N 44 32.73 17.62 -36.09
N PRO N 45 33.52 18.68 -36.06
CA PRO N 45 34.32 18.97 -34.87
C PRO N 45 33.44 19.26 -33.66
N TRP N 46 33.91 18.85 -32.48
CA TRP N 46 33.10 18.92 -31.27
C TRP N 46 33.63 19.92 -30.25
N ILE N 47 34.54 20.80 -30.65
CA ILE N 47 35.04 21.85 -29.77
C ILE N 47 34.66 23.19 -30.40
N PRO N 48 33.70 23.93 -29.82
CA PRO N 48 33.19 25.12 -30.48
C PRO N 48 34.18 26.27 -30.45
N GLY N 49 33.93 27.25 -31.31
CA GLY N 49 34.63 28.52 -31.26
C GLY N 49 33.97 29.47 -30.30
N ALA N 50 34.54 30.67 -30.20
CA ALA N 50 33.95 31.66 -29.30
C ALA N 50 32.54 32.04 -29.73
N GLU N 51 32.26 31.97 -31.03
CA GLU N 51 30.92 32.22 -31.55
C GLU N 51 30.06 30.97 -31.59
N GLY N 52 30.58 29.83 -31.17
CA GLY N 52 29.87 28.58 -31.28
C GLY N 52 30.09 27.92 -32.62
N TYR N 53 29.24 26.94 -32.91
CA TYR N 53 29.28 26.26 -34.20
C TYR N 53 28.61 27.13 -35.26
N MET O 1 55.88 8.43 1.29
CA MET O 1 54.53 8.09 1.73
C MET O 1 54.18 6.66 1.33
N TRP O 2 55.19 5.83 1.12
CA TRP O 2 54.94 4.41 0.95
C TRP O 2 54.35 3.80 2.21
N ARG O 3 54.50 4.46 3.36
CA ARG O 3 53.97 3.99 4.63
C ARG O 3 52.45 4.01 4.66
N MET O 4 51.79 4.66 3.70
CA MET O 4 50.34 4.67 3.64
C MET O 4 49.78 3.25 3.57
N TRP O 5 50.45 2.36 2.85
CA TRP O 5 49.92 1.04 2.58
C TRP O 5 50.10 0.08 3.74
N LYS O 6 50.82 0.48 4.78
CA LYS O 6 50.78 -0.25 6.03
C LYS O 6 49.61 0.20 6.91
N ILE O 7 48.87 1.21 6.48
CA ILE O 7 47.60 1.60 7.10
C ILE O 7 46.41 1.16 6.24
N LEU O 8 46.32 1.68 5.03
CA LEU O 8 45.20 1.39 4.14
C LEU O 8 45.47 0.13 3.33
N ASP O 9 44.42 -0.63 3.07
CA ASP O 9 44.53 -1.79 2.18
C ASP O 9 44.72 -1.28 0.76
N TYR O 10 45.93 -1.44 0.22
CA TYR O 10 46.21 -0.91 -1.11
C TYR O 10 45.34 -1.57 -2.17
N ARG O 11 45.11 -2.87 -2.05
CA ARG O 11 44.23 -3.56 -2.99
C ARG O 11 42.81 -3.01 -2.92
N ARG O 12 42.34 -2.71 -1.70
CA ARG O 12 41.01 -2.11 -1.56
C ARG O 12 40.99 -0.68 -2.08
N THR O 13 42.09 0.06 -1.88
CA THR O 13 42.10 1.48 -2.19
C THR O 13 42.14 1.74 -3.69
N VAL O 14 42.89 0.93 -4.44
CA VAL O 14 42.94 1.13 -5.89
C VAL O 14 41.57 0.95 -6.50
N VAL O 15 40.85 -0.09 -6.08
CA VAL O 15 39.50 -0.32 -6.58
C VAL O 15 38.59 0.84 -6.20
N LEU O 16 38.66 1.26 -4.94
CA LEU O 16 37.82 2.37 -4.49
C LEU O 16 38.15 3.67 -5.22
N ALA O 17 39.44 3.91 -5.48
CA ALA O 17 39.84 5.13 -6.17
C ALA O 17 39.25 5.18 -7.57
N HIS O 18 39.40 4.10 -8.34
CA HIS O 18 38.90 4.10 -9.72
C HIS O 18 37.40 4.36 -9.74
N VAL O 19 36.66 3.65 -8.90
CA VAL O 19 35.21 3.85 -8.83
C VAL O 19 34.89 5.26 -8.35
N GLY O 20 35.59 5.71 -7.31
CA GLY O 20 35.29 7.02 -6.77
C GLY O 20 35.62 8.16 -7.71
N MET O 21 36.72 8.03 -8.46
CA MET O 21 37.06 9.04 -9.45
C MET O 21 36.18 8.92 -10.69
N ALA O 22 35.71 7.71 -11.01
CA ALA O 22 34.77 7.56 -12.11
C ALA O 22 33.48 8.29 -11.83
N VAL O 23 32.99 8.21 -10.60
CA VAL O 23 31.79 8.95 -10.23
C VAL O 23 32.06 10.45 -10.28
N LEU O 24 33.26 10.87 -9.88
CA LEU O 24 33.59 12.29 -9.94
C LEU O 24 33.75 12.77 -11.37
N ALA O 25 34.40 11.97 -12.23
CA ALA O 25 34.61 12.39 -13.61
C ALA O 25 33.29 12.57 -14.33
N LEU O 26 32.35 11.63 -14.15
CA LEU O 26 31.04 11.78 -14.77
C LEU O 26 30.29 12.97 -14.21
N LEU O 27 30.36 13.19 -12.89
CA LEU O 27 29.66 14.32 -12.31
C LEU O 27 30.17 15.64 -12.86
N ILE O 28 31.50 15.78 -12.99
CA ILE O 28 32.03 17.04 -13.50
C ILE O 28 31.70 17.19 -14.98
N HIS O 29 31.85 16.12 -15.76
CA HIS O 29 31.43 16.17 -17.17
C HIS O 29 29.95 16.49 -17.30
N PHE O 30 29.11 15.89 -16.44
CA PHE O 30 27.67 16.17 -16.47
C PHE O 30 27.38 17.63 -16.15
N ILE O 31 28.05 18.17 -15.13
CA ILE O 31 27.82 19.56 -14.72
C ILE O 31 28.14 20.50 -15.86
N LEU O 32 29.26 20.28 -16.54
CA LEU O 32 29.64 21.14 -17.66
C LEU O 32 28.65 21.02 -18.80
N LEU O 33 28.17 19.80 -19.07
CA LEU O 33 27.19 19.62 -20.13
C LEU O 33 25.88 20.31 -19.81
N SER O 34 25.62 20.62 -18.54
CA SER O 34 24.41 21.32 -18.13
C SER O 34 24.59 22.83 -18.04
N THR O 35 25.78 23.35 -18.28
CA THR O 35 26.01 24.79 -18.33
C THR O 35 25.98 25.27 -19.78
N GLU O 36 25.58 26.52 -19.95
CA GLU O 36 25.52 27.08 -21.30
C GLU O 36 26.91 27.30 -21.88
N ASN O 37 27.86 27.71 -21.05
CA ASN O 37 29.17 28.12 -21.52
C ASN O 37 30.15 26.97 -21.72
N PHE O 38 29.86 25.78 -21.19
CA PHE O 38 30.82 24.69 -21.28
C PHE O 38 30.15 23.40 -21.73
N ASN O 39 29.04 23.49 -22.46
CA ASN O 39 28.48 22.35 -23.17
C ASN O 39 29.12 22.35 -24.55
N TRP O 40 30.16 21.54 -24.73
CA TRP O 40 30.82 21.47 -26.03
C TRP O 40 29.91 20.86 -27.07
N LEU O 41 29.02 19.96 -26.66
CA LEU O 41 28.10 19.33 -27.62
C LEU O 41 27.07 20.34 -28.13
N GLN O 42 26.62 21.26 -27.28
CA GLN O 42 25.74 22.33 -27.75
C GLN O 42 26.53 23.37 -28.54
N GLY O 43 27.71 23.75 -28.05
CA GLY O 43 28.50 24.78 -28.71
C GLY O 43 27.88 26.16 -28.68
N ASN O 44 27.35 26.56 -27.54
CA ASN O 44 26.81 27.89 -27.40
C ASN O 44 27.93 28.93 -27.45
N PRO O 45 27.63 30.16 -27.85
CA PRO O 45 28.67 31.19 -27.85
C PRO O 45 29.22 31.43 -26.46
N TYR O 46 30.53 31.66 -26.39
CA TYR O 46 31.24 31.78 -25.13
C TYR O 46 31.00 33.12 -24.46
N ASN P 7 51.48 -7.16 9.06
CA ASN P 7 50.74 -7.61 7.87
C ASN P 7 51.48 -7.19 6.62
N VAL P 8 51.23 -5.95 6.19
CA VAL P 8 51.93 -5.37 5.04
C VAL P 8 53.36 -5.05 5.45
N SER P 9 54.32 -5.52 4.68
CA SER P 9 55.73 -5.32 4.98
C SER P 9 56.27 -4.07 4.29
N ASP P 10 57.52 -3.74 4.63
CA ASP P 10 58.16 -2.58 4.02
C ASP P 10 58.38 -2.79 2.53
N GLU P 11 58.83 -3.98 2.14
CA GLU P 11 59.08 -4.25 0.72
C GLU P 11 57.78 -4.20 -0.08
N GLU P 12 56.71 -4.77 0.46
CA GLU P 12 55.42 -4.76 -0.23
C GLU P 12 54.85 -3.34 -0.33
N ALA P 13 54.96 -2.56 0.74
CA ALA P 13 54.43 -1.20 0.71
C ALA P 13 55.17 -0.34 -0.30
N LYS P 14 56.46 -0.56 -0.46
CA LYS P 14 57.27 0.25 -1.37
C LYS P 14 56.99 -0.10 -2.83
N GLU P 15 56.69 -1.36 -3.11
CA GLU P 15 56.30 -1.73 -4.47
C GLU P 15 54.84 -1.40 -4.75
N PHE P 16 53.99 -1.42 -3.73
CA PHE P 16 52.66 -0.83 -3.86
C PHE P 16 52.77 0.65 -4.18
N HIS P 17 53.81 1.30 -3.67
CA HIS P 17 53.98 2.73 -3.90
C HIS P 17 54.61 3.01 -5.25
N ALA P 18 55.43 2.09 -5.78
CA ALA P 18 55.99 2.30 -7.10
C ALA P 18 54.91 2.21 -8.17
N MET P 19 53.98 1.28 -8.03
CA MET P 19 52.83 1.24 -8.93
C MET P 19 51.96 2.47 -8.77
N PHE P 20 51.71 2.87 -7.52
CA PHE P 20 50.88 4.04 -7.26
C PHE P 20 51.52 5.31 -7.83
N SER P 21 52.83 5.45 -7.65
CA SER P 21 53.52 6.64 -8.15
C SER P 21 53.46 6.71 -9.67
N GLN P 22 53.64 5.57 -10.34
CA GLN P 22 53.53 5.55 -11.79
C GLN P 22 52.14 5.95 -12.23
N ALA P 23 51.12 5.41 -11.57
CA ALA P 23 49.74 5.74 -11.93
C ALA P 23 49.43 7.20 -11.61
N PHE P 24 49.97 7.71 -10.51
CA PHE P 24 49.68 9.08 -10.11
C PHE P 24 50.36 10.08 -11.03
N THR P 25 51.62 9.85 -11.40
CA THR P 25 52.31 10.75 -12.30
C THR P 25 51.59 10.84 -13.63
N VAL P 26 51.19 9.69 -14.18
CA VAL P 26 50.53 9.67 -15.47
C VAL P 26 49.14 10.29 -15.39
N TYR P 27 48.38 9.95 -14.35
CA TYR P 27 47.03 10.48 -14.23
C TYR P 27 47.02 11.98 -13.99
N ILE P 28 47.84 12.46 -13.06
CA ILE P 28 47.91 13.89 -12.81
C ILE P 28 48.50 14.62 -14.01
N GLY P 29 49.49 14.01 -14.66
CA GLY P 29 50.11 14.64 -15.82
C GLY P 29 49.13 14.83 -16.96
N VAL P 30 48.35 13.79 -17.27
CA VAL P 30 47.33 13.92 -18.31
C VAL P 30 46.26 14.92 -17.91
N ALA P 31 45.83 14.87 -16.65
CA ALA P 31 44.80 15.79 -16.18
C ALA P 31 45.26 17.24 -16.28
N VAL P 32 46.53 17.49 -15.99
CA VAL P 32 47.07 18.84 -16.12
C VAL P 32 47.02 19.29 -17.57
N VAL P 33 47.40 18.42 -18.50
CA VAL P 33 47.34 18.76 -19.92
C VAL P 33 45.91 19.06 -20.33
N ALA P 34 44.96 18.29 -19.81
CA ALA P 34 43.56 18.50 -20.14
C ALA P 34 43.06 19.86 -19.68
N HIS P 35 43.48 20.29 -18.49
CA HIS P 35 43.04 21.58 -17.97
C HIS P 35 43.71 22.74 -18.71
N ILE P 36 44.95 22.54 -19.15
CA ILE P 36 45.62 23.57 -19.93
C ILE P 36 44.91 23.76 -21.26
N LEU P 37 44.53 22.66 -21.91
CA LEU P 37 43.76 22.76 -23.14
C LEU P 37 42.37 23.34 -22.88
N ALA P 38 41.76 22.96 -21.76
CA ALA P 38 40.43 23.47 -21.43
C ALA P 38 40.47 24.98 -21.21
N TRP P 39 41.51 25.48 -20.53
CA TRP P 39 41.63 26.92 -20.36
C TRP P 39 41.85 27.62 -21.69
N ALA P 40 42.71 27.06 -22.54
CA ALA P 40 42.93 27.64 -23.86
C ALA P 40 41.64 27.67 -24.68
N TRP P 41 40.80 26.65 -24.51
CA TRP P 41 39.51 26.65 -25.19
C TRP P 41 38.57 27.70 -24.61
N ARG P 42 38.20 27.56 -23.35
CA ARG P 42 37.30 28.48 -22.67
C ARG P 42 37.64 28.58 -21.20
N PRO P 43 38.21 29.70 -20.75
CA PRO P 43 38.49 29.88 -19.33
C PRO P 43 37.20 29.82 -18.51
N TRP P 44 37.30 29.23 -17.33
CA TRP P 44 36.14 29.05 -16.46
C TRP P 44 36.13 30.01 -15.28
N ILE P 45 37.10 30.93 -15.20
CA ILE P 45 37.12 31.91 -14.14
C ILE P 45 36.71 33.25 -14.73
N PRO P 46 35.50 33.73 -14.45
CA PRO P 46 35.00 34.92 -15.13
C PRO P 46 35.52 36.20 -14.50
N GLY P 47 35.71 37.20 -15.35
CA GLY P 47 36.14 38.51 -14.93
C GLY P 47 34.98 39.30 -14.36
N ASP P 48 35.24 40.58 -14.10
CA ASP P 48 34.21 41.44 -13.52
C ASP P 48 32.96 41.49 -14.38
N GLU P 49 33.13 41.38 -15.70
CA GLU P 49 32.01 41.42 -16.63
C GLU P 49 31.63 40.03 -17.13
N GLY P 50 32.05 38.97 -16.46
CA GLY P 50 31.80 37.63 -16.94
C GLY P 50 32.77 37.25 -18.03
N PHE P 51 32.44 36.14 -18.70
CA PHE P 51 33.28 35.62 -19.77
C PHE P 51 33.31 36.58 -20.96
N MET Q 1 50.66 15.70 22.02
CA MET Q 1 49.49 15.54 21.18
C MET Q 1 49.57 14.25 20.38
N TRP Q 2 50.79 13.75 20.22
CA TRP Q 2 51.00 12.50 19.50
C TRP Q 2 50.34 11.31 20.19
N ARG Q 3 49.97 11.46 21.46
CA ARG Q 3 49.30 10.39 22.18
C ARG Q 3 47.89 10.14 21.66
N LEU Q 4 47.44 10.90 20.66
CA LEU Q 4 46.16 10.61 20.01
C LEU Q 4 46.17 9.23 19.39
N TRP Q 5 47.29 8.84 18.78
CA TRP Q 5 47.33 7.64 17.97
C TRP Q 5 47.40 6.37 18.80
N LYS Q 6 47.76 6.46 20.08
CA LYS Q 6 47.55 5.32 20.95
C LYS Q 6 46.06 5.15 21.24
N LEU Q 7 45.32 6.25 21.32
CA LEU Q 7 43.91 6.18 21.66
C LEU Q 7 43.05 5.73 20.49
N TYR Q 8 43.40 6.11 19.26
CA TYR Q 8 42.58 5.83 18.08
C TYR Q 8 43.39 5.12 17.01
N ASP Q 9 42.67 4.40 16.15
CA ASP Q 9 43.30 3.71 15.03
C ASP Q 9 43.56 4.69 13.89
N PRO Q 10 44.80 4.78 13.39
CA PRO Q 10 45.06 5.73 12.29
C PRO Q 10 44.20 5.52 11.07
N ARG Q 11 43.88 4.27 10.72
CA ARG Q 11 43.02 4.03 9.56
C ARG Q 11 41.64 4.63 9.77
N ARG Q 12 41.05 4.42 10.95
CA ARG Q 12 39.72 4.95 11.21
C ARG Q 12 39.72 6.47 11.19
N VAL Q 13 40.72 7.11 11.79
CA VAL Q 13 40.77 8.56 11.81
C VAL Q 13 40.97 9.12 10.40
N LEU Q 14 41.83 8.48 9.61
CA LEU Q 14 42.05 8.96 8.24
C LEU Q 14 40.81 8.80 7.38
N ILE Q 15 40.10 7.68 7.51
CA ILE Q 15 38.86 7.51 6.76
C ILE Q 15 37.82 8.53 7.22
N GLY Q 16 37.76 8.79 8.53
CA GLY Q 16 36.82 9.78 9.03
C GLY Q 16 37.13 11.19 8.58
N ILE Q 17 38.41 11.57 8.65
CA ILE Q 17 38.81 12.91 8.22
C ILE Q 17 38.56 13.08 6.73
N PHE Q 18 38.95 12.08 5.94
CA PHE Q 18 38.78 12.17 4.49
C PHE Q 18 37.31 12.22 4.10
N SER Q 19 36.46 11.46 4.79
CA SER Q 19 35.04 11.50 4.49
C SER Q 19 34.43 12.85 4.87
N TRP Q 20 34.95 13.47 5.93
CA TRP Q 20 34.49 14.80 6.29
C TRP Q 20 34.94 15.85 5.29
N LEU Q 21 36.18 15.75 4.83
CA LEU Q 21 36.69 16.70 3.84
C LEU Q 21 35.96 16.58 2.52
N ALA Q 22 35.70 15.36 2.07
CA ALA Q 22 35.01 15.17 0.80
C ALA Q 22 33.62 15.75 0.85
N VAL Q 23 32.90 15.52 1.95
CA VAL Q 23 31.55 16.06 2.05
C VAL Q 23 31.60 17.58 2.24
N LEU Q 24 32.55 18.07 3.03
CA LEU Q 24 32.67 19.51 3.21
C LEU Q 24 33.02 20.20 1.90
N ALA Q 25 33.96 19.64 1.14
CA ALA Q 25 34.31 20.20 -0.15
C ALA Q 25 33.14 20.15 -1.12
N LEU Q 26 32.41 19.03 -1.14
CA LEU Q 26 31.23 18.92 -2.00
C LEU Q 26 30.17 19.94 -1.61
N VAL Q 27 29.95 20.14 -0.32
CA VAL Q 27 28.93 21.08 0.13
C VAL Q 27 29.33 22.50 -0.24
N ILE Q 28 30.58 22.89 0.05
CA ILE Q 28 30.99 24.26 -0.23
C ILE Q 28 30.95 24.56 -1.73
N HIS Q 29 31.46 23.64 -2.55
CA HIS Q 29 31.45 23.87 -3.99
C HIS Q 29 30.03 24.01 -4.51
N PHE Q 30 29.11 23.18 -4.03
CA PHE Q 30 27.71 23.30 -4.42
C PHE Q 30 27.13 24.64 -3.98
N ILE Q 31 27.40 25.06 -2.74
CA ILE Q 31 26.88 26.32 -2.25
C ILE Q 31 27.36 27.47 -3.13
N LEU Q 32 28.61 27.41 -3.58
CA LEU Q 32 29.11 28.46 -4.45
C LEU Q 32 28.47 28.40 -5.84
N LEU Q 33 28.13 27.20 -6.30
CA LEU Q 33 27.48 27.07 -7.60
C LEU Q 33 26.06 27.58 -7.57
N SER Q 34 25.45 27.68 -6.38
CA SER Q 34 24.08 28.12 -6.27
C SER Q 34 23.96 29.64 -6.16
N THR Q 35 25.00 30.32 -5.70
CA THR Q 35 24.98 31.76 -5.65
C THR Q 35 25.20 32.34 -7.04
N ASP Q 36 24.86 33.62 -7.20
CA ASP Q 36 25.05 34.32 -8.46
C ASP Q 36 26.38 35.05 -8.54
N ARG Q 37 27.15 35.05 -7.46
CA ARG Q 37 28.44 35.74 -7.44
C ARG Q 37 29.62 34.79 -7.53
N PHE Q 38 29.54 33.61 -6.92
CA PHE Q 38 30.67 32.69 -6.93
C PHE Q 38 30.42 31.47 -7.80
N ASN Q 39 29.34 31.46 -8.58
CA ASN Q 39 29.12 30.42 -9.57
C ASN Q 39 30.07 30.70 -10.73
N TRP Q 40 31.21 29.98 -10.76
CA TRP Q 40 32.25 30.29 -11.73
C TRP Q 40 31.89 29.77 -13.12
N VAL Q 41 31.27 28.59 -13.22
CA VAL Q 41 30.90 28.07 -14.53
C VAL Q 41 29.73 28.85 -15.13
N GLY Q 42 28.94 29.51 -14.31
CA GLY Q 42 27.88 30.34 -14.83
C GLY Q 42 28.34 31.63 -15.47
N GLY Q 43 29.51 32.12 -15.07
CA GLY Q 43 30.04 33.32 -15.67
C GLY Q 43 29.22 34.56 -15.40
N ALA Q 44 28.43 34.56 -14.33
CA ALA Q 44 27.71 35.76 -13.93
C ALA Q 44 28.71 36.81 -13.45
N ALA Q 45 28.35 38.08 -13.65
CA ALA Q 45 29.23 39.20 -13.39
C ALA Q 45 28.99 39.77 -12.00
N VAL Q 46 29.96 40.53 -11.51
CA VAL Q 46 29.91 41.08 -10.16
C VAL Q 46 28.97 42.27 -10.08
N LEU R 7 44.89 -0.12 24.40
CA LEU R 7 44.82 0.87 23.34
C LEU R 7 45.21 0.26 21.99
N THR R 8 45.18 1.07 20.94
CA THR R 8 45.48 0.57 19.60
C THR R 8 46.94 0.14 19.50
N GLY R 9 47.22 -0.70 18.51
CA GLY R 9 48.51 -1.37 18.43
C GLY R 9 49.66 -0.54 17.93
N LEU R 10 49.91 0.61 18.57
CA LEU R 10 50.99 1.51 18.20
C LEU R 10 51.87 1.79 19.40
N SER R 11 53.18 1.63 19.22
CA SER R 11 54.14 2.01 20.24
C SER R 11 54.25 3.52 20.30
N ASP R 12 54.99 4.02 21.29
CA ASP R 12 55.20 5.46 21.38
C ASP R 12 56.03 5.96 20.22
N GLU R 13 56.76 5.08 19.55
CA GLU R 13 57.54 5.49 18.38
C GLU R 13 56.68 5.49 17.12
N GLU R 14 55.92 4.42 16.90
CA GLU R 14 55.04 4.39 15.73
C GLU R 14 53.97 5.48 15.83
N ALA R 15 53.53 5.79 17.06
CA ALA R 15 52.61 6.90 17.24
C ALA R 15 53.26 8.22 16.87
N LYS R 16 54.52 8.41 17.25
CA LYS R 16 55.21 9.65 16.89
C LYS R 16 55.51 9.69 15.40
N GLU R 17 55.87 8.56 14.80
CA GLU R 17 56.11 8.56 13.36
C GLU R 17 54.85 8.90 12.58
N PHE R 18 53.70 8.38 13.02
CA PHE R 18 52.45 8.77 12.36
C PHE R 18 52.17 10.26 12.55
N HIS R 19 52.41 10.77 13.75
CA HIS R 19 52.09 12.17 14.01
C HIS R 19 52.92 13.10 13.15
N SER R 20 54.22 12.79 12.98
CA SER R 20 55.06 13.67 12.18
C SER R 20 54.60 13.72 10.73
N ILE R 21 54.28 12.56 10.14
CA ILE R 21 53.76 12.54 8.78
C ILE R 21 52.37 13.16 8.74
N PHE R 22 51.57 12.94 9.77
CA PHE R 22 50.22 13.50 9.81
C PHE R 22 50.26 15.02 9.84
N MET R 23 51.14 15.59 10.67
CA MET R 23 51.24 17.04 10.74
C MET R 23 51.83 17.61 9.46
N GLN R 24 52.73 16.86 8.82
CA GLN R 24 53.28 17.29 7.54
C GLN R 24 52.21 17.29 6.46
N SER R 25 51.44 16.20 6.38
CA SER R 25 50.34 16.15 5.42
C SER R 25 49.30 17.21 5.71
N PHE R 26 48.96 17.40 6.98
CA PHE R 26 47.97 18.40 7.36
C PHE R 26 48.44 19.80 7.01
N LEU R 27 49.71 20.10 7.28
CA LEU R 27 50.26 21.40 6.95
C LEU R 27 50.23 21.64 5.45
N ILE R 28 50.61 20.64 4.66
CA ILE R 28 50.67 20.82 3.21
C ILE R 28 49.26 20.95 2.63
N PHE R 29 48.32 20.14 3.11
CA PHE R 29 46.94 20.27 2.66
C PHE R 29 46.39 21.64 3.01
N THR R 30 46.64 22.11 4.23
CA THR R 30 46.17 23.43 4.62
C THR R 30 46.85 24.52 3.80
N ALA R 31 48.17 24.41 3.59
CA ALA R 31 48.88 25.43 2.85
C ALA R 31 48.41 25.52 1.41
N VAL R 32 48.17 24.38 0.76
CA VAL R 32 47.58 24.40 -0.58
C VAL R 32 46.22 25.08 -0.55
N ALA R 33 45.41 24.74 0.46
CA ALA R 33 44.09 25.34 0.59
C ALA R 33 44.19 26.85 0.82
N VAL R 34 45.17 27.28 1.60
CA VAL R 34 45.38 28.71 1.83
C VAL R 34 45.69 29.42 0.53
N VAL R 35 46.55 28.82 -0.30
CA VAL R 35 46.85 29.41 -1.61
C VAL R 35 45.58 29.46 -2.46
N ALA R 36 44.80 28.39 -2.45
CA ALA R 36 43.55 28.41 -3.18
C ALA R 36 42.63 29.52 -2.69
N HIS R 37 42.69 29.82 -1.38
CA HIS R 37 41.83 30.86 -0.83
C HIS R 37 42.35 32.25 -1.18
N PHE R 38 43.66 32.42 -1.29
CA PHE R 38 44.22 33.70 -1.73
C PHE R 38 43.90 33.97 -3.19
N LEU R 39 43.97 32.94 -4.03
CA LEU R 39 43.60 33.12 -5.43
C LEU R 39 42.12 33.46 -5.56
N ALA R 40 41.26 32.76 -4.82
CA ALA R 40 39.83 33.04 -4.89
C ALA R 40 39.51 34.44 -4.42
N TRP R 41 40.16 34.89 -3.34
CA TRP R 41 39.93 36.25 -2.87
C TRP R 41 40.41 37.28 -3.89
N ALA R 42 41.52 36.98 -4.56
CA ALA R 42 41.96 37.84 -5.66
C ALA R 42 40.92 37.88 -6.76
N TRP R 43 40.19 36.78 -6.96
CA TRP R 43 39.16 36.73 -7.98
C TRP R 43 37.95 37.55 -7.56
N ARG R 44 37.28 37.14 -6.48
CA ARG R 44 36.10 37.81 -5.93
C ARG R 44 36.04 37.65 -4.42
N PRO R 45 36.17 38.73 -3.65
CA PRO R 45 36.07 38.62 -2.19
C PRO R 45 34.68 38.22 -1.74
N TRP R 46 34.63 37.51 -0.61
CA TRP R 46 33.37 37.00 -0.09
C TRP R 46 32.94 37.67 1.20
N ILE R 47 33.52 38.80 1.56
CA ILE R 47 33.11 39.53 2.76
C ILE R 47 32.52 40.88 2.33
N PRO R 48 31.21 41.04 2.31
CA PRO R 48 30.63 42.28 1.78
C PRO R 48 30.74 43.43 2.77
N GLY R 49 30.65 44.64 2.22
CA GLY R 49 30.56 45.84 3.02
C GLY R 49 29.12 46.11 3.44
N ALA R 50 28.95 47.23 4.14
CA ALA R 50 27.60 47.62 4.58
C ALA R 50 26.68 47.87 3.41
N GLU R 51 27.24 48.28 2.26
CA GLU R 51 26.45 48.52 1.06
C GLU R 51 26.20 47.24 0.26
N GLY R 52 26.93 46.17 0.54
CA GLY R 52 26.81 44.94 -0.22
C GLY R 52 27.92 44.76 -1.23
N TYR R 53 27.61 44.09 -2.33
CA TYR R 53 28.56 43.90 -3.41
C TYR R 53 28.27 44.87 -4.55
N MET S 1 41.04 20.01 36.38
CA MET S 1 39.79 19.33 36.05
C MET S 1 40.04 17.97 35.41
N TRP S 2 41.24 17.42 35.60
CA TRP S 2 41.55 16.13 35.03
C TRP S 2 40.73 15.00 35.61
N ARG S 3 40.14 15.19 36.80
CA ARG S 3 39.29 14.16 37.37
C ARG S 3 38.05 13.90 36.52
N MET S 4 37.72 14.84 35.62
CA MET S 4 36.65 14.59 34.67
C MET S 4 36.94 13.37 33.81
N TRP S 5 38.21 13.10 33.53
CA TRP S 5 38.59 11.96 32.71
C TRP S 5 38.71 10.66 33.50
N LYS S 6 38.50 10.70 34.81
CA LYS S 6 38.28 9.48 35.57
C LYS S 6 36.81 9.14 35.71
N ILE S 7 35.92 9.99 35.17
CA ILE S 7 34.49 9.73 35.14
C ILE S 7 34.10 9.43 33.70
N LEU S 8 34.29 10.41 32.83
CA LEU S 8 34.03 10.27 31.41
C LEU S 8 35.24 9.68 30.72
N ASP S 9 34.98 8.93 29.65
CA ASP S 9 36.07 8.34 28.89
C ASP S 9 36.59 9.38 27.92
N TYR S 10 37.85 9.79 28.11
CA TYR S 10 38.43 10.85 27.31
C TYR S 10 38.46 10.47 25.83
N ARG S 11 38.62 9.18 25.55
CA ARG S 11 38.62 8.72 24.16
C ARG S 11 37.30 9.01 23.48
N ARG S 12 36.19 8.74 24.15
CA ARG S 12 34.89 8.88 23.52
C ARG S 12 34.28 10.27 23.78
N THR S 13 34.84 11.03 24.71
CA THR S 13 34.46 12.44 24.81
C THR S 13 35.06 13.24 23.67
N VAL S 14 36.29 12.92 23.27
CA VAL S 14 36.93 13.64 22.19
C VAL S 14 36.21 13.37 20.87
N VAL S 15 35.87 12.12 20.59
CA VAL S 15 35.12 11.80 19.39
C VAL S 15 33.77 12.49 19.42
N LEU S 16 33.08 12.45 20.56
CA LEU S 16 31.76 13.06 20.67
C LEU S 16 31.84 14.57 20.50
N ALA S 17 32.81 15.22 21.13
CA ALA S 17 32.95 16.66 20.99
C ALA S 17 33.18 17.06 19.55
N HIS S 18 34.04 16.34 18.84
CA HIS S 18 34.33 16.67 17.45
C HIS S 18 33.10 16.51 16.57
N VAL S 19 32.36 15.41 16.72
CA VAL S 19 31.17 15.23 15.88
C VAL S 19 30.05 16.15 16.33
N GLY S 20 29.96 16.46 17.62
CA GLY S 20 28.96 17.40 18.08
C GLY S 20 29.21 18.81 17.59
N MET S 21 30.46 19.25 17.63
CA MET S 21 30.79 20.58 17.12
C MET S 21 30.65 20.64 15.61
N ALA S 22 30.85 19.52 14.93
CA ALA S 22 30.63 19.47 13.48
C ALA S 22 29.17 19.73 13.14
N VAL S 23 28.25 19.12 13.90
CA VAL S 23 26.83 19.32 13.65
C VAL S 23 26.43 20.77 13.90
N LEU S 24 26.94 21.35 15.00
CA LEU S 24 26.60 22.72 15.36
C LEU S 24 27.20 23.72 14.39
N ALA S 25 28.45 23.50 13.96
CA ALA S 25 29.09 24.43 13.04
C ALA S 25 28.37 24.48 11.70
N LEU S 26 27.98 23.32 11.17
CA LEU S 26 27.21 23.31 9.93
C LEU S 26 25.86 23.97 10.13
N LEU S 27 25.20 23.68 11.26
CA LEU S 27 23.89 24.26 11.54
C LEU S 27 23.95 25.78 11.61
N ILE S 28 24.94 26.32 12.33
CA ILE S 28 25.03 27.77 12.47
C ILE S 28 25.41 28.43 11.16
N HIS S 29 26.44 27.91 10.49
CA HIS S 29 26.85 28.47 9.21
C HIS S 29 25.70 28.44 8.21
N PHE S 30 24.87 27.39 8.25
CA PHE S 30 23.74 27.30 7.32
C PHE S 30 22.61 28.24 7.72
N ILE S 31 22.40 28.43 9.02
CA ILE S 31 21.41 29.40 9.48
C ILE S 31 21.80 30.80 9.03
N LEU S 32 23.09 31.15 9.18
CA LEU S 32 23.55 32.46 8.75
C LEU S 32 23.43 32.64 7.24
N LEU S 33 23.67 31.57 6.48
CA LEU S 33 23.48 31.64 5.03
C LEU S 33 22.02 31.85 4.67
N SER S 34 21.10 31.48 5.55
CA SER S 34 19.69 31.65 5.30
C SER S 34 19.11 32.93 5.89
N THR S 35 19.95 33.92 6.19
CA THR S 35 19.50 35.22 6.64
C THR S 35 19.99 36.27 5.65
N GLU S 36 19.21 37.35 5.52
CA GLU S 36 19.60 38.39 4.58
C GLU S 36 20.76 39.22 5.11
N ASN S 37 20.88 39.35 6.43
CA ASN S 37 21.90 40.20 7.01
C ASN S 37 23.23 39.51 7.18
N PHE S 38 23.31 38.21 7.01
CA PHE S 38 24.56 37.51 7.25
C PHE S 38 24.88 36.45 6.20
N ASN S 39 24.12 36.37 5.12
CA ASN S 39 24.58 35.56 3.99
C ASN S 39 25.72 36.30 3.33
N TRP S 40 26.96 35.97 3.71
CA TRP S 40 28.14 36.62 3.15
C TRP S 40 28.37 36.27 1.69
N LEU S 41 27.66 35.28 1.16
CA LEU S 41 27.75 34.96 -0.26
C LEU S 41 26.75 35.74 -1.10
N GLN S 42 25.56 35.99 -0.56
CA GLN S 42 24.61 36.85 -1.27
C GLN S 42 25.02 38.31 -1.17
N GLY S 43 25.57 38.71 -0.03
CA GLY S 43 26.04 40.06 0.15
C GLY S 43 24.98 41.12 0.04
N ASN S 44 23.85 40.89 0.71
CA ASN S 44 22.79 41.88 0.79
C ASN S 44 23.25 43.07 1.64
N PRO S 45 22.67 44.24 1.43
CA PRO S 45 23.04 45.40 2.25
C PRO S 45 22.79 45.15 3.73
N TYR S 46 23.65 45.72 4.56
CA TYR S 46 23.51 45.61 6.00
C TYR S 46 22.81 46.83 6.57
N ASN T 7 42.26 1.86 37.14
CA ASN T 7 41.33 2.03 36.02
C ASN T 7 41.93 3.01 35.03
N VAL T 8 41.65 4.31 35.24
CA VAL T 8 42.17 5.36 34.38
C VAL T 8 43.48 5.88 34.96
N SER T 9 43.55 6.01 36.29
CA SER T 9 44.73 6.44 37.03
C SER T 9 45.00 7.94 36.87
N ASP T 10 45.65 8.53 37.88
CA ASP T 10 45.82 9.98 37.92
C ASP T 10 46.69 10.49 36.78
N GLU T 11 47.84 9.84 36.55
CA GLU T 11 48.76 10.32 35.54
C GLU T 11 48.14 10.28 34.15
N GLU T 12 47.38 9.23 33.85
CA GLU T 12 46.72 9.15 32.56
C GLU T 12 45.64 10.21 32.42
N ALA T 13 44.94 10.52 33.51
CA ALA T 13 43.97 11.61 33.49
C ALA T 13 44.65 12.95 33.23
N LYS T 14 45.86 13.13 33.75
CA LYS T 14 46.61 14.36 33.49
C LYS T 14 47.13 14.41 32.07
N GLU T 15 47.56 13.27 31.53
CA GLU T 15 47.96 13.21 30.13
C GLU T 15 46.79 13.54 29.21
N PHE T 16 45.61 12.99 29.51
CA PHE T 16 44.41 13.37 28.76
C PHE T 16 44.10 14.84 28.94
N HIS T 17 44.20 15.35 30.17
CA HIS T 17 43.80 16.72 30.42
C HIS T 17 44.79 17.72 29.84
N ALA T 18 46.05 17.32 29.69
CA ALA T 18 47.00 18.18 28.98
C ALA T 18 46.59 18.34 27.52
N MET T 19 46.20 17.24 26.88
CA MET T 19 45.72 17.33 25.50
C MET T 19 44.43 18.13 25.41
N PHE T 20 43.55 17.98 26.40
CA PHE T 20 42.34 18.79 26.42
C PHE T 20 42.66 20.27 26.59
N SER T 21 43.62 20.60 27.47
CA SER T 21 43.92 22.00 27.73
C SER T 21 44.49 22.70 26.51
N GLN T 22 45.41 22.04 25.80
CA GLN T 22 46.03 22.68 24.64
C GLN T 22 45.06 22.74 23.47
N ALA T 23 44.19 21.74 23.35
CA ALA T 23 43.21 21.77 22.27
C ALA T 23 42.10 22.76 22.56
N PHE T 24 41.65 22.81 23.82
CA PHE T 24 40.59 23.76 24.19
C PHE T 24 41.07 25.19 24.05
N THR T 25 42.32 25.47 24.42
CA THR T 25 42.84 26.83 24.32
C THR T 25 42.88 27.29 22.87
N VAL T 26 43.40 26.47 21.98
CA VAL T 26 43.47 26.85 20.57
C VAL T 26 42.07 26.99 19.99
N TYR T 27 41.17 26.07 20.33
CA TYR T 27 39.82 26.13 19.78
C TYR T 27 39.08 27.38 20.25
N ILE T 28 39.05 27.60 21.56
CA ILE T 28 38.35 28.78 22.08
C ILE T 28 39.06 30.05 21.63
N GLY T 29 40.39 30.00 21.56
CA GLY T 29 41.12 31.19 21.13
C GLY T 29 40.80 31.58 19.71
N VAL T 30 40.69 30.60 18.80
CA VAL T 30 40.32 30.90 17.43
C VAL T 30 38.87 31.33 17.34
N ALA T 31 37.98 30.66 18.08
CA ALA T 31 36.57 31.01 18.05
C ALA T 31 36.33 32.43 18.53
N VAL T 32 37.00 32.84 19.60
CA VAL T 32 36.85 34.20 20.10
C VAL T 32 37.36 35.21 19.08
N VAL T 33 38.53 34.95 18.49
CA VAL T 33 39.03 35.85 17.45
C VAL T 33 38.06 35.90 16.27
N ALA T 34 37.53 34.74 15.88
CA ALA T 34 36.60 34.68 14.75
C ALA T 34 35.33 35.46 15.03
N HIS T 35 34.87 35.47 16.28
CA HIS T 35 33.67 36.24 16.59
C HIS T 35 33.95 37.73 16.59
N ILE T 36 35.17 38.13 16.98
CA ILE T 36 35.54 39.54 16.93
C ILE T 36 35.55 40.03 15.49
N LEU T 37 36.13 39.23 14.58
CA LEU T 37 36.06 39.59 13.17
C LEU T 37 34.62 39.63 12.67
N ALA T 38 33.82 38.65 13.06
CA ALA T 38 32.42 38.64 12.65
C ALA T 38 31.68 39.85 13.19
N TRP T 39 32.05 40.31 14.38
CA TRP T 39 31.40 41.48 14.96
C TRP T 39 31.86 42.76 14.28
N ALA T 40 33.16 42.86 13.96
CA ALA T 40 33.64 44.01 13.21
C ALA T 40 33.01 44.07 11.83
N TRP T 41 32.55 42.92 11.32
CA TRP T 41 31.91 42.88 10.00
C TRP T 41 30.45 43.32 10.08
N ARG T 42 29.63 42.56 10.80
CA ARG T 42 28.21 42.87 10.93
C ARG T 42 27.76 42.43 12.32
N PRO T 43 27.59 43.37 13.24
CA PRO T 43 27.08 43.01 14.57
C PRO T 43 25.70 42.37 14.47
N TRP T 44 25.43 41.44 15.38
CA TRP T 44 24.19 40.68 15.36
C TRP T 44 23.27 41.03 16.52
N ILE T 45 23.53 42.13 17.22
CA ILE T 45 22.63 42.60 18.27
C ILE T 45 21.98 43.88 17.78
N PRO T 46 20.75 43.83 17.30
CA PRO T 46 20.10 45.06 16.84
C PRO T 46 19.78 45.99 17.99
N GLY T 47 19.78 47.28 17.67
CA GLY T 47 19.30 48.28 18.59
C GLY T 47 17.79 48.39 18.51
N ASP T 48 17.26 49.45 19.13
CA ASP T 48 15.83 49.69 19.07
C ASP T 48 15.36 49.91 17.64
N GLU T 49 16.26 50.36 16.75
CA GLU T 49 15.92 50.59 15.36
C GLU T 49 16.29 49.42 14.45
N GLY T 50 16.92 48.38 14.97
CA GLY T 50 17.37 47.29 14.13
C GLY T 50 18.85 47.39 13.80
N PHE T 51 19.25 46.91 12.63
CA PHE T 51 20.65 46.96 12.23
C PHE T 51 20.98 48.28 11.53
N MET U 1 22.06 14.51 49.68
CA MET U 1 21.76 14.52 48.25
C MET U 1 22.90 13.90 47.45
N TRP U 2 24.08 13.82 48.08
CA TRP U 2 25.24 13.27 47.42
C TRP U 2 25.07 11.78 47.10
N ARG U 3 24.15 11.11 47.78
CA ARG U 3 23.94 9.68 47.57
C ARG U 3 23.35 9.37 46.21
N LEU U 4 22.90 10.41 45.49
CA LEU U 4 22.42 10.22 44.13
C LEU U 4 23.48 9.59 43.25
N TRP U 5 24.75 9.92 43.48
CA TRP U 5 25.82 9.41 42.62
C TRP U 5 26.21 7.99 42.96
N LYS U 6 25.68 7.43 44.04
CA LYS U 6 25.78 5.99 44.26
C LYS U 6 24.63 5.26 43.58
N LEU U 7 23.46 5.90 43.51
CA LEU U 7 22.32 5.29 42.86
C LEU U 7 22.53 5.16 41.36
N TYR U 8 23.07 6.20 40.73
CA TYR U 8 23.25 6.22 39.29
C TYR U 8 24.73 6.27 38.93
N ASP U 9 25.03 5.86 37.71
CA ASP U 9 26.36 6.07 37.16
C ASP U 9 26.49 7.55 36.83
N PRO U 10 27.46 8.27 37.40
CA PRO U 10 27.58 9.70 37.10
C PRO U 10 27.79 9.99 35.63
N ARG U 11 28.49 9.12 34.91
CA ARG U 11 28.65 9.30 33.47
C ARG U 11 27.31 9.34 32.76
N ARG U 12 26.39 8.44 33.14
CA ARG U 12 25.07 8.43 32.53
C ARG U 12 24.29 9.69 32.86
N VAL U 13 24.37 10.16 34.11
CA VAL U 13 23.62 11.35 34.50
C VAL U 13 24.13 12.57 33.74
N LEU U 14 25.44 12.71 33.61
CA LEU U 14 26.00 13.83 32.88
C LEU U 14 25.59 13.80 31.42
N ILE U 15 25.68 12.63 30.78
CA ILE U 15 25.30 12.51 29.38
C ILE U 15 23.83 12.88 29.20
N GLY U 16 22.98 12.43 30.13
CA GLY U 16 21.57 12.77 30.04
C GLY U 16 21.30 14.24 30.27
N ILE U 17 22.01 14.84 31.24
CA ILE U 17 21.83 16.27 31.50
C ILE U 17 22.26 17.09 30.29
N PHE U 18 23.46 16.80 29.78
CA PHE U 18 23.97 17.56 28.64
C PHE U 18 23.09 17.38 27.41
N SER U 19 22.70 16.13 27.12
CA SER U 19 21.80 15.90 26.00
C SER U 19 20.52 16.69 26.15
N TRP U 20 20.03 16.84 27.38
CA TRP U 20 18.85 17.65 27.62
C TRP U 20 19.13 19.12 27.43
N LEU U 21 20.26 19.61 27.97
CA LEU U 21 20.57 21.03 27.85
C LEU U 21 20.75 21.43 26.40
N ALA U 22 21.38 20.57 25.61
CA ALA U 22 21.60 20.87 24.20
C ALA U 22 20.28 21.01 23.46
N VAL U 23 19.34 20.11 23.71
CA VAL U 23 18.04 20.21 23.04
C VAL U 23 17.25 21.40 23.59
N LEU U 24 17.30 21.62 24.90
CA LEU U 24 16.58 22.74 25.49
C LEU U 24 17.09 24.07 24.97
N ALA U 25 18.42 24.24 24.91
CA ALA U 25 18.98 25.49 24.42
C ALA U 25 18.61 25.73 22.97
N LEU U 26 18.59 24.66 22.17
CA LEU U 26 18.21 24.79 20.77
C LEU U 26 16.73 25.12 20.61
N VAL U 27 15.88 24.51 21.43
CA VAL U 27 14.45 24.83 21.40
C VAL U 27 14.23 26.28 21.80
N ILE U 28 14.91 26.75 22.84
CA ILE U 28 14.74 28.13 23.28
C ILE U 28 15.22 29.10 22.21
N HIS U 29 16.42 28.85 21.67
CA HIS U 29 16.96 29.73 20.63
C HIS U 29 16.05 29.76 19.41
N PHE U 30 15.52 28.60 19.01
CA PHE U 30 14.59 28.57 17.88
C PHE U 30 13.31 29.32 18.19
N ILE U 31 12.85 29.24 19.44
CA ILE U 31 11.67 29.98 19.84
C ILE U 31 11.89 31.48 19.68
N LEU U 32 13.05 31.96 20.14
CA LEU U 32 13.34 33.39 20.04
C LEU U 32 13.49 33.83 18.59
N LEU U 33 14.01 32.94 17.75
CA LEU U 33 14.06 33.22 16.32
C LEU U 33 12.65 33.32 15.73
N SER U 34 11.67 32.66 16.34
CA SER U 34 10.32 32.72 15.79
C SER U 34 9.67 34.07 16.07
N THR U 35 9.90 34.65 17.25
CA THR U 35 9.27 35.91 17.61
C THR U 35 9.92 37.08 16.90
N ASP U 36 9.15 38.16 16.73
CA ASP U 36 9.68 39.37 16.13
C ASP U 36 10.66 40.08 17.05
N ARG U 37 10.35 40.14 18.35
CA ARG U 37 11.10 40.99 19.25
C ARG U 37 12.48 40.45 19.56
N PHE U 38 12.66 39.13 19.54
CA PHE U 38 13.92 38.54 19.98
C PHE U 38 14.64 37.78 18.88
N ASN U 39 14.24 37.98 17.63
CA ASN U 39 15.00 37.47 16.50
C ASN U 39 16.20 38.39 16.30
N TRP U 40 17.36 37.95 16.78
CA TRP U 40 18.56 38.78 16.73
C TRP U 40 19.18 38.82 15.35
N VAL U 41 19.15 37.72 14.60
CA VAL U 41 19.73 37.74 13.26
C VAL U 41 18.84 38.51 12.30
N GLY U 42 17.52 38.44 12.47
CA GLY U 42 16.63 39.23 11.64
C GLY U 42 16.78 40.71 11.85
N GLY U 43 17.12 41.12 13.07
CA GLY U 43 17.40 42.52 13.35
C GLY U 43 16.23 43.45 13.17
N ALA U 44 15.03 42.99 13.54
CA ALA U 44 13.85 43.83 13.43
C ALA U 44 13.80 44.81 14.59
N ALA U 45 13.36 46.03 14.31
CA ALA U 45 13.29 47.06 15.32
C ALA U 45 12.23 46.72 16.37
N VAL U 46 12.23 47.49 17.45
CA VAL U 46 11.22 47.34 18.49
C VAL U 46 10.00 48.18 18.14
N LEU V 7 23.88 -0.26 43.29
CA LEU V 7 24.97 0.56 43.83
C LEU V 7 26.16 0.59 42.88
N THR V 8 26.50 1.78 42.42
CA THR V 8 27.63 1.95 41.52
C THR V 8 28.95 1.79 42.28
N GLY V 9 30.04 1.74 41.52
CA GLY V 9 31.36 1.54 42.09
C GLY V 9 31.87 2.69 42.94
N LEU V 10 31.12 3.79 43.01
CA LEU V 10 31.55 4.91 43.83
C LEU V 10 31.32 4.62 45.30
N SER V 11 32.18 5.19 46.15
CA SER V 11 32.03 5.09 47.58
C SER V 11 31.33 6.33 48.12
N ASP V 12 31.23 6.43 49.45
CA ASP V 12 30.69 7.63 50.07
C ASP V 12 31.65 8.81 49.93
N GLU V 13 32.96 8.54 50.00
CA GLU V 13 33.93 9.61 49.77
C GLU V 13 33.98 10.00 48.30
N GLU V 14 33.97 9.01 47.40
CA GLU V 14 34.01 9.32 45.98
C GLU V 14 32.75 10.06 45.55
N ALA V 15 31.59 9.61 46.02
CA ALA V 15 30.33 10.27 45.65
C ALA V 15 30.29 11.70 46.19
N LYS V 16 30.76 11.91 47.41
CA LYS V 16 30.81 13.26 47.94
C LYS V 16 31.71 14.16 47.11
N GLU V 17 32.82 13.61 46.60
CA GLU V 17 33.69 14.40 45.75
C GLU V 17 33.00 14.79 44.45
N PHE V 18 32.28 13.85 43.82
CA PHE V 18 31.56 14.18 42.60
C PHE V 18 30.46 15.20 42.88
N HIS V 19 29.76 15.05 44.00
CA HIS V 19 28.66 15.97 44.30
C HIS V 19 29.16 17.40 44.49
N SER V 20 30.26 17.57 45.23
CA SER V 20 30.79 18.91 45.44
C SER V 20 31.21 19.55 44.13
N ILE V 21 31.95 18.80 43.30
CA ILE V 21 32.37 19.33 42.01
C ILE V 21 31.17 19.55 41.10
N PHE V 22 30.16 18.69 41.19
CA PHE V 22 28.96 18.87 40.38
C PHE V 22 28.21 20.12 40.77
N MET V 23 28.06 20.38 42.07
CA MET V 23 27.36 21.57 42.51
C MET V 23 28.16 22.83 42.16
N GLN V 24 29.49 22.75 42.25
CA GLN V 24 30.31 23.87 41.80
C GLN V 24 30.18 24.08 40.30
N SER V 25 30.11 22.98 39.53
CA SER V 25 29.89 23.10 38.09
C SER V 25 28.52 23.68 37.79
N PHE V 26 27.51 23.31 38.59
CA PHE V 26 26.20 23.92 38.45
C PHE V 26 26.24 25.41 38.80
N LEU V 27 27.08 25.78 39.78
CA LEU V 27 27.18 27.19 40.15
C LEU V 27 27.81 28.00 39.03
N ILE V 28 28.90 27.50 38.43
CA ILE V 28 29.54 28.24 37.35
C ILE V 28 28.65 28.29 36.13
N PHE V 29 28.01 27.16 35.79
CA PHE V 29 27.13 27.12 34.62
C PHE V 29 25.93 28.03 34.80
N THR V 30 25.37 28.06 36.02
CA THR V 30 24.22 28.94 36.28
C THR V 30 24.62 30.40 36.31
N ALA V 31 25.80 30.72 36.88
CA ALA V 31 26.25 32.10 36.93
C ALA V 31 26.48 32.65 35.52
N VAL V 32 27.07 31.84 34.64
CA VAL V 32 27.24 32.26 33.25
C VAL V 32 25.89 32.51 32.60
N ALA V 33 24.92 31.63 32.86
CA ALA V 33 23.59 31.82 32.30
C ALA V 33 22.92 33.06 32.87
N VAL V 34 23.07 33.31 34.17
CA VAL V 34 22.44 34.48 34.78
C VAL V 34 23.01 35.76 34.18
N VAL V 35 24.33 35.82 34.00
CA VAL V 35 24.93 36.98 33.34
C VAL V 35 24.40 37.10 31.92
N ALA V 36 24.31 35.96 31.21
CA ALA V 36 23.75 35.97 29.86
C ALA V 36 22.30 36.43 29.86
N HIS V 37 21.64 36.35 31.02
CA HIS V 37 20.26 36.82 31.11
C HIS V 37 20.20 38.29 31.53
N PHE V 38 21.19 38.77 32.27
CA PHE V 38 21.27 40.20 32.54
C PHE V 38 21.61 40.98 31.27
N LEU V 39 22.49 40.44 30.44
CA LEU V 39 22.78 41.07 29.17
C LEU V 39 21.55 41.05 28.27
N ALA V 40 20.85 39.92 28.22
CA ALA V 40 19.65 39.83 27.40
C ALA V 40 18.56 40.77 27.89
N TRP V 41 18.39 40.89 29.21
CA TRP V 41 17.40 41.82 29.71
C TRP V 41 17.75 43.25 29.34
N ALA V 42 19.03 43.60 29.42
CA ALA V 42 19.46 44.94 29.04
C ALA V 42 19.24 45.19 27.56
N TRP V 43 19.41 44.17 26.73
CA TRP V 43 19.15 44.31 25.30
C TRP V 43 17.66 44.49 25.04
N ARG V 44 16.87 43.48 25.35
CA ARG V 44 15.42 43.56 25.15
C ARG V 44 14.71 42.77 26.23
N PRO V 45 13.96 43.45 27.11
CA PRO V 45 13.26 42.75 28.18
C PRO V 45 12.16 41.84 27.65
N TRP V 46 11.86 40.79 28.41
CA TRP V 46 10.92 39.78 27.95
C TRP V 46 9.69 39.63 28.85
N ILE V 47 9.49 40.53 29.81
CA ILE V 47 8.27 40.48 30.60
C ILE V 47 7.43 41.69 30.27
N PRO V 48 6.41 41.55 29.43
CA PRO V 48 5.65 42.71 28.99
C PRO V 48 4.79 43.28 30.11
N GLY V 49 4.55 44.58 30.04
CA GLY V 49 3.65 45.23 30.95
C GLY V 49 2.21 45.05 30.51
N ALA V 50 1.30 45.63 31.29
CA ALA V 50 -0.12 45.52 30.98
C ALA V 50 -0.45 46.16 29.64
N GLU V 51 0.30 47.17 29.24
CA GLU V 51 0.16 47.80 27.94
C GLU V 51 0.97 47.08 26.87
N GLY V 52 1.67 46.02 27.23
CA GLY V 52 2.53 45.32 26.30
C GLY V 52 3.82 46.09 26.06
N TYR V 53 4.40 45.86 24.90
CA TYR V 53 5.58 46.61 24.49
C TYR V 53 5.17 47.80 23.64
N MET W 1 5.99 8.86 54.12
CA MET W 1 5.68 7.97 53.01
C MET W 1 6.96 7.34 52.48
N TRP W 2 7.94 7.15 53.36
CA TRP W 2 9.17 6.48 52.96
C TRP W 2 8.92 5.04 52.55
N ARG W 3 7.78 4.46 52.96
CA ARG W 3 7.39 3.14 52.51
C ARG W 3 7.04 3.09 51.02
N MET W 4 6.80 4.25 50.41
CA MET W 4 6.50 4.27 48.98
C MET W 4 7.65 3.69 48.16
N TRP W 5 8.88 3.79 48.68
CA TRP W 5 10.05 3.31 47.96
C TRP W 5 10.34 1.84 48.23
N LYS W 6 9.54 1.19 49.05
CA LYS W 6 9.53 -0.27 49.11
C LYS W 6 8.52 -0.86 48.14
N ILE W 7 7.73 -0.02 47.48
CA ILE W 7 6.82 -0.44 46.42
C ILE W 7 7.34 0.00 45.05
N LEU W 8 7.52 1.29 44.86
CA LEU W 8 7.98 1.84 43.60
C LEU W 8 9.50 1.88 43.60
N ASP W 9 10.11 1.36 42.53
CA ASP W 9 11.56 1.42 42.42
C ASP W 9 12.00 2.88 42.31
N TYR W 10 12.76 3.35 43.30
CA TYR W 10 13.04 4.77 43.41
C TYR W 10 13.91 5.27 42.26
N ARG W 11 14.86 4.45 41.81
CA ARG W 11 15.71 4.85 40.70
C ARG W 11 14.90 5.09 39.43
N ARG W 12 14.00 4.17 39.10
CA ARG W 12 13.19 4.37 37.90
C ARG W 12 12.17 5.48 38.11
N THR W 13 11.62 5.61 39.32
CA THR W 13 10.61 6.64 39.55
C THR W 13 11.21 8.03 39.41
N VAL W 14 12.43 8.23 39.90
CA VAL W 14 13.08 9.54 39.79
C VAL W 14 13.29 9.90 38.33
N VAL W 15 13.76 8.95 37.52
CA VAL W 15 14.02 9.23 36.11
C VAL W 15 12.72 9.53 35.38
N LEU W 16 11.68 8.72 35.61
CA LEU W 16 10.42 8.94 34.91
C LEU W 16 9.74 10.22 35.39
N ALA W 17 10.02 10.65 36.61
CA ALA W 17 9.46 11.93 37.08
C ALA W 17 10.09 13.10 36.35
N HIS W 18 11.42 13.06 36.16
CA HIS W 18 12.11 14.11 35.43
C HIS W 18 11.70 14.12 33.96
N VAL W 19 11.58 12.95 33.35
CA VAL W 19 11.13 12.88 31.97
C VAL W 19 9.70 13.39 31.85
N GLY W 20 8.82 12.95 32.76
CA GLY W 20 7.44 13.38 32.70
C GLY W 20 7.27 14.86 32.95
N MET W 21 8.03 15.40 33.91
CA MET W 21 7.93 16.83 34.18
C MET W 21 8.55 17.66 33.07
N ALA W 22 9.50 17.11 32.34
CA ALA W 22 10.03 17.81 31.16
C ALA W 22 8.94 18.00 30.12
N VAL W 23 8.15 16.95 29.86
CA VAL W 23 7.08 17.06 28.88
C VAL W 23 6.02 18.04 29.37
N LEU W 24 5.69 17.99 30.66
CA LEU W 24 4.61 18.83 31.17
C LEU W 24 5.01 20.29 31.22
N ALA W 25 6.24 20.58 31.66
CA ALA W 25 6.69 21.97 31.70
C ALA W 25 6.79 22.57 30.31
N LEU W 26 7.34 21.81 29.36
CA LEU W 26 7.38 22.28 27.98
C LEU W 26 5.98 22.49 27.43
N LEU W 27 5.06 21.58 27.75
CA LEU W 27 3.69 21.68 27.27
C LEU W 27 2.99 22.91 27.84
N ILE W 28 3.14 23.16 29.14
CA ILE W 28 2.47 24.29 29.75
C ILE W 28 3.03 25.61 29.22
N HIS W 29 4.36 25.69 29.12
CA HIS W 29 4.97 26.90 28.57
C HIS W 29 4.51 27.13 27.14
N PHE W 30 4.46 26.07 26.33
CA PHE W 30 4.01 26.21 24.94
C PHE W 30 2.55 26.64 24.87
N ILE W 31 1.71 26.13 25.76
CA ILE W 31 0.31 26.55 25.79
C ILE W 31 0.20 28.04 26.08
N LEU W 32 1.02 28.53 26.99
CA LEU W 32 0.99 29.96 27.31
C LEU W 32 1.48 30.80 26.14
N LEU W 33 2.46 30.30 25.39
CA LEU W 33 2.89 31.01 24.19
C LEU W 33 1.75 31.11 23.17
N SER W 34 0.94 30.05 23.06
CA SER W 34 -0.14 30.06 22.09
C SER W 34 -1.25 31.03 22.47
N THR W 35 -1.47 31.27 23.76
CA THR W 35 -2.48 32.23 24.15
C THR W 35 -2.04 33.65 23.85
N GLU W 36 -3.01 34.53 23.66
CA GLU W 36 -2.68 35.92 23.42
C GLU W 36 -2.26 36.65 24.68
N ASN W 37 -2.90 36.38 25.81
CA ASN W 37 -2.67 37.14 27.03
C ASN W 37 -1.48 36.66 27.84
N PHE W 38 -0.83 35.56 27.46
CA PHE W 38 0.27 35.05 28.28
C PHE W 38 1.50 34.69 27.47
N ASN W 39 1.58 35.09 26.21
CA ASN W 39 2.79 34.97 25.42
C ASN W 39 3.70 36.14 25.79
N TRP W 40 4.71 35.86 26.61
CA TRP W 40 5.57 36.93 27.10
C TRP W 40 6.51 37.46 26.02
N LEU W 41 6.80 36.64 25.01
CA LEU W 41 7.67 37.08 23.93
C LEU W 41 6.95 37.95 22.92
N GLN W 42 5.61 37.80 22.82
CA GLN W 42 4.83 38.63 21.91
C GLN W 42 4.47 39.97 22.54
N GLY W 43 4.13 39.98 23.82
CA GLY W 43 3.84 41.22 24.53
C GLY W 43 2.55 41.90 24.16
N ASN W 44 1.46 41.13 24.08
CA ASN W 44 0.15 41.70 23.87
C ASN W 44 -0.35 42.35 25.16
N PRO W 45 -1.25 43.32 25.05
CA PRO W 45 -1.87 43.88 26.27
C PRO W 45 -2.69 42.84 27.00
N TYR W 46 -2.75 42.97 28.31
CA TYR W 46 -3.41 41.99 29.17
C TYR W 46 -4.89 42.30 29.38
N ASN X 7 13.71 -6.87 49.08
CA ASN X 7 14.87 -6.35 48.38
C ASN X 7 15.35 -5.05 49.03
N VAL X 8 14.40 -4.20 49.40
CA VAL X 8 14.69 -2.86 49.90
C VAL X 8 14.37 -2.81 51.38
N SER X 9 15.34 -2.39 52.19
CA SER X 9 15.19 -2.32 53.62
C SER X 9 14.57 -0.98 54.03
N ASP X 10 14.26 -0.84 55.31
CA ASP X 10 13.72 0.43 55.80
C ASP X 10 14.76 1.53 55.69
N GLU X 11 16.03 1.23 55.96
CA GLU X 11 17.07 2.25 55.91
C GLU X 11 17.29 2.74 54.48
N GLU X 12 17.33 1.81 53.51
CA GLU X 12 17.56 2.21 52.13
C GLU X 12 16.41 3.06 51.60
N ALA X 13 15.18 2.67 51.91
CA ALA X 13 14.03 3.43 51.43
C ALA X 13 13.90 4.76 52.15
N LYS X 14 14.17 4.79 53.45
CA LYS X 14 14.16 6.06 54.16
C LYS X 14 15.26 6.98 53.65
N GLU X 15 16.34 6.41 53.12
CA GLU X 15 17.38 7.22 52.50
C GLU X 15 16.97 7.69 51.12
N PHE X 16 16.15 6.89 50.42
CA PHE X 16 15.53 7.36 49.19
C PHE X 16 14.62 8.54 49.47
N HIS X 17 13.86 8.47 50.56
CA HIS X 17 12.88 9.50 50.87
C HIS X 17 13.55 10.77 51.39
N ALA X 18 14.74 10.64 51.99
CA ALA X 18 15.48 11.82 52.42
C ALA X 18 15.84 12.69 51.22
N MET X 19 16.34 12.07 50.15
CA MET X 19 16.63 12.81 48.92
C MET X 19 15.36 13.31 48.27
N PHE X 20 14.31 12.48 48.26
CA PHE X 20 13.06 12.87 47.63
C PHE X 20 12.46 14.08 48.33
N SER X 21 12.47 14.09 49.66
CA SER X 21 11.91 15.21 50.40
C SER X 21 12.68 16.49 50.11
N GLN X 22 14.01 16.41 50.04
CA GLN X 22 14.83 17.58 49.79
C GLN X 22 14.57 18.14 48.39
N ALA X 23 14.48 17.27 47.39
CA ALA X 23 14.25 17.71 46.03
C ALA X 23 12.82 18.19 45.82
N PHE X 24 11.87 17.53 46.48
CA PHE X 24 10.47 17.93 46.35
C PHE X 24 10.23 19.31 46.93
N THR X 25 10.74 19.56 48.14
CA THR X 25 10.44 20.82 48.81
C THR X 25 11.08 22.00 48.09
N VAL X 26 12.30 21.83 47.59
CA VAL X 26 12.96 22.92 46.87
C VAL X 26 12.27 23.17 45.55
N TYR X 27 11.83 22.10 44.87
CA TYR X 27 11.12 22.25 43.61
C TYR X 27 9.75 22.89 43.82
N ILE X 28 9.07 22.55 44.91
CA ILE X 28 7.79 23.17 45.22
C ILE X 28 7.97 24.63 45.58
N GLY X 29 9.06 24.95 46.29
CA GLY X 29 9.28 26.33 46.68
C GLY X 29 9.49 27.25 45.49
N VAL X 30 10.29 26.81 44.52
CA VAL X 30 10.52 27.64 43.34
C VAL X 30 9.26 27.71 42.50
N ALA X 31 8.55 26.58 42.35
CA ALA X 31 7.29 26.60 41.61
C ALA X 31 6.29 27.53 42.28
N VAL X 32 6.17 27.47 43.60
CA VAL X 32 5.21 28.30 44.32
C VAL X 32 5.55 29.78 44.14
N VAL X 33 6.83 30.13 44.30
CA VAL X 33 7.25 31.52 44.12
C VAL X 33 7.00 31.98 42.70
N ALA X 34 7.32 31.13 41.72
CA ALA X 34 7.13 31.50 40.33
C ALA X 34 5.67 31.76 40.01
N HIS X 35 4.77 30.95 40.55
CA HIS X 35 3.35 31.19 40.35
C HIS X 35 2.89 32.46 41.04
N ILE X 36 3.53 32.83 42.14
CA ILE X 36 3.24 34.12 42.77
C ILE X 36 3.67 35.26 41.86
N LEU X 37 4.86 35.14 41.29
CA LEU X 37 5.34 36.18 40.38
C LEU X 37 4.50 36.23 39.11
N ALA X 38 4.07 35.07 38.63
CA ALA X 38 3.21 35.01 37.44
C ALA X 38 1.84 35.62 37.73
N TRP X 39 1.29 35.39 38.93
CA TRP X 39 0.01 36.00 39.26
C TRP X 39 0.13 37.51 39.42
N ALA X 40 1.18 37.97 40.10
CA ALA X 40 1.41 39.41 40.19
C ALA X 40 1.65 40.00 38.81
N TRP X 41 2.18 39.21 37.88
CA TRP X 41 2.35 39.67 36.52
C TRP X 41 1.01 39.75 35.79
N ARG X 42 0.38 38.60 35.58
CA ARG X 42 -0.90 38.55 34.86
C ARG X 42 -1.74 37.43 35.45
N PRO X 43 -2.74 37.77 36.25
CA PRO X 43 -3.65 36.73 36.76
C PRO X 43 -4.33 35.98 35.62
N TRP X 44 -4.54 34.69 35.82
CA TRP X 44 -5.03 33.81 34.77
C TRP X 44 -6.44 33.28 35.03
N ILE X 45 -7.15 33.82 36.01
CA ILE X 45 -8.53 33.42 36.25
C ILE X 45 -9.42 34.59 35.85
N PRO X 46 -10.05 34.55 34.67
CA PRO X 46 -10.76 35.73 34.18
C PRO X 46 -12.10 35.92 34.87
N GLY X 47 -12.53 37.17 34.93
CA GLY X 47 -13.86 37.51 35.36
C GLY X 47 -14.88 37.36 34.25
N ASP X 48 -16.11 37.80 34.54
CA ASP X 48 -17.19 37.62 33.59
C ASP X 48 -17.00 38.46 32.32
N GLU X 49 -16.08 39.41 32.31
CA GLU X 49 -15.72 40.14 31.11
C GLU X 49 -14.28 39.87 30.68
N GLY X 50 -13.78 38.66 30.91
CA GLY X 50 -12.42 38.35 30.52
C GLY X 50 -11.40 38.84 31.53
N PHE X 51 -10.22 39.16 31.01
CA PHE X 51 -9.12 39.60 31.85
C PHE X 51 -9.15 41.10 32.09
N MET Y 1 -11.66 -5.40 52.03
CA MET Y 1 -11.09 -4.98 50.76
C MET Y 1 -9.57 -4.88 50.87
N TRP Y 2 -9.06 -5.08 52.09
CA TRP Y 2 -7.61 -5.17 52.28
C TRP Y 2 -7.03 -6.34 51.52
N ARG Y 3 -7.82 -7.40 51.31
CA ARG Y 3 -7.37 -8.56 50.55
C ARG Y 3 -7.16 -8.25 49.08
N LEU Y 4 -7.62 -7.08 48.62
CA LEU Y 4 -7.43 -6.69 47.23
C LEU Y 4 -5.96 -6.63 46.86
N TRP Y 5 -5.09 -6.35 47.84
CA TRP Y 5 -3.66 -6.25 47.60
C TRP Y 5 -2.92 -7.55 47.82
N LYS Y 6 -3.59 -8.59 48.32
CA LYS Y 6 -3.01 -9.93 48.25
C LYS Y 6 -3.16 -10.54 46.87
N LEU Y 7 -4.07 -10.02 46.05
CA LEU Y 7 -4.28 -10.49 44.69
C LEU Y 7 -3.52 -9.66 43.67
N TYR Y 8 -3.69 -8.34 43.73
CA TYR Y 8 -3.14 -7.43 42.74
C TYR Y 8 -1.85 -6.83 43.27
N ASP Y 9 -0.80 -6.85 42.46
CA ASP Y 9 0.48 -6.33 42.89
C ASP Y 9 0.36 -4.82 43.12
N PRO Y 10 0.73 -4.33 44.30
CA PRO Y 10 0.55 -2.89 44.57
C PRO Y 10 1.23 -1.97 43.57
N ARG Y 11 2.42 -2.35 43.09
CA ARG Y 11 3.12 -1.48 42.15
C ARG Y 11 2.35 -1.34 40.84
N ARG Y 12 1.80 -2.45 40.33
CA ARG Y 12 1.11 -2.38 39.05
C ARG Y 12 -0.22 -1.64 39.17
N VAL Y 13 -0.91 -1.79 40.31
CA VAL Y 13 -2.13 -1.04 40.52
C VAL Y 13 -1.84 0.45 40.61
N LEU Y 14 -0.79 0.82 41.35
CA LEU Y 14 -0.46 2.23 41.50
C LEU Y 14 0.06 2.83 40.21
N ILE Y 15 0.84 2.07 39.44
CA ILE Y 15 1.27 2.56 38.13
C ILE Y 15 0.07 2.71 37.22
N GLY Y 16 -0.84 1.73 37.23
CA GLY Y 16 -2.04 1.84 36.42
C GLY Y 16 -2.91 3.02 36.81
N ILE Y 17 -3.10 3.24 38.12
CA ILE Y 17 -3.88 4.38 38.57
C ILE Y 17 -3.19 5.68 38.16
N PHE Y 18 -1.88 5.77 38.38
CA PHE Y 18 -1.17 7.00 38.06
C PHE Y 18 -1.22 7.30 36.57
N SER Y 19 -1.08 6.27 35.73
CA SER Y 19 -1.19 6.48 34.29
C SER Y 19 -2.58 6.93 33.90
N TRP Y 20 -3.61 6.33 34.49
CA TRP Y 20 -4.97 6.77 34.22
C TRP Y 20 -5.20 8.20 34.69
N LEU Y 21 -4.73 8.53 35.89
CA LEU Y 21 -4.95 9.87 36.44
C LEU Y 21 -4.22 10.92 35.61
N ALA Y 22 -2.99 10.63 35.21
CA ALA Y 22 -2.24 11.58 34.38
C ALA Y 22 -2.93 11.81 33.05
N VAL Y 23 -3.33 10.73 32.38
CA VAL Y 23 -4.01 10.87 31.09
C VAL Y 23 -5.35 11.57 31.27
N LEU Y 24 -6.07 11.24 32.33
CA LEU Y 24 -7.41 11.80 32.54
C LEU Y 24 -7.34 13.29 32.87
N ALA Y 25 -6.44 13.68 33.76
CA ALA Y 25 -6.32 15.10 34.10
C ALA Y 25 -5.82 15.91 32.92
N LEU Y 26 -4.90 15.35 32.15
CA LEU Y 26 -4.46 16.00 30.92
C LEU Y 26 -5.61 16.14 29.94
N VAL Y 27 -6.44 15.11 29.83
CA VAL Y 27 -7.56 15.15 28.89
C VAL Y 27 -8.63 16.12 29.35
N ILE Y 28 -8.92 16.14 30.66
CA ILE Y 28 -9.92 17.09 31.15
C ILE Y 28 -9.42 18.52 31.02
N HIS Y 29 -8.16 18.77 31.40
CA HIS Y 29 -7.60 20.11 31.26
C HIS Y 29 -7.58 20.54 29.80
N PHE Y 30 -7.27 19.61 28.89
CA PHE Y 30 -7.25 19.94 27.47
C PHE Y 30 -8.66 20.20 26.94
N ILE Y 31 -9.63 19.40 27.37
CA ILE Y 31 -11.01 19.61 26.93
C ILE Y 31 -11.50 20.98 27.39
N LEU Y 32 -11.18 21.36 28.62
CA LEU Y 32 -11.56 22.68 29.11
C LEU Y 32 -10.92 23.78 28.27
N LEU Y 33 -9.63 23.62 27.92
CA LEU Y 33 -8.98 24.62 27.09
C LEU Y 33 -9.60 24.69 25.70
N SER Y 34 -10.18 23.59 25.23
CA SER Y 34 -10.81 23.59 23.91
C SER Y 34 -12.16 24.31 23.90
N THR Y 35 -12.80 24.45 25.06
CA THR Y 35 -14.09 25.13 25.11
C THR Y 35 -13.88 26.63 25.24
N ASP Y 36 -14.85 27.39 24.73
CA ASP Y 36 -14.79 28.84 24.85
C ASP Y 36 -15.01 29.29 26.29
N ARG Y 37 -15.90 28.60 27.02
CA ARG Y 37 -16.32 29.05 28.33
C ARG Y 37 -15.30 28.78 29.42
N PHE Y 38 -14.59 27.65 29.35
CA PHE Y 38 -13.70 27.25 30.42
C PHE Y 38 -12.23 27.36 30.06
N ASN Y 39 -11.90 27.95 28.92
CA ASN Y 39 -10.51 28.24 28.61
C ASN Y 39 -10.06 29.37 29.52
N TRP Y 40 -9.36 29.03 30.60
CA TRP Y 40 -9.04 30.04 31.60
C TRP Y 40 -7.94 30.98 31.13
N VAL Y 41 -7.06 30.52 30.24
CA VAL Y 41 -6.01 31.39 29.70
C VAL Y 41 -6.42 32.05 28.39
N GLY Y 42 -7.48 31.57 27.72
CA GLY Y 42 -8.00 32.27 26.57
C GLY Y 42 -8.70 33.56 26.91
N GLY Y 43 -9.14 33.70 28.15
CA GLY Y 43 -9.71 34.95 28.65
C GLY Y 43 -10.96 35.42 27.96
N ALA Y 44 -11.92 34.52 27.74
CA ALA Y 44 -13.18 34.93 27.15
C ALA Y 44 -14.17 35.34 28.25
N ALA Y 45 -15.30 35.88 27.80
CA ALA Y 45 -16.36 36.33 28.70
C ALA Y 45 -17.55 35.39 28.56
N VAL Y 46 -18.41 35.38 29.56
CA VAL Y 46 -19.54 34.47 29.56
C VAL Y 46 -20.82 35.16 29.12
N SER Z 6 -1.00 -16.76 40.84
CA SER Z 6 -1.13 -17.24 42.21
C SER Z 6 -1.61 -16.13 43.13
N LEU Z 7 -0.79 -15.79 44.12
CA LEU Z 7 -1.01 -14.65 45.00
C LEU Z 7 0.22 -13.76 45.02
N THR Z 8 0.03 -12.48 45.27
CA THR Z 8 1.17 -11.60 45.47
C THR Z 8 1.89 -11.97 46.76
N GLY Z 9 3.20 -12.13 46.67
CA GLY Z 9 3.95 -12.42 47.87
C GLY Z 9 3.94 -11.21 48.77
N LEU Z 10 3.11 -11.25 49.81
CA LEU Z 10 2.86 -10.10 50.66
C LEU Z 10 2.10 -10.55 51.90
N SER Z 11 2.59 -10.16 53.08
CA SER Z 11 2.01 -10.64 54.33
C SER Z 11 0.57 -10.18 54.47
N ASP Z 12 -0.20 -10.97 55.21
CA ASP Z 12 -1.59 -10.62 55.48
C ASP Z 12 -1.69 -9.30 56.22
N GLU Z 13 -0.77 -9.02 57.14
CA GLU Z 13 -0.75 -7.74 57.84
C GLU Z 13 -0.20 -6.62 56.97
N GLU Z 14 0.81 -6.92 56.15
CA GLU Z 14 1.34 -5.92 55.23
C GLU Z 14 0.30 -5.51 54.19
N ALA Z 15 -0.53 -6.46 53.74
CA ALA Z 15 -1.62 -6.11 52.84
C ALA Z 15 -2.61 -5.17 53.50
N LYS Z 16 -2.90 -5.39 54.80
CA LYS Z 16 -3.74 -4.44 55.53
C LYS Z 16 -3.06 -3.09 55.66
N GLU Z 17 -1.72 -3.09 55.72
CA GLU Z 17 -0.99 -1.83 55.85
C GLU Z 17 -1.04 -1.03 54.55
N PHE Z 18 -0.82 -1.68 53.42
CA PHE Z 18 -0.92 -0.97 52.15
C PHE Z 18 -2.30 -0.40 51.95
N HIS Z 19 -3.34 -1.17 52.28
CA HIS Z 19 -4.70 -0.69 52.07
C HIS Z 19 -5.00 0.54 52.89
N SER Z 20 -4.51 0.59 54.13
CA SER Z 20 -4.77 1.75 54.98
C SER Z 20 -4.14 3.01 54.38
N ILE Z 21 -2.89 2.91 53.92
CA ILE Z 21 -2.25 4.06 53.29
C ILE Z 21 -2.92 4.38 51.96
N PHE Z 22 -3.34 3.37 51.22
CA PHE Z 22 -4.01 3.61 49.95
C PHE Z 22 -5.32 4.35 50.15
N MET Z 23 -6.09 3.98 51.16
CA MET Z 23 -7.38 4.63 51.38
C MET Z 23 -7.21 6.02 52.00
N GLN Z 24 -6.11 6.23 52.72
CA GLN Z 24 -5.82 7.57 53.23
C GLN Z 24 -5.28 8.46 52.12
N SER Z 25 -4.47 7.91 51.22
CA SER Z 25 -3.96 8.69 50.09
C SER Z 25 -5.08 8.99 49.09
N PHE Z 26 -5.95 8.01 48.82
CA PHE Z 26 -7.09 8.26 47.95
C PHE Z 26 -8.03 9.29 48.55
N LEU Z 27 -8.24 9.22 49.87
CA LEU Z 27 -9.14 10.17 50.52
C LEU Z 27 -8.57 11.58 50.51
N ILE Z 28 -7.26 11.71 50.69
CA ILE Z 28 -6.62 13.02 50.62
C ILE Z 28 -6.63 13.54 49.19
N PHE Z 29 -6.41 12.64 48.22
CA PHE Z 29 -6.44 13.02 46.82
C PHE Z 29 -7.83 13.53 46.42
N THR Z 30 -8.88 12.84 46.87
CA THR Z 30 -10.24 13.28 46.58
C THR Z 30 -10.61 14.52 47.40
N ALA Z 31 -10.06 14.66 48.60
CA ALA Z 31 -10.34 15.84 49.41
C ALA Z 31 -9.80 17.10 48.74
N VAL Z 32 -8.61 17.02 48.15
CA VAL Z 32 -8.08 18.15 47.39
C VAL Z 32 -8.89 18.36 46.12
N ALA Z 33 -9.27 17.28 45.45
CA ALA Z 33 -10.03 17.40 44.22
C ALA Z 33 -11.37 18.06 44.46
N VAL Z 34 -12.05 17.71 45.55
CA VAL Z 34 -13.35 18.31 45.85
C VAL Z 34 -13.21 19.80 46.11
N VAL Z 35 -12.19 20.21 46.86
CA VAL Z 35 -11.98 21.64 47.10
C VAL Z 35 -11.67 22.35 45.79
N ALA Z 36 -10.82 21.75 44.97
CA ALA Z 36 -10.53 22.32 43.66
C ALA Z 36 -11.79 22.49 42.83
N HIS Z 37 -12.72 21.53 42.93
CA HIS Z 37 -13.97 21.63 42.19
C HIS Z 37 -14.87 22.72 42.74
N PHE Z 38 -14.91 22.87 44.07
CA PHE Z 38 -15.67 23.95 44.67
C PHE Z 38 -15.12 25.31 44.26
N LEU Z 39 -13.80 25.41 44.11
CA LEU Z 39 -13.21 26.66 43.65
C LEU Z 39 -13.54 26.92 42.20
N ALA Z 40 -13.63 25.86 41.38
CA ALA Z 40 -13.93 26.06 39.96
C ALA Z 40 -15.39 26.42 39.74
N TRP Z 41 -16.31 25.79 40.47
CA TRP Z 41 -17.71 26.15 40.37
C TRP Z 41 -17.95 27.59 40.84
N ALA Z 42 -17.19 28.01 41.86
CA ALA Z 42 -17.24 29.42 42.26
C ALA Z 42 -16.75 30.34 41.16
N TRP Z 43 -15.92 29.82 40.25
CA TRP Z 43 -15.45 30.62 39.12
C TRP Z 43 -16.49 30.64 38.00
N ARG Z 44 -16.77 29.48 37.42
CA ARG Z 44 -17.72 29.34 36.33
C ARG Z 44 -18.43 28.00 36.43
N PRO Z 45 -19.71 28.01 36.82
CA PRO Z 45 -20.46 26.75 36.95
C PRO Z 45 -20.53 26.02 35.62
N TRP Z 46 -20.50 24.69 35.69
CA TRP Z 46 -20.43 23.88 34.48
C TRP Z 46 -21.72 23.09 34.21
N ILE Z 47 -22.77 23.31 34.98
CA ILE Z 47 -24.06 22.67 34.69
C ILE Z 47 -25.01 23.75 34.19
N PRO Z 48 -25.26 23.84 32.88
CA PRO Z 48 -26.10 24.92 32.37
C PRO Z 48 -27.56 24.74 32.73
N GLY Z 49 -28.27 25.85 32.75
CA GLY Z 49 -29.70 25.83 32.99
C GLY Z 49 -30.47 25.52 31.72
N ALA Z 50 -31.79 25.75 31.80
CA ALA Z 50 -32.66 25.45 30.67
C ALA Z 50 -32.30 26.30 29.46
N GLU Z 51 -32.01 27.58 29.67
CA GLU Z 51 -31.70 28.49 28.58
C GLU Z 51 -30.21 28.52 28.22
N GLY Z 52 -29.39 27.72 28.89
CA GLY Z 52 -27.97 27.76 28.64
C GLY Z 52 -27.23 28.61 29.65
N TYR Z 53 -26.17 29.28 29.22
CA TYR Z 53 -25.39 30.12 30.11
C TYR Z 53 -25.70 31.61 29.89
N MET AA 1 -23.91 -16.66 44.50
CA MET AA 1 -23.41 -16.36 43.17
C MET AA 1 -21.89 -16.26 43.17
N TRP AA 2 -21.30 -16.57 44.32
CA TRP AA 2 -19.84 -16.60 44.43
C TRP AA 2 -19.21 -17.60 43.48
N ARG AA 3 -19.98 -18.59 43.02
CA ARG AA 3 -19.47 -19.64 42.13
C ARG AA 3 -19.04 -19.11 40.78
N MET AA 4 -19.38 -17.86 40.44
CA MET AA 4 -18.87 -17.26 39.21
C MET AA 4 -17.35 -17.29 39.17
N TRP AA 5 -16.70 -17.25 40.33
CA TRP AA 5 -15.24 -17.15 40.38
C TRP AA 5 -14.55 -18.51 40.45
N LYS AA 6 -15.32 -19.60 40.54
CA LYS AA 6 -14.79 -20.91 40.18
C LYS AA 6 -14.90 -21.18 38.69
N ILE AA 7 -15.46 -20.24 37.93
CA ILE AA 7 -15.58 -20.35 36.48
C ILE AA 7 -14.55 -19.46 35.78
N LEU AA 8 -14.62 -18.15 36.02
CA LEU AA 8 -13.63 -17.23 35.50
C LEU AA 8 -12.48 -17.08 36.47
N ASP AA 9 -11.40 -16.49 35.98
CA ASP AA 9 -10.34 -16.01 36.85
C ASP AA 9 -10.73 -14.62 37.31
N TYR AA 10 -10.93 -14.47 38.62
CA TYR AA 10 -11.44 -13.20 39.14
C TYR AA 10 -10.43 -12.08 38.97
N ARG AA 11 -9.13 -12.38 39.08
CA ARG AA 11 -8.12 -11.34 38.97
C ARG AA 11 -8.16 -10.65 37.61
N ARG AA 12 -8.27 -11.44 36.53
CA ARG AA 12 -8.30 -10.84 35.21
C ARG AA 12 -9.68 -10.31 34.85
N THR AA 13 -10.73 -10.87 35.44
CA THR AA 13 -12.07 -10.33 35.22
C THR AA 13 -12.16 -8.90 35.73
N VAL AA 14 -11.57 -8.62 36.89
CA VAL AA 14 -11.63 -7.27 37.44
C VAL AA 14 -10.79 -6.31 36.61
N VAL AA 15 -9.62 -6.75 36.14
CA VAL AA 15 -8.80 -5.87 35.29
C VAL AA 15 -9.50 -5.62 33.97
N LEU AA 16 -10.08 -6.66 33.37
CA LEU AA 16 -10.84 -6.48 32.14
C LEU AA 16 -12.05 -5.59 32.36
N ALA AA 17 -12.71 -5.74 33.51
CA ALA AA 17 -13.89 -4.93 33.78
C ALA AA 17 -13.54 -3.45 33.85
N HIS AA 18 -12.44 -3.10 34.52
CA HIS AA 18 -12.05 -1.71 34.63
C HIS AA 18 -11.74 -1.10 33.27
N VAL AA 19 -11.01 -1.84 32.44
CA VAL AA 19 -10.65 -1.33 31.12
C VAL AA 19 -11.88 -1.20 30.24
N GLY AA 20 -12.78 -2.18 30.29
CA GLY AA 20 -14.01 -2.09 29.52
C GLY AA 20 -14.90 -0.96 29.99
N MET AA 21 -15.06 -0.82 31.30
CA MET AA 21 -15.92 0.24 31.84
C MET AA 21 -15.31 1.62 31.60
N ALA AA 22 -13.97 1.72 31.59
CA ALA AA 22 -13.34 2.98 31.24
C ALA AA 22 -13.63 3.36 29.80
N VAL AA 23 -13.51 2.40 28.89
CA VAL AA 23 -13.75 2.67 27.48
C VAL AA 23 -15.20 3.04 27.26
N LEU AA 24 -16.13 2.32 27.91
CA LEU AA 24 -17.54 2.62 27.75
C LEU AA 24 -17.89 3.99 28.33
N ALA AA 25 -17.35 4.30 29.50
CA ALA AA 25 -17.66 5.58 30.15
C ALA AA 25 -17.13 6.76 29.36
N LEU AA 26 -15.93 6.63 28.79
CA LEU AA 26 -15.44 7.67 27.89
C LEU AA 26 -16.26 7.72 26.62
N LEU AA 27 -16.70 6.56 26.14
CA LEU AA 27 -17.58 6.53 24.96
C LEU AA 27 -18.85 7.32 25.22
N ILE AA 28 -19.50 7.08 26.36
CA ILE AA 28 -20.78 7.76 26.64
C ILE AA 28 -20.55 9.24 26.89
N HIS AA 29 -19.52 9.58 27.67
CA HIS AA 29 -19.24 10.98 27.97
C HIS AA 29 -18.91 11.78 26.71
N PHE AA 30 -18.09 11.21 25.82
CA PHE AA 30 -17.78 11.86 24.56
C PHE AA 30 -19.03 11.99 23.68
N ILE AA 31 -19.86 10.95 23.65
CA ILE AA 31 -21.07 11.01 22.83
C ILE AA 31 -21.98 12.14 23.30
N LEU AA 32 -22.13 12.29 24.61
CA LEU AA 32 -22.91 13.41 25.13
C LEU AA 32 -22.26 14.74 24.80
N LEU AA 33 -20.92 14.79 24.78
CA LEU AA 33 -20.24 16.02 24.38
C LEU AA 33 -20.51 16.35 22.91
N SER AA 34 -20.84 15.36 22.09
CA SER AA 34 -21.12 15.66 20.70
C SER AA 34 -22.60 16.02 20.47
N THR AA 35 -23.49 15.61 21.36
CA THR AA 35 -24.88 16.02 21.23
C THR AA 35 -25.04 17.50 21.60
N GLU AA 36 -26.19 18.06 21.23
CA GLU AA 36 -26.47 19.46 21.52
C GLU AA 36 -27.20 19.66 22.84
N ASN AA 37 -28.12 18.77 23.19
CA ASN AA 37 -28.91 18.94 24.40
C ASN AA 37 -28.21 18.43 25.65
N PHE AA 38 -27.08 17.74 25.52
CA PHE AA 38 -26.39 17.16 26.67
C PHE AA 38 -24.92 17.53 26.68
N ASN AA 39 -24.52 18.56 25.96
CA ASN AA 39 -23.18 19.09 26.01
C ASN AA 39 -23.12 20.11 27.13
N TRP AA 40 -22.73 19.66 28.33
CA TRP AA 40 -22.81 20.51 29.50
C TRP AA 40 -21.79 21.63 29.47
N LEU AA 41 -20.69 21.45 28.75
CA LEU AA 41 -19.72 22.52 28.59
C LEU AA 41 -20.19 23.56 27.60
N GLN AA 42 -20.80 23.13 26.49
CA GLN AA 42 -21.35 24.09 25.54
C GLN AA 42 -22.50 24.89 26.13
N GLY AA 43 -23.38 24.23 26.89
CA GLY AA 43 -24.50 24.93 27.48
C GLY AA 43 -25.49 25.48 26.49
N ASN AA 44 -25.86 24.70 25.49
CA ASN AA 44 -26.94 25.09 24.59
C ASN AA 44 -28.27 24.97 25.33
N PRO AA 45 -29.32 25.62 24.81
CA PRO AA 45 -30.64 25.47 25.42
C PRO AA 45 -31.14 24.03 25.35
N TYR AA 46 -32.04 23.69 26.27
CA TYR AA 46 -32.59 22.35 26.35
C TYR AA 46 -33.97 22.26 25.70
N ASN BA 7 -8.95 -24.49 39.87
CA ASN BA 7 -8.07 -24.65 41.03
C ASN BA 7 -8.33 -23.52 42.01
N VAL BA 8 -9.59 -23.09 42.10
CA VAL BA 8 -10.03 -22.08 43.04
C VAL BA 8 -11.00 -22.73 44.02
N SER BA 9 -10.72 -22.58 45.32
CA SER BA 9 -11.50 -23.25 46.34
C SER BA 9 -12.79 -22.49 46.63
N ASP BA 10 -13.64 -23.10 47.45
CA ASP BA 10 -14.92 -22.47 47.81
C ASP BA 10 -14.70 -21.27 48.71
N GLU BA 11 -13.65 -21.29 49.52
CA GLU BA 11 -13.35 -20.17 50.40
C GLU BA 11 -12.78 -19.00 49.63
N GLU BA 12 -11.85 -19.27 48.70
CA GLU BA 12 -11.35 -18.21 47.83
C GLU BA 12 -12.47 -17.60 47.00
N ALA BA 13 -13.35 -18.44 46.46
CA ALA BA 13 -14.44 -17.95 45.63
C ALA BA 13 -15.39 -17.06 46.43
N LYS BA 14 -15.68 -17.44 47.68
CA LYS BA 14 -16.54 -16.61 48.52
C LYS BA 14 -15.90 -15.27 48.84
N GLU BA 15 -14.60 -15.26 49.14
CA GLU BA 15 -13.92 -14.02 49.45
C GLU BA 15 -13.88 -13.09 48.23
N PHE BA 16 -13.63 -13.65 47.04
CA PHE BA 16 -13.65 -12.83 45.84
C PHE BA 16 -15.01 -12.18 45.63
N HIS BA 17 -16.08 -12.94 45.83
CA HIS BA 17 -17.40 -12.40 45.57
C HIS BA 17 -17.81 -11.39 46.63
N ALA BA 18 -17.15 -11.39 47.79
CA ALA BA 18 -17.40 -10.33 48.76
C ALA BA 18 -16.74 -9.03 48.32
N MET BA 19 -15.53 -9.12 47.79
CA MET BA 19 -14.88 -7.95 47.21
C MET BA 19 -15.64 -7.47 45.99
N PHE BA 20 -16.13 -8.40 45.17
CA PHE BA 20 -16.98 -8.04 44.05
C PHE BA 20 -18.29 -7.41 44.52
N SER BA 21 -18.91 -7.98 45.56
CA SER BA 21 -20.19 -7.45 46.04
C SER BA 21 -20.03 -6.03 46.56
N GLN BA 22 -19.02 -5.79 47.38
CA GLN BA 22 -18.83 -4.47 47.95
C GLN BA 22 -18.55 -3.44 46.86
N ALA BA 23 -17.71 -3.80 45.90
CA ALA BA 23 -17.36 -2.88 44.82
C ALA BA 23 -18.51 -2.67 43.85
N PHE BA 24 -19.27 -3.74 43.58
CA PHE BA 24 -20.43 -3.62 42.70
C PHE BA 24 -21.52 -2.78 43.35
N THR BA 25 -21.65 -2.86 44.68
CA THR BA 25 -22.70 -2.12 45.36
C THR BA 25 -22.42 -0.62 45.35
N VAL BA 26 -21.18 -0.23 45.66
CA VAL BA 26 -20.83 1.19 45.66
C VAL BA 26 -20.93 1.76 44.25
N TYR BA 27 -20.41 1.04 43.27
CA TYR BA 27 -20.37 1.54 41.91
C TYR BA 27 -21.77 1.70 41.32
N ILE BA 28 -22.68 0.77 41.61
CA ILE BA 28 -24.06 0.91 41.17
C ILE BA 28 -24.77 2.01 41.96
N GLY BA 29 -24.59 2.02 43.28
CA GLY BA 29 -25.23 3.03 44.10
C GLY BA 29 -24.86 4.44 43.70
N VAL BA 30 -23.59 4.64 43.35
CA VAL BA 30 -23.17 5.96 42.89
C VAL BA 30 -23.72 6.25 41.50
N ALA BA 31 -23.67 5.28 40.60
CA ALA BA 31 -24.12 5.51 39.24
C ALA BA 31 -25.61 5.82 39.19
N VAL BA 32 -26.40 5.16 40.05
CA VAL BA 32 -27.83 5.46 40.12
C VAL BA 32 -28.05 6.89 40.57
N VAL BA 33 -27.26 7.35 41.55
CA VAL BA 33 -27.35 8.74 41.99
C VAL BA 33 -26.93 9.68 40.88
N ALA BA 34 -25.93 9.27 40.08
CA ALA BA 34 -25.50 10.08 38.95
C ALA BA 34 -26.62 10.25 37.95
N HIS BA 35 -27.39 9.18 37.70
CA HIS BA 35 -28.48 9.24 36.72
C HIS BA 35 -29.68 9.99 37.26
N ILE BA 36 -29.88 10.02 38.57
CA ILE BA 36 -30.95 10.83 39.13
C ILE BA 36 -30.63 12.32 39.01
N LEU BA 37 -29.39 12.69 39.34
CA LEU BA 37 -28.98 14.08 39.13
C LEU BA 37 -28.98 14.44 37.65
N ALA BA 38 -28.53 13.52 36.79
CA ALA BA 38 -28.55 13.78 35.35
C ALA BA 38 -29.98 13.95 34.85
N TRP BA 39 -30.91 13.13 35.33
CA TRP BA 39 -32.30 13.29 34.93
C TRP BA 39 -32.89 14.58 35.45
N ALA BA 40 -32.64 14.91 36.72
CA ALA BA 40 -33.15 16.14 37.29
C ALA BA 40 -32.63 17.36 36.54
N TRP BA 41 -31.54 17.22 35.82
CA TRP BA 41 -30.98 18.31 35.03
C TRP BA 41 -31.65 18.41 33.67
N ARG BA 42 -31.48 17.40 32.82
CA ARG BA 42 -32.05 17.38 31.47
C ARG BA 42 -32.47 15.96 31.16
N PRO BA 43 -33.76 15.65 31.27
CA PRO BA 43 -34.21 14.28 30.94
C PRO BA 43 -33.87 13.91 29.50
N TRP BA 44 -33.44 12.67 29.32
CA TRP BA 44 -32.90 12.25 28.03
C TRP BA 44 -33.90 11.49 27.17
N ILE BA 45 -35.13 11.27 27.63
CA ILE BA 45 -36.15 10.58 26.86
C ILE BA 45 -37.10 11.63 26.30
N PRO BA 46 -37.09 11.89 25.01
CA PRO BA 46 -37.93 12.96 24.46
C PRO BA 46 -39.39 12.56 24.41
N GLY BA 47 -40.25 13.58 24.35
CA GLY BA 47 -41.66 13.39 24.12
C GLY BA 47 -41.99 13.44 22.64
N ASP BA 48 -43.30 13.38 22.35
CA ASP BA 48 -43.74 13.39 20.96
C ASP BA 48 -43.33 14.67 20.24
N GLU BA 49 -43.15 15.77 20.98
CA GLU BA 49 -42.72 17.04 20.42
C GLU BA 49 -41.23 17.28 20.54
N GLY BA 50 -40.52 16.43 21.28
CA GLY BA 50 -39.09 16.57 21.47
C GLY BA 50 -38.74 16.80 22.93
N PHE BA 51 -37.58 17.41 23.15
CA PHE BA 51 -37.12 17.69 24.50
C PHE BA 51 -37.82 18.92 25.07
N MET CA 1 -30.88 -31.10 29.75
CA MET CA 1 -30.23 -30.00 29.07
C MET CA 1 -28.94 -29.62 29.80
N TRP CA 2 -28.81 -30.09 31.04
CA TRP CA 2 -27.58 -29.90 31.77
C TRP CA 2 -26.41 -30.59 31.09
N ARG CA 3 -26.68 -31.60 30.25
CA ARG CA 3 -25.62 -32.30 29.53
C ARG CA 3 -24.88 -31.39 28.56
N LEU CA 4 -25.48 -30.25 28.22
CA LEU CA 4 -24.81 -29.30 27.34
C LEU CA 4 -23.46 -28.89 27.89
N TRP CA 5 -23.36 -28.72 29.21
CA TRP CA 5 -22.12 -28.28 29.82
C TRP CA 5 -21.10 -29.40 29.95
N LYS CA 6 -21.54 -30.66 29.84
CA LYS CA 6 -20.60 -31.75 29.74
C LYS CA 6 -19.83 -31.71 28.42
N LEU CA 7 -20.42 -31.12 27.38
CA LEU CA 7 -19.78 -31.03 26.09
C LEU CA 7 -19.15 -29.66 25.81
N TYR CA 8 -19.48 -28.64 26.60
CA TYR CA 8 -18.99 -27.28 26.34
C TYR CA 8 -18.42 -26.67 27.60
N ASP CA 9 -17.28 -26.02 27.46
CA ASP CA 9 -16.60 -25.42 28.59
C ASP CA 9 -17.36 -24.19 29.07
N PRO CA 10 -17.78 -24.13 30.33
CA PRO CA 10 -18.59 -22.99 30.79
C PRO CA 10 -17.90 -21.65 30.64
N ARG CA 11 -16.58 -21.57 30.86
CA ARG CA 11 -15.89 -20.30 30.66
C ARG CA 11 -15.96 -19.85 29.21
N ARG CA 12 -15.71 -20.79 28.28
CA ARG CA 12 -15.76 -20.46 26.87
C ARG CA 12 -17.14 -20.01 26.45
N VAL CA 13 -18.17 -20.69 26.95
CA VAL CA 13 -19.54 -20.35 26.59
C VAL CA 13 -19.92 -18.98 27.14
N LEU CA 14 -19.66 -18.74 28.42
CA LEU CA 14 -20.04 -17.46 29.01
C LEU CA 14 -19.23 -16.31 28.41
N ILE CA 15 -17.97 -16.55 28.09
CA ILE CA 15 -17.19 -15.54 27.40
C ILE CA 15 -17.80 -15.27 26.02
N GLY CA 16 -18.14 -16.33 25.30
CA GLY CA 16 -18.72 -16.14 23.98
C GLY CA 16 -20.07 -15.45 24.01
N ILE CA 17 -20.93 -15.85 24.96
CA ILE CA 17 -22.25 -15.24 25.07
C ILE CA 17 -22.12 -13.76 25.43
N PHE CA 18 -21.23 -13.44 26.36
CA PHE CA 18 -21.08 -12.04 26.77
C PHE CA 18 -20.49 -11.20 25.66
N SER CA 19 -19.57 -11.77 24.87
CA SER CA 19 -19.04 -11.03 23.73
C SER CA 19 -20.09 -10.86 22.65
N TRP CA 20 -20.96 -11.87 22.49
CA TRP CA 20 -22.09 -11.72 21.59
C TRP CA 20 -23.09 -10.70 22.12
N LEU CA 21 -23.41 -10.77 23.42
CA LEU CA 21 -24.38 -9.85 23.99
C LEU CA 21 -23.86 -8.42 23.98
N ALA CA 22 -22.59 -8.23 24.31
CA ALA CA 22 -22.02 -6.89 24.33
C ALA CA 22 -22.03 -6.27 22.94
N VAL CA 23 -21.62 -7.04 21.94
CA VAL CA 23 -21.56 -6.52 20.57
C VAL CA 23 -22.96 -6.31 20.02
N LEU CA 24 -23.86 -7.28 20.24
CA LEU CA 24 -25.23 -7.13 19.78
C LEU CA 24 -25.92 -5.95 20.43
N ALA CA 25 -25.74 -5.77 21.74
CA ALA CA 25 -26.32 -4.64 22.44
C ALA CA 25 -25.77 -3.32 21.91
N LEU CA 26 -24.45 -3.26 21.67
CA LEU CA 26 -23.87 -2.05 21.11
C LEU CA 26 -24.46 -1.73 19.74
N VAL CA 27 -24.61 -2.74 18.90
CA VAL CA 27 -25.05 -2.52 17.53
C VAL CA 27 -26.50 -2.08 17.49
N ILE CA 28 -27.36 -2.69 18.31
CA ILE CA 28 -28.76 -2.27 18.35
C ILE CA 28 -28.87 -0.84 18.86
N HIS CA 29 -28.08 -0.49 19.89
CA HIS CA 29 -28.11 0.87 20.42
C HIS CA 29 -27.66 1.88 19.36
N PHE CA 30 -26.58 1.57 18.65
CA PHE CA 30 -26.07 2.48 17.63
C PHE CA 30 -26.99 2.55 16.42
N ILE CA 31 -27.70 1.47 16.12
CA ILE CA 31 -28.68 1.50 15.05
C ILE CA 31 -29.85 2.39 15.43
N LEU CA 32 -30.27 2.34 16.70
CA LEU CA 32 -31.34 3.22 17.17
C LEU CA 32 -30.90 4.67 17.23
N LEU CA 33 -29.61 4.92 17.45
CA LEU CA 33 -29.11 6.28 17.49
C LEU CA 33 -29.10 6.91 16.11
N SER CA 34 -29.02 6.10 15.05
CA SER CA 34 -28.98 6.63 13.69
C SER CA 34 -30.35 6.81 13.08
N THR CA 35 -31.41 6.32 13.72
CA THR CA 35 -32.75 6.52 13.19
C THR CA 35 -33.27 7.89 13.57
N ASP CA 36 -34.36 8.29 12.94
CA ASP CA 36 -35.02 9.53 13.32
C ASP CA 36 -36.12 9.33 14.35
N ARG CA 37 -36.54 8.09 14.61
CA ARG CA 37 -37.60 7.86 15.59
C ARG CA 37 -37.08 7.45 16.95
N PHE CA 38 -35.95 6.75 17.02
CA PHE CA 38 -35.45 6.23 18.29
C PHE CA 38 -34.10 6.81 18.66
N ASN CA 39 -33.74 7.95 18.08
CA ASN CA 39 -32.58 8.73 18.53
C ASN CA 39 -33.00 9.48 19.78
N TRP CA 40 -32.73 8.89 20.94
CA TRP CA 40 -33.20 9.49 22.19
C TRP CA 40 -32.35 10.68 22.63
N VAL CA 41 -31.04 10.63 22.41
CA VAL CA 41 -30.22 11.79 22.77
C VAL CA 41 -30.44 12.94 21.79
N GLY CA 42 -30.62 12.64 20.50
CA GLY CA 42 -30.90 13.67 19.52
C GLY CA 42 -32.20 14.37 19.70
N GLY CA 43 -33.12 13.82 20.48
CA GLY CA 43 -34.36 14.47 20.82
C GLY CA 43 -35.28 14.72 19.65
N ALA CA 44 -35.30 13.82 18.68
CA ALA CA 44 -36.13 14.00 17.50
C ALA CA 44 -37.60 13.95 17.88
N ALA CA 45 -38.42 14.64 17.10
CA ALA CA 45 -39.87 14.65 17.30
C ALA CA 45 -40.52 13.70 16.30
N VAL CA 46 -41.62 13.09 16.71
CA VAL CA 46 -42.28 12.09 15.89
C VAL CA 46 -42.86 12.69 14.62
N LEU DA 7 -15.30 -33.38 25.66
CA LEU DA 7 -15.84 -33.59 26.99
C LEU DA 7 -15.06 -32.74 27.99
N THR DA 8 -15.79 -32.03 28.84
CA THR DA 8 -15.22 -31.04 29.73
C THR DA 8 -14.79 -31.67 31.05
N GLY DA 9 -14.34 -30.84 31.98
CA GLY DA 9 -13.89 -31.35 33.26
C GLY DA 9 -14.95 -31.49 34.32
N LEU DA 10 -16.19 -31.13 34.04
CA LEU DA 10 -17.24 -31.15 35.06
C LEU DA 10 -17.87 -32.53 35.16
N SER DA 11 -18.20 -32.91 36.39
CA SER DA 11 -18.89 -34.16 36.64
C SER DA 11 -20.37 -33.99 36.26
N ASP DA 12 -21.18 -34.99 36.60
CA ASP DA 12 -22.62 -34.88 36.39
C ASP DA 12 -23.23 -33.84 37.34
N GLU DA 13 -22.74 -33.79 38.57
CA GLU DA 13 -23.28 -32.85 39.55
C GLU DA 13 -22.94 -31.41 39.19
N GLU DA 14 -21.72 -31.15 38.73
CA GLU DA 14 -21.32 -29.80 38.38
C GLU DA 14 -22.09 -29.27 37.18
N ALA DA 15 -22.33 -30.13 36.19
CA ALA DA 15 -23.10 -29.71 35.02
C ALA DA 15 -24.54 -29.38 35.40
N LYS DA 16 -25.13 -30.15 36.32
CA LYS DA 16 -26.47 -29.83 36.79
C LYS DA 16 -26.49 -28.53 37.58
N GLU DA 17 -25.43 -28.26 38.36
CA GLU DA 17 -25.36 -27.03 39.13
C GLU DA 17 -25.16 -25.82 38.22
N PHE DA 18 -24.28 -25.95 37.22
CA PHE DA 18 -24.08 -24.86 36.27
C PHE DA 18 -25.34 -24.59 35.48
N HIS DA 19 -26.06 -25.65 35.09
CA HIS DA 19 -27.30 -25.46 34.34
C HIS DA 19 -28.34 -24.76 35.18
N SER DA 20 -28.47 -25.14 36.45
CA SER DA 20 -29.48 -24.50 37.30
C SER DA 20 -29.19 -23.02 37.46
N ILE DA 21 -27.92 -22.66 37.60
CA ILE DA 21 -27.56 -21.25 37.74
C ILE DA 21 -27.68 -20.53 36.40
N PHE DA 22 -27.18 -21.15 35.32
CA PHE DA 22 -27.23 -20.52 34.01
C PHE DA 22 -28.66 -20.23 33.60
N MET DA 23 -29.59 -21.13 33.93
CA MET DA 23 -30.98 -20.90 33.60
C MET DA 23 -31.55 -19.73 34.39
N GLN DA 24 -31.36 -19.72 35.71
CA GLN DA 24 -31.87 -18.62 36.53
C GLN DA 24 -31.24 -17.30 36.10
N SER DA 25 -29.95 -17.31 35.81
CA SER DA 25 -29.27 -16.09 35.34
C SER DA 25 -29.81 -15.65 33.98
N PHE DA 26 -30.06 -16.59 33.08
CA PHE DA 26 -30.61 -16.23 31.78
C PHE DA 26 -32.00 -15.61 31.93
N LEU DA 27 -32.82 -16.18 32.81
CA LEU DA 27 -34.18 -15.67 32.98
C LEU DA 27 -34.20 -14.33 33.68
N ILE DA 28 -33.24 -14.08 34.58
CA ILE DA 28 -33.15 -12.77 35.21
C ILE DA 28 -32.66 -11.72 34.22
N PHE DA 29 -31.66 -12.07 33.41
CA PHE DA 29 -31.20 -11.15 32.37
C PHE DA 29 -32.30 -10.90 31.34
N THR DA 30 -33.07 -11.94 31.01
CA THR DA 30 -34.13 -11.80 30.02
C THR DA 30 -35.33 -11.05 30.59
N ALA DA 31 -35.65 -11.27 31.86
CA ALA DA 31 -36.78 -10.55 32.46
C ALA DA 31 -36.50 -9.06 32.57
N VAL DA 32 -35.26 -8.70 32.90
CA VAL DA 32 -34.85 -7.29 32.85
C VAL DA 32 -35.03 -6.75 31.44
N ALA DA 33 -34.67 -7.54 30.44
CA ALA DA 33 -34.83 -7.13 29.05
C ALA DA 33 -36.30 -6.91 28.72
N VAL DA 34 -37.18 -7.78 29.20
CA VAL DA 34 -38.61 -7.63 28.92
C VAL DA 34 -39.13 -6.33 29.51
N VAL DA 35 -38.76 -6.03 30.75
CA VAL DA 35 -39.20 -4.78 31.38
C VAL DA 35 -38.66 -3.59 30.59
N ALA DA 36 -37.44 -3.69 30.09
CA ALA DA 36 -36.89 -2.63 29.26
C ALA DA 36 -37.72 -2.43 28.00
N HIS DA 37 -38.17 -3.51 27.37
CA HIS DA 37 -38.94 -3.37 26.14
C HIS DA 37 -40.34 -2.85 26.41
N PHE DA 38 -40.91 -3.13 27.59
CA PHE DA 38 -42.18 -2.51 27.94
C PHE DA 38 -42.03 -1.00 28.08
N LEU DA 39 -40.93 -0.55 28.70
CA LEU DA 39 -40.71 0.87 28.87
C LEU DA 39 -40.37 1.54 27.54
N ALA DA 40 -39.58 0.87 26.70
CA ALA DA 40 -39.27 1.41 25.38
C ALA DA 40 -40.51 1.51 24.52
N TRP DA 41 -41.37 0.51 24.58
CA TRP DA 41 -42.62 0.53 23.82
C TRP DA 41 -43.54 1.65 24.31
N ALA DA 42 -43.61 1.84 25.63
CA ALA DA 42 -44.42 2.93 26.17
C ALA DA 42 -43.87 4.28 25.74
N TRP DA 43 -42.58 4.37 25.44
CA TRP DA 43 -42.01 5.61 24.91
C TRP DA 43 -42.35 5.77 23.44
N ARG DA 44 -41.89 4.85 22.59
CA ARG DA 44 -42.14 4.91 21.16
C ARG DA 44 -42.25 3.49 20.61
N PRO DA 45 -43.45 3.03 20.29
CA PRO DA 45 -43.60 1.67 19.75
C PRO DA 45 -42.87 1.54 18.42
N TRP DA 46 -42.28 0.37 18.21
CA TRP DA 46 -41.44 0.12 17.04
C TRP DA 46 -42.15 -0.68 15.96
N ILE DA 47 -43.42 -1.00 16.13
CA ILE DA 47 -44.19 -1.70 15.11
C ILE DA 47 -45.11 -0.68 14.43
N PRO DA 48 -44.79 -0.23 13.22
CA PRO DA 48 -45.66 0.74 12.55
C PRO DA 48 -46.98 0.14 12.12
N GLY DA 49 -47.97 1.00 11.97
CA GLY DA 49 -49.29 0.60 11.52
C GLY DA 49 -49.36 0.57 10.00
N ALA DA 50 -50.59 0.47 9.51
CA ALA DA 50 -50.80 0.50 8.06
C ALA DA 50 -50.36 1.83 7.47
N GLU DA 51 -50.54 2.92 8.22
CA GLU DA 51 -50.21 4.25 7.72
C GLU DA 51 -48.77 4.66 8.00
N GLY DA 52 -48.00 3.85 8.72
CA GLY DA 52 -46.65 4.22 9.07
C GLY DA 52 -46.57 5.04 10.34
N TYR DA 53 -45.53 5.85 10.48
CA TYR DA 53 -45.41 6.73 11.64
C TYR DA 53 -45.87 8.14 11.31
N MET EA 1 -35.07 -40.09 14.96
CA MET EA 1 -33.92 -39.94 14.10
C MET EA 1 -32.69 -39.56 14.92
N TRP EA 2 -32.41 -40.37 15.95
CA TRP EA 2 -31.26 -40.15 16.80
C TRP EA 2 -29.96 -40.58 16.14
N ARG EA 3 -30.02 -41.48 15.16
CA ARG EA 3 -28.83 -41.98 14.50
C ARG EA 3 -28.10 -40.91 13.72
N MET EA 4 -28.73 -39.75 13.50
CA MET EA 4 -28.06 -38.63 12.86
C MET EA 4 -26.75 -38.31 13.55
N TRP EA 5 -26.75 -38.33 14.87
CA TRP EA 5 -25.56 -38.00 15.66
C TRP EA 5 -24.57 -39.14 15.72
N LYS EA 6 -24.92 -40.32 15.20
CA LYS EA 6 -23.95 -41.36 14.93
C LYS EA 6 -23.24 -41.16 13.59
N ILE EA 7 -23.71 -40.22 12.78
CA ILE EA 7 -23.06 -39.85 11.54
C ILE EA 7 -22.34 -38.51 11.67
N LEU EA 8 -23.02 -37.51 12.21
CA LEU EA 8 -22.48 -36.16 12.39
C LEU EA 8 -22.15 -35.93 13.85
N ASP EA 9 -20.97 -35.40 14.11
CA ASP EA 9 -20.58 -35.10 15.49
C ASP EA 9 -21.45 -33.99 16.06
N TYR EA 10 -22.07 -34.28 17.20
CA TYR EA 10 -23.06 -33.36 17.76
C TYR EA 10 -22.44 -32.06 18.23
N ARG EA 11 -21.25 -32.13 18.83
CA ARG EA 11 -20.61 -30.92 19.33
C ARG EA 11 -20.36 -29.93 18.21
N ARG EA 12 -19.86 -30.41 17.07
CA ARG EA 12 -19.60 -29.52 15.95
C ARG EA 12 -20.90 -29.06 15.27
N THR EA 13 -21.94 -29.89 15.30
CA THR EA 13 -23.19 -29.51 14.66
C THR EA 13 -23.89 -28.39 15.41
N VAL EA 14 -23.87 -28.44 16.75
CA VAL EA 14 -24.51 -27.39 17.55
C VAL EA 14 -23.77 -26.07 17.36
N VAL EA 15 -22.44 -26.10 17.39
CA VAL EA 15 -21.67 -24.87 17.23
C VAL EA 15 -21.91 -24.28 15.86
N LEU EA 16 -21.86 -25.11 14.83
CA LEU EA 16 -22.05 -24.63 13.46
C LEU EA 16 -23.46 -24.12 13.24
N ALA EA 17 -24.45 -24.74 13.88
CA ALA EA 17 -25.83 -24.30 13.69
C ALA EA 17 -26.06 -22.94 14.31
N HIS EA 18 -25.42 -22.66 15.45
CA HIS EA 18 -25.61 -21.37 16.09
C HIS EA 18 -24.93 -20.25 15.32
N VAL EA 19 -23.69 -20.49 14.88
CA VAL EA 19 -23.00 -19.47 14.09
C VAL EA 19 -23.65 -19.34 12.72
N GLY EA 20 -24.15 -20.45 12.17
CA GLY EA 20 -24.83 -20.39 10.90
C GLY EA 20 -26.17 -19.68 10.97
N MET EA 21 -26.98 -20.01 11.97
CA MET EA 21 -28.26 -19.33 12.12
C MET EA 21 -28.08 -17.89 12.61
N ALA EA 22 -26.93 -17.58 13.22
CA ALA EA 22 -26.65 -16.20 13.58
C ALA EA 22 -26.52 -15.33 12.35
N VAL EA 23 -25.70 -15.76 11.39
CA VAL EA 23 -25.51 -14.99 10.17
C VAL EA 23 -26.82 -14.89 9.39
N LEU EA 24 -27.57 -15.99 9.33
CA LEU EA 24 -28.85 -15.99 8.63
C LEU EA 24 -29.83 -15.04 9.29
N ALA EA 25 -29.93 -15.07 10.62
CA ALA EA 25 -30.88 -14.21 11.31
C ALA EA 25 -30.53 -12.74 11.14
N LEU EA 26 -29.24 -12.41 11.18
CA LEU EA 26 -28.84 -11.04 10.87
C LEU EA 26 -29.12 -10.69 9.43
N LEU EA 27 -28.85 -11.63 8.52
CA LEU EA 27 -29.07 -11.39 7.10
C LEU EA 27 -30.52 -11.08 6.80
N ILE EA 28 -31.44 -11.88 7.36
CA ILE EA 28 -32.86 -11.67 7.09
C ILE EA 28 -33.35 -10.39 7.73
N HIS EA 29 -32.90 -10.10 8.96
CA HIS EA 29 -33.30 -8.88 9.64
C HIS EA 29 -32.81 -7.64 8.89
N PHE EA 30 -31.58 -7.70 8.37
CA PHE EA 30 -31.03 -6.56 7.63
C PHE EA 30 -31.64 -6.45 6.24
N ILE EA 31 -32.06 -7.57 5.65
CA ILE EA 31 -32.75 -7.52 4.37
C ILE EA 31 -34.06 -6.76 4.51
N LEU EA 32 -34.81 -7.04 5.57
CA LEU EA 32 -36.07 -6.35 5.78
C LEU EA 32 -35.85 -4.87 6.09
N LEU EA 33 -34.77 -4.54 6.79
CA LEU EA 33 -34.51 -3.14 7.13
C LEU EA 33 -34.25 -2.31 5.88
N SER EA 34 -33.60 -2.89 4.88
CA SER EA 34 -33.31 -2.12 3.68
C SER EA 34 -34.51 -2.02 2.72
N THR EA 35 -35.55 -2.83 2.92
CA THR EA 35 -36.75 -2.67 2.12
C THR EA 35 -37.58 -1.52 2.64
N GLU EA 36 -38.40 -0.96 1.75
CA GLU EA 36 -39.30 0.12 2.13
C GLU EA 36 -40.48 -0.39 2.96
N ASN EA 37 -40.95 -1.60 2.67
CA ASN EA 37 -42.20 -2.09 3.25
C ASN EA 37 -42.03 -2.86 4.55
N PHE EA 38 -40.85 -3.45 4.80
CA PHE EA 38 -40.66 -4.22 6.02
C PHE EA 38 -39.52 -3.67 6.86
N ASN EA 39 -39.37 -2.36 6.87
CA ASN EA 39 -38.40 -1.66 7.72
C ASN EA 39 -39.17 -1.14 8.92
N TRP EA 40 -39.16 -1.92 10.01
CA TRP EA 40 -39.96 -1.56 11.17
C TRP EA 40 -39.45 -0.32 11.88
N LEU EA 41 -38.16 -0.01 11.76
CA LEU EA 41 -37.62 1.18 12.40
C LEU EA 41 -38.03 2.44 11.65
N GLN EA 42 -37.83 2.47 10.34
CA GLN EA 42 -38.26 3.61 9.55
C GLN EA 42 -39.78 3.75 9.57
N GLY EA 43 -40.50 2.63 9.46
CA GLY EA 43 -41.94 2.64 9.51
C GLY EA 43 -42.61 3.35 8.36
N ASN EA 44 -42.23 3.00 7.13
CA ASN EA 44 -42.88 3.55 5.96
C ASN EA 44 -44.32 3.06 5.88
N PRO EA 45 -45.20 3.79 5.19
CA PRO EA 45 -46.56 3.29 4.97
C PRO EA 45 -46.53 2.04 4.12
N TYR EA 46 -47.54 1.20 4.31
CA TYR EA 46 -47.57 -0.12 3.70
C TYR EA 46 -48.70 -0.29 2.69
N ASN FA 7 -18.09 -45.19 17.47
CA ASN FA 7 -17.44 -44.35 18.47
C ASN FA 7 -18.46 -43.45 19.16
N VAL FA 8 -19.74 -43.74 18.94
CA VAL FA 8 -20.85 -43.07 19.62
C VAL FA 8 -21.83 -44.14 20.08
N SER FA 9 -22.15 -44.13 21.37
CA SER FA 9 -23.09 -45.10 21.90
C SER FA 9 -24.50 -44.80 21.42
N ASP FA 10 -25.32 -45.85 21.33
CA ASP FA 10 -26.74 -45.65 21.02
C ASP FA 10 -27.45 -44.90 22.14
N GLU FA 11 -26.82 -44.80 23.32
CA GLU FA 11 -27.37 -43.97 24.38
C GLU FA 11 -26.83 -42.54 24.29
N GLU FA 12 -25.56 -42.39 23.91
CA GLU FA 12 -25.03 -41.05 23.68
C GLU FA 12 -25.76 -40.35 22.55
N ALA FA 13 -26.01 -41.08 21.45
CA ALA FA 13 -26.76 -40.51 20.33
C ALA FA 13 -28.18 -40.16 20.73
N LYS FA 14 -28.84 -41.03 21.49
CA LYS FA 14 -30.22 -40.76 21.88
C LYS FA 14 -30.31 -39.56 22.83
N GLU FA 15 -29.33 -39.40 23.71
CA GLU FA 15 -29.35 -38.24 24.60
C GLU FA 15 -28.84 -36.99 23.90
N PHE FA 16 -27.96 -37.14 22.90
CA PHE FA 16 -27.67 -36.02 22.03
C PHE FA 16 -28.92 -35.56 21.30
N HIS FA 17 -29.74 -36.52 20.86
CA HIS FA 17 -30.93 -36.19 20.11
C HIS FA 17 -32.02 -35.62 21.01
N ALA FA 18 -32.01 -35.98 22.30
CA ALA FA 18 -32.97 -35.39 23.23
C ALA FA 18 -32.74 -33.90 23.40
N MET FA 19 -31.48 -33.49 23.52
CA MET FA 19 -31.15 -32.07 23.57
C MET FA 19 -31.51 -31.38 22.26
N PHE FA 20 -31.25 -32.04 21.14
CA PHE FA 20 -31.64 -31.48 19.85
C PHE FA 20 -33.15 -31.34 19.74
N SER FA 21 -33.89 -32.37 20.15
CA SER FA 21 -35.34 -32.33 20.04
C SER FA 21 -35.94 -31.25 20.93
N GLN FA 22 -35.39 -31.08 22.13
CA GLN FA 22 -35.92 -30.09 23.05
C GLN FA 22 -35.70 -28.68 22.52
N ALA FA 23 -34.50 -28.43 21.98
CA ALA FA 23 -34.20 -27.10 21.45
C ALA FA 23 -34.86 -26.88 20.10
N PHE FA 24 -34.98 -27.93 19.29
CA PHE FA 24 -35.61 -27.79 17.99
C PHE FA 24 -37.09 -27.41 18.13
N THR FA 25 -37.80 -28.09 19.03
CA THR FA 25 -39.22 -27.81 19.20
C THR FA 25 -39.43 -26.37 19.69
N VAL FA 26 -38.62 -25.94 20.66
CA VAL FA 26 -38.78 -24.59 21.19
C VAL FA 26 -38.33 -23.55 20.17
N TYR FA 27 -37.21 -23.78 19.50
CA TYR FA 27 -36.77 -22.84 18.47
C TYR FA 27 -37.77 -22.75 17.33
N ILE FA 28 -38.28 -23.89 16.87
CA ILE FA 28 -39.31 -23.89 15.84
C ILE FA 28 -40.58 -23.26 16.35
N GLY FA 29 -40.97 -23.59 17.57
CA GLY FA 29 -42.21 -23.06 18.12
C GLY FA 29 -42.23 -21.56 18.22
N VAL FA 30 -41.14 -20.97 18.70
CA VAL FA 30 -41.05 -19.51 18.76
C VAL FA 30 -41.05 -18.92 17.35
N ALA FA 31 -40.33 -19.55 16.42
CA ALA FA 31 -40.24 -19.01 15.07
C ALA FA 31 -41.60 -18.97 14.40
N VAL FA 32 -42.40 -20.02 14.55
CA VAL FA 32 -43.73 -20.04 13.96
C VAL FA 32 -44.61 -18.95 14.56
N VAL FA 33 -44.56 -18.78 15.89
CA VAL FA 33 -45.32 -17.71 16.52
C VAL FA 33 -44.88 -16.36 16.00
N ALA FA 34 -43.56 -16.18 15.84
CA ALA FA 34 -43.03 -14.92 15.33
C ALA FA 34 -43.54 -14.62 13.94
N HIS FA 35 -43.54 -15.62 13.05
CA HIS FA 35 -44.03 -15.42 11.69
C HIS FA 35 -45.54 -15.19 11.66
N ILE FA 36 -46.28 -15.82 12.57
CA ILE FA 36 -47.72 -15.56 12.67
C ILE FA 36 -47.96 -14.10 13.01
N LEU FA 37 -47.23 -13.59 14.00
CA LEU FA 37 -47.38 -12.18 14.36
C LEU FA 37 -46.92 -11.28 13.23
N ALA FA 38 -45.83 -11.66 12.55
CA ALA FA 38 -45.32 -10.85 11.45
C ALA FA 38 -46.31 -10.80 10.29
N TRP FA 39 -47.07 -11.88 10.10
CA TRP FA 39 -48.09 -11.88 9.06
C TRP FA 39 -49.29 -11.03 9.46
N ALA FA 40 -49.68 -11.09 10.74
CA ALA FA 40 -50.71 -10.19 11.23
C ALA FA 40 -50.29 -8.74 11.07
N TRP FA 41 -48.98 -8.47 11.08
CA TRP FA 41 -48.48 -7.12 10.90
C TRP FA 41 -48.52 -6.71 9.44
N ARG FA 42 -47.74 -7.39 8.60
CA ARG FA 42 -47.62 -7.04 7.19
C ARG FA 42 -47.36 -8.29 6.36
N PRO FA 43 -48.37 -8.82 5.67
CA PRO FA 43 -48.13 -9.98 4.81
C PRO FA 43 -47.04 -9.71 3.80
N TRP FA 44 -46.15 -10.69 3.62
CA TRP FA 44 -45.00 -10.55 2.75
C TRP FA 44 -45.19 -11.21 1.40
N ILE FA 45 -46.39 -11.68 1.09
CA ILE FA 45 -46.69 -12.22 -0.22
C ILE FA 45 -47.60 -11.24 -0.95
N PRO FA 46 -47.06 -10.39 -1.83
CA PRO FA 46 -47.91 -9.40 -2.51
C PRO FA 46 -48.90 -10.05 -3.46
N GLY FA 47 -50.03 -9.38 -3.65
CA GLY FA 47 -51.00 -9.76 -4.64
C GLY FA 47 -50.67 -9.17 -5.99
N ASP FA 48 -51.58 -9.34 -6.95
CA ASP FA 48 -51.35 -8.82 -8.29
C ASP FA 48 -51.15 -7.32 -8.28
N GLU FA 49 -51.90 -6.60 -7.44
CA GLU FA 49 -51.79 -5.15 -7.32
C GLU FA 49 -50.71 -4.73 -6.33
N GLY FA 50 -49.75 -5.60 -6.05
CA GLY FA 50 -48.74 -5.30 -5.06
C GLY FA 50 -49.29 -5.36 -3.66
N PHE FA 51 -48.55 -4.76 -2.73
CA PHE FA 51 -48.94 -4.76 -1.33
C PHE FA 51 -50.16 -3.88 -1.09
N MET GA 1 -28.56 -49.04 -5.14
CA MET GA 1 -27.79 -47.81 -5.01
C MET GA 1 -27.19 -47.71 -3.62
N TRP GA 2 -27.57 -48.64 -2.75
CA TRP GA 2 -27.02 -48.67 -1.40
C TRP GA 2 -25.52 -48.91 -1.42
N ARG GA 3 -25.00 -49.55 -2.47
CA ARG GA 3 -23.56 -49.76 -2.61
C ARG GA 3 -22.80 -48.44 -2.63
N LEU GA 4 -23.47 -47.34 -2.97
CA LEU GA 4 -22.84 -46.03 -2.99
C LEU GA 4 -22.21 -45.70 -1.64
N TRP GA 5 -22.88 -46.08 -0.56
CA TRP GA 5 -22.36 -45.77 0.77
C TRP GA 5 -21.25 -46.71 1.21
N LYS GA 6 -21.01 -47.80 0.46
CA LYS GA 6 -19.77 -48.54 0.63
C LYS GA 6 -18.57 -47.78 0.08
N LEU GA 7 -18.79 -46.77 -0.75
CA LEU GA 7 -17.72 -46.07 -1.45
C LEU GA 7 -17.33 -44.76 -0.79
N TYR GA 8 -18.26 -44.06 -0.16
CA TYR GA 8 -17.98 -42.80 0.49
C TYR GA 8 -18.43 -42.85 1.95
N ASP GA 9 -17.68 -42.15 2.78
CA ASP GA 9 -18.11 -41.94 4.14
C ASP GA 9 -19.41 -41.14 4.11
N PRO GA 10 -20.50 -41.66 4.70
CA PRO GA 10 -21.77 -40.94 4.65
C PRO GA 10 -21.69 -39.55 5.23
N ARG GA 11 -20.82 -39.34 6.22
CA ARG GA 11 -20.67 -38.02 6.83
C ARG GA 11 -20.15 -36.99 5.83
N ARG GA 12 -19.19 -37.38 5.00
CA ARG GA 12 -18.64 -36.44 4.02
C ARG GA 12 -19.62 -36.16 2.90
N VAL GA 13 -20.53 -37.10 2.64
CA VAL GA 13 -21.56 -36.87 1.63
C VAL GA 13 -22.65 -35.95 2.19
N LEU GA 14 -23.05 -36.16 3.44
CA LEU GA 14 -24.03 -35.26 4.05
C LEU GA 14 -23.49 -33.85 4.16
N ILE GA 15 -22.20 -33.70 4.49
CA ILE GA 15 -21.58 -32.38 4.48
C ILE GA 15 -21.61 -31.79 3.08
N GLY GA 16 -21.27 -32.59 2.08
CA GLY GA 16 -21.22 -32.09 0.72
C GLY GA 16 -22.58 -31.70 0.17
N ILE GA 17 -23.59 -32.54 0.40
CA ILE GA 17 -24.91 -32.26 -0.12
C ILE GA 17 -25.53 -31.06 0.58
N PHE GA 18 -25.39 -30.99 1.91
CA PHE GA 18 -25.98 -29.86 2.63
C PHE GA 18 -25.23 -28.56 2.36
N SER GA 19 -23.97 -28.66 1.92
CA SER GA 19 -23.27 -27.46 1.48
C SER GA 19 -23.78 -26.98 0.14
N TRP GA 20 -24.09 -27.90 -0.77
CA TRP GA 20 -24.71 -27.51 -2.03
C TRP GA 20 -26.09 -26.92 -1.79
N LEU GA 21 -26.90 -27.57 -0.94
CA LEU GA 21 -28.25 -27.08 -0.69
C LEU GA 21 -28.22 -25.70 -0.05
N ALA GA 22 -27.31 -25.46 0.88
CA ALA GA 22 -27.26 -24.16 1.53
C ALA GA 22 -26.90 -23.05 0.54
N VAL GA 23 -25.87 -23.28 -0.27
CA VAL GA 23 -25.44 -22.25 -1.22
C VAL GA 23 -26.47 -22.10 -2.34
N LEU GA 24 -26.97 -23.21 -2.86
CA LEU GA 24 -27.95 -23.14 -3.94
C LEU GA 24 -29.22 -22.42 -3.50
N ALA GA 25 -29.73 -22.75 -2.30
CA ALA GA 25 -30.96 -22.12 -1.83
C ALA GA 25 -30.78 -20.62 -1.64
N LEU GA 26 -29.66 -20.21 -1.05
CA LEU GA 26 -29.43 -18.78 -0.87
C LEU GA 26 -29.36 -18.07 -2.21
N VAL GA 27 -28.67 -18.66 -3.19
CA VAL GA 27 -28.53 -18.03 -4.49
C VAL GA 27 -29.88 -17.93 -5.19
N ILE GA 28 -30.70 -18.98 -5.12
CA ILE GA 28 -32.01 -18.93 -5.76
C ILE GA 28 -32.88 -17.86 -5.13
N HIS GA 29 -32.90 -17.79 -3.79
CA HIS GA 29 -33.67 -16.75 -3.12
C HIS GA 29 -33.16 -15.37 -3.50
N PHE GA 30 -31.84 -15.20 -3.55
CA PHE GA 30 -31.26 -13.90 -3.88
C PHE GA 30 -31.57 -13.51 -5.32
N ILE GA 31 -31.54 -14.47 -6.24
CA ILE GA 31 -31.92 -14.19 -7.62
C ILE GA 31 -33.38 -13.76 -7.69
N LEU GA 32 -34.24 -14.44 -6.93
CA LEU GA 32 -35.65 -14.06 -6.92
C LEU GA 32 -35.84 -12.67 -6.33
N LEU GA 33 -35.08 -12.33 -5.30
CA LEU GA 33 -35.13 -10.96 -4.78
C LEU GA 33 -34.69 -9.97 -5.84
N SER GA 34 -33.64 -10.30 -6.58
CA SER GA 34 -33.09 -9.38 -7.57
C SER GA 34 -34.05 -9.09 -8.72
N THR GA 35 -35.08 -9.91 -8.91
CA THR GA 35 -36.03 -9.64 -9.98
C THR GA 35 -36.98 -8.52 -9.58
N ASP GA 36 -37.77 -8.08 -10.55
CA ASP GA 36 -38.85 -7.13 -10.32
C ASP GA 36 -40.22 -7.79 -10.40
N ARG GA 37 -40.27 -9.11 -10.38
CA ARG GA 37 -41.52 -9.86 -10.38
C ARG GA 37 -41.63 -10.84 -9.23
N PHE GA 38 -40.53 -11.49 -8.86
CA PHE GA 38 -40.53 -12.46 -7.79
C PHE GA 38 -39.88 -11.92 -6.53
N ASN GA 39 -39.61 -10.63 -6.46
CA ASN GA 39 -39.13 -9.98 -5.25
C ASN GA 39 -40.33 -9.77 -4.33
N TRP GA 40 -40.47 -10.65 -3.34
CA TRP GA 40 -41.68 -10.66 -2.52
C TRP GA 40 -41.70 -9.53 -1.51
N VAL GA 41 -40.54 -9.14 -0.98
CA VAL GA 41 -40.51 -8.08 0.02
C VAL GA 41 -40.58 -6.70 -0.60
N GLY GA 42 -40.25 -6.56 -1.88
CA GLY GA 42 -40.31 -5.28 -2.54
C GLY GA 42 -41.68 -4.84 -2.97
N GLY GA 43 -42.67 -5.72 -2.90
CA GLY GA 43 -44.01 -5.38 -3.32
C GLY GA 43 -44.13 -5.13 -4.80
N ALA GA 44 -43.47 -5.95 -5.62
CA ALA GA 44 -43.58 -5.80 -7.06
C ALA GA 44 -44.99 -6.15 -7.51
N ALA GA 45 -45.47 -5.41 -8.51
CA ALA GA 45 -46.80 -5.60 -9.05
C ALA GA 45 -46.70 -6.36 -10.38
N VAL GA 46 -47.76 -7.06 -10.73
CA VAL GA 46 -47.84 -7.75 -12.02
C VAL GA 46 -49.10 -7.33 -12.77
N LEU HA 7 -12.56 -49.67 0.72
CA LEU HA 7 -13.87 -49.10 1.03
C LEU HA 7 -13.86 -48.45 2.41
N THR HA 8 -14.70 -47.44 2.58
CA THR HA 8 -14.87 -46.82 3.89
C THR HA 8 -15.73 -47.72 4.77
N GLY HA 9 -15.41 -47.73 6.06
CA GLY HA 9 -15.98 -48.69 6.98
C GLY HA 9 -17.49 -48.69 7.05
N LEU HA 10 -18.10 -49.71 6.45
CA LEU HA 10 -19.56 -49.86 6.43
C LEU HA 10 -19.88 -51.29 6.02
N SER HA 11 -20.73 -51.94 6.79
CA SER HA 11 -21.18 -53.28 6.44
C SER HA 11 -22.32 -53.20 5.43
N ASP HA 12 -22.73 -54.37 4.93
CA ASP HA 12 -23.90 -54.41 4.04
C ASP HA 12 -25.12 -53.84 4.74
N GLU HA 13 -25.43 -54.36 5.93
CA GLU HA 13 -26.61 -53.92 6.65
C GLU HA 13 -26.51 -52.44 7.03
N GLU HA 14 -25.32 -51.99 7.45
CA GLU HA 14 -25.14 -50.59 7.80
C GLU HA 14 -25.32 -49.68 6.59
N ALA HA 15 -24.82 -50.11 5.43
CA ALA HA 15 -25.05 -49.34 4.21
C ALA HA 15 -26.53 -49.36 3.82
N LYS HA 16 -27.19 -50.51 3.95
CA LYS HA 16 -28.61 -50.59 3.64
C LYS HA 16 -29.41 -49.69 4.56
N GLU HA 17 -29.00 -49.58 5.83
CA GLU HA 17 -29.74 -48.77 6.78
C GLU HA 17 -29.54 -47.28 6.51
N PHE HA 18 -28.31 -46.86 6.22
CA PHE HA 18 -28.10 -45.46 5.87
C PHE HA 18 -28.85 -45.10 4.59
N HIS HA 19 -28.80 -45.99 3.59
CA HIS HA 19 -29.42 -45.65 2.31
C HIS HA 19 -30.93 -45.52 2.42
N SER HA 20 -31.58 -46.46 3.10
CA SER HA 20 -33.03 -46.41 3.21
C SER HA 20 -33.47 -45.14 3.96
N ILE HA 21 -32.74 -44.77 4.99
CA ILE HA 21 -33.03 -43.53 5.71
C ILE HA 21 -32.69 -42.32 4.85
N PHE HA 22 -31.59 -42.40 4.10
CA PHE HA 22 -31.20 -41.32 3.20
C PHE HA 22 -32.25 -41.09 2.12
N MET HA 23 -32.87 -42.17 1.64
CA MET HA 23 -33.87 -42.04 0.59
C MET HA 23 -35.15 -41.40 1.12
N GLN HA 24 -35.60 -41.82 2.32
CA GLN HA 24 -36.78 -41.21 2.91
C GLN HA 24 -36.55 -39.73 3.21
N SER HA 25 -35.36 -39.39 3.72
CA SER HA 25 -35.06 -37.98 3.98
C SER HA 25 -34.99 -37.19 2.69
N PHE HA 26 -34.43 -37.77 1.63
CA PHE HA 26 -34.41 -37.11 0.34
C PHE HA 26 -35.84 -36.92 -0.19
N LEU HA 27 -36.65 -37.97 -0.11
CA LEU HA 27 -38.03 -37.89 -0.60
C LEU HA 27 -38.83 -36.86 0.18
N ILE HA 28 -38.64 -36.80 1.50
CA ILE HA 28 -39.37 -35.84 2.32
C ILE HA 28 -38.86 -34.42 2.05
N PHE HA 29 -37.54 -34.27 1.90
CA PHE HA 29 -37.00 -32.97 1.53
C PHE HA 29 -37.53 -32.50 0.18
N THR HA 30 -37.60 -33.41 -0.79
CA THR HA 30 -38.14 -33.06 -2.09
C THR HA 30 -39.63 -32.76 -2.01
N ALA HA 31 -40.38 -33.55 -1.25
CA ALA HA 31 -41.83 -33.38 -1.17
C ALA HA 31 -42.19 -32.02 -0.58
N VAL HA 32 -41.49 -31.61 0.48
CA VAL HA 32 -41.71 -30.28 1.04
C VAL HA 32 -41.33 -29.21 0.02
N ALA HA 33 -40.26 -29.44 -0.72
CA ALA HA 33 -39.85 -28.51 -1.77
C ALA HA 33 -40.90 -28.43 -2.87
N VAL HA 34 -41.47 -29.56 -3.26
CA VAL HA 34 -42.49 -29.57 -4.31
C VAL HA 34 -43.74 -28.82 -3.84
N VAL HA 35 -44.16 -29.05 -2.60
CA VAL HA 35 -45.30 -28.33 -2.05
C VAL HA 35 -45.02 -26.84 -2.02
N ALA HA 36 -43.81 -26.46 -1.60
CA ALA HA 36 -43.42 -25.06 -1.63
C ALA HA 36 -43.45 -24.51 -3.04
N HIS HA 37 -43.33 -25.39 -4.04
CA HIS HA 37 -43.32 -24.93 -5.42
C HIS HA 37 -44.74 -24.78 -5.97
N PHE HA 38 -45.65 -25.66 -5.57
CA PHE HA 38 -47.05 -25.49 -5.95
C PHE HA 38 -47.59 -24.18 -5.42
N LEU HA 39 -47.23 -23.82 -4.18
CA LEU HA 39 -47.65 -22.54 -3.63
C LEU HA 39 -47.02 -21.37 -4.37
N ALA HA 40 -45.74 -21.49 -4.74
CA ALA HA 40 -45.09 -20.43 -5.51
C ALA HA 40 -45.73 -20.27 -6.87
N TRP HA 41 -46.14 -21.38 -7.50
CA TRP HA 41 -46.77 -21.30 -8.81
C TRP HA 41 -48.19 -20.76 -8.71
N ALA HA 42 -48.94 -21.18 -7.69
CA ALA HA 42 -50.25 -20.60 -7.48
C ALA HA 42 -50.15 -19.11 -7.19
N TRP HA 43 -49.05 -18.69 -6.55
CA TRP HA 43 -48.83 -17.27 -6.32
C TRP HA 43 -48.50 -16.55 -7.61
N ARG HA 44 -47.37 -16.90 -8.24
CA ARG HA 44 -46.94 -16.24 -9.46
C ARG HA 44 -46.21 -17.22 -10.37
N PRO HA 45 -46.84 -17.66 -11.45
CA PRO HA 45 -46.16 -18.57 -12.37
C PRO HA 45 -44.89 -17.95 -12.94
N TRP HA 46 -43.89 -18.79 -13.15
CA TRP HA 46 -42.58 -18.34 -13.59
C TRP HA 46 -42.22 -18.81 -14.99
N ILE HA 47 -43.17 -19.40 -15.72
CA ILE HA 47 -42.94 -19.75 -17.12
C ILE HA 47 -43.77 -18.82 -17.97
N PRO HA 48 -43.17 -17.84 -18.63
CA PRO HA 48 -43.96 -16.85 -19.38
C PRO HA 48 -44.59 -17.45 -20.61
N GLY HA 49 -45.72 -16.87 -21.01
CA GLY HA 49 -46.31 -17.17 -22.30
C GLY HA 49 -45.57 -16.44 -23.40
N ALA HA 50 -46.11 -16.57 -24.62
CA ALA HA 50 -45.49 -15.92 -25.77
C ALA HA 50 -45.48 -14.41 -25.60
N GLU HA 51 -46.58 -13.83 -25.11
CA GLU HA 51 -46.62 -12.42 -24.81
C GLU HA 51 -45.86 -12.05 -23.55
N GLY HA 52 -45.42 -13.04 -22.78
CA GLY HA 52 -44.64 -12.77 -21.58
C GLY HA 52 -45.52 -12.68 -20.35
N TYR HA 53 -45.41 -11.57 -19.63
CA TYR HA 53 -46.13 -11.40 -18.39
C TYR HA 53 -47.07 -10.20 -18.44
N MET IA 1 -18.99 -49.66 -22.35
CA MET IA 1 -17.57 -49.53 -22.04
C MET IA 1 -17.33 -49.48 -20.53
N TRP IA 2 -17.35 -50.65 -19.90
CA TRP IA 2 -17.04 -50.76 -18.49
C TRP IA 2 -15.54 -50.68 -18.21
N ARG IA 3 -14.72 -50.86 -19.24
CA ARG IA 3 -13.27 -50.81 -19.08
C ARG IA 3 -12.78 -49.41 -18.72
N MET IA 4 -13.61 -48.39 -18.91
CA MET IA 4 -13.20 -47.03 -18.61
C MET IA 4 -12.83 -46.85 -17.14
N TRP IA 5 -13.34 -47.72 -16.28
CA TRP IA 5 -13.10 -47.62 -14.85
C TRP IA 5 -11.85 -48.34 -14.40
N LYS IA 6 -11.21 -49.12 -15.27
CA LYS IA 6 -9.90 -49.67 -14.97
C LYS IA 6 -8.78 -48.69 -15.25
N ILE IA 7 -9.10 -47.52 -15.80
CA ILE IA 7 -8.15 -46.42 -15.95
C ILE IA 7 -8.45 -45.30 -14.96
N LEU IA 8 -9.70 -44.86 -14.92
CA LEU IA 8 -10.14 -43.82 -14.01
C LEU IA 8 -10.76 -44.47 -12.79
N ASP IA 9 -10.35 -44.03 -11.60
CA ASP IA 9 -11.00 -44.52 -10.39
C ASP IA 9 -12.45 -44.06 -10.37
N TYR IA 10 -13.36 -45.00 -10.18
CA TYR IA 10 -14.77 -44.69 -10.31
C TYR IA 10 -15.27 -43.80 -9.18
N ARG IA 11 -14.83 -44.05 -7.95
CA ARG IA 11 -15.27 -43.22 -6.83
C ARG IA 11 -14.92 -41.76 -7.05
N ARG IA 12 -13.70 -41.50 -7.49
CA ARG IA 12 -13.26 -40.12 -7.68
C ARG IA 12 -13.88 -39.51 -8.92
N THR IA 13 -14.15 -40.31 -9.94
CA THR IA 13 -14.79 -39.77 -11.15
C THR IA 13 -16.23 -39.34 -10.86
N VAL IA 14 -16.95 -40.09 -10.02
CA VAL IA 14 -18.31 -39.71 -9.68
C VAL IA 14 -18.34 -38.35 -9.00
N VAL IA 15 -17.42 -38.13 -8.06
CA VAL IA 15 -17.36 -36.85 -7.36
C VAL IA 15 -17.01 -35.73 -8.33
N LEU IA 16 -16.04 -35.97 -9.20
CA LEU IA 16 -15.63 -34.96 -10.18
C LEU IA 16 -16.78 -34.68 -11.15
N ALA IA 17 -17.57 -35.70 -11.49
CA ALA IA 17 -18.69 -35.49 -12.39
C ALA IA 17 -19.73 -34.56 -11.78
N HIS IA 18 -20.02 -34.72 -10.49
CA HIS IA 18 -21.05 -33.90 -9.86
C HIS IA 18 -20.62 -32.44 -9.74
N VAL IA 19 -19.40 -32.20 -9.28
CA VAL IA 19 -18.93 -30.83 -9.13
C VAL IA 19 -18.82 -30.16 -10.49
N GLY IA 20 -18.29 -30.88 -11.48
CA GLY IA 20 -18.17 -30.30 -12.81
C GLY IA 20 -19.51 -29.97 -13.43
N MET IA 21 -20.46 -30.91 -13.35
CA MET IA 21 -21.77 -30.67 -13.94
C MET IA 21 -22.56 -29.63 -13.17
N ALA IA 22 -22.28 -29.47 -11.87
CA ALA IA 22 -22.88 -28.37 -11.12
C ALA IA 22 -22.43 -27.04 -11.70
N VAL IA 23 -21.13 -26.90 -11.98
CA VAL IA 23 -20.62 -25.67 -12.56
C VAL IA 23 -21.23 -25.41 -13.93
N LEU IA 24 -21.27 -26.46 -14.77
CA LEU IA 24 -21.82 -26.28 -16.11
C LEU IA 24 -23.30 -25.94 -16.07
N ALA IA 25 -24.07 -26.62 -15.20
CA ALA IA 25 -25.51 -26.34 -15.12
C ALA IA 25 -25.79 -24.94 -14.63
N LEU IA 26 -25.04 -24.48 -13.62
CA LEU IA 26 -25.18 -23.09 -13.19
C LEU IA 26 -24.78 -22.13 -14.29
N LEU IA 27 -23.72 -22.46 -15.03
CA LEU IA 27 -23.28 -21.61 -16.13
C LEU IA 27 -24.35 -21.48 -17.20
N ILE IA 28 -25.00 -22.60 -17.56
CA ILE IA 28 -26.00 -22.56 -18.62
C ILE IA 28 -27.25 -21.81 -18.16
N HIS IA 29 -27.72 -22.10 -16.94
CA HIS IA 29 -28.85 -21.38 -16.40
C HIS IA 29 -28.59 -19.88 -16.33
N PHE IA 30 -27.38 -19.50 -15.89
CA PHE IA 30 -27.02 -18.10 -15.81
C PHE IA 30 -26.95 -17.46 -17.18
N ILE IA 31 -26.52 -18.22 -18.19
CA ILE IA 31 -26.49 -17.71 -19.56
C ILE IA 31 -27.90 -17.43 -20.07
N LEU IA 32 -28.84 -18.32 -19.78
CA LEU IA 32 -30.22 -18.10 -20.19
C LEU IA 32 -30.82 -16.88 -19.48
N LEU IA 33 -30.51 -16.71 -18.20
CA LEU IA 33 -30.97 -15.52 -17.49
C LEU IA 33 -30.42 -14.24 -18.11
N SER IA 34 -29.26 -14.33 -18.76
CA SER IA 34 -28.70 -13.15 -19.41
C SER IA 34 -29.45 -12.81 -20.69
N THR IA 35 -29.94 -13.82 -21.41
CA THR IA 35 -30.63 -13.56 -22.66
C THR IA 35 -31.99 -12.93 -22.40
N GLU IA 36 -32.48 -12.22 -23.42
CA GLU IA 36 -33.77 -11.54 -23.32
C GLU IA 36 -34.93 -12.52 -23.47
N ASN IA 37 -34.80 -13.49 -24.38
CA ASN IA 37 -35.91 -14.36 -24.75
C ASN IA 37 -36.01 -15.61 -23.88
N PHE IA 38 -35.01 -15.90 -23.06
CA PHE IA 38 -35.05 -17.10 -22.24
C PHE IA 38 -34.88 -16.79 -20.77
N ASN IA 39 -34.86 -15.52 -20.40
CA ASN IA 39 -34.94 -15.17 -18.99
C ASN IA 39 -36.36 -15.47 -18.54
N TRP IA 40 -36.55 -16.63 -17.93
CA TRP IA 40 -37.89 -17.05 -17.53
C TRP IA 40 -38.44 -16.21 -16.40
N LEU IA 41 -37.57 -15.65 -15.57
CA LEU IA 41 -38.03 -14.82 -14.47
C LEU IA 41 -38.50 -13.45 -14.95
N GLN IA 42 -37.76 -12.84 -15.87
CA GLN IA 42 -38.14 -11.52 -16.37
C GLN IA 42 -39.32 -11.59 -17.32
N GLY IA 43 -39.41 -12.65 -18.11
CA GLY IA 43 -40.58 -12.89 -18.94
C GLY IA 43 -40.83 -11.88 -20.04
N ASN IA 44 -39.79 -11.54 -20.79
CA ASN IA 44 -39.98 -10.70 -21.97
C ASN IA 44 -40.71 -11.50 -23.05
N PRO IA 45 -41.45 -10.82 -23.92
CA PRO IA 45 -42.17 -11.53 -24.98
C PRO IA 45 -41.22 -12.21 -25.94
N TYR IA 46 -41.72 -13.26 -26.60
CA TYR IA 46 -40.90 -14.12 -27.43
C TYR IA 46 -40.99 -13.72 -28.91
N ASN JA 7 -5.38 -52.43 -11.30
CA ASN JA 7 -5.60 -53.20 -10.08
C ASN JA 7 -7.05 -53.70 -10.00
N VAL JA 8 -7.98 -52.89 -10.50
CA VAL JA 8 -9.40 -53.20 -10.40
C VAL JA 8 -9.74 -54.33 -11.37
N SER JA 9 -10.40 -55.36 -10.86
CA SER JA 9 -10.73 -56.52 -11.68
C SER JA 9 -11.93 -56.22 -12.57
N ASP JA 10 -12.16 -57.12 -13.53
CA ASP JA 10 -13.25 -56.93 -14.47
C ASP JA 10 -14.60 -56.96 -13.79
N GLU JA 11 -14.71 -57.75 -12.71
CA GLU JA 11 -15.97 -57.84 -11.99
C GLU JA 11 -16.29 -56.53 -11.28
N GLU JA 12 -15.33 -55.99 -10.52
CA GLU JA 12 -15.58 -54.75 -9.79
C GLU JA 12 -15.66 -53.55 -10.72
N ALA JA 13 -15.03 -53.63 -11.89
CA ALA JA 13 -15.21 -52.59 -12.90
C ALA JA 13 -16.62 -52.63 -13.47
N LYS JA 14 -17.13 -53.82 -13.79
CA LYS JA 14 -18.49 -53.93 -14.33
C LYS JA 14 -19.53 -53.47 -13.33
N GLU JA 15 -19.27 -53.67 -12.04
CA GLU JA 15 -20.19 -53.17 -11.03
C GLU JA 15 -20.18 -51.64 -11.01
N PHE JA 16 -19.01 -51.04 -11.19
CA PHE JA 16 -18.94 -49.58 -11.29
C PHE JA 16 -19.65 -49.07 -12.53
N HIS JA 17 -19.51 -49.77 -13.66
CA HIS JA 17 -20.23 -49.37 -14.86
C HIS JA 17 -21.73 -49.61 -14.72
N ALA JA 18 -22.12 -50.60 -13.91
CA ALA JA 18 -23.54 -50.83 -13.68
C ALA JA 18 -24.18 -49.65 -12.99
N MET JA 19 -23.53 -49.11 -11.95
CA MET JA 19 -24.07 -47.94 -11.27
C MET JA 19 -23.94 -46.69 -12.13
N PHE JA 20 -22.92 -46.63 -12.97
CA PHE JA 20 -22.81 -45.52 -13.93
C PHE JA 20 -23.97 -45.53 -14.90
N SER JA 21 -24.35 -46.70 -15.41
CA SER JA 21 -25.40 -46.75 -16.42
C SER JA 21 -26.76 -46.41 -15.84
N GLN JA 22 -27.08 -46.91 -14.65
CA GLN JA 22 -28.36 -46.59 -14.03
C GLN JA 22 -28.49 -45.10 -13.79
N ALA JA 23 -27.43 -44.47 -13.29
CA ALA JA 23 -27.47 -43.05 -13.00
C ALA JA 23 -27.40 -42.22 -14.27
N PHE JA 24 -26.61 -42.66 -15.24
CA PHE JA 24 -26.51 -41.94 -16.51
C PHE JA 24 -27.84 -41.93 -17.24
N THR JA 25 -28.54 -43.06 -17.25
CA THR JA 25 -29.79 -43.12 -18.00
C THR JA 25 -30.89 -42.31 -17.31
N VAL JA 26 -30.91 -42.32 -15.98
CA VAL JA 26 -31.90 -41.52 -15.26
C VAL JA 26 -31.62 -40.04 -15.45
N TYR JA 27 -30.34 -39.65 -15.34
CA TYR JA 27 -29.97 -38.26 -15.55
C TYR JA 27 -30.22 -37.83 -17.00
N ILE JA 28 -29.87 -38.68 -17.96
CA ILE JA 28 -30.09 -38.36 -19.36
C ILE JA 28 -31.58 -38.35 -19.68
N GLY JA 29 -32.34 -39.27 -19.10
CA GLY JA 29 -33.75 -39.35 -19.41
C GLY JA 29 -34.52 -38.14 -18.93
N VAL JA 30 -34.25 -37.71 -17.69
CA VAL JA 30 -34.92 -36.54 -17.15
C VAL JA 30 -34.46 -35.28 -17.89
N ALA JA 31 -33.20 -35.25 -18.31
CA ALA JA 31 -32.69 -34.10 -19.05
C ALA JA 31 -33.33 -33.99 -20.43
N VAL JA 32 -33.57 -35.12 -21.09
CA VAL JA 32 -34.25 -35.08 -22.38
C VAL JA 32 -35.64 -34.51 -22.23
N VAL JA 33 -36.36 -34.91 -21.19
CA VAL JA 33 -37.69 -34.34 -20.94
C VAL JA 33 -37.58 -32.84 -20.70
N ALA JA 34 -36.53 -32.40 -19.99
CA ALA JA 34 -36.36 -30.99 -19.71
C ALA JA 34 -36.21 -30.20 -21.01
N HIS JA 35 -35.48 -30.73 -21.98
CA HIS JA 35 -35.29 -30.02 -23.24
C HIS JA 35 -36.52 -30.07 -24.12
N ILE JA 36 -37.32 -31.13 -24.04
CA ILE JA 36 -38.55 -31.20 -24.82
C ILE JA 36 -39.56 -30.19 -24.28
N LEU JA 37 -39.64 -30.07 -22.95
CA LEU JA 37 -40.48 -29.04 -22.36
C LEU JA 37 -39.96 -27.65 -22.66
N ALA JA 38 -38.64 -27.49 -22.68
CA ALA JA 38 -38.05 -26.20 -23.00
C ALA JA 38 -38.30 -25.81 -24.45
N TRP JA 39 -38.25 -26.78 -25.37
CA TRP JA 39 -38.56 -26.50 -26.76
C TRP JA 39 -40.04 -26.26 -26.97
N ALA JA 40 -40.89 -27.00 -26.25
CA ALA JA 40 -42.32 -26.71 -26.30
C ALA JA 40 -42.62 -25.30 -25.80
N TRP JA 41 -41.79 -24.78 -24.90
CA TRP JA 41 -42.01 -23.44 -24.36
C TRP JA 41 -41.49 -22.37 -25.31
N ARG JA 42 -40.19 -22.36 -25.57
CA ARG JA 42 -39.57 -21.40 -26.46
C ARG JA 42 -38.41 -22.06 -27.18
N PRO JA 43 -38.57 -22.41 -28.45
CA PRO JA 43 -37.44 -22.97 -29.21
C PRO JA 43 -36.26 -22.01 -29.25
N TRP JA 44 -35.06 -22.56 -29.16
CA TRP JA 44 -33.86 -21.75 -29.04
C TRP JA 44 -33.03 -21.68 -30.32
N ILE JA 45 -33.56 -22.17 -31.43
CA ILE JA 45 -32.87 -22.06 -32.71
C ILE JA 45 -33.57 -20.97 -33.51
N PRO JA 46 -33.00 -19.77 -33.62
CA PRO JA 46 -33.69 -18.69 -34.31
C PRO JA 46 -33.82 -18.96 -35.80
N GLY JA 47 -34.84 -18.38 -36.40
CA GLY JA 47 -35.04 -18.44 -37.83
C GLY JA 47 -34.35 -17.31 -38.55
N ASP JA 48 -34.65 -17.18 -39.84
CA ASP JA 48 -34.08 -16.10 -40.63
C ASP JA 48 -34.46 -14.73 -40.09
N GLU JA 49 -35.61 -14.62 -39.43
CA GLU JA 49 -36.02 -13.39 -38.77
C GLU JA 49 -35.86 -13.44 -37.26
N GLY JA 50 -35.28 -14.50 -36.72
CA GLY JA 50 -35.14 -14.64 -35.28
C GLY JA 50 -36.27 -15.47 -34.69
N PHE JA 51 -36.87 -14.99 -33.62
CA PHE JA 51 -37.89 -15.74 -32.92
C PHE JA 51 -39.29 -15.23 -33.22
N THR KA 46 -54.35 68.66 -8.63
CA THR KA 46 -54.06 68.87 -7.21
C THR KA 46 -53.61 67.56 -6.58
N TRP KA 47 -54.57 66.72 -6.18
CA TRP KA 47 -54.24 65.38 -5.70
C TRP KA 47 -55.23 64.34 -6.20
N GLU KA 48 -55.46 64.30 -7.52
CA GLU KA 48 -56.38 63.33 -8.12
C GLU KA 48 -56.23 61.95 -7.48
N ILE KA 49 -57.37 61.31 -7.23
CA ILE KA 49 -57.35 59.95 -6.71
C ILE KA 49 -57.27 58.97 -7.87
N ILE KA 50 -56.53 57.87 -7.65
CA ILE KA 50 -56.28 56.89 -8.71
C ILE KA 50 -57.59 56.20 -9.08
N SER KA 51 -57.59 55.63 -10.29
CA SER KA 51 -58.73 54.86 -10.78
C SER KA 51 -58.54 53.40 -10.42
N GLU KA 52 -59.57 52.80 -9.83
CA GLU KA 52 -59.57 51.36 -9.56
C GLU KA 52 -59.55 50.53 -10.84
N ASP KA 53 -59.96 51.11 -11.97
CA ASP KA 53 -59.90 50.43 -13.26
C ASP KA 53 -58.66 50.78 -14.05
N ALA KA 54 -57.72 51.51 -13.46
CA ALA KA 54 -56.46 51.78 -14.13
C ALA KA 54 -55.59 50.52 -14.16
N PRO KA 55 -54.74 50.37 -15.17
CA PRO KA 55 -53.92 49.14 -15.23
C PRO KA 55 -53.02 48.94 -14.03
N GLU KA 56 -52.51 50.02 -13.45
CA GLU KA 56 -51.70 49.91 -12.25
C GLU KA 56 -52.51 49.33 -11.09
N ALA KA 57 -53.75 49.76 -10.97
CA ALA KA 57 -54.64 49.22 -9.93
C ALA KA 57 -55.08 47.80 -10.26
N LYS KA 58 -55.45 47.56 -11.52
CA LYS KA 58 -55.87 46.22 -11.95
C LYS KA 58 -54.78 45.19 -11.66
N GLY KA 59 -53.54 45.55 -11.93
CA GLY KA 59 -52.42 44.64 -11.72
C GLY KA 59 -52.21 44.20 -10.29
N ILE KA 60 -52.36 45.12 -9.34
CA ILE KA 60 -52.14 44.80 -7.93
C ILE KA 60 -53.44 44.58 -7.18
N GLY KA 61 -54.58 44.68 -7.85
CA GLY KA 61 -55.86 44.51 -7.19
C GLY KA 61 -56.23 45.59 -6.21
N TYR KA 62 -55.95 46.86 -6.54
CA TYR KA 62 -56.36 47.96 -5.67
C TYR KA 62 -57.87 48.12 -5.75
N VAL KA 63 -58.53 48.00 -4.60
CA VAL KA 63 -59.98 48.11 -4.51
C VAL KA 63 -60.28 49.19 -3.49
N HIS KA 64 -61.21 50.09 -3.82
CA HIS KA 64 -61.53 51.20 -2.92
C HIS KA 64 -62.08 50.73 -1.59
N ASN KA 65 -62.63 49.52 -1.53
CA ASN KA 65 -63.21 49.00 -0.30
C ASN KA 65 -62.60 47.63 -0.01
N GLN KA 66 -62.35 47.35 1.27
CA GLN KA 66 -61.81 46.05 1.66
C GLN KA 66 -62.75 44.93 1.24
N ALA KA 67 -64.06 45.17 1.33
CA ALA KA 67 -65.02 44.30 0.68
C ALA KA 67 -64.98 44.56 -0.82
N ASP KA 68 -65.18 43.50 -1.62
CA ASP KA 68 -65.01 43.40 -3.07
C ASP KA 68 -63.54 43.21 -3.46
N ALA KA 69 -62.70 42.91 -2.48
CA ALA KA 69 -61.30 42.59 -2.74
C ALA KA 69 -61.19 41.13 -3.12
N ASP KA 70 -59.98 40.73 -3.49
CA ASP KA 70 -59.73 39.31 -3.74
C ASP KA 70 -59.61 38.61 -2.39
N MET KA 71 -60.75 38.33 -1.76
CA MET KA 71 -60.76 37.69 -0.46
C MET KA 71 -60.22 36.26 -0.54
N ASP KA 72 -60.19 35.70 -1.75
CA ASP KA 72 -59.62 34.38 -1.99
C ASP KA 72 -58.21 34.47 -2.56
N HIS KA 73 -57.61 35.65 -2.58
CA HIS KA 73 -56.18 35.79 -2.84
C HIS KA 73 -55.39 35.18 -1.69
N PRO KA 74 -54.25 34.51 -1.96
CA PRO KA 74 -53.48 33.89 -0.88
C PRO KA 74 -53.01 34.88 0.18
N ARG KA 75 -52.36 35.96 -0.25
CA ARG KA 75 -51.91 36.98 0.70
C ARG KA 75 -53.09 37.84 1.13
N PHE KA 76 -53.79 37.44 2.19
CA PHE KA 76 -54.93 38.20 2.65
C PHE KA 76 -55.34 37.83 4.06
N GLU KA 77 -55.41 38.84 4.93
CA GLU KA 77 -55.99 38.72 6.26
C GLU KA 77 -57.14 39.71 6.36
N SER KA 78 -58.20 39.33 7.06
CA SER KA 78 -59.36 40.22 7.14
C SER KA 78 -59.15 41.28 8.22
N HIS KA 79 -57.99 41.91 8.19
CA HIS KA 79 -57.69 43.11 8.97
C HIS KA 79 -56.83 44.10 8.20
N GLN KA 80 -56.44 43.78 6.98
CA GLN KA 80 -55.53 44.61 6.20
C GLN KA 80 -56.30 45.71 5.50
N PHE KA 81 -55.97 46.96 5.83
CA PHE KA 81 -56.50 48.12 5.16
C PHE KA 81 -55.34 48.98 4.69
N CYS KA 82 -55.66 49.97 3.84
CA CYS KA 82 -54.63 50.88 3.38
C CYS KA 82 -53.98 51.63 4.54
N ALA KA 83 -54.80 52.06 5.52
CA ALA KA 83 -54.24 52.75 6.68
C ALA KA 83 -53.29 51.86 7.46
N ASN KA 84 -53.54 50.55 7.47
CA ASN KA 84 -52.66 49.60 8.12
C ASN KA 84 -51.45 49.23 7.27
N CYS KA 85 -51.36 49.76 6.06
CA CYS KA 85 -50.30 49.38 5.14
C CYS KA 85 -49.02 50.16 5.42
N LEU KA 86 -47.89 49.45 5.36
CA LEU KA 86 -46.59 50.08 5.50
C LEU KA 86 -46.33 51.09 4.39
N LEU KA 87 -46.95 50.91 3.24
CA LEU KA 87 -46.71 51.73 2.06
C LEU KA 87 -47.65 52.94 1.98
N TYR KA 88 -48.38 53.24 3.03
CA TYR KA 88 -49.40 54.29 3.01
C TYR KA 88 -48.94 55.48 3.82
N VAL KA 89 -49.00 56.67 3.20
CA VAL KA 89 -48.75 57.93 3.90
C VAL KA 89 -50.01 58.77 3.80
N PRO KA 90 -50.66 59.09 4.91
CA PRO KA 90 -51.93 59.84 4.84
C PRO KA 90 -51.73 61.20 4.20
N HIS KA 91 -52.72 61.62 3.42
CA HIS KA 91 -52.66 62.92 2.78
C HIS KA 91 -52.95 64.03 3.79
N GLU KA 92 -52.26 65.16 3.63
CA GLU KA 92 -52.38 66.25 4.60
C GLU KA 92 -53.78 66.84 4.61
N GLU KA 93 -54.42 66.96 3.45
CA GLU KA 93 -55.70 67.66 3.36
C GLU KA 93 -56.73 66.88 2.56
N ASP KA 94 -56.71 65.55 2.66
CA ASP KA 94 -57.80 64.75 2.14
C ASP KA 94 -58.69 64.17 3.22
N GLY KA 95 -58.10 63.71 4.33
CA GLY KA 95 -58.90 63.10 5.39
C GLY KA 95 -59.21 61.64 5.18
N ASP KA 96 -59.53 61.25 3.95
CA ASP KA 96 -59.86 59.87 3.66
C ASP KA 96 -58.85 59.16 2.77
N HIS KA 97 -57.99 59.89 2.07
CA HIS KA 97 -57.04 59.29 1.15
C HIS KA 97 -55.61 59.51 1.64
N GLY KA 98 -54.66 59.08 0.82
CA GLY KA 98 -53.25 59.26 1.10
C GLY KA 98 -52.41 58.68 -0.02
N TYR KA 99 -51.10 58.93 0.07
CA TYR KA 99 -50.15 58.43 -0.91
C TYR KA 99 -49.93 56.92 -0.75
N CYS KA 100 -49.53 56.28 -1.84
CA CYS KA 100 -49.21 54.85 -1.84
C CYS KA 100 -47.83 54.66 -2.45
N ALA KA 101 -46.96 53.95 -1.72
CA ALA KA 101 -45.59 53.75 -2.19
C ALA KA 101 -45.53 52.80 -3.38
N ALA KA 102 -46.49 51.87 -3.48
CA ALA KA 102 -46.59 51.06 -4.67
C ALA KA 102 -46.94 51.87 -5.90
N PHE KA 103 -47.47 53.08 -5.71
CA PHE KA 103 -47.75 53.99 -6.81
C PHE KA 103 -46.73 55.13 -6.88
N GLY KA 104 -45.55 54.90 -6.32
CA GLY KA 104 -44.49 55.89 -6.39
C GLY KA 104 -44.75 57.14 -5.59
N MET KA 105 -45.64 57.08 -4.60
CA MET KA 105 -46.07 58.25 -3.85
C MET KA 105 -46.53 59.36 -4.78
N ASP KA 106 -47.23 58.96 -5.84
CA ASP KA 106 -47.69 59.92 -6.84
C ASP KA 106 -48.82 60.77 -6.28
N GLU KA 107 -48.71 62.08 -6.48
CA GLU KA 107 -49.75 62.99 -5.99
C GLU KA 107 -51.10 62.67 -6.64
N LYS KA 108 -51.11 62.38 -7.93
CA LYS KA 108 -52.33 62.08 -8.65
C LYS KA 108 -52.68 60.59 -8.63
N ARG KA 109 -52.22 59.84 -7.64
CA ARG KA 109 -52.52 58.42 -7.51
C ARG KA 109 -52.78 58.05 -6.05
N LEU KA 110 -53.58 58.85 -5.36
CA LEU KA 110 -53.88 58.57 -3.96
C LEU KA 110 -54.75 57.32 -3.83
N VAL KA 111 -54.79 56.79 -2.61
CA VAL KA 111 -55.54 55.58 -2.30
C VAL KA 111 -56.47 55.86 -1.13
N ASN KA 112 -57.63 55.21 -1.15
CA ASN KA 112 -58.58 55.32 -0.06
C ASN KA 112 -58.07 54.56 1.16
N ALA KA 113 -58.25 55.15 2.34
CA ALA KA 113 -57.74 54.55 3.58
C ALA KA 113 -58.46 53.26 3.93
N ASN KA 114 -59.56 52.94 3.26
CA ASN KA 114 -60.24 51.67 3.43
C ASN KA 114 -60.00 50.73 2.25
N GLY KA 115 -59.01 51.03 1.42
CA GLY KA 115 -58.70 50.23 0.27
C GLY KA 115 -57.83 49.03 0.60
N TRP KA 116 -57.39 48.35 -0.45
CA TRP KA 116 -56.59 47.14 -0.30
C TRP KA 116 -56.01 46.73 -1.63
N CYS KA 117 -54.78 46.26 -1.62
CA CYS KA 117 -54.22 45.52 -2.73
C CYS KA 117 -53.31 44.45 -2.15
N TRP KA 118 -53.05 43.40 -2.94
CA TRP KA 118 -52.23 42.32 -2.39
C TRP KA 118 -50.79 42.71 -2.19
N ALA KA 119 -50.43 43.96 -2.47
CA ALA KA 119 -49.13 44.50 -2.09
C ALA KA 119 -49.11 45.00 -0.66
N TRP KA 120 -50.20 44.82 0.07
CA TRP KA 120 -50.27 45.29 1.45
C TRP KA 120 -49.15 44.67 2.28
N GLU KA 121 -48.54 45.50 3.13
CA GLU KA 121 -47.56 45.04 4.09
C GLU KA 121 -47.84 45.68 5.44
N ASP KA 122 -47.48 44.99 6.51
CA ASP KA 122 -47.87 45.44 7.83
C ASP KA 122 -47.17 46.75 8.18
N ALA KA 123 -47.95 47.72 8.64
CA ALA KA 123 -47.36 48.92 9.24
C ALA KA 123 -46.67 48.60 10.55
N GLY KA 124 -46.88 47.40 11.09
CA GLY KA 124 -46.10 46.94 12.23
C GLY KA 124 -44.64 46.74 11.90
N ASP KA 125 -44.30 46.66 10.63
CA ASP KA 125 -42.91 46.77 10.20
C ASP KA 125 -42.52 48.24 10.28
N ALA KA 126 -41.27 48.54 9.89
CA ALA KA 126 -40.67 49.87 9.99
C ALA KA 126 -40.34 50.21 11.45
N ALA KA 127 -40.79 49.38 12.39
CA ALA KA 127 -40.24 49.47 13.73
C ALA KA 127 -38.77 49.12 13.73
N GLU KA 128 -38.42 48.02 13.08
CA GLU KA 128 -37.05 47.55 12.96
C GLU KA 128 -36.65 47.63 11.49
N VAL KA 129 -35.50 48.25 11.23
CA VAL KA 129 -34.97 48.36 9.87
C VAL KA 129 -33.59 47.74 9.83
N GLY KA 130 -33.36 46.89 8.83
CA GLY KA 130 -32.05 46.34 8.61
C GLY KA 130 -31.94 44.87 8.95
N PRO KA 131 -30.70 44.36 8.90
CA PRO KA 131 -30.50 42.91 9.03
C PRO KA 131 -30.76 42.34 10.42
N ARG KA 132 -31.06 43.16 11.43
CA ARG KA 132 -31.31 42.71 12.79
C ARG KA 132 -30.12 41.98 13.41
N ASP KA 133 -28.95 42.07 12.79
CA ASP KA 133 -27.70 41.68 13.42
C ASP KA 133 -26.56 42.65 13.12
N VAL KA 134 -26.72 43.55 12.16
CA VAL KA 134 -25.81 44.68 11.97
C VAL KA 134 -26.16 45.74 13.02
N PRO KA 135 -25.19 46.27 13.74
CA PRO KA 135 -25.50 47.38 14.66
C PRO KA 135 -25.98 48.61 13.90
N ALA KA 136 -26.83 49.40 14.56
CA ALA KA 136 -27.40 50.58 13.93
C ALA KA 136 -26.31 51.55 13.49
N ASP KA 137 -25.19 51.58 14.20
CA ASP KA 137 -24.07 52.44 13.82
C ASP KA 137 -23.58 52.14 12.42
N GLN KA 138 -23.47 50.85 12.07
CA GLN KA 138 -22.96 50.44 10.77
C GLN KA 138 -24.05 50.23 9.73
N LEU KA 139 -25.33 50.28 10.11
CA LEU KA 139 -26.39 49.98 9.16
C LEU KA 139 -26.50 51.06 8.09
N ARG KA 140 -26.55 52.33 8.49
CA ARG KA 140 -26.73 53.40 7.53
C ARG KA 140 -25.41 53.75 6.87
N ARG KA 141 -25.44 53.76 5.53
CA ARG KA 141 -24.27 53.88 4.67
C ARG KA 141 -23.40 52.64 4.78
N GLY KA 142 -22.77 52.42 5.93
CA GLY KA 142 -21.97 51.23 6.15
C GLY KA 142 -21.15 51.31 7.42
FE HEC LA . -38.00 47.10 -2.46
CHA HEC LA . -37.49 49.46 -4.76
CHB HEC LA . -41.35 48.00 -2.26
CHC HEC LA . -38.67 44.56 -0.09
CHD HEC LA . -34.78 46.11 -2.50
NA HEC LA . -39.19 48.46 -3.30
C1A HEC LA . -38.75 49.34 -4.24
C2A HEC LA . -39.83 50.21 -4.55
C3A HEC LA . -40.90 49.80 -3.85
C4A HEC LA . -40.52 48.68 -3.10
CMA HEC LA . -42.30 50.40 -3.86
CAA HEC LA . -39.80 51.39 -5.50
CBA HEC LA . -39.76 52.67 -4.66
CGA HEC LA . -39.46 53.85 -5.54
O1A HEC LA . -40.15 54.90 -5.45
O2A HEC LA . -38.51 53.80 -6.34
NB HEC LA . -39.68 46.41 -1.39
C1B HEC LA . -40.91 46.93 -1.49
C2B HEC LA . -41.80 46.23 -0.64
C3B HEC LA . -41.08 45.26 -0.03
C4B HEC LA . -39.70 45.40 -0.53
CMB HEC LA . -43.27 46.52 -0.48
CAB HEC LA . -41.57 44.27 0.95
CBB HEC LA . -42.28 43.24 0.51
NC HEC LA . -36.94 45.62 -1.45
C1C HEC LA . -37.37 44.70 -0.56
C2C HEC LA . -36.29 43.93 -0.10
C3C HEC LA . -35.18 44.37 -0.79
C4C HEC LA . -35.61 45.41 -1.66
CMC HEC LA . -36.37 42.83 0.92
CAC HEC LA . -33.80 43.86 -0.68
CBC HEC LA . -33.52 42.64 -1.10
ND HEC LA . -36.48 47.65 -3.41
C1D HEC LA . -35.26 47.13 -3.32
C2D HEC LA . -34.35 47.83 -4.25
C3D HEC LA . -35.10 48.74 -4.87
C4D HEC LA . -36.46 48.62 -4.34
CMD HEC LA . -32.90 47.57 -4.48
CAD HEC LA . -34.58 49.69 -5.93
CBD HEC LA . -35.22 49.29 -7.27
CGD HEC LA . -34.30 49.51 -8.43
O1D HEC LA . -34.46 48.86 -9.48
O2D HEC LA . -33.38 50.36 -8.37
FE HEC MA . -27.00 38.50 -2.65
CHA HEC MA . -25.30 39.76 -0.09
CHB HEC MA . -29.71 40.58 -1.90
CHC HEC MA . -28.74 37.46 -5.50
CHD HEC MA . -24.59 36.25 -3.36
NA HEC MA . -27.45 39.85 -1.27
C1A HEC MA . -26.56 40.26 -0.32
C2A HEC MA . -27.16 41.27 0.47
C3A HEC MA . -28.39 41.49 -0.03
C4A HEC MA . -28.57 40.63 -1.13
CMA HEC MA . -29.40 42.49 0.48
CAA HEC MA . -26.55 41.96 1.65
CBA HEC MA . -26.90 41.13 2.89
CGA HEC MA . -26.28 41.68 4.13
O1A HEC MA . -26.95 41.71 5.20
O2A HEC MA . -25.11 42.11 4.14
NB HEC MA . -28.86 38.94 -3.53
C1B HEC MA . -29.77 39.80 -3.05
C2B HEC MA . -30.89 39.84 -3.90
C3B HEC MA . -30.65 38.98 -4.92
C4B HEC MA . -29.32 38.40 -4.66
CMB HEC MA . -32.12 40.69 -3.69
CAB HEC MA . -31.50 38.66 -6.06
CBB HEC MA . -31.88 39.62 -6.90
NC HEC MA . -26.75 37.07 -4.16
C1C HEC MA . -27.54 36.83 -5.24
C2C HEC MA . -26.97 35.81 -5.99
C3C HEC MA . -25.78 35.46 -5.38
C4C HEC MA . -25.64 36.28 -4.24
CMC HEC MA . -27.54 35.21 -7.25
CAC HEC MA . -24.82 34.42 -5.82
CBC HEC MA . -24.10 34.60 -6.91
ND HEC MA . -25.33 38.11 -1.91
C1D HEC MA . -24.46 37.16 -2.31
C2D HEC MA . -23.27 37.19 -1.47
C3D HEC MA . -23.47 38.15 -0.56
C4D HEC MA . -24.78 38.73 -0.86
CMD HEC MA . -22.06 36.30 -1.58
CAD HEC MA . -22.54 38.58 0.53
CBD HEC MA . -22.99 37.87 1.80
CGD HEC MA . -22.07 38.21 2.94
O1D HEC MA . -21.57 39.35 3.02
O2D HEC MA . -21.82 37.34 3.80
FE HEC NA . -10.27 19.44 -12.81
CHA HEC NA . -8.39 21.24 -14.90
CHB HEC NA . -7.42 17.91 -11.55
CHC HEC NA . -12.13 17.70 -10.39
CHD HEC NA . -13.13 20.69 -14.04
NA HEC NA . -8.32 19.51 -13.16
C1A HEC NA . -7.76 20.38 -14.05
C2A HEC NA . -6.36 20.26 -13.99
C3A HEC NA . -6.08 19.32 -13.05
C4A HEC NA . -7.29 18.87 -12.53
CMA HEC NA . -4.70 18.86 -12.63
CAA HEC NA . -5.38 21.02 -14.83
CBA HEC NA . -5.02 20.07 -15.97
CGA HEC NA . -4.56 20.79 -17.20
O1A HEC NA . -3.34 20.94 -17.43
O2A HEC NA . -5.39 21.26 -18.00
NB HEC NA . -9.85 18.08 -11.27
C1B HEC NA . -8.64 17.61 -10.97
C2B HEC NA . -8.74 16.71 -9.87
C3B HEC NA . -10.04 16.65 -9.53
C4B HEC NA . -10.76 17.53 -10.46
CMB HEC NA . -7.59 15.98 -9.22
CAB HEC NA . -10.67 15.87 -8.46
CBB HEC NA . -10.42 16.18 -7.19
NC HEC NA . -12.27 19.20 -12.30
C1C HEC NA . -12.83 18.47 -11.30
C2C HEC NA . -14.22 18.58 -11.36
C3C HEC NA . -14.51 19.44 -12.40
C4C HEC NA . -13.28 19.84 -12.98
CMC HEC NA . -15.18 17.89 -10.43
CAC HEC NA . -15.87 19.85 -12.85
CBC HEC NA . -16.73 20.42 -12.01
ND HEC NA . -10.67 20.68 -14.15
C1D HEC NA . -11.89 21.08 -14.53
C2D HEC NA . -11.78 22.08 -15.59
C3D HEC NA . -10.47 22.22 -15.84
C4D HEC NA . -9.78 21.33 -14.91
CMD HEC NA . -12.89 22.80 -16.31
CAD HEC NA . -9.83 23.14 -16.85
CBD HEC NA . -9.45 24.39 -16.08
CGD HEC NA . -8.91 25.46 -16.98
O1D HEC NA . -8.12 25.19 -17.91
O2D HEC NA . -9.26 26.62 -16.79
FE HEC OA . -22.69 25.50 -11.82
CHA HEC OA . -24.52 23.71 -13.93
CHB HEC OA . -20.22 23.09 -11.82
CHC HEC OA . -20.40 27.68 -10.27
CHD HEC OA . -25.16 27.67 -11.17
NA HEC OA . -22.44 23.72 -12.65
C1A HEC OA . -23.30 23.21 -13.57
C2A HEC OA . -22.73 22.03 -14.09
C3A HEC OA . -21.53 21.85 -13.50
C4A HEC OA . -21.34 22.91 -12.61
CMA HEC OA . -20.55 20.72 -13.73
CAA HEC OA . -23.35 21.12 -15.12
CBA HEC OA . -24.28 20.15 -14.38
CGA HEC OA . -24.88 19.21 -15.37
O1A HEC OA . -25.25 18.08 -15.01
O2A HEC OA . -25.02 19.56 -16.56
NB HEC OA . -20.69 25.41 -11.17
C1B HEC OA . -19.90 24.33 -11.28
C2B HEC OA . -18.62 24.60 -10.75
C3B HEC OA . -18.65 25.88 -10.30
C4B HEC OA . -20.01 26.39 -10.59
CMB HEC OA . -17.48 23.62 -10.69
CAB HEC OA . -17.55 26.64 -9.67
CBB HEC OA . -16.48 26.97 -10.37
NC HEC OA . -22.76 27.34 -10.86
C1C HEC OA . -21.74 28.08 -10.33
C2C HEC OA . -22.25 29.25 -9.77
C3C HEC OA . -23.62 29.25 -10.03
C4C HEC OA . -23.92 28.05 -10.73
CMC HEC OA . -21.47 30.31 -9.06
CAC HEC OA . -24.57 30.30 -9.64
CBC HEC OA . -24.54 31.49 -10.23
ND HEC OA . -24.45 25.66 -12.42
C1D HEC OA . -25.34 26.60 -12.06
C2D HEC OA . -26.60 26.36 -12.76
C3D HEC OA . -26.43 25.27 -13.52
C4D HEC OA . -25.05 24.83 -13.29
CMD HEC OA . -27.86 27.19 -12.64
CAD HEC OA . -27.43 24.64 -14.44
CBD HEC OA . -28.33 23.67 -13.69
CGD HEC OA . -29.18 22.94 -14.69
O1D HEC OA . -28.82 22.88 -15.89
O2D HEC OA . -30.24 22.38 -14.34
MG MG PA . 1.98 20.65 -0.26
C1 LJQ QA . -16.31 3.13 7.21
C2 LJQ QA . -15.78 2.50 8.48
C3 LJQ QA . -16.32 1.11 8.75
O31 LJQ QA . -15.68 0.15 7.87
O32 LJQ QA . -17.55 -1.01 7.70
C31 LJQ QA . -16.36 -0.98 7.67
C32 LJQ QA . -15.44 -2.15 7.50
C33 LJQ QA . -15.78 -3.03 6.34
C34 LJQ QA . -17.10 -3.78 6.50
C35 LJQ QA . -17.44 -4.69 5.35
C36 LJQ QA . -18.87 -5.21 5.36
C37 LJQ QA . -19.23 -6.03 4.15
C38 LJQ QA . -18.51 -7.34 4.04
C39 LJQ QA . -18.60 -8.03 2.68
C3A LJQ QA . -19.99 -8.35 2.22
C3B LJQ QA . -20.05 -8.99 0.85
C3C LJQ QA . -21.45 -9.26 0.35
O21 LJQ QA . -14.33 2.47 8.47
O22 LJQ QA . -14.23 4.67 8.87
C21 LJQ QA . -13.68 3.63 8.60
C22 LJQ QA . -12.20 3.50 8.40
C23 LJQ QA . -11.57 2.53 9.35
C24 LJQ QA . -10.05 2.69 9.42
C25 LJQ QA . -9.42 1.92 10.54
C26 LJQ QA . -8.03 2.36 10.90
C27 LJQ QA . -7.93 3.82 11.29
C28 LJQ QA . -6.61 4.17 11.96
C29 LJQ QA . -6.34 5.65 12.11
C2A LJQ QA . -7.26 6.36 13.08
C2B LJQ QA . -6.85 7.78 13.40
C2C LJQ QA . -5.48 7.90 14.03
C1 PLM RA . -16.92 7.01 9.16
O2 PLM RA . -16.32 6.41 8.25
C2 PLM RA . -16.52 8.43 9.47
C3 PLM RA . -16.82 8.87 10.87
C4 PLM RA . -16.29 7.88 11.89
C5 PLM RA . -14.80 7.82 12.00
C6 PLM RA . -14.33 6.82 13.02
C7 PLM RA . -12.84 6.69 13.14
C8 PLM RA . -12.39 5.64 14.11
C9 PLM RA . -10.91 5.44 14.17
CA PLM RA . -10.45 4.54 15.29
CB PLM RA . -8.98 4.21 15.25
P PGV SA . -25.03 6.71 6.75
C01 PGV SA . -23.10 4.55 10.09
C02 PGV SA . -24.57 4.30 9.80
C03 PGV SA . -25.20 5.45 9.03
C04 PGV SA . -24.38 9.27 6.63
C05 PGV SA . -24.41 10.37 7.68
C06 PGV SA . -23.22 10.19 8.61
O01 PGV SA . -25.24 4.12 11.04
O02 PGV SA . -26.41 2.45 9.97
O03 PGV SA . -22.26 3.77 9.24
O04 PGV SA . -23.04 1.62 9.53
O05 PGV SA . -25.62 10.21 8.42
O06 PGV SA . -22.00 10.54 7.94
O11 PGV SA . -24.49 5.63 7.82
O12 PGV SA . -24.29 8.03 7.30
O13 PGV SA . -26.51 6.86 6.94
O14 PGV SA . -24.49 6.34 5.40
C1 PGV SA . -26.01 2.90 11.04
C2 PGV SA . -26.33 2.21 12.34
C3 PGV SA . -25.04 1.78 13.01
C4 PGV SA . -24.45 0.50 12.43
C5 PGV SA . -23.80 -0.32 13.55
C6 PGV SA . -22.74 -1.29 13.03
C7 PGV SA . -23.34 -2.39 12.15
C8 PGV SA . -22.77 -3.74 12.51
C9 PGV SA . -22.91 -4.72 11.35
C19 PGV SA . -22.07 2.36 9.52
C20 PGV SA . -20.71 1.79 9.79
C21 PGV SA . -20.81 0.27 9.65
C22 PGV SA . -19.61 -0.43 10.29
C23 PGV SA . -19.83 -1.93 10.29
C24 PGV SA . -20.11 -2.45 8.89
C1B LMT TA . -28.81 -2.84 -4.86
C2B LMT TA . -28.82 -3.17 -6.36
C3B LMT TA . -28.23 -2.05 -7.20
C4B LMT TA . -28.94 -0.74 -6.85
C5B LMT TA . -28.72 -0.49 -5.35
C6B LMT TA . -29.32 0.84 -4.90
O1B LMT TA . -27.49 -2.90 -4.31
O2B LMT TA . -28.12 -4.40 -6.61
O3B LMT TA . -28.37 -2.33 -8.60
O4' LMT TA . -28.42 0.31 -7.67
O5B LMT TA . -29.35 -1.54 -4.62
O6B LMT TA . -28.66 1.94 -5.54
C1' LMT TA . -25.89 -4.84 -0.97
C2' LMT TA . -26.44 -5.74 -2.07
C3' LMT TA . -26.53 -4.91 -3.35
C4' LMT TA . -27.46 -3.72 -3.14
C5' LMT TA . -26.94 -2.92 -1.95
C6' LMT TA . -27.92 -1.84 -1.56
O1' LMT TA . -25.83 -5.56 0.25
O2' LMT TA . -25.59 -6.88 -2.23
O3' LMT TA . -26.93 -5.70 -4.47
O5' LMT TA . -26.79 -3.75 -0.80
O6' LMT TA . -28.83 -2.38 -0.59
C1 LMT TA . -25.57 -4.68 1.34
C2 LMT TA . -25.72 -5.41 2.67
MG BCL UA . -3.36 2.85 -3.87
CHA BCL UA . -4.99 -0.17 -4.05
CHB BCL UA . -0.69 1.34 -2.54
CHC BCL UA . -1.55 5.64 -4.59
CHD BCL UA . -6.04 4.35 -5.59
NA BCL UA . -2.95 0.99 -3.27
C1A BCL UA . -3.67 -0.08 -3.39
C2A BCL UA . -3.06 -1.31 -2.78
C3A BCL UA . -1.86 -0.73 -2.07
C4A BCL UA . -1.81 0.64 -2.66
CMA BCL UA . -2.07 -0.63 -0.57
CAA BCL UA . -2.63 -2.31 -3.84
CBA BCL UA . -2.05 -3.59 -3.27
CGA BCL UA . -3.08 -4.70 -3.28
O1A BCL UA . -4.25 -4.45 -3.38
O2A BCL UA . -2.69 -6.09 -3.18
NB BCL UA . -1.41 3.40 -3.63
C1B BCL UA . -0.43 2.69 -3.04
C2B BCL UA . 0.92 3.33 -2.95
C3B BCL UA . 0.63 4.62 -3.59
C4B BCL UA . -0.81 4.55 -3.93
CMB BCL UA . 2.20 2.79 -2.39
CAB BCL UA . 1.54 5.78 -3.84
OBB BCL UA . 1.18 6.89 -3.52
CBB BCL UA . 2.86 5.57 -4.55
NC BCL UA . -3.72 4.65 -4.73
C1C BCL UA . -2.84 5.65 -4.86
C2C BCL UA . -3.42 6.91 -5.43
C3C BCL UA . -4.82 6.48 -5.72
C4C BCL UA . -4.81 5.06 -5.30
CMC BCL UA . -3.43 8.03 -4.41
CAC BCL UA . -5.16 6.57 -7.21
CBC BCL UA . -4.85 7.93 -7.78
ND BCL UA . -5.15 2.32 -4.71
C1D BCL UA . -6.16 2.93 -5.34
C2D BCL UA . -7.28 2.01 -5.71
C3D BCL UA . -6.75 0.77 -5.17
C4D BCL UA . -5.56 1.03 -4.61
CMD BCL UA . -8.61 2.07 -6.42
CAD BCL UA . -7.07 -0.65 -5.03
OBD BCL UA . -8.14 -1.20 -5.47
CBD BCL UA . -5.93 -1.31 -4.32
CGD BCL UA . -6.45 -2.13 -3.16
O1D BCL UA . -6.15 -1.86 -2.02
O2D BCL UA . -7.32 -3.24 -3.48
CED BCL UA . -7.35 -4.46 -2.74
C1 BCL UA . -3.68 -7.08 -3.48
C2 BCL UA . -3.19 -7.99 -4.58
C3 BCL UA . -4.04 -8.50 -5.48
C4 BCL UA . -5.49 -8.13 -5.41
C5 BCL UA . -3.54 -9.40 -6.56
C6 BCL UA . -4.47 -10.59 -6.70
C7 BCL UA . -3.66 -11.87 -6.86
C8 BCL UA . -4.54 -13.02 -7.33
C9 BCL UA . -5.20 -13.73 -6.16
C10 BCL UA . -3.68 -13.99 -8.13
C11 BCL UA . -3.39 -13.47 -9.53
C12 BCL UA . -2.47 -14.44 -10.24
C13 BCL UA . -2.13 -13.98 -11.64
C14 BCL UA . -3.37 -13.96 -12.52
C15 BCL UA . -1.09 -14.94 -12.19
C16 BCL UA . -0.60 -14.49 -13.55
C17 BCL UA . -0.33 -15.69 -14.45
C18 BCL UA . 1.07 -16.27 -14.26
C19 BCL UA . 2.11 -15.20 -13.99
C20 BCL UA . 1.44 -17.11 -15.48
O1D BPH VA . 2.05 -19.78 -5.71
CGD BPH VA . 1.88 -18.60 -5.62
O2D BPH VA . 2.76 -17.69 -6.05
CED BPH VA . 3.95 -18.20 -6.70
CBD BPH VA . 0.68 -17.96 -5.00
CHA BPH VA . 0.53 -16.49 -5.37
C4D BPH VA . 0.55 -15.76 -4.13
C3D BPH VA . 0.79 -16.57 -3.02
CAD BPH VA . 0.91 -17.96 -3.48
OBD BPH VA . 1.15 -18.96 -2.84
C2D BPH VA . 0.80 -15.75 -1.89
CMD BPH VA . 1.03 -16.17 -0.47
C1D BPH VA . 0.59 -14.44 -2.33
ND BPH VA . 0.43 -14.48 -3.71
CHD BPH VA . 0.52 -13.23 -1.65
C4C BPH VA . 0.42 -11.95 -2.21
C3C BPH VA . 0.57 -10.65 -1.45
CAC BPH VA . -0.08 -10.66 -0.05
CBC BPH VA . -1.57 -10.91 -0.09
C2C BPH VA . -0.05 -9.64 -2.41
CMC BPH VA . 0.65 -8.29 -2.49
C1C BPH VA . -0.01 -10.40 -3.73
NC BPH VA . 0.21 -11.74 -3.55
CHC BPH VA . -0.22 -9.81 -4.97
C4B BPH VA . -0.12 -10.33 -6.31
C3B BPH VA . -0.25 -9.63 -7.56
CAB BPH VA . -0.53 -8.18 -7.77
CBB BPH VA . -0.42 -7.22 -6.65
OBB BPH VA . -0.87 -7.77 -8.87
C2B BPH VA . -0.06 -10.57 -8.58
CMB BPH VA . -0.11 -10.36 -10.07
C1B BPH VA . 0.17 -11.84 -7.97
NB BPH VA . 0.13 -11.65 -6.61
CHB BPH VA . 0.40 -13.03 -8.62
C4A BPH VA . 0.48 -14.31 -8.08
C3A BPH VA . 0.80 -15.56 -8.89
CMA BPH VA . 2.25 -15.49 -9.36
C2A BPH VA . 0.45 -16.66 -7.92
C1A BPH VA . 0.43 -15.93 -6.60
NA BPH VA . 0.30 -14.59 -6.74
CAA BPH VA . -0.91 -17.32 -8.14
CBA BPH VA . -0.98 -18.09 -9.44
CGA BPH VA . -2.38 -18.51 -9.76
O1A BPH VA . -3.35 -18.23 -9.10
O2A BPH VA . -2.43 -19.22 -10.86
C1 BPH VA . -3.74 -19.62 -11.31
C2 BPH VA . -3.64 -19.87 -12.78
C3 BPH VA . -3.32 -18.89 -13.62
C4 BPH VA . -2.48 -19.10 -14.84
C5 BPH VA . -3.80 -17.48 -13.40
C6 BPH VA . -4.50 -16.88 -14.58
C7 BPH VA . -5.88 -17.48 -14.85
C8 BPH VA . -6.97 -16.49 -15.31
C9 BPH VA . -8.23 -17.21 -15.74
C10 BPH VA . -6.49 -15.49 -16.36
C11 BPH VA . -6.12 -14.12 -15.86
C12 BPH VA . -7.26 -13.40 -15.18
C13 BPH VA . -6.89 -12.09 -14.47
C14 BPH VA . -8.10 -11.44 -13.85
C15 BPH VA . -6.14 -11.16 -15.41
C16 BPH VA . -5.86 -9.77 -14.88
C17 BPH VA . -4.85 -9.04 -15.73
C18 BPH VA . -4.86 -7.51 -15.63
C19 BPH VA . -3.69 -6.92 -16.39
C20 BPH VA . -4.85 -7.04 -14.19
C26 UQ8 WA . 2.13 -0.14 11.06
C24 UQ8 WA . 3.19 -1.21 10.98
C25 UQ8 WA . 3.85 -1.51 9.67
C23 UQ8 WA . 3.55 -1.88 12.08
C22 UQ8 WA . 4.60 -2.95 12.02
C21 UQ8 WA . 5.91 -2.36 12.51
C19 UQ8 WA . 6.64 -3.34 13.40
C20 UQ8 WA . 6.19 -3.56 14.81
C18 UQ8 WA . 7.69 -4.02 12.90
C17 UQ8 WA . 8.14 -3.80 11.48
C16 UQ8 WA . 9.33 -2.85 11.41
C14 UQ8 WA . 10.59 -3.64 11.22
C15 UQ8 WA . 11.64 -3.18 10.25
C13 UQ8 WA . 10.78 -4.76 11.93
C12 UQ8 WA . 12.01 -5.59 11.77
C11 UQ8 WA . 12.38 -6.14 13.14
C9 UQ8 WA . 13.82 -6.58 13.09
C10 UQ8 WA . 14.70 -6.36 14.28
C8 UQ8 WA . 14.30 -7.16 11.98
C7 UQ8 WA . 15.74 -7.57 11.94
C6 UQ8 WA . 16.03 -9.03 11.72
C1 UQ8 WA . 15.99 -9.63 10.37
C1M UQ8 WA . 15.65 -8.76 9.20
C2 UQ8 WA . 16.27 -11.08 10.17
O2 UQ8 WA . 16.23 -11.57 9.03
C3 UQ8 WA . 16.61 -11.94 11.33
O3 UQ8 WA . 16.86 -13.28 11.20
C3M UQ8 WA . 17.96 -13.79 10.46
C4 UQ8 WA . 16.65 -11.33 12.68
O4 UQ8 WA . 16.96 -12.12 13.72
C4M UQ8 WA . 18.33 -12.40 13.99
C5 UQ8 WA . 16.36 -9.89 12.88
O5 UQ8 WA . 16.40 -9.39 14.02
P PGV XA . -2.79 -5.19 -34.34
C01 PGV XA . -0.51 -9.27 -34.33
C02 PGV XA . -0.31 -7.91 -33.66
C03 PGV XA . -0.69 -6.77 -34.60
C04 PGV XA . -4.70 -6.29 -35.81
C05 PGV XA . -4.80 -7.37 -36.87
C06 PGV XA . -3.73 -7.14 -37.94
O01 PGV XA . 1.01 -7.78 -33.18
O02 PGV XA . 0.25 -6.21 -31.65
O03 PGV XA . 0.12 -10.23 -33.49
O04 PGV XA . -1.77 -11.40 -32.92
O05 PGV XA . -6.10 -7.34 -37.47
O06 PGV XA . -3.76 -8.21 -38.89
O11 PGV XA . -1.42 -5.83 -33.81
O12 PGV XA . -3.44 -6.42 -35.15
O13 PGV XA . -2.46 -4.09 -35.32
O14 PGV XA . -3.65 -4.88 -33.14
C1 PGV XA . 1.07 -7.08 -31.91
C2 PGV XA . 2.14 -7.42 -30.91
C3 PGV XA . 1.72 -8.60 -30.04
C4 PGV XA . 2.82 -8.88 -29.04
C5 PGV XA . 2.49 -10.02 -28.10
C6 PGV XA . 3.78 -10.47 -27.46
C7 PGV XA . 3.61 -11.70 -26.57
C8 PGV XA . 3.09 -11.31 -25.19
C9 PGV XA . 3.99 -11.88 -24.08
C10 PGV XA . 4.17 -13.39 -24.23
C19 PGV XA . -0.66 -11.04 -32.58
C20 PGV XA . -0.10 -11.42 -31.23
C21 PGV XA . -1.04 -12.35 -30.49
C22 PGV XA . -1.63 -11.69 -29.26
C23 PGV XA . -2.15 -12.74 -28.29
C24 PGV XA . -1.00 -13.56 -27.71
C25 PGV XA . -0.17 -12.69 -26.78
C26 PGV XA . -1.01 -12.26 -25.58
C27 PGV XA . -1.22 -13.44 -24.64
C28 PGV XA . -2.12 -13.04 -23.49
C29 PGV XA . -1.57 -11.79 -22.83
C30 PGV XA . -2.58 -11.15 -21.89
C31 PGV XA . -2.33 -9.67 -21.76
C32 PGV XA . -3.11 -9.07 -20.60
C33 PGV XA . -4.60 -9.35 -20.77
C34 PGV XA . -5.35 -9.13 -19.48
C31 UQ8 YA . -14.49 -29.83 0.63
C29 UQ8 YA . -13.09 -29.95 0.07
C30 UQ8 YA . -12.06 -30.73 0.83
C28 UQ8 YA . -12.78 -29.37 -1.10
C27 UQ8 YA . -13.81 -28.59 -1.87
C26 UQ8 YA . -13.19 -28.04 -3.15
C24 UQ8 YA . -14.26 -27.42 -4.01
C25 UQ8 YA . -15.45 -26.76 -3.36
C23 UQ8 YA . -14.19 -27.46 -5.35
C22 UQ8 YA . -15.28 -26.83 -6.19
C21 UQ8 YA . -14.81 -26.56 -7.62
C19 UQ8 YA . -14.45 -25.12 -7.83
C20 UQ8 YA . -13.26 -24.55 -7.09
C18 UQ8 YA . -15.16 -24.33 -8.65
C17 UQ8 YA . -14.77 -22.88 -8.85
C16 UQ8 YA . -15.96 -21.93 -9.01
C14 UQ8 YA . -15.91 -20.99 -7.81
C15 UQ8 YA . -15.53 -21.57 -6.48
C13 UQ8 YA . -16.15 -19.67 -7.89
C12 UQ8 YA . -16.55 -18.93 -9.13
C11 UQ8 YA . -16.59 -17.44 -8.81
C9 UQ8 YA . -17.95 -16.91 -8.42
C10 UQ8 YA . -18.59 -17.27 -7.11
C8 UQ8 YA . -18.58 -16.09 -9.26
C7 UQ8 YA . -19.95 -15.51 -8.95
C6 UQ8 YA . -20.40 -14.75 -10.17
C1 UQ8 YA . -21.46 -15.31 -11.04
C1M UQ8 YA . -22.10 -16.63 -10.70
C2 UQ8 YA . -21.91 -14.57 -12.25
O2 UQ8 YA . -22.81 -15.07 -12.96
C3 UQ8 YA . -21.28 -13.27 -12.59
O3 UQ8 YA . -21.68 -12.58 -13.71
C3M UQ8 YA . -23.00 -12.10 -13.83
C4 UQ8 YA . -20.20 -12.72 -11.73
O4 UQ8 YA . -19.63 -11.52 -12.05
C4M UQ8 YA . -18.27 -11.45 -12.45
C5 UQ8 YA . -19.76 -13.45 -10.52
O5 UQ8 YA . -18.85 -13.00 -9.78
C11 UQ8 ZA . -4.01 4.33 9.67
C9 UQ8 ZA . -3.39 5.49 8.95
C8 UQ8 ZA . -2.19 5.96 9.29
C7 UQ8 ZA . -1.44 5.33 10.44
C6 UQ8 ZA . -0.19 6.13 10.73
C1 UQ8 ZA . -0.30 7.40 11.49
C1M UQ8 ZA . -1.66 7.88 11.95
C2 UQ8 ZA . 0.90 8.21 11.79
O2 UQ8 ZA . 0.80 9.28 12.43
C3 UQ8 ZA . 2.24 7.74 11.33
O3 UQ8 ZA . 3.35 8.47 11.62
C3M UQ8 ZA . 3.78 8.60 12.97
C4 UQ8 ZA . 2.35 6.46 10.57
O4 UQ8 ZA . 3.60 6.05 10.16
C4M UQ8 ZA . 4.13 4.81 10.63
C5 UQ8 ZA . 1.14 5.65 10.27
O5 UQ8 ZA . 1.23 4.58 9.64
C1B LMT AB . -32.12 -9.18 -13.66
C2B LMT AB . -32.34 -9.68 -15.09
C3B LMT AB . -31.85 -8.70 -16.14
C4B LMT AB . -32.31 -7.29 -15.84
C5B LMT AB . -31.95 -6.92 -14.41
C6B LMT AB . -32.43 -5.53 -14.06
O1B LMT AB . -30.73 -9.21 -13.33
O2B LMT AB . -31.62 -10.90 -15.26
O3B LMT AB . -32.34 -9.11 -17.42
O4' LMT AB . -31.67 -6.39 -16.75
O5B LMT AB . -32.59 -7.84 -13.51
O6B LMT AB . -32.24 -5.36 -12.65
C1' LMT AB . -28.66 -10.90 -10.09
C2' LMT AB . -29.32 -11.86 -11.07
C3' LMT AB . -29.78 -11.17 -12.36
C4' LMT AB . -30.49 -9.86 -12.09
C5' LMT AB . -29.61 -8.98 -11.21
C6' LMT AB . -30.29 -7.64 -10.95
O1' LMT AB . -28.61 -11.56 -8.83
O2' LMT AB . -28.38 -12.88 -11.41
O3' LMT AB . -30.67 -12.06 -13.02
O5' LMT AB . -29.36 -9.66 -9.97
O6' LMT AB . -29.50 -6.59 -11.49
C1 LMT AB . -27.28 -11.90 -8.42
C2 LMT AB . -27.33 -12.95 -7.31
C3 LMT AB . -25.94 -13.28 -6.78
C4 LMT AB . -25.04 -13.82 -7.88
C5 LMT AB . -23.66 -14.16 -7.33
C6 LMT AB . -23.66 -15.51 -6.63
C7 LMT AB . -23.84 -16.65 -7.63
C8 LMT AB . -23.46 -17.98 -6.98
C9 LMT AB . -23.41 -19.11 -7.99
C10 LMT AB . -23.26 -20.46 -7.30
C11 LMT AB . -21.81 -20.74 -6.93
C12 LMT AB . -21.63 -22.21 -6.62
P PGV BB . 0.74 -1.09 -32.53
C01 PGV BB . 2.89 -3.96 -30.27
C02 PGV BB . 3.44 -3.76 -31.67
C03 PGV BB . 2.38 -3.08 -32.52
C04 PGV BB . -0.78 0.82 -31.54
C05 PGV BB . -2.18 0.76 -30.92
O01 PGV BB . 3.76 -5.04 -32.19
O02 PGV BB . 5.46 -4.11 -33.44
O03 PGV BB . 4.03 -4.26 -29.50
O04 PGV BB . 2.86 -5.30 -27.81
O11 PGV BB . 1.73 -2.09 -31.76
O12 PGV BB . -0.12 -0.43 -31.34
O13 PGV BB . -0.18 -1.97 -33.34
O14 PGV BB . 1.58 -0.04 -33.19
C1 PGV BB . 4.97 -5.12 -32.96
C2 PGV BB . 5.63 -6.46 -33.18
C3 PGV BB . 6.65 -6.72 -32.07
C4 PGV BB . 6.24 -7.91 -31.23
C5 PGV BB . 7.28 -8.15 -30.14
C6 PGV BB . 6.82 -9.27 -29.20
C7 PGV BB . 7.59 -10.55 -29.50
C8 PGV BB . 6.94 -11.76 -28.84
C9 PGV BB . 7.71 -13.03 -29.20
C10 PGV BB . 8.46 -13.57 -27.99
C11 PGV BB . 7.59 -14.61 -27.31
C12 PGV BB . 8.02 -15.25 -26.22
C13 PGV BB . 9.39 -14.93 -25.66
C19 PGV BB . 3.94 -5.00 -28.26
C20 PGV BB . 5.23 -5.39 -27.59
C21 PGV BB . 4.95 -6.42 -26.51
C22 PGV BB . 6.21 -6.61 -25.70
C23 PGV BB . 5.96 -7.50 -24.50
C24 PGV BB . 5.94 -8.95 -24.91
C25 PGV BB . 7.32 -9.40 -25.35
C26 PGV BB . 8.16 -9.78 -24.14
C27 PGV BB . 7.49 -10.93 -23.40
P PGV CB . -18.94 17.32 16.79
C01 PGV CB . -15.54 14.05 16.76
C02 PGV CB . -16.60 14.42 15.74
C03 PGV CB . -17.80 15.00 16.47
C04 PGV CB . -20.25 18.47 14.83
C05 PGV CB . -20.08 19.44 13.68
C06 PGV CB . -20.65 20.79 14.08
O01 PGV CB . -17.02 13.24 15.07
O02 PGV CB . -17.45 14.61 13.25
O03 PGV CB . -15.84 12.81 17.38
O04 PGV CB . -15.52 13.38 19.58
O05 PGV CB . -20.77 18.94 12.52
O06 PGV CB . -19.95 21.25 15.24
O11 PGV CB . -17.65 16.40 16.53
O12 PGV CB . -18.99 18.24 15.47
O13 PGV CB . -18.68 18.21 17.98
O14 PGV CB . -20.12 16.38 16.74
C1 PGV CB . -17.45 13.48 13.70
C2 PGV CB . -17.87 12.30 12.85
C3 PGV CB . -18.81 11.40 13.64
C4 PGV CB . -18.18 10.05 13.99
C5 PGV CB . -16.95 10.20 14.88
C6 PGV CB . -16.38 8.85 15.32
C7 PGV CB . -15.92 8.92 16.78
C8 PGV CB . -15.00 7.76 17.15
C9 PGV CB . -13.55 8.10 16.83
C10 PGV CB . -12.56 7.08 17.37
C11 PGV CB . -12.83 6.85 18.84
C12 PGV CB . -11.99 6.10 19.56
C13 PGV CB . -10.76 5.50 18.94
C14 PGV CB . -9.54 6.00 19.70
C19 PGV CB . -15.31 12.56 18.71
C20 PGV CB . -14.49 11.34 19.02
C21 PGV CB . -13.59 11.69 20.20
C22 PGV CB . -13.22 10.46 21.01
C23 PGV CB . -11.83 10.57 21.61
C24 PGV CB . -10.77 10.35 20.53
C25 PGV CB . -9.52 9.72 21.13
C26 PGV CB . -8.80 10.69 22.08
C27 PGV CB . -7.93 9.95 23.08
C28 PGV CB . -8.68 9.70 24.38
MG BCL DB . -2.26 -4.89 -11.22
CHA BCL DB . 0.68 -3.50 -12.26
CHB BCL DB . -1.37 -7.80 -12.62
CHC BCL DB . -5.00 -6.28 -9.77
CHD BCL DB . -3.00 -1.94 -9.46
NA BCL DB . -0.73 -5.51 -12.36
C1A BCL DB . 0.33 -4.87 -12.67
C2A BCL DB . 1.26 -5.63 -13.56
C3A BCL DB . 0.44 -6.84 -13.93
C4A BCL DB . -0.65 -6.73 -12.91
CMA BCL DB . -0.11 -6.68 -15.34
CAA BCL DB . 2.58 -5.97 -12.89
CBA BCL DB . 2.61 -7.34 -12.21
CGA BCL DB . 2.56 -7.17 -10.72
O1A BCL DB . 1.58 -6.70 -10.16
O2A BCL DB . 3.69 -7.59 -9.90
NB BCL DB . -3.06 -6.76 -11.17
C1B BCL DB . -2.59 -7.85 -11.81
C2B BCL DB . -3.36 -9.10 -11.64
C3B BCL DB . -4.47 -8.62 -10.78
C4B BCL DB . -4.18 -7.19 -10.57
CMB BCL DB . -3.03 -10.45 -12.22
CAB BCL DB . -5.62 -9.36 -10.19
OBB BCL DB . -6.07 -9.03 -9.11
CBB BCL DB . -6.21 -10.51 -10.96
NC BCL DB . -3.69 -4.28 -9.96
C1C BCL DB . -4.77 -5.00 -9.59
C2C BCL DB . -5.77 -4.22 -8.80
C3C BCL DB . -4.90 -3.09 -8.33
C4C BCL DB . -3.78 -3.16 -9.31
CMC BCL DB . -6.88 -3.70 -9.69
CAC BCL DB . -4.39 -3.28 -6.89
CBC BCL DB . -3.32 -4.34 -6.75
ND BCL DB . -1.42 -3.06 -10.83
C1D BCL DB . -1.74 -1.94 -10.18
C2D BCL DB . -0.71 -0.86 -10.29
C3D BCL DB . 0.26 -1.56 -11.15
C4D BCL DB . -0.23 -2.76 -11.42
CMD BCL DB . -0.52 0.53 -9.78
CAD BCL DB . 1.56 -1.38 -11.84
OBD BCL DB . 2.31 -0.34 -11.78
CBD BCL DB . 1.87 -2.66 -12.56
CGD BCL DB . 2.07 -2.47 -14.03
O1D BCL DB . 3.19 -2.54 -14.49
O2D BCL DB . 0.96 -2.22 -14.92
CED BCL DB . 1.23 -1.80 -16.25
C1 BCL DB . 3.50 -8.38 -8.74
C2 BCL DB . 3.57 -9.81 -9.18
C3 BCL DB . 4.74 -10.43 -9.39
C4 BCL DB . 6.04 -9.69 -9.20
C5 BCL DB . 4.74 -11.85 -9.86
C6 BCL DB . 4.55 -11.79 -11.37
C7 BCL DB . 3.09 -11.91 -11.79
C8 BCL DB . 2.93 -11.60 -13.27
C9 BCL DB . 3.87 -10.49 -13.71
C10 BCL DB . 1.49 -11.21 -13.52
C11 BCL DB . 1.26 -10.72 -14.94
C12 BCL DB . -0.20 -10.95 -15.30
C13 BCL DB . -0.43 -10.98 -16.79
C14 BCL DB . 0.15 -9.72 -17.44
C15 BCL DB . -1.92 -11.08 -17.08
C16 BCL DB . -2.58 -12.29 -16.43
C17 BCL DB . -1.97 -13.62 -16.90
C18 BCL DB . -2.34 -13.97 -18.33
C19 BCL DB . -3.81 -13.69 -18.62
C20 BCL DB . -2.01 -15.44 -18.62
MG BCL EB . 5.96 8.39 2.98
CHA BCL EB . 3.21 6.88 4.30
CHB BCL EB . 7.31 8.65 6.02
CHC BCL EB . 8.88 9.28 1.49
CHD BCL EB . 4.50 8.23 -0.20
NA BCL EB . 5.39 7.86 4.83
C1A BCL EB . 4.34 7.23 5.18
C2A BCL EB . 4.30 6.84 6.63
C3A BCL EB . 5.37 7.75 7.19
C4A BCL EB . 6.09 8.14 5.94
CMA BCL EB . 4.76 8.97 7.85
CAA BCL EB . 4.64 5.38 6.84
CBA BCL EB . 5.72 4.88 5.89
CGA BCL EB . 6.25 3.53 6.30
O1A BCL EB . 5.87 2.52 5.75
O2A BCL EB . 7.23 3.42 7.36
NB BCL EB . 7.84 8.86 3.63
C1B BCL EB . 8.23 8.94 4.91
C2B BCL EB . 9.62 9.34 5.18
C3B BCL EB . 10.10 9.53 3.80
C4B BCL EB . 8.93 9.22 2.95
CMB BCL EB . 10.30 9.47 6.52
CAB BCL EB . 11.47 9.93 3.36
OBB BCL EB . 11.96 9.43 2.37
CBB BCL EB . 12.19 10.96 4.17
NC BCL EB . 6.54 8.83 1.12
C1C BCL EB . 7.79 9.21 0.73
C2C BCL EB . 7.90 9.54 -0.72
C3C BCL EB . 6.47 9.44 -1.16
C4C BCL EB . 5.84 8.80 0.04
CMC BCL EB . 8.41 10.96 -0.96
CAC BCL EB . 6.28 8.55 -2.39
CBC BCL EB . 7.02 7.24 -2.28
ND BCL EB . 4.27 7.70 2.09
C1D BCL EB . 3.71 7.69 0.88
C2D BCL EB . 2.34 7.07 0.86
C3D BCL EB . 2.20 6.75 2.28
C4D BCL EB . 3.30 7.16 2.90
CMD BCL EB . 1.25 6.74 -0.13
CAD BCL EB . 1.27 6.17 3.26
OBD BCL EB . 0.10 5.69 3.00
CBD BCL EB . 1.91 6.21 4.60
CGD BCL EB . 1.06 6.93 5.61
O1D BCL EB . 0.45 6.30 6.46
O2D BCL EB . 0.91 8.36 5.63
CED BCL EB . -0.09 8.87 6.49
C1 BCL EB . 8.08 2.27 7.38
C2 BCL EB . 9.26 2.57 8.27
C3 BCL EB . 9.27 2.12 9.53
C4 BCL EB . 8.12 1.32 10.05
C5 BCL EB . 10.45 2.42 10.42
C6 BCL EB . 10.01 3.12 11.71
C7 BCL EB . 9.24 4.39 11.44
C8 BCL EB . 10.16 5.60 11.34
C9 BCL EB . 10.07 6.45 12.61
C10 BCL EB . 9.80 6.39 10.09
C11 BCL EB . 9.78 7.90 10.29
C12 BCL EB . 8.45 8.50 9.85
C13 BCL EB . 7.52 8.63 11.05
C14 BCL EB . 6.58 7.44 11.14
C15 BCL EB . 6.76 9.96 10.93
C16 BCL EB . 6.63 10.60 12.30
C17 BCL EB . 7.99 10.72 12.97
C18 BCL EB . 8.07 11.98 13.84
C19 BCL EB . 9.48 12.17 14.38
C20 BCL EB . 7.06 11.95 14.97
FE FE FB . 14.10 -16.46 5.65
C1 CDL GB . -5.27 -31.78 10.38
O1 CDL GB . -4.57 -32.81 11.06
CA2 CDL GB . -5.12 -31.96 8.87
OA2 CDL GB . -6.06 -31.10 8.23
PA1 CDL GB . -7.24 -31.69 7.31
OA3 CDL GB . -6.65 -32.43 6.14
OA4 CDL GB . -8.24 -32.35 8.24
OA5 CDL GB . -7.91 -30.32 6.79
CA3 CDL GB . -7.80 -29.97 5.41
CA4 CDL GB . -8.03 -28.47 5.33
OA6 CDL GB . -9.38 -28.16 5.69
CA5 CDL GB . -10.38 -28.34 4.63
OA7 CDL GB . -10.38 -29.34 3.93
C11 CDL GB . -11.42 -27.28 4.41
C12 CDL GB . -11.18 -26.69 3.02
C13 CDL GB . -12.34 -25.83 2.55
C14 CDL GB . -11.98 -25.17 1.23
C15 CDL GB . -13.14 -25.20 0.26
C16 CDL GB . -13.95 -23.92 0.34
C17 CDL GB . -14.81 -23.76 -0.92
C18 CDL GB . -13.94 -23.67 -2.16
C19 CDL GB . -14.69 -22.96 -3.28
C20 CDL GB . -15.03 -21.52 -2.92
C21 CDL GB . -16.53 -21.27 -3.08
CA6 CDL GB . -7.70 -27.92 3.95
OA8 CDL GB . -6.45 -27.22 4.01
CA7 CDL GB . -6.47 -25.78 4.12
OA9 CDL GB . -6.79 -25.27 5.19
C31 CDL GB . -6.11 -24.90 2.95
C32 CDL GB . -7.00 -23.67 2.98
C33 CDL GB . -7.51 -23.34 1.59
C34 CDL GB . -8.67 -22.37 1.68
C35 CDL GB . -9.45 -22.33 0.38
C36 CDL GB . -8.64 -21.63 -0.69
C37 CDL GB . -8.77 -20.12 -0.58
C38 CDL GB . -9.95 -19.64 -1.41
C39 CDL GB . -10.91 -18.80 -0.58
C40 CDL GB . -10.33 -17.42 -0.34
C41 CDL GB . -11.39 -16.33 -0.41
C42 CDL GB . -12.19 -16.43 -1.70
C43 CDL GB . -13.13 -15.25 -1.86
C44 CDL GB . -14.12 -15.49 -2.99
C45 CDL GB . -15.39 -16.17 -2.51
C46 CDL GB . -16.60 -15.63 -3.24
C47 CDL GB . -16.39 -15.71 -4.74
CB2 CDL GB . -4.75 -30.42 10.83
OB2 CDL GB . -5.68 -29.40 10.47
PB2 CDL GB . -5.39 -27.84 10.74
OB3 CDL GB . -3.98 -27.54 10.30
OB4 CDL GB . -5.86 -27.48 12.13
OB5 CDL GB . -6.41 -27.18 9.68
CB3 CDL GB . -6.93 -25.86 9.82
CB4 CDL GB . -6.76 -25.14 8.48
OB6 CDL GB . -5.41 -24.65 8.43
CB5 CDL GB . -5.10 -23.41 9.13
OB7 CDL GB . -5.67 -23.08 10.17
C51 CDL GB . -4.03 -22.53 8.55
C52 CDL GB . -3.73 -21.33 9.45
C53 CDL GB . -2.84 -20.35 8.69
C54 CDL GB . -2.22 -19.34 9.63
C55 CDL GB . -1.74 -18.10 8.90
C56 CDL GB . -1.21 -17.08 9.91
C57 CDL GB . -0.91 -15.72 9.30
C58 CDL GB . -0.58 -14.69 10.37
C59 CDL GB . 0.90 -14.74 10.79
C60 CDL GB . 1.24 -13.61 11.74
C61 CDL GB . 2.13 -14.09 12.90
C62 CDL GB . 1.93 -13.22 14.14
C63 CDL GB . 2.86 -12.01 14.10
C64 CDL GB . 2.27 -10.82 14.86
C65 CDL GB . 3.27 -9.68 14.87
C66 CDL GB . 2.61 -8.37 15.27
C67 CDL GB . 3.61 -7.24 15.11
CB6 CDL GB . -7.81 -24.04 8.29
OB8 CDL GB . -7.59 -23.31 7.08
CB7 CDL GB . -8.68 -22.59 6.48
OB9 CDL GB . -9.71 -23.18 6.17
C71 CDL GB . -8.55 -21.09 6.25
C72 CDL GB . -8.98 -20.72 4.84
C73 CDL GB . -9.53 -19.29 4.77
C74 CDL GB . -8.52 -18.28 5.31
C75 CDL GB . -8.97 -16.85 5.05
MG BCL HB . 3.38 5.48 -6.59
CHA BCL HB . 6.62 6.20 -5.86
CHB BCL HB . 3.76 2.42 -5.32
CHC BCL HB . 0.13 4.89 -7.36
CHD BCL HB . 2.77 8.89 -7.19
NA BCL HB . 4.93 4.41 -5.91
C1A BCL HB . 6.14 4.79 -5.76
C2A BCL HB . 7.08 3.69 -5.33
C3A BCL HB . 6.16 2.52 -5.18
C4A BCL HB . 4.85 3.15 -5.50
CMA BCL HB . 6.45 1.38 -6.14
CAA BCL HB . 7.67 3.94 -3.96
CBA BCL HB . 8.77 2.95 -3.61
CGA BCL HB . 8.92 2.96 -2.12
O1A BCL HB . 8.83 1.94 -1.47
O2A BCL HB . 9.18 4.21 -1.45
NB BCL HB . 2.10 3.90 -6.35
C1B BCL HB . 2.42 2.70 -5.83
C2B BCL HB . 1.34 1.70 -5.76
C3B BCL HB . 0.24 2.43 -6.39
C4B BCL HB . 0.82 3.76 -6.71
CMB BCL HB . 1.49 0.30 -5.20
CAB BCL HB . -1.17 2.01 -6.64
OBB BCL HB . -1.94 2.77 -7.18
CBB BCL HB . -1.63 0.65 -6.24
NC BCL HB . 1.82 6.59 -7.20
C1C BCL HB . 0.61 6.11 -7.55
C2C BCL HB . -0.27 7.13 -8.20
C3C BCL HB . 0.44 8.41 -7.82
C4C BCL HB . 1.75 7.87 -7.35
CMC BCL HB . -0.21 7.01 -9.71
CAC BCL HB . -0.22 9.20 -6.70
CBC BCL HB . -1.42 9.96 -7.21
ND BCL HB . 4.37 7.26 -6.54
C1D BCL HB . 4.12 8.54 -6.81
C2D BCL HB . 5.32 9.43 -6.63
C3D BCL HB . 6.30 8.43 -6.26
C4D BCL HB . 5.70 7.24 -6.24
CMD BCL HB . 5.68 10.88 -6.75
CAD BCL HB . 7.71 8.26 -5.86
OBD BCL HB . 8.58 9.19 -5.80
CBD BCL HB . 7.96 6.81 -5.65
CGD BCL HB . 8.78 6.33 -6.79
O1D BCL HB . 9.96 6.16 -6.70
O2D BCL HB . 8.10 6.06 -8.05
CED BCL HB . 8.80 6.07 -9.29
C1 BCL HB . 9.27 4.29 -0.04
C2 BCL HB . 10.72 4.43 0.36
C3 BCL HB . 11.35 5.61 0.29
C4 BCL HB . 10.64 6.83 -0.19
C5 BCL HB . 12.79 5.70 0.72
C6 BCL HB . 12.87 6.05 2.20
C7 BCL HB . 14.18 5.55 2.80
C8 BCL HB . 14.93 6.65 3.51
C9 BCL HB . 16.41 6.62 3.16
C10 BCL HB . 14.74 6.45 5.01
C11 BCL HB . 14.68 7.77 5.75
C12 BCL HB . 14.18 7.52 7.17
C13 BCL HB . 14.20 8.78 8.02
C14 BCL HB . 15.53 8.92 8.74
C15 BCL HB . 13.07 8.71 9.03
C16 BCL HB . 12.97 10.00 9.82
C17 BCL HB . 12.54 11.16 8.92
C18 BCL HB . 11.98 12.33 9.72
C19 BCL HB . 10.79 11.89 10.56
C20 BCL HB . 11.58 13.47 8.80
O1D BPH IB . 18.15 0.74 10.29
CGD BPH IB . 17.72 0.29 9.28
O2D BPH IB . 16.88 -0.75 9.22
CED BPH IB . 16.38 -1.24 10.48
CBD BPH IB . 18.02 0.83 7.91
CHA BPH IB . 16.75 1.39 7.29
C4D BPH IB . 16.52 0.64 6.08
C3D BPH IB . 17.48 -0.36 5.88
CAD BPH IB . 18.45 -0.30 6.98
OBD BPH IB . 19.43 -0.98 7.16
C2D BPH IB . 17.14 -1.02 4.69
CMD BPH IB . 17.86 -2.17 4.05
C1D BPH IB . 15.99 -0.40 4.19
ND BPH IB . 15.63 0.60 5.06
CHD BPH IB . 15.25 -0.69 3.05
C4C BPH IB . 14.08 -0.05 2.63
C3C BPH IB . 13.27 -0.39 1.38
CAC BPH IB . 14.06 -0.53 0.08
CBC BPH IB . 14.76 -1.85 -0.07
C2C BPH IB . 12.27 0.76 1.31
CMC BPH IB . 10.82 0.36 1.03
C1C BPH IB . 12.43 1.45 2.65
NC BPH IB . 13.49 0.96 3.35
CHC BPH IB . 11.61 2.47 3.10
C4B BPH IB . 11.63 3.24 4.32
C3B BPH IB . 10.73 4.27 4.68
CAB BPH IB . 9.55 4.74 3.94
CBB BPH IB . 8.59 3.75 3.39
OBB BPH IB . 9.36 5.93 3.76
C2B BPH IB . 11.11 4.75 5.94
CMB BPH IB . 10.45 5.83 6.73
C1B BPH IB . 12.26 4.04 6.33
NB BPH IB . 12.56 3.14 5.33
CHB BPH IB . 12.96 4.23 7.50
C4A BPH IB . 14.15 3.62 7.90
C3A BPH IB . 14.81 3.84 9.25
CMA BPH IB . 13.94 3.33 10.39
C2A BPH IB . 16.15 3.14 9.08
C1A BPH IB . 15.96 2.38 7.78
NA BPH IB . 14.86 2.77 7.09
CAA BPH IB . 17.31 4.13 8.99
CBA BPH IB . 17.23 5.10 10.16
CGA BPH IB . 18.08 6.31 9.94
O1A BPH IB . 18.70 6.57 8.95
O2A BPH IB . 18.08 7.10 11.00
C1 BPH IB . 18.91 8.26 10.95
C2 BPH IB . 18.94 8.93 12.28
C3 BPH IB . 17.93 9.61 12.82
C4 BPH IB . 16.60 9.77 12.14
C5 BPH IB . 18.09 10.32 14.13
C6 BPH IB . 16.84 10.39 14.96
C7 BPH IB . 16.47 9.09 15.63
C8 BPH IB . 16.06 9.18 17.10
C9 BPH IB . 14.90 10.16 17.30
C10 BPH IB . 17.24 9.52 18.01
C11 BPH IB . 17.10 9.16 19.46
C12 BPH IB . 18.09 9.86 20.37
C13 BPH IB . 18.46 9.13 21.66
C14 BPH IB . 19.25 7.87 21.39
C15 BPH IB . 17.24 8.86 22.54
C16 BPH IB . 16.50 10.08 23.03
C17 BPH IB . 15.35 9.85 23.98
C18 BPH IB . 15.72 9.72 25.47
C19 BPH IB . 16.30 8.35 25.80
C20 BPH IB . 14.52 10.02 26.35
C1 MQ8 JB . 10.84 -20.09 -0.19
O1 MQ8 JB . 10.62 -19.54 0.89
C2 MQ8 JB . 10.09 -19.65 -1.40
C2M MQ8 JB . 9.09 -18.54 -1.28
C3 MQ8 JB . 10.35 -20.32 -2.70
C4 MQ8 JB . 11.34 -21.41 -2.77
O4 MQ8 JB . 11.53 -21.97 -3.86
C5 MQ8 JB . 12.08 -21.85 -1.57
C6 MQ8 JB . 13.01 -22.87 -1.64
C7 MQ8 JB . 13.69 -23.25 -0.49
C8 MQ8 JB . 13.47 -22.62 0.73
C9 MQ8 JB . 12.53 -21.60 0.85
C10 MQ8 JB . 11.83 -21.18 -0.27
C11 MQ8 JB . 9.62 -19.91 -3.95
C12 MQ8 JB . 10.15 -18.59 -4.46
C13 MQ8 JB . 10.88 -18.44 -5.57
C14 MQ8 JB . 11.26 -19.62 -6.42
C15 MQ8 JB . 11.33 -17.05 -5.94
C16 MQ8 JB . 10.77 -16.67 -7.30
C17 MQ8 JB . 9.28 -16.59 -7.22
C18 MQ8 JB . 8.61 -15.50 -7.61
C19 MQ8 JB . 9.34 -14.31 -8.15
C20 MQ8 JB . 7.10 -15.47 -7.52
C21 MQ8 JB . 6.54 -15.28 -8.92
C22 MQ8 JB . 6.37 -16.64 -9.56
C23 MQ8 JB . 5.85 -16.78 -10.78
C24 MQ8 JB . 5.45 -15.57 -11.57
C25 MQ8 JB . 5.69 -18.15 -11.37
C26 MQ8 JB . 4.28 -18.30 -11.90
C27 MQ8 JB . 4.12 -19.60 -12.66
C28 MQ8 JB . 2.94 -20.21 -12.70
C29 MQ8 JB . 1.76 -19.58 -12.02
C30 MQ8 JB . 2.76 -21.50 -13.45
C31 MQ8 JB . 3.36 -21.36 -14.85
C32 MQ8 JB . 3.47 -22.72 -15.48
C33 MQ8 JB . 2.61 -23.12 -16.42
C34 MQ8 JB . 2.76 -24.49 -17.02
C35 MQ8 JB . 1.52 -22.20 -16.90
C36 MQ8 JB . 0.16 -22.88 -16.82
C37 MQ8 JB . -0.89 -21.94 -17.36
C38 MQ8 JB . -1.70 -22.33 -18.37
C39 MQ8 JB . -1.57 -23.70 -18.96
C40 MQ8 JB . -2.74 -21.36 -18.90
C41 MQ8 JB . -2.11 -20.49 -19.97
C42 MQ8 JB . -2.57 -20.97 -21.34
C43 MQ8 JB . -2.32 -20.25 -22.44
C44 MQ8 JB . -1.55 -18.97 -22.33
C45 MQ8 JB . -2.79 -20.75 -23.77
C46 MQ8 JB . -0.10 -19.13 -22.78
C47 MQ8 JB . 0.54 -20.27 -22.03
C48 MQ8 JB . 1.34 -21.15 -22.65
C49 MQ8 JB . 1.96 -22.29 -21.90
C50 MQ8 JB . 1.63 -20.96 -24.11
C1M CRT KB . 8.55 20.75 18.73
O1 CRT KB . 8.92 19.42 18.38
C1 CRT KB . 9.77 18.72 19.26
C2 CRT KB . 11.09 19.45 19.39
C3 CRT KB . 9.08 18.66 20.63
C4 CRT KB . 9.99 17.31 18.76
C5 CRT KB . 8.92 16.88 17.79
C6 CRT KB . 9.23 16.65 16.52
C7 CRT KB . 8.22 16.20 15.55
C8 CRT KB . 6.85 15.83 16.00
C9 CRT KB . 8.55 16.08 14.26
C10 CRT KB . 7.59 15.59 13.28
C11 CRT KB . 8.10 15.25 12.11
C12 CRT KB . 7.35 14.69 10.97
C13 CRT KB . 5.98 14.11 11.13
C14 CRT KB . 7.96 14.68 9.78
C15 CRT KB . 7.37 14.12 8.57
C16 CRT KB . 8.25 13.86 7.60
C17 CRT KB . 7.94 13.26 6.29
C18 CRT KB . 6.65 12.54 6.03
C19 CRT KB . 8.85 13.36 5.32
C20 CRT KB . 8.59 12.75 4.03
C21 CRT KB . 9.33 13.04 2.96
C22 CRT KB . 10.40 14.02 3.02
C23 CRT KB . 11.44 13.92 2.19
C24 CRT KB . 11.53 12.80 1.20
C25 CRT KB . 12.50 14.94 2.26
C26 CRT KB . 13.46 14.97 1.35
C27 CRT KB . 14.46 16.02 1.47
C28 CRT KB . 15.73 15.82 1.06
C29 CRT KB . 16.18 14.51 0.49
C30 CRT KB . 16.67 16.92 1.22
C31 CRT KB . 17.89 16.88 0.74
C32 CRT KB . 18.66 18.07 1.02
C33 CRT KB . 19.98 18.16 0.98
C34 CRT KB . 20.87 17.00 0.65
C35 CRT KB . 20.55 19.46 1.32
C36 CRT KB . 21.51 20.00 0.60
C37 CRT KB . 22.00 21.34 1.07
C38 CRT KB . 23.11 21.86 0.20
C39 CRT KB . 24.41 21.92 1.00
C40 CRT KB . 23.32 21.02 -1.05
O2 CRT KB . 22.71 23.16 -0.16
C2M CRT KB . 23.66 24.09 -0.66
C1 CDL LB . 30.97 -11.79 -0.58
O1 CDL LB . 31.38 -11.53 -1.92
CA2 CDL LB . 29.48 -12.07 -0.63
OA2 CDL LB . 28.95 -11.43 -1.78
PA1 CDL LB . 27.79 -12.11 -2.65
OA3 CDL LB . 28.27 -13.38 -3.26
OA4 CDL LB . 26.53 -12.11 -1.82
OA5 CDL LB . 27.64 -11.00 -3.80
CA3 CDL LB . 27.67 -11.39 -5.17
CA4 CDL LB . 26.77 -10.47 -5.96
OA6 CDL LB . 26.01 -11.27 -6.86
CA5 CDL LB . 25.60 -10.63 -8.10
OA7 CDL LB . 26.28 -10.75 -9.09
C11 CDL LB . 24.33 -9.81 -8.14
C12 CDL LB . 24.20 -9.13 -9.49
C13 CDL LB . 23.35 -9.96 -10.45
C14 CDL LB . 24.19 -10.53 -11.58
C15 CDL LB . 24.57 -9.45 -12.58
C16 CDL LB . 23.38 -9.04 -13.43
C17 CDL LB . 23.82 -8.16 -14.59
C18 CDL LB . 23.65 -8.86 -15.93
C19 CDL LB . 22.81 -8.00 -16.88
C20 CDL LB . 23.67 -6.92 -17.53
C21 CDL LB . 24.26 -7.45 -18.82
C22 CDL LB . 23.17 -7.79 -19.83
CA6 CDL LB . 27.62 -9.40 -6.63
OA8 CDL LB . 26.99 -8.14 -6.41
CA7 CDL LB . 27.59 -6.90 -6.85
OA9 CDL LB . 28.76 -6.89 -7.18
C31 CDL LB . 26.74 -5.66 -6.90
C32 CDL LB . 25.72 -5.82 -8.03
C33 CDL LB . 26.31 -5.36 -9.36
C34 CDL LB . 25.28 -4.57 -10.14
C35 CDL LB . 24.56 -3.58 -9.23
C36 CDL LB . 23.81 -2.52 -10.03
C37 CDL LB . 22.40 -2.32 -9.48
C38 CDL LB . 21.85 -0.96 -9.87
C39 CDL LB . 21.64 -0.83 -11.38
C40 CDL LB . 20.59 -1.80 -11.86
C41 CDL LB . 19.68 -1.19 -12.91
C42 CDL LB . 20.48 -0.57 -14.04
C43 CDL LB . 19.76 -0.80 -15.36
C44 CDL LB . 20.25 0.18 -16.42
C45 CDL LB . 19.96 1.61 -16.02
C46 CDL LB . 18.47 1.89 -15.92
CB2 CDL LB . 31.22 -10.57 0.28
OB2 CDL LB . 30.51 -9.48 -0.30
PB2 CDL LB . 30.74 -7.98 0.21
OB3 CDL LB . 32.14 -7.56 -0.15
OB4 CDL LB . 30.27 -7.85 1.62
OB5 CDL LB . 29.73 -7.18 -0.75
CB3 CDL LB . 28.31 -7.32 -0.60
CB4 CDL LB . 27.69 -6.77 -1.87
OB6 CDL LB . 28.02 -5.39 -1.98
CB5 CDL LB . 28.89 -5.11 -3.11
OB7 CDL LB . 29.42 -6.04 -3.68
C51 CDL LB . 29.12 -3.69 -3.55
C52 CDL LB . 27.97 -3.20 -4.42
C53 CDL LB . 28.15 -1.74 -4.82
C54 CDL LB . 27.10 -1.32 -5.85
C55 CDL LB . 27.25 0.16 -6.22
C56 CDL LB . 26.24 0.56 -7.28
CB6 CDL LB . 26.17 -6.94 -1.87
OB8 CDL LB . 25.61 -5.76 -2.43
CB7 CDL LB . 24.74 -5.84 -3.59
OB9 CDL LB . 24.38 -6.94 -3.96
C71 CDL LB . 24.33 -4.59 -4.33
C72 CDL LB . 22.86 -4.30 -4.10
C73 CDL LB . 22.61 -2.80 -3.95
C74 CDL LB . 23.13 -2.04 -5.15
C75 CDL LB . 22.37 -0.73 -5.33
C76 CDL LB . 22.86 0.34 -4.37
C77 CDL LB . 23.42 1.53 -5.13
C78 CDL LB . 22.55 2.76 -4.97
C79 CDL LB . 22.67 3.69 -6.18
C80 CDL LB . 22.39 2.95 -7.48
C81 CDL LB . 21.84 3.86 -8.57
C82 CDL LB . 21.59 3.07 -9.85
C83 CDL LB . 20.48 3.70 -10.68
C84 CDL LB . 20.86 5.09 -11.16
C1 CDL MB . 0.33 -20.63 21.16
O1 CDL MB . 1.66 -20.09 21.11
CA2 CDL MB . -0.02 -21.36 19.88
OA2 CDL MB . -0.47 -20.43 18.91
PA1 CDL MB . -1.08 -20.93 17.51
OA3 CDL MB . 0.07 -21.12 16.56
OA4 CDL MB . -2.05 -22.06 17.77
OA5 CDL MB . -1.93 -19.64 17.04
CA3 CDL MB . -3.32 -19.55 17.26
CA4 CDL MB . -3.65 -18.08 17.53
OA6 CDL MB . -4.85 -17.94 18.27
CA5 CDL MB . -4.66 -16.96 19.33
OA7 CDL MB . -4.05 -17.29 20.34
C11 CDL MB . -5.16 -15.55 19.18
C12 CDL MB . -4.67 -14.72 20.36
C13 CDL MB . -4.08 -13.39 19.92
C14 CDL MB . -5.15 -12.47 19.33
C15 CDL MB . -4.58 -11.09 18.99
C16 CDL MB . -4.34 -10.25 20.25
CA6 CDL MB . -3.84 -17.39 16.19
OA8 CDL MB . -5.00 -18.00 15.61
CA7 CDL MB . -4.93 -18.54 14.27
OA9 CDL MB . -3.87 -18.97 13.84
C31 CDL MB . -6.18 -18.59 13.42
C32 CDL MB . -5.74 -18.75 11.96
C33 CDL MB . -6.61 -17.91 11.04
C34 CDL MB . -6.40 -18.28 9.58
C35 CDL MB . -7.66 -18.88 8.97
C36 CDL MB . -8.13 -20.11 9.74
C37 CDL MB . -9.53 -19.92 10.29
CB2 CDL MB . -0.63 -19.47 21.38
OB2 CDL MB . -0.03 -18.58 22.32
PB2 CDL MB . -0.92 -18.04 23.54
OB3 CDL MB . -0.27 -18.40 24.84
OB4 CDL MB . -2.33 -18.51 23.23
OB5 CDL MB . -0.86 -16.45 23.34
CB3 CDL MB . -1.68 -15.58 24.11
CB4 CDL MB . -1.73 -14.21 23.45
OB6 CDL MB . -0.43 -13.62 23.54
CB5 CDL MB . -0.19 -12.47 22.67
OB7 CDL MB . -0.74 -11.40 22.91
C51 CDL MB . 0.72 -12.58 21.48
C52 CDL MB . 1.28 -11.23 21.08
C53 CDL MB . 0.32 -10.42 20.20
C54 CDL MB . 0.99 -9.17 19.68
C55 CDL MB . 0.00 -8.28 18.92
CB6 CDL MB . -2.76 -13.40 24.20
OB8 CDL MB . -2.18 -12.77 25.35
CB7 CDL MB . -3.05 -11.95 26.17
OB9 CDL MB . -4.11 -12.42 26.54
C71 CDL MB . -2.65 -10.54 26.50
C72 CDL MB . -2.55 -9.72 25.21
C73 CDL MB . -3.92 -9.27 24.72
C74 CDL MB . -3.85 -7.86 24.16
C75 CDL MB . -5.17 -7.44 23.53
C76 CDL MB . -5.10 -5.99 23.08
C1 CDL NB . 3.54 -8.35 30.50
O1 CDL NB . 3.30 -8.19 29.10
CA2 CDL NB . 3.00 -7.12 31.23
OA2 CDL NB . 3.41 -7.17 32.59
PA1 CDL NB . 2.77 -6.15 33.66
OA3 CDL NB . 1.38 -6.62 34.03
OA4 CDL NB . 3.81 -5.90 34.73
OA5 CDL NB . 2.61 -4.80 32.81
CA3 CDL NB . 1.92 -3.69 33.37
CA4 CDL NB . 2.11 -2.49 32.45
OA6 CDL NB . 3.45 -2.47 31.98
CA5 CDL NB . 3.61 -1.80 30.70
OA7 CDL NB . 3.30 -0.63 30.57
C11 CDL NB . 4.14 -2.57 29.51
C12 CDL NB . 3.13 -3.64 29.10
C13 CDL NB . 2.09 -3.09 28.12
C14 CDL NB . 1.30 -4.23 27.50
C15 CDL NB . 0.10 -3.74 26.69
C16 CDL NB . 0.50 -3.17 25.33
C17 CDL NB . -0.73 -2.76 24.52
CA6 CDL NB . 1.75 -1.23 33.24
OA8 CDL NB . 0.67 -0.55 32.60
CA7 CDL NB . -0.35 0.13 33.39
OA9 CDL NB . -0.35 -0.05 34.60
C31 CDL NB . -1.39 0.99 32.74
C32 CDL NB . -0.72 2.08 31.91
C33 CDL NB . -1.71 2.71 30.94
C34 CDL NB . -3.04 3.04 31.63
CB2 CDL NB . 5.03 -8.51 30.74
OB2 CDL NB . 5.74 -7.42 30.17
PB2 CDL NB . 7.13 -7.66 29.41
OB3 CDL NB . 6.85 -7.61 27.94
OB4 CDL NB . 7.78 -8.89 30.01
OB5 CDL NB . 8.03 -6.39 29.78
CB3 CDL NB . 7.44 -5.11 29.98
CB4 CDL NB . 7.81 -4.20 28.80
OB6 CDL NB . 7.78 -4.99 27.62
CB5 CDL NB . 7.08 -4.32 26.53
OB7 CDL NB . 6.04 -3.73 26.75
C51 CDL NB . 7.68 -4.35 25.14
C52 CDL NB . 6.83 -3.49 24.22
C53 CDL NB . 7.28 -3.63 22.77
C54 CDL NB . 6.21 -3.04 21.86
CB6 CDL NB . 9.23 -3.68 28.97
OB8 CDL NB . 9.39 -2.52 28.15
CB7 CDL NB . 10.55 -2.39 27.29
OB9 CDL NB . 11.13 -3.40 26.92
C71 CDL NB . 11.03 -1.02 26.86
C72 CDL NB . 11.70 -1.08 25.49
C73 CDL NB . 10.66 -1.30 24.40
P PGV OB . 16.68 23.57 -20.72
C01 PGV OB . 19.56 21.11 -19.20
C02 PGV OB . 18.10 20.89 -18.83
C03 PGV OB . 17.44 22.25 -18.55
C04 PGV OB . 17.80 22.83 -22.99
C05 PGV OB . 18.50 21.54 -23.40
C06 PGV OB . 17.75 20.91 -24.57
O01 PGV OB . 17.97 20.01 -17.71
O02 PGV OB . 15.89 19.19 -17.10
O03 PGV OB . 20.20 19.86 -19.47
O04 PGV OB . 21.22 20.42 -21.44
O05 PGV OB . 18.48 20.65 -22.28
O06 PGV OB . 17.94 21.74 -25.73
O11 PGV OB . 16.48 22.44 -19.58
O12 PGV OB . 17.86 22.90 -21.57
O13 PGV OB . 17.20 24.85 -20.07
O14 PGV OB . 15.41 23.58 -21.53
C1 PGV OB . 16.83 19.15 -17.90
C2 PGV OB . 16.79 18.19 -19.07
C3 PGV OB . 17.26 16.83 -18.60
C4 PGV OB . 18.68 16.93 -18.10
C5 PGV OB . 18.95 15.89 -17.02
C6 PGV OB . 18.55 14.49 -17.49
C7 PGV OB . 19.20 13.48 -16.57
C8 PGV OB . 18.88 12.07 -17.02
C9 PGV OB . 17.46 11.74 -16.61
C10 PGV OB . 17.43 10.35 -16.01
C11 PGV OB . 18.45 10.25 -14.91
C12 PGV OB . 19.19 9.15 -14.78
C13 PGV OB . 19.01 8.00 -15.75
C14 PGV OB . 19.98 8.18 -16.90
C15 PGV OB . 20.06 6.95 -17.81
C16 PGV OB . 21.03 5.93 -17.22
C17 PGV OB . 21.08 4.68 -18.07
C18 PGV OB . 22.51 4.15 -18.16
C19 PGV OB . 21.30 19.78 -20.41
C20 PGV OB . 22.53 18.96 -20.11
C21 PGV OB . 22.19 17.50 -19.83
C22 PGV OB . 22.15 17.24 -18.34
C23 PGV OB . 23.54 17.05 -17.75
C24 PGV OB . 23.42 16.52 -16.33
C25 PGV OB . 22.67 15.19 -16.30
C26 PGV OB . 23.22 14.35 -15.16
C27 PGV OB . 22.31 13.15 -14.88
C28 PGV OB . 22.76 12.47 -13.60
C29 PGV OB . 21.56 12.02 -12.77
C30 PGV OB . 22.05 11.36 -11.50
C31 PGV OB . 22.90 10.15 -11.81
C32 PGV OB . 22.10 8.86 -11.70
C33 PGV OB . 21.73 8.58 -10.24
C34 PGV OB . 22.97 8.46 -9.38
C1B LMT PB . 9.65 -6.02 33.82
C2B LMT PB . 10.96 -6.46 33.16
C3B LMT PB . 10.75 -7.69 32.30
C4B LMT PB . 9.74 -8.60 32.97
C5B LMT PB . 8.39 -7.90 32.97
C6B LMT PB . 7.53 -8.33 34.14
O1B LMT PB . 9.68 -4.59 33.96
O2B LMT PB . 11.48 -5.41 32.35
O3B LMT PB . 12.00 -8.39 32.09
O4' LMT PB . 9.66 -9.85 32.29
O5B LMT PB . 8.54 -6.47 33.03
O6B LMT PB . 6.19 -7.94 33.89
C1' LMT PB . 7.41 -1.28 33.66
C2' LMT PB . 6.56 -2.52 33.53
C3' LMT PB . 7.38 -3.72 33.98
C4' LMT PB . 8.73 -3.80 33.24
C5' LMT PB . 9.40 -2.44 33.09
C6' LMT PB . 10.52 -2.51 32.06
O1' LMT PB . 6.65 -0.10 33.42
O2' LMT PB . 5.40 -2.42 34.34
O3' LMT PB . 6.57 -4.87 33.74
O5' LMT PB . 8.48 -1.39 32.73
O6' LMT PB . 11.40 -1.37 32.19
C1 LMT PB . 7.24 1.02 34.07
C2 LMT PB . 6.19 1.74 34.89
C3 LMT PB . 5.95 3.16 34.38
C4 LMT PB . 5.29 3.16 33.01
C5 LMT PB . 4.02 4.01 33.02
C6 LMT PB . 4.33 5.49 33.23
C7 LMT PB . 3.27 6.16 34.10
C8 LMT PB . 3.36 7.68 34.06
C9 LMT PB . 2.93 8.24 32.71
C10 LMT PB . 1.43 8.04 32.53
C11 LMT PB . 0.96 8.51 31.15
C12 LMT PB . 1.72 7.80 30.05
C1 CDL QB . 18.48 -32.69 -22.64
O1 CDL QB . 18.97 -33.22 -21.40
CA2 CDL QB . 18.16 -31.21 -22.47
OA2 CDL QB . 17.18 -31.02 -21.46
PA1 CDL QB . 17.51 -30.01 -20.27
OA3 CDL QB . 19.00 -29.90 -20.19
OA4 CDL QB . 16.72 -30.40 -19.05
OA5 CDL QB . 16.86 -28.64 -20.80
CA3 CDL QB . 17.65 -27.77 -21.58
CA4 CDL QB . 17.08 -26.36 -21.51
OA6 CDL QB . 15.70 -26.34 -21.87
CA5 CDL QB . 14.91 -25.64 -20.86
OA7 CDL QB . 14.85 -26.12 -19.74
C11 CDL QB . 14.22 -24.33 -21.15
C12 CDL QB . 13.21 -24.08 -20.04
C13 CDL QB . 12.90 -22.59 -19.88
C14 CDL QB . 13.84 -21.94 -18.85
C15 CDL QB . 13.69 -20.42 -18.83
C16 CDL QB . 14.72 -19.79 -17.88
C17 CDL QB . 14.80 -18.28 -18.05
C18 CDL QB . 15.84 -17.69 -17.11
CA6 CDL QB . 17.87 -25.51 -22.49
OA8 CDL QB . 17.01 -24.48 -22.99
CA7 CDL QB . 17.56 -23.44 -23.83
OA9 CDL QB . 18.67 -23.60 -24.31
C31 CDL QB . 16.75 -22.20 -24.11
CB2 CDL QB . 17.22 -33.44 -23.03
OB2 CDL QB . 16.55 -32.73 -24.06
PB2 CDL QB . 15.76 -33.58 -25.17
OB3 CDL QB . 15.78 -35.03 -24.78
OB4 CDL QB . 16.24 -33.14 -26.54
OB5 CDL QB . 14.28 -33.00 -24.97
CB3 CDL QB . 13.23 -33.30 -25.86
CB4 CDL QB . 12.64 -31.97 -26.29
OB6 CDL QB . 13.23 -31.64 -27.54
CB5 CDL QB . 12.51 -30.66 -28.31
OB7 CDL QB . 11.47 -30.21 -27.89
C51 CDL QB . 13.09 -30.19 -29.63
C52 CDL QB . 12.20 -29.11 -30.24
C53 CDL QB . 12.44 -27.78 -29.54
C54 CDL QB . 11.57 -26.68 -30.13
C55 CDL QB . 11.51 -25.49 -29.19
C56 CDL QB . 10.56 -24.44 -29.73
C57 CDL QB . 9.84 -23.66 -28.63
C58 CDL QB . 9.45 -22.28 -29.10
C59 CDL QB . 8.69 -21.48 -28.04
C60 CDL QB . 8.47 -20.04 -28.46
C61 CDL QB . 7.98 -19.15 -27.31
C62 CDL QB . 6.49 -19.32 -27.03
C63 CDL QB . 6.25 -20.23 -25.83
C64 CDL QB . 4.78 -20.65 -25.72
CB6 CDL QB . 13.03 -30.92 -25.27
OB8 CDL QB . 11.90 -30.19 -24.81
CB7 CDL QB . 11.93 -28.74 -24.90
OB9 CDL QB . 12.14 -28.21 -25.97
C71 CDL QB . 11.72 -27.89 -23.66
C72 CDL QB . 11.87 -26.43 -24.06
C73 CDL QB . 10.59 -25.64 -23.80
C74 CDL QB . 10.56 -24.38 -24.66
C75 CDL QB . 9.30 -23.54 -24.43
C76 CDL QB . 8.06 -24.42 -24.49
C77 CDL QB . 6.91 -23.72 -25.19
C78 CDL QB . 5.60 -24.43 -24.89
C79 CDL QB . 5.34 -24.45 -23.39
P PGV RB . 8.21 0.96 -27.10
C01 PGV RB . 7.08 -0.91 -24.24
C02 PGV RB . 7.09 0.50 -23.70
C03 PGV RB . 8.21 1.23 -24.42
C04 PGV RB . 6.30 -0.30 -28.47
C05 PGV RB . 5.39 -1.48 -28.25
C06 PGV RB . 3.93 -1.08 -28.50
O01 PGV RB . 7.27 0.47 -22.28
O02 PGV RB . 5.06 -0.22 -22.12
O03 PGV RB . 8.28 -1.58 -23.90
O04 PGV RB . 7.70 -3.34 -25.28
O05 PGV RB . 5.51 -1.90 -26.88
O06 PGV RB . 3.40 -0.51 -27.30
O11 PGV RB . 7.68 1.57 -25.70
O12 PGV RB . 7.15 -0.22 -27.33
O13 PGV RB . 9.56 0.34 -26.88
O14 PGV RB . 8.05 1.99 -28.16
C1 PGV RB . 6.09 0.02 -21.54
C2 PGV RB . 6.15 -0.15 -20.04
C3 PGV RB . 6.54 -1.57 -19.67
C4 PGV RB . 6.29 -1.83 -18.19
C5 PGV RB . 6.61 -3.27 -17.83
C6 PGV RB . 5.54 -3.92 -16.95
C7 PGV RB . 5.80 -5.43 -16.85
C8 PGV RB . 4.63 -6.20 -16.27
C9 PGV RB . 3.64 -6.66 -17.34
C10 PGV RB . 4.20 -7.78 -18.19
C19 PGV RB . 8.42 -2.95 -24.36
C20 PGV RB . 9.40 -3.87 -23.70
C21 PGV RB . 8.84 -5.28 -23.74
C22 PGV RB . 9.47 -6.13 -22.65
C23 PGV RB . 8.58 -6.11 -21.42
C24 PGV RB . 7.96 -7.48 -21.21
C25 PGV RB . 7.67 -7.69 -19.74
C26 PGV RB . 8.17 -9.05 -19.28
C27 PGV RB . 9.68 -9.04 -19.09
C1 CDL SB . 14.40 -29.68 -17.07
O1 CDL SB . 13.99 -29.05 -18.29
CA2 CDL SB . 13.23 -30.42 -16.44
OA2 CDL SB . 12.74 -31.36 -17.37
PA1 CDL SB . 11.32 -32.06 -17.10
OA3 CDL SB . 11.48 -33.56 -17.03
OA4 CDL SB . 10.67 -31.32 -15.97
OA5 CDL SB . 10.53 -31.73 -18.46
CA3 CDL SB . 9.14 -31.45 -18.38
CA4 CDL SB . 8.46 -31.66 -19.71
OA6 CDL SB . 7.29 -30.83 -19.77
CA5 CDL SB . 6.50 -30.84 -18.56
OA7 CDL SB . 6.17 -31.89 -18.02
C11 CDL SB . 6.10 -29.54 -17.92
C12 CDL SB . 5.34 -28.69 -18.92
C13 CDL SB . 4.26 -27.89 -18.20
C14 CDL SB . 3.25 -28.84 -17.56
C15 CDL SB . 2.05 -28.07 -17.02
C16 CDL SB . 1.03 -29.03 -16.41
C17 CDL SB . 0.48 -28.46 -15.11
C18 CDL SB . -0.83 -29.12 -14.72
C19 CDL SB . -1.61 -28.24 -13.75
C20 CDL SB . -0.72 -27.59 -12.70
C21 CDL SB . -0.93 -26.08 -12.67
C22 CDL SB . 0.15 -25.35 -13.46
CA6 CDL SB . 8.10 -33.12 -19.95
OA8 CDL SB . 6.78 -33.18 -20.48
CA7 CDL SB . 6.08 -34.44 -20.60
OA9 CDL SB . 6.68 -35.44 -20.97
C31 CDL SB . 4.61 -34.50 -20.26
C32 CDL SB . 4.04 -35.90 -20.49
C33 CDL SB . 2.68 -36.05 -19.81
C34 CDL SB . 1.75 -36.96 -20.58
CB2 CDL SB . 14.86 -28.62 -16.09
OB2 CDL SB . 14.17 -27.39 -16.28
PB2 CDL SB . 14.23 -26.32 -15.09
OB3 CDL SB . 13.11 -26.62 -14.13
OB4 CDL SB . 15.65 -26.27 -14.59
OB5 CDL SB . 13.91 -24.91 -15.81
CB3 CDL SB . 13.96 -23.71 -15.06
CB4 CDL SB . 12.68 -22.93 -15.34
OB6 CDL SB . 12.37 -22.03 -14.28
CB5 CDL SB . 12.00 -20.73 -14.80
OB7 CDL SB . 12.74 -20.21 -15.62
C51 CDL SB . 10.73 -20.04 -14.38
C52 CDL SB . 11.01 -18.78 -13.57
C53 CDL SB . 11.34 -17.60 -14.47
C54 CDL SB . 10.47 -16.41 -14.12
C55 CDL SB . 10.59 -16.06 -12.65
C56 CDL SB . 9.60 -14.97 -12.25
C57 CDL SB . 9.94 -13.66 -12.92
C58 CDL SB . 9.26 -12.50 -12.20
C59 CDL SB . 9.96 -11.20 -12.57
C60 CDL SB . 9.54 -10.05 -11.66
CB6 CDL SB . 11.58 -23.97 -15.48
OB8 CDL SB . 10.32 -23.38 -15.19
CB7 CDL SB . 9.15 -24.21 -15.30
OB9 CDL SB . 9.27 -25.41 -15.13
C71 CDL SB . 7.82 -23.57 -15.65
C72 CDL SB . 7.71 -22.28 -14.86
C73 CDL SB . 6.93 -21.20 -15.60
C74 CDL SB . 7.80 -20.50 -16.63
C75 CDL SB . 7.41 -19.04 -16.81
C76 CDL SB . 6.83 -18.44 -15.53
C77 CDL SB . 7.08 -16.95 -15.44
C78 CDL SB . 6.28 -16.15 -16.46
C79 CDL SB . 5.36 -15.17 -15.75
C80 CDL SB . 5.05 -13.93 -16.59
C81 CDL SB . 6.29 -13.09 -16.89
C82 CDL SB . 7.12 -12.81 -15.65
C83 CDL SB . 6.94 -11.38 -15.14
C84 CDL SB . 7.46 -10.35 -16.13
C85 CDL SB . 7.12 -8.93 -15.70
C86 CDL SB . 7.94 -8.51 -14.49
C87 CDL SB . 9.41 -8.42 -14.84
P PGV TB . 20.60 19.62 -27.57
C01 PGV TB . 20.41 17.96 -23.65
C02 PGV TB . 21.82 18.37 -24.07
C03 PGV TB . 21.80 19.36 -25.23
C04 PGV TB . 18.22 19.08 -28.66
C05 PGV TB . 17.23 17.92 -28.56
C06 PGV TB . 16.03 18.18 -29.46
O01 PGV TB . 22.51 17.18 -24.44
O02 PGV TB . 24.68 17.97 -24.46
O03 PGV TB . 20.48 16.70 -22.98
O04 PGV TB . 18.29 16.23 -23.48
O05 PGV TB . 16.77 17.81 -27.21
O06 PGV TB . 15.33 16.95 -29.72
O11 PGV TB . 20.70 19.06 -26.08
O12 PGV TB . 19.47 18.62 -28.14
O13 PGV TB . 21.91 19.33 -28.27
O14 PGV TB . 20.07 21.03 -27.55
C1 PGV TB . 23.87 17.23 -23.93
C2 PGV TB . 24.27 16.37 -22.75
C3 PGV TB . 23.65 14.99 -22.86
C4 PGV TB . 23.04 14.55 -21.55
C5 PGV TB . 24.08 14.39 -20.45
C6 PGV TB . 24.47 12.92 -20.28
C7 PGV TB . 23.47 12.16 -19.42
C8 PGV TB . 23.91 10.71 -19.29
C9 PGV TB . 22.78 9.84 -18.74
C19 PGV TB . 19.29 15.88 -22.87
C20 PGV TB . 19.29 14.62 -22.02
C21 PGV TB . 19.91 13.48 -22.81
C22 PGV TB . 20.30 12.33 -21.89
C23 PGV TB . 21.00 11.20 -22.65
C24 PGV TB . 20.83 9.88 -21.90
C25 PGV TB . 21.85 8.83 -22.33
C26 PGV TB . 21.44 7.45 -21.85
C27 PGV TB . 20.60 6.78 -22.92
C28 PGV TB . 20.15 5.39 -22.45
C29 PGV TB . 21.34 4.53 -22.06
C30 PGV TB . 21.89 3.78 -23.26
C31 PGV TB . 20.80 2.98 -23.96
C32 PGV TB . 20.75 1.55 -23.46
C33 PGV TB . 19.80 0.73 -24.31
C34 PGV TB . 20.43 -0.58 -24.72
C1B LMT UB . 25.83 -18.17 -19.07
C2B LMT UB . 26.62 -19.46 -18.87
C3B LMT UB . 26.48 -19.90 -17.44
C4B LMT UB . 27.12 -18.78 -16.63
C5B LMT UB . 26.23 -17.54 -16.75
C6B LMT UB . 27.12 -16.34 -17.02
O1B LMT UB . 24.78 -18.53 -19.94
O2B LMT UB . 26.11 -20.46 -19.76
O3B LMT UB . 27.15 -21.14 -17.22
O4' LMT UB . 27.36 -19.16 -15.28
O5B LMT UB . 25.31 -17.67 -17.83
O6B LMT UB . 26.34 -15.28 -17.58
C1' LMT UB . 21.58 -17.08 -21.64
C2' LMT UB . 22.93 -16.42 -21.53
C3' LMT UB . 23.45 -16.51 -20.10
C4' LMT UB . 23.52 -17.96 -19.63
C5' LMT UB . 22.48 -18.84 -20.28
C6' LMT UB . 22.12 -20.00 -19.36
O1' LMT UB . 20.58 -16.05 -21.55
O2' LMT UB . 23.87 -17.01 -22.43
O3' LMT UB . 22.59 -15.74 -19.27
O5' LMT UB . 21.34 -18.04 -20.60
O6' LMT UB . 23.26 -20.86 -19.16
C1 LMT UB . 19.34 -16.44 -22.10
C2 LMT UB . 18.43 -15.22 -22.04
C3 LMT UB . 17.31 -15.38 -21.01
C4 LMT UB . 16.59 -14.05 -20.84
C5 LMT UB . 16.25 -13.42 -22.19
C6 LMT UB . 15.17 -14.21 -22.90
C7 LMT UB . 14.43 -13.35 -23.93
C1B LMT VB . -10.98 -35.62 7.71
C2B LMT VB . -10.12 -36.09 8.88
C3B LMT VB . -8.66 -35.72 8.68
C4B LMT VB . -8.19 -36.23 7.34
C5B LMT VB . -9.08 -35.62 6.25
C6B LMT VB . -8.62 -36.09 4.87
O1B LMT VB . -11.10 -34.20 7.72
O2B LMT VB . -10.60 -35.54 10.11
O3B LMT VB . -7.88 -36.32 9.72
O4' LMT VB . -6.81 -35.90 7.13
O5B LMT VB . -10.42 -36.05 6.46
O6B LMT VB . -8.07 -37.40 5.01
C1' LMT VB . -14.01 -31.50 6.58
C2' LMT VB . -14.53 -32.75 7.28
C3' LMT VB . -13.48 -33.78 7.68
C4' LMT VB . -12.17 -33.73 6.89
C5' LMT VB . -11.84 -32.34 6.39
C6' LMT VB . -10.64 -32.35 5.45
O1' LMT VB . -15.10 -30.94 5.86
O2' LMT VB . -15.19 -32.28 8.46
O3' LMT VB . -14.07 -35.07 7.45
O5' LMT VB . -12.96 -31.83 5.68
O6' LMT VB . -10.98 -33.03 4.24
C1 LMT VB . -14.74 -29.77 5.11
C2 LMT VB . -15.94 -29.30 4.30
C3 LMT VB . -15.71 -27.89 3.81
C4 LMT VB . -16.99 -27.23 3.32
C5 LMT VB . -17.16 -27.33 1.80
C6 LMT VB . -17.78 -28.67 1.40
C7 LMT VB . -18.07 -28.73 -0.09
C8 LMT VB . -18.11 -30.17 -0.61
C9 LMT VB . -18.61 -30.21 -2.05
C10 LMT VB . -20.03 -29.67 -2.15
C11 LMT VB . -20.42 -29.35 -3.59
C12 LMT VB . -19.66 -28.14 -4.09
C1B LMT WB . -8.70 -21.57 30.35
C2B LMT WB . -8.51 -21.38 31.85
C3B LMT WB . -9.10 -22.55 32.64
C4B LMT WB . -8.65 -23.92 32.12
C5B LMT WB . -8.33 -23.91 30.62
C6B LMT WB . -8.67 -25.26 30.02
O1B LMT WB . -7.52 -21.20 29.62
O2B LMT WB . -7.12 -21.22 32.17
O3B LMT WB . -10.53 -22.47 32.62
O4' LMT WB . -7.49 -24.33 32.85
O5B LMT WB . -9.11 -22.89 30.00
O6B LMT WB . -8.62 -25.21 28.59
C1' LMT WB . -6.27 -17.97 27.36
C2' LMT WB . -6.65 -17.66 28.81
C3' LMT WB . -6.67 -18.95 29.59
C4' LMT WB . -7.67 -19.93 28.97
C5' LMT WB . -7.47 -20.07 27.47
C6' LMT WB . -8.70 -20.74 26.86
O1' LMT WB . -6.19 -16.73 26.66
O2' LMT WB . -5.73 -16.73 29.37
O3' LMT WB . -7.05 -18.67 30.94
O5' LMT WB . -7.30 -18.80 26.82
O6' LMT WB . -8.69 -20.60 25.43
C1 LMT WB . -5.48 -16.81 25.43
C2 LMT WB . -5.97 -15.68 24.54
C3 LMT WB . -6.32 -14.46 25.37
MG BCL XB . -23.44 -27.55 -28.85
CHA BCL XB . -21.01 -29.75 -29.78
CHB BCL XB . -23.11 -28.56 -25.69
CHC BCL XB . -25.73 -25.19 -27.97
CHD BCL XB . -23.39 -26.13 -32.07
NA BCL XB . -22.41 -29.00 -27.91
C1A BCL XB . -21.53 -29.82 -28.39
C2A BCL XB . -21.04 -30.85 -27.41
C3A BCL XB . -21.92 -30.59 -26.21
C4A BCL XB . -22.54 -29.30 -26.61
CMA BCL XB . -22.97 -31.66 -26.02
CAA BCL XB . -19.57 -30.71 -27.00
CBA BCL XB . -19.05 -32.10 -26.64
CGA BCL XB . -17.83 -32.08 -25.74
O1A BCL XB . -17.46 -31.07 -25.18
O2A BCL XB . -17.09 -33.33 -25.54
NB BCL XB . -24.28 -26.93 -27.10
C1B BCL XB . -24.07 -27.46 -25.90
C2B BCL XB . -24.79 -26.88 -24.75
C3B BCL XB . -25.60 -25.86 -25.45
C4B BCL XB . -25.20 -26.00 -26.87
CMB BCL XB . -24.67 -27.31 -23.33
CAB BCL XB . -26.58 -24.87 -24.91
OBB BCL XB . -26.93 -23.93 -25.59
CBB BCL XB . -27.14 -25.05 -23.53
NC BCL XB . -24.42 -26.06 -29.79
C1C BCL XB . -25.35 -25.26 -29.24
C2C BCL XB . -26.02 -24.32 -30.19
C3C BCL XB . -25.24 -24.58 -31.44
C4C BCL XB . -24.31 -25.67 -31.01
CMC BCL XB . -27.50 -24.64 -30.38
CAC BCL XB . -24.46 -23.33 -31.84
CBC BCL XB . -24.69 -22.96 -33.27
ND BCL XB . -22.45 -27.76 -30.62
C1D BCL XB . -22.48 -27.24 -31.85
C2D BCL XB . -21.51 -27.87 -32.79
C3D BCL XB . -20.93 -28.89 -31.90
C4D BCL XB . -21.54 -28.78 -30.71
CMD BCL XB . -21.07 -27.70 -34.22
CAD BCL XB . -19.95 -29.99 -31.84
OBD BCL XB . -19.20 -30.39 -32.80
CBD BCL XB . -19.98 -30.58 -30.46
CGD BCL XB . -20.33 -32.03 -30.51
O1D BCL XB . -21.42 -32.40 -30.91
O2D BCL XB . -19.36 -33.02 -30.09
CED BCL XB . -19.70 -34.40 -30.11
C1 BCL XB . -16.72 -33.86 -24.26
C2 BCL XB . -17.28 -35.27 -24.12
C3 BCL XB . -16.55 -36.37 -24.34
C4 BCL XB . -15.11 -36.23 -24.73
C5 BCL XB . -17.13 -37.76 -24.19
C6 BCL XB . -16.45 -38.71 -25.19
C7 BCL XB . -17.05 -40.11 -25.14
C8 BCL XB . -16.73 -40.90 -26.40
C9 BCL XB . -17.59 -40.44 -27.56
C10 BCL XB . -16.86 -42.40 -26.12
C11 BCL XB . -17.94 -43.05 -26.98
C12 BCL XB . -17.92 -44.57 -26.86
C13 BCL XB . -18.22 -45.19 -28.21
C14 BCL XB . -19.71 -45.53 -28.35
C15 BCL XB . -17.36 -46.42 -28.42
C16 BCL XB . -17.83 -47.60 -27.58
C17 BCL XB . -17.19 -48.88 -28.07
C18 BCL XB . -16.47 -49.60 -26.94
C19 BCL XB . -15.08 -50.04 -27.39
C20 BCL XB . -17.28 -50.80 -26.45
C1M CRT YB . -7.95 -51.30 -18.77
O1 CRT YB . -8.26 -50.98 -20.13
C1 CRT YB . -7.20 -51.04 -21.07
C2 CRT YB . -6.97 -52.32 -21.86
C3 CRT YB . -6.44 -49.76 -21.43
C4 CRT YB . -8.25 -50.71 -22.14
C5 CRT YB . -9.16 -49.56 -21.78
C6 CRT YB . -9.43 -48.69 -22.75
C7 CRT YB . -10.29 -47.51 -22.62
C8 CRT YB . -11.38 -47.43 -21.60
C9 CRT YB . -10.08 -46.50 -23.47
C10 CRT YB . -10.86 -45.26 -23.48
C11 CRT YB . -10.68 -44.51 -24.55
C12 CRT YB . -11.36 -43.24 -24.80
C13 CRT YB . -12.61 -42.85 -24.07
C14 CRT YB . -10.84 -42.45 -25.75
C15 CRT YB . -11.41 -41.15 -26.12
C16 CRT YB . -10.91 -40.55 -27.19
C17 CRT YB . -11.42 -39.26 -27.64
C18 CRT YB . -12.85 -38.87 -27.45
C19 CRT YB . -10.56 -38.43 -28.26
C20 CRT YB . -10.97 -37.11 -28.73
C21 CRT YB . -10.03 -36.35 -29.28
C22 CRT YB . -10.35 -35.02 -29.76
C23 CRT YB . -9.38 -34.26 -30.29
C24 CRT YB . -7.99 -34.77 -30.38
C25 CRT YB . -9.72 -32.90 -30.77
C26 CRT YB . -8.79 -32.00 -31.05
C27 CRT YB . -9.27 -30.70 -31.51
C28 CRT YB . -8.47 -29.75 -31.97
C29 CRT YB . -6.99 -29.95 -32.06
C30 CRT YB . -9.06 -28.48 -32.39
C31 CRT YB . -8.40 -27.34 -32.48
C32 CRT YB . -9.20 -26.21 -32.93
C33 CRT YB . -8.75 -24.97 -33.06
C34 CRT YB . -7.33 -24.62 -32.74
C35 CRT YB . -9.73 -23.98 -33.53
C36 CRT YB . -9.51 -22.68 -33.55
C37 CRT YB . -10.62 -21.79 -34.06
C38 CRT YB . -11.17 -20.99 -32.90
C39 CRT YB . -10.27 -19.82 -32.53
C40 CRT YB . -12.56 -20.48 -33.23
O2 CRT YB . -11.28 -21.88 -31.81
C2M CRT YB . -11.53 -21.35 -30.51
MG BCL ZB . -16.58 -26.69 -35.13
CHA BCL ZB . -16.53 -28.30 -32.12
CHB BCL ZB . -13.94 -28.51 -36.16
CHC BCL ZB . -16.32 -24.62 -37.80
CHD BCL ZB . -19.05 -24.53 -33.89
NA BCL ZB . -15.48 -28.18 -34.35
C1A BCL ZB . -15.63 -28.74 -33.21
C2A BCL ZB . -14.72 -29.90 -32.98
C3A BCL ZB . -13.71 -29.71 -34.09
C4A BCL ZB . -14.42 -28.73 -34.95
CMA BCL ZB . -12.41 -29.12 -33.57
CAA BCL ZB . -15.49 -31.18 -33.19
CBA BCL ZB . -15.17 -32.20 -32.12
CGA BCL ZB . -13.73 -32.60 -32.24
O1A BCL ZB . -13.00 -32.53 -31.27
O2A BCL ZB . -13.19 -33.07 -33.51
NB BCL ZB . -15.31 -26.56 -36.73
C1B BCL ZB . -14.29 -27.39 -37.04
C2B BCL ZB . -13.54 -27.09 -38.29
C3B BCL ZB . -14.27 -25.90 -38.77
C4B BCL ZB . -15.33 -25.69 -37.75
CMB BCL ZB . -12.36 -27.84 -38.82
CAB BCL ZB . -14.11 -25.05 -39.98
OBB BCL ZB . -15.04 -24.39 -40.39
CBB BCL ZB . -12.78 -25.02 -40.68
NC BCL ZB . -17.56 -25.08 -35.80
C1C BCL ZB . -17.33 -24.45 -36.97
C2C BCL ZB . -18.32 -23.39 -37.30
C3C BCL ZB . -19.14 -23.35 -36.05
C4C BCL ZB . -18.51 -24.42 -35.24
CMC BCL ZB . -17.62 -22.05 -37.48
CAC BCL ZB . -20.60 -23.66 -36.29
CBC BCL ZB . -21.40 -22.37 -36.33
ND BCL ZB . -17.62 -26.36 -33.42
C1D BCL ZB . -18.59 -25.54 -32.99
C2D BCL ZB . -19.01 -25.80 -31.59
C3D BCL ZB . -18.14 -26.94 -31.27
C4D BCL ZB . -17.42 -27.19 -32.36
CMD BCL ZB . -19.99 -25.20 -30.63
CAD BCL ZB . -17.80 -27.90 -30.21
OBD BCL ZB . -18.31 -27.93 -29.04
CBD BCL ZB . -16.75 -28.83 -30.73
CGD BCL ZB . -15.57 -28.88 -29.82
O1D BCL ZB . -14.78 -27.95 -29.76
O2D BCL ZB . -15.37 -30.05 -28.98
CED BCL ZB . -14.20 -30.16 -28.19
C1 BCL ZB . -11.89 -33.67 -33.55
C2 BCL ZB . -11.47 -34.00 -34.96
C3 BCL ZB . -10.80 -33.10 -35.70
C4 BCL ZB . -10.48 -31.75 -35.14
C5 BCL ZB . -10.36 -33.40 -37.10
C6 BCL ZB . -8.86 -33.69 -37.09
C7 BCL ZB . -8.09 -32.60 -37.84
C8 BCL ZB . -7.03 -33.19 -38.76
C9 BCL ZB . -7.58 -34.40 -39.50
C10 BCL ZB . -5.76 -33.50 -37.96
C11 BCL ZB . -5.25 -34.92 -38.19
C12 BCL ZB . -3.74 -34.99 -38.09
C13 BCL ZB . -3.24 -35.95 -37.00
C14 BCL ZB . -1.75 -35.79 -36.83
C15 BCL ZB . -3.59 -37.39 -37.34
C16 BCL ZB . -2.81 -38.36 -36.47
C17 BCL ZB . -2.15 -39.45 -37.32
C18 BCL ZB . -3.08 -40.61 -37.63
C19 BCL ZB . -3.99 -40.94 -36.46
C20 BCL ZB . -2.27 -41.84 -38.02
P PGV AC . -19.60 -20.27 -49.82
C01 PGV AC . -16.36 -21.34 -50.23
C02 PGV AC . -16.46 -20.58 -51.53
C03 PGV AC . -17.64 -19.62 -51.42
C04 PGV AC . -21.51 -18.53 -49.60
C05 PGV AC . -22.84 -18.12 -50.19
C06 PGV AC . -23.94 -18.62 -49.26
O01 PGV AC . -16.67 -21.51 -52.60
O02 PGV AC . -15.78 -19.85 -53.95
O03 PGV AC . -15.08 -21.95 -50.10
O04 PGV AC . -15.74 -23.15 -48.25
O05 PGV AC . -22.98 -18.73 -51.46
O06 PGV AC . -23.46 -18.58 -47.92
O11 PGV AC . -18.83 -20.37 -51.23
O12 PGV AC . -21.05 -19.71 -50.23
O13 PGV AC . -18.90 -19.18 -49.05
O14 PGV AC . -19.72 -21.64 -49.21
C1 PGV AC . -16.17 -21.01 -53.87
C2 PGV AC . -16.12 -21.91 -55.08
C3 PGV AC . -14.94 -22.88 -54.95
C4 PGV AC . -15.25 -24.05 -54.02
C5 PGV AC . -13.99 -24.85 -53.69
C6 PGV AC . -14.30 -26.24 -53.15
C7 PGV AC . -15.05 -26.21 -51.83
C8 PGV AC . -14.99 -27.54 -51.09
C9 PGV AC . -15.96 -27.56 -49.93
C10 PGV AC . -15.29 -27.63 -48.56
C11 PGV AC . -15.12 -29.08 -48.15
C12 PGV AC . -14.51 -29.42 -47.02
C13 PGV AC . -13.99 -28.36 -46.08
C14 PGV AC . -13.18 -28.99 -44.96
C15 PGV AC . -14.00 -29.96 -44.12
C19 PGV AC . -14.81 -22.69 -48.88
C20 PGV AC . -13.41 -22.89 -48.41
C21 PGV AC . -13.47 -23.26 -46.94
C22 PGV AC . -12.99 -22.09 -46.10
C23 PGV AC . -11.63 -22.39 -45.50
C24 PGV AC . -11.50 -23.87 -45.20
C25 PGV AC . -10.79 -24.12 -43.88
C26 PGV AC . -10.58 -25.60 -43.72
C27 PGV AC . -9.90 -25.89 -42.39
C28 PGV AC . -10.01 -27.37 -42.11
C29 PGV AC . -9.32 -27.72 -40.80
C30 PGV AC . -9.42 -29.22 -40.57
P PGV BC . -23.91 -24.60 -50.08
C01 PGV BC . -22.04 -27.53 -47.32
C02 PGV BC . -21.21 -26.39 -47.92
C03 PGV BC . -21.80 -26.03 -49.27
C04 PGV BC . -25.64 -25.88 -48.51
O01 PGV BC . -19.84 -26.79 -47.99
O02 PGV BC . -18.94 -24.67 -47.88
O03 PGV BC . -21.61 -27.73 -45.98
O04 PGV BC . -23.39 -29.11 -45.61
O11 PGV BC . -22.84 -25.10 -49.00
O12 PGV BC . -25.32 -24.72 -49.27
O13 PGV BC . -23.63 -23.14 -50.32
O14 PGV BC . -23.91 -25.54 -51.26
C1 PGV BC . -18.99 -25.79 -47.40
C2 PGV BC . -18.15 -26.14 -46.19
C3 PGV BC . -17.06 -25.10 -46.00
C4 PGV BC . -16.49 -25.14 -44.60
C5 PGV BC . -16.25 -26.55 -44.14
C6 PGV BC . -15.43 -26.59 -42.86
C7 PGV BC . -16.23 -27.14 -41.69
C8 PGV BC . -16.45 -28.65 -41.83
C9 PGV BC . -16.83 -29.24 -40.49
C10 PGV BC . -15.60 -29.54 -39.64
C11 PGV BC . -16.06 -30.25 -38.40
C12 PGV BC . -15.40 -31.31 -37.97
C13 PGV BC . -15.86 -32.03 -36.73
C14 PGV BC . -15.41 -33.48 -36.80
C19 PGV BC . -22.36 -28.65 -45.16
C20 PGV BC . -21.86 -29.00 -43.79
C21 PGV BC . -20.37 -28.75 -43.74
C22 PGV BC . -19.88 -28.79 -42.31
C23 PGV BC . -20.09 -30.17 -41.70
C24 PGV BC . -19.32 -31.24 -42.46
C25 PGV BC . -18.56 -32.17 -41.51
C26 PGV BC . -17.69 -33.12 -42.32
C27 PGV BC . -16.70 -32.35 -43.18
C28 PGV BC . -16.29 -33.14 -44.41
C29 PGV BC . -17.47 -33.43 -45.32
C30 PGV BC . -17.46 -32.55 -46.57
C31 PGV BC . -17.73 -31.09 -46.23
C32 PGV BC . -18.28 -30.34 -47.44
MG BCL CC . -9.58 -24.19 -38.99
CHA BCL CC . -6.61 -25.79 -39.35
CHB BCL CC . -10.30 -26.04 -36.30
CHC BCL CC . -12.25 -22.17 -38.45
CHD BCL CC . -8.73 -22.05 -41.64
NA BCL CC . -8.69 -25.71 -38.04
C1A BCL CC . -7.55 -26.23 -38.29
C2A BCL CC . -7.17 -27.35 -37.37
C3A BCL CC . -8.42 -27.55 -36.58
C4A BCL CC . -9.22 -26.36 -36.99
CMA BCL CC . -9.13 -28.84 -36.94
CAA BCL CC . -6.07 -26.89 -36.43
CBA BCL CC . -5.06 -27.99 -36.23
CGA BCL CC . -4.49 -27.80 -34.86
O1A BCL CC . -5.19 -27.36 -33.97
O2A BCL CC . -3.11 -28.14 -34.56
NB BCL CC . -11.05 -24.09 -37.57
C1B BCL CC . -11.23 -24.94 -36.54
C2B BCL CC . -12.38 -24.68 -35.66
C3B BCL CC . -12.98 -23.51 -36.32
C4B BCL CC . -12.08 -23.25 -37.48
CMB BCL CC . -12.78 -25.48 -34.44
CAB BCL CC . -14.19 -22.69 -35.97
OBB BCL CC . -14.55 -21.80 -36.71
CBB BCL CC . -14.97 -22.99 -34.73
NC BCL CC . -10.43 -22.64 -39.93
C1C BCL CC . -11.57 -22.02 -39.57
C2C BCL CC . -12.07 -21.02 -40.57
C3C BCL CC . -11.03 -21.14 -41.64
C4C BCL CC . -10.03 -22.03 -41.00
CMC BCL CC . -13.44 -21.42 -41.07
CAC BCL CC . -10.31 -19.83 -41.93
CBC BCL CC . -11.27 -18.69 -42.20
ND BCL CC . -8.04 -23.86 -40.28
C1D BCL CC . -7.75 -23.05 -41.30
C2D BCL CC . -6.41 -23.31 -41.92
C3D BCL CC . -5.98 -24.44 -41.08
C4D BCL CC . -6.96 -24.69 -40.22
CMD BCL CC . -5.57 -22.75 -43.04
CAD BCL CC . -4.88 -25.40 -40.88
OBD BCL CC . -3.79 -25.43 -41.54
CBD BCL CC . -5.24 -26.30 -39.73
CGD BCL CC . -5.23 -27.75 -40.11
O1D BCL CC . -6.13 -28.24 -40.75
O2D BCL CC . -4.13 -28.59 -39.69
CED BCL CC . -4.28 -30.01 -39.74
C1 BCL CC . -2.71 -28.04 -33.20
C2 BCL CC . -2.53 -29.41 -32.62
C3 BCL CC . -3.16 -29.70 -31.48
C4 BCL CC . -4.01 -28.66 -30.84
C5 BCL CC . -3.02 -31.06 -30.84
C6 BCL CC . -3.13 -30.87 -29.33
C7 BCL CC . -4.40 -31.49 -28.78
C8 BCL CC . -4.06 -32.83 -28.15
C9 BCL CC . -4.74 -33.94 -28.92
C10 BCL CC . -4.46 -32.81 -26.68
C11 BCL CC . -3.59 -31.84 -25.90
C12 BCL CC . -3.85 -31.86 -24.40
C13 BCL CC . -3.72 -30.47 -23.79
C14 BCL CC . -2.55 -29.71 -24.41
C15 BCL CC . -3.53 -30.58 -22.27
C16 BCL CC . -3.62 -29.20 -21.63
C17 BCL CC . -5.02 -28.91 -21.13
C18 BCL CC . -5.17 -27.42 -20.86
C19 BCL CC . -6.09 -27.19 -19.67
C20 BCL CC . -5.69 -26.72 -22.10
MG BCL DC . -0.92 -35.56 -33.33
CHA BCL DC . 2.36 -35.44 -34.28
CHB BCL DC . -1.39 -32.44 -34.42
CHC BCL DC . -4.21 -36.26 -33.43
CHD BCL DC . -0.52 -38.86 -32.29
NA BCL DC . 0.26 -34.15 -34.13
C1A BCL DC . 1.50 -34.25 -34.46
C2A BCL DC . 2.07 -33.00 -35.05
C3A BCL DC . 0.99 -32.00 -34.76
C4A BCL DC . -0.14 -32.91 -34.41
CMA BCL DC . 1.34 -31.15 -33.55
CAA BCL DC . 2.26 -33.20 -36.54
CBA BCL DC . 2.92 -31.97 -37.18
CGA BCL DC . 4.35 -31.87 -36.73
O1A BCL DC . 5.18 -32.66 -37.14
O2A BCL DC . 4.78 -30.82 -35.82
NB BCL DC . -2.58 -34.50 -33.87
C1B BCL DC . -2.64 -33.23 -34.29
C2B BCL DC . -3.99 -32.70 -34.59
C3B BCL DC . -4.82 -33.87 -34.28
C4B BCL DC . -3.86 -34.90 -33.85
CMB BCL DC . -4.36 -31.33 -35.09
CAB BCL DC . -6.30 -34.07 -34.37
OBB BCL DC . -6.76 -35.14 -34.75
CBB BCL DC . -7.19 -32.95 -33.95
NC BCL DC . -2.11 -37.00 -32.63
C1C BCL DC . -3.44 -36.99 -32.64
C2C BCL DC . -4.06 -37.96 -31.70
C3C BCL DC . -2.84 -38.71 -31.24
C4C BCL DC . -1.77 -38.11 -32.11
CMC BCL DC . -4.73 -37.22 -30.56
CAC BCL DC . -2.96 -40.21 -31.48
CBC BCL DC . -3.49 -40.56 -32.85
ND BCL DC . 0.54 -36.97 -33.27
C1D BCL DC . 0.67 -38.23 -32.85
C2D BCL DC . 2.05 -38.78 -33.03
C3D BCL DC . 2.70 -37.60 -33.61
C4D BCL DC . 1.79 -36.63 -33.70
CMD BCL DC . 2.78 -40.07 -32.78
CAD BCL DC . 3.99 -37.10 -34.14
OBD BCL DC . 5.06 -37.78 -34.19
CBD BCL DC . 3.81 -35.69 -34.58
CGD BCL DC . 4.72 -34.86 -33.74
O1D BCL DC . 4.53 -34.70 -32.56
O2D BCL DC . 5.92 -34.27 -34.32
CED BCL DC . 7.01 -33.97 -33.45
C1 BCL DC . 6.03 -30.17 -36.05
C2 BCL DC . 6.08 -28.83 -35.31
C3 BCL DC . 7.08 -28.55 -34.46
C4 BCL DC . 8.15 -29.57 -34.23
C5 BCL DC . 7.13 -27.23 -33.74
C6 BCL DC . 5.80 -26.99 -33.02
C7 BCL DC . 5.66 -25.54 -32.57
C8 BCL DC . 6.90 -25.08 -31.80
C9 BCL DC . 6.81 -25.42 -30.33
C10 BCL DC . 7.13 -23.59 -31.99
C11 BCL DC . 5.83 -22.83 -32.22
C12 BCL DC . 5.36 -22.16 -30.94
C13 BCL DC . 4.33 -21.10 -31.30
C14 BCL DC . 4.91 -20.15 -32.35
C15 BCL DC . 3.89 -20.34 -30.05
C16 BCL DC . 2.72 -19.41 -30.39
C17 BCL DC . 3.08 -17.94 -30.18
C18 BCL DC . 2.65 -17.43 -28.81
C19 BCL DC . 1.70 -16.23 -28.95
C20 BCL DC . 3.85 -17.04 -27.96
MG BCL EC . -1.53 -20.95 -42.41
CHA BCL EC . -2.00 -23.15 -39.83
CHB BCL EC . 1.65 -22.01 -42.71
CHC BCL EC . -0.98 -18.41 -44.57
CHD BCL EC . -4.64 -19.49 -41.70
NA BCL EC . -0.41 -22.37 -41.54
C1A BCL EC . -0.77 -23.21 -40.64
C2A BCL EC . 0.26 -24.27 -40.36
C3A BCL EC . 1.48 -23.65 -40.95
C4A BCL EC . 0.87 -22.59 -41.80
CMA BCL EC . 2.39 -23.05 -39.89
CAA BCL EC . -0.07 -25.58 -41.05
CBA BCL EC . 0.92 -26.69 -40.66
CGA BCL EC . 2.03 -26.80 -41.68
O1A BCL EC . 1.85 -26.44 -42.83
O2A BCL EC . 3.32 -27.34 -41.30
NB BCL EC . 0.10 -20.28 -43.46
C1B BCL EC . 1.32 -20.83 -43.50
C2B BCL EC . 2.33 -20.17 -44.37
C3B BCL EC . 1.52 -19.08 -44.93
C4B BCL EC . 0.18 -19.26 -44.32
CMB BCL EC . 3.76 -20.60 -44.55
CAB BCL EC . 1.89 -18.01 -45.91
OBB BCL EC . 1.02 -17.39 -46.50
CBB BCL EC . 3.33 -17.71 -46.16
NC BCL EC . -2.60 -19.40 -43.11
C1C BCL EC . -2.18 -18.49 -44.01
C2C BCL EC . -3.20 -17.48 -44.39
C3C BCL EC . -4.35 -17.86 -43.52
C4C BCL EC . -3.78 -19.02 -42.77
CMC BCL EC . -2.76 -16.06 -44.02
CAC BCL EC . -5.57 -18.32 -44.32
CBC BCL EC . -6.57 -17.20 -44.46
ND BCL EC . -3.05 -21.14 -41.08
C1D BCL EC . -4.24 -20.58 -40.86
C2D BCL EC . -4.99 -21.19 -39.72
C3D BCL EC . -4.03 -22.23 -39.32
C4D BCL EC . -2.99 -22.15 -40.16
CMD BCL EC . -6.29 -20.93 -39.04
CAD BCL EC . -3.81 -23.33 -38.36
OBD BCL EC . -4.61 -23.69 -37.44
CBD BCL EC . -2.49 -23.97 -38.67
CGD BCL EC . -1.58 -23.94 -37.48
O1D BCL EC . -1.20 -22.89 -37.00
O2D BCL EC . -1.17 -25.16 -36.82
CED BCL EC . -0.27 -25.07 -35.72
C1 BCL EC . 4.39 -27.39 -42.23
C2 BCL EC . 5.34 -26.24 -42.02
C3 BCL EC . 6.53 -26.40 -41.42
C4 BCL EC . 6.94 -27.76 -40.94
C5 BCL EC . 7.45 -25.22 -41.23
C6 BCL EC . 7.62 -24.91 -39.74
C7 BCL EC . 6.29 -24.53 -39.11
C8 BCL EC . 6.49 -24.06 -37.67
C9 BCL EC . 6.16 -25.19 -36.71
C10 BCL EC . 5.61 -22.84 -37.43
C11 BCL EC . 6.44 -21.57 -37.35
C12 BCL EC . 5.56 -20.34 -37.48
C13 BCL EC . 6.33 -19.09 -37.07
C14 BCL EC . 6.49 -19.05 -35.55
C15 BCL EC . 5.61 -17.86 -37.58
C16 BCL EC . 4.13 -17.90 -37.31
C17 BCL EC . 3.57 -16.48 -37.41
C18 BCL EC . 2.09 -16.46 -37.75
C19 BCL EC . 1.79 -15.27 -38.66
C20 BCL EC . 1.26 -16.40 -36.48
P PGV FC . -6.12 -19.88 -58.49
C01 PGV FC . -3.34 -20.51 -55.83
C02 PGV FC . -2.96 -19.27 -56.64
C03 PGV FC . -3.61 -19.30 -58.02
C04 PGV FC . -7.72 -18.20 -57.23
C05 PGV FC . -8.49 -16.96 -57.71
C06 PGV FC . -8.67 -15.98 -56.55
O01 PGV FC . -1.54 -19.25 -56.77
O02 PGV FC . -1.40 -16.94 -56.69
O03 PGV FC . -2.49 -20.60 -54.69
O04 PGV FC . -3.74 -22.30 -53.78
O05 PGV FC . -9.77 -17.37 -58.19
O06 PGV FC . -9.02 -14.69 -57.07
O11 PGV FC . -4.97 -18.88 -57.97
O12 PGV FC . -7.48 -19.01 -58.38
O13 PGV FC . -5.87 -20.15 -59.95
O14 PGV FC . -6.17 -21.03 -57.52
C1 PGV FC . -0.97 -18.00 -56.29
C2 PGV FC . 0.17 -18.06 -55.30
C3 PGV FC . -0.07 -17.08 -54.16
C4 PGV FC . 0.98 -17.20 -53.08
C5 PGV FC . 0.64 -18.26 -52.05
C6 PGV FC . 1.22 -17.86 -50.70
C7 PGV FC . 1.42 -19.02 -49.74
C8 PGV FC . 0.30 -20.04 -49.84
C9 PGV FC . 0.04 -20.72 -48.51
C10 PGV FC . 1.29 -21.37 -47.93
C11 PGV FC . 0.89 -22.21 -46.76
C12 PGV FC . 1.30 -23.48 -46.63
C13 PGV FC . 0.86 -24.29 -45.45
C14 PGV FC . 0.70 -25.75 -45.86
C19 PGV FC . -2.88 -21.47 -53.58
C20 PGV FC . -2.25 -21.30 -52.22
C21 PGV FC . -2.60 -22.50 -51.36
C22 PGV FC . -1.35 -23.09 -50.74
C23 PGV FC . -1.52 -24.56 -50.38
C24 PGV FC . -0.18 -25.15 -49.94
C25 PGV FC . 0.80 -25.18 -51.10
P PGV GC . 3.78 1.06 -38.32
C01 PGV GC . 4.72 -0.89 -35.14
C02 PGV GC . 4.47 0.60 -34.96
C03 PGV GC . 3.23 0.95 -35.76
C04 PGV GC . 6.05 0.64 -39.64
C05 PGV GC . 7.28 -0.11 -39.16
C06 PGV GC . 7.33 -0.04 -37.65
O01 PGV GC . 5.58 1.29 -35.53
O02 PGV GC . 5.29 2.89 -33.88
O03 PGV GC . 5.92 -1.23 -34.47
O04 PGV GC . 6.57 -2.76 -36.07
O05 PGV GC . 8.47 0.51 -39.64
O06 PGV GC . 8.66 -0.30 -37.17
O11 PGV GC . 3.35 0.26 -37.01
O12 PGV GC . 4.95 0.12 -38.89
O13 PGV GC . 4.41 2.35 -37.86
O14 PGV GC . 2.64 1.09 -39.30
C1 PGV GC . 5.98 2.50 -34.80
C2 PGV GC . 7.24 3.24 -35.20
C3 PGV GC . 8.50 2.40 -34.98
C4 PGV GC . 8.37 1.51 -33.74
C5 PGV GC . 9.68 0.84 -33.36
C6 PGV GC . 10.56 1.76 -32.53
C7 PGV GC . 11.58 1.00 -31.68
C8 PGV GC . 10.91 0.30 -30.50
C9 PGV GC . 11.90 0.02 -29.38
C10 PGV GC . 12.69 -1.24 -29.67
C11 PGV GC . 13.87 -1.41 -28.73
C12 PGV GC . 14.44 -2.60 -28.73
C13 PGV GC . 15.63 -2.95 -27.85
C14 PGV GC . 15.62 -4.47 -27.79
C15 PGV GC . 16.91 -5.08 -27.26
C16 PGV GC . 16.93 -6.55 -27.60
C17 PGV GC . 15.65 -7.26 -27.12
C19 PGV GC . 6.90 -2.10 -35.10
C20 PGV GC . 8.31 -2.15 -34.56
C21 PGV GC . 8.36 -2.89 -33.22
C22 PGV GC . 7.63 -2.15 -32.09
C23 PGV GC . 7.64 -3.00 -30.84
C24 PGV GC . 9.05 -3.10 -30.29
C25 PGV GC . 9.10 -3.95 -29.04
C26 PGV GC . 10.22 -4.98 -29.20
C27 PGV GC . 10.71 -5.48 -27.85
C28 PGV GC . 11.63 -6.68 -28.07
C29 PGV GC . 10.91 -7.74 -28.90
C30 PGV GC . 11.81 -8.32 -29.98
C31 PGV GC . 12.85 -9.23 -29.36
C32 PGV GC . 12.19 -10.28 -28.50
C33 PGV GC . 13.21 -11.24 -27.90
C34 PGV GC . 12.58 -12.10 -26.83
C1B LMT HC . 28.06 -24.36 -21.37
C2B LMT HC . 28.89 -25.65 -21.40
C3B LMT HC . 28.46 -26.68 -20.37
C4B LMT HC . 28.40 -26.01 -19.02
C5B LMT HC . 27.31 -24.95 -19.06
C6B LMT HC . 27.24 -24.24 -17.71
O1B LMT HC . 27.05 -24.36 -22.40
O2B LMT HC . 28.79 -26.25 -22.70
O3B LMT HC . 29.39 -27.76 -20.31
O4' LMT HC . 28.07 -26.97 -18.02
O5B LMT HC . 27.57 -23.97 -20.07
O6B LMT HC . 28.46 -23.51 -17.51
C1' LMT HC . 24.50 -23.44 -23.92
C2' LMT HC . 24.24 -23.09 -22.46
C3' LMT HC . 24.80 -24.16 -21.52
C4' LMT HC . 25.82 -25.06 -22.18
C5' LMT HC . 25.31 -25.61 -23.52
C6' LMT HC . 24.90 -27.06 -23.42
O1' LMT HC . 23.68 -22.62 -24.76
O2' LMT HC . 24.80 -21.81 -22.13
O3' LMT HC . 23.72 -24.96 -21.06
O5' LMT HC . 24.24 -24.83 -24.06
O6' LMT HC . 26.01 -27.85 -22.98
C1 LMT HC . 22.27 -22.74 -24.55
C2 LMT HC . 21.77 -21.33 -24.24
C3 LMT HC . 20.39 -20.98 -24.79
C4 LMT HC . 20.29 -19.47 -24.96
C5 LMT HC . 18.86 -18.97 -25.17
C6 LMT HC . 18.51 -18.95 -26.66
C7 LMT HC . 17.64 -17.74 -26.99
C8 LMT HC . 16.24 -17.89 -26.41
C9 LMT HC . 15.27 -16.91 -27.06
C10 LMT HC . 13.92 -16.93 -26.34
MG BCL IC . 5.64 -16.85 -43.34
CHA BCL IC . 8.85 -17.95 -43.08
CHB BCL IC . 4.61 -19.25 -41.25
CHC BCL IC . 2.54 -15.46 -43.42
CHD BCL IC . 6.74 -14.17 -45.33
NA BCL IC . 6.51 -18.39 -42.40
C1A BCL IC . 7.76 -18.70 -42.39
C2A BCL IC . 8.08 -19.91 -41.57
C3A BCL IC . 6.72 -20.41 -41.17
C4A BCL IC . 5.87 -19.29 -41.64
CMA BCL IC . 6.35 -21.72 -41.83
CAA BCL IC . 8.84 -19.54 -40.30
CBA BCL IC . 10.16 -20.29 -40.25
CGA BCL IC . 10.33 -20.91 -38.89
O1A BCL IC . 9.62 -20.58 -37.96
O2A BCL IC . 11.34 -21.93 -38.66
NB BCL IC . 3.84 -17.26 -42.45
C1B BCL IC . 3.58 -18.29 -41.64
C2B BCL IC . 2.20 -18.41 -41.13
C3B BCL IC . 1.56 -17.25 -41.79
C4B BCL IC . 2.66 -16.64 -42.57
CMB BCL IC . 1.71 -19.49 -40.20
CAB BCL IC . 0.14 -16.75 -41.71
OBB BCL IC . -0.17 -15.73 -42.29
CBB BCL IC . -0.88 -17.51 -40.92
NC BCL IC . 4.79 -15.26 -44.22
C1C BCL IC . 3.49 -14.93 -44.16
C2C BCL IC . 3.10 -13.78 -45.03
C3C BCL IC . 4.43 -13.30 -45.48
C4C BCL IC . 5.35 -14.34 -44.95
CMC BCL IC . 2.29 -14.23 -46.23
CAC BCL IC . 4.74 -11.94 -44.86
CBC BCL IC . 5.48 -11.03 -45.80
ND BCL IC . 7.37 -16.09 -44.09
C1D BCL IC . 7.76 -15.07 -44.86
C2D BCL IC . 9.23 -15.05 -45.12
C3D BCL IC . 9.62 -16.24 -44.37
C4D BCL IC . 8.52 -16.77 -43.83
CMD BCL IC . 10.22 -14.19 -45.87
CAD BCL IC . 10.80 -17.05 -44.00
OBD BCL IC . 11.99 -16.82 -44.35
CBD BCL IC . 10.33 -18.19 -43.15
CGD BCL IC . 10.72 -19.46 -43.82
O1D BCL IC . 10.37 -19.70 -44.96
O2D BCL IC . 11.59 -20.41 -43.16
CED BCL IC . 12.03 -21.56 -43.87
C1 BCL IC . 11.19 -22.81 -37.55
C2 BCL IC . 10.98 -24.22 -38.05
C3 BCL IC . 12.03 -25.04 -38.17
C4 BCL IC . 13.40 -24.55 -37.81
C5 BCL IC . 11.85 -26.45 -38.66
C6 BCL IC . 13.20 -26.93 -39.20
C7 BCL IC . 13.04 -28.04 -40.23
C8 BCL IC . 14.35 -28.79 -40.48
C9 BCL IC . 15.43 -28.44 -39.44
C10 BCL IC . 14.84 -28.49 -41.88
C11 BCL IC . 14.44 -29.62 -42.82
C12 BCL IC . 15.50 -30.72 -42.83
C13 BCL IC . 14.98 -31.91 -43.62
C14 BCL IC . 14.22 -32.87 -42.71
C15 BCL IC . 16.14 -32.64 -44.30
C16 BCL IC . 17.29 -32.84 -43.34
C17 BCL IC . 18.62 -32.55 -44.03
C18 BCL IC . 19.43 -33.81 -44.23
C19 BCL IC . 18.87 -34.69 -45.35
C20 BCL IC . 19.54 -34.61 -42.95
P PGV JC . -1.50 -12.62 -56.16
C01 PGV JC . 1.56 -10.53 -55.32
C02 PGV JC . 1.18 -10.04 -56.70
C03 PGV JC . -0.26 -10.44 -56.94
C04 PGV JC . -3.67 -11.38 -56.88
C05 PGV JC . -4.96 -11.83 -56.22
C06 PGV JC . -5.56 -10.62 -55.49
O01 PGV JC . 2.01 -10.72 -57.62
O02 PGV JC . 2.11 -8.72 -58.80
O03 PGV JC . 2.70 -11.36 -55.46
O04 PGV JC . 1.72 -13.15 -54.43
O05 PGV JC . -4.71 -12.88 -55.28
O06 PGV JC . -5.46 -9.46 -56.32
O11 PGV JC . -0.36 -11.86 -56.99
O12 PGV JC . -2.80 -12.49 -57.09
O13 PGV JC . -1.78 -11.81 -54.91
O14 PGV JC . -1.16 -14.09 -55.99
C1 PGV JC . 2.47 -9.88 -58.71
C2 PGV JC . 3.40 -10.50 -59.72
C3 PGV JC . 4.19 -11.60 -59.02
C4 PGV JC . 3.87 -12.98 -59.60
C5 PGV JC . 2.41 -13.40 -59.40
C6 PGV JC . 2.22 -14.28 -58.17
C7 PGV JC . 3.22 -15.44 -58.14
C8 PGV JC . 2.83 -16.51 -57.12
C9 PGV JC . 4.02 -17.33 -56.65
C10 PGV JC . 3.59 -18.62 -55.97
C11 PGV JC . 4.78 -19.38 -55.46
C12 PGV JC . 4.78 -19.92 -54.25
C13 PGV JC . 3.54 -19.79 -53.38
C14 PGV JC . 3.85 -20.30 -51.98
C15 PGV JC . 4.49 -21.68 -52.04
C16 PGV JC . 5.47 -21.84 -50.87
C17 PGV JC . 4.73 -22.18 -49.59
C18 PGV JC . 4.11 -23.56 -49.69
C19 PGV JC . 2.77 -12.60 -54.71
C20 PGV JC . 4.10 -13.18 -54.30
C21 PGV JC . 3.92 -14.62 -53.82
C22 PGV JC . 3.51 -14.70 -52.36
C23 PGV JC . 4.24 -13.68 -51.51
C24 PGV JC . 5.05 -14.36 -50.41
C25 PGV JC . 4.19 -15.36 -49.65
C26 PGV JC . 5.04 -16.53 -49.18
C27 PGV JC . 6.15 -16.05 -48.27
C28 PGV JC . 6.68 -17.18 -47.39
C29 PGV JC . 6.36 -18.56 -47.94
C30 PGV JC . 7.19 -19.63 -47.27
C31 PGV JC . 7.07 -19.58 -45.75
C32 PGV JC . 7.42 -20.95 -45.17
C1M CRT KC . 22.58 -40.62 -34.72
O1 CRT KC . 22.82 -39.22 -34.78
C1 CRT KC . 24.15 -38.76 -34.53
C2 CRT KC . 25.28 -39.52 -35.22
C3 CRT KC . 24.46 -37.44 -33.83
C4 CRT KC . 23.93 -37.91 -35.78
C5 CRT KC . 22.59 -37.20 -35.78
C6 CRT KC . 22.50 -35.91 -36.15
C7 CRT KC . 21.22 -35.17 -36.16
C8 CRT KC . 19.94 -35.87 -35.85
C9 CRT KC . 21.23 -33.88 -36.47
C10 CRT KC . 20.03 -33.04 -36.53
C11 CRT KC . 20.24 -31.77 -36.84
C12 CRT KC . 19.22 -30.71 -37.00
C13 CRT KC . 17.76 -31.01 -37.03
C14 CRT KC . 19.66 -29.46 -37.13
C15 CRT KC . 18.83 -28.28 -37.33
C16 CRT KC . 19.49 -27.18 -37.68
C17 CRT KC . 18.88 -25.87 -37.93
C18 CRT KC . 17.43 -25.75 -38.27
C19 CRT KC . 19.64 -24.78 -37.85
C20 CRT KC . 19.07 -23.46 -38.08
C21 CRT KC . 19.79 -22.39 -37.77
C22 CRT KC . 19.25 -21.06 -38.00
C23 CRT KC . 19.89 -20.00 -37.51
C24 CRT KC . 21.15 -20.17 -36.72
C25 CRT KC . 19.36 -18.65 -37.75
C26 CRT KC . 19.83 -17.59 -37.11
C27 CRT KC . 19.22 -16.31 -37.44
C28 CRT KC . 19.57 -15.14 -36.88
C29 CRT KC . 20.66 -15.04 -35.85
C30 CRT KC . 18.87 -13.92 -37.31
C31 CRT KC . 18.95 -12.76 -36.66
C32 CRT KC . 18.18 -11.65 -37.19
C33 CRT KC . 18.03 -10.47 -36.59
C34 CRT KC . 18.66 -10.17 -35.26
C35 CRT KC . 17.20 -9.46 -37.29
C36 CRT KC . 16.82 -8.34 -36.71
C37 CRT KC . 15.96 -7.40 -37.52
C38 CRT KC . 14.67 -7.18 -36.75
C39 CRT KC . 14.91 -6.36 -35.49
C40 CRT KC . 13.63 -6.50 -37.63
O2 CRT KC . 14.19 -8.46 -36.37
C2M CRT KC . 13.29 -8.55 -35.28
MG BCL LC . 13.66 -11.84 -43.56
CHA BCL LC . 12.95 -14.65 -41.76
CHB BCL LC . 16.95 -12.37 -43.00
CHC BCL LC . 14.30 -8.85 -45.00
CHD BCL LC . 10.27 -10.96 -43.53
NA BCL LC . 14.76 -13.30 -42.71
C1A BCL LC . 14.34 -14.37 -42.13
C2A BCL LC . 15.42 -15.32 -41.72
C3A BCL LC . 16.64 -14.49 -41.90
C4A BCL LC . 16.09 -13.29 -42.59
CMA BCL LC . 17.21 -14.09 -40.54
CAA BCL LC . 15.46 -16.53 -42.63
CBA BCL LC . 15.83 -17.77 -41.84
CGA BCL LC . 17.26 -18.15 -42.11
O1A BCL LC . 17.52 -19.02 -42.92
O2A BCL LC . 18.35 -17.45 -41.46
NB BCL LC . 15.35 -10.75 -43.92
C1B BCL LC . 16.63 -11.10 -43.67
C2B BCL LC . 17.68 -10.14 -44.06
C3B BCL LC . 16.85 -9.08 -44.65
C4B BCL LC . 15.47 -9.58 -44.54
CMB BCL LC . 19.16 -10.30 -43.84
CAB BCL LC . 17.24 -7.78 -45.29
OBB BCL LC . 16.45 -7.21 -46.03
CBB BCL LC . 18.58 -7.19 -45.00
NC BCL LC . 12.56 -10.31 -44.24
C1C BCL LC . 13.03 -9.20 -44.82
C2C BCL LC . 11.98 -8.24 -45.30
C3C BCL LC . 10.74 -8.98 -44.93
C4C BCL LC . 11.28 -10.16 -44.21
CMC BCL LC . 12.07 -6.92 -44.56
CAC BCL LC . 9.95 -9.47 -46.14
CBC BCL LC . 8.75 -8.59 -46.40
ND BCL LC . 11.90 -12.53 -42.82
C1D BCL LC . 10.61 -12.20 -42.86
C2D BCL LC . 9.72 -13.16 -42.14
C3D BCL LC . 10.72 -14.15 -41.71
C4D BCL LC . 11.91 -13.73 -42.16
CMD BCL LC . 8.26 -13.28 -41.85
CAD BCL LC . 10.88 -15.42 -40.98
OBD BCL LC . 9.95 -16.10 -40.44
CBD BCL LC . 12.33 -15.80 -41.02
CGD BCL LC . 12.86 -16.07 -39.64
O1D BCL LC . 13.01 -15.20 -38.81
O2D BCL LC . 13.17 -17.44 -39.28
CED BCL LC . 13.32 -17.79 -37.91
C1 BCL LC . 19.70 -17.84 -41.67
C2 BCL LC . 20.28 -17.08 -42.84
C3 BCL LC . 20.79 -15.85 -42.68
C4 BCL LC . 20.80 -15.20 -41.33
C5 BCL LC . 21.35 -15.13 -43.88
C6 BCL LC . 22.53 -15.90 -44.46
C7 BCL LC . 23.58 -16.20 -43.38
C8 BCL LC . 24.97 -15.74 -43.80
C9 BCL LC . 25.94 -16.90 -44.05
C10 BCL LC . 25.48 -14.78 -42.73
C11 BCL LC . 26.70 -15.31 -41.97
C12 BCL LC . 26.32 -15.99 -40.67
C13 BCL LC . 26.85 -15.22 -39.47
C14 BCL LC . 26.79 -13.72 -39.71
C15 BCL LC . 28.26 -15.66 -39.10
C16 BCL LC . 28.38 -17.18 -39.18
C17 BCL LC . 29.62 -17.67 -38.45
C18 BCL LC . 29.60 -19.18 -38.39
C19 BCL LC . 30.14 -19.68 -37.07
C20 BCL LC . 30.39 -19.80 -39.55
P PGV MC . 15.94 0.17 -54.63
C01 PGV MC . 18.99 0.63 -52.99
C02 PGV MC . 19.13 1.75 -54.00
C03 PGV MC . 17.72 2.12 -54.47
C04 PGV MC . 13.51 -0.31 -55.46
C05 PGV MC . 12.45 0.25 -56.41
C06 PGV MC . 12.35 1.76 -56.24
O01 PGV MC . 19.90 1.30 -55.10
O02 PGV MC . 21.08 3.30 -54.99
O03 PGV MC . 20.24 -0.01 -52.82
O04 PGV MC . 19.54 -1.89 -53.93
O05 PGV MC . 11.19 -0.35 -56.10
O06 PGV MC . 13.46 2.39 -56.87
O11 PGV MC . 17.15 1.06 -55.23
O12 PGV MC . 14.79 0.26 -55.75
O13 PGV MC . 15.43 0.89 -53.40
O14 PGV MC . 16.41 -1.26 -54.48
C1 PGV MC . 20.88 2.25 -55.60
C2 PGV MC . 21.64 1.93 -56.86
C3 PGV MC . 22.34 0.59 -56.69
C4 PGV MC . 21.98 -0.39 -57.79
C5 PGV MC . 20.82 -1.30 -57.40
C6 PGV MC . 21.27 -2.76 -57.31
C7 PGV MC . 22.24 -2.99 -56.15
C8 PGV MC . 22.69 -4.45 -56.05
C9 PGV MC . 21.50 -5.38 -55.78
C10 PGV MC . 21.93 -6.57 -54.91
C11 PGV MC . 21.97 -6.11 -53.47
C12 PGV MC . 21.53 -6.87 -52.46
C13 PGV MC . 21.00 -8.26 -52.65
C14 PGV MC . 20.86 -8.93 -51.29
C15 PGV MC . 22.19 -9.03 -50.55
C16 PGV MC . 22.00 -9.44 -49.09
C17 PGV MC . 21.53 -10.90 -49.00
C18 PGV MC . 22.00 -11.56 -47.73
C19 PGV MC . 20.33 -1.43 -53.14
C20 PGV MC . 21.37 -2.29 -52.48
C21 PGV MC . 21.20 -2.17 -50.97
C22 PGV MC . 20.29 -3.29 -50.45
C23 PGV MC . 19.68 -2.91 -49.12
C24 PGV MC . 20.63 -3.11 -47.97
C25 PGV MC . 21.08 -4.57 -47.88
C26 PGV MC . 22.12 -4.76 -46.80
C27 PGV MC . 21.43 -4.96 -45.47
C28 PGV MC . 21.97 -6.17 -44.73
C29 PGV MC . 22.31 -7.29 -45.69
C30 PGV MC . 22.16 -8.66 -45.04
C31 PGV MC . 22.71 -8.68 -43.62
C32 PGV MC . 22.63 -10.09 -43.06
C33 PGV MC . 23.24 -11.10 -44.02
P PGV NC . 13.80 -5.77 -59.36
C01 PGV NC . 16.74 -8.05 -55.98
C02 PGV NC . 16.14 -6.70 -56.30
C03 PGV NC . 15.51 -6.81 -57.70
C04 PGV NC . 11.93 -4.85 -57.71
C05 PGV NC . 11.07 -3.61 -57.52
O01 PGV NC . 17.18 -5.72 -56.27
O02 PGV NC . 16.08 -3.81 -55.53
O03 PGV NC . 16.09 -8.65 -54.87
O04 PGV NC . 14.78 -10.03 -56.15
O11 PGV NC . 14.81 -5.64 -58.11
O12 PGV NC . 12.56 -4.79 -58.98
O13 PGV NC . 14.48 -5.19 -60.57
O14 PGV NC . 13.29 -7.20 -59.41
C1 PGV NC . 16.94 -4.64 -55.30
C2 PGV NC . 17.78 -4.52 -54.05
C3 PGV NC . 18.01 -5.89 -53.43
C4 PGV NC . 17.79 -5.89 -51.93
C5 PGV NC . 17.70 -7.33 -51.44
C6 PGV NC . 16.86 -7.43 -50.18
C7 PGV NC . 17.72 -7.29 -48.93
C8 PGV NC . 18.48 -8.57 -48.61
C9 PGV NC . 17.58 -9.79 -48.62
C10 PGV NC . 18.18 -10.96 -47.84
C11 PGV NC . 17.12 -11.53 -46.94
C12 PGV NC . 16.98 -12.83 -46.69
C13 PGV NC . 17.89 -13.87 -47.29
C14 PGV NC . 17.49 -15.22 -46.70
C15 PGV NC . 17.64 -15.24 -45.19
C19 PGV NC . 15.36 -9.88 -55.09
C20 PGV NC . 15.35 -10.97 -54.04
C21 PGV NC . 15.14 -10.36 -52.66
C22 PGV NC . 16.03 -11.03 -51.62
C23 PGV NC . 15.80 -12.54 -51.59
C24 PGV NC . 16.89 -13.25 -50.78
C25 PGV NC . 18.26 -12.63 -51.00
C26 PGV NC . 19.37 -13.62 -50.68
C27 PGV NC . 20.32 -13.75 -51.87
C28 PGV NC . 21.06 -12.45 -52.09
C29 PGV NC . 21.07 -12.03 -53.54
C30 PGV NC . 19.66 -11.72 -54.06
C31 PGV NC . 19.68 -10.64 -55.13
C1B LMT OC . 30.25 -16.84 -13.79
C2B LMT OC . 29.20 -17.54 -12.92
C3B LMT OC . 29.53 -18.96 -12.43
C4B LMT OC . 30.94 -19.38 -12.83
C5B LMT OC . 31.85 -18.20 -12.57
C6B LMT OC . 33.33 -18.62 -12.59
O1B LMT OC . 30.19 -15.44 -13.51
O2B LMT OC . 28.95 -16.70 -11.79
O3B LMT OC . 28.57 -19.90 -12.93
O4' LMT OC . 31.35 -20.52 -12.09
O5B LMT OC . 31.62 -17.27 -13.61
O6B LMT OC . 33.76 -18.90 -11.26
C1' LMT OC . 29.77 -12.26 -15.97
C2' LMT OC . 29.94 -13.55 -16.73
C3' LMT OC . 30.01 -14.79 -15.84
C4' LMT OC . 30.74 -14.57 -14.51
C5' LMT OC . 30.67 -13.14 -13.97
C6' LMT OC . 31.78 -12.91 -12.95
O1' LMT OC . 29.86 -11.21 -16.93
O2' LMT OC . 28.83 -13.67 -17.60
O3' LMT OC . 30.71 -15.77 -16.61
O5' LMT OC . 30.80 -12.15 -14.99
O6' LMT OC . 32.04 -11.51 -12.85
C1 LMT OC . 28.70 -10.38 -16.93
C2 LMT OC . 28.81 -9.39 -18.08
MG BCL PC . 19.98 -6.77 -41.29
CHA BCL PC . 23.07 -7.50 -40.10
CHB BCL PC . 18.82 -9.73 -40.31
CHC BCL PC . 16.84 -5.66 -42.03
CHD BCL PC . 21.14 -3.62 -42.34
NA BCL PC . 20.78 -8.36 -40.37
C1A BCL PC . 21.99 -8.50 -39.95
C2A BCL PC . 22.23 -9.79 -39.23
C3A BCL PC . 20.94 -10.52 -39.43
C4A BCL PC . 20.11 -9.47 -40.09
CMA BCL PC . 21.07 -11.73 -40.34
CAA BCL PC . 22.49 -9.59 -37.75
CBA BCL PC . 23.48 -10.63 -37.23
CGA BCL PC . 23.03 -11.08 -35.85
O1A BCL PC . 21.86 -11.21 -35.60
O2A BCL PC . 24.01 -11.37 -34.82
NB BCL PC . 18.09 -7.55 -41.18
C1B BCL PC . 17.78 -8.79 -40.77
C2B BCL PC . 16.35 -9.17 -40.80
C3B BCL PC . 15.74 -7.92 -41.32
C4B BCL PC . 16.90 -7.03 -41.53
CMB BCL PC . 15.76 -10.49 -40.37
CAB BCL PC . 14.31 -7.58 -41.62
OBB BCL PC . 14.03 -6.48 -42.04
CBB BCL PC . 13.22 -8.59 -41.40
NC BCL PC . 19.19 -5.14 -42.17
C1C BCL PC . 17.88 -4.94 -42.42
C2C BCL PC . 17.59 -3.71 -43.22
C3C BCL PC . 18.97 -3.28 -43.57
C4C BCL PC . 19.79 -4.10 -42.63
CMC BCL PC . 16.77 -4.04 -44.45
CAC BCL PC . 19.20 -1.78 -43.40
CBC BCL PC . 18.80 -1.23 -42.05
ND BCL PC . 21.69 -5.65 -41.26
C1D BCL PC . 22.12 -4.47 -41.70
C2D BCL PC . 23.57 -4.21 -41.41
C3D BCL PC . 23.91 -5.49 -40.76
C4D BCL PC . 22.81 -6.23 -40.73
CMD BCL PC . 24.56 -3.10 -41.64
CAD BCL PC . 25.02 -6.23 -40.12
OBD BCL PC . 26.23 -5.83 -39.97
CBD BCL PC . 24.50 -7.55 -39.68
CGD BCL PC . 25.24 -8.67 -40.34
O1D BCL PC . 25.31 -8.74 -41.55
O2D BCL PC . 25.93 -9.64 -39.52
CED BCL PC . 27.11 -10.26 -40.01
C1 BCL PC . 23.51 -11.78 -33.55
C2 BCL PC . 23.73 -13.26 -33.37
C3 BCL PC . 22.70 -14.03 -32.99
C4 BCL PC . 21.34 -13.41 -32.79
C5 BCL PC . 22.88 -15.51 -32.81
C6 BCL PC . 21.56 -16.12 -32.38
C7 BCL PC . 21.26 -17.39 -33.17
C8 BCL PC . 22.07 -18.53 -32.59
C9 BCL PC . 22.92 -19.18 -33.66
C10 BCL PC . 21.11 -19.53 -31.96
C11 BCL PC . 20.57 -19.00 -30.65
C12 BCL PC . 21.71 -18.81 -29.65
C13 BCL PC . 22.23 -20.16 -29.22
C14 BCL PC . 21.35 -20.76 -28.15
C15 BCL PC . 23.68 -20.06 -28.76
C16 BCL PC . 24.61 -20.55 -29.84
C17 BCL PC . 25.83 -21.24 -29.24
C18 BCL PC . 26.36 -22.29 -30.20
C19 BCL PC . 27.34 -23.22 -29.50
C20 BCL PC . 26.98 -21.65 -31.42
MG BCL QC . 28.24 -18.06 -34.23
CHA BCL QC . 31.12 -16.92 -32.77
CHB BCL QC . 27.12 -14.92 -34.53
CHC BCL QC . 26.21 -19.17 -36.65
CHD BCL QC . 29.39 -21.33 -33.94
NA BCL QC . 28.94 -16.25 -33.71
C1A BCL QC . 30.07 -15.94 -33.20
C2A BCL QC . 30.27 -14.48 -33.01
C3A BCL QC . 28.85 -13.99 -33.09
C4A BCL QC . 28.23 -15.13 -33.83
CMA BCL QC . 28.24 -13.85 -31.71
CAA BCL QC . 31.05 -13.87 -34.17
CBA BCL QC . 32.53 -13.74 -33.89
CGA BCL QC . 32.79 -12.91 -32.66
O1A BCL QC . 33.71 -13.20 -31.91
O2A BCL QC . 32.01 -11.74 -32.32
NB BCL QC . 26.87 -17.17 -35.45
C1B BCL QC . 26.50 -15.88 -35.45
C2B BCL QC . 25.44 -15.49 -36.43
C3B BCL QC . 25.18 -16.81 -37.05
C4B BCL QC . 26.10 -17.73 -36.37
CMB BCL QC . 24.85 -14.13 -36.66
CAB BCL QC . 24.23 -17.19 -38.15
OBB BCL QC . 24.53 -18.08 -38.93
CBB BCL QC . 22.93 -16.48 -38.24
NC BCL QC . 27.67 -19.84 -34.90
C1C BCL QC . 26.71 -20.06 -35.81
C2C BCL QC . 26.30 -21.48 -35.94
C3C BCL QC . 27.28 -22.14 -35.02
C4C BCL QC . 28.12 -21.00 -34.58
CMC BCL QC . 24.85 -21.68 -35.47
CAC BCL QC . 28.19 -23.14 -35.72
CBC BCL QC . 27.63 -23.66 -37.03
ND BCL QC . 29.89 -19.04 -33.56
C1D BCL QC . 30.28 -20.31 -33.44
C2D BCL QC . 31.63 -20.46 -32.80
C3D BCL QC . 31.92 -19.04 -32.54
C4D BCL QC . 30.89 -18.32 -32.97
CMD BCL QC . 32.58 -21.56 -32.43
CAD BCL QC . 32.95 -18.14 -31.99
OBD BCL QC . 34.06 -18.49 -31.47
CBD BCL QC . 32.45 -16.73 -32.10
CGD BCL QC . 32.30 -16.20 -30.71
O1D BCL QC . 31.30 -16.46 -30.05
O2D BCL QC . 33.35 -15.40 -30.12
CED BCL QC . 33.34 -15.10 -28.72
C1 BCL QC . 32.72 -10.56 -32.00
C2 BCL QC . 32.11 -9.85 -30.81
C3 BCL QC . 32.67 -10.01 -29.60
C4 BCL QC . 33.88 -10.88 -29.46
C5 BCL QC . 32.11 -9.33 -28.39
C6 BCL QC . 30.63 -9.00 -28.58
C7 BCL QC . 30.12 -8.19 -27.39
C8 BCL QC . 28.66 -8.44 -27.11
C9 BCL QC . 27.85 -7.15 -27.27
C10 BCL QC . 28.53 -8.98 -25.69
C11 BCL QC . 29.31 -10.28 -25.55
C12 BCL QC . 29.85 -10.44 -24.14
C13 BCL QC . 31.12 -11.26 -24.14
C14 BCL QC . 30.81 -12.75 -24.16
C15 BCL QC . 31.92 -10.88 -22.89
C16 BCL QC . 32.85 -12.01 -22.44
C17 BCL QC . 33.01 -11.92 -20.94
C18 BCL QC . 33.10 -13.29 -20.29
C19 BCL QC . 32.18 -14.30 -20.95
C20 BCL QC . 32.78 -13.15 -18.81
MG BCL RC . 26.43 -1.00 -38.12
CHA BCL RC . 25.66 -4.14 -36.96
CHB BCL RC . 29.35 -1.16 -36.47
CHC BCL RC . 26.91 2.26 -38.87
CHD BCL RC . 23.12 -0.63 -39.20
NA BCL RC . 27.41 -2.40 -37.09
C1A BCL RC . 27.03 -3.60 -36.82
C2A BCL RC . 28.08 -4.47 -36.25
C3A BCL RC . 29.11 -3.47 -35.82
C4A BCL RC . 28.61 -2.25 -36.52
CMA BCL RC . 29.06 -3.25 -34.32
CAA BCL RC . 28.58 -5.39 -37.34
CBA BCL RC . 29.30 -6.57 -36.71
CGA BCL RC . 30.78 -6.29 -36.80
O1A BCL RC . 31.31 -6.11 -37.88
O2A BCL RC . 31.59 -6.22 -35.60
NB BCL RC . 27.90 0.37 -37.71
C1B BCL RC . 29.04 0.15 -37.06
C2B BCL RC . 29.97 1.30 -36.92
C3B BCL RC . 29.23 2.35 -37.64
C4B BCL RC . 27.99 1.65 -38.09
CMB BCL RC . 31.29 1.26 -36.20
CAB BCL RC . 29.57 3.77 -37.91
OBB BCL RC . 28.89 4.44 -38.66
CBB BCL RC . 30.78 4.37 -37.26
NC BCL RC . 25.33 0.47 -38.94
C1C BCL RC . 25.73 1.73 -39.14
C2C BCL RC . 24.69 2.62 -39.73
C3C BCL RC . 23.57 1.66 -39.96
C4C BCL RC . 24.11 0.42 -39.33
CMC BCL RC . 24.28 3.69 -38.74
CAC BCL RC . 23.26 1.41 -41.42
CBC BCL RC . 22.16 2.34 -41.90
ND BCL RC . 24.68 -2.05 -38.12
C1D BCL RC . 23.45 -1.88 -38.57
C2D BCL RC . 22.56 -3.05 -38.30
C3D BCL RC . 23.51 -3.94 -37.65
C4D BCL RC . 24.67 -3.31 -37.60
CMD BCL RC . 21.13 -3.42 -38.55
CAD BCL RC . 23.64 -5.28 -37.04
OBD BCL RC . 22.71 -6.15 -36.93
CBD BCL RC . 25.06 -5.46 -36.59
CGD BCL RC . 25.13 -5.82 -35.13
O1D BCL RC . 24.54 -5.18 -34.29
O2D BCL RC . 25.88 -6.97 -34.70
CED BCL RC . 25.79 -7.36 -33.33
C1 BCL RC . 32.96 -5.87 -35.73
C2 BCL RC . 33.42 -5.16 -34.48
C3 BCL RC . 33.70 -5.85 -33.37
C4 BCL RC . 33.55 -7.35 -33.36
C5 BCL RC . 34.17 -5.14 -32.12
C6 BCL RC . 33.30 -5.50 -30.94
C7 BCL RC . 31.91 -4.91 -31.10
C8 BCL RC . 31.55 -4.13 -29.85
C9 BCL RC . 30.75 -5.02 -28.90
C10 BCL RC . 30.79 -2.88 -30.27
C11 BCL RC . 29.49 -2.72 -29.50
C12 BCL RC . 28.73 -1.50 -29.99
C13 BCL RC . 28.82 -0.41 -28.93
C14 BCL RC . 28.12 -0.85 -27.65
C15 BCL RC . 28.24 0.87 -29.51
C16 BCL RC . 26.82 0.66 -29.99
C17 BCL RC . 26.23 1.99 -30.43
C18 BCL RC . 24.92 1.77 -31.17
C19 BCL RC . 24.51 3.05 -31.89
C20 BCL RC . 23.84 1.32 -30.21
P PGV SC . 31.24 8.69 -51.24
C01 PGV SC . 32.39 4.67 -48.56
C02 PGV SC . 32.27 6.19 -48.57
C03 PGV SC . 32.42 6.67 -50.01
O01 PGV SC . 33.27 6.78 -47.73
O02 PGV SC . 32.44 8.94 -47.59
O03 PGV SC . 31.94 4.15 -47.31
O04 PGV SC . 31.39 2.12 -48.25
O11 PGV SC . 32.17 8.06 -50.08
O12 PGV SC . 29.77 8.22 -50.84
O13 PGV SC . 31.32 10.19 -51.12
O14 PGV SC . 31.64 8.01 -52.53
C1 PGV SC . 32.82 7.95 -47.00
C2 PGV SC . 32.85 7.97 -45.50
C3 PGV SC . 31.93 6.86 -44.99
C4 PGV SC . 32.29 6.49 -43.56
C5 PGV SC . 32.09 5.00 -43.32
C6 PGV SC . 30.78 4.75 -42.59
C7 PGV SC . 31.02 3.95 -41.32
C8 PGV SC . 31.40 2.51 -41.64
C9 PGV SC . 31.08 1.62 -40.46
C10 PGV SC . 31.58 0.19 -40.66
C11 PGV SC . 31.50 -0.49 -39.31
C12 PGV SC . 31.26 -1.79 -39.21
C13 PGV SC . 31.10 -2.64 -40.45
C14 PGV SC . 31.73 -4.00 -40.17
C19 PGV SC . 31.46 2.78 -47.22
C20 PGV SC . 31.08 2.20 -45.88
C21 PGV SC . 30.52 0.79 -46.04
C22 PGV SC . 31.27 -0.21 -45.18
C23 PGV SC . 32.66 -0.45 -45.75
C24 PGV SC . 33.43 -1.45 -44.89
C25 PGV SC . 33.63 -0.91 -43.49
MG BCL TC . 30.90 4.19 -33.39
CHA BCL TC . 33.64 3.67 -31.41
CHB BCL TC . 29.85 1.08 -32.63
CHC BCL TC . 28.06 4.84 -35.11
CHD BCL TC . 31.70 7.60 -33.58
NA BCL TC . 31.68 2.60 -32.44
C1A BCL TC . 32.76 2.53 -31.74
C2A BCL TC . 33.06 1.16 -31.23
C3A BCL TC . 32.04 0.31 -31.94
C4A BCL TC . 31.12 1.39 -32.40
CMA BCL TC . 32.62 -0.49 -33.10
CAA BCL TC . 32.84 1.04 -29.73
CBA BCL TC . 33.97 0.25 -29.09
CGA BCL TC . 33.50 -0.50 -27.87
O1A BCL TC . 32.38 -0.34 -27.41
O2A BCL TC . 34.40 -1.43 -27.22
NB BCL TC . 29.19 3.14 -33.79
C1B BCL TC . 28.92 1.88 -33.44
C2B BCL TC . 27.62 1.32 -33.88
C3B BCL TC . 27.07 2.47 -34.63
C4B BCL TC . 28.13 3.50 -34.52
CMB BCL TC . 27.09 -0.04 -33.58
CAB BCL TC . 25.77 2.61 -35.36
OBB BCL TC . 25.35 3.72 -35.65
CBB BCL TC . 25.00 1.39 -35.75
NC BCL TC . 30.06 5.82 -34.19
C1C BCL TC . 28.88 5.84 -34.85
C2C BCL TC . 28.48 7.19 -35.34
C3C BCL TC . 29.61 8.03 -34.84
C4C BCL TC . 30.49 7.04 -34.16
CMC BCL TC . 28.41 7.19 -36.86
CAC BCL TC . 29.07 9.04 -33.83
CBC BCL TC . 29.63 10.42 -34.12
ND BCL TC . 32.31 5.49 -32.67
C1D BCL TC . 32.61 6.78 -32.79
C2D BCL TC . 33.85 7.18 -32.03
C3D BCL TC . 34.23 5.86 -31.49
C4D BCL TC . 33.33 4.98 -31.91
CMD BCL TC . 34.66 8.42 -31.76
CAD BCL TC . 35.25 5.19 -30.66
OBD BCL TC . 36.24 5.74 -30.09
CBD BCL TC . 34.88 3.74 -30.57
CGD BCL TC . 35.99 2.88 -31.09
O1D BCL TC . 36.28 2.87 -32.27
O2D BCL TC . 36.72 2.03 -30.17
CED BCL TC . 37.34 0.83 -30.63
C1 BCL TC . 33.97 -2.75 -26.88
C2 BCL TC . 34.58 -3.71 -27.88
C3 BCL TC . 35.78 -4.24 -27.68
C4 BCL TC . 36.54 -3.89 -26.42
C5 BCL TC . 36.37 -5.20 -28.69
C6 BCL TC . 37.89 -5.29 -28.56
C7 BCL TC . 38.30 -6.55 -27.81
C8 BCL TC . 39.81 -6.69 -27.63
C9 BCL TC . 40.11 -7.35 -26.30
C10 BCL TC . 40.53 -5.34 -27.75
C11 BCL TC . 41.51 -5.35 -28.92
C12 BCL TC . 42.38 -6.60 -28.88
C13 BCL TC . 43.69 -6.49 -29.65
C14 BCL TC . 43.49 -6.21 -31.14
C15 BCL TC . 44.42 -7.81 -29.47
C16 BCL TC . 45.55 -8.04 -30.46
C17 BCL TC . 46.86 -7.45 -29.97
C18 BCL TC . 48.00 -8.42 -30.23
C19 BCL TC . 47.86 -9.67 -29.38
C20 BCL TC . 49.35 -7.77 -29.97
P PGV UC . 30.76 11.83 -46.89
C01 PGV UC . 32.21 13.40 -44.04
C02 PGV UC . 32.61 14.44 -45.09
C03 PGV UC . 31.77 14.21 -46.34
C04 PGV UC . 28.21 12.47 -47.30
C05 PGV UC . 27.46 13.77 -47.59
C06 PGV UC . 26.05 13.45 -48.05
O01 PGV UC . 33.97 14.24 -45.42
O02 PGV UC . 34.39 16.20 -44.27
O03 PGV UC . 33.32 13.15 -43.21
O04 PGV UC . 34.80 11.38 -43.31
O05 PGV UC . 28.15 14.50 -48.61
O06 PGV UC . 25.13 14.32 -47.38
O11 PGV UC . 31.99 12.87 -46.79
O12 PGV UC . 29.51 12.83 -46.83
O13 PGV UC . 30.77 10.98 -45.64
O14 PGV UC . 30.79 11.17 -48.26
C1 PGV UC . 34.85 15.27 -44.90
C2 PGV UC . 36.33 15.17 -45.16
C3 PGV UC . 36.77 13.71 -45.10
C4 PGV UC . 36.55 12.99 -46.43
C5 PGV UC . 36.24 11.51 -46.24
C6 PGV UC . 37.50 10.65 -46.39
C7 PGV UC . 38.14 10.38 -45.03
C8 PGV UC . 37.29 9.41 -44.22
C9 PGV UC . 37.27 8.03 -44.88
C10 PGV UC . 36.34 7.10 -44.12
C11 PGV UC . 36.10 5.83 -44.93
C12 PGV UC . 36.13 4.64 -44.36
C13 PGV UC . 36.40 4.50 -42.88
C14 PGV UC . 35.27 3.71 -42.24
C15 PGV UC . 35.54 3.40 -40.77
C16 PGV UC . 36.13 2.00 -40.61
C17 PGV UC . 36.17 1.60 -39.15
C18 PGV UC . 35.36 0.36 -38.90
C19 PGV UC . 33.72 11.77 -42.92
C20 PGV UC . 32.76 10.87 -42.18
C21 PGV UC . 33.49 9.63 -41.71
C22 PGV UC . 33.68 9.72 -40.21
C23 PGV UC . 32.34 9.75 -39.50
C24 PGV UC . 31.76 8.34 -39.53
C25 PGV UC . 32.62 7.45 -38.66
C26 PGV UC . 32.50 7.90 -37.21
C27 PGV UC . 33.77 7.57 -36.47
C28 PGV UC . 34.20 6.15 -36.81
C29 PGV UC . 33.85 5.20 -35.68
C30 PGV UC . 34.45 3.84 -35.97
C31 PGV UC . 34.21 2.90 -34.81
C32 PGV UC . 34.71 1.51 -35.16
C33 PGV UC . 36.19 1.53 -35.49
C1M CRT VC . 47.85 -17.70 -20.73
O1 CRT VC . 48.18 -16.32 -20.87
C1 CRT VC . 48.53 -15.61 -19.68
C2 CRT VC . 50.00 -15.47 -19.29
C3 CRT VC . 47.45 -14.84 -18.93
C4 CRT VC . 48.79 -14.42 -20.62
C5 CRT VC . 47.59 -14.01 -21.45
C6 CRT VC . 47.26 -12.72 -21.49
C7 CRT VC . 46.12 -12.17 -22.25
C8 CRT VC . 45.45 -12.98 -23.32
C9 CRT VC . 45.71 -10.93 -21.95
C10 CRT VC . 44.61 -10.26 -22.63
C11 CRT VC . 44.54 -8.94 -22.48
C12 CRT VC . 43.50 -8.11 -23.12
C13 CRT VC . 42.57 -8.71 -24.13
C14 CRT VC . 43.42 -6.82 -22.76
C15 CRT VC . 42.47 -5.84 -23.28
C16 CRT VC . 42.58 -4.62 -22.78
C17 CRT VC . 41.75 -3.45 -23.17
C18 CRT VC . 41.03 -3.38 -24.48
C19 CRT VC . 41.69 -2.43 -22.30
C20 CRT VC . 40.92 -1.22 -22.56
C21 CRT VC . 40.95 -0.26 -21.64
C22 CRT VC . 40.20 0.97 -21.84
C23 CRT VC . 39.96 1.81 -20.82
C24 CRT VC . 40.48 1.49 -19.45
C25 CRT VC . 39.18 3.03 -21.06
C26 CRT VC . 38.84 3.86 -20.08
C27 CRT VC . 38.04 5.02 -20.40
C28 CRT VC . 37.55 5.83 -19.45
C29 CRT VC . 37.85 5.57 -18.01
C30 CRT VC . 36.72 6.96 -19.87
C31 CRT VC . 35.94 7.66 -19.05
C32 CRT VC . 35.18 8.74 -19.66
C33 CRT VC . 34.38 9.59 -19.02
C34 CRT VC . 34.20 9.52 -17.53
C35 CRT VC . 33.69 10.61 -19.83
C36 CRT VC . 32.67 11.33 -19.41
C37 CRT VC . 32.07 12.31 -20.39
C38 CRT VC . 30.61 11.98 -20.59
C39 CRT VC . 29.84 12.12 -19.28
C40 CRT VC . 30.03 12.89 -21.66
O2 CRT VC . 30.57 10.63 -21.03
C2M CRT VC . 29.43 9.82 -20.84
MG BCL WC . 35.22 9.99 -27.48
CHA BCL WC . 34.75 6.62 -27.15
CHB BCL WC . 37.43 9.91 -24.97
CHC BCL WC . 35.48 13.33 -27.76
CHD BCL WC . 32.29 10.17 -29.43
NA BCL WC . 36.11 8.54 -26.43
C1A BCL WC . 35.91 7.27 -26.49
C2A BCL WC . 36.89 6.44 -25.72
C3A BCL WC . 37.58 7.49 -24.89
C4A BCL WC . 37.03 8.75 -25.47
CMA BCL WC . 37.17 7.36 -23.43
CAA BCL WC . 37.79 5.62 -26.63
CBA BCL WC . 39.28 5.65 -26.30
CGA BCL WC . 39.66 4.94 -25.01
O1A BCL WC . 38.96 4.05 -24.55
O2A BCL WC . 40.87 5.36 -24.34
NB BCL WC . 36.28 11.43 -26.49
C1B BCL WC . 37.17 11.26 -25.50
C2B BCL WC . 37.82 12.48 -24.97
C3B BCL WC . 37.22 13.51 -25.83
C4B BCL WC . 36.32 12.75 -26.71
CMB BCL WC . 38.82 12.53 -23.84
CAB BCL WC . 37.42 15.00 -25.86
OBB BCL WC . 36.79 15.69 -26.63
CBB BCL WC . 38.41 15.65 -24.95
NC BCL WC . 34.17 11.44 -28.39
C1C BCL WC . 34.45 12.76 -28.34
C2C BCL WC . 33.48 13.62 -29.08
C3C BCL WC . 32.56 12.61 -29.67
C4C BCL WC . 33.10 11.35 -29.10
CMC BCL WC . 32.72 14.52 -28.12
CAC BCL WC . 32.66 12.53 -31.19
CBC BCL WC . 31.71 13.50 -31.85
ND BCL WC . 33.74 8.76 -28.16
C1D BCL WC . 32.66 8.86 -28.93
C2D BCL WC . 31.94 7.57 -29.15
C3D BCL WC . 32.84 6.68 -28.41
C4D BCL WC . 33.83 7.42 -27.90
CMD BCL WC . 30.71 7.13 -29.87
CAD BCL WC . 33.04 5.27 -27.99
OBD BCL WC . 32.30 4.27 -28.30
CBD BCL WC . 34.30 5.19 -27.18
CGD BCL WC . 34.04 4.63 -25.83
O1D BCL WC . 33.53 5.29 -24.96
O2D BCL WC . 34.40 3.26 -25.53
CED BCL WC . 34.35 2.85 -24.17
C1 BCL WC . 40.88 5.57 -22.93
C2 BCL WC . 42.19 6.17 -22.51
C3 BCL WC . 42.44 7.48 -22.67
C4 BCL WC . 41.41 8.38 -23.28
C5 BCL WC . 43.77 8.04 -22.22
C6 BCL WC . 43.59 8.94 -21.02
C7 BCL WC . 43.84 8.22 -19.70
C8 BCL WC . 45.07 8.78 -18.97
C9 BCL WC . 46.35 8.32 -19.67
C10 BCL WC . 45.06 8.40 -17.50
C11 BCL WC . 45.55 6.97 -17.30
C12 BCL WC . 46.23 6.71 -15.96
C13 BCL WC . 47.34 5.67 -16.10
C14 BCL WC . 47.30 4.95 -17.45
C15 BCL WC . 47.28 4.68 -14.95
C16 BCL WC . 48.01 3.37 -15.27
C17 BCL WC . 49.52 3.48 -15.08
C18 BCL WC . 50.28 3.21 -16.36
C19 BCL WC . 49.67 2.06 -17.16
C20 BCL WC . 51.75 2.91 -16.07
P PGV XC . 38.05 25.91 -33.53
C01 PGV XC . 39.96 25.20 -29.87
C02 PGV XC . 39.32 26.58 -29.91
C03 PGV XC . 38.89 26.92 -31.33
C04 PGV XC . 36.38 24.82 -35.21
C05 PGV XC . 34.87 24.76 -35.10
C06 PGV XC . 34.40 26.04 -34.43
O01 PGV XC . 40.34 27.51 -29.56
O02 PGV XC . 38.71 28.87 -28.64
O03 PGV XC . 40.18 24.85 -28.50
O04 PGV XC . 42.27 24.07 -27.92
O05 PGV XC . 34.52 23.64 -34.29
O06 PGV XC . 34.92 27.16 -35.15
O11 PGV XC . 38.12 25.89 -31.92
O12 PGV XC . 36.94 24.81 -33.90
O13 PGV XC . 39.40 25.45 -34.02
O14 PGV XC . 37.50 27.26 -33.91
C1 PGV XC . 39.85 28.77 -29.06
C2 PGV XC . 40.77 29.97 -29.09
C3 PGV XC . 41.98 29.65 -29.98
C4 PGV XC . 43.19 29.19 -29.18
C5 PGV XC . 43.33 27.67 -29.14
C6 PGV XC . 43.69 27.09 -30.50
C7 PGV XC . 43.99 25.60 -30.38
C8 PGV XC . 45.06 25.35 -29.33
C9 PGV XC . 45.41 23.88 -29.26
C10 PGV XC . 46.45 23.60 -28.18
C11 PGV XC . 47.55 24.63 -28.26
C12 PGV XC . 48.25 24.98 -27.19
C13 PGV XC . 48.00 24.39 -25.83
C14 PGV XC . 49.09 23.36 -25.54
C15 PGV XC . 49.19 23.01 -24.06
C16 PGV XC . 49.25 21.50 -23.85
C17 PGV XC . 49.57 21.16 -22.40
C18 PGV XC . 50.93 21.69 -22.00
C19 PGV XC . 41.10 23.79 -28.13
C20 PGV XC . 40.63 22.36 -28.07
C21 PGV XC . 40.95 21.70 -26.73
C22 PGV XC . 39.82 21.90 -25.73
C23 PGV XC . 39.32 20.58 -25.12
C24 PGV XC . 40.39 19.92 -24.27
C25 PGV XC . 39.82 18.72 -23.52
C26 PGV XC . 40.94 17.83 -23.04
C27 PGV XC . 40.40 16.68 -22.19
C28 PGV XC . 41.23 15.42 -22.42
C29 PGV XC . 40.98 14.39 -21.32
C30 PGV XC . 41.93 13.21 -21.50
P PGV YC . 39.99 22.64 -36.92
C01 PGV YC . 42.18 18.73 -35.03
C02 PGV YC . 41.88 20.16 -34.62
C03 PGV YC . 41.86 21.07 -35.84
C04 PGV YC . 39.93 20.95 -38.95
C05 PGV YC . 38.90 20.24 -39.82
C06 PGV YC . 39.61 19.40 -40.86
O01 PGV YC . 42.83 20.59 -33.65
O02 PGV YC . 41.43 22.33 -33.02
O03 PGV YC . 41.92 17.91 -33.91
O04 PGV YC . 41.76 16.04 -35.23
O05 PGV YC . 38.08 21.22 -40.45
O06 PGV YC . 40.43 18.41 -40.23
O11 PGV YC . 40.48 21.40 -36.03
O12 PGV YC . 39.24 21.91 -38.15
O13 PGV YC . 38.93 23.35 -36.12
O14 PGV YC . 41.19 23.40 -37.42
C1 PGV YC . 42.22 21.47 -32.67
C2 PGV YC . 42.56 21.33 -31.20
C3 PGV YC . 42.53 19.88 -30.75
C4 PGV YC . 41.12 19.36 -30.46
C5 PGV YC . 41.20 18.14 -29.55
C6 PGV YC . 39.88 17.41 -29.43
C7 PGV YC . 39.77 16.72 -28.07
C8 PGV YC . 40.66 15.49 -27.95
C9 PGV YC . 40.02 14.27 -28.61
C10 PGV YC . 40.23 12.98 -27.81
C11 PGV YC . 39.87 11.82 -28.69
C12 PGV YC . 40.22 10.57 -28.41
C13 PGV YC . 41.00 10.24 -27.16
C14 PGV YC . 40.84 8.75 -26.89
C19 PGV YC . 41.67 16.50 -34.10
C20 PGV YC . 41.33 15.63 -32.93
C21 PGV YC . 41.00 14.24 -33.46
C22 PGV YC . 40.91 13.26 -32.31
C23 PGV YC . 42.17 13.34 -31.47
C24 PGV YC . 42.56 11.97 -30.92
C1 CDL ZC . 32.33 -8.27 -4.28
O1 CDL ZC . 32.37 -9.60 -3.78
CA2 CDL ZC . 31.93 -8.28 -5.75
OA2 CDL ZC . 32.67 -9.27 -6.46
PA1 CDL ZC . 32.01 -10.72 -6.59
OA3 CDL ZC . 30.57 -10.57 -6.18
OA4 CDL ZC . 32.89 -11.71 -5.87
OA5 CDL ZC . 32.05 -11.03 -8.17
CA3 CDL ZC . 31.15 -12.01 -8.68
CA4 CDL ZC . 29.91 -11.24 -9.17
OA6 CDL ZC . 28.81 -12.13 -9.28
CA5 CDL ZC . 28.66 -12.80 -10.56
OA7 CDL ZC . 29.46 -13.65 -10.88
C11 CDL ZC . 27.51 -12.43 -11.46
C12 CDL ZC . 27.37 -13.42 -12.61
C13 CDL ZC . 26.11 -13.11 -13.42
C14 CDL ZC . 25.75 -14.33 -14.26
C15 CDL ZC . 24.52 -14.09 -15.13
C16 CDL ZC . 24.77 -12.99 -16.14
C17 CDL ZC . 23.88 -13.21 -17.35
C18 CDL ZC . 24.35 -12.38 -18.54
C19 CDL ZC . 23.52 -12.70 -19.78
C20 CDL ZC . 22.03 -12.51 -19.52
C21 CDL ZC . 21.44 -11.50 -20.50
C22 CDL ZC . 20.28 -12.10 -21.27
C23 CDL ZC . 19.85 -11.17 -22.39
CA6 CDL ZC . 30.24 -10.52 -10.47
OA8 CDL ZC . 29.28 -9.51 -10.75
CA7 CDL ZC . 29.11 -9.02 -12.12
OA9 CDL ZC . 29.63 -9.66 -13.03
C31 CDL ZC . 28.33 -7.76 -12.40
C32 CDL ZC . 27.94 -7.71 -13.87
C33 CDL ZC . 28.31 -6.37 -14.47
C34 CDL ZC . 27.56 -5.22 -13.81
C35 CDL ZC . 26.14 -5.06 -14.37
C36 CDL ZC . 25.56 -3.70 -14.00
C37 CDL ZC . 24.22 -3.48 -14.70
C38 CDL ZC . 24.00 -2.01 -15.09
C39 CDL ZC . 23.38 -1.94 -16.48
C40 CDL ZC . 24.26 -2.65 -17.51
C41 CDL ZC . 23.51 -2.96 -18.80
C42 CDL ZC . 23.39 -1.74 -19.72
CB2 CDL ZC . 33.69 -7.61 -4.17
OB2 CDL ZC . 33.48 -6.24 -4.47
PB2 CDL ZC . 34.69 -5.24 -4.79
OB3 CDL ZC . 35.50 -5.83 -5.94
OB4 CDL ZC . 35.36 -4.87 -3.51
OB5 CDL ZC . 33.83 -3.99 -5.33
CB3 CDL ZC . 34.31 -2.67 -5.20
CB4 CDL ZC . 33.23 -1.72 -5.69
OB6 CDL ZC . 32.26 -1.53 -4.66
CB5 CDL ZC . 32.53 -0.32 -3.90
OB7 CDL ZC . 32.81 -0.41 -2.72
C51 CDL ZC . 32.52 1.03 -4.58
C52 CDL ZC . 31.10 1.51 -4.83
C53 CDL ZC . 31.04 3.03 -4.65
C54 CDL ZC . 29.65 3.59 -4.97
C55 CDL ZC . 29.33 3.45 -6.46
C56 CDL ZC . 27.87 3.74 -6.73
C57 CDL ZC . 27.60 5.23 -6.92
CB6 CDL ZC . 32.60 -2.34 -6.93
OB8 CDL ZC . 31.57 -1.53 -7.46
CB7 CDL ZC . 30.58 -2.13 -8.36
OB9 CDL ZC . 30.58 -3.34 -8.51
C71 CDL ZC . 29.61 -1.26 -9.09
C72 CDL ZC . 28.87 -2.11 -10.11
C73 CDL ZC . 27.52 -1.51 -10.46
C74 CDL ZC . 27.66 -0.12 -11.03
C75 CDL ZC . 26.33 0.63 -10.95
C76 CDL ZC . 26.50 2.07 -11.42
C77 CDL ZC . 25.14 2.76 -11.51
C78 CDL ZC . 24.27 2.07 -12.56
C79 CDL ZC . 24.85 2.26 -13.94
C1B LMT AD . 21.21 25.89 -15.25
C2B LMT AD . 20.96 26.32 -16.69
C3B LMT AD . 22.25 26.70 -17.40
C4B LMT AD . 23.05 27.69 -16.57
C5B LMT AD . 23.29 27.08 -15.20
C6B LMT AD . 24.14 28.00 -14.31
O1B LMT AD . 21.87 24.63 -15.26
O2B LMT AD . 20.35 25.23 -17.39
O3B LMT AD . 21.93 27.29 -18.68
O4' LMT AD . 24.30 28.01 -17.19
O5B LMT AD . 22.03 26.86 -14.58
O6B LMT AD . 24.91 27.18 -13.44
C1' LMT AD . 21.97 21.14 -13.85
C2' LMT AD . 20.70 21.82 -14.34
C3' LMT AD . 20.55 23.23 -13.79
C4' LMT AD . 21.83 24.04 -13.96
C5' LMT AD . 23.08 23.21 -13.78
C6' LMT AD . 24.16 24.01 -13.07
O1' LMT AD . 21.69 19.96 -13.12
O2' LMT AD . 20.72 21.88 -15.78
O3' LMT AD . 20.20 23.18 -12.40
O5' LMT AD . 22.74 22.04 -13.04
O6' LMT AD . 25.43 23.35 -13.23
C1 LMT AD . 22.85 19.13 -13.08
C2 LMT AD . 23.29 18.91 -11.63
C3 LMT AD . 23.33 17.45 -11.26
C4 LMT AD . 24.01 16.63 -12.35
C5 LMT AD . 24.44 15.26 -11.83
C6 LMT AD . 23.40 14.68 -10.88
MG BCL BD . 37.28 14.70 -20.73
CHA BCL BD . 39.40 14.13 -18.13
CHB BCL BD . 36.73 11.43 -21.04
CHC BCL BD . 34.94 15.44 -23.09
CHD BCL BD . 37.69 18.17 -20.26
NA BCL BD . 38.01 13.05 -19.86
C1A BCL BD . 38.81 12.98 -18.85
C2A BCL BD . 39.16 11.56 -18.48
C3A BCL BD . 38.66 10.80 -19.67
C4A BCL BD . 37.73 11.82 -20.26
CMA BCL BD . 39.76 10.44 -20.66
CAA BCL BD . 38.43 11.11 -17.23
CBA BCL BD . 39.38 10.49 -16.22
CGA BCL BD . 38.60 9.52 -15.35
O1A BCL BD . 37.46 9.22 -15.64
O2A BCL BD . 39.19 8.92 -14.18
NB BCL BD . 36.00 13.61 -21.90
C1B BCL BD . 35.91 12.27 -21.92
C2B BCL BD . 34.91 11.69 -22.86
C3B BCL BD . 34.36 12.92 -23.48
C4B BCL BD . 35.12 14.01 -22.81
CMB BCL BD . 34.61 10.23 -23.05
CAB BCL BD . 33.30 13.10 -24.52
OBB BCL BD . 32.96 14.22 -24.84
CBB BCL BD . 32.66 11.91 -25.17
NC BCL BD . 36.55 16.37 -21.57
C1C BCL BD . 35.60 16.43 -22.51
C2C BCL BD . 35.24 17.81 -22.93
C3C BCL BD . 36.29 18.61 -22.23
C4C BCL BD . 36.88 17.59 -21.33
CMC BCL BD . 35.34 17.93 -24.45
CAC BCL BD . 35.73 19.68 -21.31
CBC BCL BD . 34.81 20.62 -22.04
ND BCL BD . 38.26 16.00 -19.50
C1D BCL BD . 38.42 17.32 -19.35
C2D BCL BD . 39.34 17.71 -18.24
C3D BCL BD . 39.71 16.35 -17.77
C4D BCL BD . 39.08 15.47 -18.54
CMD BCL BD . 39.86 18.96 -17.60
CAD BCL BD . 40.52 15.64 -16.76
OBD BCL BD . 41.25 16.19 -15.87
CBD BCL BD . 40.35 14.18 -16.97
CGD BCL BD . 41.68 13.57 -17.28
O1D BCL BD . 42.26 13.85 -18.31
O2D BCL BD . 42.30 12.67 -16.33
CED BCL BD . 43.36 11.83 -16.77
C1 BCL BD . 38.36 8.15 -13.31
C2 BCL BD . 38.83 6.71 -13.22
C3 BCL BD . 38.17 5.76 -13.88
C4 BCL BD . 36.98 6.14 -14.72
C5 BCL BD . 38.59 4.32 -13.81
C6 BCL BD . 37.36 3.43 -13.95
C7 BCL BD . 37.46 2.48 -15.13
C8 BCL BD . 38.15 1.17 -14.78
C9 BCL BD . 39.34 0.91 -15.71
C10 BCL BD . 37.14 0.01 -14.83
C11 BCL BD . 35.72 0.47 -14.52
C12 BCL BD . 35.10 -0.30 -13.36
C13 BCL BD . 33.84 0.39 -12.84
C14 BCL BD . 33.42 -0.20 -11.50
C15 BCL BD . 32.70 0.30 -13.84
C16 BCL BD . 32.07 -1.10 -13.88
C17 BCL BD . 31.01 -1.21 -14.97
C18 BCL BD . 29.69 -0.57 -14.54
C19 BCL BD . 28.65 -1.62 -14.24
C20 BCL BD . 29.18 0.40 -15.60
MG BCL CD . 44.35 3.57 -12.86
CHA BCL CD . 45.59 4.50 -9.83
CHB BCL CD . 42.68 6.47 -13.08
CHC BCL CD . 44.06 3.00 -16.17
CHD BCL CD . 46.29 0.66 -12.76
NA BCL CD . 44.07 5.14 -11.66
C1A BCL CD . 44.62 5.37 -10.51
C2A BCL CD . 44.16 6.64 -9.86
C3A BCL CD . 43.01 7.04 -10.75
C4A BCL CD . 43.24 6.16 -11.92
CMA BCL CD . 41.68 6.69 -10.10
CAA BCL CD . 45.26 7.69 -9.87
CBA BCL CD . 44.84 8.92 -9.07
CGA BCL CD . 44.80 8.63 -7.58
O1A BCL CD . 45.83 8.64 -6.93
O2A BCL CD . 43.55 8.35 -6.88
NB BCL CD . 43.51 4.59 -14.42
C1B BCL CD . 42.85 5.76 -14.35
C2B BCL CD . 42.32 6.28 -15.65
C3B BCL CD . 42.73 5.21 -16.57
C4B BCL CD . 43.45 4.24 -15.71
CMB BCL CD . 41.56 7.57 -15.85
CAB BCL CD . 42.54 5.09 -18.05
OBB BCL CD . 43.32 4.43 -18.71
CBB BCL CD . 41.35 5.75 -18.67
NC BCL CD . 44.72 2.04 -14.09
C1C BCL CD . 44.36 1.98 -15.38
C2C BCL CD . 44.44 0.58 -15.94
C3C BCL CD . 44.95 -0.18 -14.75
C4C BCL CD . 45.30 0.94 -13.82
CMC BCL CD . 43.08 0.08 -16.39
CAC BCL CD . 46.20 -0.98 -15.07
CBC BCL CD . 47.11 -0.25 -16.03
ND BCL CD . 45.70 2.67 -11.64
C1D BCL CD . 46.42 1.53 -11.61
C2D BCL CD . 47.25 1.38 -10.37
C3D BCL CD . 46.86 2.61 -9.68
C4D BCL CD . 45.99 3.26 -10.44
CMD BCL CD . 48.23 0.41 -9.76
CAD BCL CD . 47.11 3.40 -8.45
OBD BCL CD . 47.88 3.07 -7.48
CBD BCL CD . 46.26 4.63 -8.50
CGD BCL CD . 45.27 4.51 -7.40
O1D BCL CD . 44.16 4.06 -7.62
O2D BCL CD . 45.62 4.88 -6.05
CED BCL CD . 44.77 4.50 -4.98
C1 BCL CD . 43.26 9.05 -5.67
C2 BCL CD . 41.80 9.44 -5.65
C3 BCL CD . 41.04 9.35 -4.54
C4 BCL CD . 41.60 8.86 -3.25
C5 BCL CD . 39.59 9.76 -4.62
C6 BCL CD . 38.74 8.90 -3.70
C7 BCL CD . 37.41 8.54 -4.35
C8 BCL CD . 36.23 9.10 -3.56
C9 BCL CD . 35.15 8.05 -3.36
C10 BCL CD . 35.73 10.37 -4.25
C11 BCL CD . 34.23 10.39 -4.57
C12 BCL CD . 33.94 11.55 -5.51
C13 BCL CD . 32.45 11.64 -5.87
C14 BCL CD . 32.18 12.83 -6.78
C15 BCL CD . 31.62 11.73 -4.61
C16 BCL CD . 30.26 12.37 -4.89
C17 BCL CD . 29.31 11.40 -5.55
C18 BCL CD . 28.12 12.16 -6.12
C19 BCL CD . 27.59 13.16 -5.11
C20 BCL CD . 27.02 11.21 -6.57
MG BCL DD . 38.78 20.05 -13.32
CHA BCL DD . 38.75 16.66 -13.54
CHB BCL DD . 40.46 19.83 -10.40
CHC BCL DD . 38.42 23.40 -12.96
CHD BCL DD . 36.51 20.21 -15.99
NA BCL DD . 39.60 18.57 -12.26
C1A BCL DD . 39.59 17.32 -12.52
C2A BCL DD . 40.49 16.50 -11.67
C3A BCL DD . 40.84 17.45 -10.57
C4A BCL DD . 40.28 18.72 -11.10
CMA BCL DD . 40.14 17.08 -9.27
CAA BCL DD . 41.70 16.08 -12.47
CBA BCL DD . 42.29 14.81 -11.89
CGA BCL DD . 43.32 15.18 -10.87
O1A BCL DD . 43.97 16.21 -10.99
O2A BCL DD . 43.59 14.32 -9.75
NB BCL DD . 39.32 21.41 -11.88
C1B BCL DD . 40.03 21.18 -10.76
C2B BCL DD . 40.32 22.34 -9.90
C3B BCL DD . 39.70 23.42 -10.68
C4B BCL DD . 39.15 22.74 -11.87
CMB BCL DD . 41.06 22.34 -8.59
CAB BCL DD . 39.63 24.88 -10.41
OBB BCL DD . 39.57 25.66 -11.34
CBB BCL DD . 39.64 25.37 -9.00
NC BCL DD . 37.78 21.51 -14.28
C1C BCL DD . 37.78 22.81 -13.95
C2C BCL DD . 36.95 23.67 -14.84
C3C BCL DD . 36.48 22.68 -15.86
C4C BCL DD . 37.01 21.40 -15.31
CMC BCL DD . 35.75 24.29 -14.14
CAC BCL DD . 37.09 22.95 -17.23
CBC BCL DD . 36.01 23.33 -18.20
ND BCL DD . 37.76 18.80 -14.55
C1D BCL DD . 36.92 18.89 -15.58
C2D BCL DD . 36.51 17.57 -16.15
C3D BCL DD . 37.28 16.68 -15.28
C4D BCL DD . 37.96 17.46 -14.45
CMD BCL DD . 35.60 17.12 -17.25
CAD BCL DD . 37.60 15.26 -15.01
OBD BCL DD . 37.13 14.24 -15.62
CBD BCL DD . 38.57 15.21 -13.88
CGD BCL DD . 38.00 14.37 -12.76
O1D BCL DD . 36.95 14.65 -12.22
O2D BCL DD . 38.70 13.19 -12.34
CED BCL DD . 38.00 12.22 -11.58
C1 BCL DD . 43.67 14.88 -8.44
C2 BCL DD . 42.75 14.07 -7.55
C3 BCL DD . 43.10 13.74 -6.31
C4 BCL DD . 44.42 14.17 -5.76
C5 BCL DD . 42.16 12.91 -5.46
C6 BCL DD . 40.75 13.51 -5.47
C7 BCL DD . 40.73 14.93 -4.93
C8 BCL DD . 39.37 15.28 -4.33
C9 BCL DD . 38.44 14.06 -4.25
C10 BCL DD . 38.77 16.43 -5.12
C11 BCL DD . 37.58 15.99 -5.95
C12 BCL DD . 36.72 17.19 -6.32
C13 BCL DD . 36.19 17.85 -5.07
C14 BCL DD . 35.28 16.89 -4.32
C15 BCL DD . 35.47 19.13 -5.43
C16 BCL DD . 34.38 18.90 -6.46
C17 BCL DD . 33.88 20.21 -7.03
C18 BCL DD . 33.12 20.00 -8.34
C19 BCL DD . 32.81 21.33 -9.00
C20 BCL DD . 31.84 19.22 -8.09
P PGV ED . 40.07 37.98 -15.64
C01 PGV ED . 41.23 35.84 -11.81
C02 PGV ED . 41.04 37.34 -12.03
C03 PGV ED . 39.93 37.63 -13.03
C04 PGV ED . 38.45 37.72 -17.72
C05 PGV ED . 37.22 36.91 -18.10
C06 PGV ED . 37.64 35.50 -18.50
O01 PGV ED . 42.29 37.91 -12.43
O02 PGV ED . 41.56 39.93 -11.61
O03 PGV ED . 42.29 35.64 -10.88
O04 PGV ED . 43.20 34.40 -9.17
O05 PGV ED . 36.51 37.54 -19.16
O06 PGV ED . 36.49 34.66 -18.52
O11 PGV ED . 40.19 37.07 -14.32
O12 PGV ED . 39.04 37.15 -16.56
O13 PGV ED . 41.40 38.01 -16.33
O14 PGV ED . 39.39 39.28 -15.27
C1 PGV ED . 42.51 39.19 -11.77
C2 PGV ED . 43.89 39.56 -11.29
C3 PGV ED . 44.96 39.17 -12.32
C4 PGV ED . 46.00 38.24 -11.70
C5 PGV ED . 45.37 36.93 -11.23
C6 PGV ED . 45.25 35.91 -12.36
C7 PGV ED . 46.52 35.06 -12.50
C8 PGV ED . 46.87 34.36 -11.19
C9 PGV ED . 48.35 33.96 -11.18
C10 PGV ED . 48.53 32.47 -11.33
C11 PGV ED . 47.95 31.73 -10.14
C12 PGV ED . 47.59 30.46 -10.25
C13 PGV ED . 47.79 29.71 -11.53
C14 PGV ED . 47.20 28.31 -11.41
C15 PGV ED . 47.41 27.70 -10.03
C16 PGV ED . 46.46 26.54 -9.79
C19 PGV ED . 42.35 34.46 -10.03
C20 PGV ED . 41.38 33.33 -10.21
C21 PGV ED . 41.67 32.29 -9.12
C22 PGV ED . 40.39 31.60 -8.68
C23 PGV ED . 40.38 30.18 -9.22
C24 PGV ED . 40.04 29.21 -8.10
C25 PGV ED . 40.93 29.49 -6.91
C26 PGV ED . 41.47 28.18 -6.34
C27 PGV ED . 42.18 27.42 -7.44
C28 PGV ED . 42.80 26.16 -6.87
C29 PGV ED . 41.76 25.37 -6.10
C30 PGV ED . 42.40 24.16 -5.44
C31 PGV ED . 43.49 23.58 -6.32
C32 PGV ED . 44.50 22.80 -5.49
P PGV FD . 44.76 37.21 -16.04
C01 PGV FD . 46.13 32.47 -17.01
C02 PGV FD . 45.10 33.30 -16.24
C03 PGV FD . 45.41 34.75 -16.57
O01 PGV FD . 45.23 33.06 -14.84
O02 PGV FD . 43.13 33.93 -14.39
O03 PGV FD . 46.08 31.10 -16.67
O04 PGV FD . 48.14 30.53 -17.53
O11 PGV FD . 44.66 35.63 -15.76
O12 PGV FD . 44.04 37.35 -17.47
O13 PGV FD . 43.94 37.95 -15.02
O14 PGV FD . 46.23 37.53 -16.20
C1 PGV FD . 43.98 33.10 -14.11
C2 PGV FD . 43.75 32.14 -12.97
C3 PGV FD . 44.28 30.77 -13.37
C4 PGV FD . 43.89 29.69 -12.35
C5 PGV FD . 42.57 29.03 -12.72
C6 PGV FD . 42.09 28.04 -11.66
C7 PGV FD . 43.00 26.83 -11.54
C8 PGV FD . 43.16 26.16 -12.89
C9 PGV FD . 42.72 24.70 -12.87
C10 PGV FD . 43.52 23.86 -11.89
C11 PGV FD . 43.11 22.41 -12.06
C12 PGV FD . 44.00 21.45 -11.90
C13 PGV FD . 43.60 20.00 -12.07
C14 PGV FD . 44.81 19.12 -11.79
C15 PGV FD . 45.26 19.24 -10.34
C16 PGV FD . 44.11 18.91 -9.37
C17 PGV FD . 44.58 18.88 -7.91
C18 PGV FD . 45.72 17.90 -7.73
C19 PGV FD . 46.99 30.19 -17.34
C20 PGV FD . 46.48 28.85 -17.83
C21 PGV FD . 45.78 28.16 -16.67
C22 PGV FD . 45.70 26.64 -16.90
C23 PGV FD . 45.54 25.95 -15.56
C24 PGV FD . 46.16 24.56 -15.60
C25 PGV FD . 46.58 24.14 -14.19
C26 PGV FD . 46.85 22.65 -14.11
C27 PGV FD . 47.43 22.26 -12.76
C28 PGV FD . 48.91 22.57 -12.66
C1B LMT GD . 19.88 31.49 -10.99
C2B LMT GD . 19.77 32.81 -11.75
C3B LMT GD . 19.18 33.95 -10.93
C4B LMT GD . 18.32 33.41 -9.81
C5B LMT GD . 19.25 32.64 -8.87
C6B LMT GD . 18.46 32.02 -7.72
O1B LMT GD . 21.05 30.79 -11.46
O2B LMT GD . 21.05 33.22 -12.27
O3B LMT GD . 18.39 34.78 -11.80
O4' LMT GD . 17.70 34.48 -9.10
O5B LMT GD . 19.93 31.58 -9.56
O6B LMT GD . 17.99 33.04 -6.83
C1' LMT GD . 22.26 26.81 -10.88
C2' LMT GD . 20.77 27.06 -10.99
C3' LMT GD . 20.51 28.40 -11.67
C4' LMT GD . 21.18 29.50 -10.86
C5' LMT GD . 22.67 29.17 -10.71
C6' LMT GD . 23.38 30.22 -9.87
O1' LMT GD . 22.49 25.58 -10.20
O2' LMT GD . 20.12 25.99 -11.68
O3' LMT GD . 19.10 28.61 -11.77
O5' LMT GD . 22.83 27.88 -10.12
O6' LMT GD . 23.71 31.37 -10.65
C1 LMT GD . 23.85 25.44 -9.79
C2 LMT GD . 23.95 24.39 -8.68
C3 LMT GD . 23.78 22.98 -9.22
C4 LMT GD . 25.09 22.18 -9.14
C5 LMT GD . 24.78 20.70 -9.01
C6 LMT GD . 26.03 19.83 -8.95
C7 LMT GD . 27.06 20.38 -7.96
C8 LMT GD . 27.76 19.24 -7.22
C9 LMT GD . 28.40 19.71 -5.92
MG BCL HD . 37.82 23.87 -5.81
CHA BCL HD . 39.68 23.29 -3.00
CHB BCL HD . 38.29 20.69 -6.78
CHC BCL HD . 36.18 24.60 -8.68
CHD BCL HD . 37.78 27.31 -5.05
NA BCL HD . 38.71 22.26 -5.01
C1A BCL HD . 39.32 22.16 -3.88
C2A BCL HD . 39.74 20.78 -3.51
C3A BCL HD . 39.60 20.08 -4.83
C4A BCL HD . 38.81 21.07 -5.62
CMA BCL HD . 40.96 19.87 -5.49
CAA BCL HD . 38.86 20.18 -2.44
CBA BCL HD . 39.70 19.70 -1.26
CGA BCL HD . 39.86 18.20 -1.30
O1A BCL HD . 38.92 17.49 -1.62
O2A BCL HD . 41.12 17.58 -0.93
NB BCL HD . 37.34 22.82 -7.50
C1B BCL HD . 37.56 21.52 -7.74
C2B BCL HD . 37.06 20.97 -9.02
C3B BCL HD . 36.41 22.16 -9.60
C4B BCL HD . 36.64 23.21 -8.58
CMB BCL HD . 37.21 19.55 -9.50
CAB BCL HD . 35.69 22.36 -10.89
OBB BCL HD . 35.29 23.47 -11.20
CBB BCL HD . 35.42 21.20 -11.80
NC BCL HD . 37.12 25.54 -6.69
C1C BCL HD . 36.48 25.60 -7.87
C2C BCL HD . 36.08 26.97 -8.27
C3C BCL HD . 36.69 27.80 -7.19
C4C BCL HD . 37.22 26.76 -6.27
CMC BCL HD . 36.67 27.33 -9.62
CAC BCL HD . 35.68 28.62 -6.38
CBC BCL HD . 34.92 29.59 -7.24
ND BCL HD . 38.55 25.15 -4.40
C1D BCL HD . 38.49 26.45 -4.11
C2D BCL HD . 39.20 26.83 -2.86
C3D BCL HD . 39.67 25.50 -2.44
C4D BCL HD . 39.23 24.62 -3.35
CMD BCL HD . 39.48 28.08 -2.07
CAD BCL HD . 40.43 24.80 -1.40
OBD BCL HD . 40.97 25.33 -0.37
CBD BCL HD . 40.45 23.34 -1.71
CGD BCL HD . 41.86 22.85 -1.76
O1D BCL HD . 42.71 23.39 -2.44
O2D BCL HD . 42.26 21.73 -0.93
CED BCL HD . 43.64 21.49 -0.69
C1 BCL HD . 41.40 16.25 -1.37
C2 BCL HD . 42.87 16.10 -1.62
C3 BCL HD . 43.67 15.64 -0.64
C4 BCL HD . 43.09 15.26 0.69
C5 BCL HD . 45.15 15.49 -0.90
C6 BCL HD . 45.95 15.50 0.40
C7 BCL HD . 47.39 15.06 0.14
C8 BCL HD . 48.11 14.61 1.41
C9 BCL HD . 47.40 15.08 2.66
C10 BCL HD . 49.54 15.16 1.39
C11 BCL HD . 50.57 14.03 1.30
C12 BCL HD . 51.78 14.47 0.50
C13 BCL HD . 52.88 15.10 1.37
C14 BCL HD . 54.07 15.52 0.51
C15 BCL HD . 53.32 14.11 2.45
C16 BCL HD . 54.53 14.65 3.21
C17 BCL HD . 55.32 13.54 3.90
C18 BCL HD . 56.78 13.55 3.45
C19 BCL HD . 56.91 13.65 1.93
C20 BCL HD . 57.53 12.33 3.99
C1M CRT ID . 52.01 2.51 9.17
O1 CRT ID . 52.68 3.75 9.40
C1 CRT ID . 52.65 4.27 10.73
C2 CRT ID . 53.93 4.40 11.56
C3 CRT ID . 51.34 4.90 11.20
C4 CRT ID . 53.12 5.57 10.08
C5 CRT ID . 52.25 6.02 8.93
C6 CRT ID . 52.02 7.32 8.78
C7 CRT ID . 51.17 7.84 7.68
C8 CRT ID . 50.98 7.10 6.40
C9 CRT ID . 50.57 9.02 7.88
C10 CRT ID . 49.71 9.66 6.89
C11 CRT ID . 49.17 10.82 7.24
C12 CRT ID . 48.27 11.62 6.40
C13 CRT ID . 48.22 11.42 4.91
C14 CRT ID . 47.50 12.52 7.02
C15 CRT ID . 46.55 13.41 6.38
C16 CRT ID . 46.06 14.40 7.14
C17 CRT ID . 45.08 15.37 6.64
C18 CRT ID . 44.82 15.53 5.18
C19 CRT ID . 44.43 16.12 7.54
C20 CRT ID . 43.43 17.11 7.15
C21 CRT ID . 42.80 17.78 8.11
C22 CRT ID . 41.79 18.76 7.76
C23 CRT ID . 40.86 19.13 8.66
C24 CRT ID . 40.85 18.54 10.04
C25 CRT ID . 39.84 20.11 8.27
C26 CRT ID . 38.90 20.52 9.12
C27 CRT ID . 37.94 21.46 8.61
C28 CRT ID . 36.87 21.86 9.30
C29 CRT ID . 36.58 21.32 10.68
C30 CRT ID . 35.97 22.80 8.65
C31 CRT ID . 34.65 22.81 8.86
C32 CRT ID . 33.91 23.80 8.11
C33 CRT ID . 32.64 24.15 8.31
C34 CRT ID . 31.82 23.52 9.40
C35 CRT ID . 32.09 25.17 7.42
C36 CRT ID . 30.81 25.47 7.33
C37 CRT ID . 30.40 26.54 6.37
C38 CRT ID . 29.52 25.89 5.32
C39 CRT ID . 28.30 25.25 5.96
C40 CRT ID . 29.10 26.92 4.28
O2 CRT ID . 30.34 24.91 4.70
C2M CRT ID . 29.87 23.61 4.41
MG BCL JD . 36.89 28.06 2.26
CHA BCL JD . 37.56 24.78 1.55
CHB BCL JD . 37.85 27.55 5.45
CHC BCL JD . 35.77 31.17 3.01
CHD BCL JD . 35.28 28.36 -0.84
NA BCL JD . 37.71 26.54 3.27
C1A BCL JD . 37.99 25.36 2.83
C2A BCL JD . 38.79 24.53 3.78
C3A BCL JD . 38.66 25.30 5.06
C4A BCL JD . 38.04 26.56 4.58
CMA BCL JD . 37.74 24.59 6.05
CAA BCL JD . 40.23 24.45 3.31
CBA BCL JD . 40.83 23.10 3.65
CGA BCL JD . 41.08 23.01 5.13
O1A BCL JD . 40.36 22.34 5.83
O2A BCL JD . 42.16 23.76 5.74
NB BCL JD . 36.79 29.18 3.98
C1B BCL JD . 37.25 28.85 5.20
C2B BCL JD . 37.08 29.86 6.27
C3B BCL JD . 36.45 30.96 5.52
C4B BCL JD . 36.35 30.43 4.14
CMB BCL JD . 37.48 29.73 7.71
CAB BCL JD . 36.01 32.32 5.97
OBB BCL JD . 35.99 33.25 5.18
CBB BCL JD . 35.59 32.51 7.38
NC BCL JD . 35.89 29.51 1.29
C1C BCL JD . 35.56 30.70 1.79
C2C BCL JD . 34.86 31.59 0.82
C3C BCL JD . 34.85 30.75 -0.42
C4C BCL JD . 35.41 29.47 0.09
CMC BCL JD . 33.45 31.91 1.26
CAC BCL JD . 35.74 31.28 -1.52
CBC BCL JD . 34.91 31.78 -2.67
ND BCL JD . 36.43 26.90 0.64
C1D BCL JD . 35.83 27.06 -0.55
C2D BCL JD . 35.82 25.84 -1.38
C3D BCL JD . 36.54 24.93 -0.49
C4D BCL JD . 36.86 25.62 0.60
CMD BCL JD . 35.30 25.44 -2.72
CAD BCL JD . 37.04 23.54 -0.35
OBD BCL JD . 36.92 22.60 -1.22
CBD BCL JD . 37.75 23.41 0.96
CGD BCL JD . 37.23 22.27 1.78
O1D BCL JD . 36.07 22.19 2.13
O2D BCL JD . 38.13 21.21 2.15
CED BCL JD . 37.59 20.01 2.68
C1 BCL JD . 42.42 23.59 7.13
C2 BCL JD . 42.55 24.97 7.71
C3 BCL JD . 41.67 25.41 8.61
C4 BCL JD . 40.56 24.51 9.06
C5 BCL JD . 41.81 26.80 9.16
C6 BCL JD . 40.62 27.13 10.05
C7 BCL JD . 41.06 27.38 11.49
C8 BCL JD . 40.54 26.33 12.47
C9 BCL JD . 39.36 26.87 13.29
C10 BCL JD . 41.67 25.91 13.39
C11 BCL JD . 41.16 25.34 14.70
C12 BCL JD . 42.32 24.80 15.53
C13 BCL JD . 41.91 23.55 16.31
C14 BCL JD . 40.72 23.83 17.19
C15 BCL JD . 43.09 23.04 17.13
C16 BCL JD . 42.63 22.13 18.26
C17 BCL JD . 43.65 21.03 18.54
C18 BCL JD . 45.09 21.55 18.43
C19 BCL JD . 45.87 20.74 17.42
C20 BCL JD . 45.79 21.51 19.78
P PGV KD . 35.88 44.72 3.60
C01 PGV KD . 36.17 42.11 7.96
C02 PGV KD . 35.44 43.19 7.17
C03 PGV KD . 36.03 43.27 5.76
C04 PGV KD . 34.89 46.08 1.59
C05 PGV KD . 34.41 45.55 0.25
C06 PGV KD . 32.92 45.78 0.08
O01 PGV KD . 35.60 44.45 7.81
O02 PGV KD . 33.54 44.99 6.90
O03 PGV KD . 35.24 41.15 8.46
O04 PGV KD . 36.48 39.43 7.63
O05 PGV KD . 34.68 44.14 0.17
O06 PGV KD . 32.71 47.16 -0.24
O11 PGV KD . 35.21 44.06 4.90
O12 PGV KD . 34.65 45.12 2.63
O13 PGV KD . 36.68 43.65 2.91
O14 PGV KD . 36.54 46.00 4.03
C1 PGV KD . 34.46 45.33 7.63
C2 PGV KD . 34.40 46.67 8.33
C3 PGV KD . 35.71 46.97 9.03
C4 PGV KD . 36.72 47.63 8.08
C5 PGV KD . 38.07 47.82 8.75
C6 PGV KD . 39.13 48.28 7.76
C7 PGV KD . 39.27 47.29 6.61
C8 PGV KD . 39.80 45.94 7.08
C9 PGV KD . 41.31 45.88 7.01
C10 PGV KD . 41.84 44.58 7.61
C11 PGV KD . 41.77 44.65 9.12
C12 PGV KD . 41.19 43.67 9.81
C13 PGV KD . 40.59 42.48 9.09
C14 PGV KD . 41.20 41.21 9.67
C15 PGV KD . 41.03 40.03 8.73
C16 PGV KD . 41.91 38.87 9.15
C19 PGV KD . 35.55 39.74 8.35
C20 PGV KD . 34.78 38.67 9.08
C21 PGV KD . 35.49 37.35 8.81
C22 PGV KD . 34.96 36.22 9.68
C23 PGV KD . 36.12 35.40 10.26
C24 PGV KD . 35.69 33.99 10.63
C25 PGV KD . 36.89 33.08 10.81
C26 PGV KD . 36.46 31.62 10.77
C27 PGV KD . 37.30 30.76 11.71
C28 PGV KD . 38.60 30.33 11.07
P PGV LD . 42.24 44.27 -0.41
C01 PGV LD . 42.60 41.39 1.76
C02 PGV LD . 41.74 42.45 2.45
C03 PGV LD . 42.32 43.83 2.18
O01 PGV LD . 41.78 42.16 3.85
O02 PGV LD . 39.47 42.15 4.04
O03 PGV LD . 41.99 40.14 2.04
O04 PGV LD . 43.77 38.84 1.35
O11 PGV LD . 41.63 44.42 1.07
O12 PGV LD . 41.26 43.16 -1.07
O13 PGV LD . 42.03 45.57 -1.15
O14 PGV LD . 43.62 43.68 -0.29
C1 PGV LD . 40.52 41.60 4.32
C2 PGV LD . 40.53 40.35 5.18
C3 PGV LD . 39.10 39.92 5.49
C4 PGV LD . 39.07 38.52 6.09
C5 PGV LD . 39.60 37.50 5.10
C6 PGV LD . 38.56 36.46 4.69
C7 PGV LD . 38.37 35.39 5.76
C8 PGV LD . 39.47 34.33 5.73
C9 PGV LD . 39.58 33.66 4.37
C10 PGV LD . 39.79 32.15 4.44
C11 PGV LD . 40.95 31.81 5.35
C12 PGV LD . 41.37 30.56 5.53
C13 PGV LD . 40.71 29.40 4.83
C14 PGV LD . 41.75 28.32 4.53
C19 PGV LD . 42.68 38.88 1.87
C20 PGV LD . 41.98 37.64 2.37
C21 PGV LD . 42.82 36.41 2.10
C22 PGV LD . 41.89 35.22 1.99
C23 PGV LD . 42.66 33.92 2.20
C24 PGV LD . 43.21 33.89 3.62
C25 PGV LD . 43.95 32.59 3.91
C26 PGV LD . 44.89 32.81 5.09
C27 PGV LD . 44.11 33.39 6.27
C28 PGV LD . 44.95 34.38 7.05
C29 PGV LD . 44.46 35.81 6.84
C30 PGV LD . 45.06 36.41 5.57
C31 PGV LD . 44.76 37.90 5.46
C32 PGV LD . 45.31 38.64 6.67
C33 PGV LD . 45.02 40.14 6.58
MG BCL MD . 33.48 30.30 9.59
CHA BCL MD . 34.11 29.26 12.75
CHB BCL MD . 34.76 27.48 8.35
CHC BCL MD . 32.31 31.23 6.55
CHD BCL MD . 32.04 33.26 10.83
NA BCL MD . 34.33 28.67 10.38
C1A BCL MD . 34.49 28.39 11.62
C2A BCL MD . 35.08 27.04 11.89
C3A BCL MD . 35.49 26.61 10.51
C4A BCL MD . 34.82 27.65 9.67
CMA BCL MD . 37.00 26.68 10.31
CAA BCL MD . 34.03 26.11 12.44
CBA BCL MD . 34.58 25.16 13.50
CGA BCL MD . 34.08 23.78 13.14
O1A BCL MD . 33.80 23.54 11.99
O2A BCL MD . 33.94 22.73 14.13
NB BCL MD . 33.49 29.49 7.72
C1B BCL MD . 34.08 28.33 7.37
C2B BCL MD . 33.99 27.94 5.95
C3B BCL MD . 33.24 29.07 5.39
C4B BCL MD . 33.02 29.96 6.57
CMB BCL MD . 34.55 26.67 5.35
CAB BCL MD . 32.78 29.36 4.00
OBB BCL MD . 32.16 30.38 3.76
CBB BCL MD . 33.12 28.43 2.88
NC BCL MD . 32.61 31.93 8.81
C1C BCL MD . 32.25 32.11 7.53
C2C BCL MD . 31.72 33.47 7.22
C3C BCL MD . 32.04 34.19 8.50
C4C BCL MD . 32.26 33.02 9.41
CMC BCL MD . 32.47 34.10 6.05
CAC BCL MD . 30.92 35.09 9.00
CBC BCL MD . 29.56 34.45 9.03
ND BCL MD . 33.06 31.19 11.37
C1D BCL MD . 32.54 32.33 11.83
C2D BCL MD . 32.55 32.42 13.32
C3D BCL MD . 33.19 31.15 13.64
C4D BCL MD . 33.46 30.54 12.50
CMD BCL MD . 32.11 33.37 14.39
CAD BCL MD . 33.65 30.32 14.77
OBD BCL MD . 33.56 30.61 16.02
CBD BCL MD . 34.25 29.08 14.23
CGD BCL MD . 35.67 28.94 14.68
O1D BCL MD . 36.42 29.89 14.69
O2D BCL MD . 36.14 27.67 15.17
CED BCL MD . 37.13 27.63 16.19
C1 BCL MD . 33.79 21.40 13.64
C2 BCL MD . 34.92 20.53 14.17
C3 BCL MD . 35.19 19.38 13.57
C4 BCL MD . 34.40 18.94 12.37
C5 BCL MD . 36.31 18.50 14.08
C6 BCL MD . 36.10 17.08 13.57
C7 BCL MD . 37.23 16.66 12.63
C8 BCL MD . 36.82 15.50 11.74
C9 BCL MD . 37.50 15.64 10.40
C10 BCL MD . 35.31 15.41 11.57
C11 BCL MD . 34.75 14.04 11.94
C12 BCL MD . 34.66 13.14 10.71
C13 BCL MD . 33.29 12.49 10.54
C14 BCL MD . 33.05 11.39 11.56
C15 BCL MD . 33.16 11.92 9.13
C16 BCL MD . 31.73 12.03 8.63
C17 BCL MD . 31.46 13.44 8.13
C18 BCL MD . 29.99 13.65 7.85
C19 BCL MD . 29.45 12.60 6.89
C20 BCL MD . 29.72 15.07 7.36
MG BCL ND . 40.47 18.91 17.87
CHA BCL ND . 39.59 18.79 21.19
CHB BCL ND . 37.96 21.00 17.25
CHC BCL ND . 42.04 19.73 14.98
CHD BCL ND . 43.15 16.76 18.52
NA BCL ND . 39.01 19.74 18.98
C1A BCL ND . 38.81 19.62 20.25
C2A BCL ND . 37.65 20.42 20.77
C3A BCL ND . 37.04 20.93 19.48
C4A BCL ND . 38.07 20.54 18.48
CMA BCL ND . 35.73 20.22 19.16
CAA BCL ND . 38.14 21.57 21.64
CBA BCL ND . 36.97 22.37 22.21
CGA BCL ND . 36.26 21.59 23.28
O1A BCL ND . 36.86 21.14 24.24
O2A BCL ND . 34.83 21.37 23.18
NB BCL ND . 40.08 20.21 16.33
C1B BCL ND . 39.00 21.00 16.20
C2B BCL ND . 38.92 21.83 14.98
C3B BCL ND . 40.17 21.42 14.30
C4B BCL ND . 40.78 20.43 15.21
CMB BCL ND . 37.83 22.79 14.62
CAB BCL ND . 40.75 21.87 13.00
OBB BCL ND . 41.95 21.87 12.82
CBB BCL ND . 39.83 22.31 11.91
NC BCL ND . 42.05 18.23 16.84
C1C BCL ND . 42.42 18.63 15.62
C2C BCL ND . 43.43 17.74 14.97
C3C BCL ND . 43.89 16.94 16.15
C4C BCL ND . 42.93 17.36 17.21
CMC BCL ND . 42.79 16.83 13.94
CAC BCL ND . 45.30 17.30 16.61
CBC BCL ND . 46.28 17.28 15.46
ND BCL ND . 41.31 17.95 19.45
C1D BCL ND . 42.33 17.11 19.66
C2D BCL ND . 42.45 16.68 21.08
C3D BCL ND . 41.31 17.39 21.66
C4D BCL ND . 40.73 18.06 20.67
CMD BCL ND . 43.35 15.81 21.91
CAD BCL ND . 40.58 17.64 22.92
OBD BCL ND . 40.87 17.14 24.07
CBD BCL ND . 39.44 18.55 22.65
CGD BCL ND . 38.17 17.84 22.96
O1D BCL ND . 37.49 17.35 22.07
O2D BCL ND . 37.72 17.73 24.33
CED BCL ND . 36.42 17.24 24.63
C1 BCL ND . 33.97 21.58 24.30
C2 BCL ND . 32.55 21.35 23.81
C3 BCL ND . 31.86 20.28 24.20
C4 BCL ND . 32.47 19.28 25.14
C5 BCL ND . 30.44 20.07 23.68
C6 BCL ND . 30.16 18.57 23.51
C7 BCL ND . 29.25 18.26 22.31
C8 BCL ND . 27.82 18.76 22.49
C9 BCL ND . 26.84 17.60 22.66
C10 BCL ND . 27.43 19.67 21.33
C11 BCL ND . 26.35 19.12 20.41
C12 BCL ND . 25.93 20.17 19.39
C13 BCL ND . 24.60 19.85 18.70
C14 BCL ND . 24.48 20.54 17.35
C15 BCL ND . 23.44 20.25 19.60
C16 BCL ND . 22.85 19.01 20.24
C17 BCL ND . 22.44 17.98 19.20
C18 BCL ND . 21.13 17.38 19.64
C19 BCL ND . 20.08 18.48 19.75
C20 BCL ND . 21.27 16.62 20.94
MG BCL OD . 28.75 32.09 17.28
CHA BCL OD . 30.36 29.18 16.47
CHB BCL OD . 28.62 31.08 20.49
CHC BCL OD . 26.79 34.78 17.96
CHD BCL OD . 28.30 32.75 13.89
NA BCL OD . 29.50 30.55 18.32
C1A BCL OD . 30.18 29.55 17.88
C2A BCL OD . 30.77 28.69 18.95
C3A BCL OD . 30.05 29.17 20.17
C4A BCL OD . 29.33 30.36 19.64
CMA BCL OD . 29.03 28.15 20.65
CAA BCL OD . 32.27 28.87 19.06
CBA BCL OD . 32.86 27.67 19.80
CGA BCL OD . 33.07 28.02 21.25
O1A BCL OD . 33.67 29.02 21.58
O2A BCL OD . 32.58 27.14 22.31
NB BCL OD . 27.81 32.80 18.96
C1B BCL OD . 27.88 32.30 20.21
C2B BCL OD . 27.14 33.03 21.26
C3B BCL OD . 26.58 34.14 20.49
C4B BCL OD . 27.08 33.92 19.11
CMB BCL OD . 27.04 32.63 22.71
CAB BCL OD . 25.72 35.29 20.93
OBB BCL OD . 25.55 36.24 20.19
CBB BCL OD . 25.09 35.28 22.28
NC BCL OD . 27.84 33.52 16.20
C1C BCL OD . 27.11 34.53 16.70
C2C BCL OD . 26.61 35.48 15.66
C3C BCL OD . 27.13 34.87 14.41
C4C BCL OD . 27.81 33.65 14.92
CMC BCL OD . 25.10 35.48 15.65
CAC BCL OD . 28.12 35.75 13.68
CBC BCL OD . 27.40 36.60 12.66
ND BCL OD . 29.16 31.24 15.48
C1D BCL OD . 29.00 31.54 14.21
C2D BCL OD . 29.56 30.52 13.27
C3D BCL OD . 30.11 29.57 14.24
C4D BCL OD . 29.85 30.07 15.45
CMD BCL OD . 29.63 30.35 11.80
CAD BCL OD . 30.83 28.28 14.36
OBD BCL OD . 31.23 27.54 13.41
CBD BCL OD . 31.03 28.01 15.82
CGD BCL OD . 30.48 26.68 16.21
O1D BCL OD . 29.29 26.46 16.26
O2D BCL OD . 31.39 25.60 16.55
CED BCL OD . 30.85 24.34 16.90
C1 BCL OD . 32.36 27.67 23.61
C2 BCL OD . 31.04 27.18 24.15
C3 BCL OD . 30.94 26.43 25.26
C4 BCL OD . 32.16 26.06 26.06
C5 BCL OD . 29.58 25.97 25.73
C6 BCL OD . 28.63 25.98 24.54
C7 BCL OD . 27.91 24.65 24.38
C8 BCL OD . 28.08 24.08 22.99
C9 BCL OD . 29.21 24.77 22.24
C10 BCL OD . 26.79 24.13 22.18
C11 BCL OD . 25.80 25.20 22.64
C12 BCL OD . 24.86 25.61 21.53
C13 BCL OD . 23.42 25.35 21.92
C14 BCL OD . 22.92 24.04 21.33
C15 BCL OD . 22.54 26.50 21.42
C16 BCL OD . 22.56 26.58 19.90
C17 BCL OD . 21.65 27.70 19.43
C18 BCL OD . 22.12 28.28 18.11
C19 BCL OD . 21.55 29.68 17.91
C20 BCL OD . 21.74 27.38 16.95
P PGV PD . 25.71 48.66 22.28
C01 PGV PD . 24.22 44.45 24.50
C02 PGV PD . 23.65 45.70 23.84
C03 PGV PD . 24.75 46.76 23.84
C04 PGV PD . 25.41 48.22 19.71
C05 PGV PD . 24.18 48.19 18.83
C06 PGV PD . 23.93 49.59 18.29
O01 PGV PD . 22.53 46.13 24.60
O02 PGV PD . 21.52 47.28 22.86
O03 PGV PD . 23.89 43.31 23.73
O04 PGV PD . 24.02 41.88 25.52
O05 PGV PD . 23.05 47.76 19.59
O06 PGV PD . 22.78 49.58 17.45
O11 PGV PD . 24.51 47.73 22.82
O12 PGV PD . 25.12 49.05 20.82
O13 PGV PD . 26.91 47.78 22.05
O14 PGV PD . 25.85 49.90 23.12
C1 PGV PD . 21.88 47.30 24.04
C2 PGV PD . 21.64 48.50 24.91
C3 PGV PD . 22.56 48.43 26.13
C4 PGV PD . 23.13 49.80 26.48
C5 PGV PD . 23.87 49.78 27.82
C6 PGV PD . 24.91 48.68 27.82
C7 PGV PD . 26.33 49.23 27.95
C8 PGV PD . 27.34 48.09 27.84
C9 PGV PD . 27.02 46.99 28.85
C10 PGV PD . 27.66 45.66 28.44
C11 PGV PD . 26.89 45.06 27.29
C12 PGV PD . 27.53 44.55 26.24
C13 PGV PD . 29.04 44.56 26.16
C14 PGV PD . 29.63 43.27 26.72
C15 PGV PD . 28.97 42.02 26.16
C16 PGV PD . 29.72 40.79 26.69
C17 PGV PD . 29.20 39.49 26.09
C18 PGV PD . 30.29 38.44 26.05
C19 PGV PD . 23.61 42.06 24.39
C20 PGV PD . 22.80 41.00 23.68
C21 PGV PD . 22.35 39.92 24.64
C22 PGV PD . 23.42 38.85 24.80
C23 PGV PD . 22.78 37.48 24.95
C24 PGV PD . 23.62 36.57 25.83
C25 PGV PD . 25.10 36.75 25.54
C26 PGV PD . 25.89 35.63 26.20
C27 PGV PD . 25.36 34.29 25.74
C28 PGV PD . 26.03 33.15 26.47
C29 PGV PD . 27.54 33.16 26.28
P PGV QD . 31.23 49.18 21.55
C01 PGV QD . 31.66 45.31 20.99
C02 PGV QD . 30.29 45.56 21.62
C03 PGV QD . 30.35 46.85 22.41
C04 PGV QD . 32.69 48.56 19.45
C05 PGV QD . 32.24 47.84 18.18
C06 PGV QD . 33.44 47.46 17.33
O01 PGV QD . 30.01 44.47 22.49
O02 PGV QD . 27.76 44.67 21.97
O03 PGV QD . 31.91 43.91 21.07
O04 PGV QD . 33.61 43.93 19.48
O05 PGV QD . 31.33 48.63 17.41
O06 PGV QD . 33.96 46.20 17.75
O11 PGV QD . 30.18 47.96 21.54
O12 PGV QD . 31.62 49.32 20.00
O13 PGV QD . 30.48 50.42 21.99
O14 PGV QD . 32.46 48.77 22.32
C1 PGV QD . 28.68 43.94 22.30
C2 PGV QD . 28.47 42.47 22.53
C3 PGV QD . 27.01 42.14 22.82
C4 PGV QD . 26.89 40.70 23.31
C5 PGV QD . 26.55 39.74 22.17
C6 PGV QD . 27.80 39.32 21.40
C7 PGV QD . 28.75 38.55 22.31
C8 PGV QD . 28.06 37.31 22.84
C9 PGV QD . 29.07 36.19 22.99
C10 PGV QD . 29.71 35.89 21.65
C11 PGV QD . 30.99 35.16 21.90
C12 PGV QD . 31.27 34.03 21.25
C13 PGV QD . 32.57 33.33 21.54
C14 PGV QD . 32.41 31.84 21.29
C19 PGV QD . 33.00 43.29 20.32
C20 PGV QD . 33.34 41.87 20.60
C21 PGV QD . 32.05 41.14 20.97
C22 PGV QD . 31.66 40.17 19.88
C23 PGV QD . 32.79 39.20 19.57
C24 PGV QD . 33.02 38.20 20.70
C25 PGV QD . 34.29 38.51 21.47
C26 PGV QD . 34.11 38.19 22.95
C27 PGV QD . 34.90 39.18 23.80
C28 PGV QD . 34.27 40.56 23.82
C29 PGV QD . 32.97 40.59 24.65
C30 PGV QD . 32.47 42.01 24.76
C31 PGV QD . 33.54 42.92 25.37
C32 PGV QD . 33.15 44.38 25.23
C33 PGV QD . 34.36 45.28 25.44
C34 PGV QD . 34.71 46.04 24.17
C1 CDL RD . 28.71 3.45 27.10
O1 CDL RD . 29.05 2.16 26.56
CA2 CDL RD . 27.28 3.81 26.72
OA2 CDL RD . 26.38 2.81 27.20
PA1 CDL RD . 25.29 3.23 28.32
OA3 CDL RD . 24.06 2.38 28.21
OA4 CDL RD . 26.01 3.30 29.63
OA5 CDL RD . 24.92 4.71 27.84
CA3 CDL RD . 23.87 5.43 28.47
CA4 CDL RD . 23.75 6.83 27.90
OA6 CDL RD . 23.26 7.74 28.90
CA5 CDL RD . 21.83 7.69 29.22
OA7 CDL RD . 21.19 6.65 29.15
C11 CDL RD . 21.11 8.94 29.65
C12 CDL RD . 19.77 9.02 28.95
C13 CDL RD . 19.95 9.23 27.45
C14 CDL RD . 20.90 10.41 27.21
C15 CDL RD . 20.89 10.83 25.75
C16 CDL RD . 19.46 11.15 25.30
CA6 CDL RD . 22.84 6.85 26.67
OA8 CDL RD . 22.91 5.64 25.93
CA7 CDL RD . 21.69 5.18 25.26
OA9 CDL RD . 20.76 4.79 25.95
C31 CDL RD . 21.59 5.18 23.76
C32 CDL RD . 20.20 4.71 23.33
C33 CDL RD . 20.14 4.48 21.82
CB2 CDL RD . 29.68 4.48 26.55
OB2 CDL RD . 29.60 5.69 27.30
PB2 CDL RD . 30.92 6.64 27.32
OB3 CDL RD . 31.45 6.60 25.91
OB4 CDL RD . 31.81 6.20 28.44
OB5 CDL RD . 30.40 8.13 27.62
CB3 CDL RD . 31.35 9.19 27.75
CB4 CDL RD . 31.24 10.19 26.60
OB6 CDL RD . 30.33 11.25 26.89
CB5 CDL RD . 31.02 12.45 27.31
OB7 CDL RD . 31.94 12.33 28.10
C51 CDL RD . 30.64 13.81 26.79
C52 CDL RD . 29.17 14.08 27.12
C53 CDL RD . 28.75 15.42 26.53
CB6 CDL RD . 30.73 9.50 25.34
OB8 CDL RD . 29.31 9.39 25.42
CB7 CDL RD . 28.60 8.42 24.62
OB9 CDL RD . 28.85 7.23 24.77
C71 CDL RD . 27.60 8.88 23.60
C72 CDL RD . 26.43 9.55 24.31
C73 CDL RD . 25.56 10.27 23.29
C74 CDL RD . 24.09 10.09 23.62
C75 CDL RD . 23.21 11.11 22.89
C76 CDL RD . 23.36 10.97 21.38
C77 CDL RD . 23.02 9.54 20.93
C1 CDL SD . 15.07 1.70 33.03
O1 CDL SD . 14.29 2.87 32.77
CA2 CDL SD . 15.21 1.54 34.53
OA2 CDL SD . 15.68 2.79 35.02
PA1 CDL SD . 16.94 2.87 36.02
OA3 CDL SD . 16.44 3.24 37.39
OA4 CDL SD . 17.84 1.68 35.82
OA5 CDL SD . 17.67 4.16 35.39
CA3 CDL SD . 19.08 4.32 35.40
CA4 CDL SD . 19.40 5.16 34.18
OA6 CDL SD . 19.37 4.29 33.03
CA5 CDL SD . 19.80 4.86 31.76
OA7 CDL SD . 20.98 4.90 31.45
C11 CDL SD . 18.76 5.41 30.81
CA6 CDL SD . 20.75 5.81 34.41
OA8 CDL SD . 20.69 7.08 33.76
CA7 CDL SD . 20.73 8.30 34.53
OA9 CDL SD . 21.04 8.26 35.71
C31 CDL SD . 20.39 9.62 33.87
C32 CDL SD . 18.90 9.72 33.61
C33 CDL SD . 18.41 8.69 32.59
CB2 CDL SD . 16.48 1.87 32.46
OB2 CDL SD . 17.10 0.59 32.40
PB2 CDL SD . 18.68 0.36 32.63
OB3 CDL SD . 18.88 -0.16 34.04
OB4 CDL SD . 19.43 1.58 32.14
OB5 CDL SD . 18.95 -0.86 31.63
CB3 CDL SD . 18.81 -2.20 32.08
CB4 CDL SD . 17.37 -2.62 31.77
OB6 CDL SD . 17.05 -3.84 32.45
CB5 CDL SD . 16.21 -3.60 33.61
OB7 CDL SD . 16.60 -2.82 34.47
C51 CDL SD . 14.87 -4.29 33.75
C52 CDL SD . 14.11 -3.69 34.93
C53 CDL SD . 13.42 -2.38 34.54
CB6 CDL SD . 17.14 -2.77 30.26
OB8 CDL SD . 17.30 -1.54 29.57
CB7 CDL SD . 16.92 -1.47 28.16
OB9 CDL SD . 16.15 -2.30 27.71
C71 CDL SD . 17.50 -0.41 27.25
C72 CDL SD . 17.37 -0.91 25.82
C73 CDL SD . 17.16 0.26 24.86
C74 CDL SD . 17.81 0.00 23.50
C75 CDL SD . 16.86 -0.73 22.56
C76 CDL SD . 15.72 0.16 22.10
C77 CDL SD . 14.90 -0.50 21.00
MG BCL TD . 23.06 32.29 23.10
CHA BCL TD . 23.08 30.79 26.16
CHB BCL TD . 24.85 29.74 21.87
CHC BCL TD . 22.77 33.70 20.02
CHD BCL TD . 20.78 34.67 24.30
NA BCL TD . 23.98 30.69 23.87
C1A BCL TD . 23.92 30.23 25.07
C2A BCL TD . 24.79 29.04 25.31
C3A BCL TD . 25.59 28.96 24.04
C4A BCL TD . 24.78 29.88 23.18
CMA BCL TD . 27.02 29.45 24.22
CAA BCL TD . 23.94 27.80 25.44
CBA BCL TD . 24.32 27.01 26.68
CGA BCL TD . 24.08 25.56 26.35
O1A BCL TD . 23.73 25.24 25.23
O2A BCL TD . 24.30 24.53 27.35
NB BCL TD . 23.68 31.79 21.21
C1B BCL TD . 24.44 30.74 20.88
C2B BCL TD . 24.80 30.59 19.46
C3B BCL TD . 24.17 31.79 18.89
C4B BCL TD . 23.54 32.44 20.05
CMB BCL TD . 25.61 29.46 18.89
CAB BCL TD . 24.13 32.28 17.47
OBB BCL TD . 23.41 33.21 17.19
CBB BCL TD . 25.01 31.64 16.45
NC BCL TD . 22.07 33.85 22.32
C1C BCL TD . 22.14 34.26 21.04
C2C BCL TD . 21.37 35.51 20.75
C3C BCL TD . 20.66 35.71 22.06
C4C BCL TD . 21.25 34.65 22.91
CMC BCL TD . 22.27 36.69 20.44
CAC BCL TD . 19.18 35.39 21.92
CBC BCL TD . 18.29 36.39 22.59
ND BCL TD . 22.04 32.73 24.81
C1D BCL TD . 21.20 33.66 25.26
C2D BCL TD . 20.81 33.48 26.69
C3D BCL TD . 21.60 32.30 27.01
C4D BCL TD . 22.27 31.96 25.91
CMD BCL TD . 19.93 34.14 27.71
CAD BCL TD . 21.93 31.36 28.11
OBD BCL TD . 21.45 31.40 29.30
CBD BCL TD . 22.88 30.34 27.57
CGD BCL TD . 24.12 30.27 28.40
O1D BCL TD . 24.89 31.21 28.48
O2D BCL TD . 24.40 29.07 29.15
CED BCL TD . 25.55 29.02 29.99
C1 BCL TD . 24.72 23.26 26.87
C2 BCL TD . 26.18 23.11 27.20
C3 BCL TD . 26.65 22.02 27.83
C4 BCL TD . 25.71 20.91 28.21
C5 BCL TD . 28.12 21.93 28.13
C6 BCL TD . 28.32 21.91 29.65
C7 BCL TD . 29.59 22.67 30.03
C8 BCL TD . 30.14 22.31 31.41
C9 BCL TD . 29.78 20.87 31.81
C10 BCL TD . 29.65 23.29 32.47
C11 BCL TD . 30.67 24.38 32.76
C12 BCL TD . 31.20 24.31 34.19
C13 BCL TD . 32.65 23.85 34.25
C14 BCL TD . 32.76 22.33 34.12
C15 BCL TD . 33.29 24.33 35.54
C16 BCL TD . 34.73 23.85 35.67
C17 BCL TD . 35.32 24.14 37.04
C18 BCL TD . 34.38 23.73 38.17
C19 BCL TD . 34.80 24.33 39.50
C20 BCL TD . 34.27 22.21 38.28
C1M CRT UD . 37.41 11.25 39.61
O1 CRT UD . 36.11 11.82 39.77
C1 CRT UD . 35.40 11.48 40.96
C2 CRT UD . 36.18 11.42 42.26
C3 CRT UD . 33.88 11.35 40.99
C4 CRT UD . 35.18 12.97 41.16
C5 CRT UD . 35.04 13.80 39.88
C6 CRT UD . 34.01 14.62 39.74
C7 CRT UD . 33.78 15.48 38.56
C8 CRT UD . 34.91 15.89 37.66
C9 CRT UD . 32.55 15.92 38.31
C10 CRT UD . 32.23 16.80 37.19
C11 CRT UD . 31.03 17.39 37.23
C12 CRT UD . 30.50 18.32 36.23
C13 CRT UD . 31.38 19.00 35.22
C14 CRT UD . 29.17 18.59 36.28
C15 CRT UD . 28.45 19.51 35.40
C16 CRT UD . 27.26 19.87 35.84
C17 CRT UD . 26.34 20.78 35.17
C18 CRT UD . 26.80 21.77 34.13
C19 CRT UD . 25.04 20.74 35.50
C20 CRT UD . 24.06 21.61 34.87
C21 CRT UD . 22.79 21.42 35.15
C22 CRT UD . 21.75 22.25 34.55
C23 CRT UD . 20.49 21.82 34.58
C24 CRT UD . 20.14 20.51 35.20
C25 CRT UD . 19.45 22.67 33.96
C26 CRT UD . 18.17 22.30 33.91
C27 CRT UD . 17.24 23.20 33.25
C28 CRT UD . 15.97 22.85 33.05
C29 CRT UD . 15.47 21.52 33.54
C30 CRT UD . 15.09 23.79 32.35
C31 CRT UD . 13.96 23.46 31.74
C32 CRT UD . 13.26 24.55 31.07
C33 CRT UD . 12.06 24.47 30.49
C34 CRT UD . 11.27 23.21 30.45
C35 CRT UD . 11.57 25.71 29.87
C36 CRT UD . 10.44 25.81 29.21
C37 CRT UD . 10.10 27.15 28.63
C38 CRT UD . 10.18 27.03 27.11
C39 CRT UD . 9.18 26.00 26.59
C40 CRT UD . 9.97 28.37 26.44
O2 CRT UD . 11.50 26.58 26.84
C2M CRT UD . 11.76 25.88 25.64
MG BCL VD . 16.45 31.60 29.68
CHA BCL VD . 18.73 29.20 28.80
CHB BCL VD . 15.75 29.86 32.47
CHC BCL VD . 13.96 33.81 30.28
CHD BCL VD . 16.62 32.90 26.42
NA BCL VD . 17.22 29.98 30.58
C1A BCL VD . 18.17 29.22 30.16
C2A BCL VD . 18.66 28.24 31.18
C3A BCL VD . 17.57 28.29 32.20
C4A BCL VD . 16.78 29.47 31.73
CMA BCL VD . 16.70 27.05 32.19
CAA BCL VD . 20.01 28.67 31.71
CBA BCL VD . 20.88 27.48 32.10
CGA BCL VD . 20.59 27.10 33.53
O1A BCL VD . 20.78 25.97 33.93
O2A BCL VD . 20.05 28.09 34.43
NB BCL VD . 15.04 31.79 31.14
C1B BCL VD . 14.88 31.02 32.23
C2B BCL VD . 13.79 31.41 33.15
C3B BCL VD . 13.27 32.60 32.46
C4B BCL VD . 14.12 32.74 31.26
CMB BCL VD . 13.38 30.73 34.42
CAB BCL VD . 12.15 33.52 32.84
OBB BCL VD . 12.22 34.70 32.59
CBB BCL VD . 10.96 32.91 33.51
NC BCL VD . 15.58 33.10 28.66
C1C BCL VD . 14.61 33.91 29.13
C2C BCL VD . 14.23 35.01 28.21
C3C BCL VD . 15.03 34.68 27.00
C4C BCL VD . 15.79 33.49 27.45
CMC BCL VD . 12.75 34.90 27.86
CAC BCL VD . 15.98 35.81 26.60
CBC BCL VD . 15.24 36.83 25.79
ND BCL VD . 17.38 31.22 27.91
C1D BCL VD . 17.46 31.76 26.69
C2D BCL VD . 18.38 31.06 25.78
C3D BCL VD . 18.88 30.02 26.68
C4D BCL VD . 18.29 30.20 27.85
CMD BCL VD . 18.79 31.23 24.35
CAD BCL VD . 19.80 28.86 26.75
OBD BCL VD . 20.53 28.43 25.80
CBD BCL VD . 19.74 28.31 28.15
CGD BCL VD . 19.44 26.86 28.15
O1D BCL VD . 18.31 26.44 28.09
O2D BCL VD . 20.54 25.92 28.22
CED BCL VD . 20.29 24.61 28.69
C1 BCL VD . 20.02 27.91 35.85
C2 BCL VD . 18.70 28.49 36.29
C3 BCL VD . 17.65 27.68 36.42
C4 BCL VD . 17.84 26.22 36.11
C5 BCL VD . 16.29 28.22 36.82
C6 BCL VD . 16.20 28.63 38.29
C7 BCL VD . 16.99 27.69 39.19
C8 BCL VD . 16.10 26.97 40.20
C9 BCL VD . 16.91 26.56 41.42
C10 BCL VD . 15.45 25.76 39.52
C11 BCL VD . 14.15 25.37 40.21
C12 BCL VD . 13.89 23.86 40.14
C13 BCL VD . 14.17 23.14 41.44
C14 BCL VD . 14.61 24.09 42.54
C15 BCL VD . 15.24 22.07 41.22
C16 BCL VD . 14.78 20.75 41.82
C17 BCL VD . 15.25 20.61 43.26
C18 BCL VD . 16.65 20.02 43.31
C19 BCL VD . 16.64 18.56 42.97
C20 BCL VD . 17.28 20.21 44.68
P PGV WD . 13.77 48.43 35.35
C01 PGV WD . 15.31 44.92 36.88
C02 PGV WD . 13.82 44.85 36.57
C03 PGV WD . 13.23 46.25 36.70
C04 PGV WD . 16.20 47.60 34.70
C05 PGV WD . 17.42 48.07 33.92
C06 PGV WD . 18.49 46.98 33.97
O01 PGV WD . 13.23 43.94 37.48
O02 PGV WD . 11.61 43.36 35.94
O03 PGV WD . 15.91 43.99 35.99
O04 PGV WD . 18.04 44.19 36.85
O05 PGV WD . 17.98 49.22 34.56
O06 PGV WD . 17.87 45.73 34.27
O11 PGV WD . 13.29 46.89 35.43
O12 PGV WD . 15.07 48.40 34.38
O13 PGV WD . 12.70 49.23 34.67
O14 PGV WD . 14.22 48.83 36.73
C1 PGV WD . 12.39 42.97 36.79
C2 PGV WD . 12.47 41.50 37.12
C3 PGV WD . 11.81 40.67 36.03
C4 PGV WD . 12.52 39.34 35.83
C5 PGV WD . 11.52 38.19 35.77
C6 PGV WD . 12.10 36.95 35.11
C7 PGV WD . 13.20 36.30 35.95
C8 PGV WD . 12.67 35.70 37.25
C9 PGV WD . 13.75 34.88 37.94
C10 PGV WD . 13.59 34.82 39.46
C11 PGV WD . 12.36 34.04 39.84
C12 PGV WD . 12.38 33.12 40.80
C13 PGV WD . 13.64 32.82 41.57
C14 PGV WD . 13.30 32.49 43.02
C19 PGV WD . 17.27 43.53 36.17
C20 PGV WD . 17.67 42.26 35.48
C21 PGV WD . 16.65 41.19 35.86
C22 PGV WD . 16.40 40.24 34.70
C23 PGV WD . 17.70 39.66 34.18
C24 PGV WD . 18.06 38.34 34.87
C25 PGV WD . 16.99 37.30 34.56
C26 PGV WD . 17.37 35.91 35.07
C27 PGV WD . 16.33 34.89 34.61
C28 PGV WD . 16.69 33.49 35.08
C29 PGV WD . 18.06 33.09 34.54
C30 PGV WD . 18.37 31.64 34.86
C31 PGV WD . 19.71 31.26 34.26
MG BCL XD . 9.27 29.39 33.34
CHA BCL XD . 8.74 27.18 35.84
CHB BCL XD . 12.08 27.81 32.48
CHC BCL XD . 9.46 31.42 30.61
CHD BCL XD . 6.27 31.05 34.15
NA BCL XD . 10.27 27.80 34.03
C1A BCL XD . 9.95 27.03 35.00
C2A BCL XD . 10.92 25.91 35.24
C3A BCL XD . 12.05 26.27 34.32
C4A BCL XD . 11.44 27.38 33.55
CMA BCL XD . 13.30 26.76 35.06
CAA BCL XD . 10.32 24.58 34.81
CBA BCL XD . 10.88 23.39 35.59
CGA BCL XD . 11.20 22.27 34.63
O1A BCL XD . 11.64 22.52 33.52
O2A BCL XD . 11.02 20.87 34.99
NB BCL XD . 10.55 29.60 31.75
C1B BCL XD . 11.67 28.87 31.55
C2B BCL XD . 12.47 29.20 30.36
C3B BCL XD . 11.69 30.30 29.79
C4B BCL XD . 10.56 30.46 30.73
CMB BCL XD . 13.75 28.50 29.95
CAB BCL XD . 11.93 31.11 28.54
OBB BCL XD . 11.20 32.05 28.30
CBB BCL XD . 13.04 30.75 27.62
NC BCL XD . 8.26 30.98 32.64
C1C BCL XD . 8.55 31.69 31.54
C2C BCL XD . 7.72 32.93 31.36
C3C BCL XD . 6.94 32.93 32.62
C4C BCL XD . 7.21 31.55 33.14
CMC BCL XD . 8.58 34.17 31.26
CAC BCL XD . 5.47 33.22 32.38
CBC BCL XD . 4.78 32.22 31.46
ND BCL XD . 7.72 29.25 34.65
C1D BCL XD . 6.60 29.90 34.97
C2D BCL XD . 5.87 29.29 36.13
C3D BCL XD . 6.79 28.19 36.44
C4D BCL XD . 7.81 28.24 35.58
CMD BCL XD . 4.62 29.51 36.93
CAD BCL XD . 6.99 27.05 37.37
OBD BCL XD . 6.20 26.71 38.30
CBD BCL XD . 8.24 26.34 36.99
CGD BCL XD . 9.15 26.20 38.18
O1D BCL XD . 9.63 27.15 38.74
O2D BCL XD . 9.43 24.89 38.71
CED BCL XD . 10.32 24.80 39.82
C1 BCL XD . 11.58 19.87 34.13
C2 BCL XD . 12.74 19.20 34.82
C3 BCL XD . 13.70 18.59 34.12
C4 BCL XD . 13.64 18.55 32.64
C5 BCL XD . 14.86 17.93 34.84
C6 BCL XD . 15.96 17.56 33.84
C7 BCL XD . 16.80 16.40 34.34
C8 BCL XD . 17.59 15.77 33.20
C9 BCL XD . 18.54 16.81 32.61
C10 BCL XD . 16.62 15.23 32.16
C11 BCL XD . 16.82 13.75 31.91
C12 BCL XD . 17.64 13.52 30.63
C13 BCL XD . 16.77 13.21 29.42
C14 BCL XD . 16.73 11.72 29.12
C15 BCL XD . 17.30 13.98 28.21
C16 BCL XD . 16.47 13.75 26.95
C17 BCL XD . 16.92 14.69 25.84
C18 BCL XD . 17.17 13.93 24.53
C19 BCL XD . 18.41 14.44 23.82
C20 BCL XD . 15.96 13.99 23.61
MG BCL YD . 15.24 16.87 40.29
CHA BCL YD . 12.94 14.92 41.92
CHB BCL YD . 12.74 18.78 39.13
CHC BCL YD . 17.58 19.04 39.13
CHD BCL YD . 17.81 15.34 42.09
NA BCL YD . 13.24 16.76 40.30
C1A BCL YD . 12.49 15.91 40.92
C2A BCL YD . 11.05 15.99 40.52
C3A BCL YD . 11.09 17.00 39.41
C4A BCL YD . 12.45 17.57 39.60
CMA BCL YD . 11.04 16.31 38.06
CAA BCL YD . 10.18 16.51 41.67
CBA BCL YD . 8.71 16.58 41.27
CGA BCL YD . 7.89 15.47 41.91
O1A BCL YD . 7.65 15.50 43.09
O2A BCL YD . 7.41 14.35 41.12
NB BCL YD . 15.18 18.67 39.29
C1B BCL YD . 14.09 19.31 38.85
C2B BCL YD . 14.31 20.60 38.13
C3B BCL YD . 15.78 20.68 38.13
C4B BCL YD . 16.20 19.43 38.86
CMB BCL YD . 13.25 21.51 37.57
CAB BCL YD . 16.72 21.71 37.57
OBB BCL YD . 17.93 21.52 37.62
CBB BCL YD . 16.20 22.97 36.95
NC BCL YD . 17.23 16.99 40.31
C1C BCL YD . 17.97 17.90 39.67
C2C BCL YD . 19.43 17.55 39.64
C3C BCL YD . 19.46 16.29 40.46
C4C BCL YD . 18.05 16.22 40.94
CMC BCL YD . 19.87 17.29 38.20
CAC BCL YD . 20.34 16.46 41.68
CBC BCL YD . 21.77 16.82 41.32
ND BCL YD . 15.46 15.47 41.73
C1D BCL YD . 16.47 14.87 42.39
C2D BCL YD . 16.02 13.81 43.35
C3D BCL YD . 14.57 13.87 43.11
C4D BCL YD . 14.35 14.81 42.19
CMD BCL YD . 16.62 12.86 44.33
CAD BCL YD . 13.29 13.29 43.54
OBD BCL YD . 13.16 12.35 44.41
CBD BCL YD . 12.19 13.93 42.76
CGD BCL YD . 11.55 12.87 41.95
O1D BCL YD . 11.92 12.61 40.82
O2D BCL YD . 10.47 12.07 42.52
CED BCL YD . 10.10 10.84 41.93
C1 BCL YD . 6.02 14.07 41.05
C2 BCL YD . 5.64 14.27 39.61
C3 BCL YD . 5.68 13.26 38.73
C4 BCL YD . 6.13 11.90 39.15
C5 BCL YD . 5.31 13.54 37.29
C6 BCL YD . 5.17 12.24 36.51
C7 BCL YD . 4.34 12.44 35.24
C8 BCL YD . 3.34 13.59 35.38
C9 BCL YD . 2.01 13.10 35.95
C10 BCL YD . 3.13 14.29 34.04
C11 BCL YD . 3.40 13.35 32.88
C12 BCL YD . 2.25 13.40 31.89
C13 BCL YD . 2.67 14.16 30.63
C14 BCL YD . 2.17 15.59 30.67
C15 BCL YD . 2.12 13.39 29.44
C16 BCL YD . 2.40 14.04 28.10
C17 BCL YD . 1.75 13.21 26.99
C18 BCL YD . 1.69 13.95 25.66
C19 BCL YD . 1.51 15.45 25.83
C20 BCL YD . 0.55 13.38 24.81
P PGV ZD . 8.67 44.34 34.85
C01 PGV ZD . 6.95 40.16 37.15
C02 PGV ZD . 6.54 41.49 36.55
C03 PGV ZD . 7.79 42.32 36.27
C04 PGV ZD . 8.70 46.30 33.13
C05 PGV ZD . 7.83 47.38 32.51
C06 PGV ZD . 6.66 47.66 33.43
O01 PGV ZD . 5.66 42.17 37.45
O02 PGV ZD . 4.80 43.18 35.57
O03 PGV ZD . 6.59 39.16 36.21
O04 PGV ZD . 8.13 37.65 36.97
O05 PGV ZD . 7.37 46.95 31.22
O06 PGV ZD . 6.21 49.00 33.22
O11 PGV ZD . 7.52 43.27 35.24
O12 PGV ZD . 7.91 45.39 33.88
O13 PGV ZD . 9.70 43.63 34.01
O14 PGV ZD . 9.09 45.04 36.11
C1 PGV ZD . 4.68 42.98 36.76
C2 PGV ZD . 3.49 43.55 37.51
C3 PGV ZD . 3.81 43.70 39.00
C4 PGV ZD . 4.93 44.69 39.25
C5 PGV ZD . 5.33 44.68 40.72
C6 PGV ZD . 6.84 44.83 40.86
C7 PGV ZD . 7.57 43.73 40.07
C8 PGV ZD . 9.04 43.66 40.44
C9 PGV ZD . 9.28 42.82 41.70
C10 PGV ZD . 10.03 41.52 41.40
C11 PGV ZD . 9.39 40.82 40.22
C12 PGV ZD . 10.10 39.93 39.52
C13 PGV ZD . 11.51 39.61 39.92
C14 PGV ZD . 11.63 38.12 40.21
C19 PGV ZD . 7.24 37.87 36.19
C20 PGV ZD . 6.80 36.84 35.19
C21 PGV ZD . 7.56 35.54 35.47
C22 PGV ZD . 6.69 34.61 36.30
C23 PGV ZD . 7.54 33.58 37.03
C24 PGV ZD . 8.67 33.06 36.16
C25 PGV ZD . 10.00 33.27 36.87
C26 PGV ZD . 10.37 32.04 37.68
C27 PGV ZD . 10.68 30.87 36.78
C28 PGV ZD . 10.94 29.61 37.58
C29 PGV ZD . 12.43 29.33 37.77
C30 PGV ZD . 13.04 30.26 38.81
MG BCL AE . 1.21 26.21 36.92
CHA BCL AE . 4.05 24.36 36.38
CHB BCL AE . 0.07 23.85 39.00
CHC BCL AE . -1.82 27.74 36.83
CHD BCL AE . 2.19 28.38 34.33
NA BCL AE . 1.95 24.51 37.67
C1A BCL AE . 3.10 23.97 37.44
C2A BCL AE . 3.44 22.84 38.36
C3A BCL AE . 2.10 22.54 38.99
C4A BCL AE . 1.30 23.72 38.53
CMA BCL AE . 1.52 21.24 38.47
CAA BCL AE . 4.45 23.31 39.36
CBA BCL AE . 5.04 22.13 40.14
CGA BCL AE . 4.39 22.06 41.49
O1A BCL AE . 4.39 23.03 42.25
O2A BCL AE . 3.73 20.84 41.93
NB BCL AE . -0.62 25.84 37.77
C1B BCL AE . -0.93 24.86 38.62
C2B BCL AE . -2.32 24.82 39.13
C3B BCL AE . -2.89 26.01 38.45
C4B BCL AE . -1.75 26.55 37.67
CMB BCL AE . -2.91 23.80 40.07
CAB BCL AE . -4.26 26.60 38.51
OBB BCL AE . -4.47 27.71 38.09
CBB BCL AE . -5.39 25.80 39.07
NC BCL AE . 0.40 27.78 35.95
C1C BCL AE . -0.85 28.24 36.10
C2C BCL AE . -1.15 29.46 35.29
C3C BCL AE . 0.14 29.69 34.57
C4C BCL AE . 0.94 28.53 35.04
CMC BCL AE . -2.26 29.20 34.28
CAC BCL AE . 0.82 30.99 34.98
CBC BCL AE . 0.77 32.00 33.87
ND BCL AE . 2.72 26.42 35.57
C1D BCL AE . 3.08 27.28 34.61
C2D BCL AE . 4.37 26.96 33.95
C3D BCL AE . 4.72 25.76 34.70
C4D BCL AE . 3.77 25.55 35.61
CMD BCL AE . 5.18 27.55 32.84
CAD BCL AE . 5.76 24.72 34.83
OBD BCL AE . 6.82 24.64 34.12
CBD BCL AE . 5.36 23.79 35.94
CGD BCL AE . 5.31 22.39 35.42
O1D BCL AE . 4.66 22.09 34.43
O2D BCL AE . 6.10 21.35 36.05
CED BCL AE . 6.37 20.16 35.31
C1 BCL AE . 2.56 20.91 42.74
C2 BCL AE . 1.56 19.91 42.23
C3 BCL AE . 1.52 18.68 42.75
C4 BCL AE . 2.47 18.29 43.85
C5 BCL AE . 0.52 17.68 42.23
C6 BCL AE . 0.46 17.77 40.71
C7 BCL AE . 1.73 17.24 40.06
C8 BCL AE . 1.35 16.22 39.00
C9 BCL AE . 2.36 15.08 38.96
C10 BCL AE . 1.26 16.93 37.66
C11 BCL AE . -0.02 16.52 36.95
C12 BCL AE . -0.53 17.64 36.04
C13 BCL AE . -1.75 17.16 35.25
C14 BCL AE . -1.34 16.34 34.03
C15 BCL AE . -2.61 18.35 34.84
C16 BCL AE . -1.87 19.31 33.93
C17 BCL AE . -2.76 20.48 33.52
C18 BCL AE . -2.04 21.41 32.57
C19 BCL AE . -2.91 22.62 32.23
C20 BCL AE . -1.64 20.67 31.30
P PGV BE . -8.67 38.87 45.06
C01 PGV BE . -6.60 35.47 44.92
C02 PGV BE . -7.45 35.47 43.65
C03 PGV BE . -7.99 36.88 43.43
C04 PGV BE . -6.23 39.67 44.44
C05 PGV BE . -5.50 40.63 43.51
C06 PGV BE . -5.33 40.00 42.13
O01 PGV BE . -8.47 34.48 43.76
O02 PGV BE . -9.30 34.62 41.62
O03 PGV BE . -5.33 34.94 44.58
O04 PGV BE . -4.22 36.37 46.01
O05 PGV BE . -4.22 40.93 44.07
O06 PGV BE . -4.27 40.65 41.41
O11 PGV BE . -8.68 37.33 44.59
O12 PGV BE . -7.60 39.61 44.09
O13 PGV BE . -10.04 39.44 44.77
O14 PGV BE . -8.14 38.92 46.47
C1 PGV BE . -8.81 33.90 42.48
C2 PGV BE . -8.57 32.43 42.22
C3 PGV BE . -7.12 32.06 42.52
C4 PGV BE . -6.66 30.82 41.76
C5 PGV BE . -5.22 30.53 42.12
C6 PGV BE . -4.66 29.26 41.48
C7 PGV BE . -3.29 28.99 42.08
C8 PGV BE . -2.50 27.87 41.40
C9 PGV BE . -1.18 27.71 42.13
C10 PGV BE . -0.30 26.62 41.53
C11 PGV BE . 0.99 26.61 42.30
C12 PGV BE . 1.64 25.47 42.55
C19 PGV BE . -4.13 35.53 45.13
C20 PGV BE . -2.78 35.13 44.58
C21 PGV BE . -2.91 33.75 43.93
C22 PGV BE . -1.56 33.35 43.35
C23 PGV BE . -1.46 31.84 43.17
C24 PGV BE . 0.01 31.45 43.04
C25 PGV BE . 0.33 30.25 43.93
C26 PGV BE . 0.18 30.57 45.42
C27 PGV BE . -0.22 29.33 46.19
C28 PGV BE . -1.66 28.95 45.89
C29 PGV BE . -2.52 28.93 47.15
C30 PGV BE . -3.55 30.04 47.18
C31 PGV BE . -2.91 31.41 47.40
C32 PGV BE . -3.95 32.52 47.44
C33 PGV BE . -5.22 32.10 48.19
C34 PGV BE . -6.20 33.25 48.33
MG BCL CE . -0.79 -6.51 33.56
CHA BCL CE . -1.39 -7.81 36.66
CHB BCL CE . 0.61 -9.40 32.61
CHC BCL CE . -1.64 -5.75 30.39
CHD BCL CE . -2.30 -3.50 34.53
NA BCL CE . -0.39 -8.25 34.45
C1A BCL CE . -0.71 -8.65 35.64
C2A BCL CE . -0.30 -10.04 35.98
C3A BCL CE . 0.55 -10.41 34.81
C4A BCL CE . 0.27 -9.28 33.88
CMA BCL CE . 2.03 -10.41 35.18
CAA BCL CE . -1.49 -11.00 36.13
CBA BCL CE . -2.24 -11.23 34.82
CGA BCL CE . -3.38 -10.23 34.70
O1A BCL CE . -4.04 -9.95 35.68
O2A BCL CE . -3.71 -9.64 33.41
NB BCL CE . -0.58 -7.45 31.75
C1B BCL CE . 0.01 -8.63 31.52
C2B BCL CE . 0.07 -9.07 30.10
C3B BCL CE . -0.62 -7.95 29.44
C4B BCL CE . -0.96 -7.03 30.54
CMB BCL CE . 0.65 -10.35 29.56
CAB BCL CE . -0.94 -7.76 27.99
OBB BCL CE . -2.02 -7.33 27.64
CBB BCL CE . 0.16 -8.07 27.01
NC BCL CE . -1.52 -4.89 32.61
C1C BCL CE . -1.66 -4.77 31.28
C2C BCL CE . -1.99 -3.39 30.83
C3C BCL CE . -2.36 -2.74 32.13
C4C BCL CE . -2.00 -3.81 33.12
CMC BCL CE . -0.76 -2.71 30.26
CAC BCL CE . -3.86 -2.48 32.21
CBC BCL CE . -4.19 -1.03 31.91
ND BCL CE . -1.70 -5.71 35.19
C1D BCL CE . -2.27 -4.54 35.54
C2D BCL CE . -2.77 -4.53 36.96
C3D BCL CE . -2.40 -5.89 37.35
C4D BCL CE . -1.79 -6.47 36.32
CMD BCL CE . -3.47 -3.62 37.92
CAD BCL CE . -2.42 -6.82 38.48
OBD BCL CE . -2.92 -6.59 39.63
CBD BCL CE . -1.80 -8.11 38.06
CGD BCL CE . -0.71 -8.47 39.01
O1D BCL CE . 0.03 -7.62 39.44
O2D BCL CE . -0.56 -9.83 39.47
CED BCL CE . -0.10 -10.04 40.80
C1 BCL CE . -4.61 -8.55 33.31
C2 BCL CE . -4.31 -7.76 32.07
C3 BCL CE . -4.83 -8.14 30.88
C4 BCL CE . -5.68 -9.37 30.84
C5 BCL CE . -4.53 -7.38 29.62
C6 BCL CE . -5.53 -6.26 29.38
C7 BCL CE . -5.32 -5.65 28.00
C8 BCL CE . -6.01 -4.31 27.90
C9 BCL CE . -7.48 -4.52 27.54
C10 BCL CE . -5.30 -3.45 26.85
C11 BCL CE . -4.26 -2.54 27.50
C12 BCL CE . -4.94 -1.47 28.35
C13 BCL CE . -4.65 -0.08 27.82
C14 BCL CE . -3.72 0.69 28.76
C15 BCL CE . -5.98 0.65 27.64
C16 BCL CE . -6.92 -0.26 26.86
C17 BCL CE . -7.92 0.49 25.98
C18 BCL CE . -8.43 -0.40 24.84
C19 BCL CE . -9.57 -1.30 25.30
C20 BCL CE . -7.32 -1.24 24.23
MG BCL DE . -6.01 22.19 37.66
CHA BCL DE . -6.85 19.36 39.37
CHB BCL DE . -2.87 21.09 37.39
CHC BCL DE . -5.34 24.88 35.69
CHD BCL DE . -9.40 23.15 37.62
NA BCL DE . -4.99 20.62 38.38
C1A BCL DE . -5.44 19.60 39.03
C2A BCL DE . -4.37 18.62 39.45
C3A BCL DE . -3.11 19.38 39.11
C4A BCL DE . -3.67 20.45 38.25
CMA BCL DE . -2.46 19.96 40.35
CAA BCL DE . -4.44 17.31 38.67
CBA BCL DE . -4.04 16.12 39.54
CGA BCL DE . -3.36 15.07 38.71
O1A BCL DE . -3.09 15.27 37.55
O2A BCL DE . -3.01 13.78 39.27
NB BCL DE . -4.37 22.88 36.65
C1B BCL DE . -3.14 22.33 36.67
C2B BCL DE . -2.10 23.03 35.88
C3B BCL DE . -2.85 24.18 35.36
C4B BCL DE . -4.21 23.98 35.92
CMB BCL DE . -0.67 22.58 35.73
CAB BCL DE . -2.43 25.33 34.48
OBB BCL DE . -3.23 26.18 34.16
CBB BCL DE . -1.03 25.41 33.99
NC BCL DE . -7.08 23.68 36.84
C1C BCL DE . -6.59 24.67 36.08
C2C BCL DE . -7.59 25.68 35.62
C3C BCL DE . -8.85 25.07 36.15
C4C BCL DE . -8.35 23.89 36.90
CMC BCL DE . -7.34 27.04 36.25
CAC BCL DE . -9.75 24.60 35.01
CBC BCL DE . -11.20 24.92 35.27
ND BCL DE . -7.83 21.50 38.28
C1D BCL DE . -9.11 21.90 38.29
C2D BCL DE . -10.03 20.94 38.95
C3D BCL DE . -9.06 19.92 39.38
C4D BCL DE . -7.86 20.32 38.98
CMD BCL DE . -11.51 20.84 39.23
CAD BCL DE . -8.95 18.64 40.09
OBD BCL DE . -9.90 17.95 40.61
CBD BCL DE . -7.51 18.23 40.09
CGD BCL DE . -7.03 18.01 41.49
O1D BCL DE . -6.94 18.94 42.27
O2D BCL DE . -6.71 16.66 41.90
CED BCL DE . -6.13 16.38 43.17
C1 BCL DE . -1.83 13.12 38.84
C2 BCL DE . -0.81 13.23 39.96
C3 BCL DE . -0.60 12.24 40.83
C4 BCL DE . -1.35 10.95 40.69
C5 BCL DE . 0.42 12.41 41.93
C6 BCL DE . 0.10 11.48 43.09
C7 BCL DE . -0.79 12.14 44.16
C8 BCL DE . -0.62 11.47 45.52
C9 BCL DE . -0.57 9.95 45.39
C10 BCL DE . -1.73 11.92 46.47
C11 BCL DE . -1.16 12.45 47.78
C12 BCL DE . -0.81 11.30 48.71
C13 BCL DE . -0.52 11.73 50.14
C14 BCL DE . 0.95 12.08 50.29
C15 BCL DE . -0.91 10.57 51.04
C16 BCL DE . -0.63 10.75 52.53
C17 BCL DE . -1.25 9.59 53.30
C18 BCL DE . -0.74 9.50 54.75
C19 BCL DE . -1.36 10.58 55.63
C20 BCL DE . 0.78 9.56 54.82
C1M CRT EE . 6.21 -1.04 52.21
O1 CRT EE . 4.85 -0.64 52.35
C1 CRT EE . 3.86 -1.65 52.35
C2 CRT EE . 3.49 -2.34 53.66
C3 CRT EE . 3.00 -1.90 51.11
C4 CRT EE . 2.89 -0.54 52.78
C5 CRT EE . 3.03 0.70 51.91
C6 CRT EE . 1.93 1.30 51.47
C7 CRT EE . 2.00 2.51 50.63
C8 CRT EE . 3.26 3.32 50.53
C9 CRT EE . 0.90 2.86 49.96
C10 CRT EE . 0.82 4.03 49.09
C11 CRT EE . -0.39 4.31 48.62
C12 CRT EE . -0.70 5.42 47.72
C13 CRT EE . 0.28 6.52 47.43
C14 CRT EE . -1.92 5.39 47.16
C15 CRT EE . -2.44 6.37 46.24
C16 CRT EE . -3.74 6.26 45.96
C17 CRT EE . -4.43 7.16 45.02
C18 CRT EE . -3.77 8.40 44.52
C19 CRT EE . -5.66 6.84 44.62
C20 CRT EE . -6.39 7.67 43.68
C21 CRT EE . -7.42 7.13 43.03
C22 CRT EE . -8.18 7.92 42.07
C23 CRT EE . -9.05 7.31 41.24
C24 CRT EE . -9.24 5.84 41.31
C25 CRT EE . -9.78 8.12 40.26
C26 CRT EE . -10.42 7.58 39.24
C27 CRT EE . -11.09 8.50 38.33
C28 CRT EE . -11.91 8.12 37.35
C29 CRT EE . -12.20 6.67 37.10
C30 CRT EE . -12.51 9.15 36.50
C31 CRT EE . -13.05 8.88 35.32
C32 CRT EE . -13.59 10.03 34.59
C33 CRT EE . -14.32 9.93 33.47
C34 CRT EE . -14.67 8.62 32.86
C35 CRT EE . -14.79 11.19 32.86
C36 CRT EE . -15.24 11.25 31.63
C37 CRT EE . -15.69 12.59 31.11
C38 CRT EE . -14.76 13.10 30.04
C39 CRT EE . -14.77 12.21 28.79
C40 CRT EE . -15.11 14.53 29.68
O2 CRT EE . -13.45 13.06 30.60
C2M CRT EE . -12.40 13.77 29.95
P PGV FE . -11.90 36.93 42.37
C01 PGV FE . -13.24 32.13 41.66
C02 PGV FE . -13.63 33.55 41.30
C03 PGV FE . -12.83 34.50 42.20
C04 PGV FE . -10.36 38.78 41.20
C05 PGV FE . -9.67 39.01 39.86
C06 PGV FE . -10.57 38.54 38.72
O01 PGV FE . -15.03 33.74 41.52
O02 PGV FE . -15.02 35.32 39.82
O03 PGV FE . -12.20 31.70 40.77
O04 PGV FE . -11.17 30.35 42.31
O05 PGV FE . -8.43 38.31 39.80
O06 PGV FE . -11.11 39.66 38.00
O11 PGV FE . -12.79 35.81 41.65
O12 PGV FE . -11.03 37.51 41.15
O13 PGV FE . -11.00 36.19 43.33
O14 PGV FE . -12.80 38.01 42.91
C1 PGV FE . -15.55 34.91 40.84
C2 PGV FE . -16.78 35.62 41.38
C3 PGV FE . -17.10 35.11 42.79
C4 PGV FE . -16.10 35.59 43.83
C5 PGV FE . -16.17 34.75 45.10
C6 PGV FE . -15.00 35.03 46.04
C7 PGV FE . -13.72 34.34 45.62
C8 PGV FE . -12.56 34.72 46.52
C9 PGV FE . -11.23 34.14 46.06
C10 PGV FE . -10.79 32.95 46.91
C11 PGV FE . -10.05 31.97 46.04
C12 PGV FE . -9.07 31.18 46.51
C13 PGV FE . -8.42 30.24 45.53
C14 PGV FE . -7.18 29.55 46.08
C15 PGV FE . -6.59 28.64 45.01
C16 PGV FE . -5.67 27.55 45.57
C17 PGV FE . -4.95 26.79 44.46
C18 PGV FE . -4.04 25.71 45.02
C19 PGV FE . -11.37 30.57 41.14
C20 PGV FE . -10.74 29.67 40.09
C21 PGV FE . -10.03 28.51 40.77
C22 PGV FE . -10.25 27.19 40.05
C23 PGV FE . -9.81 26.05 40.94
C24 PGV FE . -8.58 25.33 40.41
C25 PGV FE . -7.76 24.79 41.59
C26 PGV FE . -7.02 23.51 41.23
C27 PGV FE . -6.04 23.18 42.35
C28 PGV FE . -5.35 21.85 42.10
C29 PGV FE . -4.19 21.67 43.08
MG BCL GE . -13.88 17.18 37.41
CHA BCL GE . -10.70 16.02 37.84
CHB BCL GE . -15.08 14.27 38.62
CHC BCL GE . -16.95 18.14 36.40
CHD BCL GE . -12.61 19.96 35.66
NA BCL GE . -13.08 15.52 38.21
C1A BCL GE . -11.83 15.26 38.39
C2A BCL GE . -11.57 14.02 39.19
C3A BCL GE . -12.93 13.40 39.28
C4A BCL GE . -13.78 14.47 38.67
CMA BCL GE . -12.99 12.12 38.46
CAA BCL GE . -11.04 14.38 40.57
CBA BCL GE . -9.77 13.59 40.85
CGA BCL GE . -10.09 12.14 41.10
O1A BCL GE . -10.19 11.35 40.17
O2A BCL GE . -10.27 11.65 42.45
NB BCL GE . -15.74 16.33 37.47
C1B BCL GE . -16.09 15.15 38.01
C2B BCL GE . -17.52 14.79 37.95
C3B BCL GE . -18.07 15.97 37.26
C4B BCL GE . -16.90 16.84 37.05
CMB BCL GE . -18.13 13.51 38.46
CAB BCL GE . -19.47 16.31 36.87
OBB BCL GE . -19.75 17.46 36.57
CBB BCL GE . -20.53 15.25 36.84
NC BCL GE . -14.65 18.75 36.41
C1C BCL GE . -15.94 18.96 36.17
C2C BCL GE . -16.24 20.26 35.50
C3C BCL GE . -14.88 20.82 35.30
C4C BCL GE . -14.03 19.74 35.87
CMC BCL GE . -16.90 20.01 34.16
CAC BCL GE . -14.62 22.14 36.02
CBC BCL GE . -15.05 23.29 35.16
ND BCL GE . -12.10 17.92 36.80
C1D BCL GE . -11.65 19.01 36.16
C2D BCL GE . -10.16 19.06 36.02
C3D BCL GE . -9.83 17.82 36.73
C4D BCL GE . -10.95 17.27 37.15
CMD BCL GE . -9.16 19.97 35.40
CAD BCL GE . -8.69 16.98 37.15
OBD BCL GE . -7.46 17.24 36.93
CBD BCL GE . -9.21 15.81 37.91
CGD BCL GE . -8.71 14.52 37.36
O1D BCL GE . -9.25 13.96 36.44
O2D BCL GE . -7.52 13.94 37.94
CED BCL GE . -7.07 12.67 37.49
C1 BCL GE . -11.55 11.73 43.07
C2 BCL GE . -12.59 11.25 42.10
C3 BCL GE . -13.32 10.15 42.31
C4 BCL GE . -13.13 9.32 43.55
C5 BCL GE . -14.33 9.75 41.28
C6 BCL GE . -15.40 10.84 41.30
C7 BCL GE . -16.32 10.66 42.50
C8 BCL GE . -17.76 10.52 42.03
C9 BCL GE . -18.68 11.40 42.85
C10 BCL GE . -18.19 9.05 42.07
C11 BCL GE . -17.32 8.21 43.01
C12 BCL GE . -17.87 6.79 43.18
C13 BCL GE . -16.95 5.74 42.55
C14 BCL GE . -16.88 5.92 41.05
C15 BCL GE . -17.45 4.34 42.90
C16 BCL GE . -16.33 3.32 42.74
C17 BCL GE . -15.97 2.70 44.10
C18 BCL GE . -15.34 1.32 43.97
C19 BCL GE . -16.06 0.53 42.88
C20 BCL GE . -15.34 0.57 45.29
P PGV HE . -29.95 28.60 36.31
C01 PGV HE . -27.58 24.51 38.20
C02 PGV HE . -28.79 25.43 38.30
C03 PGV HE . -28.57 26.71 37.52
C04 PGV HE . -28.03 29.34 34.66
C05 PGV HE . -26.58 28.93 34.38
C06 PGV HE . -25.68 29.42 35.49
O01 PGV HE . -29.04 25.71 39.68
O02 PGV HE . -31.31 25.40 39.30
O03 PGV HE . -27.97 23.32 37.52
O04 PGV HE . -30.14 22.64 37.90
O05 PGV HE . -26.14 29.50 33.14
O06 PGV HE . -25.82 28.57 36.64
O11 PGV HE . -29.81 27.43 37.41
O12 PGV HE . -28.41 28.77 35.90
O13 PGV HE . -30.43 29.86 36.98
O14 PGV HE . -30.67 28.06 35.11
C1 PGV HE . -30.37 25.28 40.08
C2 PGV HE . -30.60 24.72 41.45
C3 PGV HE . -31.74 23.71 41.43
C4 PGV HE . -31.24 22.31 41.10
C5 PGV HE . -32.37 21.28 41.08
C6 PGV HE . -31.85 19.87 41.35
C7 PGV HE . -30.89 19.87 42.53
C8 PGV HE . -30.57 18.45 42.98
C9 PGV HE . -29.38 18.42 43.94
C10 PGV HE . -28.08 18.80 43.22
C11 PGV HE . -26.99 19.01 44.25
C12 PGV HE . -25.79 18.45 44.07
C13 PGV HE . -25.53 17.60 42.85
C19 PGV HE . -28.96 22.43 38.13
C20 PGV HE . -28.53 21.32 39.03
C21 PGV HE . -28.43 20.01 38.27
C22 PGV HE . -27.63 18.99 39.08
C23 PGV HE . -27.44 17.69 38.31
C24 PGV HE . -26.44 17.86 37.16
C25 PGV HE . -25.15 17.12 37.46
C26 PGV HE . -25.25 15.62 37.21
C27 PGV HE . -24.20 14.89 38.04
C28 PGV HE . -23.70 13.62 37.37
C29 PGV HE . -22.86 12.82 38.35
C30 PGV HE . -21.77 12.05 37.62
C31 PGV HE . -21.07 11.03 38.52
C32 PGV HE . -20.78 11.61 39.89
P PGV IE . -26.59 27.07 42.16
C01 PGV IE . -23.91 24.10 44.72
C02 PGV IE . -24.78 24.08 43.48
C03 PGV IE . -26.00 24.97 43.68
C04 PGV IE . -25.18 28.34 44.04
C05 PGV IE . -23.88 29.12 44.19
O01 PGV IE . -25.13 22.73 43.15
O02 PGV IE . -25.62 23.01 40.91
O03 PGV IE . -22.73 24.80 44.38
O04 PGV IE . -21.88 24.94 46.53
O11 PGV IE . -26.36 25.50 42.42
O12 PGV IE . -25.27 27.80 42.71
O13 PGV IE . -26.61 27.29 40.67
O14 PGV IE . -27.77 27.51 42.99
C1 PGV IE . -24.91 22.44 41.74
C2 PGV IE . -23.84 21.48 41.30
C3 PGV IE . -24.47 20.25 40.66
C4 PGV IE . -23.50 19.52 39.73
C5 PGV IE . -22.23 19.08 40.44
C6 PGV IE . -21.88 17.66 40.05
C7 PGV IE . -20.61 17.17 40.75
C8 PGV IE . -19.35 17.65 40.04
C9 PGV IE . -18.14 17.65 40.97
C10 PGV IE . -17.53 16.27 41.12
C11 PGV IE . -16.10 16.41 41.60
C12 PGV IE . -15.58 15.52 42.44
C13 PGV IE . -14.16 15.65 42.93
C19 PGV IE . -21.64 24.87 45.33
C20 PGV IE . -20.22 24.86 44.83
C21 PGV IE . -19.77 23.46 44.44
C22 PGV IE . -20.63 22.82 43.36
C23 PGV IE . -19.90 21.62 42.77
C24 PGV IE . -19.62 20.56 43.83
C25 PGV IE . -18.24 19.95 43.59
C26 PGV IE . -17.99 18.76 44.52
C27 PGV IE . -19.09 17.73 44.43
C28 PGV IE . -19.49 17.21 45.81
C29 PGV IE . -20.98 17.41 46.05
C30 PGV IE . -21.28 18.80 46.62
C31 PGV IE . -22.58 18.77 47.42
C32 PGV IE . -22.72 20.00 48.31
C33 PGV IE . -23.07 21.24 47.50
C34 PGV IE . -24.19 20.94 46.53
P PGV JE . -26.90 16.42 17.47
C01 PGV JE . -23.71 13.45 17.00
C02 PGV JE . -25.03 12.98 17.60
C03 PGV JE . -25.74 14.16 18.23
C04 PGV JE . -25.79 18.43 16.20
C05 PGV JE . -24.43 18.35 15.54
C06 PGV JE . -24.55 17.62 14.21
O01 PGV JE . -24.76 11.99 18.60
O02 PGV JE . -26.87 11.17 18.14
O03 PGV JE . -22.89 12.31 16.77
O04 PGV JE . -20.93 13.55 16.59
O05 PGV JE . -23.54 17.62 16.39
O06 PGV JE . -23.96 16.32 14.32
O11 PGV JE . -26.36 14.93 17.21
O12 PGV JE . -26.40 17.15 16.13
O13 PGV JE . -26.08 17.02 18.58
O14 PGV JE . -28.41 16.44 17.58
C1 PGV JE . -25.77 10.95 18.61
C2 PGV JE . -25.43 9.61 19.21
C3 PGV JE . -24.86 8.68 18.14
C4 PGV JE . -23.47 9.12 17.69
C5 PGV JE . -22.37 8.49 18.52
C6 PGV JE . -22.45 6.97 18.47
C7 PGV JE . -21.12 6.33 18.79
C8 PGV JE . -20.11 6.46 17.64
C9 PGV JE . -18.74 5.98 18.12
C10 PGV JE . -18.05 5.14 17.05
C11 PGV JE . -16.67 4.76 17.54
C12 PGV JE . -16.34 3.48 17.72
C13 PGV JE . -17.34 2.38 17.43
C19 PGV JE . -21.44 12.45 16.73
C20 PGV JE . -20.57 11.21 16.84
C21 PGV JE . -19.39 11.45 17.78
C22 PGV JE . -19.22 10.26 18.71
C23 PGV JE . -17.89 10.27 19.46
C24 PGV JE . -17.76 9.05 20.36
C25 PGV JE . -16.31 8.59 20.49
C26 PGV JE . -16.09 7.85 21.81
C27 PGV JE . -14.73 7.18 21.87
C28 PGV JE . -14.85 5.77 22.45
C29 PGV JE . -13.54 5.30 23.06
C30 PGV JE . -13.18 6.15 24.28
C31 PGV JE . -11.68 6.44 24.30
C32 PGV JE . -10.88 5.18 24.04
C33 PGV JE . -9.39 5.42 24.22
MG BCL KE . -20.04 12.03 34.82
CHA BCL KE . -20.58 8.80 35.78
CHB BCL KE . -16.82 11.77 35.71
CHC BCL KE . -19.48 15.03 33.34
CHD BCL KE . -23.34 12.26 33.70
NA BCL KE . -18.92 10.60 35.66
C1A BCL KE . -19.25 9.41 35.97
C2A BCL KE . -18.15 8.59 36.58
C3A BCL KE . -17.05 9.61 36.75
C4A BCL KE . -17.62 10.75 35.99
CMA BCL KE . -16.82 9.97 38.20
CAA BCL KE . -17.68 7.54 35.60
CBA BCL KE . -16.93 6.45 36.34
CGA BCL KE . -16.41 5.51 35.30
O1A BCL KE . -15.75 5.93 34.36
O2A BCL KE . -16.68 4.10 35.38
NB BCL KE . -18.40 13.23 34.53
C1B BCL KE . -17.15 12.99 34.99
C2B BCL KE . -16.11 14.00 34.69
C3B BCL KE . -16.93 15.00 33.96
C4B BCL KE . -18.29 14.42 33.95
CMB BCL KE . -14.66 13.93 35.07
CAB BCL KE . -16.53 16.31 33.36
OBB BCL KE . -17.39 17.07 32.97
CBB BCL KE . -15.08 16.67 33.21
NC BCL KE . -21.16 13.44 33.96
C1C BCL KE . -20.73 14.62 33.48
C2C BCL KE . -21.83 15.54 33.07
C3C BCL KE . -23.04 14.74 33.48
C4C BCL KE . -22.43 13.41 33.75
CMC BCL KE . -21.75 16.86 33.84
CAC BCL KE . -24.08 14.64 32.37
CBC BCL KE . -23.44 14.40 31.03
ND BCL KE . -21.69 10.85 34.66
C1D BCL KE . -22.96 10.98 34.26
C2D BCL KE . -23.77 9.72 34.46
C3D BCL KE . -22.75 8.87 35.07
C4D BCL KE . -21.62 9.59 35.18
CMD BCL KE . -25.17 9.24 34.19
CAD BCL KE . -22.52 7.52 35.64
OBD BCL KE . -23.38 6.56 35.70
CBD BCL KE . -21.10 7.43 36.10
CGD BCL KE . -20.98 7.05 37.54
O1D BCL KE . -21.49 7.72 38.41
O2D BCL KE . -20.25 5.85 37.91
CED BCL KE . -20.07 5.49 39.27
C1 BCL KE . -15.89 3.25 34.58
C2 BCL KE . -14.88 2.54 35.44
C3 BCL KE . -13.61 2.97 35.46
C4 BCL KE . -13.19 4.14 34.62
C5 BCL KE . -12.59 2.27 36.32
C6 BCL KE . -11.19 2.78 36.01
C7 BCL KE . -10.63 3.57 37.19
C8 BCL KE . -9.26 3.07 37.65
C9 BCL KE . -8.41 4.22 38.15
C10 BCL KE . -8.55 2.36 36.51
C11 BCL KE . -7.16 1.93 36.95
C12 BCL KE . -6.81 0.57 36.38
C13 BCL KE . -6.43 -0.37 37.51
C14 BCL KE . -4.93 -0.34 37.77
C15 BCL KE . -6.92 -1.78 37.20
C16 BCL KE . -6.89 -2.62 38.47
C17 BCL KE . -7.77 -2.03 39.56
C18 BCL KE . -8.08 -3.09 40.60
C19 BCL KE . -9.51 -2.98 41.07
C20 BCL KE . -7.15 -2.98 41.80
MG BCL LE . -13.08 -0.74 41.19
CHA BCL LE . -14.81 -3.63 40.56
CHB BCL LE . -14.94 0.85 38.88
CHC BCL LE . -12.03 2.18 42.52
CHD BCL LE . -11.40 -2.35 43.80
NA BCL LE . -14.49 -1.28 39.88
C1A BCL LE . -15.08 -2.41 39.76
C2A BCL LE . -16.16 -2.44 38.74
C3A BCL LE . -15.90 -1.19 37.98
C4A BCL LE . -15.04 -0.47 38.96
CMA BCL LE . -15.09 -1.48 36.71
CAA BCL LE . -17.47 -2.33 39.49
CBA BCL LE . -18.65 -2.40 38.54
CGA BCL LE . -18.81 -3.80 38.05
O1A BCL LE . -19.46 -4.62 38.68
O2A BCL LE . -18.20 -4.24 36.81
NB BCL LE . -13.44 1.23 40.78
C1B BCL LE . -14.21 1.73 39.80
C2B BCL LE . -14.31 3.19 39.69
C3B BCL LE . -13.41 3.61 40.79
C4B BCL LE . -12.94 2.32 41.38
CMB BCL LE . -15.12 3.94 38.67
CAB BCL LE . -13.04 4.98 41.28
OBB BCL LE . -12.47 5.11 42.34
CBB BCL LE . -13.37 6.16 40.44
NC BCL LE . -11.78 -0.20 42.60
C1C BCL LE . -11.40 1.06 42.87
C2C BCL LE . -10.21 1.14 43.75
C3C BCL LE . -9.99 -0.31 44.11
C4C BCL LE . -11.13 -0.96 43.41
CMC BCL LE . -9.01 1.70 42.98
CAC BCL LE . -10.17 -0.59 45.59
CBC BCL LE . -9.54 0.45 46.46
ND BCL LE . -13.04 -2.56 42.10
C1D BCL LE . -12.37 -3.16 43.09
C2D BCL LE . -12.75 -4.60 43.29
C3D BCL LE . -13.74 -4.73 42.23
C4D BCL LE . -13.84 -3.56 41.61
CMD BCL LE . -12.40 -5.74 44.20
CAD BCL LE . -14.69 -5.69 41.62
OBD BCL LE . -14.84 -6.90 41.99
CBD BCL LE . -15.42 -5.00 40.51
CGD BCL LE . -15.18 -5.71 39.21
O1D BCL LE . -14.14 -5.57 38.61
O2D BCL LE . -16.19 -6.62 38.68
CED BCL LE . -15.80 -7.65 37.78
C1 BCL LE . -18.78 -5.36 36.16
C2 BCL LE . -19.02 -5.03 34.70
C3 BCL LE . -18.55 -5.85 33.75
C4 BCL LE . -17.80 -7.09 34.12
C5 BCL LE . -18.77 -5.51 32.30
C6 BCL LE . -17.44 -5.71 31.60
C7 BCL LE . -17.04 -4.47 30.81
C8 BCL LE . -17.02 -4.80 29.32
C9 BCL LE . -15.67 -5.34 28.87
C10 BCL LE . -17.45 -3.58 28.51
C11 BCL LE . -18.09 -4.03 27.20
C12 BCL LE . -18.84 -2.89 26.51
C13 BCL LE . -17.89 -1.81 26.01
C14 BCL LE . -18.71 -0.64 25.46
C15 BCL LE . -16.96 -2.34 24.94
C16 BCL LE . -16.27 -1.17 24.23
C17 BCL LE . -16.08 -1.43 22.74
C18 BCL LE . -16.31 -0.15 21.95
C19 BCL LE . -16.98 -0.44 20.61
C20 BCL LE . -15.00 0.61 21.73
MG BCL ME . -26.13 5.89 31.56
CHA BCL ME . -22.96 5.20 32.62
CHB BCL ME . -27.07 2.73 32.18
CHC BCL ME . -29.03 6.55 29.92
CHD BCL ME . -25.05 9.09 30.57
NA BCL ME . -25.24 4.27 32.30
C1A BCL ME . -24.02 4.17 32.73
C2A BCL ME . -23.70 2.83 33.31
C3A BCL ME . -24.85 2.00 32.84
C4A BCL ME . -25.80 3.06 32.41
CMA BCL ME . -24.48 1.12 31.67
CAA BCL ME . -23.60 2.91 34.83
CBA BCL ME . -22.68 1.82 35.33
CGA BCL ME . -23.45 0.53 35.49
O1A BCL ME . -24.59 0.56 35.91
O2A BCL ME . -22.86 -0.74 35.12
NB BCL ME . -27.80 4.81 31.09
C1B BCL ME . -28.05 3.52 31.43
C2B BCL ME . -29.36 2.97 31.01
C3B BCL ME . -29.94 4.14 30.32
C4B BCL ME . -28.91 5.19 30.45
CMB BCL ME . -29.89 1.58 31.24
CAB BCL ME . -31.26 4.30 29.64
OBB BCL ME . -31.80 5.39 29.67
CBB BCL ME . -31.86 3.12 28.96
NC BCL ME . -26.95 7.49 30.64
C1C BCL ME . -28.17 7.54 30.10
C2C BCL ME . -28.57 8.90 29.63
C3C BCL ME . -27.36 9.70 29.95
C4C BCL ME . -26.43 8.65 30.44
CMC BCL ME . -28.82 8.92 28.13
CAC BCL ME . -27.58 10.73 31.05
CBC BCL ME . -27.59 12.12 30.46
ND BCL ME . -24.44 7.01 31.51
C1D BCL ME . -24.06 8.23 31.16
C2D BCL ME . -22.63 8.54 31.43
C3D BCL ME . -22.22 7.26 32.03
C4D BCL ME . -23.30 6.48 32.06
CMD BCL ME . -21.69 9.69 31.21
CAD BCL ME . -21.07 6.54 32.59
OBD BCL ME . -19.89 7.02 32.72
CBD BCL ME . -21.52 5.18 33.02
CGD BCL ME . -20.72 4.11 32.35
O1D BCL ME . -20.88 3.82 31.17
O2D BCL ME . -19.70 3.39 33.10
CED BCL ME . -19.00 2.31 32.48
C1 BCL ME . -23.22 -1.94 35.80
C2 BCL ME . -24.21 -2.76 35.00
C3 BCL ME . -23.79 -3.80 34.26
C4 BCL ME . -22.33 -4.15 34.23
C5 BCL ME . -24.78 -4.63 33.48
C6 BCL ME . -24.41 -4.66 32.00
C7 BCL ME . -24.39 -3.25 31.42
C8 BCL ME . -23.10 -3.03 30.64
C9 BCL ME . -22.37 -1.84 31.25
C10 BCL ME . -23.46 -2.78 29.18
C11 BCL ME . -22.45 -1.91 28.46
C12 BCL ME . -23.14 -0.83 27.65
C13 BCL ME . -24.11 -1.44 26.65
C14 BCL ME . -23.38 -2.16 25.53
C15 BCL ME . -24.99 -0.34 26.07
C16 BCL ME . -24.18 0.82 25.51
C17 BCL ME . -25.15 1.92 25.08
C18 BCL ME . -24.43 3.18 24.67
C19 BCL ME . -25.41 4.22 24.17
C20 BCL ME . -23.37 2.87 23.62
P PGV NE . -41.94 12.55 28.86
C01 PGV NE . -43.09 7.65 28.25
C02 PGV NE . -43.45 9.07 27.80
C03 PGV NE . -42.88 10.09 28.78
C04 PGV NE . -39.53 12.50 29.90
C05 PGV NE . -38.83 13.82 29.61
O01 PGV NE . -44.86 9.30 27.69
O02 PGV NE . -46.10 7.34 27.85
O03 PGV NE . -41.70 7.58 28.60
O04 PGV NE . -41.79 5.35 29.21
O05 PGV NE . -39.67 14.89 30.04
O11 PGV NE . -42.63 11.31 28.08
O12 PGV NE . -40.38 12.16 28.81
O13 PGV NE . -42.39 12.53 30.30
O14 PGV NE . -42.14 13.82 28.06
C1 PGV NE . -45.71 8.35 28.40
C2 PGV NE . -46.13 8.66 29.82
C3 PGV NE . -46.82 7.44 30.42
C4 PGV NE . -45.99 6.86 31.55
C5 PGV NE . -44.78 6.11 30.99
C6 PGV NE . -43.82 5.70 32.10
C7 PGV NE . -43.68 6.80 33.15
C8 PGV NE . -42.67 6.38 34.20
C9 PGV NE . -43.00 5.00 34.73
C10 PGV NE . -41.75 4.32 35.24
C11 PGV NE . -40.69 4.40 34.16
C12 PGV NE . -39.44 4.67 34.48
C13 PGV NE . -39.03 4.90 35.92
C14 PGV NE . -37.87 3.98 36.27
C15 PGV NE . -36.89 3.89 35.11
C16 PGV NE . -36.82 2.45 34.59
C17 PGV NE . -35.90 1.61 35.44
C18 PGV NE . -34.45 1.96 35.15
C19 PGV NE . -41.10 6.35 29.10
C20 PGV NE . -39.64 6.31 29.47
C21 PGV NE . -39.03 4.98 29.06
C22 PGV NE . -38.18 5.16 27.81
C23 PGV NE . -37.43 3.89 27.43
C24 PGV NE . -36.71 3.32 28.64
C25 PGV NE . -35.81 2.14 28.28
C26 PGV NE . -35.29 1.54 29.58
C27 PGV NE . -34.22 0.47 29.39
C28 PGV NE . -33.58 0.25 30.76
C29 PGV NE . -32.66 -0.97 30.82
C30 PGV NE . -32.24 -1.17 32.27
C31 PGV NE . -31.37 -2.41 32.48
P PGV OE . -41.69 10.54 33.51
C01 PGV OE . -39.03 8.34 34.94
C02 PGV OE . -38.71 8.39 33.45
C03 PGV OE . -39.96 8.77 32.66
C04 PGV OE . -40.22 12.47 34.66
C05 PGV OE . -40.38 13.90 35.11
O01 PGV OE . -38.30 7.09 33.05
O02 PGV OE . -36.29 8.07 32.49
O03 PGV OE . -38.90 9.64 35.51
O04 PGV OE . -39.67 9.16 37.63
O05 PGV OE . -39.31 14.72 34.62
O11 PGV OE . -40.27 10.15 32.86
O12 PGV OE . -41.46 12.02 34.11
O13 PGV OE . -42.68 10.68 32.38
O14 PGV OE . -41.96 9.58 34.62
C1 PGV OE . -36.93 7.05 32.55
C2 PGV OE . -36.33 5.75 32.09
C3 PGV OE . -35.04 6.02 31.34
C4 PGV OE . -33.84 6.07 32.26
C5 PGV OE . -33.67 4.74 32.98
C6 PGV OE . -32.21 4.45 33.29
C7 PGV OE . -31.67 5.41 34.32
C8 PGV OE . -30.68 4.70 35.24
C9 PGV OE . -29.60 3.99 34.45
C10 PGV OE . -28.98 2.88 35.28
C11 PGV OE . -27.52 3.15 35.53
C12 PGV OE . -27.09 3.24 36.79
C19 PGV OE . -38.86 9.77 36.96
C20 PGV OE . -37.81 10.64 37.60
C21 PGV OE . -36.81 9.77 38.36
C22 PGV OE . -35.51 9.58 37.56
C23 PGV OE . -35.72 8.72 36.33
C24 PGV OE . -34.42 8.43 35.60
C25 PGV OE . -33.39 7.81 36.53
C26 PGV OE . -33.85 6.47 37.08
C27 PGV OE . -32.76 5.81 37.91
C28 PGV OE . -33.16 4.38 38.28
P PGV PE . -26.52 11.33 12.79
C01 PGV PE . -21.73 9.63 12.14
C02 PGV PE . -23.23 9.42 12.06
C03 PGV PE . -24.00 10.73 12.17
C04 PGV PE . -27.99 10.81 14.91
O01 PGV PE . -23.61 8.55 13.12
O02 PGV PE . -25.35 7.77 11.78
O03 PGV PE . -21.06 8.57 11.44
O04 PGV PE . -21.86 6.57 12.26
O11 PGV PE . -25.38 10.39 12.18
O12 PGV PE . -27.24 10.31 13.80
O13 PGV PE . -27.49 11.72 11.71
O14 PGV PE . -25.87 12.40 13.65
C1 PGV PE . -24.64 7.59 12.76
C2 PGV PE . -24.83 6.35 13.59
C3 PGV PE . -24.72 6.67 15.07
C4 PGV PE . -24.01 5.50 15.75
C5 PGV PE . -22.59 5.37 15.21
C6 PGV PE . -22.36 4.02 14.52
C7 PGV PE . -21.30 3.22 15.25
C8 PGV PE . -21.12 1.86 14.58
C9 PGV PE . -20.08 1.02 15.31
C19 PGV PE . -20.88 7.27 12.05
C20 PGV PE . -19.50 6.79 12.42
C21 PGV PE . -19.48 5.34 12.90
C22 PGV PE . -18.04 4.93 13.17
C23 PGV PE . -17.94 3.50 13.69
C24 PGV PE . -16.49 3.13 14.00
C25 PGV PE . -15.73 2.83 12.71
C26 PGV PE . -14.29 2.44 13.01
MG BCL QE . -30.47 0.48 26.66
CHA BCL QE . -30.97 -2.84 27.27
CHB BCL QE . -27.64 0.41 28.43
CHC BCL QE . -30.11 3.80 26.03
CHD BCL QE . -33.67 0.68 25.24
NA BCL QE . -29.42 -0.95 27.60
C1A BCL QE . -29.71 -2.21 27.69
C2A BCL QE . -28.65 -3.02 28.38
C3A BCL QE . -27.76 -1.93 28.95
C4A BCL QE . -28.30 -0.73 28.28
CMA BCL QE . -27.91 -1.78 30.45
CAA BCL QE . -27.91 -3.87 27.39
CBA BCL QE . -26.48 -4.11 27.86
CGA BCL QE . -26.14 -5.57 27.74
O1A BCL QE . -26.78 -6.41 28.35
O2A BCL QE . -25.04 -5.98 26.88
NB BCL QE . -29.11 1.91 27.17
C1B BCL QE . -27.97 1.73 27.88
C2B BCL QE . -27.12 2.91 28.09
C3B BCL QE . -27.87 3.94 27.35
C4B BCL QE . -29.05 3.20 26.84
CMB BCL QE . -25.82 2.96 28.86
CAB BCL QE . -27.60 5.39 27.13
OBB BCL QE . -28.51 6.13 26.82
CBB BCL QE . -26.20 5.91 27.28
NC BCL QE . -31.58 1.92 25.81
C1C BCL QE . -31.24 3.22 25.70
C2C BCL QE . -32.27 4.10 25.06
C3C BCL QE . -33.29 3.08 24.65
C4C BCL QE . -32.76 1.83 25.28
CMC BCL QE . -32.83 5.10 26.06
CAC BCL QE . -33.31 2.91 23.14
CBC BCL QE . -34.71 2.91 22.58
ND BCL QE . -32.09 -0.72 26.30
C1D BCL QE . -33.29 -0.62 25.72
C2D BCL QE . -34.05 -1.92 25.71
C3D BCL QE . -33.06 -2.79 26.35
C4D BCL QE . -31.99 -2.04 26.63
CMD BCL QE . -35.39 -2.42 25.25
CAD BCL QE . -32.82 -4.18 26.80
OBD BCL QE . -33.62 -5.17 26.67
CBD BCL QE . -31.45 -4.26 27.40
CGD BCL QE . -31.49 -4.78 28.80
O1D BCL QE . -31.53 -4.03 29.75
O2D BCL QE . -31.48 -6.21 29.01
CED BCL QE . -30.85 -6.75 30.17
C1 BCL QE . -23.76 -6.08 27.47
C2 BCL QE . -23.64 -7.43 28.13
C3 BCL QE . -22.49 -7.82 28.70
C4 BCL QE . -21.28 -6.93 28.69
C5 BCL QE . -22.44 -9.17 29.35
C6 BCL QE . -23.45 -9.19 30.49
C7 BCL QE . -23.11 -10.29 31.49
C8 BCL QE . -24.33 -10.81 32.26
C9 BCL QE . -25.63 -10.21 31.75
C10 BCL QE . -24.13 -10.51 33.75
C11 BCL QE . -25.41 -10.67 34.56
C12 BCL QE . -25.80 -12.13 34.75
C13 BCL QE . -27.05 -12.23 35.61
C14 BCL QE . -28.15 -11.30 35.11
C15 BCL QE . -26.71 -11.90 37.06
C16 BCL QE . -27.88 -12.22 37.98
C17 BCL QE . -28.06 -13.73 38.10
C18 BCL QE . -28.68 -14.14 39.45
C19 BCL QE . -28.14 -13.30 40.60
C20 BCL QE . -28.50 -15.62 39.70
C1M CRT RE . -17.93 -24.26 39.83
O1 CRT RE . -19.26 -23.82 39.58
C1 CRT RE . -20.08 -24.75 38.88
C2 CRT RE . -20.83 -25.82 39.67
C3 CRT RE . -20.32 -24.57 37.40
C4 CRT RE . -21.26 -23.82 39.19
C5 CRT RE . -21.15 -22.38 38.72
C6 CRT RE . -22.20 -21.83 38.13
C7 CRT RE . -22.26 -20.44 37.63
C8 CRT RE . -21.64 -19.33 38.43
C9 CRT RE . -22.92 -20.16 36.50
C10 CRT RE . -23.04 -18.81 35.97
C11 CRT RE . -23.87 -18.66 34.93
C12 CRT RE . -24.15 -17.38 34.27
C13 CRT RE . -23.75 -16.07 34.89
C14 CRT RE . -24.80 -17.44 33.10
C15 CRT RE . -25.19 -16.28 32.28
C16 CRT RE . -26.08 -16.54 31.35
C17 CRT RE . -26.61 -15.54 30.42
C18 CRT RE . -26.53 -14.07 30.74
C19 CRT RE . -27.15 -15.95 29.26
C20 CRT RE . -27.67 -15.01 28.29
C21 CRT RE . -27.99 -15.45 27.08
C22 CRT RE . -28.50 -14.51 26.08
C23 CRT RE . -28.90 -14.94 24.88
C24 CRT RE . -28.89 -16.41 24.55
C25 CRT RE . -29.38 -13.95 23.89
C26 CRT RE . -29.39 -14.18 22.58
C27 CRT RE . -29.86 -13.13 21.69
C28 CRT RE . -30.04 -13.31 20.37
C29 CRT RE . -29.77 -14.62 19.70
C30 CRT RE . -30.53 -12.17 19.57
C31 CRT RE . -30.36 -12.09 18.24
C32 CRT RE . -30.89 -10.90 17.60
C33 CRT RE . -30.94 -10.69 16.28
C34 CRT RE . -30.45 -11.69 15.29
C35 CRT RE . -31.52 -9.40 15.83
C36 CRT RE . -31.52 -8.93 14.60
C37 CRT RE . -32.19 -7.58 14.39
C38 CRT RE . -31.15 -6.53 14.05
C39 CRT RE . -30.24 -7.01 12.94
C40 CRT RE . -31.82 -5.22 13.66
O2 CRT RE . -30.37 -6.31 15.22
C2M CRT RE . -29.09 -5.69 15.11
MG BCL SE . -34.85 -5.52 21.51
CHA BCL SE . -31.93 -5.95 23.23
CHB BCL SE . -35.22 -8.85 21.34
CHC BCL SE . -37.43 -5.03 19.34
CHD BCL SE . -34.17 -2.08 21.28
NA BCL SE . -33.86 -7.11 22.24
C1A BCL SE . -32.80 -7.12 22.96
C2A BCL SE . -32.40 -8.45 23.48
C3A BCL SE . -33.23 -9.35 22.62
C4A BCL SE . -34.19 -8.38 22.01
CMA BCL SE . -32.38 -9.98 21.52
CAA BCL SE . -32.74 -8.56 24.96
CBA BCL SE . -31.73 -9.46 25.67
CGA BCL SE . -31.95 -10.90 25.27
O1A BCL SE . -31.04 -11.55 24.79
O2A BCL SE . -33.24 -11.53 25.44
NB BCL SE . -36.12 -6.75 20.46
C1B BCL SE . -36.17 -8.09 20.51
C2B BCL SE . -37.19 -8.76 19.68
C3B BCL SE . -37.86 -7.59 19.07
C4B BCL SE . -37.13 -6.43 19.64
CMB BCL SE . -37.42 -10.24 19.57
CAB BCL SE . -39.01 -7.50 18.12
OBB BCL SE . -39.61 -6.45 17.98
CBB BCL SE . -39.41 -8.70 17.35
NC BCL SE . -35.70 -3.94 20.60
C1C BCL SE . -36.75 -3.98 19.76
C2C BCL SE . -37.19 -2.63 19.26
C3C BCL SE . -36.16 -1.74 19.86
C4C BCL SE . -35.32 -2.71 20.64
CMC BCL SE . -37.08 -2.58 17.75
CAC BCL SE . -36.73 -0.69 20.79
CBC BCL SE . -37.07 0.55 20.00
ND BCL SE . -33.41 -4.19 22.06
C1D BCL SE . -33.19 -2.88 21.98
C2D BCL SE . -31.92 -2.44 22.63
C3D BCL SE . -31.45 -3.73 23.13
C4D BCL SE . -32.34 -4.65 22.79
CMD BCL SE . -31.19 -1.15 22.81
CAD BCL SE . -30.34 -4.38 23.87
OBD BCL SE . -29.31 -3.79 24.36
CBD BCL SE . -30.64 -5.85 23.99
CGD BCL SE . -29.50 -6.71 23.53
O1D BCL SE . -29.15 -6.78 22.38
O2D BCL SE . -28.79 -7.47 24.54
CED BCL SE . -27.67 -8.24 24.17
C1 BCL SE . -33.38 -12.95 25.38
C2 BCL SE . -34.72 -13.29 24.76
C3 BCL SE . -34.79 -13.45 23.44
C4 BCL SE . -33.54 -13.32 22.62
C5 BCL SE . -36.11 -13.79 22.77
C6 BCL SE . -36.44 -15.25 23.01
C7 BCL SE . -36.78 -15.98 21.70
C8 BCL SE . -35.69 -16.97 21.31
C9 BCL SE . -34.79 -16.40 20.23
C10 BCL SE . -36.33 -18.28 20.88
C11 BCL SE . -35.33 -19.43 20.82
C12 BCL SE . -35.38 -20.29 22.09
C13 BCL SE . -34.16 -21.20 22.17
C14 BCL SE . -33.91 -21.91 20.85
C15 BCL SE . -34.27 -22.21 23.32
C16 BCL SE . -33.42 -23.45 23.04
C17 BCL SE . -33.06 -24.20 24.32
C18 BCL SE . -34.26 -24.39 25.23
C19 BCL SE . -33.80 -24.62 26.66
C20 BCL SE . -35.14 -25.53 24.75
P PGV TE . -51.00 -1.45 19.49
C01 PGV TE . -49.64 -4.04 22.35
C02 PGV TE . -49.03 -4.13 20.97
C03 PGV TE . -50.12 -3.87 19.94
C04 PGV TE . -51.61 0.01 21.61
C05 PGV TE . -51.00 1.05 22.54
O01 PGV TE . -48.40 -5.39 20.76
O02 PGV TE . -47.41 -5.06 18.68
O03 PGV TE . -48.62 -3.76 23.30
O04 PGV TE . -50.13 -3.46 25.01
O05 PGV TE . -49.57 1.04 22.37
O11 PGV TE . -50.85 -2.76 20.42
O12 PGV TE . -50.72 -0.24 20.52
O13 PGV TE . -49.86 -1.50 18.50
O14 PGV TE . -52.43 -1.38 19.00
C1 PGV TE . -47.24 -5.30 19.87
C2 PGV TE . -45.85 -5.50 20.42
C3 PGV TE . -45.04 -6.48 19.59
C4 PGV TE . -43.55 -6.12 19.62
C5 PGV TE . -42.66 -7.35 19.77
C6 PGV TE . -41.46 -7.01 20.66
C7 PGV TE . -40.92 -8.25 21.38
C8 PGV TE . -39.83 -7.90 22.39
C9 PGV TE . -39.28 -9.18 22.99
C10 PGV TE . -37.86 -9.00 23.51
C11 PGV TE . -37.91 -8.53 24.94
C12 PGV TE . -37.13 -9.10 25.85
C13 PGV TE . -36.19 -10.21 25.46
C19 PGV TE . -48.96 -3.49 24.68
C20 PGV TE . -47.85 -3.27 25.68
C21 PGV TE . -46.88 -4.43 25.54
C22 PGV TE . -45.69 -4.09 24.65
C23 PGV TE . -44.72 -5.26 24.65
C24 PGV TE . -43.47 -4.94 23.85
C25 PGV TE . -42.45 -6.06 24.00
C26 PGV TE . -42.22 -6.35 25.47
C27 PGV TE . -41.51 -7.69 25.65
C28 PGV TE . -42.41 -8.83 25.23
C29 PGV TE . -43.75 -8.82 25.97
C30 PGV TE . -44.78 -9.69 25.27
C31 PGV TE . -46.15 -9.62 25.93
C32 PGV TE . -46.87 -8.31 25.62
C33 PGV TE . -48.02 -8.07 26.58
C34 PGV TE . -49.19 -9.00 26.31
C1B LMT UE . -33.96 8.95 6.86
C2B LMT UE . -34.81 10.21 6.78
C3B LMT UE . -33.98 11.47 6.61
C4B LMT UE . -32.51 11.19 6.88
C5B LMT UE . -32.02 10.07 5.96
C6B LMT UE . -30.70 9.55 6.55
O1B LMT UE . -34.88 7.88 6.66
O2B LMT UE . -35.72 10.10 5.67
O3B LMT UE . -34.41 12.46 7.55
O4' LMT UE . -31.76 12.38 6.62
O5B LMT UE . -32.93 8.98 5.87
O6B LMT UE . -30.92 8.97 7.84
C1' LMT UE . -33.07 4.35 8.09
C2' LMT UE . -33.34 4.50 6.59
C3' LMT UE . -33.38 5.98 6.27
C4' LMT UE . -34.51 6.57 7.10
C5' LMT UE . -34.16 6.42 8.58
C6' LMT UE . -35.20 7.02 9.52
O1' LMT UE . -33.04 2.97 8.41
O2' LMT UE . -32.31 3.85 5.85
O3' LMT UE . -33.67 6.19 4.89
O5' LMT UE . -34.08 5.01 8.84
O6' LMT UE . -36.28 6.10 9.68
C1 LMT UE . -33.17 2.76 9.80
C2 LMT UE . -32.03 1.88 10.28
C3 LMT UE . -31.67 0.81 9.27
C4 LMT UE . -30.16 0.73 9.12
C5 LMT UE . -29.74 -0.62 8.56
C6 LMT UE . -28.82 -1.32 9.54
C7 LMT UE . -27.49 -0.59 9.65
C8 LMT UE . -26.42 -1.50 10.22
C9 LMT UE . -25.23 -1.60 9.26
C10 LMT UE . -25.68 -2.09 7.89
C11 LMT UE . -24.48 -2.47 7.04
C12 LMT UE . -23.58 -3.45 7.77
C1B LMT VE . -35.67 -2.79 -1.48
C2B LMT VE . -36.95 -3.54 -1.84
C3B LMT VE . -38.02 -2.55 -2.27
C4B LMT VE . -37.56 -1.74 -3.47
C5B LMT VE . -36.07 -1.40 -3.36
C6B LMT VE . -35.77 -0.01 -3.92
O1B LMT VE . -34.52 -3.50 -1.99
O2B LMT VE . -36.70 -4.48 -2.87
O3B LMT VE . -38.34 -1.67 -1.17
O4' LMT VE . -37.81 -2.48 -4.67
O5B LMT VE . -35.68 -1.46 -2.00
O6B LMT VE . -34.60 0.48 -3.26
C1' LMT VE . -31.36 -5.57 -0.16
C2' LMT VE . -32.72 -6.24 -0.18
C3' LMT VE . -33.68 -5.57 -1.16
C4' LMT VE . -33.73 -4.07 -0.94
C5' LMT VE . -32.31 -3.51 -1.01
C6' LMT VE . -32.31 -2.01 -0.76
O1' LMT VE . -30.63 -6.08 0.95
O2' LMT VE . -32.54 -7.61 -0.56
O3' LMT VE . -34.99 -6.14 -1.05
O5' LMT VE . -31.50 -4.14 -0.02
O6' LMT VE . -31.22 -1.40 -1.46
C1 LMT VE . -29.24 -5.74 0.91
MG BCL WE . -36.94 -10.42 15.28
CHA BCL WE . -36.81 -13.81 14.98
CHB BCL WE . -34.36 -10.49 17.41
CHC BCL WE . -36.86 -7.03 15.12
CHD BCL WE . -39.40 -10.31 12.77
NA BCL WE . -35.85 -11.85 16.15
C1A BCL WE . -35.94 -13.13 15.96
C2A BCL WE . -35.11 -13.93 16.94
C3A BCL WE . -34.43 -12.88 17.75
C4A BCL WE . -34.91 -11.65 17.07
CMA BCL WE . -34.89 -12.89 19.20
CAA BCL WE . -34.10 -14.86 16.25
CBA BCL WE . -32.68 -14.36 16.31
CGA BCL WE . -31.84 -15.50 15.82
O1A BCL WE . -32.31 -16.37 15.13
O2A BCL WE . -30.43 -15.58 16.16
NB BCL WE . -35.78 -8.96 16.12
C1B BCL WE . -34.78 -9.14 17.00
C2B BCL WE . -34.09 -7.93 17.50
C3B BCL WE . -34.85 -6.88 16.80
C4B BCL WE . -35.86 -7.63 16.00
CMB BCL WE . -32.93 -7.88 18.46
CAB BCL WE . -34.69 -5.39 16.83
OBB BCL WE . -35.17 -4.72 15.94
CBB BCL WE . -33.92 -4.74 17.94
NC BCL WE . -38.02 -8.99 14.37
C1C BCL WE . -37.85 -7.67 14.51
C2C BCL WE . -38.92 -6.84 13.84
C3C BCL WE . -39.86 -7.92 13.40
C4C BCL WE . -39.01 -9.14 13.56
CMC BCL WE . -39.62 -5.93 14.84
CAC BCL WE . -40.38 -7.70 11.98
CBC BCL WE . -39.31 -7.63 10.93
ND BCL WE . -37.95 -11.69 14.04
C1D BCL WE . -38.90 -11.62 13.11
C2D BCL WE . -39.29 -12.96 12.55
C3D BCL WE . -38.41 -13.81 13.35
C4D BCL WE . -37.70 -13.02 14.16
CMD BCL WE . -40.23 -13.52 11.52
CAD BCL WE . -38.03 -15.21 13.56
OBD BCL WE . -38.48 -16.25 12.96
CBD BCL WE . -36.98 -15.26 14.62
CGD BCL WE . -37.36 -16.16 15.74
O1D BCL WE . -38.39 -15.99 16.37
O2D BCL WE . -36.50 -17.28 16.06
CED BCL WE . -36.87 -18.22 17.06
C1 BCL WE . -29.65 -16.54 15.46
C2 BCL WE . -29.10 -17.52 16.46
C3 BCL WE . -28.09 -17.17 17.25
C4 BCL WE . -27.50 -15.80 17.17
C5 BCL WE . -27.57 -18.15 18.26
C6 BCL WE . -26.41 -17.50 18.99
C7 BCL WE . -25.91 -18.37 20.13
C8 BCL WE . -26.63 -18.07 21.44
C9 BCL WE . -27.31 -16.72 21.42
C10 BCL WE . -25.60 -18.10 22.57
C11 BCL WE . -25.70 -19.40 23.36
C12 BCL WE . -24.90 -20.49 22.69
C13 BCL WE . -25.49 -21.85 23.03
C14 BCL WE . -25.24 -22.16 24.50
C15 BCL WE . -24.81 -22.89 22.16
C16 BCL WE . -23.30 -22.76 22.28
C17 BCL WE . -22.63 -23.79 21.40
C18 BCL WE . -21.61 -23.11 20.49
C19 BCL WE . -20.38 -22.67 21.29
C20 BCL WE . -22.24 -21.95 19.73
MG BCL XE . -29.65 -23.10 20.94
CHA BCL XE . -29.94 -25.84 18.94
CHB BCL XE . -30.39 -21.10 18.43
CHC BCL XE . -30.81 -20.96 23.22
CHD BCL XE . -28.63 -25.12 23.60
NA BCL XE . -30.11 -23.39 19.01
C1A BCL XE . -30.24 -24.50 18.38
C2A BCL XE . -30.70 -24.35 16.96
C3A BCL XE . -30.59 -22.87 16.75
C4A BCL XE . -30.35 -22.40 18.14
CMA BCL XE . -29.39 -22.53 15.86
CAA BCL XE . -32.13 -24.82 16.78
CBA BCL XE . -32.56 -24.60 15.33
CGA BCL XE . -32.20 -25.81 14.50
O1A BCL XE . -32.98 -26.71 14.36
O2A BCL XE . -30.93 -25.91 13.82
NB BCL XE . -30.52 -21.26 20.85
C1B BCL XE . -30.75 -20.54 19.74
C2B BCL XE . -31.37 -19.21 19.94
C3B BCL XE . -31.48 -19.19 21.41
C4B BCL XE . -30.93 -20.48 21.85
CMB BCL XE . -31.77 -18.19 18.90
CAB BCL XE . -32.04 -18.12 22.29
OBB BCL XE . -32.79 -18.43 23.20
CBB BCL XE . -31.64 -16.72 22.02
NC BCL XE . -29.44 -22.88 22.92
C1C BCL XE . -29.90 -21.84 23.62
C2C BCL XE . -29.39 -21.79 25.03
C3C BCL XE . -28.66 -23.11 25.12
C4C BCL XE . -28.92 -23.69 23.76
CMC BCL XE . -28.48 -20.60 25.24
CAC BCL XE . -29.29 -24.02 26.15
CBC BCL XE . -29.78 -23.28 27.37
ND BCL XE . -29.34 -25.07 21.32
C1D BCL XE . -28.92 -25.82 22.35
C2D BCL XE . -28.85 -27.28 22.02
C3D BCL XE . -29.27 -27.23 20.61
C4D BCL XE . -29.50 -25.97 20.30
CMD BCL XE . -28.49 -28.56 22.71
CAD BCL XE . -29.53 -28.07 19.42
OBD BCL XE . -29.40 -29.34 19.34
CBD BCL XE . -29.97 -27.19 18.29
CGD BCL XE . -28.93 -27.29 17.22
O1D BCL XE . -28.13 -26.40 17.04
O2D BCL XE . -28.87 -28.47 16.38
CED BCL XE . -28.08 -28.47 15.20
C1 BCL XE . -30.95 -26.44 12.51
C2 BCL XE . -30.38 -25.43 11.55
C3 BCL XE . -29.59 -25.82 10.54
C4 BCL XE . -29.29 -27.29 10.36
C5 BCL XE . -29.01 -24.81 9.58
C6 BCL XE . -28.07 -23.90 10.34
C7 BCL XE . -27.73 -22.62 9.57
C8 BCL XE . -27.20 -22.88 8.16
C9 BCL XE . -25.69 -23.15 8.21
C10 BCL XE . -27.52 -21.70 7.26
C11 BCL XE . -26.48 -20.60 7.37
C12 BCL XE . -26.32 -19.81 6.08
C13 BCL XE . -26.47 -18.31 6.33
C14 BCL XE . -27.51 -17.71 5.40
C15 BCL XE . -25.13 -17.61 6.16
C16 BCL XE . -24.87 -17.11 4.73
C17 BCL XE . -24.77 -15.58 4.68
C18 BCL XE . -23.86 -15.06 3.56
C19 BCL XE . -24.65 -14.22 2.56
C20 BCL XE . -23.09 -16.16 2.85
P PGV YE . -50.48 -1.68 15.44
C01 PGV YE . -50.31 -5.44 15.37
C02 PGV YE . -50.82 -4.90 14.05
C03 PGV YE . -50.08 -3.59 13.70
C04 PGV YE . -49.62 0.69 16.10
C05 PGV YE . -49.78 2.15 15.70
C06 PGV YE . -51.15 2.34 15.07
O01 PGV YE . -52.22 -4.70 14.14
O02 PGV YE . -52.52 -5.80 12.13
O03 PGV YE . -48.89 -5.51 15.34
O04 PGV YE . -48.92 -7.81 15.41
O05 PGV YE . -48.76 2.54 14.78
O06 PGV YE . -51.18 3.58 14.36
O11 PGV YE . -50.84 -2.44 14.06
O12 PGV YE . -50.11 -0.17 15.06
O13 PGV YE . -49.24 -2.35 15.98
O14 PGV YE . -51.73 -1.66 16.29
C1 PGV YE . -52.95 -5.60 13.26
C2 PGV YE . -54.21 -6.28 13.72
C3 PGV YE . -53.83 -7.43 14.65
C4 PGV YE . -53.70 -6.94 16.09
C5 PGV YE . -53.01 -7.97 16.97
C6 PGV YE . -52.92 -7.49 18.41
C7 PGV YE . -51.77 -8.18 19.13
C8 PGV YE . -50.45 -7.91 18.41
C9 PGV YE . -49.34 -8.84 18.90
C10 PGV YE . -49.18 -8.76 20.41
C11 PGV YE . -48.15 -9.80 20.81
C12 PGV YE . -47.02 -9.41 21.38
C13 PGV YE . -45.98 -10.43 21.76
C14 PGV YE . -44.61 -9.81 21.53
C15 PGV YE . -43.48 -10.80 21.81
C16 PGV YE . -42.82 -11.26 20.51
C17 PGV YE . -42.56 -12.76 20.55
C18 PGV YE . -41.93 -13.15 21.88
C19 PGV YE . -48.24 -6.80 15.48
C20 PGV YE . -46.75 -6.88 15.67
C21 PGV YE . -46.40 -8.25 16.21
C22 PGV YE . -44.89 -8.42 16.21
C23 PGV YE . -44.32 -8.28 14.81
C24 PGV YE . -42.95 -8.94 14.72
C25 PGV YE . -43.06 -10.46 14.62
C26 PGV YE . -42.73 -11.15 15.93
C27 PGV YE . -41.23 -11.37 16.06
C28 PGV YE . -40.89 -11.96 17.42
C29 PGV YE . -39.50 -12.57 17.41
MG BCL ZE . -38.70 -16.00 8.01
CHA BCL ZE . -36.30 -16.43 10.40
CHB BCL ZE . -38.60 -19.28 7.33
CHC BCL ZE . -40.56 -15.39 5.23
CHD BCL ZE . -38.50 -12.53 8.45
NA BCL ZE . -37.71 -17.58 8.75
C1A BCL ZE . -36.86 -17.60 9.72
C2A BCL ZE . -36.37 -18.97 10.08
C3A BCL ZE . -36.86 -19.78 8.91
C4A BCL ZE . -37.79 -18.83 8.27
CMA BCL ZE . -35.71 -20.17 7.98
CAA BCL ZE . -36.96 -19.45 11.39
CBA BCL ZE . -36.19 -20.66 11.89
CGA BCL ZE . -36.87 -21.92 11.42
O1A BCL ZE . -38.08 -21.98 11.31
O2A BCL ZE . -36.10 -23.10 11.11
NB BCL ZE . -39.45 -17.14 6.48
C1B BCL ZE . -39.34 -18.47 6.36
C2B BCL ZE . -39.99 -19.10 5.17
C3B BCL ZE . -40.59 -17.90 4.54
C4B BCL ZE . -40.20 -16.79 5.44
CMB BCL ZE . -39.99 -20.56 4.82
CAB BCL ZE . -41.41 -17.78 3.30
OBB BCL ZE . -42.15 -16.82 3.16
CBB BCL ZE . -41.31 -18.84 2.26
NC BCL ZE . -39.52 -14.38 7.15
C1C BCL ZE . -40.28 -14.37 6.03
C2C BCL ZE . -40.84 -13.04 5.69
C3C BCL ZE . -40.31 -12.19 6.81
C4C BCL ZE . -39.41 -13.15 7.51
CMC BCL ZE . -40.27 -12.53 4.37
CAC BCL ZE . -41.40 -11.73 7.76
CBC BCL ZE . -41.68 -10.26 7.59
ND BCL ZE . -37.64 -14.66 9.11
C1D BCL ZE . -37.63 -13.33 9.28
C2D BCL ZE . -36.65 -12.88 10.31
C3D BCL ZE . -36.12 -14.18 10.73
C4D BCL ZE . -36.75 -15.12 10.03
CMD BCL ZE . -36.19 -11.57 10.85
CAD BCL ZE . -35.16 -14.82 11.66
OBD BCL ZE . -34.39 -14.23 12.49
CBD BCL ZE . -35.25 -16.30 11.47
CGD BCL ZE . -33.92 -16.85 11.07
O1D BCL ZE . -33.48 -16.69 9.94
O2D BCL ZE . -33.13 -17.58 12.02
CED BCL ZE . -31.85 -18.04 11.63
C1 BCL ZE . -36.55 -24.05 10.14
C2 BCL ZE . -35.41 -24.29 9.18
C3 BCL ZE . -34.46 -25.17 9.50
C4 BCL ZE . -34.52 -25.89 10.81
C5 BCL ZE . -33.30 -25.40 8.56
C6 BCL ZE . -32.36 -24.21 8.69
C7 BCL ZE . -32.60 -23.15 7.63
C8 BCL ZE . -32.56 -23.73 6.22
C9 BCL ZE . -31.20 -24.38 5.93
C10 BCL ZE . -32.84 -22.62 5.21
C11 BCL ZE . -32.14 -21.32 5.60
C12 BCL ZE . -32.63 -20.15 4.75
C13 BCL ZE . -32.41 -20.39 3.26
C14 BCL ZE . -30.94 -20.37 2.90
C15 BCL ZE . -33.16 -19.30 2.48
C16 BCL ZE . -32.57 -17.93 2.76
C17 BCL ZE . -33.44 -16.86 2.11
C18 BCL ZE . -33.15 -15.47 2.64
C19 BCL ZE . -34.30 -14.54 2.36
C20 BCL ZE . -31.85 -14.91 2.07
P PGV AF . -52.59 -11.17 0.37
C01 PGV AF . -51.49 -15.81 -0.95
C02 PGV AF . -52.19 -14.60 -1.53
C03 PGV AF . -52.53 -13.63 -0.41
C04 PGV AF . -51.55 -8.93 1.14
C05 PGV AF . -52.02 -7.52 0.78
C06 PGV AF . -53.34 -7.62 0.03
O01 PGV AF . -53.41 -15.05 -2.13
O02 PGV AF . -52.25 -15.02 -4.13
O03 PGV AF . -50.23 -15.96 -1.56
O04 PGV AF . -50.56 -18.15 -2.19
O05 PGV AF . -51.03 -6.88 -0.02
O11 PGV AF . -52.13 -12.28 -0.69
O12 PGV AF . -51.78 -9.82 0.04
O13 PGV AF . -52.10 -11.62 1.73
O14 PGV AF . -54.06 -10.91 0.17
C1 PGV AF . -53.25 -15.37 -3.53
C2 PGV AF . -54.35 -16.14 -4.24
C3 PGV AF . -53.85 -17.50 -4.72
C4 PGV AF . -53.40 -18.40 -3.56
C5 PGV AF . -54.42 -18.43 -2.43
C6 PGV AF . -54.29 -19.67 -1.55
C7 PGV AF . -53.06 -19.60 -0.65
C8 PGV AF . -52.96 -20.83 0.25
C9 PGV AF . -51.59 -20.93 0.90
C10 PGV AF . -51.65 -21.44 2.33
C11 PGV AF . -50.48 -22.35 2.60
C12 PGV AF . -49.62 -22.11 3.59
C13 PGV AF . -48.48 -23.07 3.84
C14 PGV AF . -47.21 -22.33 4.29
C15 PGV AF . -46.23 -23.36 4.86
C16 PGV AF . -44.87 -22.75 5.20
C19 PGV AF . -49.75 -17.29 -1.88
C20 PGV AF . -48.28 -17.61 -1.80
C21 PGV AF . -48.09 -19.08 -1.51
C22 PGV AF . -46.73 -19.30 -0.85
C23 PGV AF . -45.65 -18.49 -1.55
C24 PGV AF . -44.32 -18.65 -0.82
C25 PGV AF . -43.74 -20.05 -0.98
C26 PGV AF . -43.69 -20.79 0.35
C27 PGV AF . -42.48 -21.70 0.44
C28 PGV AF . -42.36 -22.32 1.83
C29 PGV AF . -41.09 -23.16 1.98
C30 PGV AF . -40.96 -23.69 3.40
P PGV BF . -54.72 -14.14 3.09
C01 PGV BF . -52.48 -16.74 5.98
C02 PGV BF . -52.32 -16.59 4.48
C03 PGV BF . -53.69 -16.45 3.82
C04 PGV BF . -55.45 -12.98 5.33
C05 PGV BF . -55.99 -13.90 6.42
C06 PGV BF . -54.87 -14.38 7.32
O01 PGV BF . -51.65 -17.76 4.00
O02 PGV BF . -50.55 -16.99 2.12
O03 PGV BF . -51.17 -16.85 6.56
O04 PGV BF . -51.90 -17.84 8.51
O05 PGV BF . -56.62 -15.02 5.79
O06 PGV BF . -54.19 -13.24 7.86
O11 PGV BF . -53.68 -15.35 2.91
O12 PGV BF . -54.44 -13.66 4.60
O13 PGV BF . -54.34 -13.01 2.18
O14 PGV BF . -56.14 -14.66 3.01
C1 PGV BF . -50.45 -17.46 3.23
C2 PGV BF . -49.09 -17.77 3.84
C3 PGV BF . -48.05 -17.85 2.73
C4 PGV BF . -46.66 -17.56 3.27
C5 PGV BF . -46.20 -18.67 4.20
C6 PGV BF . -44.83 -18.35 4.77
C7 PGV BF . -44.54 -19.28 5.94
C8 PGV BF . -43.21 -18.95 6.61
C9 PGV BF . -43.01 -19.92 7.78
C10 PGV BF . -41.77 -19.57 8.59
C11 PGV BF . -41.82 -20.29 9.92
C12 PGV BF . -40.76 -20.96 10.36
C19 PGV BF . -50.98 -17.30 7.93
C20 PGV BF . -49.65 -17.08 8.61
C21 PGV BF . -48.57 -17.85 7.85
C22 PGV BF . -47.16 -17.50 8.33
C23 PGV BF . -46.94 -17.84 9.80
C24 PGV BF . -47.29 -19.30 10.08
C25 PGV BF . -46.28 -20.25 9.45
C26 PGV BF . -46.86 -21.65 9.23
C27 PGV BF . -47.86 -21.67 8.07
C28 PGV BF . -49.30 -21.70 8.56
C29 PGV BF . -50.27 -21.56 7.40
C30 PGV BF . -51.70 -21.84 7.84
C31 PGV BF . -52.63 -22.00 6.65
C32 PGV BF . -52.84 -20.69 5.91
C1B LMT CF . -32.49 -5.82 -7.35
C2B LMT CF . -31.73 -5.32 -8.57
C3B LMT CF . -32.33 -4.03 -9.12
C4B LMT CF . -32.79 -3.08 -8.02
C5B LMT CF . -33.57 -3.79 -6.92
C6B LMT CF . -34.94 -3.16 -6.70
O1B LMT CF . -31.79 -5.61 -6.13
O2B LMT CF . -30.37 -5.14 -8.23
O3B LMT CF . -33.44 -4.36 -9.98
O4' LMT CF . -31.66 -2.44 -7.43
O5B LMT CF . -33.75 -5.16 -7.25
O6B LMT CF . -35.55 -3.74 -5.55
C1' LMT CF . -30.29 -8.38 -3.34
C2' LMT CF . -29.50 -7.18 -3.88
C3' LMT CF . -29.93 -6.85 -5.31
C4' LMT CF . -31.44 -6.84 -5.50
C5' LMT CF . -32.14 -7.07 -4.17
C6' LMT CF . -33.65 -7.05 -4.29
O1' LMT CF . -29.66 -9.55 -3.87
O2' LMT CF . -29.60 -6.06 -2.99
O3' LMT CF . -29.38 -7.84 -6.19
O5' LMT CF . -31.68 -8.34 -3.68
O6' LMT CF . -34.09 -5.70 -4.37
C1 LMT CF . -28.35 -9.73 -3.31
C2 LMT CF . -27.50 -10.52 -4.29
MG BCL DF . -37.97 -20.00 0.57
CHA BCL DF . -37.48 -23.33 0.06
CHB BCL DF . -36.47 -20.21 3.55
CHC BCL DF . -38.56 -16.70 1.00
CHD BCL DF . -40.06 -19.89 -2.26
NA BCL DF . -37.02 -21.45 1.57
C1A BCL DF . -36.84 -22.68 1.22
C2A BCL DF . -36.00 -23.48 2.17
C3A BCL DF . -35.85 -22.53 3.32
C4A BCL DF . -36.47 -21.30 2.79
CMA BCL DF . -36.60 -22.99 4.56
CAA BCL DF . -34.65 -23.88 1.61
CBA BCL DF . -34.41 -25.37 1.87
CGA BCL DF . -33.03 -25.67 2.38
O1A BCL DF . -32.13 -24.84 2.32
O2A BCL DF . -32.75 -27.00 2.94
NB BCL DF . -37.60 -18.64 2.06
C1B BCL DF . -36.95 -18.88 3.21
C2B BCL DF . -36.78 -17.72 4.12
C3B BCL DF . -37.43 -16.65 3.34
C4B BCL DF . -37.87 -17.34 2.11
CMB BCL DF . -36.11 -17.74 5.46
CAB BCL DF . -37.62 -15.19 3.64
OBB BCL DF . -38.31 -14.53 2.90
CBB BCL DF . -36.95 -14.56 4.82
NC BCL DF . -39.07 -18.60 -0.37
C1C BCL DF . -39.20 -17.31 0.02
C2C BCL DF . -40.15 -16.50 -0.79
C3C BCL DF . -40.43 -17.45 -1.91
C4C BCL DF . -39.78 -18.71 -1.44
CMC BCL DF . -41.43 -16.19 -0.04
CAC BCL DF . -39.73 -16.96 -3.18
CBC BCL DF . -40.74 -16.51 -4.20
ND BCL DF . -38.72 -21.25 -0.86
C1D BCL DF . -39.49 -21.17 -1.95
C2D BCL DF . -39.65 -22.49 -2.65
C3D BCL DF . -38.82 -23.32 -1.79
C4D BCL DF . -38.31 -22.55 -0.83
CMD BCL DF . -40.37 -23.04 -3.85
CAD BCL DF . -38.33 -24.70 -1.63
OBD BCL DF . -38.62 -25.68 -2.39
CBD BCL DF . -37.44 -24.76 -0.43
CGD BCL DF . -37.96 -25.80 0.52
O1D BCL DF . -39.04 -25.71 1.06
O2D BCL DF . -37.16 -26.99 0.75
CED BCL DF . -37.67 -28.05 1.53
C1 BCL DF . -31.57 -27.32 3.69
C2 BCL DF . -31.96 -28.02 4.98
C3 BCL DF . -32.07 -29.35 5.05
C4 BCL DF . -31.80 -30.19 3.84
C5 BCL DF . -32.47 -30.02 6.35
C6 BCL DF . -31.85 -31.42 6.43
C7 BCL DF . -32.70 -32.36 7.27
C8 BCL DF . -33.51 -33.31 6.40
C9 BCL DF . -34.79 -32.67 5.88
C10 BCL DF . -33.79 -34.59 7.20
C11 BCL DF . -35.28 -34.84 7.44
C12 BCL DF . -35.52 -36.27 7.90
C13 BCL DF . -37.01 -36.52 8.05
C14 BCL DF . -37.46 -36.22 9.48
C15 BCL DF . -37.33 -37.96 7.67
C16 BCL DF . -36.71 -38.97 8.63
C17 BCL DF . -36.58 -40.32 7.95
C18 BCL DF . -37.63 -41.34 8.37
C19 BCL DF . -38.49 -40.88 9.55
C20 BCL DF . -36.97 -42.68 8.70
C1M CRT EF . -25.33 -44.99 12.24
O1 CRT EF . -26.50 -45.28 11.49
C1 CRT EF . -26.38 -46.08 10.32
C2 CRT EF . -27.00 -47.48 10.30
C3 CRT EF . -25.83 -45.45 9.04
C4 CRT EF . -27.78 -45.55 9.96
C5 CRT EF . -27.89 -44.03 10.01
C6 CRT EF . -28.60 -43.40 9.08
C7 CRT EF . -28.79 -41.94 9.04
C8 CRT EF . -28.72 -41.12 10.29
C9 CRT EF . -29.06 -41.35 7.87
C10 CRT EF . -29.28 -39.91 7.70
C11 CRT EF . -29.63 -39.51 6.48
C12 CRT EF . -29.91 -38.13 6.05
C13 CRT EF . -29.89 -36.97 7.00
C14 CRT EF . -30.19 -37.92 4.77
C15 CRT EF . -30.49 -36.60 4.22
C16 CRT EF . -30.72 -36.54 2.90
C17 CRT EF . -31.03 -35.31 2.16
C18 CRT EF . -31.76 -34.16 2.81
C19 CRT EF . -30.66 -35.24 0.88
C20 CRT EF . -30.93 -34.09 0.02
C21 CRT EF . -30.61 -34.18 -1.27
C22 CRT EF . -30.86 -33.06 -2.18
C23 CRT EF . -30.37 -33.05 -3.43
C24 CRT EF . -29.54 -34.19 -3.95
C25 CRT EF . -30.65 -31.91 -4.30
C26 CRT EF . -30.03 -31.75 -5.47
C27 CRT EF . -30.38 -30.57 -6.24
C28 CRT EF . -29.71 -30.16 -7.32
C29 CRT EF . -28.51 -30.90 -7.83
C30 CRT EF . -30.16 -28.94 -8.01
C31 CRT EF . -29.41 -28.25 -8.85
C32 CRT EF . -30.02 -27.06 -9.41
C33 CRT EF . -29.38 -26.18 -10.20
C34 CRT EF . -27.96 -26.38 -10.59
C35 CRT EF . -30.15 -25.03 -10.68
C36 CRT EF . -29.60 -23.93 -11.17
C37 CRT EF . -30.52 -22.83 -11.63
C38 CRT EF . -30.08 -21.46 -11.13
C39 CRT EF . -28.74 -21.03 -11.70
C40 CRT EF . -31.14 -20.42 -11.47
O2 CRT EF . -29.97 -21.52 -9.71
C2M CRT EF . -29.38 -20.46 -9.00
MG BCL FF . -37.12 -24.06 -7.55
CHA BCL FF . -35.39 -24.69 -4.66
CHB BCL FF . -36.01 -26.97 -8.82
CHC BCL FF . -38.43 -23.15 -10.56
CHD BCL FF . -37.68 -20.79 -6.46
NA BCL FF . -36.06 -25.61 -6.85
C1A BCL FF . -35.54 -25.75 -5.68
C2A BCL FF . -35.00 -27.11 -5.40
C3A BCL FF . -34.95 -27.71 -6.78
C4A BCL FF . -35.73 -26.71 -7.55
CMA BCL FF . -33.53 -27.81 -7.30
CAA BCL FF . -35.97 -27.88 -4.52
CBA BCL FF . -35.21 -28.72 -3.50
CGA BCL FF . -34.83 -30.04 -4.11
O1A BCL FF . -33.73 -30.52 -3.91
O2A BCL FF . -35.75 -30.76 -4.97
NB BCL FF . -37.18 -24.91 -9.42
C1B BCL FF . -36.71 -26.12 -9.78
C2B BCL FF . -36.92 -26.52 -11.20
C3B BCL FF . -37.64 -25.36 -11.71
C4B BCL FF . -37.77 -24.45 -10.54
CMB BCL FF . -36.47 -27.80 -11.86
CAB BCL FF . -38.20 -25.10 -13.07
OBB BCL FF . -39.20 -24.43 -13.19
CBB BCL FF . -37.52 -25.67 -14.28
NC BCL FF . -37.98 -22.42 -8.32
C1C BCL FF . -38.47 -22.28 -9.56
C2C BCL FF . -39.11 -20.96 -9.82
C3C BCL FF . -38.92 -20.26 -8.50
C4C BCL FF . -38.16 -21.27 -7.74
CMC BCL FF . -38.40 -20.19 -10.91
CAC BCL FF . -40.25 -19.98 -7.80
CBC BCL FF . -40.63 -18.54 -8.00
ND BCL FF . -36.67 -22.87 -5.97
C1D BCL FF . -36.93 -21.63 -5.56
C2D BCL FF . -36.37 -21.28 -4.22
C3D BCL FF . -35.74 -22.57 -3.89
C4D BCL FF . -35.98 -23.40 -4.92
CMD BCL FF . -36.32 -20.08 -3.34
CAD BCL FF . -34.97 -23.28 -2.85
OBD BCL FF . -34.57 -22.78 -1.75
CBD BCL FF . -34.74 -24.68 -3.31
CGD BCL FF . -33.27 -25.00 -3.26
O1D BCL FF . -32.44 -24.35 -3.86
O2D BCL FF . -32.80 -26.09 -2.43
CED BCL FF . -31.41 -26.35 -2.37
C1 BCL FF . -35.36 -32.07 -5.39
C2 BCL FF . -35.81 -32.31 -6.81
C3 BCL FF . -34.97 -32.04 -7.83
C4 BCL FF . -33.59 -31.52 -7.53
C5 BCL FF . -35.37 -32.26 -9.26
C6 BCL FF . -34.47 -33.36 -9.82
C7 BCL FF . -34.22 -33.25 -11.32
C8 BCL FF . -33.73 -34.57 -11.90
C9 BCL FF . -34.49 -35.76 -11.31
C10 BCL FF . -32.23 -34.71 -11.70
C11 BCL FF . -31.66 -35.81 -12.58
C12 BCL FF . -30.54 -36.56 -11.86
C13 BCL FF . -30.95 -37.95 -11.40
C14 BCL FF . -31.80 -37.87 -10.13
C15 BCL FF . -29.69 -38.77 -11.18
C16 BCL FF . -29.99 -40.00 -10.32
C17 BCL FF . -28.78 -40.89 -10.19
C18 BCL FF . -29.11 -42.17 -9.45
C19 BCL FF . -29.96 -43.09 -10.31
C20 BCL FF . -29.81 -41.87 -8.13
P PGV GF . -50.81 -24.67 -17.15
C01 PGV GF . -48.05 -25.60 -14.00
C02 PGV GF . -47.47 -25.56 -15.41
C03 PGV GF . -48.56 -25.86 -16.43
C04 PGV GF . -51.41 -23.67 -14.72
C05 PGV GF . -52.06 -22.42 -14.13
C06 PGV GF . -51.10 -21.23 -14.20
O01 PGV GF . -46.45 -26.55 -15.44
O02 PGV GF . -44.85 -25.57 -16.77
O03 PGV GF . -47.19 -26.43 -13.23
O04 PGV GF . -47.78 -25.73 -11.11
O05 PGV GF . -52.43 -22.65 -12.78
O06 PGV GF . -50.81 -20.90 -15.56
O11 PGV GF . -49.24 -24.66 -16.78
O12 PGV GF . -51.48 -23.60 -16.15
O13 PGV GF . -50.94 -24.11 -18.54
O14 PGV GF . -51.33 -26.06 -16.86
C1 PGV GF . -45.13 -26.00 -15.67
C2 PGV GF . -44.13 -25.97 -14.55
C3 PGV GF . -42.72 -25.94 -15.10
C4 PGV GF . -42.15 -27.34 -15.24
C5 PGV GF . -41.93 -27.99 -13.88
C6 PGV GF . -40.78 -27.36 -13.13
C7 PGV GF . -41.25 -26.64 -11.87
C8 PGV GF . -40.43 -27.02 -10.64
C9 PGV GF . -40.20 -28.52 -10.57
C10 PGV GF . -39.22 -28.86 -9.47
C11 PGV GF . -39.83 -28.46 -8.15
C12 PGV GF . -39.52 -29.12 -7.04
C13 PGV GF . -38.56 -30.28 -7.08
C19 PGV GF . -46.92 -26.19 -11.82
C20 PGV GF . -45.55 -26.49 -11.29
C21 PGV GF . -45.56 -26.48 -9.77
C22 PGV GF . -44.20 -26.90 -9.24
C23 PGV GF . -43.73 -28.20 -9.90
C24 PGV GF . -43.56 -29.32 -8.88
C25 PGV GF . -43.34 -30.66 -9.58
C26 PGV GF . -44.52 -31.00 -10.48
C27 PGV GF . -44.06 -31.20 -11.92
C28 PGV GF . -45.23 -31.15 -12.88
C29 PGV GF . -45.77 -29.73 -12.98
C30 PGV GF . -47.19 -29.73 -13.54
C31 PGV GF . -48.09 -30.56 -12.64
MG BCL HF . -33.66 -26.04 -14.83
CHA BCL HF . -32.01 -28.84 -15.75
CHB BCL HF . -32.98 -26.62 -11.62
CHC BCL HF . -34.85 -22.94 -14.14
CHD BCL HF . -34.43 -25.37 -18.20
NA BCL HF . -32.69 -27.48 -13.83
C1A BCL HF . -32.07 -28.50 -14.32
C2A BCL HF . -31.42 -29.37 -13.29
C3A BCL HF . -31.95 -28.80 -12.00
C4A BCL HF . -32.59 -27.54 -12.50
CMA BCL HF . -32.99 -29.70 -11.36
CAA BCL HF . -29.90 -29.25 -13.34
CBA BCL HF . -29.27 -30.57 -12.99
CGA BCL HF . -27.85 -30.35 -12.53
O1A BCL HF . -27.52 -29.28 -12.02
O2A BCL HF . -26.86 -31.39 -12.65
NB BCL HF . -33.87 -24.91 -13.13
C1B BCL HF . -33.56 -25.31 -11.89
C2B BCL HF . -33.82 -24.33 -10.81
C3B BCL HF . -34.38 -23.21 -11.58
C4B BCL HF . -34.37 -23.69 -12.98
CMB BCL HF . -33.53 -24.54 -9.35
CAB BCL HF . -34.87 -21.88 -11.12
OBB BCL HF . -35.62 -21.23 -11.83
CBB BCL HF . -34.43 -21.32 -9.80
NC BCL HF . -34.64 -24.62 -15.83
C1C BCL HF . -35.11 -23.46 -15.32
C2C BCL HF . -35.98 -22.69 -16.26
C3C BCL HF . -36.07 -23.64 -17.42
C4C BCL HF . -34.98 -24.60 -17.09
CMC BCL HF . -37.36 -22.43 -15.71
CAC BCL HF . -35.91 -22.97 -18.78
CBC BCL HF . -34.66 -22.13 -18.90
ND BCL HF . -33.34 -26.82 -16.68
C1D BCL HF . -33.66 -26.57 -17.94
C2D BCL HF . -33.13 -27.58 -18.91
C3D BCL HF . -32.47 -28.48 -17.97
C4D BCL HF . -32.65 -28.00 -16.74
CMD BCL HF . -33.14 -27.83 -20.39
CAD BCL HF . -31.70 -29.74 -17.89
OBD BCL HF . -31.35 -30.45 -18.89
CBD BCL HF . -31.36 -30.00 -16.47
CGD BCL HF . -31.78 -31.37 -16.03
O1D BCL HF . -32.95 -31.68 -15.94
O2D BCL HF . -30.77 -32.37 -15.74
CED BCL HF . -31.18 -33.72 -15.53
C1 BCL HF . -25.55 -31.14 -12.14
C2 BCL HF . -25.24 -32.05 -10.99
C3 BCL HF . -25.25 -31.57 -9.74
C4 BCL HF . -25.59 -30.14 -9.50
C5 BCL HF . -24.93 -32.49 -8.59
C6 BCL HF . -24.85 -31.68 -7.30
C7 BCL HF . -25.77 -32.32 -6.24
C8 BCL HF . -25.01 -33.27 -5.34
C9 BCL HF . -25.94 -34.04 -4.42
C10 BCL HF . -23.98 -32.46 -4.55
C11 BCL HF . -22.59 -33.01 -4.79
C12 BCL HF . -22.12 -33.83 -3.59
C13 BCL HF . -20.62 -34.08 -3.64
C14 BCL HF . -19.89 -32.85 -4.17
C15 BCL HF . -20.35 -35.27 -4.53
C16 BCL HF . -21.02 -36.52 -3.97
C17 BCL HF . -21.96 -37.14 -5.00
C18 BCL HF . -22.10 -38.63 -4.74
C19 BCL HF . -23.13 -39.24 -5.68
C20 BCL HF . -22.46 -38.88 -3.29
MG BCL IF . -25.75 -38.46 -9.32
CHA BCL IF . -23.70 -39.99 -11.58
CHB BCL IF . -25.99 -35.77 -11.29
CHC BCL IF . -28.52 -37.67 -7.65
CHD BCL IF . -25.62 -41.32 -7.27
NA BCL IF . -24.97 -37.93 -11.10
C1A BCL IF . -24.21 -38.63 -11.87
C2A BCL IF . -23.89 -37.96 -13.18
C3A BCL IF . -24.39 -36.56 -12.93
C4A BCL IF . -25.18 -36.74 -11.68
CMA BCL IF . -23.24 -35.60 -12.67
CAA BCL IF . -24.65 -38.62 -14.33
CBA BCL IF . -24.28 -38.04 -15.69
CGA BCL IF . -22.84 -38.32 -16.05
O1A BCL IF . -22.47 -39.45 -16.33
O2A BCL IF . -21.87 -37.25 -16.03
NB BCL IF . -27.10 -36.94 -9.46
C1B BCL IF . -27.07 -35.89 -10.30
C2B BCL IF . -28.18 -34.90 -10.16
C3B BCL IF . -28.93 -35.49 -9.03
C4B BCL IF . -28.18 -36.72 -8.71
CMB BCL IF . -28.40 -33.66 -10.97
CAB BCL IF . -30.20 -35.06 -8.35
OBB BCL IF . -30.90 -35.88 -7.79
CBB BCL IF . -30.59 -33.61 -8.37
NC BCL IF . -26.63 -39.08 -7.64
C1C BCL IF . -27.68 -38.49 -7.06
C2C BCL IF . -27.94 -38.92 -5.66
C3C BCL IF . -26.94 -40.06 -5.55
C4C BCL IF . -26.36 -40.10 -6.91
CMC BCL IF . -27.66 -37.80 -4.67
CAC BCL IF . -27.65 -41.39 -5.30
CBC BCL IF . -28.57 -41.36 -4.10
ND BCL IF . -24.91 -40.32 -9.32
C1D BCL IF . -24.86 -41.38 -8.51
C2D BCL IF . -24.02 -42.50 -9.04
C3D BCL IF . -23.56 -41.89 -10.30
C4D BCL IF . -24.10 -40.66 -10.37
CMD BCL IF . -23.60 -43.88 -8.64
CAD BCL IF . -22.75 -42.11 -11.50
OBD BCL IF . -22.08 -43.18 -11.76
CBD BCL IF . -22.81 -40.90 -12.37
CGD BCL IF . -21.43 -40.34 -12.51
O1D BCL IF . -21.12 -39.30 -11.96
O2D BCL IF . -20.44 -41.02 -13.31
CED BCL IF . -19.19 -40.38 -13.62
C1 BCL IF . -20.60 -37.40 -16.68
C2 BCL IF . -20.21 -36.12 -17.36
C3 BCL IF . -19.02 -35.53 -17.12
C4 BCL IF . -18.04 -36.17 -16.18
C5 BCL IF . -18.66 -34.24 -17.82
C6 BCL IF . -17.53 -33.52 -17.08
C7 BCL IF . -17.77 -32.01 -17.03
C8 BCL IF . -16.46 -31.25 -16.86
C9 BCL IF . -15.97 -31.30 -15.42
C10 BCL IF . -16.63 -29.82 -17.35
C11 BCL IF . -15.59 -28.91 -16.68
C12 BCL IF . -15.57 -27.53 -17.32
C13 BCL IF . -16.15 -26.47 -16.41
C14 BCL IF . -17.67 -26.53 -16.36
C15 BCL IF . -15.69 -25.09 -16.90
C16 BCL IF . -16.32 -23.99 -16.06
C17 BCL IF . -16.34 -22.66 -16.79
C18 BCL IF . -17.54 -21.83 -16.35
C19 BCL IF . -17.61 -20.53 -17.15
C20 BCL IF . -17.50 -21.52 -14.86
P PGV JF . -47.76 -21.69 -19.51
C01 PGV JF . -45.41 -24.84 -21.50
C02 PGV JF . -45.97 -23.69 -22.34
C03 PGV JF . -46.20 -22.46 -21.47
C04 PGV JF . -48.49 -19.25 -18.94
C05 PGV JF . -49.77 -18.41 -18.79
C06 PGV JF . -50.24 -17.92 -20.15
O01 PGV JF . -47.17 -24.12 -23.00
O02 PGV JF . -46.35 -23.61 -25.09
O03 PGV JF . -44.15 -24.44 -20.97
O04 PGV JF . -43.21 -26.54 -20.92
O05 PGV JF . -49.47 -17.28 -17.96
O06 PGV JF . -49.82 -16.57 -20.34
O11 PGV JF . -47.52 -22.36 -20.96
O12 PGV JF . -48.71 -20.41 -19.75
O13 PGV JF . -46.43 -21.17 -19.04
O14 PGV JF . -48.48 -22.69 -18.63
C1 PGV JF . -46.91 -24.43 -24.39
C2 PGV JF . -47.33 -25.77 -24.95
C3 PGV JF . -46.43 -26.83 -24.32
C4 PGV JF . -47.10 -28.17 -24.19
C5 PGV JF . -46.50 -28.95 -23.01
C6 PGV JF . -46.72 -28.17 -21.72
C7 PGV JF . -46.19 -28.92 -20.51
C8 PGV JF . -46.67 -28.23 -19.23
C9 PGV JF . -46.39 -29.06 -17.99
C10 PGV JF . -44.90 -29.37 -17.87
C11 PGV JF . -44.62 -30.00 -16.54
C12 PGV JF . -44.06 -31.21 -16.48
C19 PGV JF . -43.21 -25.42 -20.45
C20 PGV JF . -42.28 -25.06 -19.33
C21 PGV JF . -41.10 -26.00 -19.34
C22 PGV JF . -40.26 -25.83 -18.08
C23 PGV JF . -38.79 -25.62 -18.44
C24 PGV JF . -38.11 -26.93 -18.83
C25 PGV JF . -37.24 -27.46 -17.70
C26 PGV JF . -38.05 -28.36 -16.77
C27 PGV JF . -37.16 -29.40 -16.12
C28 PGV JF . -36.05 -28.75 -15.31
C29 PGV JF . -35.15 -29.80 -14.69
C30 PGV JF . -35.95 -30.99 -14.18
MG BCL KF . -29.20 -27.89 -22.74
CHA BCL KF . -28.24 -28.94 -19.61
CHB BCL KF . -26.88 -29.95 -24.01
CHC BCL KF . -29.91 -26.63 -25.76
CHD BCL KF . -30.77 -25.13 -21.29
NA BCL KF . -28.05 -29.37 -22.03
C1A BCL KF . -27.88 -29.72 -20.80
C2A BCL KF . -27.27 -31.06 -20.65
C3A BCL KF . -26.86 -31.40 -22.07
C4A BCL KF . -27.30 -30.17 -22.78
CMA BCL KF . -25.35 -31.55 -22.19
CAA BCL KF . -28.34 -32.00 -20.13
CBA BCL KF . -27.68 -33.01 -19.23
CGA BCL KF . -27.28 -34.20 -20.07
O1A BCL KF . -28.11 -34.71 -20.80
O2A BCL KF . -25.94 -34.73 -20.01
NB BCL KF . -28.48 -28.21 -24.62
C1B BCL KF . -27.55 -29.10 -25.01
C2B BCL KF . -27.23 -29.15 -26.45
C3B BCL KF . -28.16 -28.13 -26.98
C4B BCL KF . -28.87 -27.65 -25.76
CMB BCL KF . -26.20 -30.04 -27.09
CAB BCL KF . -28.40 -27.65 -28.38
OBB BCL KF . -29.24 -26.81 -28.59
CBB BCL KF . -27.58 -28.18 -29.50
NC BCL KF . -30.18 -26.27 -23.42
C1C BCL KF . -30.32 -25.94 -24.69
C2C BCL KF . -31.06 -24.66 -24.91
C3C BCL KF . -31.42 -24.28 -23.51
C4C BCL KF . -30.74 -25.34 -22.72
CMC BCL KF . -30.17 -23.59 -25.52
CAC BCL KF . -32.92 -24.32 -23.25
CBC BCL KF . -33.54 -22.99 -23.61
ND BCL KF . -29.49 -27.09 -20.89
C1D BCL KF . -30.12 -26.04 -20.39
C2D BCL KF . -30.04 -25.95 -18.90
C3D BCL KF . -29.26 -27.17 -18.63
C4D BCL KF . -29.02 -27.74 -19.79
CMD BCL KF . -30.52 -25.00 -17.87
CAD BCL KF . -28.66 -27.97 -17.54
OBD BCL KF . -28.71 -27.69 -16.29
CBD BCL KF . -27.98 -29.16 -18.14
CGD BCL KF . -26.54 -29.16 -17.77
O1D BCL KF . -25.83 -28.21 -18.01
O2D BCL KF . -25.94 -30.27 -17.05
CED BCL KF . -24.62 -30.11 -16.57
C1 BCL KF . -25.71 -36.06 -20.44
C2 BCL KF . -24.84 -36.07 -21.66
C3 BCL KF . -23.50 -36.07 -21.53
C4 BCL KF . -22.90 -36.09 -20.15
C5 BCL KF . -22.64 -36.07 -22.77
C6 BCL KF . -21.51 -35.05 -22.64
C7 BCL KF . -22.03 -33.63 -22.52
C8 BCL KF . -20.95 -32.76 -21.91
C9 BCL KF . -20.56 -33.30 -20.54
C10 BCL KF . -21.44 -31.33 -21.80
C11 BCL KF . -20.35 -30.39 -22.29
C12 BCL KF . -20.90 -29.05 -22.69
C13 BCL KF . -19.78 -28.26 -23.37
C14 BCL KF . -18.73 -27.86 -22.34
C15 BCL KF . -20.35 -27.04 -24.10
C16 BCL KF . -21.26 -26.20 -23.24
C17 BCL KF . -21.75 -25.00 -24.04
C18 BCL KF . -22.73 -24.14 -23.26
C19 BCL KF . -23.45 -23.15 -24.17
C20 BCL KF . -22.02 -23.42 -22.12
P PGV LF . -36.93 -24.00 -37.44
C01 PGV LF . -32.43 -26.36 -37.93
C02 PGV LF . -33.36 -25.25 -38.43
C03 PGV LF . -34.66 -25.28 -37.66
C04 PGV LF . -38.40 -21.87 -36.85
C05 PGV LF . -38.12 -20.65 -35.97
C06 PGV LF . -37.69 -21.14 -34.60
O01 PGV LF . -33.63 -25.50 -39.81
O02 PGV LF . -33.11 -23.28 -40.24
O03 PGV LF . -31.62 -25.84 -36.89
O04 PGV LF . -30.65 -27.89 -36.56
O05 PGV LF . -39.31 -19.88 -35.83
O06 PGV LF . -37.38 -20.03 -33.75
O11 PGV LF . -35.37 -24.07 -37.82
O12 PGV LF . -37.15 -22.42 -37.27
O13 PGV LF . -37.11 -24.65 -36.09
O14 PGV LF . -37.72 -24.51 -38.63
C1 PGV LF . -33.21 -24.41 -40.69
C2 PGV LF . -32.90 -24.73 -42.12
C3 PGV LF . -33.55 -26.05 -42.52
C4 PGV LF . -32.56 -27.22 -42.57
C5 PGV LF . -32.44 -27.97 -41.23
C6 PGV LF . -33.60 -28.94 -41.01
C7 PGV LF . -33.64 -29.46 -39.57
C8 PGV LF . -32.83 -30.74 -39.41
C9 PGV LF . -33.43 -31.70 -38.38
C10 PGV LF . -33.36 -31.17 -36.96
C11 PGV LF . -32.83 -32.24 -36.04
C12 PGV LF . -32.39 -31.91 -34.83
C13 PGV LF . -31.84 -32.95 -33.87
C14 PGV LF . -30.68 -32.32 -33.12
C15 PGV LF . -29.65 -33.35 -32.66
C16 PGV LF . -30.26 -34.29 -31.61
C19 PGV LF . -30.59 -26.70 -36.33
C20 PGV LF . -29.50 -26.09 -35.49
C21 PGV LF . -28.58 -27.18 -34.95
C22 PGV LF . -27.64 -26.58 -33.92
C23 PGV LF . -26.40 -27.43 -33.69
C24 PGV LF . -26.78 -28.77 -33.07
C25 PGV LF . -25.60 -29.28 -32.24
C26 PGV LF . -25.91 -30.65 -31.65
C27 PGV LF . -24.85 -31.04 -30.62
C28 PGV LF . -24.96 -32.53 -30.31
C29 PGV LF . -24.07 -32.92 -29.15
P PGV MF . -40.83 -25.65 -34.37
C01 PGV MF . -39.06 -29.20 -33.71
C02 PGV MF . -38.16 -28.24 -34.47
C03 PGV MF . -39.02 -27.34 -35.35
C04 PGV MF . -42.29 -25.99 -32.20
C05 PGV MF . -42.28 -26.73 -30.86
C06 PGV MF . -42.81 -28.15 -31.04
O01 PGV MF . -37.24 -29.02 -35.23
O02 PGV MF . -35.49 -27.60 -35.74
O03 PGV MF . -38.25 -30.18 -33.07
O04 PGV MF . -39.88 -30.70 -31.52
O05 PGV MF . -43.08 -26.03 -29.91
O06 PGV MF . -42.75 -28.85 -29.80
O11 PGV MF . -39.32 -26.12 -34.67
O12 PGV MF . -41.20 -26.42 -33.00
O13 PGV MF . -40.82 -24.17 -34.06
O14 PGV MF . -41.72 -26.17 -35.47
C1 PGV MF . -35.86 -28.54 -35.08
C2 PGV MF . -34.92 -29.24 -34.13
C3 PGV MF . -33.53 -28.66 -34.29
C4 PGV MF . -33.06 -28.01 -33.01
C5 PGV MF . -32.71 -29.04 -31.94
C6 PGV MF . -31.46 -28.62 -31.19
C7 PGV MF . -30.77 -29.82 -30.54
C8 PGV MF . -31.31 -30.04 -29.14
C9 PGV MF . -30.39 -30.95 -28.34
C10 PGV MF . -31.09 -31.40 -27.07
C11 PGV MF . -30.24 -32.41 -26.35
C12 PGV MF . -30.64 -32.81 -25.15
C13 PGV MF . -29.84 -33.81 -24.37
C14 PGV MF . -29.92 -33.38 -22.92
C19 PGV MF . -38.78 -30.96 -31.97
C20 PGV MF . -37.96 -32.08 -31.37
C21 PGV MF . -38.00 -31.96 -29.86
C22 PGV MF . -37.39 -30.64 -29.43
C23 PGV MF . -35.89 -30.79 -29.21
C24 PGV MF . -35.65 -31.59 -27.93
C25 PGV MF . -34.36 -32.39 -28.02
C26 PGV MF . -34.23 -33.32 -26.82
C27 PGV MF . -33.30 -34.48 -27.15
C28 PGV MF . -33.63 -35.06 -28.52
C29 PGV MF . -32.88 -36.34 -28.83
C30 PGV MF . -33.34 -36.91 -30.16
FE1 SF4 NF . -52.91 50.41 0.37
FE2 SF4 NF . -50.43 49.32 0.72
FE3 SF4 NF . -50.98 50.74 -1.54
FE4 SF4 NF . -52.12 48.28 -1.16
S1 SF4 NF . -49.90 48.74 -1.41
S2 SF4 NF . -53.16 50.17 -1.89
S3 SF4 NF . -52.44 48.30 1.10
S4 SF4 NF . -50.95 51.53 0.59
#